data_4R7Z
#
_entry.id   4R7Z
#
_cell.length_a   124.956
_cell.length_b   127.082
_cell.length_c   128.025
_cell.angle_alpha   71.85
_cell.angle_beta   72.82
_cell.angle_gamma   80.39
#
_symmetry.space_group_name_H-M   'P 1'
#
loop_
_entity.id
_entity.type
_entity.pdbx_description
1 polymer 'Cell division control protein 21'
2 non-polymer "ADENOSINE-5'-DIPHOSPHATE"
3 non-polymer 'MAGNESIUM ION'
#
_entity_poly.entity_id   1
_entity_poly.type   'polypeptide(L)'
_entity_poly.pdbx_seq_one_letter_code
;SPEEEQIIKELAKRKDIVDAIVDSIAPAIYGYKEVKKGIALALFGGVSRKLPDGTRLRGDIHVLLVGDPGVAKSQILRYV
ANLAPRAIYTS(UNK)(UNK)(UNK)(UNK)(UNK)(UNK)(UNK)(UNK)(UNK)(UNK)(UNK)(UNK)(UNK)
(UNK)(UNK)(UNK)(UNK)(UNK)(UNK)(UNK)(UNK)(UNK)(UNK)(UNK)(UNK)(UNK)(UNK)(UNK)(UNK)
(UNK)(UNK)(UNK)(UNK)GGYALIDELDKMSDRDRSVIHEALEQQTISISKAGITATLNARTTVIAAANPKQGRFNRM
KNPFEQIDLPPTLLSRFDLIFVLIDEPDDKIDSEVARHILRVRRGESEVVAPKIPHEILRKYIAYARKNIHPVISEEAME
EIEKYYVRMRKSVKKTKGEEEGIPPIPITARQLEALIRLSEAHARMRLSPIVTREDAREAIKLMEYTLKQIAMD
;
_entity_poly.pdbx_strand_id   A,B,C,D,E,F,G,H,I,J,K,L,M,N,O,P
#
loop_
_chem_comp.id
_chem_comp.type
_chem_comp.name
_chem_comp.formula
ADP non-polymer ADENOSINE-5'-DIPHOSPHATE 'C10 H15 N5 O10 P2'
MG non-polymer 'MAGNESIUM ION' 'Mg 2'
#
# COMPACT_ATOMS: atom_id res chain seq x y z
N PRO A 2 60.14 40.27 7.61
CA PRO A 2 60.67 41.12 8.70
C PRO A 2 61.07 42.48 8.13
N GLU A 3 61.28 42.49 6.81
CA GLU A 3 61.62 43.72 6.09
C GLU A 3 60.32 44.47 6.00
N GLU A 4 59.24 43.71 6.18
CA GLU A 4 57.89 44.19 6.14
C GLU A 4 57.54 44.81 7.49
N GLU A 5 57.77 44.03 8.55
CA GLU A 5 57.52 44.48 9.90
C GLU A 5 58.09 45.88 10.08
N GLN A 6 59.19 46.15 9.38
CA GLN A 6 59.84 47.45 9.44
C GLN A 6 58.89 48.53 8.93
N ILE A 7 58.29 48.29 7.77
CA ILE A 7 57.36 49.23 7.17
C ILE A 7 56.19 49.48 8.10
N ILE A 8 55.49 48.39 8.46
CA ILE A 8 54.33 48.44 9.34
C ILE A 8 54.50 49.42 10.50
N LYS A 9 55.50 49.16 11.34
CA LYS A 9 55.78 50.03 12.48
C LYS A 9 55.76 51.49 12.02
N GLU A 10 56.38 51.74 10.86
CA GLU A 10 56.47 53.09 10.31
C GLU A 10 55.08 53.66 10.03
N LEU A 11 54.23 52.83 9.44
CA LEU A 11 52.87 53.26 9.12
C LEU A 11 52.19 53.71 10.40
N ALA A 12 52.20 52.83 11.40
CA ALA A 12 51.59 53.12 12.69
C ALA A 12 52.11 54.45 13.22
N LYS A 13 53.41 54.69 13.02
CA LYS A 13 54.03 55.93 13.46
C LYS A 13 53.22 57.11 12.92
N ARG A 14 52.75 56.97 11.69
CA ARG A 14 51.97 58.00 11.03
C ARG A 14 50.95 58.62 11.97
N LYS A 15 50.69 59.90 11.79
CA LYS A 15 49.75 60.59 12.64
C LYS A 15 48.29 60.23 12.37
N ASP A 16 47.96 60.13 11.09
CA ASP A 16 46.60 59.84 10.66
C ASP A 16 46.26 58.38 10.39
N ILE A 17 47.18 57.47 10.65
CA ILE A 17 46.93 56.05 10.38
C ILE A 17 45.49 55.60 10.51
N VAL A 18 44.86 55.92 11.63
CA VAL A 18 43.47 55.54 11.87
C VAL A 18 42.64 55.82 10.64
N ASP A 19 42.73 57.06 10.17
CA ASP A 19 41.99 57.53 9.02
C ASP A 19 42.46 56.87 7.74
N ALA A 20 43.76 56.77 7.57
CA ALA A 20 44.30 56.15 6.37
C ALA A 20 43.77 54.74 6.21
N ILE A 21 43.73 54.00 7.32
CA ILE A 21 43.26 52.62 7.30
C ILE A 21 41.83 52.44 6.80
N VAL A 22 40.97 53.43 7.01
CA VAL A 22 39.60 53.30 6.55
C VAL A 22 39.53 53.69 5.07
N ASP A 23 40.25 54.75 4.71
CA ASP A 23 40.27 55.21 3.34
C ASP A 23 40.91 54.18 2.43
N SER A 24 41.18 53.01 2.98
CA SER A 24 41.80 51.97 2.19
C SER A 24 40.91 50.75 2.17
N ILE A 25 39.86 50.74 3.00
CA ILE A 25 38.93 49.63 3.05
C ILE A 25 38.29 49.52 1.67
N ALA A 26 37.57 50.56 1.28
CA ALA A 26 36.97 50.56 -0.04
C ALA A 26 37.05 51.98 -0.53
N PRO A 27 38.03 52.25 -1.39
CA PRO A 27 38.27 53.57 -1.97
C PRO A 27 37.19 53.84 -2.99
N ALA A 28 36.71 52.76 -3.59
CA ALA A 28 35.68 52.83 -4.61
C ALA A 28 34.44 53.49 -4.05
N ILE A 29 33.65 52.69 -3.33
CA ILE A 29 32.44 53.22 -2.74
C ILE A 29 32.81 54.54 -2.10
N TYR A 30 31.92 55.50 -2.27
CA TYR A 30 32.11 56.84 -1.76
C TYR A 30 31.37 57.03 -0.45
N GLY A 31 32.06 57.56 0.56
CA GLY A 31 31.41 57.81 1.83
C GLY A 31 31.36 56.66 2.81
N TYR A 32 30.33 56.62 3.64
CA TYR A 32 30.19 55.55 4.62
C TYR A 32 31.40 55.44 5.50
N LYS A 33 31.89 56.59 5.96
CA LYS A 33 33.05 56.62 6.82
C LYS A 33 32.93 55.58 7.96
N GLU A 34 31.79 55.55 8.63
CA GLU A 34 31.55 54.65 9.75
C GLU A 34 31.39 53.19 9.38
N VAL A 35 30.66 52.93 8.32
CA VAL A 35 30.49 51.56 7.89
C VAL A 35 31.85 51.03 7.46
N LYS A 36 32.79 51.95 7.21
CA LYS A 36 34.16 51.61 6.80
C LYS A 36 35.01 51.42 8.04
N LYS A 37 34.93 52.41 8.93
CA LYS A 37 35.66 52.39 10.20
C LYS A 37 35.09 51.30 11.08
N GLY A 38 33.89 50.82 10.73
CA GLY A 38 33.27 49.75 11.48
C GLY A 38 33.98 48.52 10.98
N ILE A 39 33.76 48.17 9.72
CA ILE A 39 34.41 47.00 9.14
C ILE A 39 35.88 47.01 9.49
N ALA A 40 36.48 48.19 9.53
CA ALA A 40 37.88 48.31 9.86
C ALA A 40 38.17 47.60 11.17
N LEU A 41 37.48 48.02 12.22
CA LEU A 41 37.66 47.41 13.53
C LEU A 41 37.40 45.93 13.40
N ALA A 42 36.27 45.57 12.81
CA ALA A 42 35.90 44.18 12.64
C ALA A 42 37.03 43.33 12.08
N LEU A 43 37.84 43.91 11.20
CA LEU A 43 38.96 43.18 10.59
C LEU A 43 40.14 43.06 11.54
N PHE A 44 40.18 43.92 12.55
CA PHE A 44 41.26 43.88 13.55
C PHE A 44 40.84 43.11 14.80
N GLY A 45 39.53 42.98 15.00
CA GLY A 45 39.01 42.25 16.14
C GLY A 45 39.40 42.69 17.54
N GLY A 46 38.63 42.20 18.51
CA GLY A 46 38.87 42.51 19.91
C GLY A 46 39.97 41.64 20.45
N VAL A 47 40.29 41.81 21.73
CA VAL A 47 41.35 41.06 22.39
C VAL A 47 41.33 39.54 22.19
N SER A 48 40.19 38.90 22.47
CA SER A 48 40.06 37.45 22.32
C SER A 48 41.28 36.69 22.90
N ARG A 49 41.23 36.45 24.21
CA ARG A 49 42.29 35.74 24.95
C ARG A 49 41.63 35.05 26.13
N LYS A 50 41.50 33.73 26.06
CA LYS A 50 40.84 33.00 27.15
C LYS A 50 41.68 32.83 28.41
N LEU A 51 41.00 32.65 29.53
CA LEU A 51 41.62 32.41 30.83
C LEU A 51 40.83 31.26 31.44
N PRO A 52 41.43 30.52 32.40
CA PRO A 52 40.76 29.38 33.07
C PRO A 52 39.65 29.82 34.00
N ASP A 53 39.94 30.84 34.77
CA ASP A 53 39.00 31.43 35.72
C ASP A 53 37.87 32.13 34.98
N GLY A 54 38.23 32.85 33.93
CA GLY A 54 37.24 33.55 33.11
C GLY A 54 36.96 32.80 31.83
N THR A 55 36.99 31.48 31.91
CA THR A 55 36.72 30.58 30.79
C THR A 55 37.01 31.19 29.40
N ARG A 56 36.25 30.75 28.40
CA ARG A 56 36.39 31.21 27.02
C ARG A 56 36.44 32.75 26.93
N LEU A 57 36.85 33.27 25.78
CA LEU A 57 36.89 34.73 25.57
C LEU A 57 37.02 35.11 24.08
N ARG A 58 35.87 35.21 23.41
CA ARG A 58 35.81 35.59 21.99
C ARG A 58 36.21 37.05 21.88
N GLY A 59 36.70 37.44 20.71
CA GLY A 59 37.09 38.82 20.52
C GLY A 59 36.63 39.26 19.15
N ASP A 60 36.33 38.27 18.31
CA ASP A 60 35.89 38.55 16.97
C ASP A 60 34.68 39.46 16.97
N ILE A 61 34.71 40.43 16.07
CA ILE A 61 33.66 41.42 15.96
C ILE A 61 32.79 41.21 14.74
N HIS A 62 31.52 40.88 14.95
CA HIS A 62 30.58 40.66 13.85
C HIS A 62 29.89 41.95 13.45
N VAL A 63 29.66 42.12 12.15
CA VAL A 63 29.06 43.34 11.67
C VAL A 63 27.93 43.11 10.68
N LEU A 64 26.77 43.68 10.95
CA LEU A 64 25.65 43.52 10.05
C LEU A 64 25.32 44.79 9.29
N LEU A 65 25.05 44.65 7.99
CA LEU A 65 24.73 45.78 7.13
C LEU A 65 23.34 45.63 6.54
N VAL A 66 22.33 46.24 7.14
CA VAL A 66 20.97 46.11 6.59
C VAL A 66 20.41 47.38 5.99
N GLY A 67 20.01 47.33 4.72
CA GLY A 67 19.46 48.52 4.11
C GLY A 67 18.60 48.35 2.86
N ASP A 68 18.06 49.46 2.38
CA ASP A 68 17.25 49.48 1.17
C ASP A 68 18.17 48.99 0.07
N PRO A 69 17.62 48.59 -1.07
CA PRO A 69 18.49 48.12 -2.13
C PRO A 69 19.25 49.24 -2.79
N GLY A 70 20.33 48.89 -3.50
CA GLY A 70 21.14 49.87 -4.20
C GLY A 70 21.87 50.86 -3.32
N VAL A 71 22.42 50.35 -2.22
CA VAL A 71 23.15 51.18 -1.26
C VAL A 71 24.63 50.82 -1.16
N ALA A 72 25.07 49.84 -1.95
CA ALA A 72 26.49 49.41 -1.97
C ALA A 72 26.83 48.24 -1.06
N LYS A 73 25.85 47.67 -0.37
CA LYS A 73 26.13 46.55 0.51
C LYS A 73 26.90 45.48 -0.22
N SER A 74 26.24 44.84 -1.20
CA SER A 74 26.86 43.79 -1.98
C SER A 74 28.27 44.24 -2.40
N GLN A 75 28.34 45.40 -3.04
CA GLN A 75 29.61 45.96 -3.50
C GLN A 75 30.65 45.93 -2.38
N ILE A 76 30.40 46.68 -1.32
CA ILE A 76 31.30 46.76 -0.18
C ILE A 76 31.86 45.42 0.27
N LEU A 77 31.00 44.50 0.70
CA LEU A 77 31.49 43.21 1.14
C LEU A 77 32.53 42.69 0.18
N ARG A 78 32.20 42.75 -1.10
CA ARG A 78 33.09 42.29 -2.14
C ARG A 78 34.48 42.91 -2.01
N TYR A 79 34.56 44.24 -1.84
CA TYR A 79 35.85 44.89 -1.69
C TYR A 79 36.59 44.41 -0.48
N VAL A 80 35.85 44.00 0.54
CA VAL A 80 36.48 43.54 1.75
C VAL A 80 37.13 42.21 1.47
N ALA A 81 36.45 41.34 0.73
CA ALA A 81 37.02 40.05 0.41
C ALA A 81 38.38 40.27 -0.27
N ASN A 82 38.40 41.20 -1.22
CA ASN A 82 39.62 41.51 -1.96
C ASN A 82 40.71 42.15 -1.10
N LEU A 83 40.43 42.35 0.18
CA LEU A 83 41.41 42.93 1.10
C LEU A 83 41.72 41.94 2.22
N ALA A 84 40.76 41.76 3.11
CA ALA A 84 40.89 40.84 4.25
C ALA A 84 41.70 39.60 3.93
N PRO A 85 42.56 39.18 4.85
CA PRO A 85 43.37 38.00 4.63
C PRO A 85 42.53 36.77 4.29
N ARG A 86 42.07 36.07 5.33
CA ARG A 86 41.27 34.85 5.15
C ARG A 86 39.79 35.17 4.87
N ALA A 87 39.53 35.97 3.83
CA ALA A 87 38.16 36.37 3.51
C ALA A 87 37.37 35.43 2.61
N ILE A 88 36.13 35.16 2.97
CA ILE A 88 35.24 34.31 2.17
C ILE A 88 33.95 35.05 1.86
N TYR A 89 33.77 35.47 0.62
CA TYR A 89 32.55 36.15 0.23
C TYR A 89 31.62 35.04 -0.22
N THR A 90 30.33 35.19 0.04
CA THR A 90 29.38 34.18 -0.35
C THR A 90 27.97 34.74 -0.22
N SER A 91 27.37 35.12 -1.36
CA SER A 91 26.02 35.69 -1.34
C SER A 91 24.94 34.63 -1.53
N UNK A 92 23.90 34.67 -0.70
CA UNK A 92 22.81 33.71 -0.80
C UNK A 92 22.21 33.76 -2.22
N UNK A 93 22.83 32.98 -3.09
CA UNK A 93 22.44 32.89 -4.49
C UNK A 93 23.41 31.95 -5.26
N UNK A 94 22.85 30.98 -5.97
CA UNK A 94 23.61 30.00 -6.75
C UNK A 94 24.42 29.04 -5.89
N UNK A 95 25.55 28.55 -6.41
CA UNK A 95 26.41 27.63 -5.66
C UNK A 95 27.90 28.04 -5.73
N UNK A 96 28.67 27.57 -4.76
CA UNK A 96 30.10 27.89 -4.64
C UNK A 96 30.32 29.42 -4.69
N UNK A 97 31.42 29.90 -4.13
CA UNK A 97 31.71 31.33 -4.09
C UNK A 97 33.19 31.66 -4.43
N UNK A 98 33.46 32.93 -4.71
CA UNK A 98 34.81 33.39 -5.08
C UNK A 98 35.65 33.82 -3.88
N UNK A 99 35.76 35.13 -3.69
CA UNK A 99 36.53 35.69 -2.57
C UNK A 99 38.02 35.42 -2.64
N UNK A 100 38.44 34.39 -1.92
CA UNK A 100 39.84 33.95 -1.81
C UNK A 100 40.78 34.30 -2.95
N UNK A 101 42.05 34.44 -2.59
CA UNK A 101 43.10 34.73 -3.54
C UNK A 101 43.94 33.46 -3.61
N UNK A 102 43.40 32.42 -2.96
CA UNK A 102 43.98 31.08 -2.88
C UNK A 102 45.50 30.88 -2.78
N UNK A 103 45.87 29.85 -2.01
CA UNK A 103 47.27 29.47 -1.79
C UNK A 103 47.29 28.11 -1.09
N UNK A 104 46.93 27.07 -1.84
CA UNK A 104 46.90 25.71 -1.32
C UNK A 104 45.89 25.60 -0.20
N UNK A 105 44.76 26.29 -0.33
CA UNK A 105 43.70 26.28 0.67
C UNK A 105 44.11 27.02 1.97
N UNK A 106 43.26 26.96 3.00
CA UNK A 106 43.49 27.65 4.28
C UNK A 106 44.39 26.95 5.30
N UNK A 107 44.98 27.74 6.20
CA UNK A 107 45.89 27.24 7.22
C UNK A 107 45.32 26.21 8.20
N UNK A 108 44.06 26.34 8.61
CA UNK A 108 43.49 25.35 9.55
C UNK A 108 42.16 24.75 9.14
N UNK A 109 41.48 24.14 10.11
CA UNK A 109 40.21 23.42 9.90
C UNK A 109 38.93 23.97 9.25
N UNK A 110 37.98 23.06 9.15
CA UNK A 110 36.63 23.24 8.59
C UNK A 110 36.39 23.81 7.17
N UNK A 111 35.11 23.85 6.80
CA UNK A 111 34.63 24.31 5.51
C UNK A 111 33.13 23.95 5.43
N UNK A 112 32.42 24.34 4.36
CA UNK A 112 30.99 23.95 4.25
C UNK A 112 30.11 24.40 3.05
N UNK A 113 28.82 24.68 3.31
CA UNK A 113 27.79 25.08 2.31
C UNK A 113 27.77 26.54 1.81
N UNK A 114 27.75 27.49 2.74
CA UNK A 114 27.80 28.90 2.38
C UNK A 114 29.27 29.04 2.00
N UNK A 115 30.11 28.44 2.84
CA UNK A 115 31.57 28.38 2.74
C UNK A 115 32.27 29.19 3.83
N UNK A 116 32.50 28.55 4.96
CA UNK A 116 33.17 29.22 6.08
C UNK A 116 34.34 28.34 6.53
N UNK A 117 35.44 28.97 6.93
CA UNK A 117 36.66 28.26 7.37
C UNK A 117 36.84 28.14 8.89
N UNK A 118 36.28 27.07 9.45
CA UNK A 118 36.31 26.76 10.89
C UNK A 118 37.36 25.71 11.28
N GLY A 125 40.51 30.20 10.99
CA GLY A 125 39.52 31.21 11.33
C GLY A 125 39.07 31.85 10.05
N GLY A 126 39.29 33.16 9.95
CA GLY A 126 38.91 33.90 8.74
C GLY A 126 37.55 34.57 8.70
N TYR A 127 37.51 35.79 8.19
CA TYR A 127 36.26 36.54 8.08
C TYR A 127 35.39 36.05 6.93
N ALA A 128 34.15 35.71 7.24
CA ALA A 128 33.23 35.24 6.21
C ALA A 128 32.25 36.36 5.91
N LEU A 129 32.46 36.96 4.75
CA LEU A 129 31.63 38.05 4.27
C LEU A 129 30.38 37.44 3.66
N ILE A 130 29.28 37.52 4.39
CA ILE A 130 28.01 36.94 3.95
C ILE A 130 26.99 37.92 3.43
N ASP A 131 26.97 38.15 2.13
CA ASP A 131 26.00 39.06 1.57
C ASP A 131 24.65 38.37 1.48
N GLU A 132 23.57 39.14 1.62
CA GLU A 132 22.21 38.63 1.53
C GLU A 132 21.86 37.60 2.59
N LEU A 133 22.25 37.87 3.82
CA LEU A 133 22.00 36.97 4.95
C LEU A 133 20.52 36.72 5.22
N ASP A 134 19.66 37.52 4.60
CA ASP A 134 18.22 37.36 4.79
C ASP A 134 17.63 36.35 3.80
N LYS A 135 18.45 35.90 2.86
CA LYS A 135 18.02 34.92 1.85
C LYS A 135 18.83 33.63 1.99
N MET A 136 19.18 33.28 3.23
CA MET A 136 19.90 32.05 3.48
C MET A 136 18.85 30.99 3.68
N SER A 137 19.04 29.81 3.09
CA SER A 137 18.07 28.74 3.28
C SER A 137 18.13 28.49 4.78
N ASP A 138 16.98 28.43 5.45
CA ASP A 138 16.93 28.20 6.89
C ASP A 138 18.06 27.30 7.44
N ARG A 139 18.62 26.43 6.59
CA ARG A 139 19.72 25.56 6.99
C ARG A 139 20.99 26.41 7.10
N ASP A 140 21.44 26.94 5.97
CA ASP A 140 22.62 27.78 5.96
C ASP A 140 22.55 28.87 7.03
N ARG A 141 21.34 29.32 7.37
CA ARG A 141 21.21 30.33 8.41
C ARG A 141 21.60 29.65 9.72
N SER A 142 20.76 28.72 10.14
CA SER A 142 20.96 27.96 11.37
C SER A 142 22.41 27.88 11.78
N VAL A 143 23.23 27.34 10.90
CA VAL A 143 24.64 27.18 11.18
C VAL A 143 25.28 28.45 11.73
N ILE A 144 25.20 29.53 10.94
CA ILE A 144 25.75 30.81 11.36
C ILE A 144 25.18 31.17 12.72
N HIS A 145 23.86 31.12 12.81
CA HIS A 145 23.16 31.42 14.04
C HIS A 145 23.90 30.73 15.18
N GLU A 146 24.19 29.44 15.02
CA GLU A 146 24.92 28.71 16.05
C GLU A 146 26.33 29.27 16.16
N ALA A 147 26.98 29.40 15.02
CA ALA A 147 28.34 29.91 14.94
C ALA A 147 28.52 31.26 15.64
N LEU A 148 27.53 32.14 15.50
CA LEU A 148 27.60 33.46 16.11
C LEU A 148 27.25 33.35 17.58
N GLU A 149 26.24 32.53 17.86
CA GLU A 149 25.76 32.30 19.22
C GLU A 149 26.74 31.46 20.02
N GLN A 150 26.80 30.16 19.75
CA GLN A 150 27.69 29.23 20.44
C GLN A 150 29.17 29.60 20.32
N GLN A 151 29.62 29.71 19.07
CA GLN A 151 31.01 29.98 18.76
C GLN A 151 31.55 28.59 18.42
N THR A 152 30.62 27.68 18.16
CA THR A 152 30.93 26.28 17.85
C THR A 152 29.82 25.58 17.06
N ILE A 153 30.14 25.13 15.85
CA ILE A 153 29.13 24.44 15.06
C ILE A 153 29.13 22.95 15.41
N SER A 154 28.23 22.19 14.79
CA SER A 154 28.17 20.75 15.04
C SER A 154 27.25 19.96 14.10
N ILE A 155 27.79 18.84 13.60
CA ILE A 155 27.06 17.96 12.69
C ILE A 155 27.23 16.54 13.21
N SER A 156 26.14 15.94 13.67
CA SER A 156 26.21 14.56 14.16
C SER A 156 25.30 13.71 13.30
N LYS A 157 25.31 13.97 11.99
CA LYS A 157 24.48 13.24 11.05
C LYS A 157 25.11 11.86 10.73
N ALA A 158 24.58 10.85 11.44
CA ALA A 158 24.97 9.44 11.37
C ALA A 158 25.31 9.01 12.79
N GLY A 159 26.06 7.92 12.93
CA GLY A 159 26.44 7.47 14.26
C GLY A 159 27.46 8.44 14.81
N ILE A 160 28.27 9.00 13.92
CA ILE A 160 29.30 9.95 14.30
C ILE A 160 28.78 11.30 14.75
N THR A 161 29.59 11.99 15.54
CA THR A 161 29.26 13.29 16.08
C THR A 161 30.40 14.25 15.78
N ALA A 162 30.11 15.30 15.02
CA ALA A 162 31.14 16.26 14.64
C ALA A 162 30.98 17.65 15.22
N THR A 163 31.84 18.03 16.16
CA THR A 163 31.74 19.36 16.70
C THR A 163 32.85 20.21 16.12
N LEU A 164 32.46 21.10 15.21
CA LEU A 164 33.38 22.00 14.53
C LEU A 164 33.56 23.24 15.36
N ASN A 165 34.81 23.64 15.60
CA ASN A 165 35.07 24.85 16.37
C ASN A 165 34.93 26.06 15.47
N ALA A 166 33.99 26.93 15.81
CA ALA A 166 33.73 28.16 15.05
C ALA A 166 34.54 29.29 15.64
N ARG A 167 35.42 29.85 14.82
CA ARG A 167 36.26 30.94 15.26
C ARG A 167 36.55 31.87 14.10
N THR A 168 35.50 32.47 13.56
CA THR A 168 35.63 33.39 12.43
C THR A 168 34.82 34.65 12.67
N THR A 169 35.09 35.67 11.87
CA THR A 169 34.37 36.94 11.96
C THR A 169 33.30 36.97 10.89
N VAL A 170 32.17 37.61 11.17
CA VAL A 170 31.11 37.67 10.19
C VAL A 170 30.72 39.08 9.84
N ILE A 171 31.06 39.50 8.63
CA ILE A 171 30.68 40.82 8.19
C ILE A 171 29.60 40.57 7.15
N ALA A 172 28.34 40.71 7.57
CA ALA A 172 27.23 40.44 6.69
C ALA A 172 26.33 41.60 6.33
N ALA A 173 25.60 41.39 5.25
CA ALA A 173 24.65 42.36 4.71
C ALA A 173 23.28 41.73 4.75
N ALA A 174 22.24 42.53 4.51
CA ALA A 174 20.88 42.03 4.54
C ALA A 174 19.86 43.09 4.14
N ASN A 175 18.76 42.65 3.52
CA ASN A 175 17.70 43.56 3.11
C ASN A 175 16.51 43.35 4.04
N PRO A 176 15.57 44.30 4.04
CA PRO A 176 14.38 44.22 4.90
C PRO A 176 13.43 43.16 4.35
N LYS A 177 12.54 42.64 5.19
CA LYS A 177 11.60 41.63 4.72
C LYS A 177 10.79 42.21 3.55
N GLN A 178 10.69 43.53 3.53
CA GLN A 178 9.92 44.23 2.49
C GLN A 178 10.74 44.67 1.29
N GLY A 179 12.05 44.85 1.49
CA GLY A 179 12.92 45.30 0.43
C GLY A 179 13.48 46.64 0.84
N ARG A 180 12.59 47.58 1.13
CA ARG A 180 12.93 48.93 1.58
C ARG A 180 12.16 49.07 2.90
N PHE A 181 12.51 50.04 3.73
CA PHE A 181 11.74 50.18 4.95
C PHE A 181 11.42 51.58 5.44
N ASN A 182 11.74 52.58 4.62
CA ASN A 182 11.51 54.00 4.94
C ASN A 182 10.39 54.30 5.93
N ARG A 183 9.41 53.41 6.04
CA ARG A 183 8.33 53.62 6.97
C ARG A 183 8.87 53.96 8.36
N MET A 184 7.95 54.27 9.26
CA MET A 184 8.29 54.64 10.61
C MET A 184 8.71 53.42 11.43
N LYS A 185 7.93 52.35 11.36
CA LYS A 185 8.21 51.11 12.09
C LYS A 185 9.71 50.86 12.27
N ASN A 186 10.08 50.22 13.38
CA ASN A 186 11.48 49.95 13.68
C ASN A 186 12.20 48.99 12.77
N PRO A 187 13.35 49.45 12.25
CA PRO A 187 14.21 48.70 11.34
C PRO A 187 14.42 47.27 11.78
N PHE A 188 14.14 47.01 13.05
CA PHE A 188 14.34 45.67 13.56
C PHE A 188 13.21 44.69 13.40
N GLU A 189 12.06 45.19 12.96
CA GLU A 189 10.92 44.29 12.75
C GLU A 189 10.94 43.99 11.26
N GLN A 190 11.61 44.86 10.52
CA GLN A 190 11.67 44.74 9.08
C GLN A 190 12.72 43.77 8.54
N ILE A 191 13.69 43.38 9.38
CA ILE A 191 14.73 42.44 8.97
C ILE A 191 14.15 41.02 9.07
N ASP A 192 14.57 40.12 8.17
CA ASP A 192 14.05 38.74 8.18
C ASP A 192 14.89 37.77 9.02
N LEU A 193 15.65 38.29 9.97
CA LEU A 193 16.49 37.45 10.81
C LEU A 193 15.97 37.35 12.24
N PRO A 194 16.10 36.17 12.86
CA PRO A 194 15.62 36.00 14.23
C PRO A 194 16.39 36.91 15.15
N PRO A 195 15.68 37.81 15.83
CA PRO A 195 16.32 38.74 16.75
C PRO A 195 17.45 38.16 17.60
N THR A 196 17.33 36.91 18.00
CA THR A 196 18.37 36.29 18.82
C THR A 196 19.65 36.02 18.04
N LEU A 197 19.65 36.42 16.78
CA LEU A 197 20.81 36.25 15.92
C LEU A 197 21.39 37.64 15.80
N LEU A 198 20.53 38.58 15.44
CA LEU A 198 20.93 39.97 15.27
C LEU A 198 21.67 40.43 16.51
N SER A 199 21.15 40.05 17.67
CA SER A 199 21.75 40.44 18.95
C SER A 199 23.21 40.03 19.03
N ARG A 200 23.65 39.20 18.08
CA ARG A 200 25.03 38.73 18.07
C ARG A 200 26.02 39.65 17.39
N PHE A 201 25.52 40.62 16.64
CA PHE A 201 26.39 41.57 15.98
C PHE A 201 26.79 42.66 16.94
N ASP A 202 28.03 43.12 16.82
CA ASP A 202 28.57 44.17 17.67
C ASP A 202 28.20 45.53 17.10
N LEU A 203 27.85 45.58 15.83
CA LEU A 203 27.44 46.82 15.19
C LEU A 203 26.53 46.51 14.03
N ILE A 204 25.38 47.19 13.98
CA ILE A 204 24.46 47.01 12.85
C ILE A 204 24.26 48.38 12.09
N PHE A 205 24.74 48.45 10.86
CA PHE A 205 24.58 49.68 10.15
C PHE A 205 23.33 49.65 9.32
N VAL A 206 22.40 50.52 9.70
CA VAL A 206 21.13 50.60 8.99
C VAL A 206 21.29 51.61 7.87
N LEU A 207 21.04 51.17 6.64
CA LEU A 207 21.21 52.07 5.52
C LEU A 207 19.96 52.35 4.73
N ILE A 208 19.34 53.50 4.99
CA ILE A 208 18.14 53.94 4.27
C ILE A 208 18.71 54.79 3.16
N ASP A 209 17.89 55.20 2.20
CA ASP A 209 18.44 56.05 1.17
C ASP A 209 17.49 57.08 0.60
N GLU A 210 17.42 58.23 1.26
CA GLU A 210 16.58 59.31 0.80
C GLU A 210 17.22 59.70 -0.53
N PRO A 211 16.52 60.48 -1.35
CA PRO A 211 17.14 60.85 -2.62
C PRO A 211 18.22 61.90 -2.43
N ASP A 212 17.84 63.16 -2.27
CA ASP A 212 18.81 64.26 -2.08
C ASP A 212 19.76 64.45 -3.27
N ASP A 213 19.83 65.68 -3.78
CA ASP A 213 20.67 66.01 -4.91
C ASP A 213 22.16 65.97 -4.60
N LYS A 214 22.58 66.82 -3.67
CA LYS A 214 23.98 66.90 -3.26
C LYS A 214 24.65 65.55 -3.26
N ILE A 215 24.34 64.76 -2.25
CA ILE A 215 24.91 63.44 -2.11
C ILE A 215 24.89 62.65 -3.43
N ASP A 216 23.71 62.49 -4.04
CA ASP A 216 23.62 61.77 -5.32
C ASP A 216 24.63 62.25 -6.35
N SER A 217 24.65 63.56 -6.57
CA SER A 217 25.60 64.14 -7.51
C SER A 217 27.00 63.59 -7.18
N GLU A 218 27.36 63.65 -5.91
CA GLU A 218 28.65 63.17 -5.44
C GLU A 218 28.83 61.71 -5.79
N VAL A 219 27.94 60.89 -5.27
CA VAL A 219 27.99 59.46 -5.50
C VAL A 219 28.17 59.11 -6.95
N ALA A 220 27.30 59.66 -7.79
CA ALA A 220 27.41 59.37 -9.21
C ALA A 220 28.77 59.84 -9.72
N ARG A 221 29.01 61.14 -9.68
CA ARG A 221 30.27 61.68 -10.15
C ARG A 221 31.40 60.74 -9.74
N HIS A 222 31.32 60.22 -8.51
CA HIS A 222 32.34 59.32 -8.01
C HIS A 222 32.40 58.03 -8.80
N ILE A 223 31.24 57.40 -8.98
CA ILE A 223 31.20 56.15 -9.72
C ILE A 223 31.90 56.34 -11.05
N LEU A 224 31.35 57.21 -11.88
CA LEU A 224 31.97 57.46 -13.17
C LEU A 224 33.47 57.53 -13.01
N ARG A 225 33.93 58.48 -12.19
CA ARG A 225 35.36 58.65 -11.96
C ARG A 225 36.01 57.28 -11.91
N VAL A 226 35.94 56.64 -10.76
CA VAL A 226 36.53 55.32 -10.60
C VAL A 226 35.68 54.28 -11.28
N ARG A 227 35.54 54.42 -12.60
CA ARG A 227 34.75 53.50 -13.40
C ARG A 227 35.24 53.59 -14.82
N ARG A 228 36.10 54.57 -15.08
CA ARG A 228 36.62 54.73 -16.42
C ARG A 228 38.06 54.31 -16.56
N GLY A 229 38.35 53.65 -17.68
CA GLY A 229 39.70 53.17 -17.94
C GLY A 229 40.01 52.07 -16.94
N GLU A 230 41.30 51.84 -16.68
CA GLU A 230 41.71 50.82 -15.73
C GLU A 230 42.45 51.47 -14.56
N SER A 231 42.32 52.79 -14.44
CA SER A 231 42.99 53.55 -13.37
C SER A 231 42.36 54.92 -13.07
N GLU A 232 42.53 55.38 -11.83
CA GLU A 232 42.03 56.66 -11.35
C GLU A 232 42.75 57.03 -10.05
N VAL A 233 42.62 58.29 -9.63
CA VAL A 233 43.26 58.75 -8.39
C VAL A 233 42.41 58.21 -7.24
N VAL A 234 41.68 57.15 -7.52
CA VAL A 234 40.83 56.52 -6.53
C VAL A 234 41.17 55.04 -6.37
N ALA A 235 42.23 54.87 -5.58
CA ALA A 235 42.82 53.60 -5.19
C ALA A 235 43.27 53.82 -3.73
N PRO A 236 43.50 52.74 -2.98
CA PRO A 236 43.91 52.79 -1.57
C PRO A 236 44.91 53.85 -1.17
N LYS A 237 44.76 54.34 0.06
CA LYS A 237 45.64 55.35 0.65
C LYS A 237 46.80 54.54 1.21
N ILE A 238 46.64 53.23 1.18
CA ILE A 238 47.63 52.29 1.67
C ILE A 238 47.52 51.07 0.77
N PRO A 239 48.66 50.54 0.31
CA PRO A 239 48.63 49.36 -0.55
C PRO A 239 47.93 48.21 0.14
N HIS A 240 47.05 47.51 -0.56
CA HIS A 240 46.34 46.40 0.04
C HIS A 240 47.22 45.24 0.48
N GLU A 241 48.35 45.00 -0.19
CA GLU A 241 49.22 43.92 0.22
C GLU A 241 49.87 44.26 1.55
N ILE A 242 50.23 45.53 1.72
CA ILE A 242 50.86 46.01 2.97
C ILE A 242 49.81 45.94 4.08
N LEU A 243 48.71 46.63 3.84
CA LEU A 243 47.60 46.72 4.77
C LEU A 243 47.02 45.39 5.19
N ARG A 244 47.25 44.35 4.40
CA ARG A 244 46.74 43.01 4.72
C ARG A 244 47.72 42.31 5.63
N LYS A 245 48.98 42.72 5.52
CA LYS A 245 50.03 42.16 6.36
C LYS A 245 49.89 42.86 7.69
N TYR A 246 49.72 44.19 7.61
CA TYR A 246 49.55 45.03 8.80
C TYR A 246 48.46 44.46 9.70
N ILE A 247 47.38 44.00 9.10
CA ILE A 247 46.28 43.42 9.85
C ILE A 247 46.75 42.15 10.52
N ALA A 248 46.99 41.12 9.70
CA ALA A 248 47.45 39.84 10.20
C ALA A 248 48.54 39.99 11.25
N TYR A 249 49.26 41.11 11.18
CA TYR A 249 50.33 41.38 12.13
C TYR A 249 49.79 41.80 13.50
N ALA A 250 48.95 42.83 13.51
CA ALA A 250 48.35 43.31 14.75
C ALA A 250 47.44 42.26 15.40
N ARG A 251 46.88 41.35 14.60
CA ARG A 251 46.04 40.29 15.16
C ARG A 251 46.97 39.21 15.68
N LYS A 252 48.22 39.58 15.90
CA LYS A 252 49.22 38.62 16.37
C LYS A 252 50.03 39.15 17.56
N ASN A 253 50.74 40.23 17.33
CA ASN A 253 51.61 40.82 18.33
C ASN A 253 50.97 41.81 19.31
N ILE A 254 49.76 42.26 19.02
CA ILE A 254 49.12 43.24 19.88
C ILE A 254 47.91 42.68 20.62
N HIS A 255 47.83 42.94 21.92
CA HIS A 255 46.71 42.48 22.73
C HIS A 255 46.37 43.54 23.76
N PRO A 256 45.86 44.69 23.31
CA PRO A 256 45.48 45.82 24.14
C PRO A 256 44.87 45.54 25.50
N VAL A 257 45.40 46.24 26.50
CA VAL A 257 44.91 46.13 27.85
C VAL A 257 44.22 47.45 28.10
N ILE A 258 43.17 47.40 28.88
CA ILE A 258 42.38 48.57 29.14
C ILE A 258 42.96 49.56 30.14
N SER A 259 43.20 50.79 29.70
CA SER A 259 43.74 51.82 30.58
C SER A 259 42.64 52.33 31.48
N GLU A 260 42.96 52.52 32.76
CA GLU A 260 41.97 53.03 33.70
C GLU A 260 41.43 54.27 33.01
N GLU A 261 42.31 54.88 32.21
CA GLU A 261 41.99 56.08 31.46
C GLU A 261 40.68 55.87 30.72
N ALA A 262 40.71 54.87 29.83
CA ALA A 262 39.55 54.54 29.00
C ALA A 262 38.41 53.97 29.81
N MET A 263 38.72 52.95 30.60
CA MET A 263 37.73 52.29 31.43
C MET A 263 36.63 53.24 31.89
N GLU A 264 37.05 54.33 32.52
CA GLU A 264 36.11 55.32 33.01
C GLU A 264 35.21 55.85 31.91
N GLU A 265 35.74 55.97 30.70
CA GLU A 265 34.99 56.48 29.56
C GLU A 265 33.91 55.52 29.07
N ILE A 266 34.26 54.24 28.98
CA ILE A 266 33.31 53.26 28.48
C ILE A 266 32.21 52.94 29.49
N GLU A 267 32.53 52.93 30.77
CA GLU A 267 31.51 52.64 31.76
C GLU A 267 30.59 53.85 31.88
N LYS A 268 31.19 55.04 31.98
CA LYS A 268 30.47 56.31 32.07
C LYS A 268 29.41 56.37 30.98
N TYR A 269 29.68 55.64 29.91
CA TYR A 269 28.81 55.59 28.78
C TYR A 269 27.80 54.44 28.83
N TYR A 270 28.30 53.23 29.08
CA TYR A 270 27.42 52.09 29.15
C TYR A 270 26.22 52.45 30.01
N VAL A 271 26.50 53.05 31.16
CA VAL A 271 25.43 53.47 32.05
C VAL A 271 24.49 54.46 31.34
N ARG A 272 25.08 55.38 30.57
CA ARG A 272 24.34 56.39 29.80
C ARG A 272 23.43 55.59 28.88
N MET A 273 24.06 54.72 28.13
CA MET A 273 23.37 53.86 27.18
C MET A 273 22.21 53.12 27.84
N ARG A 274 22.42 52.70 29.07
CA ARG A 274 21.38 51.99 29.78
C ARG A 274 20.09 52.80 29.85
N LYS A 275 20.19 54.07 30.23
CA LYS A 275 19.01 54.94 30.32
C LYS A 275 18.25 54.99 29.00
N SER A 276 17.16 54.22 28.91
CA SER A 276 16.31 54.14 27.71
C SER A 276 15.21 53.11 27.92
N PRO A 291 17.06 48.41 22.64
CA PRO A 291 16.76 47.21 23.45
C PRO A 291 17.96 46.61 24.23
N ILE A 292 18.72 47.50 24.89
CA ILE A 292 19.96 47.29 25.68
C ILE A 292 20.06 46.30 26.84
N THR A 293 21.21 45.62 26.90
CA THR A 293 21.50 44.65 27.95
C THR A 293 22.89 44.96 28.44
N ALA A 294 23.52 43.97 29.04
CA ALA A 294 24.87 44.12 29.55
C ALA A 294 25.83 43.62 28.47
N ARG A 295 25.27 43.08 27.39
CA ARG A 295 26.08 42.57 26.28
C ARG A 295 26.65 43.75 25.54
N GLN A 296 25.83 44.78 25.39
CA GLN A 296 26.23 45.99 24.71
C GLN A 296 27.57 46.47 25.24
N LEU A 297 27.78 46.29 26.54
CA LEU A 297 29.02 46.68 27.21
C LEU A 297 30.19 45.84 26.69
N GLU A 298 29.97 44.53 26.60
CA GLU A 298 30.98 43.59 26.13
C GLU A 298 31.49 43.98 24.75
N ALA A 299 30.56 44.11 23.81
CA ALA A 299 30.88 44.46 22.43
C ALA A 299 31.56 45.81 22.33
N LEU A 300 31.10 46.76 23.13
CA LEU A 300 31.71 48.07 23.12
C LEU A 300 33.17 47.89 23.47
N ILE A 301 33.44 47.00 24.43
CA ILE A 301 34.80 46.71 24.87
C ILE A 301 35.60 46.16 23.71
N ARG A 302 35.00 45.26 22.93
CA ARG A 302 35.71 44.70 21.79
C ARG A 302 36.12 45.76 20.78
N LEU A 303 35.23 46.69 20.46
CA LEU A 303 35.54 47.73 19.49
C LEU A 303 36.77 48.51 19.94
N SER A 304 36.66 49.15 21.10
CA SER A 304 37.77 49.94 21.65
C SER A 304 39.07 49.18 21.76
N GLU A 305 39.00 47.87 22.00
CA GLU A 305 40.21 47.07 22.07
C GLU A 305 40.78 47.02 20.64
N ALA A 306 39.94 46.68 19.67
CA ALA A 306 40.35 46.59 18.28
C ALA A 306 40.83 47.92 17.73
N HIS A 307 40.19 49.01 18.13
CA HIS A 307 40.59 50.32 17.64
C HIS A 307 42.03 50.61 18.05
N ALA A 308 42.47 50.02 19.14
CA ALA A 308 43.85 50.21 19.60
C ALA A 308 44.70 49.35 18.70
N ARG A 309 44.44 48.05 18.75
CA ARG A 309 45.15 47.07 17.94
C ARG A 309 45.33 47.57 16.52
N MET A 310 44.32 48.29 16.04
CA MET A 310 44.31 48.83 14.69
C MET A 310 45.51 49.73 14.44
N ARG A 311 46.00 50.32 15.53
CA ARG A 311 47.14 51.21 15.48
C ARG A 311 48.28 50.62 16.31
N LEU A 312 48.02 49.48 16.94
CA LEU A 312 49.01 48.78 17.78
C LEU A 312 49.24 49.69 18.99
N SER A 313 48.82 49.29 20.19
CA SER A 313 49.04 50.17 21.33
C SER A 313 49.96 49.74 22.47
N PRO A 314 49.62 48.69 23.22
CA PRO A 314 48.50 47.78 23.30
C PRO A 314 47.74 48.25 24.51
N ILE A 315 47.42 49.53 24.52
CA ILE A 315 46.71 50.11 25.63
C ILE A 315 45.54 50.95 25.18
N VAL A 316 44.35 50.43 25.42
CA VAL A 316 43.12 51.10 25.05
C VAL A 316 43.04 52.44 25.77
N THR A 317 43.69 53.45 25.20
CA THR A 317 43.71 54.81 25.75
C THR A 317 42.33 55.48 25.75
N ARG A 318 42.22 56.61 26.45
CA ARG A 318 40.95 57.31 26.51
C ARG A 318 40.41 57.57 25.11
N GLU A 319 41.30 57.82 24.15
CA GLU A 319 40.90 58.08 22.77
C GLU A 319 40.24 56.87 22.14
N ASP A 320 40.92 55.74 22.20
CA ASP A 320 40.39 54.53 21.63
C ASP A 320 38.97 54.36 22.16
N ALA A 321 38.85 54.16 23.48
CA ALA A 321 37.55 53.98 24.11
C ALA A 321 36.57 55.05 23.67
N ARG A 322 37.08 56.27 23.51
CA ARG A 322 36.27 57.39 23.08
C ARG A 322 35.67 57.05 21.71
N GLU A 323 36.56 56.83 20.74
CA GLU A 323 36.19 56.49 19.37
C GLU A 323 35.15 55.40 19.31
N ALA A 324 35.41 54.34 20.05
CA ALA A 324 34.51 53.20 20.09
C ALA A 324 33.10 53.68 20.36
N ILE A 325 32.90 54.38 21.46
CA ILE A 325 31.55 54.82 21.74
C ILE A 325 31.01 55.72 20.64
N LYS A 326 31.88 56.47 19.98
CA LYS A 326 31.42 57.36 18.90
C LYS A 326 30.74 56.50 17.85
N LEU A 327 31.50 55.58 17.28
CA LEU A 327 30.97 54.70 16.28
C LEU A 327 29.68 54.07 16.77
N MET A 328 29.66 53.61 18.02
CA MET A 328 28.47 52.98 18.55
C MET A 328 27.26 53.90 18.71
N GLU A 329 27.46 55.13 19.19
CA GLU A 329 26.30 56.02 19.32
C GLU A 329 25.85 56.40 17.93
N TYR A 330 26.66 56.09 16.93
CA TYR A 330 26.27 56.38 15.56
C TYR A 330 25.37 55.27 15.07
N THR A 331 25.88 54.03 15.08
CA THR A 331 25.11 52.87 14.65
C THR A 331 23.72 53.02 15.23
N LEU A 332 23.69 53.54 16.46
CA LEU A 332 22.48 53.78 17.22
C LEU A 332 21.59 54.86 16.66
N LYS A 333 22.17 56.03 16.41
CA LYS A 333 21.39 57.12 15.87
C LYS A 333 20.68 56.64 14.61
N GLN A 334 21.43 55.98 13.73
CA GLN A 334 20.88 55.47 12.48
C GLN A 334 19.62 54.63 12.64
N ILE A 335 19.42 54.06 13.83
CA ILE A 335 18.25 53.22 14.05
C ILE A 335 16.97 54.01 14.13
N ALA A 336 17.07 55.28 14.53
CA ALA A 336 15.88 56.13 14.62
C ALA A 336 15.40 56.45 13.19
N MET A 337 16.31 56.29 12.23
CA MET A 337 16.06 56.52 10.80
C MET A 337 15.57 57.91 10.42
N PRO B 2 46.69 13.71 53.32
CA PRO B 2 46.59 13.90 54.79
C PRO B 2 47.37 15.14 55.18
N GLU B 3 48.29 15.54 54.30
CA GLU B 3 49.10 16.74 54.50
C GLU B 3 48.14 17.88 54.21
N GLU B 4 47.08 17.52 53.48
CA GLU B 4 46.03 18.42 53.06
C GLU B 4 45.05 18.60 54.21
N GLU B 5 44.57 17.47 54.74
CA GLU B 5 43.65 17.47 55.86
C GLU B 5 44.15 18.44 56.93
N GLN B 6 45.48 18.54 57.03
CA GLN B 6 46.10 19.44 57.99
C GLN B 6 45.70 20.88 57.70
N ILE B 7 45.84 21.28 56.44
CA ILE B 7 45.51 22.63 56.01
C ILE B 7 44.04 22.91 56.29
N ILE B 8 43.16 22.08 55.72
CA ILE B 8 41.72 22.21 55.88
C ILE B 8 41.30 22.60 57.30
N LYS B 9 41.63 21.75 58.26
CA LYS B 9 41.30 22.00 59.65
C LYS B 9 41.68 23.44 60.00
N GLU B 10 42.86 23.86 59.53
CA GLU B 10 43.38 25.20 59.81
C GLU B 10 42.46 26.26 59.24
N LEU B 11 42.00 26.05 58.01
CA LEU B 11 41.11 26.99 57.36
C LEU B 11 39.87 27.16 58.23
N ALA B 12 39.23 26.04 58.56
CA ALA B 12 38.04 26.05 59.39
C ALA B 12 38.29 26.85 60.66
N LYS B 13 39.49 26.69 61.21
CA LYS B 13 39.88 27.41 62.43
C LYS B 13 39.63 28.90 62.22
N ARG B 14 39.91 29.36 61.00
CA ARG B 14 39.75 30.77 60.65
C ARG B 14 38.44 31.31 61.19
N LYS B 15 38.44 32.59 61.54
CA LYS B 15 37.26 33.22 62.09
C LYS B 15 36.18 33.49 61.06
N ASP B 16 36.61 33.96 59.90
CA ASP B 16 35.70 34.33 58.81
C ASP B 16 35.44 33.27 57.76
N ILE B 17 35.97 32.06 57.93
CA ILE B 17 35.79 31.01 56.93
C ILE B 17 34.47 31.05 56.16
N VAL B 18 33.35 31.16 56.87
CA VAL B 18 32.04 31.21 56.23
C VAL B 18 32.08 32.17 55.06
N ASP B 19 32.53 33.39 55.35
CA ASP B 19 32.61 34.45 54.37
C ASP B 19 33.65 34.16 53.30
N ALA B 20 34.81 33.69 53.73
CA ALA B 20 35.87 33.39 52.77
C ALA B 20 35.38 32.39 51.74
N ILE B 21 34.66 31.37 52.19
CA ILE B 21 34.15 30.34 51.31
C ILE B 21 33.24 30.84 50.19
N VAL B 22 32.50 31.91 50.44
CA VAL B 22 31.63 32.43 49.40
C VAL B 22 32.44 33.32 48.45
N ASP B 23 33.33 34.12 49.01
CA ASP B 23 34.16 35.00 48.21
C ASP B 23 35.11 34.21 47.33
N SER B 24 34.90 32.90 47.30
CA SER B 24 35.74 32.06 46.50
C SER B 24 34.91 31.30 45.49
N ILE B 25 33.59 31.37 45.63
CA ILE B 25 32.69 30.69 44.71
C ILE B 25 32.93 31.30 43.34
N ALA B 26 32.65 32.58 43.22
CA ALA B 26 32.89 33.24 41.95
C ALA B 26 33.37 34.63 42.31
N PRO B 27 34.69 34.83 42.23
CA PRO B 27 35.33 36.11 42.53
C PRO B 27 35.05 37.09 41.40
N ALA B 28 34.88 36.51 40.22
CA ALA B 28 34.60 37.28 39.02
C ALA B 28 33.34 38.07 39.20
N ILE B 29 32.22 37.39 38.99
CA ILE B 29 30.94 38.05 39.13
C ILE B 29 31.01 38.87 40.42
N TYR B 30 30.47 40.06 40.35
CA TYR B 30 30.47 40.98 41.45
C TYR B 30 29.13 40.95 42.19
N GLY B 31 29.19 40.82 43.51
CA GLY B 31 27.96 40.81 44.30
C GLY B 31 27.27 39.47 44.45
N TYR B 32 25.95 39.51 44.59
CA TYR B 32 25.18 38.28 44.75
C TYR B 32 25.68 37.46 45.91
N LYS B 33 25.93 38.13 47.02
CA LYS B 33 26.40 37.46 48.21
C LYS B 33 25.58 36.20 48.51
N GLU B 34 24.25 36.33 48.49
CA GLU B 34 23.34 35.23 48.78
C GLU B 34 23.28 34.13 47.73
N VAL B 35 23.26 34.53 46.48
CA VAL B 35 23.21 33.55 45.43
C VAL B 35 24.54 32.78 45.47
N LYS B 36 25.53 33.35 46.15
CA LYS B 36 26.85 32.73 46.31
C LYS B 36 26.84 31.83 47.52
N LYS B 37 26.37 32.41 48.63
CA LYS B 37 26.26 31.70 49.91
C LYS B 37 25.18 30.63 49.79
N GLY B 38 24.35 30.75 48.76
CA GLY B 38 23.32 29.77 48.52
C GLY B 38 24.06 28.63 47.88
N ILE B 39 24.55 28.83 46.66
CA ILE B 39 25.31 27.80 45.96
C ILE B 39 26.32 27.18 46.91
N ALA B 40 26.91 28.00 47.78
CA ALA B 40 27.89 27.51 48.72
C ALA B 40 27.31 26.33 49.50
N LEU B 41 26.20 26.56 50.17
CA LEU B 41 25.56 25.51 50.94
C LEU B 41 25.28 24.35 50.01
N ALA B 42 24.64 24.64 48.88
CA ALA B 42 24.29 23.61 47.92
C ALA B 42 25.46 22.67 47.61
N LEU B 43 26.68 23.20 47.60
CA LEU B 43 27.88 22.42 47.30
C LEU B 43 28.30 21.56 48.49
N PHE B 44 27.85 21.94 49.68
CA PHE B 44 28.17 21.20 50.89
C PHE B 44 27.05 20.23 51.28
N GLY B 45 25.86 20.49 50.77
CA GLY B 45 24.71 19.63 51.04
C GLY B 45 24.30 19.39 52.48
N GLY B 46 23.06 18.89 52.62
CA GLY B 46 22.51 18.59 53.93
C GLY B 46 23.03 17.26 54.42
N VAL B 47 22.58 16.86 55.60
CA VAL B 47 23.02 15.62 56.22
C VAL B 47 22.97 14.36 55.34
N SER B 48 21.82 14.10 54.72
CA SER B 48 21.67 12.92 53.86
C SER B 48 22.25 11.65 54.48
N ARG B 49 21.46 10.98 55.33
CA ARG B 49 21.86 9.76 56.02
C ARG B 49 20.58 8.96 56.27
N LYS B 50 20.38 7.87 55.54
CA LYS B 50 19.17 7.08 55.71
C LYS B 50 19.14 6.21 56.95
N LEU B 51 17.93 5.89 57.39
CA LEU B 51 17.69 5.01 58.53
C LEU B 51 16.59 4.06 58.08
N PRO B 52 16.47 2.87 58.72
CA PRO B 52 15.43 1.87 58.38
C PRO B 52 14.04 2.31 58.77
N ASP B 53 13.94 2.83 59.98
CA ASP B 53 12.70 3.33 60.55
C ASP B 53 12.25 4.59 59.80
N GLY B 54 13.20 5.47 59.52
CA GLY B 54 12.92 6.69 58.81
C GLY B 54 13.33 6.60 57.35
N THR B 55 13.18 5.39 56.79
CA THR B 55 13.50 5.10 55.40
C THR B 55 14.58 6.01 54.77
N ARG B 56 14.48 6.23 53.47
CA ARG B 56 15.41 7.08 52.72
C ARG B 56 15.64 8.43 53.41
N LEU B 57 16.67 9.16 52.99
CA LEU B 57 16.97 10.49 53.54
C LEU B 57 17.95 11.30 52.67
N ARG B 58 17.39 12.01 51.68
CA ARG B 58 18.16 12.85 50.78
C ARG B 58 18.70 14.04 51.58
N GLY B 59 19.79 14.62 51.11
CA GLY B 59 20.35 15.76 51.80
C GLY B 59 20.78 16.77 50.78
N ASP B 60 20.91 16.31 49.55
CA ASP B 60 21.33 17.17 48.45
C ASP B 60 20.42 18.38 48.36
N ILE B 61 21.04 19.54 48.16
CA ILE B 61 20.33 20.79 48.08
C ILE B 61 20.27 21.33 46.64
N HIS B 62 19.09 21.41 46.08
CA HIS B 62 18.90 21.91 44.72
C HIS B 62 18.69 23.41 44.72
N VAL B 63 19.24 24.09 43.73
CA VAL B 63 19.14 25.54 43.67
C VAL B 63 18.75 26.07 42.30
N LEU B 64 17.68 26.86 42.24
CA LEU B 64 17.25 27.41 40.99
C LEU B 64 17.54 28.90 40.88
N LEU B 65 18.02 29.33 39.72
CA LEU B 65 18.36 30.73 39.47
C LEU B 65 17.52 31.28 38.32
N VAL B 66 16.41 31.95 38.59
CA VAL B 66 15.59 32.49 37.50
C VAL B 66 15.59 34.00 37.41
N GLY B 67 15.97 34.53 36.25
CA GLY B 67 15.97 35.97 36.11
C GLY B 67 15.95 36.55 34.70
N ASP B 68 15.89 37.88 34.63
CA ASP B 68 15.88 38.58 33.36
C ASP B 68 17.22 38.23 32.71
N PRO B 69 17.36 38.49 31.41
CA PRO B 69 18.63 38.14 30.79
C PRO B 69 19.74 39.09 31.18
N GLY B 70 20.98 38.67 30.98
CA GLY B 70 22.14 39.49 31.28
C GLY B 70 22.34 39.80 32.76
N VAL B 71 22.12 38.79 33.59
CA VAL B 71 22.28 38.92 35.04
C VAL B 71 23.40 38.07 35.61
N ALA B 72 24.12 37.34 34.75
CA ALA B 72 25.24 36.49 35.17
C ALA B 72 24.91 35.04 35.45
N LYS B 73 23.66 34.63 35.24
CA LYS B 73 23.29 33.25 35.51
C LYS B 73 24.22 32.30 34.79
N SER B 74 24.17 32.32 33.46
CA SER B 74 25.02 31.46 32.65
C SER B 74 26.45 31.52 33.19
N GLN B 75 26.99 32.74 33.30
CA GLN B 75 28.34 32.96 33.80
C GLN B 75 28.57 32.18 35.10
N ILE B 76 27.83 32.55 36.13
CA ILE B 76 27.94 31.91 37.43
C ILE B 76 28.03 30.40 37.39
N LEU B 77 26.99 29.74 36.87
CA LEU B 77 27.01 28.28 36.82
C LEU B 77 28.37 27.82 36.32
N ARG B 78 28.82 28.43 35.23
CA ARG B 78 30.09 28.09 34.64
C ARG B 78 31.22 28.11 35.68
N TYR B 79 31.31 29.18 36.47
CA TYR B 79 32.37 29.27 37.49
C TYR B 79 32.25 28.16 38.51
N VAL B 80 31.02 27.71 38.73
CA VAL B 80 30.82 26.66 39.71
C VAL B 80 31.38 25.38 39.15
N ALA B 81 31.16 25.12 37.87
CA ALA B 81 31.68 23.90 37.29
C ALA B 81 33.19 23.88 37.50
N ASN B 82 33.84 25.01 37.23
CA ASN B 82 35.28 25.12 37.38
C ASN B 82 35.76 25.01 38.84
N LEU B 83 34.83 24.84 39.77
CA LEU B 83 35.18 24.68 41.18
C LEU B 83 34.72 23.32 41.68
N ALA B 84 33.40 23.18 41.82
CA ALA B 84 32.79 21.94 42.30
C ALA B 84 33.52 20.69 41.83
N PRO B 85 33.67 19.71 42.72
CA PRO B 85 34.35 18.47 42.35
C PRO B 85 33.73 17.80 41.12
N ARG B 86 32.71 16.98 41.35
CA ARG B 86 32.02 16.27 40.28
C ARG B 86 31.00 17.14 39.55
N ALA B 87 31.44 18.28 39.03
CA ALA B 87 30.53 19.21 38.36
C ALA B 87 30.30 18.98 36.86
N ILE B 88 29.04 19.05 36.45
CA ILE B 88 28.68 18.90 35.04
C ILE B 88 27.86 20.08 34.58
N TYR B 89 28.45 20.94 33.76
CA TYR B 89 27.73 22.09 33.23
C TYR B 89 27.11 21.59 31.94
N THR B 90 25.92 22.07 31.63
CA THR B 90 25.26 21.65 30.42
C THR B 90 24.09 22.57 30.13
N SER B 91 24.26 23.49 29.19
CA SER B 91 23.19 24.46 28.86
C SER B 91 22.32 23.97 27.72
N UNK B 92 20.99 24.06 27.90
CA UNK B 92 20.06 23.63 26.86
C UNK B 92 20.37 24.37 25.55
N UNK B 93 21.30 23.78 24.79
CA UNK B 93 21.75 24.33 23.52
C UNK B 93 22.89 23.47 22.94
N UNK B 94 22.73 23.04 21.69
CA UNK B 94 23.70 22.21 20.97
C UNK B 94 23.80 20.79 21.54
N UNK B 95 24.97 20.16 21.42
CA UNK B 95 25.17 18.80 21.94
C UNK B 95 26.47 18.68 22.76
N UNK B 96 26.52 17.67 23.62
CA UNK B 96 27.66 17.43 24.51
C UNK B 96 28.01 18.69 25.31
N UNK B 97 28.65 18.54 26.46
CA UNK B 97 29.00 19.68 27.31
C UNK B 97 30.44 19.58 27.87
N UNK B 98 30.94 20.70 28.40
CA UNK B 98 32.31 20.76 28.96
C UNK B 98 32.37 20.44 30.44
N UNK B 99 32.47 21.48 31.27
CA UNK B 99 32.53 21.31 32.72
C UNK B 99 33.77 20.60 33.22
N UNK B 100 33.62 19.30 33.46
CA UNK B 100 34.66 18.41 33.97
C UNK B 100 36.11 18.79 33.71
N UNK B 101 36.96 18.35 34.63
CA UNK B 101 38.39 18.59 34.53
C UNK B 101 38.99 17.21 34.26
N UNK B 102 38.10 16.26 34.00
CA UNK B 102 38.40 14.86 33.68
C UNK B 102 39.57 14.13 34.35
N UNK B 103 39.35 12.85 34.61
CA UNK B 103 40.33 11.96 35.23
C UNK B 103 39.83 10.53 35.11
N UNK B 104 39.86 10.00 33.89
CA UNK B 104 39.41 8.64 33.60
C UNK B 104 37.93 8.50 33.94
N UNK B 105 37.15 9.53 33.65
CA UNK B 105 35.71 9.53 33.92
C UNK B 105 35.40 9.57 35.43
N UNK B 106 34.11 9.45 35.79
CA UNK B 106 33.65 9.53 37.18
C UNK B 106 33.75 8.25 38.02
N UNK B 107 33.81 8.42 39.35
CA UNK B 107 33.94 7.32 40.29
C UNK B 107 32.82 6.27 40.28
N UNK B 108 31.56 6.67 40.07
CA UNK B 108 30.48 5.68 40.04
C UNK B 108 29.55 5.75 38.83
N UNK B 109 28.39 5.10 38.95
CA UNK B 109 27.39 4.98 37.89
C UNK B 109 26.77 6.12 37.08
N UNK B 110 25.95 5.68 36.12
CA UNK B 110 25.17 6.50 35.18
C UNK B 110 25.83 7.58 34.28
N UNK B 111 24.97 8.18 33.45
CA UNK B 111 25.36 9.20 32.47
C UNK B 111 24.14 9.42 31.55
N UNK B 112 24.18 10.38 30.61
CA UNK B 112 23.02 10.56 29.71
C UNK B 112 23.02 11.67 28.60
N UNK B 113 21.84 12.27 28.35
CA UNK B 113 21.59 13.31 27.32
C UNK B 113 22.00 14.77 27.64
N UNK B 114 21.55 15.28 28.78
CA UNK B 114 21.92 16.62 29.21
C UNK B 114 23.36 16.38 29.67
N UNK B 115 23.53 15.27 30.39
CA UNK B 115 24.78 14.75 30.95
C UNK B 115 24.81 14.84 32.47
N UNK B 116 24.31 13.80 33.13
CA UNK B 116 24.30 13.78 34.58
C UNK B 116 24.93 12.45 35.04
N UNK B 117 25.68 12.49 36.15
CA UNK B 117 26.36 11.30 36.68
C UNK B 117 25.64 10.60 37.85
N UNK B 118 24.76 9.66 37.50
CA UNK B 118 23.96 8.87 38.45
C UNK B 118 24.49 7.47 38.71
N GLY B 125 27.68 10.42 42.09
CA GLY B 125 26.78 11.51 42.38
C GLY B 125 27.18 12.67 41.51
N GLY B 126 27.54 13.79 42.16
CA GLY B 126 27.98 14.97 41.44
C GLY B 126 26.94 16.03 41.11
N TYR B 127 27.32 17.29 41.28
CA TYR B 127 26.42 18.41 41.01
C TYR B 127 26.30 18.68 39.51
N ALA B 128 25.07 18.70 39.01
CA ALA B 128 24.85 18.97 37.60
C ALA B 128 24.33 20.38 37.46
N LEU B 129 25.20 21.24 36.97
CA LEU B 129 24.90 22.64 36.76
C LEU B 129 24.15 22.75 35.44
N ILE B 130 22.84 22.93 35.52
CA ILE B 130 21.99 23.01 34.34
C ILE B 130 21.54 24.41 33.95
N ASP B 131 22.27 25.06 33.07
CA ASP B 131 21.87 26.39 32.66
C ASP B 131 20.74 26.27 31.63
N GLU B 132 19.85 27.26 31.62
CA GLU B 132 18.73 27.32 30.68
C GLU B 132 17.76 26.16 30.83
N LEU B 133 17.41 25.83 32.07
CA LEU B 133 16.49 24.74 32.37
C LEU B 133 15.10 24.93 31.78
N ASP B 134 14.81 26.13 31.30
CA ASP B 134 13.50 26.42 30.71
C ASP B 134 13.47 26.08 29.21
N LYS B 135 14.64 25.74 28.66
CA LYS B 135 14.76 25.39 27.25
C LYS B 135 15.21 23.93 27.10
N MET B 136 14.78 23.09 28.02
CA MET B 136 15.12 21.67 27.94
C MET B 136 14.03 21.03 27.10
N SER B 137 14.42 20.16 26.18
CA SER B 137 13.40 19.48 25.38
C SER B 137 12.59 18.71 26.42
N ASP B 138 11.26 18.81 26.35
CA ASP B 138 10.39 18.12 27.32
C ASP B 138 10.93 16.77 27.80
N ARG B 139 11.78 16.12 27.01
CA ARG B 139 12.38 14.84 27.38
C ARG B 139 13.44 15.11 28.46
N ASP B 140 14.49 15.81 28.07
CA ASP B 140 15.55 16.15 29.00
C ASP B 140 14.99 16.76 30.30
N ARG B 141 13.86 17.43 30.22
CA ARG B 141 13.26 18.00 31.42
C ARG B 141 12.78 16.81 32.26
N SER B 142 11.76 16.13 31.74
CA SER B 142 11.18 14.98 32.39
C SER B 142 12.13 14.27 33.32
N VAL B 143 13.25 13.83 32.76
CA VAL B 143 14.23 13.11 33.56
C VAL B 143 14.57 13.81 34.86
N ILE B 144 15.05 15.05 34.76
CA ILE B 144 15.39 15.83 35.92
C ILE B 144 14.19 15.87 36.87
N HIS B 145 13.05 16.24 36.31
CA HIS B 145 11.82 16.31 37.06
C HIS B 145 11.73 15.06 37.91
N GLU B 146 11.91 13.90 37.31
CA GLU B 146 11.88 12.65 38.06
C GLU B 146 13.02 12.62 39.06
N ALA B 147 14.22 12.91 38.56
CA ALA B 147 15.42 12.91 39.37
C ALA B 147 15.31 13.79 40.62
N LEU B 148 14.66 14.93 40.49
CA LEU B 148 14.50 15.85 41.61
C LEU B 148 13.38 15.36 42.50
N GLU B 149 12.31 14.89 41.86
CA GLU B 149 11.14 14.38 42.54
C GLU B 149 11.40 13.03 43.19
N GLN B 150 11.49 11.97 42.38
CA GLN B 150 11.74 10.62 42.88
C GLN B 150 13.06 10.47 43.63
N GLN B 151 14.14 10.86 42.96
CA GLN B 151 15.49 10.73 43.49
C GLN B 151 15.99 9.45 42.81
N THR B 152 15.28 9.06 41.75
CA THR B 152 15.58 7.85 40.99
C THR B 152 15.05 7.90 39.56
N ILE B 153 15.94 7.82 38.59
CA ILE B 153 15.49 7.84 37.21
C ILE B 153 15.15 6.42 36.74
N SER B 154 14.68 6.27 35.50
CA SER B 154 14.35 4.94 34.98
C SER B 154 14.06 4.90 33.48
N ILE B 155 14.66 3.93 32.81
CA ILE B 155 14.49 3.72 31.38
C ILE B 155 14.21 2.24 31.16
N SER B 156 13.00 1.92 30.72
CA SER B 156 12.65 0.53 30.46
C SER B 156 12.30 0.39 28.99
N LYS B 157 13.06 1.07 28.15
CA LYS B 157 12.85 1.04 26.71
C LYS B 157 13.39 -0.26 26.09
N ALA B 158 12.48 -1.21 25.90
CA ALA B 158 12.70 -2.55 25.35
C ALA B 158 12.15 -3.54 26.37
N GLY B 159 12.58 -4.79 26.28
CA GLY B 159 12.11 -5.77 27.24
C GLY B 159 12.73 -5.47 28.58
N ILE B 160 13.95 -4.95 28.55
CA ILE B 160 14.68 -4.60 29.76
C ILE B 160 14.11 -3.42 30.51
N THR B 161 14.41 -3.36 31.80
CA THR B 161 13.95 -2.30 32.68
C THR B 161 15.15 -1.73 33.43
N ALA B 162 15.44 -0.46 33.23
CA ALA B 162 16.59 0.16 33.88
C ALA B 162 16.26 1.22 34.91
N THR B 163 16.49 0.93 36.18
CA THR B 163 16.24 1.94 37.18
C THR B 163 17.56 2.51 37.65
N LEU B 164 17.83 3.73 37.23
CA LEU B 164 19.04 4.44 37.56
C LEU B 164 18.84 5.18 38.87
N ASN B 165 19.78 5.02 39.80
CA ASN B 165 19.68 5.71 41.08
C ASN B 165 20.19 7.13 40.93
N ALA B 166 19.30 8.10 41.17
CA ALA B 166 19.63 9.52 41.07
C ALA B 166 20.08 10.02 42.42
N ARG B 167 21.31 10.50 42.47
CA ARG B 167 21.86 11.00 43.71
C ARG B 167 22.84 12.13 43.41
N THR B 168 22.34 13.20 42.81
CA THR B 168 23.16 14.35 42.48
C THR B 168 22.48 15.65 42.88
N THR B 169 23.25 16.73 42.90
CA THR B 169 22.73 18.03 43.25
C THR B 169 22.45 18.82 41.97
N VAL B 170 21.43 19.65 41.98
CA VAL B 170 21.11 20.42 40.78
C VAL B 170 21.12 21.89 41.02
N ILE B 171 22.12 22.57 40.47
CA ILE B 171 22.18 24.01 40.60
C ILE B 171 21.85 24.53 39.21
N ALA B 172 20.59 24.93 39.01
CA ALA B 172 20.15 25.38 37.70
C ALA B 172 19.71 26.82 37.59
N ALA B 173 19.70 27.27 36.34
CA ALA B 173 19.32 28.62 35.98
C ALA B 173 18.11 28.53 35.08
N ALA B 174 17.46 29.65 34.82
CA ALA B 174 16.28 29.67 33.97
C ALA B 174 15.76 31.08 33.71
N ASN B 175 15.16 31.29 32.54
CA ASN B 175 14.61 32.59 32.18
C ASN B 175 13.10 32.48 32.24
N PRO B 176 12.40 33.63 32.27
CA PRO B 176 10.94 33.67 32.32
C PRO B 176 10.36 33.26 30.97
N LYS B 177 9.12 32.82 30.95
CA LYS B 177 8.50 32.41 29.69
C LYS B 177 8.55 33.60 28.72
N GLN B 178 8.60 34.80 29.29
CA GLN B 178 8.63 36.03 28.50
C GLN B 178 10.02 36.57 28.18
N GLY B 179 10.98 36.21 29.01
CA GLY B 179 12.35 36.68 28.83
C GLY B 179 12.71 37.51 30.04
N ARG B 180 11.90 38.53 30.29
CA ARG B 180 12.06 39.43 31.43
C ARG B 180 10.70 39.36 32.13
N PHE B 181 10.61 39.80 33.38
CA PHE B 181 9.30 39.75 34.02
C PHE B 181 8.90 40.91 34.91
N ASN B 182 9.72 41.96 34.92
CA ASN B 182 9.49 43.16 35.74
C ASN B 182 8.04 43.45 36.11
N ARG B 183 7.09 42.97 35.32
CA ARG B 183 5.70 43.20 35.63
C ARG B 183 5.40 42.83 37.08
N MET B 184 4.17 43.10 37.49
CA MET B 184 3.73 42.83 38.84
C MET B 184 3.50 41.34 39.06
N LYS B 185 2.79 40.69 38.13
CA LYS B 185 2.48 39.26 38.22
C LYS B 185 3.60 38.47 38.91
N ASN B 186 3.22 37.39 39.61
CA ASN B 186 4.18 36.58 40.34
C ASN B 186 5.19 35.81 39.53
N PRO B 187 6.47 36.00 39.88
CA PRO B 187 7.62 35.37 39.23
C PRO B 187 7.41 33.90 38.97
N PHE B 188 6.45 33.33 39.68
CA PHE B 188 6.19 31.91 39.51
C PHE B 188 5.26 31.50 38.41
N GLU B 189 4.60 32.47 37.78
CA GLU B 189 3.71 32.16 36.68
C GLU B 189 4.52 32.41 35.42
N GLN B 190 5.57 33.20 35.59
CA GLN B 190 6.42 33.57 34.49
C GLN B 190 7.48 32.56 34.09
N ILE B 191 7.77 31.61 34.98
CA ILE B 191 8.78 30.57 34.69
C ILE B 191 8.12 29.50 33.81
N ASP B 192 8.87 28.88 32.90
CA ASP B 192 8.30 27.85 32.02
C ASP B 192 8.43 26.42 32.55
N LEU B 193 8.57 26.28 33.87
CA LEU B 193 8.71 24.97 34.48
C LEU B 193 7.46 24.57 35.27
N PRO B 194 7.12 23.27 35.24
CA PRO B 194 5.94 22.80 35.96
C PRO B 194 6.15 23.02 37.44
N PRO B 195 5.27 23.80 38.05
CA PRO B 195 5.37 24.08 39.48
C PRO B 195 5.77 22.88 40.35
N THR B 196 5.32 21.69 40.00
CA THR B 196 5.66 20.52 40.79
C THR B 196 7.13 20.12 40.65
N LEU B 197 7.88 20.91 39.90
CA LEU B 197 9.29 20.68 39.70
C LEU B 197 9.97 21.72 40.55
N LEU B 198 9.56 22.97 40.34
CA LEU B 198 10.10 24.10 41.06
C LEU B 198 10.06 23.82 42.55
N SER B 199 8.95 23.26 43.00
CA SER B 199 8.76 22.94 44.41
C SER B 199 9.88 22.05 44.95
N ARG B 200 10.70 21.52 44.04
CA ARG B 200 11.80 20.64 44.42
C ARG B 200 13.08 21.34 44.82
N PHE B 201 13.18 22.62 44.49
CA PHE B 201 14.36 23.39 44.84
C PHE B 201 14.24 23.87 46.27
N ASP B 202 15.38 23.88 46.97
CA ASP B 202 15.45 24.32 48.36
C ASP B 202 15.60 25.84 48.41
N LEU B 203 16.03 26.44 47.30
CA LEU B 203 16.17 27.89 47.24
C LEU B 203 16.04 28.34 45.82
N ILE B 204 15.18 29.33 45.57
CA ILE B 204 15.05 29.89 44.22
C ILE B 204 15.43 31.41 44.22
N PHE B 205 16.52 31.74 43.55
CA PHE B 205 16.92 33.14 43.52
C PHE B 205 16.33 33.82 42.33
N VAL B 206 15.45 34.75 42.59
CA VAL B 206 14.81 35.50 41.53
C VAL B 206 15.66 36.72 41.24
N LEU B 207 16.10 36.85 40.00
CA LEU B 207 16.96 37.97 39.66
C LEU B 207 16.40 38.93 38.64
N ILE B 208 15.85 40.05 39.11
CA ILE B 208 15.31 41.09 38.22
C ILE B 208 16.47 42.03 38.06
N ASP B 209 16.37 42.99 37.16
CA ASP B 209 17.50 43.91 37.04
C ASP B 209 17.14 45.34 36.67
N GLU B 210 16.82 46.13 37.70
CA GLU B 210 16.49 47.54 37.48
C GLU B 210 17.80 48.11 36.96
N PRO B 211 17.76 49.31 36.40
CA PRO B 211 19.01 49.88 35.91
C PRO B 211 19.90 50.36 37.04
N ASP B 212 19.62 51.53 37.60
CA ASP B 212 20.41 52.09 38.71
C ASP B 212 21.89 52.36 38.34
N ASP B 213 22.33 53.59 38.58
CA ASP B 213 23.70 53.99 38.27
C ASP B 213 24.74 53.32 39.17
N LYS B 214 24.65 53.60 40.47
CA LYS B 214 25.57 53.06 41.45
C LYS B 214 26.00 51.64 41.10
N ILE B 215 25.10 50.71 41.33
CA ILE B 215 25.36 49.31 41.07
C ILE B 215 26.01 49.10 39.69
N ASP B 216 25.37 49.57 38.61
CA ASP B 216 25.94 49.43 37.27
C ASP B 216 27.39 49.86 37.20
N SER B 217 27.67 51.07 37.67
CA SER B 217 29.02 51.58 37.68
C SER B 217 29.94 50.52 38.29
N GLU B 218 29.53 50.00 39.44
CA GLU B 218 30.29 48.98 40.15
C GLU B 218 30.49 47.77 39.27
N VAL B 219 29.38 47.16 38.85
CA VAL B 219 29.43 45.98 38.03
C VAL B 219 30.35 46.13 36.84
N ALA B 220 30.16 47.20 36.09
CA ALA B 220 31.01 47.40 34.94
C ALA B 220 32.46 47.53 35.39
N ARG B 221 32.75 48.57 36.16
CA ARG B 221 34.11 48.77 36.65
C ARG B 221 34.71 47.42 37.02
N HIS B 222 33.92 46.58 37.64
CA HIS B 222 34.40 45.27 38.07
C HIS B 222 34.76 44.39 36.87
N ILE B 223 33.85 44.31 35.90
CA ILE B 223 34.11 43.49 34.73
C ILE B 223 35.44 43.88 34.15
N LEU B 224 35.55 45.11 33.69
CA LEU B 224 36.80 45.58 33.12
C LEU B 224 37.95 45.07 33.97
N ARG B 225 37.97 45.47 35.24
CA ARG B 225 39.03 45.04 36.15
C ARG B 225 39.41 43.60 35.82
N VAL B 226 38.63 42.66 36.34
CA VAL B 226 38.90 41.25 36.11
C VAL B 226 38.50 40.88 34.71
N ARG B 227 39.12 41.51 33.73
CA ARG B 227 38.83 41.26 32.32
C ARG B 227 40.04 41.66 31.52
N ARG B 228 40.98 42.31 32.19
CA ARG B 228 42.18 42.75 31.49
C ARG B 228 43.41 41.94 31.84
N GLY B 229 44.21 41.66 30.82
CA GLY B 229 45.41 40.87 31.01
C GLY B 229 45.01 39.46 31.38
N GLU B 230 45.90 38.73 32.04
CA GLU B 230 45.61 37.36 32.46
C GLU B 230 45.64 37.27 33.99
N SER B 231 45.59 38.43 34.65
CA SER B 231 45.61 38.49 36.11
C SER B 231 45.04 39.79 36.71
N GLU B 232 44.54 39.69 37.94
CA GLU B 232 43.98 40.82 38.69
C GLU B 232 43.87 40.44 40.18
N VAL B 233 43.66 41.43 41.04
CA VAL B 233 43.53 41.18 42.47
C VAL B 233 42.14 40.60 42.69
N VAL B 234 41.59 40.02 41.63
CA VAL B 234 40.28 39.42 41.70
C VAL B 234 40.33 37.95 41.26
N ALA B 235 40.74 37.16 42.25
CA ALA B 235 40.88 35.71 42.21
C ALA B 235 40.46 35.25 43.62
N PRO B 236 40.12 33.96 43.76
CA PRO B 236 39.69 33.36 45.02
C PRO B 236 40.37 33.82 46.29
N LYS B 237 39.61 33.86 47.37
CA LYS B 237 40.11 34.24 48.71
C LYS B 237 40.66 32.95 49.28
N ILE B 238 40.43 31.86 48.55
CA ILE B 238 40.87 30.53 48.91
C ILE B 238 41.17 29.82 47.61
N PRO B 239 42.32 29.14 47.53
CA PRO B 239 42.66 28.42 46.30
C PRO B 239 41.58 27.40 45.95
N HIS B 240 41.19 27.34 44.69
CA HIS B 240 40.16 26.40 44.28
C HIS B 240 40.52 24.93 44.46
N GLU B 241 41.81 24.59 44.36
CA GLU B 241 42.20 23.20 44.54
C GLU B 241 42.01 22.81 46.00
N ILE B 242 42.34 23.73 46.91
CA ILE B 242 42.19 23.50 48.35
C ILE B 242 40.71 23.41 48.68
N LEU B 243 40.00 24.48 48.32
CA LEU B 243 38.58 24.60 48.56
C LEU B 243 37.74 23.49 47.97
N ARG B 244 38.27 22.77 46.99
CA ARG B 244 37.54 21.68 46.36
C ARG B 244 37.78 20.40 47.15
N LYS B 245 38.91 20.37 47.85
CA LYS B 245 39.25 19.23 48.67
C LYS B 245 38.45 19.44 49.95
N TYR B 246 38.48 20.67 50.45
CA TYR B 246 37.77 21.04 51.66
C TYR B 246 36.30 20.61 51.57
N ILE B 247 35.70 20.78 50.40
CA ILE B 247 34.32 20.39 50.20
C ILE B 247 34.22 18.89 50.29
N ALA B 248 34.78 18.20 49.29
CA ALA B 248 34.75 16.74 49.26
C ALA B 248 35.08 16.14 50.63
N TYR B 249 35.82 16.89 51.44
CA TYR B 249 36.19 16.43 52.78
C TYR B 249 35.02 16.50 53.75
N ALA B 250 34.42 17.67 53.87
CA ALA B 250 33.28 17.87 54.76
C ALA B 250 32.07 17.03 54.32
N ARG B 251 31.96 16.71 53.04
CA ARG B 251 30.86 15.88 52.56
C ARG B 251 31.23 14.43 52.87
N LYS B 252 32.17 14.25 53.77
CA LYS B 252 32.64 12.92 54.13
C LYS B 252 32.69 12.69 55.63
N ASN B 253 33.50 13.47 56.31
CA ASN B 253 33.71 13.34 57.74
C ASN B 253 32.74 14.07 58.66
N ILE B 254 31.95 14.98 58.10
CA ILE B 254 31.03 15.75 58.93
C ILE B 254 29.56 15.42 58.66
N HIS B 255 28.80 15.21 59.72
CA HIS B 255 27.38 14.91 59.60
C HIS B 255 26.62 15.58 60.73
N PRO B 256 26.56 16.92 60.70
CA PRO B 256 25.89 17.74 61.70
C PRO B 256 24.60 17.23 62.31
N VAL B 257 24.55 17.31 63.63
CA VAL B 257 23.37 16.91 64.38
C VAL B 257 22.80 18.21 64.87
N ILE B 258 21.48 18.24 64.96
CA ILE B 258 20.80 19.46 65.36
C ILE B 258 20.82 19.76 66.85
N SER B 259 21.38 20.92 67.21
CA SER B 259 21.43 21.31 68.61
C SER B 259 20.06 21.81 69.04
N GLU B 260 19.63 21.42 70.24
CA GLU B 260 18.34 21.88 70.73
C GLU B 260 18.41 23.39 70.56
N GLU B 261 19.63 23.89 70.65
CA GLU B 261 19.91 25.32 70.52
C GLU B 261 19.23 25.83 69.26
N ALA B 262 19.64 25.28 68.13
CA ALA B 262 19.13 25.66 66.83
C ALA B 262 17.68 25.27 66.63
N MET B 263 17.39 24.00 66.88
CA MET B 263 16.05 23.46 66.74
C MET B 263 14.97 24.51 67.04
N GLU B 264 15.07 25.10 68.22
CA GLU B 264 14.12 26.11 68.64
C GLU B 264 14.05 27.27 67.65
N GLU B 265 15.18 27.61 67.04
CA GLU B 265 15.24 28.71 66.09
C GLU B 265 14.54 28.42 64.77
N ILE B 266 14.75 27.21 64.25
CA ILE B 266 14.16 26.85 62.98
C ILE B 266 12.66 26.60 63.08
N GLU B 267 12.19 26.03 64.19
CA GLU B 267 10.77 25.77 64.32
C GLU B 267 10.07 27.11 64.57
N LYS B 268 10.63 27.90 65.49
CA LYS B 268 10.09 29.22 65.83
C LYS B 268 9.84 30.01 64.56
N TYR B 269 10.61 29.66 63.54
CA TYR B 269 10.51 30.32 62.26
C TYR B 269 9.54 29.64 61.29
N TYR B 270 9.69 28.32 61.13
CA TYR B 270 8.83 27.60 60.23
C TYR B 270 7.40 28.02 60.51
N VAL B 271 7.04 28.04 61.79
CA VAL B 271 5.70 28.46 62.16
C VAL B 271 5.41 29.90 61.68
N ARG B 272 6.42 30.77 61.81
CA ARG B 272 6.34 32.17 61.38
C ARG B 272 6.03 32.12 59.89
N MET B 273 6.89 31.40 59.19
CA MET B 273 6.78 31.22 57.76
C MET B 273 5.38 30.73 57.37
N ARG B 274 4.81 29.86 58.19
CA ARG B 274 3.51 29.34 57.91
C ARG B 274 2.47 30.46 57.76
N LYS B 275 2.47 31.42 58.70
CA LYS B 275 1.52 32.53 58.65
C LYS B 275 1.65 33.31 57.33
N SER B 276 0.73 33.04 56.40
CA SER B 276 0.69 33.68 55.08
C SER B 276 -0.44 33.07 54.24
N PRO B 291 3.60 30.19 48.86
CA PRO B 291 2.78 28.96 48.76
C PRO B 291 3.28 27.76 49.61
N ILE B 292 3.61 28.06 50.87
CA ILE B 292 4.18 27.17 51.94
C ILE B 292 3.52 25.87 52.37
N THR B 293 4.36 24.86 52.63
CA THR B 293 3.92 23.55 53.07
C THR B 293 4.82 23.18 54.23
N ALA B 294 4.90 21.88 54.49
CA ALA B 294 5.74 21.37 55.55
C ALA B 294 7.09 20.99 54.95
N ARG B 295 7.19 21.08 53.61
CA ARG B 295 8.41 20.75 52.92
C ARG B 295 9.41 21.85 53.18
N GLN B 296 8.93 23.09 53.19
CA GLN B 296 9.75 24.25 53.44
C GLN B 296 10.61 24.02 54.67
N LEU B 297 10.03 23.33 55.66
CA LEU B 297 10.72 23.02 56.91
C LEU B 297 11.89 22.07 56.65
N GLU B 298 11.63 21.03 55.86
CA GLU B 298 12.63 20.03 55.52
C GLU B 298 13.87 20.68 54.90
N ALA B 299 13.63 21.45 53.84
CA ALA B 299 14.72 22.12 53.12
C ALA B 299 15.46 23.11 54.00
N LEU B 300 14.72 23.81 54.84
CA LEU B 300 15.35 24.74 55.75
C LEU B 300 16.34 23.97 56.58
N ILE B 301 15.93 22.77 57.00
CA ILE B 301 16.77 21.89 57.81
C ILE B 301 18.04 21.56 57.03
N ARG B 302 17.90 21.24 55.75
CA ARG B 302 19.06 20.91 54.95
C ARG B 302 20.08 22.05 54.88
N LEU B 303 19.61 23.28 54.68
CA LEU B 303 20.51 24.42 54.61
C LEU B 303 21.33 24.53 55.86
N SER B 304 20.67 24.72 57.00
CA SER B 304 21.34 24.84 58.30
C SER B 304 22.28 23.69 58.61
N GLU B 305 21.96 22.49 58.12
CA GLU B 305 22.83 21.35 58.34
C GLU B 305 24.10 21.62 57.50
N ALA B 306 23.92 21.95 56.22
CA ALA B 306 25.03 22.21 55.33
C ALA B 306 25.86 23.40 55.79
N HIS B 307 25.21 24.43 56.31
CA HIS B 307 25.94 25.61 56.75
C HIS B 307 26.93 25.24 57.84
N ALA B 308 26.62 24.18 58.59
CA ALA B 308 27.52 23.73 59.65
C ALA B 308 28.64 22.99 58.96
N ARG B 309 28.27 21.94 58.25
CA ARG B 309 29.22 21.12 57.50
C ARG B 309 30.20 21.99 56.75
N MET B 310 29.71 23.13 56.26
CA MET B 310 30.51 24.09 55.51
C MET B 310 31.72 24.54 56.31
N ARG B 311 31.57 24.52 57.63
CA ARG B 311 32.63 24.92 58.54
C ARG B 311 33.05 23.72 59.40
N LEU B 312 32.37 22.59 59.20
CA LEU B 312 32.64 21.37 59.96
C LEU B 312 32.25 21.65 61.40
N SER B 313 31.19 21.01 61.92
CA SER B 313 30.81 21.33 63.30
C SER B 313 30.89 20.23 64.36
N PRO B 314 30.09 19.17 64.28
CA PRO B 314 29.04 18.72 63.38
C PRO B 314 27.77 18.96 64.18
N ILE B 315 27.63 20.19 64.64
CA ILE B 315 26.48 20.55 65.43
C ILE B 315 25.85 21.84 64.97
N VAL B 316 24.68 21.70 64.35
CA VAL B 316 23.94 22.85 63.84
C VAL B 316 23.59 23.79 64.98
N THR B 317 24.55 24.65 65.33
CA THR B 317 24.39 25.63 66.42
C THR B 317 23.32 26.67 66.10
N ARG B 318 22.95 27.46 67.11
CA ARG B 318 21.95 28.49 66.92
C ARG B 318 22.31 29.38 65.74
N GLU B 319 23.60 29.63 65.55
CA GLU B 319 24.05 30.48 64.46
C GLU B 319 23.76 29.87 63.11
N ASP B 320 24.18 28.64 62.92
CA ASP B 320 23.93 27.95 61.67
C ASP B 320 22.46 28.10 61.34
N ALA B 321 21.61 27.51 62.17
CA ALA B 321 20.16 27.57 61.96
C ALA B 321 19.71 29.00 61.71
N ARG B 322 20.33 29.94 62.40
CA ARG B 322 20.01 31.35 62.24
C ARG B 322 20.27 31.73 60.79
N GLU B 323 21.51 31.57 60.36
CA GLU B 323 21.94 31.89 59.01
C GLU B 323 21.02 31.32 57.95
N ALA B 324 20.72 30.03 58.13
CA ALA B 324 19.85 29.33 57.20
C ALA B 324 18.59 30.13 56.99
N ILE B 325 17.86 30.43 58.05
CA ILE B 325 16.64 31.18 57.85
C ILE B 325 16.89 32.54 57.22
N LYS B 326 18.06 33.12 57.49
CA LYS B 326 18.37 34.43 56.89
C LYS B 326 18.32 34.29 55.38
N LEU B 327 19.17 33.42 54.86
CA LEU B 327 19.21 33.19 53.44
C LEU B 327 17.81 32.90 52.92
N MET B 328 17.05 32.06 53.63
CA MET B 328 15.71 31.73 53.18
C MET B 328 14.72 32.89 53.19
N GLU B 329 14.72 33.73 54.24
CA GLU B 329 13.79 34.85 54.24
C GLU B 329 14.24 35.82 53.17
N TYR B 330 15.44 35.63 52.63
CA TYR B 330 15.90 36.50 51.57
C TYR B 330 15.34 36.00 50.26
N THR B 331 15.63 34.75 49.91
CA THR B 331 15.13 34.15 48.67
C THR B 331 13.67 34.55 48.55
N LEU B 332 13.01 34.58 49.71
CA LEU B 332 11.61 34.94 49.85
C LEU B 332 11.29 36.39 49.53
N LYS B 333 12.02 37.29 50.17
CA LYS B 333 11.78 38.71 49.93
C LYS B 333 11.87 38.96 48.43
N GLN B 334 12.92 38.45 47.80
CA GLN B 334 13.11 38.62 46.37
C GLN B 334 11.89 38.26 45.52
N ILE B 335 11.02 37.41 46.04
CA ILE B 335 9.86 37.00 45.27
C ILE B 335 8.83 38.09 45.12
N ALA B 336 8.81 39.03 46.07
CA ALA B 336 7.86 40.14 46.01
C ALA B 336 8.29 41.09 44.87
N MET B 337 9.56 40.97 44.49
CA MET B 337 10.19 41.76 43.41
C MET B 337 10.14 43.28 43.57
N PRO C 2 5.98 -20.51 68.33
CA PRO C 2 5.01 -20.79 69.41
C PRO C 2 5.48 -20.10 70.68
N GLU C 3 6.78 -19.78 70.71
CA GLU C 3 7.38 -19.07 71.84
C GLU C 3 6.91 -17.64 71.66
N GLU C 4 6.50 -17.36 70.42
CA GLU C 4 6.01 -16.06 70.01
C GLU C 4 4.55 -15.94 70.41
N GLU C 5 3.76 -16.94 70.01
CA GLU C 5 2.34 -16.97 70.34
C GLU C 5 2.17 -16.63 71.82
N GLN C 6 3.14 -17.06 72.62
CA GLN C 6 3.11 -16.79 74.06
C GLN C 6 3.10 -15.30 74.33
N ILE C 7 4.02 -14.59 73.68
CA ILE C 7 4.13 -13.14 73.83
C ILE C 7 2.83 -12.47 73.41
N ILE C 8 2.43 -12.71 72.17
CA ILE C 8 1.21 -12.14 71.59
C ILE C 8 0.04 -12.12 72.57
N LYS C 9 -0.36 -13.29 73.03
CA LYS C 9 -1.46 -13.41 73.98
C LYS C 9 -1.26 -12.38 75.11
N GLU C 10 -0.01 -12.27 75.57
CA GLU C 10 0.34 -11.36 76.66
C GLU C 10 0.05 -9.92 76.28
N LEU C 11 0.44 -9.56 75.07
CA LEU C 11 0.22 -8.20 74.58
C LEU C 11 -1.26 -7.90 74.65
N ALA C 12 -2.06 -8.77 74.02
CA ALA C 12 -3.52 -8.61 74.01
C ALA C 12 -4.03 -8.42 75.42
N LYS C 13 -3.45 -9.16 76.37
CA LYS C 13 -3.83 -9.06 77.77
C LYS C 13 -3.78 -7.59 78.19
N ARG C 14 -2.77 -6.89 77.69
CA ARG C 14 -2.57 -5.48 78.01
C ARG C 14 -3.87 -4.72 77.98
N LYS C 15 -3.98 -3.71 78.84
CA LYS C 15 -5.20 -2.92 78.92
C LYS C 15 -5.38 -1.97 77.74
N ASP C 16 -4.28 -1.32 77.36
CA ASP C 16 -4.30 -0.35 76.28
C ASP C 16 -3.93 -0.83 74.89
N ILE C 17 -3.73 -2.13 74.72
CA ILE C 17 -3.34 -2.68 73.42
C ILE C 17 -3.89 -1.92 72.21
N VAL C 18 -5.19 -1.67 72.20
CA VAL C 18 -5.82 -0.96 71.09
C VAL C 18 -4.99 0.26 70.71
N ASP C 19 -4.71 1.07 71.73
CA ASP C 19 -3.96 2.29 71.57
C ASP C 19 -2.51 2.03 71.21
N ALA C 20 -1.90 1.06 71.88
CA ALA C 20 -0.51 0.73 71.61
C ALA C 20 -0.33 0.37 70.14
N ILE C 21 -1.26 -0.42 69.62
CA ILE C 21 -1.20 -0.86 68.23
C ILE C 21 -1.18 0.26 67.20
N VAL C 22 -1.82 1.39 67.50
CA VAL C 22 -1.82 2.48 66.55
C VAL C 22 -0.52 3.28 66.71
N ASP C 23 -0.11 3.49 67.95
CA ASP C 23 1.11 4.24 68.21
C ASP C 23 2.32 3.49 67.69
N SER C 24 2.08 2.43 66.96
CA SER C 24 3.17 1.65 66.42
C SER C 24 3.07 1.61 64.91
N ILE C 25 1.95 2.08 64.37
CA ILE C 25 1.76 2.10 62.92
C ILE C 25 2.84 3.00 62.35
N ALA C 26 2.81 4.26 62.72
CA ALA C 26 3.84 5.17 62.26
C ALA C 26 4.11 6.11 63.40
N PRO C 27 5.20 5.85 64.13
CA PRO C 27 5.63 6.65 65.27
C PRO C 27 6.18 7.97 64.78
N ALA C 28 6.74 7.91 63.57
CA ALA C 28 7.32 9.06 62.93
C ALA C 28 6.29 10.14 62.78
N ILE C 29 5.48 10.02 61.73
CA ILE C 29 4.45 11.00 61.49
C ILE C 29 3.78 11.27 62.83
N TYR C 30 3.49 12.53 63.06
CA TYR C 30 2.88 12.99 64.28
C TYR C 30 1.39 13.18 64.11
N GLY C 31 0.61 12.62 65.02
CA GLY C 31 -0.84 12.78 64.95
C GLY C 31 -1.58 11.81 64.08
N TYR C 32 -2.69 12.25 63.51
CA TYR C 32 -3.51 11.39 62.64
C TYR C 32 -3.91 10.12 63.35
N LYS C 33 -4.33 10.26 64.59
CA LYS C 33 -4.76 9.12 65.38
C LYS C 33 -5.69 8.20 64.57
N GLU C 34 -6.70 8.79 63.93
CA GLU C 34 -7.70 8.04 63.15
C GLU C 34 -7.18 7.45 61.85
N VAL C 35 -6.38 8.21 61.13
CA VAL C 35 -5.85 7.70 59.89
C VAL C 35 -4.91 6.54 60.25
N LYS C 36 -4.50 6.49 61.51
CA LYS C 36 -3.62 5.42 62.01
C LYS C 36 -4.46 4.24 62.46
N LYS C 37 -5.46 4.55 63.28
CA LYS C 37 -6.40 3.56 63.81
C LYS C 37 -7.25 3.03 62.67
N GLY C 38 -7.25 3.75 61.55
CA GLY C 38 -8.00 3.34 60.38
C GLY C 38 -7.11 2.28 59.77
N ILE C 39 -5.97 2.69 59.25
CA ILE C 39 -5.02 1.75 58.66
C ILE C 39 -4.87 0.54 59.56
N ALA C 40 -4.87 0.77 60.87
CA ALA C 40 -4.73 -0.32 61.82
C ALA C 40 -5.76 -1.40 61.53
N LEU C 41 -7.04 -1.02 61.54
CA LEU C 41 -8.09 -1.97 61.27
C LEU C 41 -7.84 -2.59 59.91
N ALA C 42 -7.62 -1.75 58.91
CA ALA C 42 -7.38 -2.22 57.56
C ALA C 42 -6.35 -3.36 57.49
N LEU C 43 -5.34 -3.30 58.38
CA LEU C 43 -4.29 -4.33 58.40
C LEU C 43 -4.76 -5.60 59.07
N PHE C 44 -5.82 -5.50 59.88
CA PHE C 44 -6.39 -6.67 60.56
C PHE C 44 -7.58 -7.24 59.81
N GLY C 45 -8.18 -6.43 58.94
CA GLY C 45 -9.31 -6.88 58.14
C GLY C 45 -10.54 -7.41 58.84
N GLY C 46 -11.63 -7.47 58.07
CA GLY C 46 -12.89 -7.95 58.58
C GLY C 46 -12.91 -9.47 58.58
N VAL C 47 -14.02 -10.05 59.01
CA VAL C 47 -14.17 -11.50 59.09
C VAL C 47 -13.76 -12.29 57.85
N SER C 48 -14.30 -11.93 56.69
CA SER C 48 -13.99 -12.62 55.43
C SER C 48 -14.02 -14.15 55.59
N ARG C 49 -15.21 -14.73 55.47
CA ARG C 49 -15.44 -16.17 55.60
C ARG C 49 -16.65 -16.50 54.74
N LYS C 50 -16.45 -17.16 53.60
CA LYS C 50 -17.57 -17.47 52.73
C LYS C 50 -18.43 -18.64 53.19
N LEU C 51 -19.68 -18.64 52.72
CA LEU C 51 -20.64 -19.70 53.01
C LEU C 51 -21.31 -20.00 51.67
N PRO C 52 -21.90 -21.20 51.51
CA PRO C 52 -22.57 -21.62 50.26
C PRO C 52 -23.87 -20.87 50.03
N ASP C 53 -24.65 -20.77 51.09
CA ASP C 53 -25.94 -20.08 51.09
C ASP C 53 -25.72 -18.58 50.92
N GLY C 54 -24.72 -18.05 51.62
CA GLY C 54 -24.41 -16.64 51.53
C GLY C 54 -23.19 -16.40 50.66
N THR C 55 -23.07 -17.21 49.61
CA THR C 55 -21.97 -17.14 48.65
C THR C 55 -20.67 -16.51 49.18
N ARG C 56 -19.93 -15.85 48.30
CA ARG C 56 -18.66 -15.20 48.64
C ARG C 56 -18.80 -14.31 49.89
N LEU C 57 -17.67 -13.89 50.46
CA LEU C 57 -17.68 -13.01 51.64
C LEU C 57 -16.30 -12.36 51.89
N ARG C 58 -16.07 -11.22 51.25
CA ARG C 58 -14.83 -10.45 51.39
C ARG C 58 -14.81 -9.86 52.79
N GLY C 59 -13.61 -9.59 53.30
CA GLY C 59 -13.52 -9.00 54.62
C GLY C 59 -12.45 -7.92 54.59
N ASP C 60 -11.63 -7.98 53.55
CA ASP C 60 -10.56 -7.01 53.39
C ASP C 60 -11.11 -5.59 53.41
N ILE C 61 -10.41 -4.74 54.13
CA ILE C 61 -10.80 -3.36 54.29
C ILE C 61 -9.92 -2.40 53.51
N HIS C 62 -10.49 -1.74 52.52
CA HIS C 62 -9.75 -0.78 51.69
C HIS C 62 -9.80 0.61 52.28
N VAL C 63 -8.69 1.33 52.18
CA VAL C 63 -8.63 2.66 52.77
C VAL C 63 -8.04 3.71 51.84
N LEU C 64 -8.77 4.79 51.62
CA LEU C 64 -8.28 5.84 50.75
C LEU C 64 -7.88 7.09 51.53
N LEU C 65 -6.74 7.66 51.15
CA LEU C 65 -6.21 8.86 51.79
C LEU C 65 -6.09 10.01 50.81
N VAL C 66 -7.08 10.90 50.74
CA VAL C 66 -7.00 12.01 49.79
C VAL C 66 -6.82 13.37 50.43
N GLY C 67 -5.76 14.08 50.04
CA GLY C 67 -5.57 15.40 50.62
C GLY C 67 -4.66 16.37 49.87
N ASP C 68 -4.55 17.57 50.42
CA ASP C 68 -3.71 18.62 49.85
C ASP C 68 -2.30 18.05 49.90
N PRO C 69 -1.36 18.64 49.16
CA PRO C 69 -0.01 18.10 49.21
C PRO C 69 0.69 18.42 50.51
N GLY C 70 1.76 17.67 50.80
CA GLY C 70 2.54 17.89 52.00
C GLY C 70 1.81 17.61 53.31
N VAL C 71 1.05 16.52 53.32
CA VAL C 71 0.28 16.13 54.49
C VAL C 71 0.72 14.80 55.08
N ALA C 72 1.76 14.18 54.50
CA ALA C 72 2.31 12.91 54.98
C ALA C 72 1.76 11.65 54.32
N LYS C 73 0.88 11.81 53.34
CA LYS C 73 0.31 10.64 52.68
C LYS C 73 1.41 9.71 52.21
N SER C 74 2.18 10.17 51.23
CA SER C 74 3.29 9.39 50.69
C SER C 74 4.07 8.76 51.85
N GLN C 75 4.53 9.60 52.76
CA GLN C 75 5.29 9.16 53.93
C GLN C 75 4.61 7.98 54.62
N ILE C 76 3.42 8.22 55.15
CA ILE C 76 2.64 7.20 55.84
C ILE C 76 2.61 5.85 55.14
N LEU C 77 2.07 5.81 53.93
CA LEU C 77 2.01 4.54 53.21
C LEU C 77 3.32 3.82 53.34
N ARG C 78 4.40 4.56 53.08
CA ARG C 78 5.73 4.00 53.15
C ARG C 78 5.98 3.29 54.48
N TYR C 79 5.65 3.93 55.60
CA TYR C 79 5.85 3.31 56.91
C TYR C 79 5.03 2.06 57.06
N VAL C 80 3.90 2.01 56.38
CA VAL C 80 3.05 0.84 56.48
C VAL C 80 3.73 -0.30 55.77
N ALA C 81 4.32 -0.04 54.62
CA ALA C 81 5.00 -1.10 53.89
C ALA C 81 6.05 -1.72 54.80
N ASN C 82 6.81 -0.86 55.48
CA ASN C 82 7.86 -1.31 56.39
C ASN C 82 7.32 -2.05 57.63
N LEU C 83 6.01 -2.18 57.73
CA LEU C 83 5.40 -2.89 58.85
C LEU C 83 4.62 -4.09 58.33
N ALA C 84 3.48 -3.81 57.69
CA ALA C 84 2.60 -4.84 57.14
C ALA C 84 3.36 -6.03 56.58
N PRO C 85 2.84 -7.24 56.83
CA PRO C 85 3.50 -8.45 56.33
C PRO C 85 3.72 -8.42 54.83
N ARG C 86 2.71 -8.85 54.08
CA ARG C 86 2.78 -8.90 52.62
C ARG C 86 2.49 -7.53 51.99
N ALA C 87 3.26 -6.51 52.38
CA ALA C 87 3.05 -5.16 51.86
C ALA C 87 3.76 -4.80 50.56
N ILE C 88 3.04 -4.16 49.65
CA ILE C 88 3.63 -3.72 48.38
C ILE C 88 3.36 -2.23 48.19
N TYR C 89 4.40 -1.42 48.31
CA TYR C 89 4.26 0.01 48.10
C TYR C 89 4.53 0.21 46.63
N THR C 90 3.84 1.15 46.01
CA THR C 90 4.03 1.41 44.60
C THR C 90 3.36 2.72 44.23
N SER C 91 4.16 3.78 44.08
CA SER C 91 3.60 5.10 43.74
C SER C 91 3.58 5.35 42.25
N UNK C 92 2.46 5.84 41.73
CA UNK C 92 2.32 6.13 40.31
C UNK C 92 3.44 7.09 39.87
N UNK C 93 4.58 6.50 39.53
CA UNK C 93 5.78 7.23 39.12
C UNK C 93 6.94 6.26 38.88
N UNK C 94 7.56 6.36 37.70
CA UNK C 94 8.69 5.51 37.30
C UNK C 94 8.30 4.04 37.09
N UNK C 95 9.23 3.12 37.32
CA UNK C 95 8.96 1.69 37.15
C UNK C 95 9.46 0.86 38.34
N UNK C 96 8.88 -0.33 38.51
CA UNK C 96 9.21 -1.23 39.62
C UNK C 96 9.09 -0.50 40.97
N UNK C 97 8.86 -1.23 42.06
CA UNK C 97 8.72 -0.63 43.38
C UNK C 97 9.47 -1.40 44.48
N UNK C 98 9.65 -0.77 45.64
CA UNK C 98 10.37 -1.37 46.77
C UNK C 98 9.47 -2.15 47.72
N UNK C 99 9.13 -1.55 48.85
CA UNK C 99 8.26 -2.18 49.84
C UNK C 99 8.86 -3.42 50.51
N UNK C 100 8.49 -4.57 49.98
CA UNK C 100 8.91 -5.89 50.46
C UNK C 100 10.24 -5.98 51.20
N UNK C 101 10.30 -6.95 52.11
CA UNK C 101 11.50 -7.22 52.88
C UNK C 101 12.02 -8.55 52.35
N UNK C 102 11.40 -8.99 51.25
CA UNK C 102 11.73 -10.22 50.52
C UNK C 102 12.16 -11.48 51.26
N UNK C 103 11.72 -12.62 50.72
CA UNK C 103 12.04 -13.94 51.26
C UNK C 103 11.59 -15.00 50.24
N UNK C 104 12.33 -15.07 49.13
CA UNK C 104 12.04 -16.01 48.07
C UNK C 104 10.66 -15.74 47.47
N UNK C 105 10.31 -14.46 47.35
CA UNK C 105 9.03 -14.04 46.80
C UNK C 105 7.85 -14.39 47.74
N UNK C 106 6.62 -14.15 47.28
CA UNK C 106 5.39 -14.38 48.08
C UNK C 106 4.85 -15.81 48.13
N UNK C 107 4.10 -16.11 49.19
CA UNK C 107 3.52 -17.43 49.41
C UNK C 107 2.57 -17.96 48.33
N UNK C 108 1.75 -17.10 47.72
CA UNK C 108 0.84 -17.58 46.68
C UNK C 108 0.86 -16.80 45.36
N UNK C 109 -0.17 -17.01 44.55
CA UNK C 109 -0.30 -16.42 43.21
C UNK C 109 -0.20 -14.93 42.85
N UNK C 110 -0.29 -14.71 41.54
CA UNK C 110 -0.24 -13.42 40.85
C UNK C 110 0.91 -12.41 41.05
N UNK C 111 0.82 -11.31 40.29
CA UNK C 111 1.79 -10.24 40.27
C UNK C 111 1.42 -9.31 39.09
N UNK C 112 2.13 -8.19 38.88
CA UNK C 112 1.79 -7.32 37.73
C UNK C 112 2.57 -5.99 37.46
N UNK C 113 1.85 -4.97 36.95
CA UNK C 113 2.38 -3.62 36.58
C UNK C 113 2.63 -2.59 37.70
N UNK C 114 1.61 -2.36 38.52
CA UNK C 114 1.75 -1.45 39.65
C UNK C 114 2.57 -2.31 40.61
N UNK C 115 2.16 -3.59 40.69
CA UNK C 115 2.75 -4.65 41.49
C UNK C 115 1.84 -5.09 42.64
N UNK C 116 0.97 -6.04 42.37
CA UNK C 116 0.05 -6.53 43.38
C UNK C 116 0.15 -8.07 43.41
N UNK C 117 0.05 -8.65 44.61
CA UNK C 117 0.15 -10.11 44.79
C UNK C 117 -1.19 -10.85 44.93
N UNK C 118 -1.74 -11.25 43.78
CA UNK C 118 -3.02 -11.97 43.67
C UNK C 118 -2.88 -13.48 43.48
N GLY C 125 -2.22 -13.11 48.92
CA GLY C 125 -3.02 -11.93 49.18
C GLY C 125 -2.07 -10.75 49.32
N GLY C 126 -2.09 -10.12 50.49
CA GLY C 126 -1.20 -8.99 50.76
C GLY C 126 -1.73 -7.59 50.49
N TYR C 127 -1.44 -6.67 51.40
CA TYR C 127 -1.87 -5.29 51.27
C TYR C 127 -1.02 -4.52 50.25
N ALA C 128 -1.67 -3.91 49.27
CA ALA C 128 -0.95 -3.14 48.28
C ALA C 128 -1.16 -1.68 48.56
N LEU C 129 -0.10 -1.06 49.08
CA LEU C 129 -0.09 0.35 49.42
C LEU C 129 0.15 1.12 48.14
N ILE C 130 -0.91 1.73 47.62
CA ILE C 130 -0.83 2.48 46.37
C ILE C 130 -0.84 3.98 46.51
N ASP C 131 0.34 4.59 46.57
CA ASP C 131 0.38 6.03 46.68
C ASP C 131 0.14 6.66 45.32
N GLU C 132 -0.48 7.84 45.32
CA GLU C 132 -0.77 8.58 44.09
C GLU C 132 -1.72 7.86 43.15
N LEU C 133 -2.78 7.29 43.71
CA LEU C 133 -3.78 6.56 42.94
C LEU C 133 -4.48 7.41 41.88
N ASP C 134 -4.31 8.72 41.95
CA ASP C 134 -4.95 9.62 40.99
C ASP C 134 -4.08 9.83 39.75
N LYS C 135 -2.85 9.30 39.80
CA LYS C 135 -1.92 9.40 38.68
C LYS C 135 -1.59 8.02 38.12
N MET C 136 -2.57 7.11 38.15
CA MET C 136 -2.38 5.78 37.61
C MET C 136 -2.75 5.86 36.15
N SER C 137 -1.96 5.26 35.27
CA SER C 137 -2.32 5.29 33.86
C SER C 137 -3.65 4.56 33.82
N ASP C 138 -4.64 5.13 33.15
CA ASP C 138 -5.96 4.52 33.05
C ASP C 138 -5.97 2.98 33.04
N ARG C 139 -4.86 2.37 32.61
CA ARG C 139 -4.74 0.91 32.59
C ARG C 139 -4.55 0.44 34.03
N ASP C 140 -3.43 0.81 34.62
CA ASP C 140 -3.14 0.43 36.00
C ASP C 140 -4.34 0.74 36.92
N ARG C 141 -5.12 1.76 36.59
CA ARG C 141 -6.28 2.07 37.41
C ARG C 141 -7.27 0.93 37.21
N SER C 142 -7.80 0.86 36.00
CA SER C 142 -8.76 -0.16 35.61
C SER C 142 -8.65 -1.43 36.45
N VAL C 143 -7.47 -2.02 36.42
CA VAL C 143 -7.24 -3.25 37.15
C VAL C 143 -7.73 -3.18 38.59
N ILE C 144 -7.19 -2.23 39.34
CA ILE C 144 -7.58 -2.03 40.72
C ILE C 144 -9.09 -1.89 40.80
N HIS C 145 -9.61 -0.99 39.98
CA HIS C 145 -11.03 -0.74 39.91
C HIS C 145 -11.74 -2.08 39.89
N GLU C 146 -11.31 -2.98 39.02
CA GLU C 146 -11.90 -4.30 38.94
C GLU C 146 -11.63 -5.05 40.24
N ALA C 147 -10.36 -5.05 40.63
CA ALA C 147 -9.92 -5.74 41.83
C ALA C 147 -10.71 -5.34 43.08
N LEU C 148 -11.04 -4.05 43.19
CA LEU C 148 -11.78 -3.56 44.35
C LEU C 148 -13.25 -3.88 44.17
N GLU C 149 -13.72 -3.71 42.94
CA GLU C 149 -15.11 -3.97 42.58
C GLU C 149 -15.41 -5.47 42.56
N GLN C 150 -14.93 -6.16 41.53
CA GLN C 150 -15.15 -7.60 41.37
C GLN C 150 -14.60 -8.43 42.52
N GLN C 151 -13.31 -8.26 42.78
CA GLN C 151 -12.58 -9.01 43.79
C GLN C 151 -11.90 -10.09 42.97
N THR C 152 -11.83 -9.84 41.66
CA THR C 152 -11.21 -10.77 40.70
C THR C 152 -10.75 -10.07 39.42
N ILE C 153 -9.46 -10.13 39.14
CA ILE C 153 -8.95 -9.52 37.93
C ILE C 153 -9.05 -10.49 36.76
N SER C 154 -8.66 -10.06 35.56
CA SER C 154 -8.71 -10.93 34.39
C SER C 154 -8.01 -10.39 33.15
N ILE C 155 -7.21 -11.24 32.51
CA ILE C 155 -6.48 -10.90 31.30
C ILE C 155 -6.69 -12.02 30.30
N SER C 156 -7.39 -11.74 29.22
CA SER C 156 -7.61 -12.76 28.20
C SER C 156 -6.99 -12.27 26.90
N LYS C 157 -5.82 -11.66 27.01
CA LYS C 157 -5.10 -11.15 25.85
C LYS C 157 -4.39 -12.28 25.08
N ALA C 158 -5.08 -12.74 24.03
CA ALA C 158 -4.68 -13.81 23.12
C ALA C 158 -5.82 -14.82 23.09
N GLY C 159 -5.54 -16.04 22.66
CA GLY C 159 -6.57 -17.05 22.65
C GLY C 159 -6.90 -17.44 24.07
N ILE C 160 -5.88 -17.39 24.93
CA ILE C 160 -6.02 -17.74 26.33
C ILE C 160 -6.83 -16.74 27.14
N THR C 161 -7.38 -17.22 28.24
CA THR C 161 -8.20 -16.41 29.13
C THR C 161 -7.69 -16.58 30.56
N ALA C 162 -7.23 -15.49 31.16
CA ALA C 162 -6.68 -15.57 32.51
C ALA C 162 -7.48 -14.85 33.57
N THR C 163 -8.11 -15.60 34.46
CA THR C 163 -8.85 -14.95 35.52
C THR C 163 -8.06 -15.07 36.81
N LEU C 164 -7.48 -13.94 37.21
CA LEU C 164 -6.68 -13.86 38.42
C LEU C 164 -7.57 -13.57 39.60
N ASN C 165 -7.44 -14.34 40.67
CA ASN C 165 -8.25 -14.11 41.86
C ASN C 165 -7.64 -12.99 42.69
N ALA C 166 -8.40 -11.91 42.86
CA ALA C 166 -7.96 -10.74 43.62
C ALA C 166 -8.40 -10.89 45.05
N ARG C 167 -7.44 -10.93 45.95
CA ARG C 167 -7.73 -11.08 47.37
C ARG C 167 -6.68 -10.34 48.18
N THR C 168 -6.63 -9.02 48.00
CA THR C 168 -5.66 -8.19 48.73
C THR C 168 -6.34 -6.95 49.28
N THR C 169 -5.66 -6.26 50.19
CA THR C 169 -6.18 -5.05 50.79
C THR C 169 -5.54 -3.86 50.09
N VAL C 170 -6.28 -2.77 49.97
CA VAL C 170 -5.71 -1.59 49.31
C VAL C 170 -5.74 -0.38 50.18
N ILE C 171 -4.57 0.06 50.61
CA ILE C 171 -4.48 1.25 51.42
C ILE C 171 -3.83 2.27 50.49
N ALA C 172 -4.65 3.12 49.90
CA ALA C 172 -4.16 4.10 48.94
C ALA C 172 -4.31 5.56 49.31
N ALA C 173 -3.51 6.37 48.62
CA ALA C 173 -3.48 7.80 48.80
C ALA C 173 -3.87 8.44 47.49
N ALA C 174 -4.12 9.74 47.50
CA ALA C 174 -4.52 10.44 46.28
C ALA C 174 -4.66 11.95 46.50
N ASN C 175 -4.37 12.73 45.45
CA ASN C 175 -4.48 14.18 45.52
C ASN C 175 -5.72 14.59 44.73
N PRO C 176 -6.17 15.83 44.93
CA PRO C 176 -7.35 16.36 44.24
C PRO C 176 -7.00 16.65 42.78
N LYS C 177 -7.99 16.70 41.91
CA LYS C 177 -7.72 16.97 40.50
C LYS C 177 -7.00 18.31 40.39
N GLN C 178 -7.20 19.16 41.39
CA GLN C 178 -6.60 20.49 41.42
C GLN C 178 -5.27 20.57 42.16
N GLY C 179 -5.05 19.65 43.08
CA GLY C 179 -3.84 19.65 43.88
C GLY C 179 -4.23 19.86 45.32
N ARG C 180 -4.94 20.96 45.56
CA ARG C 180 -5.44 21.32 46.88
C ARG C 180 -6.95 21.50 46.66
N PHE C 181 -7.75 21.51 47.72
CA PHE C 181 -9.17 21.72 47.47
C PHE C 181 -9.94 22.60 48.44
N ASN C 182 -9.21 23.23 49.37
CA ASN C 182 -9.80 24.10 50.40
C ASN C 182 -11.14 24.74 50.06
N ARG C 183 -11.43 24.91 48.78
CA ARG C 183 -12.70 25.50 48.38
C ARG C 183 -13.86 24.80 49.10
N MET C 184 -15.04 25.35 48.88
CA MET C 184 -16.25 24.82 49.49
C MET C 184 -16.69 23.52 48.83
N LYS C 185 -16.73 23.50 47.50
CA LYS C 185 -17.13 22.33 46.73
C LYS C 185 -16.76 21.01 47.42
N ASN C 186 -17.57 19.98 47.22
CA ASN C 186 -17.34 18.68 47.86
C ASN C 186 -16.11 17.92 47.45
N PRO C 187 -15.31 17.52 48.44
CA PRO C 187 -14.06 16.79 48.28
C PRO C 187 -14.20 15.65 47.28
N PHE C 188 -15.43 15.25 47.03
CA PHE C 188 -15.64 14.15 46.12
C PHE C 188 -15.72 14.47 44.64
N GLU C 189 -15.77 15.76 44.32
CA GLU C 189 -15.82 16.16 42.92
C GLU C 189 -14.38 16.50 42.55
N GLN C 190 -13.60 16.76 43.58
CA GLN C 190 -12.22 17.17 43.41
C GLN C 190 -11.23 16.02 43.19
N ILE C 191 -11.63 14.80 43.54
CA ILE C 191 -10.76 13.63 43.36
C ILE C 191 -10.82 13.20 41.89
N ASP C 192 -9.72 12.69 41.33
CA ASP C 192 -9.70 12.27 39.92
C ASP C 192 -10.05 10.80 39.70
N LEU C 193 -10.77 10.20 40.65
CA LEU C 193 -11.15 8.79 40.54
C LEU C 193 -12.64 8.62 40.28
N PRO C 194 -13.00 7.61 39.46
CA PRO C 194 -14.40 7.38 39.16
C PRO C 194 -15.13 7.02 40.42
N PRO C 195 -16.14 7.81 40.78
CA PRO C 195 -16.93 7.56 41.98
C PRO C 195 -17.24 6.09 42.26
N THR C 196 -17.48 5.31 41.21
CA THR C 196 -17.80 3.90 41.40
C THR C 196 -16.60 3.07 41.86
N LEU C 197 -15.49 3.76 42.09
CA LEU C 197 -14.28 3.12 42.56
C LEU C 197 -14.18 3.53 44.01
N LEU C 198 -14.27 4.84 44.22
CA LEU C 198 -14.20 5.40 45.56
C LEU C 198 -15.17 4.68 46.47
N SER C 199 -16.37 4.45 45.96
CA SER C 199 -17.41 3.77 46.73
C SER C 199 -16.93 2.43 47.27
N ARG C 200 -15.78 1.96 46.79
CA ARG C 200 -15.24 0.68 47.22
C ARG C 200 -14.41 0.72 48.50
N PHE C 201 -14.03 1.92 48.92
CA PHE C 201 -13.26 2.07 50.13
C PHE C 201 -14.19 2.06 51.32
N ASP C 202 -13.74 1.45 52.41
CA ASP C 202 -14.50 1.36 53.64
C ASP C 202 -14.29 2.62 54.47
N LEU C 203 -13.22 3.36 54.19
CA LEU C 203 -12.95 4.60 54.90
C LEU C 203 -12.14 5.51 54.01
N ILE C 204 -12.58 6.76 53.88
CA ILE C 204 -11.79 7.74 53.10
C ILE C 204 -11.36 8.95 54.01
N PHE C 205 -10.08 9.07 54.26
CA PHE C 205 -9.63 10.16 55.09
C PHE C 205 -9.30 11.35 54.25
N VAL C 206 -10.08 12.40 54.42
CA VAL C 206 -9.85 13.62 53.69
C VAL C 206 -8.91 14.49 54.49
N LEU C 207 -7.78 14.86 53.89
CA LEU C 207 -6.82 15.64 54.62
C LEU C 207 -6.54 17.03 54.05
N ILE C 208 -7.16 18.04 54.63
CA ILE C 208 -6.95 19.43 54.20
C ILE C 208 -5.86 19.91 55.13
N ASP C 209 -5.30 21.09 54.89
CA ASP C 209 -4.28 21.53 55.82
C ASP C 209 -4.21 23.03 56.04
N GLU C 210 -5.03 23.51 56.98
CA GLU C 210 -5.04 24.92 57.31
C GLU C 210 -3.64 25.14 57.89
N PRO C 211 -3.24 26.40 58.04
CA PRO C 211 -1.90 26.62 58.59
C PRO C 211 -1.87 26.36 60.09
N ASP C 212 -2.33 27.31 60.89
CA ASP C 212 -2.35 27.16 62.35
C ASP C 212 -0.95 27.00 62.98
N ASP C 213 -0.64 27.84 63.96
CA ASP C 213 0.64 27.81 64.62
C ASP C 213 0.86 26.58 65.49
N LYS C 214 0.00 26.43 66.51
CA LYS C 214 0.08 25.31 67.44
C LYS C 214 0.51 24.03 66.75
N ILE C 215 -0.43 23.45 66.00
CA ILE C 215 -0.17 22.21 65.29
C ILE C 215 1.17 22.25 64.55
N ASP C 216 1.37 23.23 63.67
CA ASP C 216 2.64 23.35 62.92
C ASP C 216 3.86 23.24 63.82
N SER C 217 3.88 24.06 64.87
CA SER C 217 4.98 24.03 65.82
C SER C 217 5.23 22.57 66.22
N GLU C 218 4.15 21.89 66.61
CA GLU C 218 4.22 20.50 67.02
C GLU C 218 4.83 19.65 65.93
N VAL C 219 4.16 19.65 64.78
CA VAL C 219 4.60 18.85 63.64
C VAL C 219 6.07 19.05 63.34
N ALA C 220 6.49 20.29 63.21
CA ALA C 220 7.88 20.55 62.91
C ALA C 220 8.75 20.01 64.05
N ARG C 221 8.58 20.57 65.25
CA ARG C 221 9.36 20.12 66.39
C ARG C 221 9.49 18.60 66.33
N HIS C 222 8.41 17.92 65.97
CA HIS C 222 8.42 16.47 65.90
C HIS C 222 9.37 15.97 64.82
N ILE C 223 9.24 16.53 63.62
CA ILE C 223 10.10 16.10 62.53
C ILE C 223 11.53 16.16 62.98
N LEU C 224 12.00 17.35 63.28
CA LEU C 224 13.37 17.51 63.74
C LEU C 224 13.71 16.38 64.70
N ARG C 225 12.96 16.31 65.81
CA ARG C 225 13.20 15.27 66.81
C ARG C 225 13.58 13.99 66.09
N VAL C 226 12.57 13.26 65.63
CA VAL C 226 12.81 12.00 64.93
C VAL C 226 13.33 12.27 63.55
N ARG C 227 14.48 12.92 63.46
CA ARG C 227 15.10 13.26 62.19
C ARG C 227 16.57 13.46 62.44
N ARG C 228 16.95 13.48 63.71
CA ARG C 228 18.35 13.68 64.02
C ARG C 228 19.03 12.42 64.52
N GLY C 229 20.27 12.22 64.08
CA GLY C 229 21.02 11.05 64.46
C GLY C 229 20.36 9.82 63.85
N GLU C 230 20.58 8.66 64.45
CA GLU C 230 19.99 7.43 63.94
C GLU C 230 19.05 6.84 65.01
N SER C 231 18.70 7.65 66.01
CA SER C 231 17.82 7.22 67.09
C SER C 231 17.12 8.37 67.84
N GLU C 232 15.97 8.06 68.42
CA GLU C 232 15.15 9.01 69.20
C GLU C 232 14.12 8.23 70.03
N VAL C 233 13.50 8.90 71.00
CA VAL C 233 12.49 8.26 71.84
C VAL C 233 11.22 8.17 71.01
N VAL C 234 11.39 8.18 69.70
CA VAL C 234 10.28 8.09 68.78
C VAL C 234 10.47 6.93 67.81
N ALA C 235 10.12 5.77 68.36
CA ALA C 235 10.13 4.47 67.72
C ALA C 235 8.90 3.75 68.29
N PRO C 236 8.44 2.68 67.61
CA PRO C 236 7.26 1.90 68.02
C PRO C 236 7.05 1.65 69.49
N LYS C 237 5.79 1.61 69.89
CA LYS C 237 5.39 1.33 71.28
C LYS C 237 5.36 -0.19 71.37
N ILE C 238 5.54 -0.83 70.22
CA ILE C 238 5.55 -2.27 70.08
C ILE C 238 6.53 -2.57 68.96
N PRO C 239 7.42 -3.55 69.17
CA PRO C 239 8.39 -3.89 68.14
C PRO C 239 7.68 -4.30 66.85
N HIS C 240 8.15 -3.80 65.71
CA HIS C 240 7.50 -4.14 64.45
C HIS C 240 7.56 -5.62 64.08
N GLU C 241 8.60 -6.33 64.50
CA GLU C 241 8.67 -7.75 64.18
C GLU C 241 7.60 -8.50 64.95
N ILE C 242 7.37 -8.11 66.20
CA ILE C 242 6.34 -8.72 67.06
C ILE C 242 4.97 -8.39 66.47
N LEU C 243 4.73 -7.10 66.36
CA LEU C 243 3.48 -6.56 65.85
C LEU C 243 3.10 -7.05 64.47
N ARG C 244 4.07 -7.54 63.71
CA ARG C 244 3.79 -8.05 62.37
C ARG C 244 3.38 -9.51 62.46
N LYS C 245 3.83 -10.15 63.52
CA LYS C 245 3.49 -11.55 63.76
C LYS C 245 2.10 -11.50 64.35
N TYR C 246 1.91 -10.59 65.30
CA TYR C 246 0.63 -10.40 65.98
C TYR C 246 -0.50 -10.25 64.96
N ILE C 247 -0.22 -9.51 63.89
CA ILE C 247 -1.21 -9.30 62.85
C ILE C 247 -1.47 -10.61 62.16
N ALA C 248 -0.48 -11.10 61.41
CA ALA C 248 -0.60 -12.35 60.69
C ALA C 248 -1.23 -13.44 61.56
N TYR C 249 -1.10 -13.30 62.86
CA TYR C 249 -1.67 -14.27 63.80
C TYR C 249 -3.19 -14.12 63.93
N ALA C 250 -3.63 -12.91 64.25
CA ALA C 250 -5.05 -12.63 64.39
C ALA C 250 -5.80 -12.81 63.07
N ARG C 251 -5.12 -12.63 61.93
CA ARG C 251 -5.76 -12.82 60.63
C ARG C 251 -5.77 -14.32 60.36
N LYS C 252 -5.62 -15.11 61.41
CA LYS C 252 -5.58 -16.55 61.27
C LYS C 252 -6.48 -17.26 62.27
N ASN C 253 -6.19 -17.08 63.56
CA ASN C 253 -6.94 -17.74 64.62
C ASN C 253 -8.20 -17.04 65.12
N ILE C 254 -8.40 -15.79 64.74
CA ILE C 254 -9.57 -15.06 65.21
C ILE C 254 -10.57 -14.76 64.11
N HIS C 255 -11.84 -15.02 64.38
CA HIS C 255 -12.90 -14.75 63.42
C HIS C 255 -14.14 -14.25 64.17
N PRO C 256 -14.06 -13.04 64.74
CA PRO C 256 -15.13 -12.41 65.50
C PRO C 256 -16.56 -12.60 65.02
N VAL C 257 -17.41 -12.95 65.98
CA VAL C 257 -18.82 -13.13 65.73
C VAL C 257 -19.47 -11.95 66.39
N ILE C 258 -20.55 -11.48 65.79
CA ILE C 258 -21.23 -10.31 66.29
C ILE C 258 -22.11 -10.53 67.52
N SER C 259 -21.80 -9.83 68.60
CA SER C 259 -22.59 -9.96 69.83
C SER C 259 -23.88 -9.18 69.66
N GLU C 260 -25.00 -9.76 70.10
CA GLU C 260 -26.27 -9.06 70.02
C GLU C 260 -25.99 -7.71 70.64
N GLU C 261 -25.04 -7.71 71.57
CA GLU C 261 -24.62 -6.52 72.28
C GLU C 261 -24.33 -5.43 71.28
N ALA C 262 -23.36 -5.70 70.42
CA ALA C 262 -22.92 -4.75 69.40
C ALA C 262 -23.97 -4.52 68.33
N MET C 263 -24.45 -5.62 67.77
CA MET C 263 -25.46 -5.58 66.71
C MET C 263 -26.40 -4.38 66.87
N GLU C 264 -27.00 -4.28 68.04
CA GLU C 264 -27.92 -3.19 68.34
C GLU C 264 -27.27 -1.83 68.13
N GLU C 265 -25.99 -1.73 68.43
CA GLU C 265 -25.26 -0.47 68.31
C GLU C 265 -25.01 -0.06 66.86
N ILE C 266 -24.63 -1.02 66.03
CA ILE C 266 -24.33 -0.71 64.65
C ILE C 266 -25.59 -0.44 63.83
N GLU C 267 -26.68 -1.14 64.11
CA GLU C 267 -27.90 -0.92 63.36
C GLU C 267 -28.49 0.43 63.79
N LYS C 268 -28.55 0.63 65.11
CA LYS C 268 -29.08 1.86 65.71
C LYS C 268 -28.42 3.05 65.04
N TYR C 269 -27.23 2.81 64.54
CA TYR C 269 -26.45 3.84 63.88
C TYR C 269 -26.67 3.89 62.37
N TYR C 270 -26.56 2.75 61.71
CA TYR C 270 -26.75 2.70 60.28
C TYR C 270 -27.99 3.49 59.94
N VAL C 271 -29.07 3.22 60.68
CA VAL C 271 -30.32 3.93 60.46
C VAL C 271 -30.11 5.44 60.64
N ARG C 272 -29.35 5.82 61.67
CA ARG C 272 -29.01 7.22 61.97
C ARG C 272 -28.35 7.76 60.72
N MET C 273 -27.29 7.06 60.33
CA MET C 273 -26.52 7.40 59.16
C MET C 273 -27.41 7.59 57.93
N ARG C 274 -28.43 6.76 57.81
CA ARG C 274 -29.33 6.85 56.69
C ARG C 274 -29.95 8.25 56.59
N LYS C 275 -30.45 8.78 57.70
CA LYS C 275 -31.07 10.11 57.70
C LYS C 275 -30.10 11.17 57.19
N SER C 276 -30.26 11.55 55.92
CA SER C 276 -29.41 12.57 55.25
C SER C 276 -29.83 12.70 53.79
N PRO C 291 -23.59 10.50 50.66
CA PRO C 291 -24.27 9.74 49.60
C PRO C 291 -24.51 8.24 49.90
N ILE C 292 -25.00 7.97 51.11
CA ILE C 292 -25.29 6.64 51.74
C ILE C 292 -26.18 5.59 51.09
N THR C 293 -25.77 4.33 51.24
CA THR C 293 -26.49 3.18 50.71
C THR C 293 -26.54 2.17 51.83
N ALA C 294 -26.74 0.91 51.45
CA ALA C 294 -26.78 -0.17 52.41
C ALA C 294 -25.38 -0.78 52.49
N ARG C 295 -24.48 -0.30 51.63
CA ARG C 295 -23.11 -0.79 51.61
C ARG C 295 -22.41 -0.26 52.83
N GLN C 296 -22.70 0.98 53.17
CA GLN C 296 -22.10 1.64 54.31
C GLN C 296 -22.22 0.74 55.54
N LEU C 297 -23.33 0.02 55.62
CA LEU C 297 -23.60 -0.90 56.73
C LEU C 297 -22.60 -2.06 56.69
N GLU C 298 -22.39 -2.63 55.50
CA GLU C 298 -21.48 -3.75 55.32
C GLU C 298 -20.09 -3.41 55.81
N ALA C 299 -19.54 -2.31 55.29
CA ALA C 299 -18.20 -1.87 55.64
C ALA C 299 -18.08 -1.54 57.13
N LEU C 300 -19.13 -0.94 57.67
CA LEU C 300 -19.11 -0.64 59.08
C LEU C 300 -18.92 -1.94 59.83
N ILE C 301 -19.59 -2.98 59.37
CA ILE C 301 -19.51 -4.30 59.96
C ILE C 301 -18.07 -4.80 59.90
N ARG C 302 -17.41 -4.61 58.76
CA ARG C 302 -16.03 -5.04 58.63
C ARG C 302 -15.10 -4.38 59.65
N LEU C 303 -15.24 -3.07 59.84
CA LEU C 303 -14.40 -2.35 60.78
C LEU C 303 -14.52 -2.96 62.16
N SER C 304 -15.73 -2.92 62.71
CA SER C 304 -15.99 -3.47 64.05
C SER C 304 -15.55 -4.92 64.21
N GLU C 305 -15.60 -5.70 63.14
CA GLU C 305 -15.15 -7.08 63.21
C GLU C 305 -13.61 -7.02 63.39
N ALA C 306 -12.94 -6.25 62.54
CA ALA C 306 -11.49 -6.11 62.60
C ALA C 306 -11.02 -5.50 63.91
N HIS C 307 -11.77 -4.54 64.43
CA HIS C 307 -11.36 -3.91 65.68
C HIS C 307 -11.31 -4.94 66.80
N ALA C 308 -12.10 -6.00 66.67
CA ALA C 308 -12.09 -7.06 67.68
C ALA C 308 -10.85 -7.86 67.41
N ARG C 309 -10.79 -8.44 66.22
CA ARG C 309 -9.65 -9.24 65.79
C ARG C 309 -8.34 -8.58 66.17
N MET C 310 -8.33 -7.25 66.11
CA MET C 310 -7.17 -6.45 66.43
C MET C 310 -6.68 -6.73 67.84
N ARG C 311 -7.61 -7.13 68.70
CA ARG C 311 -7.31 -7.44 70.08
C ARG C 311 -7.61 -8.91 70.35
N LEU C 312 -8.12 -9.61 69.33
CA LEU C 312 -8.47 -11.03 69.43
C LEU C 312 -9.65 -11.12 70.39
N SER C 313 -10.85 -11.46 69.92
CA SER C 313 -11.97 -11.50 70.85
C SER C 313 -12.65 -12.84 71.15
N PRO C 314 -13.32 -13.47 70.18
CA PRO C 314 -13.62 -13.19 68.78
C PRO C 314 -15.08 -12.80 68.81
N ILE C 315 -15.38 -11.83 69.65
CA ILE C 315 -16.74 -11.36 69.79
C ILE C 315 -16.83 -9.87 69.74
N VAL C 316 -17.39 -9.37 68.63
CA VAL C 316 -17.55 -7.94 68.42
C VAL C 316 -18.45 -7.37 69.51
N THR C 317 -17.84 -7.06 70.66
CA THR C 317 -18.56 -6.49 71.80
C THR C 317 -19.11 -5.10 71.52
N ARG C 318 -19.96 -4.61 72.43
CA ARG C 318 -20.55 -3.29 72.24
C ARG C 318 -19.46 -2.25 72.02
N GLU C 319 -18.31 -2.42 72.67
CA GLU C 319 -17.21 -1.47 72.52
C GLU C 319 -16.65 -1.47 71.11
N ASP C 320 -16.30 -2.64 70.61
CA ASP C 320 -15.79 -2.74 69.27
C ASP C 320 -16.73 -1.99 68.34
N ALA C 321 -17.96 -2.48 68.22
CA ALA C 321 -18.95 -1.86 67.36
C ALA C 321 -19.03 -0.36 67.61
N ARG C 322 -18.89 0.02 68.87
CA ARG C 322 -18.93 1.42 69.26
C ARG C 322 -17.80 2.14 68.51
N GLU C 323 -16.57 1.70 68.79
CA GLU C 323 -15.37 2.27 68.18
C GLU C 323 -15.50 2.43 66.68
N ALA C 324 -15.95 1.36 66.04
CA ALA C 324 -16.11 1.36 64.60
C ALA C 324 -16.90 2.56 64.17
N ILE C 325 -18.10 2.73 64.71
CA ILE C 325 -18.87 3.88 64.29
C ILE C 325 -18.17 5.20 64.61
N LYS C 326 -17.37 5.21 65.68
CA LYS C 326 -16.65 6.44 66.02
C LYS C 326 -15.78 6.83 64.84
N LEU C 327 -14.85 5.94 64.50
CA LEU C 327 -13.96 6.18 63.39
C LEU C 327 -14.76 6.59 62.16
N MET C 328 -15.85 5.89 61.90
CA MET C 328 -16.66 6.21 60.73
C MET C 328 -17.34 7.57 60.77
N GLU C 329 -17.92 7.98 61.91
CA GLU C 329 -18.56 9.29 61.96
C GLU C 329 -17.46 10.34 61.88
N TYR C 330 -16.21 9.91 62.02
CA TYR C 330 -15.12 10.86 61.91
C TYR C 330 -14.79 11.05 60.45
N THR C 331 -14.45 9.95 59.76
CA THR C 331 -14.14 10.00 58.33
C THR C 331 -15.16 10.91 57.68
N LEU C 332 -16.40 10.79 58.19
CA LEU C 332 -17.54 11.55 57.73
C LEU C 332 -17.48 13.03 58.02
N LYS C 333 -17.22 13.36 59.27
CA LYS C 333 -17.15 14.76 59.65
C LYS C 333 -16.14 15.45 58.74
N GLN C 334 -14.96 14.83 58.58
CA GLN C 334 -13.91 15.39 57.74
C GLN C 334 -14.36 15.77 56.33
N ILE C 335 -15.44 15.16 55.86
CA ILE C 335 -15.92 15.46 54.52
C ILE C 335 -16.54 16.83 54.40
N ALA C 336 -17.06 17.35 55.50
CA ALA C 336 -17.66 18.68 55.50
C ALA C 336 -16.55 19.73 55.35
N MET C 337 -15.33 19.31 55.68
CA MET C 337 -14.12 20.13 55.59
C MET C 337 -14.13 21.43 56.39
N PRO D 2 -38.26 -41.27 43.77
CA PRO D 2 -39.71 -41.53 43.91
C PRO D 2 -40.10 -41.46 45.38
N GLU D 3 -39.09 -41.60 46.24
CA GLU D 3 -39.27 -41.50 47.69
C GLU D 3 -39.43 -40.01 47.94
N GLU D 4 -38.95 -39.26 46.95
CA GLU D 4 -38.97 -37.80 46.97
C GLU D 4 -40.35 -37.35 46.52
N GLU D 5 -40.79 -37.85 45.38
CA GLU D 5 -42.10 -37.52 44.83
C GLU D 5 -43.13 -37.61 45.94
N GLN D 6 -42.91 -38.54 46.86
CA GLN D 6 -43.81 -38.74 48.00
C GLN D 6 -43.88 -37.48 48.85
N ILE D 7 -42.71 -36.95 49.18
CA ILE D 7 -42.62 -35.74 49.99
C ILE D 7 -43.31 -34.58 49.29
N ILE D 8 -42.86 -34.29 48.07
CA ILE D 8 -43.41 -33.20 47.26
C ILE D 8 -44.93 -33.10 47.34
N LYS D 9 -45.62 -34.16 46.93
CA LYS D 9 -47.07 -34.19 46.98
C LYS D 9 -47.54 -33.68 48.34
N GLU D 10 -46.86 -34.14 49.40
CA GLU D 10 -47.20 -33.76 50.77
C GLU D 10 -47.08 -32.27 50.98
N LEU D 11 -45.99 -31.70 50.47
CA LEU D 11 -45.77 -30.27 50.60
C LEU D 11 -46.94 -29.53 49.98
N ALA D 12 -47.23 -29.86 48.73
CA ALA D 12 -48.34 -29.24 48.01
C ALA D 12 -49.61 -29.33 48.84
N LYS D 13 -49.81 -30.47 49.50
CA LYS D 13 -50.98 -30.67 50.34
C LYS D 13 -51.09 -29.51 51.33
N ARG D 14 -49.93 -29.05 51.81
CA ARG D 14 -49.88 -27.96 52.78
C ARG D 14 -50.82 -26.84 52.39
N LYS D 15 -51.36 -26.16 53.39
CA LYS D 15 -52.31 -25.08 53.15
C LYS D 15 -51.63 -23.82 52.62
N ASP D 16 -50.50 -23.49 53.22
CA ASP D 16 -49.76 -22.27 52.87
C ASP D 16 -48.65 -22.41 51.84
N ILE D 17 -48.49 -23.58 51.26
CA ILE D 17 -47.41 -23.80 50.30
C ILE D 17 -47.01 -22.58 49.46
N VAL D 18 -48.00 -21.93 48.87
CA VAL D 18 -47.75 -20.75 48.04
C VAL D 18 -46.79 -19.81 48.76
N ASP D 19 -47.15 -19.49 49.99
CA ASP D 19 -46.36 -18.59 50.82
C ASP D 19 -45.03 -19.20 51.23
N ALA D 20 -45.05 -20.47 51.61
CA ALA D 20 -43.83 -21.13 52.01
C ALA D 20 -42.79 -21.07 50.90
N ILE D 21 -43.25 -21.31 49.68
CA ILE D 21 -42.37 -21.31 48.51
C ILE D 21 -41.63 -19.99 48.29
N VAL D 22 -42.23 -18.87 48.65
CA VAL D 22 -41.56 -17.60 48.45
C VAL D 22 -40.58 -17.36 49.61
N ASP D 23 -41.03 -17.69 50.82
CA ASP D 23 -40.19 -17.50 52.00
C ASP D 23 -38.98 -18.40 51.94
N SER D 24 -38.79 -19.05 50.81
CA SER D 24 -37.66 -19.94 50.67
C SER D 24 -36.80 -19.49 49.52
N ILE D 25 -37.29 -18.53 48.73
CA ILE D 25 -36.53 -18.02 47.60
C ILE D 25 -35.27 -17.40 48.16
N ALA D 26 -35.43 -16.36 48.97
CA ALA D 26 -34.27 -15.75 49.59
C ALA D 26 -34.72 -15.35 50.98
N PRO D 27 -34.34 -16.15 51.96
CA PRO D 27 -34.68 -15.93 53.37
C PRO D 27 -33.83 -14.78 53.90
N ALA D 28 -32.65 -14.64 53.30
CA ALA D 28 -31.71 -13.61 53.66
C ALA D 28 -32.34 -12.26 53.47
N ILE D 29 -32.32 -11.79 52.24
CA ILE D 29 -32.90 -10.50 51.93
C ILE D 29 -34.24 -10.45 52.66
N TYR D 30 -34.52 -9.30 53.22
CA TYR D 30 -35.72 -9.06 53.97
C TYR D 30 -36.76 -8.35 53.14
N GLY D 31 -37.98 -8.87 53.12
CA GLY D 31 -39.05 -8.22 52.37
C GLY D 31 -39.15 -8.58 50.91
N TYR D 32 -39.62 -7.65 50.10
CA TYR D 32 -39.78 -7.89 48.66
C TYR D 32 -40.61 -9.12 48.40
N LYS D 33 -41.72 -9.23 49.12
CA LYS D 33 -42.62 -10.35 48.95
C LYS D 33 -42.91 -10.61 47.47
N GLU D 34 -43.25 -9.57 46.72
CA GLU D 34 -43.58 -9.67 45.30
C GLU D 34 -42.42 -9.98 44.38
N VAL D 35 -41.30 -9.33 44.62
CA VAL D 35 -40.15 -9.59 43.80
C VAL D 35 -39.73 -11.04 44.05
N LYS D 36 -40.21 -11.62 45.15
CA LYS D 36 -39.90 -13.01 45.51
C LYS D 36 -40.91 -13.92 44.86
N LYS D 37 -42.19 -13.56 45.05
CA LYS D 37 -43.31 -14.30 44.49
C LYS D 37 -43.30 -14.15 42.98
N GLY D 38 -42.56 -13.17 42.49
CA GLY D 38 -42.44 -12.94 41.06
C GLY D 38 -41.44 -13.99 40.65
N ILE D 39 -40.19 -13.85 41.06
CA ILE D 39 -39.16 -14.82 40.73
C ILE D 39 -39.69 -16.21 40.93
N ALA D 40 -40.50 -16.41 41.97
CA ALA D 40 -41.06 -17.71 42.25
C ALA D 40 -41.76 -18.26 41.00
N LEU D 41 -42.72 -17.50 40.50
CA LEU D 41 -43.45 -17.93 39.31
C LEU D 41 -42.44 -18.16 38.21
N ALA D 42 -41.59 -17.17 37.98
CA ALA D 42 -40.59 -17.26 36.93
C ALA D 42 -39.84 -18.59 36.93
N LEU D 43 -39.59 -19.14 38.12
CA LEU D 43 -38.87 -20.41 38.26
C LEU D 43 -39.75 -21.60 37.93
N PHE D 44 -41.07 -21.41 37.98
CA PHE D 44 -42.01 -22.46 37.65
C PHE D 44 -42.51 -22.37 36.21
N GLY D 45 -42.38 -21.19 35.62
CA GLY D 45 -42.78 -20.97 34.25
C GLY D 45 -44.22 -21.25 33.85
N GLY D 46 -44.60 -20.71 32.70
CA GLY D 46 -45.93 -20.89 32.16
C GLY D 46 -46.05 -22.23 31.48
N VAL D 47 -47.22 -22.52 30.95
CA VAL D 47 -47.50 -23.80 30.29
C VAL D 47 -46.46 -24.26 29.25
N SER D 48 -46.13 -23.40 28.30
CA SER D 48 -45.15 -23.75 27.26
C SER D 48 -45.38 -25.15 26.68
N ARG D 49 -46.28 -25.24 25.70
CA ARG D 49 -46.63 -26.50 25.02
C ARG D 49 -47.06 -26.14 23.61
N LYS D 50 -46.24 -26.44 22.62
CA LYS D 50 -46.59 -26.10 21.25
C LYS D 50 -47.63 -27.00 20.60
N LEU D 51 -48.31 -26.45 19.60
CA LEU D 51 -49.32 -27.16 18.81
C LEU D 51 -49.02 -26.81 17.36
N PRO D 52 -49.45 -27.65 16.40
CA PRO D 52 -49.23 -27.42 14.96
C PRO D 52 -50.04 -26.24 14.42
N ASP D 53 -51.30 -26.22 14.82
CA ASP D 53 -52.25 -25.19 14.43
C ASP D 53 -51.87 -23.87 15.07
N GLY D 54 -51.49 -23.93 16.36
CA GLY D 54 -51.10 -22.74 17.08
C GLY D 54 -49.59 -22.66 17.21
N THR D 55 -48.90 -23.12 16.18
CA THR D 55 -47.43 -23.12 16.09
C THR D 55 -46.72 -23.13 17.46
N ARG D 56 -45.53 -22.53 17.51
CA ARG D 56 -44.72 -22.46 18.73
C ARG D 56 -45.54 -22.00 19.94
N LEU D 57 -45.00 -22.17 21.15
CA LEU D 57 -45.66 -21.74 22.39
C LEU D 57 -44.71 -21.68 23.59
N ARG D 58 -44.05 -20.54 23.74
CA ARG D 58 -43.12 -20.31 24.85
C ARG D 58 -43.93 -20.21 26.14
N GLY D 59 -43.30 -20.50 27.25
CA GLY D 59 -44.01 -20.41 28.52
C GLY D 59 -43.09 -19.79 29.55
N ASP D 60 -41.80 -19.79 29.22
CA ASP D 60 -40.80 -19.24 30.10
C ASP D 60 -41.14 -17.79 30.45
N ILE D 61 -40.99 -17.48 31.72
CA ILE D 61 -41.30 -16.16 32.24
C ILE D 61 -40.05 -15.36 32.57
N HIS D 62 -39.83 -14.27 31.84
CA HIS D 62 -38.66 -13.42 32.06
C HIS D 62 -38.97 -12.33 33.08
N VAL D 63 -37.99 -12.01 33.92
CA VAL D 63 -38.21 -11.03 34.96
C VAL D 63 -37.09 -10.00 35.07
N LEU D 64 -37.45 -8.73 35.00
CA LEU D 64 -36.45 -7.68 35.11
C LEU D 64 -36.53 -6.94 36.43
N LEU D 65 -35.37 -6.67 37.02
CA LEU D 65 -35.28 -5.99 38.30
C LEU D 65 -34.49 -4.69 38.14
N VAL D 66 -35.15 -3.55 37.96
CA VAL D 66 -34.41 -2.29 37.81
C VAL D 66 -34.57 -1.33 38.96
N GLY D 67 -33.46 -0.91 39.57
CA GLY D 67 -33.57 0.01 40.69
C GLY D 67 -32.33 0.81 41.05
N ASP D 68 -32.50 1.70 42.03
CA ASP D 68 -31.40 2.52 42.54
C ASP D 68 -30.39 1.54 43.08
N PRO D 69 -29.16 1.98 43.32
CA PRO D 69 -28.17 1.03 43.83
C PRO D 69 -28.42 0.70 45.29
N GLY D 70 -27.83 -0.40 45.74
CA GLY D 70 -27.97 -0.83 47.13
C GLY D 70 -29.35 -1.24 47.56
N VAL D 71 -30.04 -1.96 46.67
CA VAL D 71 -31.40 -2.42 46.93
C VAL D 71 -31.51 -3.94 47.01
N ALA D 72 -30.39 -4.65 46.87
CA ALA D 72 -30.36 -6.11 46.94
C ALA D 72 -30.46 -6.86 45.63
N LYS D 73 -30.52 -6.14 44.51
CA LYS D 73 -30.65 -6.80 43.21
C LYS D 73 -29.55 -7.84 43.06
N SER D 74 -28.31 -7.38 42.98
CA SER D 74 -27.16 -8.28 42.83
C SER D 74 -27.32 -9.44 43.81
N GLN D 75 -27.49 -9.12 45.09
CA GLN D 75 -27.66 -10.13 46.14
C GLN D 75 -28.71 -11.17 45.75
N ILE D 76 -29.94 -10.72 45.60
CA ILE D 76 -31.05 -11.59 45.23
C ILE D 76 -30.73 -12.57 44.11
N LEU D 77 -30.40 -12.07 42.93
CA LEU D 77 -30.09 -12.96 41.82
C LEU D 77 -29.20 -14.08 42.30
N ARG D 78 -28.15 -13.69 43.01
CA ARG D 78 -27.20 -14.65 43.54
C ARG D 78 -27.89 -15.77 44.32
N TYR D 79 -28.80 -15.43 45.24
CA TYR D 79 -29.50 -16.44 46.01
C TYR D 79 -30.32 -17.35 45.13
N VAL D 80 -30.79 -16.82 44.00
CA VAL D 80 -31.59 -17.61 43.11
C VAL D 80 -30.70 -18.64 42.46
N ALA D 81 -29.50 -18.24 42.06
CA ALA D 81 -28.60 -19.20 41.43
C ALA D 81 -28.40 -20.37 42.39
N ASN D 82 -28.17 -20.06 43.66
CA ASN D 82 -27.96 -21.08 44.68
C ASN D 82 -29.20 -21.94 44.95
N LEU D 83 -30.30 -21.67 44.25
CA LEU D 83 -31.53 -22.44 44.42
C LEU D 83 -31.89 -23.10 43.10
N ALA D 84 -32.35 -22.28 42.15
CA ALA D 84 -32.76 -22.74 40.84
C ALA D 84 -31.92 -23.90 40.31
N PRO D 85 -32.57 -24.88 39.68
CA PRO D 85 -31.83 -26.02 39.15
C PRO D 85 -30.71 -25.61 38.19
N ARG D 86 -31.06 -25.44 36.92
CA ARG D 86 -30.10 -25.06 35.89
C ARG D 86 -29.81 -23.55 35.88
N ALA D 87 -29.40 -23.01 37.02
CA ALA D 87 -29.14 -21.57 37.14
C ALA D 87 -27.75 -21.09 36.75
N ILE D 88 -27.69 -20.01 35.98
CA ILE D 88 -26.41 -19.42 35.57
C ILE D 88 -26.38 -17.94 35.96
N TYR D 89 -25.59 -17.60 36.96
CA TYR D 89 -25.47 -16.20 37.35
C TYR D 89 -24.33 -15.66 36.53
N THR D 90 -24.41 -14.41 36.14
CA THR D 90 -23.36 -13.82 35.34
C THR D 90 -23.55 -12.31 35.30
N SER D 91 -22.77 -11.58 36.08
CA SER D 91 -22.88 -10.12 36.13
C SER D 91 -21.95 -9.43 35.14
N UNK D 92 -22.47 -8.47 34.39
CA UNK D 92 -21.66 -7.73 33.42
C UNK D 92 -20.45 -7.10 34.13
N UNK D 93 -19.39 -7.90 34.25
CA UNK D 93 -18.15 -7.51 34.90
C UNK D 93 -17.17 -8.69 34.93
N UNK D 94 -15.95 -8.45 34.46
CA UNK D 94 -14.87 -9.46 34.40
C UNK D 94 -15.16 -10.58 33.40
N UNK D 95 -14.64 -11.77 33.66
CA UNK D 95 -14.85 -12.92 32.76
C UNK D 95 -15.27 -14.18 33.52
N UNK D 96 -15.91 -15.11 32.81
CA UNK D 96 -16.41 -16.37 33.39
C UNK D 96 -17.29 -16.07 34.62
N UNK D 97 -18.20 -16.98 34.94
CA UNK D 97 -19.11 -16.81 36.08
C UNK D 97 -19.25 -18.07 36.94
N UNK D 98 -19.81 -17.92 38.15
CA UNK D 98 -19.99 -19.03 39.08
C UNK D 98 -21.35 -19.73 38.94
N UNK D 99 -22.27 -19.42 39.84
CA UNK D 99 -23.61 -20.01 39.80
C UNK D 99 -23.65 -21.51 40.05
N UNK D 100 -23.69 -22.26 38.96
CA UNK D 100 -23.76 -23.72 38.97
C UNK D 100 -23.20 -24.47 40.16
N UNK D 101 -23.79 -25.62 40.42
CA UNK D 101 -23.35 -26.49 41.50
C UNK D 101 -22.71 -27.70 40.82
N UNK D 102 -22.54 -27.55 39.50
CA UNK D 102 -21.92 -28.54 38.61
C UNK D 102 -22.14 -30.03 38.82
N UNK D 103 -22.22 -30.74 37.69
CA UNK D 103 -22.41 -32.19 37.66
C UNK D 103 -22.20 -32.68 36.23
N UNK D 104 -20.94 -32.66 35.80
CA UNK D 104 -20.56 -33.08 34.45
C UNK D 104 -21.24 -32.20 33.41
N UNK D 105 -21.33 -30.90 33.70
CA UNK D 105 -21.97 -29.95 32.80
C UNK D 105 -23.50 -30.15 32.69
N UNK D 106 -24.15 -29.40 31.80
CA UNK D 106 -25.61 -29.43 31.61
C UNK D 106 -26.18 -30.57 30.72
N UNK D 107 -27.44 -30.91 30.96
CA UNK D 107 -28.12 -31.96 30.22
C UNK D 107 -28.23 -31.79 28.70
N UNK D 108 -28.42 -30.58 28.19
CA UNK D 108 -28.51 -30.39 26.74
C UNK D 108 -27.61 -29.30 26.16
N UNK D 109 -27.92 -28.89 24.93
CA UNK D 109 -27.14 -27.92 24.15
C UNK D 109 -26.74 -26.51 24.61
N UNK D 110 -25.97 -25.90 23.71
CA UNK D 110 -25.40 -24.54 23.81
C UNK D 110 -24.56 -24.08 25.02
N UNK D 111 -24.08 -22.83 24.90
CA UNK D 111 -23.22 -22.18 25.89
C UNK D 111 -22.70 -20.88 25.25
N UNK D 112 -21.96 -20.04 25.97
CA UNK D 112 -21.42 -18.81 25.35
C UNK D 112 -20.56 -17.79 26.15
N UNK D 113 -20.72 -16.48 25.85
CA UNK D 113 -19.99 -15.35 26.46
C UNK D 113 -20.42 -14.84 27.86
N UNK D 114 -21.71 -14.55 28.01
CA UNK D 114 -22.25 -14.12 29.29
C UNK D 114 -22.26 -15.45 30.05
N UNK D 115 -22.73 -16.48 29.32
CA UNK D 115 -22.84 -17.88 29.74
C UNK D 115 -24.30 -18.32 29.90
N UNK D 116 -24.88 -18.79 28.80
CA UNK D 116 -26.27 -19.24 28.83
C UNK D 116 -26.32 -20.65 28.22
N UNK D 117 -27.18 -21.51 28.77
CA UNK D 117 -27.33 -22.90 28.32
C UNK D 117 -28.50 -23.17 27.37
N UNK D 118 -28.24 -23.00 26.07
CA UNK D 118 -29.22 -23.19 24.98
C UNK D 118 -29.10 -24.53 24.26
N GLY D 125 -31.97 -26.07 28.69
CA GLY D 125 -32.66 -24.83 28.97
C GLY D 125 -31.94 -24.14 30.09
N GLY D 126 -32.63 -23.91 31.20
CA GLY D 126 -32.04 -23.28 32.37
C GLY D 126 -32.17 -21.77 32.50
N TYR D 127 -32.45 -21.31 33.72
CA TYR D 127 -32.60 -19.90 34.01
C TYR D 127 -31.25 -19.18 34.08
N ALA D 128 -31.10 -18.12 33.29
CA ALA D 128 -29.86 -17.37 33.30
C ALA D 128 -30.10 -16.08 34.04
N LEU D 129 -29.54 -16.03 35.25
CA LEU D 129 -29.65 -14.88 36.13
C LEU D 129 -28.61 -13.87 35.68
N ILE D 130 -29.06 -12.83 35.00
CA ILE D 130 -28.17 -11.80 34.47
C ILE D 130 -28.15 -10.50 35.23
N ASP D 131 -27.23 -10.36 36.17
CA ASP D 131 -27.16 -9.12 36.92
C ASP D 131 -26.45 -8.06 36.08
N GLU D 132 -26.85 -6.80 36.27
CA GLU D 132 -26.25 -5.67 35.55
C GLU D 132 -26.45 -5.71 34.05
N LEU D 133 -27.68 -6.05 33.63
CA LEU D 133 -28.01 -6.14 32.22
C LEU D 133 -27.83 -4.83 31.45
N ASP D 134 -27.66 -3.74 32.18
CA ASP D 134 -27.49 -2.44 31.54
C ASP D 134 -26.02 -2.16 31.20
N LYS D 135 -25.14 -3.04 31.66
CA LYS D 135 -23.70 -2.93 31.41
C LYS D 135 -23.19 -4.09 30.57
N MET D 136 -24.04 -4.59 29.68
CA MET D 136 -23.65 -5.68 28.81
C MET D 136 -23.03 -5.04 27.59
N SER D 137 -21.90 -5.57 27.11
CA SER D 137 -21.30 -5.00 25.92
C SER D 137 -22.35 -5.20 24.85
N ASP D 138 -22.66 -4.16 24.08
CA ASP D 138 -23.68 -4.24 23.04
C ASP D 138 -23.79 -5.62 22.35
N ARG D 139 -22.71 -6.39 22.37
CA ARG D 139 -22.70 -7.73 21.77
C ARG D 139 -23.49 -8.67 22.70
N ASP D 140 -22.96 -8.87 23.90
CA ASP D 140 -23.63 -9.73 24.88
C ASP D 140 -25.10 -9.34 25.04
N ARG D 141 -25.43 -8.07 24.82
CA ARG D 141 -26.83 -7.66 24.92
C ARG D 141 -27.55 -8.30 23.74
N SER D 142 -27.22 -7.83 22.56
CA SER D 142 -27.80 -8.30 21.31
C SER D 142 -28.31 -9.72 21.41
N VAL D 143 -27.43 -10.64 21.77
CA VAL D 143 -27.80 -12.04 21.86
C VAL D 143 -29.07 -12.25 22.68
N ILE D 144 -29.05 -11.79 23.92
CA ILE D 144 -30.20 -11.91 24.80
C ILE D 144 -31.42 -11.31 24.10
N HIS D 145 -31.24 -10.08 23.63
CA HIS D 145 -32.28 -9.37 22.93
C HIS D 145 -32.92 -10.35 21.95
N GLU D 146 -32.10 -11.02 21.15
CA GLU D 146 -32.62 -11.98 20.18
C GLU D 146 -33.26 -13.14 20.94
N ALA D 147 -32.52 -13.67 21.90
CA ALA D 147 -32.99 -14.79 22.70
C ALA D 147 -34.35 -14.56 23.35
N LEU D 148 -34.58 -13.34 23.82
CA LEU D 148 -35.84 -12.99 24.47
C LEU D 148 -36.90 -12.76 23.41
N GLU D 149 -36.49 -12.08 22.34
CA GLU D 149 -37.36 -11.74 21.23
C GLU D 149 -37.69 -12.98 20.39
N GLN D 150 -36.72 -13.44 19.60
CA GLN D 150 -36.90 -14.61 18.73
C GLN D 150 -37.25 -15.88 19.50
N GLN D 151 -36.39 -16.23 20.45
CA GLN D 151 -36.52 -17.44 21.23
C GLN D 151 -35.54 -18.39 20.54
N THR D 152 -34.65 -17.79 19.74
CA THR D 152 -33.65 -18.53 18.97
C THR D 152 -32.43 -17.67 18.60
N ILE D 153 -31.26 -18.06 19.07
CA ILE D 153 -30.06 -17.31 18.75
C ILE D 153 -29.48 -17.80 17.42
N SER D 154 -28.40 -17.17 16.96
CA SER D 154 -27.76 -17.58 15.72
C SER D 154 -26.41 -16.94 15.43
N ILE D 155 -25.46 -17.77 15.03
CA ILE D 155 -24.10 -17.34 14.71
C ILE D 155 -23.72 -17.97 13.38
N SER D 156 -23.57 -17.16 12.35
CA SER D 156 -23.18 -17.69 11.05
C SER D 156 -21.84 -17.07 10.65
N LYS D 157 -20.95 -16.94 11.64
CA LYS D 157 -19.63 -16.37 11.42
C LYS D 157 -18.69 -17.38 10.75
N ALA D 158 -18.59 -17.24 9.42
CA ALA D 158 -17.78 -18.06 8.50
C ALA D 158 -18.74 -18.57 7.43
N GLY D 159 -18.33 -19.63 6.74
CA GLY D 159 -19.20 -20.19 5.72
C GLY D 159 -20.38 -20.86 6.40
N ILE D 160 -20.11 -21.41 7.58
CA ILE D 160 -21.13 -22.10 8.36
C ILE D 160 -22.19 -21.18 8.95
N THR D 161 -23.35 -21.77 9.22
CA THR D 161 -24.48 -21.05 9.78
C THR D 161 -24.97 -21.81 11.01
N ALA D 162 -24.92 -21.16 12.18
CA ALA D 162 -25.35 -21.82 13.41
C ALA D 162 -26.58 -21.24 14.06
N THR D 163 -27.68 -21.97 14.02
CA THR D 163 -28.87 -21.47 14.68
C THR D 163 -29.07 -22.23 15.98
N LEU D 164 -28.80 -21.53 17.08
CA LEU D 164 -28.91 -22.09 18.41
C LEU D 164 -30.34 -21.89 18.91
N ASN D 165 -30.96 -22.96 19.42
CA ASN D 165 -32.31 -22.84 19.93
C ASN D 165 -32.27 -22.29 21.35
N ALA D 166 -32.88 -21.12 21.53
CA ALA D 166 -32.94 -20.46 22.83
C ALA D 166 -34.20 -20.88 23.56
N ARG D 167 -34.01 -21.51 24.71
CA ARG D 167 -35.12 -21.97 25.51
C ARG D 167 -34.77 -21.91 26.98
N THR D 168 -34.51 -20.69 27.46
CA THR D 168 -34.17 -20.47 28.86
C THR D 168 -34.95 -19.31 29.44
N THR D 169 -34.94 -19.21 30.77
CA THR D 169 -35.62 -18.13 31.45
C THR D 169 -34.61 -17.05 31.82
N VAL D 170 -35.02 -15.80 31.83
CA VAL D 170 -34.10 -14.74 32.16
C VAL D 170 -34.57 -13.90 33.32
N ILE D 171 -33.90 -14.04 34.45
CA ILE D 171 -34.24 -13.24 35.60
C ILE D 171 -33.09 -12.25 35.73
N ALA D 172 -33.29 -11.04 35.24
CA ALA D 172 -32.24 -10.04 35.25
C ALA D 172 -32.48 -8.80 36.07
N ALA D 173 -31.37 -8.13 36.37
CA ALA D 173 -31.36 -6.91 37.15
C ALA D 173 -30.80 -5.81 36.27
N ALA D 174 -30.90 -4.56 36.72
CA ALA D 174 -30.41 -3.44 35.94
C ALA D 174 -30.53 -2.11 36.68
N ASN D 175 -29.60 -1.20 36.42
CA ASN D 175 -29.63 0.11 37.06
C ASN D 175 -30.06 1.14 36.01
N PRO D 176 -30.45 2.33 36.45
CA PRO D 176 -30.90 3.40 35.55
C PRO D 176 -29.69 3.98 34.82
N LYS D 177 -29.91 4.62 33.69
CA LYS D 177 -28.81 5.21 32.94
C LYS D 177 -28.08 6.20 33.84
N GLN D 178 -28.79 6.73 34.82
CA GLN D 178 -28.25 7.71 35.75
C GLN D 178 -27.67 7.12 37.04
N GLY D 179 -28.15 5.95 37.41
CA GLY D 179 -27.70 5.30 38.63
C GLY D 179 -28.90 5.18 39.56
N ARG D 180 -29.51 6.32 39.83
CA ARG D 180 -30.70 6.41 40.67
C ARG D 180 -31.72 7.14 39.78
N PHE D 181 -33.00 7.09 40.11
CA PHE D 181 -33.95 7.82 39.27
C PHE D 181 -35.08 8.55 39.94
N ASN D 182 -35.06 8.61 41.27
CA ASN D 182 -36.09 9.26 42.08
C ASN D 182 -36.88 10.37 41.39
N ARG D 183 -36.28 11.01 40.39
CA ARG D 183 -36.98 12.07 39.69
C ARG D 183 -38.38 11.61 39.28
N MET D 184 -39.12 12.55 38.72
CA MET D 184 -40.48 12.29 38.28
C MET D 184 -40.51 11.47 36.99
N LYS D 185 -39.70 11.88 36.01
CA LYS D 185 -39.62 11.18 34.72
C LYS D 185 -39.86 9.67 34.84
N ASN D 186 -40.44 9.08 33.80
CA ASN D 186 -40.76 7.65 33.81
C ASN D 186 -39.60 6.69 33.84
N PRO D 187 -39.63 5.78 34.81
CA PRO D 187 -38.61 4.76 35.03
C PRO D 187 -38.18 4.08 33.75
N PHE D 188 -39.00 4.21 32.72
CA PHE D 188 -38.67 3.57 31.47
C PHE D 188 -37.79 4.33 30.51
N GLU D 189 -37.53 5.60 30.81
CA GLU D 189 -36.67 6.40 29.97
C GLU D 189 -35.29 6.34 30.62
N GLN D 190 -35.31 6.01 31.91
CA GLN D 190 -34.10 5.97 32.69
C GLN D 190 -33.29 4.68 32.57
N ILE D 191 -33.89 3.61 32.06
CA ILE D 191 -33.19 2.34 31.88
C ILE D 191 -32.36 2.43 30.61
N ASP D 192 -31.19 1.77 30.58
CA ASP D 192 -30.32 1.83 29.39
C ASP D 192 -30.56 0.68 28.39
N LEU D 193 -31.75 0.10 28.43
CA LEU D 193 -32.08 -1.00 27.53
C LEU D 193 -33.09 -0.59 26.45
N PRO D 194 -32.92 -1.12 25.23
CA PRO D 194 -33.84 -0.78 24.15
C PRO D 194 -35.24 -1.24 24.50
N PRO D 195 -36.17 -0.31 24.57
CA PRO D 195 -37.56 -0.65 24.91
C PRO D 195 -38.07 -1.94 24.28
N THR D 196 -37.67 -2.24 23.06
CA THR D 196 -38.13 -3.46 22.40
C THR D 196 -37.56 -4.73 23.01
N LEU D 197 -36.79 -4.55 24.08
CA LEU D 197 -36.19 -5.66 24.80
C LEU D 197 -36.99 -5.77 26.06
N LEU D 198 -37.09 -4.63 26.75
CA LEU D 198 -37.83 -4.56 28.00
C LEU D 198 -39.21 -5.17 27.81
N SER D 199 -39.84 -4.83 26.70
CA SER D 199 -41.18 -5.32 26.38
C SER D 199 -41.25 -6.85 26.44
N ARG D 200 -40.08 -7.49 26.50
CA ARG D 200 -40.01 -8.94 26.55
C ARG D 200 -40.17 -9.57 27.91
N PHE D 201 -40.05 -8.75 28.96
CA PHE D 201 -40.20 -9.24 30.31
C PHE D 201 -41.67 -9.30 30.67
N ASP D 202 -42.05 -10.32 31.43
CA ASP D 202 -43.42 -10.53 31.87
C ASP D 202 -43.68 -9.72 33.12
N LEU D 203 -42.63 -9.32 33.82
CA LEU D 203 -42.77 -8.52 35.03
C LEU D 203 -41.52 -7.71 35.23
N ILE D 204 -41.67 -6.40 35.44
CA ILE D 204 -40.51 -5.54 35.74
C ILE D 204 -40.66 -4.89 37.15
N PHE D 205 -39.81 -5.28 38.07
CA PHE D 205 -39.91 -4.70 39.39
C PHE D 205 -39.03 -3.49 39.50
N VAL D 206 -39.67 -2.34 39.66
CA VAL D 206 -38.95 -1.10 39.80
C VAL D 206 -38.65 -0.87 41.27
N LEU D 207 -37.38 -0.73 41.60
CA LEU D 207 -37.03 -0.56 42.99
C LEU D 207 -36.35 0.75 43.33
N ILE D 208 -37.12 1.69 43.87
CA ILE D 208 -36.60 2.99 44.29
C ILE D 208 -36.30 2.79 45.75
N ASP D 209 -35.62 3.72 46.40
CA ASP D 209 -35.37 3.51 47.81
C ASP D 209 -35.36 4.76 48.66
N GLU D 210 -36.54 5.17 49.12
CA GLU D 210 -36.66 6.33 49.97
C GLU D 210 -35.92 5.90 51.23
N PRO D 211 -35.60 6.84 52.11
CA PRO D 211 -34.90 6.44 53.32
C PRO D 211 -35.83 5.72 54.30
N ASP D 212 -36.62 6.49 55.05
CA ASP D 212 -37.56 5.93 56.02
C ASP D 212 -36.87 5.14 57.15
N ASP D 213 -37.19 5.49 58.39
CA ASP D 213 -36.61 4.84 59.56
C ASP D 213 -37.08 3.40 59.75
N LYS D 214 -38.38 3.24 59.96
CA LYS D 214 -38.99 1.93 60.17
C LYS D 214 -38.31 0.86 59.34
N ILE D 215 -38.61 0.86 58.05
CA ILE D 215 -38.06 -0.11 57.13
C ILE D 215 -36.54 -0.29 57.32
N ASP D 216 -35.77 0.80 57.25
CA ASP D 216 -34.32 0.70 57.44
C ASP D 216 -33.94 -0.06 58.69
N SER D 217 -34.52 0.34 59.81
CA SER D 217 -34.26 -0.33 61.07
C SER D 217 -34.43 -1.84 60.86
N GLU D 218 -35.54 -2.21 60.26
CA GLU D 218 -35.85 -3.60 59.97
C GLU D 218 -34.76 -4.23 59.13
N VAL D 219 -34.56 -3.67 57.96
CA VAL D 219 -33.56 -4.17 57.03
C VAL D 219 -32.22 -4.40 57.68
N ALA D 220 -31.72 -3.37 58.37
CA ALA D 220 -30.44 -3.51 59.01
C ALA D 220 -30.52 -4.62 60.06
N ARG D 221 -31.35 -4.43 61.07
CA ARG D 221 -31.49 -5.44 62.12
C ARG D 221 -31.47 -6.83 61.47
N HIS D 222 -32.13 -6.96 60.34
CA HIS D 222 -32.18 -8.24 59.66
C HIS D 222 -30.81 -8.68 59.16
N ILE D 223 -30.11 -7.78 58.47
CA ILE D 223 -28.79 -8.11 57.96
C ILE D 223 -27.95 -8.66 59.09
N LEU D 224 -27.69 -7.83 60.09
CA LEU D 224 -26.91 -8.29 61.22
C LEU D 224 -27.33 -9.70 61.59
N ARG D 225 -28.61 -9.85 61.96
CA ARG D 225 -29.12 -11.16 62.35
C ARG D 225 -28.47 -12.21 61.47
N VAL D 226 -29.02 -12.40 60.27
CA VAL D 226 -28.48 -13.39 59.35
C VAL D 226 -27.19 -12.90 58.74
N ARG D 227 -26.21 -12.66 59.59
CA ARG D 227 -24.90 -12.17 59.16
C ARG D 227 -23.90 -12.56 60.22
N ARG D 228 -24.40 -13.05 61.34
CA ARG D 228 -23.49 -13.43 62.41
C ARG D 228 -23.37 -14.93 62.58
N GLY D 229 -22.14 -15.38 62.82
CA GLY D 229 -21.88 -16.80 63.00
C GLY D 229 -22.10 -17.49 61.66
N GLU D 230 -22.38 -18.79 61.70
CA GLU D 230 -22.62 -19.53 60.48
C GLU D 230 -24.06 -20.08 60.48
N SER D 231 -24.90 -19.54 61.37
CA SER D 231 -26.29 -19.96 61.48
C SER D 231 -27.23 -18.94 62.15
N GLU D 232 -28.51 -19.01 61.80
CA GLU D 232 -29.56 -18.13 62.35
C GLU D 232 -30.93 -18.75 62.05
N VAL D 233 -31.97 -18.24 62.72
CA VAL D 233 -33.33 -18.73 62.49
C VAL D 233 -33.80 -18.15 61.17
N VAL D 234 -32.84 -17.79 60.33
CA VAL D 234 -33.14 -17.22 59.03
C VAL D 234 -32.48 -18.03 57.91
N ALA D 235 -33.18 -19.12 57.61
CA ALA D 235 -32.86 -20.10 56.59
C ALA D 235 -34.23 -20.51 56.01
N PRO D 236 -34.23 -21.11 54.82
CA PRO D 236 -35.46 -21.54 54.12
C PRO D 236 -36.56 -22.15 54.96
N LYS D 237 -37.80 -21.89 54.55
CA LYS D 237 -39.00 -22.43 55.21
C LYS D 237 -39.18 -23.81 54.60
N ILE D 238 -38.37 -24.08 53.58
CA ILE D 238 -38.37 -25.34 52.85
C ILE D 238 -36.94 -25.59 52.44
N PRO D 239 -36.46 -26.82 52.64
CA PRO D 239 -35.08 -27.13 52.26
C PRO D 239 -34.86 -26.87 50.78
N HIS D 240 -33.75 -26.24 50.44
CA HIS D 240 -33.48 -25.94 49.03
C HIS D 240 -33.31 -27.18 48.15
N GLU D 241 -32.81 -28.28 48.69
CA GLU D 241 -32.66 -29.49 47.87
C GLU D 241 -34.03 -30.03 47.51
N ILE D 242 -34.96 -29.98 48.47
CA ILE D 242 -36.34 -30.45 48.26
C ILE D 242 -37.01 -29.53 47.25
N LEU D 243 -37.04 -28.26 47.61
CA LEU D 243 -37.66 -27.22 46.81
C LEU D 243 -37.13 -27.11 45.40
N ARG D 244 -35.93 -27.64 45.15
CA ARG D 244 -35.34 -27.59 43.81
C ARG D 244 -35.82 -28.79 43.02
N LYS D 245 -36.18 -29.85 43.74
CA LYS D 245 -36.70 -31.05 43.10
C LYS D 245 -38.15 -30.73 42.81
N TYR D 246 -38.82 -30.14 43.80
CA TYR D 246 -40.22 -29.76 43.67
C TYR D 246 -40.45 -28.95 42.41
N ILE D 247 -39.52 -28.05 42.11
CA ILE D 247 -39.61 -27.22 40.93
C ILE D 247 -39.49 -28.09 39.71
N ALA D 248 -38.28 -28.63 39.49
CA ALA D 248 -38.01 -29.50 38.35
C ALA D 248 -39.12 -30.52 38.15
N TYR D 249 -39.83 -30.85 39.23
CA TYR D 249 -40.93 -31.80 39.16
C TYR D 249 -42.18 -31.21 38.51
N ALA D 250 -42.64 -30.08 39.04
CA ALA D 250 -43.80 -29.41 38.50
C ALA D 250 -43.56 -28.91 37.06
N ARG D 251 -42.32 -28.64 36.70
CA ARG D 251 -42.02 -28.21 35.34
C ARG D 251 -41.97 -29.46 34.47
N LYS D 252 -42.57 -30.54 34.97
CA LYS D 252 -42.54 -31.80 34.25
C LYS D 252 -43.93 -32.44 34.16
N ASN D 253 -44.49 -32.76 35.31
CA ASN D 253 -45.78 -33.42 35.39
C ASN D 253 -47.03 -32.54 35.38
N ILE D 254 -46.86 -31.24 35.55
CA ILE D 254 -48.01 -30.35 35.59
C ILE D 254 -48.08 -29.42 34.39
N HIS D 255 -49.26 -29.31 33.79
CA HIS D 255 -49.45 -28.43 32.65
C HIS D 255 -50.84 -27.81 32.73
N PRO D 256 -51.05 -26.93 33.72
CA PRO D 256 -52.31 -26.24 33.98
C PRO D 256 -53.14 -25.80 32.77
N VAL D 257 -54.43 -26.12 32.86
CA VAL D 257 -55.37 -25.75 31.84
C VAL D 257 -56.21 -24.67 32.48
N ILE D 258 -56.64 -23.73 31.68
CA ILE D 258 -57.40 -22.61 32.19
C ILE D 258 -58.86 -22.89 32.50
N SER D 259 -59.25 -22.69 33.76
CA SER D 259 -60.64 -22.92 34.15
C SER D 259 -61.48 -21.75 33.68
N GLU D 260 -62.66 -22.03 33.15
CA GLU D 260 -63.56 -20.97 32.71
C GLU D 260 -63.63 -20.04 33.90
N GLU D 261 -63.48 -20.64 35.08
CA GLU D 261 -63.51 -19.92 36.34
C GLU D 261 -62.58 -18.72 36.26
N ALA D 262 -61.31 -19.04 36.05
CA ALA D 262 -60.26 -18.02 35.96
C ALA D 262 -60.38 -17.15 34.74
N MET D 263 -60.49 -17.80 33.58
CA MET D 263 -60.61 -17.12 32.31
C MET D 263 -61.34 -15.78 32.45
N GLU D 264 -62.54 -15.85 33.00
CA GLU D 264 -63.36 -14.67 33.20
C GLU D 264 -62.63 -13.59 34.00
N GLU D 265 -61.82 -14.02 34.96
CA GLU D 265 -61.07 -13.09 35.81
C GLU D 265 -59.96 -12.37 35.09
N ILE D 266 -59.21 -13.10 34.27
CA ILE D 266 -58.08 -12.50 33.57
C ILE D 266 -58.52 -11.60 32.42
N GLU D 267 -59.61 -11.96 31.74
CA GLU D 267 -60.07 -11.12 30.63
C GLU D 267 -60.71 -9.87 31.22
N LYS D 268 -61.56 -10.07 32.22
CA LYS D 268 -62.25 -8.97 32.92
C LYS D 268 -61.25 -7.91 33.32
N TYR D 269 -60.01 -8.37 33.49
CA TYR D 269 -58.93 -7.51 33.89
C TYR D 269 -58.14 -6.93 32.71
N TYR D 270 -57.74 -7.79 31.79
CA TYR D 270 -56.99 -7.34 30.63
C TYR D 270 -57.69 -6.12 30.07
N VAL D 271 -59.00 -6.23 29.91
CA VAL D 271 -59.78 -5.11 29.39
C VAL D 271 -59.63 -3.88 30.29
N ARG D 272 -59.65 -4.11 31.61
CA ARG D 272 -59.48 -3.05 32.62
C ARG D 272 -58.14 -2.42 32.32
N MET D 273 -57.13 -3.27 32.29
CA MET D 273 -55.77 -2.86 32.02
C MET D 273 -55.68 -2.03 30.74
N ARG D 274 -56.46 -2.40 29.74
CA ARG D 274 -56.44 -1.68 28.50
C ARG D 274 -56.76 -0.20 28.70
N LYS D 275 -57.81 0.10 29.47
CA LYS D 275 -58.20 1.50 29.73
C LYS D 275 -57.04 2.28 30.35
N SER D 276 -56.34 3.06 29.52
CA SER D 276 -55.20 3.90 29.94
C SER D 276 -54.60 4.59 28.72
N PRO D 291 -47.95 1.53 28.86
CA PRO D 291 -47.87 1.40 27.40
C PRO D 291 -48.34 0.04 26.82
N ILE D 292 -49.51 -0.41 27.30
CA ILE D 292 -50.22 -1.69 27.02
C ILE D 292 -50.59 -2.15 25.61
N THR D 293 -50.45 -3.45 25.38
CA THR D 293 -50.77 -4.09 24.11
C THR D 293 -51.58 -5.32 24.44
N ALA D 294 -51.58 -6.25 23.51
CA ALA D 294 -52.30 -7.50 23.69
C ALA D 294 -51.30 -8.54 24.24
N ARG D 295 -50.04 -8.14 24.31
CA ARG D 295 -48.99 -9.02 24.82
C ARG D 295 -49.16 -9.14 26.31
N GLN D 296 -49.51 -8.03 26.94
CA GLN D 296 -49.73 -7.99 28.38
C GLN D 296 -50.65 -9.14 28.79
N LEU D 297 -51.62 -9.44 27.94
CA LEU D 297 -52.58 -10.51 28.19
C LEU D 297 -51.87 -11.86 28.19
N GLU D 298 -51.00 -12.08 27.20
CA GLU D 298 -50.26 -13.32 27.05
C GLU D 298 -49.45 -13.62 28.31
N ALA D 299 -48.63 -12.66 28.71
CA ALA D 299 -47.77 -12.80 29.88
C ALA D 299 -48.59 -13.01 31.16
N LEU D 300 -49.69 -12.30 31.26
CA LEU D 300 -50.54 -12.45 32.42
C LEU D 300 -50.96 -13.91 32.48
N ILE D 301 -51.26 -14.48 31.33
CA ILE D 301 -51.67 -15.88 31.22
C ILE D 301 -50.54 -16.77 31.72
N ARG D 302 -49.31 -16.47 31.34
CA ARG D 302 -48.18 -17.27 31.80
C ARG D 302 -48.05 -17.29 33.32
N LEU D 303 -48.19 -16.13 33.96
CA LEU D 303 -48.06 -16.05 35.42
C LEU D 303 -49.07 -16.98 36.07
N SER D 304 -50.35 -16.71 35.82
CA SER D 304 -51.43 -17.53 36.40
C SER D 304 -51.29 -19.02 36.12
N GLU D 305 -50.72 -19.37 34.98
CA GLU D 305 -50.51 -20.77 34.67
C GLU D 305 -49.42 -21.28 35.65
N ALA D 306 -48.32 -20.56 35.73
CA ALA D 306 -47.22 -20.93 36.61
C ALA D 306 -47.62 -20.93 38.07
N HIS D 307 -48.47 -19.98 38.48
CA HIS D 307 -48.89 -19.93 39.88
C HIS D 307 -49.62 -21.20 40.25
N ALA D 308 -50.23 -21.86 39.27
CA ALA D 308 -50.93 -23.11 39.54
C ALA D 308 -49.85 -24.16 39.65
N ARG D 309 -49.10 -24.33 38.57
CA ARG D 309 -48.01 -25.30 38.52
C ARG D 309 -47.18 -25.25 39.80
N MET D 310 -47.05 -24.05 40.34
CA MET D 310 -46.28 -23.80 41.55
C MET D 310 -46.80 -24.65 42.70
N ARG D 311 -48.09 -24.96 42.64
CA ARG D 311 -48.74 -25.76 43.66
C ARG D 311 -49.25 -27.06 43.04
N LEU D 312 -49.06 -27.20 41.73
CA LEU D 312 -49.50 -28.38 40.99
C LEU D 312 -51.02 -28.36 41.01
N SER D 313 -51.69 -28.15 39.87
CA SER D 313 -53.14 -28.10 39.92
C SER D 313 -53.95 -29.15 39.18
N PRO D 314 -53.90 -29.20 37.84
CA PRO D 314 -53.25 -28.43 36.80
C PRO D 314 -54.38 -27.61 36.20
N ILE D 315 -55.06 -26.89 37.07
CA ILE D 315 -56.17 -26.09 36.65
C ILE D 315 -56.10 -24.69 37.23
N VAL D 316 -55.80 -23.74 36.36
CA VAL D 316 -55.70 -22.34 36.74
C VAL D 316 -57.03 -21.86 37.29
N THR D 317 -57.27 -22.13 38.58
CA THR D 317 -58.49 -21.74 39.28
C THR D 317 -58.65 -20.22 39.39
N ARG D 318 -59.83 -19.78 39.80
CA ARG D 318 -60.08 -18.36 39.94
C ARG D 318 -59.02 -17.71 40.81
N GLU D 319 -58.55 -18.43 41.82
CA GLU D 319 -57.52 -17.91 42.72
C GLU D 319 -56.21 -17.66 42.01
N ASP D 320 -55.72 -18.67 41.31
CA ASP D 320 -54.49 -18.53 40.58
C ASP D 320 -54.58 -17.27 39.75
N ALA D 321 -55.50 -17.26 38.78
CA ALA D 321 -55.69 -16.12 37.91
C ALA D 321 -55.79 -14.83 38.70
N ARG D 322 -56.45 -14.92 39.85
CA ARG D 322 -56.62 -13.77 40.73
C ARG D 322 -55.22 -13.26 41.13
N GLU D 323 -54.47 -14.13 41.78
CA GLU D 323 -53.11 -13.85 42.24
C GLU D 323 -52.26 -13.20 41.17
N ALA D 324 -52.29 -13.82 39.99
CA ALA D 324 -51.52 -13.34 38.87
C ALA D 324 -51.78 -11.86 38.68
N ILE D 325 -53.03 -11.48 38.49
CA ILE D 325 -53.29 -10.08 38.28
C ILE D 325 -52.84 -9.22 39.46
N LYS D 326 -52.89 -9.80 40.67
CA LYS D 326 -52.46 -9.03 41.84
C LYS D 326 -51.02 -8.62 41.64
N LEU D 327 -50.15 -9.61 41.49
CA LEU D 327 -48.76 -9.36 41.29
C LEU D 327 -48.57 -8.36 40.15
N MET D 328 -49.31 -8.54 39.06
CA MET D 328 -49.18 -7.63 37.93
C MET D 328 -49.63 -6.21 38.19
N GLU D 329 -50.76 -6.00 38.88
CA GLU D 329 -51.20 -4.64 39.15
C GLU D 329 -50.22 -4.03 40.14
N TYR D 330 -49.37 -4.86 40.73
CA TYR D 330 -48.38 -4.34 41.67
C TYR D 330 -47.20 -3.83 40.86
N THR D 331 -46.59 -4.71 40.07
CA THR D 331 -45.44 -4.34 39.24
C THR D 331 -45.77 -3.00 38.62
N LEU D 332 -47.05 -2.86 38.26
CA LEU D 332 -47.59 -1.66 37.66
C LEU D 332 -47.62 -0.44 38.55
N LYS D 333 -48.19 -0.60 39.74
CA LYS D 333 -48.26 0.50 40.67
C LYS D 333 -46.85 1.07 40.86
N GLN D 334 -45.89 0.18 41.11
CA GLN D 334 -44.50 0.59 41.31
C GLN D 334 -43.95 1.50 40.22
N ILE D 335 -44.53 1.45 39.03
CA ILE D 335 -44.05 2.29 37.95
C ILE D 335 -44.35 3.75 38.12
N ALA D 336 -45.41 4.05 38.87
CA ALA D 336 -45.78 5.44 39.13
C ALA D 336 -44.74 6.06 40.08
N MET D 337 -44.03 5.18 40.79
CA MET D 337 -42.99 5.54 41.74
C MET D 337 -43.40 6.47 42.89
N PRO E 2 -60.69 -38.54 -7.08
CA PRO E 2 -61.99 -38.35 -7.78
C PRO E 2 -63.12 -38.63 -6.81
N GLU E 3 -62.79 -39.37 -5.74
CA GLU E 3 -63.75 -39.70 -4.69
C GLU E 3 -63.87 -38.41 -3.90
N GLU E 4 -62.85 -37.58 -4.08
CA GLU E 4 -62.74 -36.28 -3.43
C GLU E 4 -63.59 -35.27 -4.20
N GLU E 5 -63.35 -35.21 -5.51
CA GLU E 5 -64.09 -34.31 -6.38
C GLU E 5 -65.57 -34.42 -6.07
N GLN E 6 -65.99 -35.62 -5.69
CA GLN E 6 -67.39 -35.87 -5.34
C GLN E 6 -67.80 -35.00 -4.16
N ILE E 7 -66.98 -35.02 -3.11
CA ILE E 7 -67.24 -34.25 -1.91
C ILE E 7 -67.31 -32.76 -2.25
N ILE E 8 -66.23 -32.25 -2.83
CA ILE E 8 -66.11 -30.85 -3.22
C ILE E 8 -67.40 -30.28 -3.81
N LYS E 9 -67.83 -30.87 -4.92
CA LYS E 9 -69.06 -30.44 -5.58
C LYS E 9 -70.16 -30.28 -4.54
N GLU E 10 -70.24 -31.24 -3.63
CA GLU E 10 -71.26 -31.24 -2.57
C GLU E 10 -71.13 -30.02 -1.68
N LEU E 11 -69.89 -29.71 -1.30
CA LEU E 11 -69.65 -28.56 -0.45
C LEU E 11 -70.19 -27.32 -1.14
N ALA E 12 -69.76 -27.11 -2.38
CA ALA E 12 -70.20 -25.96 -3.17
C ALA E 12 -71.72 -25.89 -3.17
N LYS E 13 -72.36 -27.05 -3.27
CA LYS E 13 -73.81 -27.13 -3.27
C LYS E 13 -74.35 -26.38 -2.05
N ARG E 14 -73.64 -26.52 -0.94
CA ARG E 14 -74.03 -25.88 0.32
C ARG E 14 -74.47 -24.45 0.09
N LYS E 15 -75.42 -23.99 0.89
CA LYS E 15 -75.95 -22.66 0.75
C LYS E 15 -74.99 -21.58 1.24
N ASP E 16 -74.36 -21.85 2.38
CA ASP E 16 -73.45 -20.90 3.01
C ASP E 16 -71.96 -21.04 2.69
N ILE E 17 -71.61 -21.96 1.79
CA ILE E 17 -70.21 -22.19 1.46
C ILE E 17 -69.29 -20.96 1.56
N VAL E 18 -69.70 -19.86 0.94
CA VAL E 18 -68.93 -18.63 0.96
C VAL E 18 -68.45 -18.35 2.39
N ASP E 19 -69.40 -18.35 3.31
CA ASP E 19 -69.14 -18.08 4.70
C ASP E 19 -68.35 -19.17 5.36
N ALA E 20 -68.69 -20.41 5.07
CA ALA E 20 -67.98 -21.53 5.65
C ALA E 20 -66.50 -21.46 5.32
N ILE E 21 -66.20 -21.13 4.06
CA ILE E 21 -64.83 -21.03 3.60
C ILE E 21 -63.97 -20.04 4.37
N VAL E 22 -64.56 -18.96 4.87
CA VAL E 22 -63.77 -17.99 5.60
C VAL E 22 -63.61 -18.46 7.04
N ASP E 23 -64.68 -19.01 7.61
CA ASP E 23 -64.64 -19.50 8.97
C ASP E 23 -63.70 -20.68 9.10
N SER E 24 -62.97 -20.95 8.03
CA SER E 24 -62.05 -22.06 8.05
C SER E 24 -60.65 -21.56 7.79
N ILE E 25 -60.52 -20.30 7.39
CA ILE E 25 -59.20 -19.71 7.12
C ILE E 25 -58.43 -19.77 8.42
N ALA E 26 -58.92 -19.06 9.42
CA ALA E 26 -58.26 -19.09 10.71
C ALA E 26 -59.37 -19.04 11.74
N PRO E 27 -59.69 -20.20 12.31
CA PRO E 27 -60.73 -20.36 13.32
C PRO E 27 -60.23 -19.78 14.62
N ALA E 28 -58.91 -19.85 14.78
CA ALA E 28 -58.24 -19.36 15.98
C ALA E 28 -58.52 -17.90 16.15
N ILE E 29 -57.77 -17.08 15.42
CA ILE E 29 -57.95 -15.64 15.50
C ILE E 29 -59.45 -15.40 15.45
N TYR E 30 -59.89 -14.47 16.27
CA TYR E 30 -61.28 -14.11 16.39
C TYR E 30 -61.59 -12.87 15.57
N GLY E 31 -62.63 -12.93 14.76
CA GLY E 31 -63.02 -11.76 13.99
C GLY E 31 -62.32 -11.57 12.66
N TYR E 32 -62.17 -10.33 12.24
CA TYR E 32 -61.50 -10.03 10.97
C TYR E 32 -62.16 -10.75 9.83
N LYS E 33 -63.48 -10.72 9.81
CA LYS E 33 -64.24 -11.37 8.75
C LYS E 33 -63.66 -11.03 7.36
N GLU E 34 -63.42 -9.74 7.12
CA GLU E 34 -62.91 -9.26 5.83
C GLU E 34 -61.46 -9.62 5.54
N VAL E 35 -60.61 -9.49 6.54
CA VAL E 35 -59.23 -9.83 6.34
C VAL E 35 -59.16 -11.33 6.07
N LYS E 36 -60.23 -12.04 6.42
CA LYS E 36 -60.32 -13.49 6.22
C LYS E 36 -60.88 -13.76 4.83
N LYS E 37 -61.99 -13.09 4.54
CA LYS E 37 -62.67 -13.21 3.26
C LYS E 37 -61.80 -12.57 2.18
N GLY E 38 -60.81 -11.78 2.61
CA GLY E 38 -59.89 -11.17 1.68
C GLY E 38 -58.93 -12.28 1.34
N ILE E 39 -58.13 -12.70 2.32
CA ILE E 39 -57.19 -13.78 2.11
C ILE E 39 -57.87 -14.92 1.38
N ALA E 40 -59.14 -15.16 1.70
CA ALA E 40 -59.89 -16.23 1.06
C ALA E 40 -59.81 -16.09 -0.44
N LEU E 41 -60.24 -14.94 -0.94
CA LEU E 41 -60.21 -14.69 -2.38
C LEU E 41 -58.78 -14.85 -2.85
N ALA E 42 -57.86 -14.18 -2.18
CA ALA E 42 -56.46 -14.25 -2.55
C ALA E 42 -55.97 -15.68 -2.79
N LEU E 43 -56.49 -16.63 -2.02
CA LEU E 43 -56.10 -18.04 -2.15
C LEU E 43 -56.74 -18.71 -3.36
N PHE E 44 -57.84 -18.11 -3.85
CA PHE E 44 -58.54 -18.64 -5.01
C PHE E 44 -58.12 -17.93 -6.29
N GLY E 45 -57.57 -16.73 -6.14
CA GLY E 45 -57.11 -15.95 -7.28
C GLY E 45 -58.09 -15.60 -8.38
N GLY E 46 -57.69 -14.64 -9.20
CA GLY E 46 -58.50 -14.18 -10.31
C GLY E 46 -58.35 -15.12 -11.48
N VAL E 47 -59.04 -14.81 -12.57
CA VAL E 47 -59.02 -15.64 -13.77
C VAL E 47 -57.63 -16.06 -14.29
N SER E 48 -56.73 -15.09 -14.47
CA SER E 48 -55.37 -15.37 -14.96
C SER E 48 -55.37 -16.35 -16.14
N ARG E 49 -55.57 -15.83 -17.34
CA ARG E 49 -55.60 -16.61 -18.59
C ARG E 49 -55.13 -15.68 -19.70
N LYS E 50 -53.92 -15.90 -20.21
CA LYS E 50 -53.40 -15.04 -21.25
C LYS E 50 -53.98 -15.28 -22.65
N LEU E 51 -53.92 -14.24 -23.47
CA LEU E 51 -54.37 -14.29 -24.86
C LEU E 51 -53.27 -13.61 -25.67
N PRO E 52 -53.17 -13.89 -26.98
CA PRO E 52 -52.15 -13.30 -27.87
C PRO E 52 -52.40 -11.82 -28.13
N ASP E 53 -53.67 -11.51 -28.42
CA ASP E 53 -54.12 -10.16 -28.68
C ASP E 53 -54.04 -9.32 -27.41
N GLY E 54 -54.46 -9.92 -26.30
CA GLY E 54 -54.44 -9.23 -25.02
C GLY E 54 -53.26 -9.69 -24.18
N THR E 55 -52.15 -9.99 -24.85
CA THR E 55 -50.90 -10.44 -24.22
C THR E 55 -51.09 -11.13 -22.86
N ARG E 56 -50.09 -11.00 -21.99
CA ARG E 56 -50.10 -11.59 -20.65
C ARG E 56 -51.41 -11.32 -19.91
N LEU E 57 -51.66 -12.03 -18.81
CA LEU E 57 -52.87 -11.83 -18.00
C LEU E 57 -52.76 -12.49 -16.61
N ARG E 58 -52.18 -11.75 -15.66
CA ARG E 58 -52.03 -12.19 -14.28
C ARG E 58 -53.41 -12.26 -13.64
N GLY E 59 -53.55 -13.10 -12.63
CA GLY E 59 -54.83 -13.20 -11.96
C GLY E 59 -54.59 -13.28 -10.47
N ASP E 60 -53.35 -13.60 -10.11
CA ASP E 60 -52.98 -13.71 -8.72
C ASP E 60 -53.32 -12.44 -7.97
N ILE E 61 -53.88 -12.62 -6.78
CA ILE E 61 -54.29 -11.52 -5.94
C ILE E 61 -53.37 -11.33 -4.75
N HIS E 62 -52.68 -10.19 -4.71
CA HIS E 62 -51.77 -9.89 -3.60
C HIS E 62 -52.49 -9.16 -2.48
N VAL E 63 -52.13 -9.46 -1.25
CA VAL E 63 -52.80 -8.86 -0.12
C VAL E 63 -51.85 -8.34 0.95
N LEU E 64 -51.98 -7.08 1.31
CA LEU E 64 -51.13 -6.51 2.33
C LEU E 64 -51.86 -6.26 3.63
N LEU E 65 -51.21 -6.59 4.74
CA LEU E 65 -51.79 -6.42 6.07
C LEU E 65 -50.93 -5.48 6.91
N VAL E 66 -51.27 -4.20 6.96
CA VAL E 66 -50.46 -3.27 7.77
C VAL E 66 -51.14 -2.74 9.00
N GLY E 67 -50.53 -2.94 10.17
CA GLY E 67 -51.16 -2.43 11.39
C GLY E 67 -50.28 -2.25 12.61
N ASP E 68 -50.88 -1.73 13.67
CA ASP E 68 -50.19 -1.52 14.94
C ASP E 68 -49.75 -2.90 15.39
N PRO E 69 -48.84 -2.99 16.34
CA PRO E 69 -48.41 -4.32 16.76
C PRO E 69 -49.46 -5.01 17.61
N GLY E 70 -49.34 -6.33 17.73
CA GLY E 70 -50.27 -7.12 18.53
C GLY E 70 -51.69 -7.16 18.02
N VAL E 71 -51.82 -7.29 16.69
CA VAL E 71 -53.12 -7.34 16.05
C VAL E 71 -53.40 -8.67 15.37
N ALA E 72 -52.48 -9.62 15.47
CA ALA E 72 -52.63 -10.96 14.89
C ALA E 72 -52.05 -11.15 13.50
N LYS E 73 -51.40 -10.14 12.94
CA LYS E 73 -50.84 -10.26 11.61
C LYS E 73 -49.96 -11.49 11.53
N SER E 74 -48.84 -11.46 12.26
CA SER E 74 -47.92 -12.58 12.28
C SER E 74 -48.71 -13.89 12.42
N GLN E 75 -49.52 -13.96 13.47
CA GLN E 75 -50.35 -15.14 13.73
C GLN E 75 -51.08 -15.59 12.47
N ILE E 76 -51.97 -14.75 11.97
CA ILE E 76 -52.76 -15.04 10.78
C ILE E 76 -51.97 -15.65 9.64
N LEU E 77 -50.98 -14.92 9.13
CA LEU E 77 -50.19 -15.46 8.03
C LEU E 77 -49.84 -16.90 8.30
N ARG E 78 -49.34 -17.13 9.52
CA ARG E 78 -48.94 -18.46 9.94
C ARG E 78 -50.06 -19.48 9.68
N TYR E 79 -51.28 -19.17 10.11
CA TYR E 79 -52.39 -20.10 9.91
C TYR E 79 -52.65 -20.35 8.45
N VAL E 80 -52.36 -19.36 7.62
CA VAL E 80 -52.58 -19.51 6.21
C VAL E 80 -51.58 -20.50 5.66
N ALA E 81 -50.33 -20.41 6.11
CA ALA E 81 -49.34 -21.35 5.62
C ALA E 81 -49.83 -22.77 5.90
N ASN E 82 -50.32 -22.98 7.12
CA ASN E 82 -50.81 -24.29 7.53
C ASN E 82 -52.08 -24.75 6.77
N LEU E 83 -52.56 -23.90 5.85
CA LEU E 83 -53.72 -24.25 5.06
C LEU E 83 -53.35 -24.27 3.58
N ALA E 84 -53.12 -23.09 3.02
CA ALA E 84 -52.75 -22.94 1.61
C ALA E 84 -51.88 -24.07 1.10
N PRO E 85 -52.14 -24.53 -0.13
CA PRO E 85 -51.35 -25.61 -0.72
C PRO E 85 -49.86 -25.29 -0.73
N ARG E 86 -49.41 -24.61 -1.78
CA ARG E 86 -48.00 -24.26 -1.94
C ARG E 86 -47.63 -23.01 -1.13
N ALA E 87 -47.87 -23.03 0.18
CA ALA E 87 -47.59 -21.88 1.03
C ALA E 87 -46.18 -21.79 1.61
N ILE E 88 -45.60 -20.59 1.54
CA ILE E 88 -44.27 -20.35 2.10
C ILE E 88 -44.31 -19.17 3.06
N TYR E 89 -44.20 -19.45 4.35
CA TYR E 89 -44.19 -18.38 5.34
C TYR E 89 -42.73 -18.01 5.50
N THR E 90 -42.46 -16.74 5.72
CA THR E 90 -41.08 -16.30 5.87
C THR E 90 -41.08 -14.88 6.43
N SER E 91 -40.80 -14.75 7.72
CA SER E 91 -40.79 -13.43 8.36
C SER E 91 -39.41 -12.80 8.37
N UNK E 92 -39.32 -11.53 7.98
CA UNK E 92 -38.03 -10.82 7.95
C UNK E 92 -37.39 -10.90 9.34
N UNK E 93 -36.66 -11.99 9.56
CA UNK E 93 -35.98 -12.26 10.82
C UNK E 93 -35.29 -13.64 10.77
N UNK E 94 -34.00 -13.67 11.10
CA UNK E 94 -33.18 -14.90 11.10
C UNK E 94 -32.95 -15.47 9.70
N UNK E 95 -32.79 -16.79 9.61
CA UNK E 95 -32.57 -17.44 8.30
C UNK E 95 -33.46 -18.67 8.11
N UNK E 96 -33.68 -19.05 6.85
CA UNK E 96 -34.53 -20.19 6.49
C UNK E 96 -35.92 -20.04 7.14
N UNK E 97 -36.93 -20.67 6.55
CA UNK E 97 -38.30 -20.58 7.09
C UNK E 97 -39.03 -21.94 7.09
N UNK E 98 -40.15 -22.02 7.82
CA UNK E 98 -40.94 -23.24 7.95
C UNK E 98 -42.02 -23.37 6.88
N UNK E 99 -43.27 -23.09 7.27
CA UNK E 99 -44.40 -23.16 6.35
C UNK E 99 -44.72 -24.57 5.86
N UNK E 100 -44.21 -24.87 4.66
CA UNK E 100 -44.41 -26.14 3.97
C UNK E 100 -44.70 -27.38 4.81
N UNK E 101 -45.43 -28.30 4.20
CA UNK E 101 -45.77 -29.56 4.84
C UNK E 101 -44.97 -30.61 4.08
N UNK E 102 -44.08 -30.12 3.22
CA UNK E 102 -43.16 -30.89 2.38
C UNK E 102 -43.59 -32.22 1.77
N UNK E 103 -43.10 -32.45 0.56
CA UNK E 103 -43.37 -33.68 -0.21
C UNK E 103 -42.44 -33.71 -1.41
N UNK E 104 -41.16 -33.96 -1.14
CA UNK E 104 -40.13 -34.01 -2.18
C UNK E 104 -40.02 -32.68 -2.89
N UNK E 105 -40.14 -31.60 -2.13
CA UNK E 105 -40.06 -30.24 -2.68
C UNK E 105 -41.27 -29.88 -3.57
N UNK E 106 -41.24 -28.71 -4.22
CA UNK E 106 -42.33 -28.21 -5.06
C UNK E 106 -42.41 -28.74 -6.50
N UNK E 107 -43.61 -28.70 -7.08
CA UNK E 107 -43.85 -29.18 -8.44
C UNK E 107 -43.06 -28.50 -9.56
N UNK E 108 -42.83 -27.19 -9.48
CA UNK E 108 -42.06 -26.53 -10.55
C UNK E 108 -40.89 -25.67 -10.08
N UNK E 109 -40.41 -24.80 -10.98
CA UNK E 109 -39.24 -23.94 -10.76
C UNK E 109 -39.03 -22.97 -9.59
N UNK E 110 -37.84 -22.37 -9.63
CA UNK E 110 -37.31 -21.40 -8.69
C UNK E 110 -37.25 -21.66 -7.16
N UNK E 111 -36.67 -20.67 -6.47
CA UNK E 111 -36.46 -20.69 -5.02
C UNK E 111 -35.56 -19.50 -4.68
N UNK E 112 -35.27 -19.23 -3.39
CA UNK E 112 -34.35 -18.11 -3.06
C UNK E 112 -34.00 -17.74 -1.58
N UNK E 113 -33.85 -16.44 -1.30
CA UNK E 113 -33.47 -15.86 0.02
C UNK E 113 -34.57 -15.74 1.10
N UNK E 114 -35.68 -15.10 0.74
CA UNK E 114 -36.81 -14.97 1.66
C UNK E 114 -37.37 -16.38 1.62
N UNK E 115 -37.44 -16.91 0.39
CA UNK E 115 -37.91 -18.26 0.03
C UNK E 115 -39.23 -18.21 -0.74
N UNK E 116 -39.14 -18.09 -2.05
CA UNK E 116 -40.33 -18.04 -2.88
C UNK E 116 -40.16 -19.09 -4.00
N UNK E 117 -41.27 -19.74 -4.38
CA UNK E 117 -41.26 -20.79 -5.42
C UNK E 117 -41.72 -20.33 -6.81
N UNK E 118 -40.75 -19.84 -7.60
CA UNK E 118 -40.97 -19.34 -8.97
C UNK E 118 -40.60 -20.33 -10.07
N GLY E 125 -45.59 -22.19 -8.74
CA GLY E 125 -46.20 -20.96 -8.30
C GLY E 125 -46.16 -20.95 -6.79
N GLY E 126 -47.34 -20.89 -6.18
CA GLY E 126 -47.44 -20.89 -4.72
C GLY E 126 -47.48 -19.56 -4.00
N TYR E 127 -48.36 -19.47 -3.00
CA TYR E 127 -48.50 -18.25 -2.21
C TYR E 127 -47.37 -18.07 -1.21
N ALA E 128 -46.70 -16.93 -1.25
CA ALA E 128 -45.62 -16.67 -0.32
C ALA E 128 -46.11 -15.68 0.72
N LEU E 129 -46.33 -16.22 1.91
CA LEU E 129 -46.79 -15.44 3.03
C LEU E 129 -45.59 -14.75 3.64
N ILE E 130 -45.48 -13.45 3.38
CA ILE E 130 -44.36 -12.66 3.86
C ILE E 130 -44.64 -11.76 5.03
N ASP E 131 -44.41 -12.24 6.24
CA ASP E 131 -44.65 -11.41 7.40
C ASP E 131 -43.50 -10.42 7.57
N GLU E 132 -43.81 -9.24 8.10
CA GLU E 132 -42.81 -8.19 8.36
C GLU E 132 -42.13 -7.68 7.10
N LEU E 133 -42.93 -7.45 6.06
CA LEU E 133 -42.41 -6.96 4.78
C LEU E 133 -41.72 -5.61 4.87
N ASP E 134 -41.87 -4.92 6.00
CA ASP E 134 -41.25 -3.61 6.18
C ASP E 134 -39.83 -3.74 6.74
N LYS E 135 -39.45 -4.97 7.10
CA LYS E 135 -38.12 -5.24 7.65
C LYS E 135 -37.34 -6.18 6.71
N MET E 136 -37.58 -6.05 5.42
CA MET E 136 -36.87 -6.86 4.44
C MET E 136 -35.61 -6.10 4.10
N SER E 137 -34.48 -6.78 4.02
CA SER E 137 -33.25 -6.08 3.66
C SER E 137 -33.54 -5.57 2.25
N ASP E 138 -33.27 -4.29 2.00
CA ASP E 138 -33.52 -3.70 0.69
C ASP E 138 -33.35 -4.66 -0.50
N ARG E 139 -32.54 -5.71 -0.33
CA ARG E 139 -32.33 -6.71 -1.38
C ARG E 139 -33.58 -7.57 -1.47
N ASP E 140 -33.85 -8.32 -0.41
CA ASP E 140 -35.03 -9.17 -0.36
C ASP E 140 -36.30 -8.41 -0.76
N ARG E 141 -36.33 -7.10 -0.50
CA ARG E 141 -37.48 -6.31 -0.89
C ARG E 141 -37.47 -6.27 -2.41
N SER E 142 -36.48 -5.56 -2.95
CA SER E 142 -36.30 -5.39 -4.38
C SER E 142 -36.92 -6.51 -5.19
N VAL E 143 -36.48 -7.73 -4.92
CA VAL E 143 -36.98 -8.88 -5.64
C VAL E 143 -38.50 -8.93 -5.71
N ILE E 144 -39.15 -8.94 -4.55
CA ILE E 144 -40.60 -8.94 -4.49
C ILE E 144 -41.13 -7.79 -5.31
N HIS E 145 -40.61 -6.61 -5.03
CA HIS E 145 -41.02 -5.41 -5.73
C HIS E 145 -41.08 -5.74 -7.22
N GLU E 146 -40.01 -6.35 -7.75
CA GLU E 146 -39.98 -6.72 -9.15
C GLU E 146 -41.05 -7.78 -9.39
N ALA E 147 -41.03 -8.81 -8.57
CA ALA E 147 -41.97 -9.91 -8.68
C ALA E 147 -43.44 -9.47 -8.72
N LEU E 148 -43.77 -8.47 -7.92
CA LEU E 148 -45.14 -7.96 -7.86
C LEU E 148 -45.39 -7.06 -9.06
N GLU E 149 -44.38 -6.25 -9.36
CA GLU E 149 -44.44 -5.30 -10.48
C GLU E 149 -44.36 -6.01 -11.82
N GLN E 150 -43.16 -6.48 -12.17
CA GLN E 150 -42.93 -7.18 -13.45
C GLN E 150 -43.76 -8.44 -13.60
N GLN E 151 -43.63 -9.34 -12.63
CA GLN E 151 -44.30 -10.64 -12.65
C GLN E 151 -43.20 -11.56 -13.14
N THR E 152 -41.96 -11.07 -13.05
CA THR E 152 -40.77 -11.80 -13.51
C THR E 152 -39.49 -11.31 -12.83
N ILE E 153 -38.83 -12.19 -12.10
CA ILE E 153 -37.59 -11.81 -11.45
C ILE E 153 -36.41 -12.00 -12.40
N SER E 154 -35.20 -11.66 -11.96
CA SER E 154 -34.02 -11.81 -12.80
C SER E 154 -32.68 -11.59 -12.08
N ILE E 155 -31.76 -12.52 -12.31
CA ILE E 155 -30.41 -12.47 -11.74
C ILE E 155 -29.42 -12.73 -12.86
N SER E 156 -28.63 -11.72 -13.20
CA SER E 156 -27.63 -11.89 -14.25
C SER E 156 -26.26 -11.65 -13.64
N LYS E 157 -26.08 -12.15 -12.41
CA LYS E 157 -24.81 -11.99 -11.70
C LYS E 157 -23.75 -12.97 -12.23
N ALA E 158 -22.92 -12.46 -13.13
CA ALA E 158 -21.81 -13.14 -13.82
C ALA E 158 -22.04 -12.95 -15.31
N GLY E 159 -21.42 -13.79 -16.13
CA GLY E 159 -21.61 -13.67 -17.56
C GLY E 159 -23.02 -14.11 -17.89
N ILE E 160 -23.52 -15.07 -17.12
CA ILE E 160 -24.87 -15.60 -17.32
C ILE E 160 -25.97 -14.63 -16.96
N THR E 161 -27.14 -14.86 -17.55
CA THR E 161 -28.31 -14.03 -17.33
C THR E 161 -29.48 -14.94 -16.97
N ALA E 162 -30.04 -14.77 -15.77
CA ALA E 162 -31.14 -15.62 -15.34
C ALA E 162 -32.46 -14.91 -15.14
N THR E 163 -33.42 -15.18 -16.02
CA THR E 163 -34.72 -14.57 -15.86
C THR E 163 -35.68 -15.59 -15.31
N LEU E 164 -36.01 -15.42 -14.04
CA LEU E 164 -36.91 -16.32 -13.32
C LEU E 164 -38.33 -15.84 -13.53
N ASN E 165 -39.23 -16.74 -13.91
CA ASN E 165 -40.63 -16.38 -14.10
C ASN E 165 -41.34 -16.36 -12.76
N ALA E 166 -41.84 -15.18 -12.38
CA ALA E 166 -42.55 -14.99 -11.12
C ALA E 166 -44.03 -15.20 -11.34
N ARG E 167 -44.59 -16.19 -10.66
CA ARG E 167 -45.99 -16.49 -10.79
C ARG E 167 -46.52 -17.03 -9.47
N THR E 168 -46.47 -16.19 -8.44
CA THR E 168 -46.96 -16.57 -7.12
C THR E 168 -47.81 -15.47 -6.51
N THR E 169 -48.54 -15.82 -5.46
CA THR E 169 -49.39 -14.86 -4.77
C THR E 169 -48.66 -14.36 -3.53
N VAL E 170 -48.88 -13.11 -3.16
CA VAL E 170 -48.20 -12.58 -1.99
C VAL E 170 -49.16 -12.05 -0.95
N ILE E 171 -49.25 -12.77 0.15
CA ILE E 171 -50.11 -12.32 1.24
C ILE E 171 -49.15 -11.87 2.32
N ALA E 172 -48.93 -10.57 2.39
CA ALA E 172 -47.97 -10.02 3.34
C ALA E 172 -48.52 -9.11 4.42
N ALA E 173 -47.70 -8.97 5.46
CA ALA E 173 -48.02 -8.15 6.61
C ALA E 173 -46.96 -7.07 6.70
N ALA E 174 -47.17 -6.07 7.55
CA ALA E 174 -46.22 -4.99 7.71
C ALA E 174 -46.62 -4.01 8.81
N ASN E 175 -45.62 -3.42 9.46
CA ASN E 175 -45.87 -2.45 10.53
C ASN E 175 -45.54 -1.06 9.98
N PRO E 176 -46.00 -0.02 10.68
CA PRO E 176 -45.75 1.37 10.27
C PRO E 176 -44.30 1.73 10.54
N LYS E 177 -43.78 2.74 9.86
CA LYS E 177 -42.40 3.14 10.07
C LYS E 177 -42.20 3.48 11.55
N GLN E 178 -43.30 3.87 12.19
CA GLN E 178 -43.28 4.26 13.60
C GLN E 178 -43.58 3.14 14.58
N GLY E 179 -44.30 2.12 14.11
CA GLY E 179 -44.68 1.01 14.96
C GLY E 179 -46.19 0.99 15.05
N ARG E 180 -46.75 2.12 15.48
CA ARG E 180 -48.19 2.31 15.60
C ARG E 180 -48.46 3.57 14.78
N PHE E 181 -49.71 3.85 14.41
CA PHE E 181 -49.92 5.07 13.65
C PHE E 181 -51.18 5.88 13.96
N ASN E 182 -51.89 5.48 15.01
CA ASN E 182 -53.13 6.14 15.43
C ASN E 182 -53.29 7.60 15.05
N ARG E 183 -52.18 8.30 14.86
CA ARG E 183 -52.26 9.69 14.47
C ARG E 183 -53.21 9.88 13.29
N MET E 184 -53.42 11.14 12.94
CA MET E 184 -54.30 11.50 11.85
C MET E 184 -53.68 11.20 10.50
N LYS E 185 -52.43 11.61 10.31
CA LYS E 185 -51.70 11.40 9.06
C LYS E 185 -52.11 10.10 8.35
N ASN E 186 -52.07 10.09 7.03
CA ASN E 186 -52.46 8.93 6.24
C ASN E 186 -51.61 7.68 6.38
N PRO E 187 -52.28 6.56 6.68
CA PRO E 187 -51.67 5.25 6.87
C PRO E 187 -50.65 4.93 5.79
N PHE E 188 -50.74 5.64 4.68
CA PHE E 188 -49.82 5.38 3.60
C PHE E 188 -48.49 6.08 3.63
N GLU E 189 -48.33 7.02 4.55
CA GLU E 189 -47.06 7.73 4.67
C GLU E 189 -46.31 7.02 5.79
N GLN E 190 -47.07 6.31 6.60
CA GLN E 190 -46.53 5.62 7.75
C GLN E 190 -45.91 4.26 7.46
N ILE E 191 -46.23 3.67 6.31
CA ILE E 191 -45.68 2.37 5.93
C ILE E 191 -44.26 2.59 5.38
N ASP E 192 -43.34 1.64 5.62
CA ASP E 192 -41.95 1.79 5.14
C ASP E 192 -41.71 1.18 3.76
N LEU E 193 -42.76 1.03 2.96
CA LEU E 193 -42.63 0.46 1.64
C LEU E 193 -42.81 1.51 0.53
N PRO E 194 -42.04 1.38 -0.56
CA PRO E 194 -42.16 2.34 -1.66
C PRO E 194 -43.54 2.26 -2.25
N PRO E 195 -44.26 3.36 -2.23
CA PRO E 195 -45.61 3.42 -2.77
C PRO E 195 -45.81 2.64 -4.07
N THR E 196 -44.82 2.64 -4.95
CA THR E 196 -44.95 1.92 -6.21
C THR E 196 -44.94 0.41 -6.04
N LEU E 197 -44.88 -0.03 -4.80
CA LEU E 197 -44.90 -1.45 -4.48
C LEU E 197 -46.29 -1.69 -3.93
N LEU E 198 -46.65 -0.88 -2.95
CA LEU E 198 -47.96 -0.98 -2.31
C LEU E 198 -49.04 -1.00 -3.37
N SER E 199 -48.89 -0.13 -4.36
CA SER E 199 -49.87 -0.04 -5.45
C SER E 199 -50.09 -1.38 -6.12
N ARG E 200 -49.25 -2.36 -5.81
CA ARG E 200 -49.35 -3.68 -6.41
C ARG E 200 -50.31 -4.64 -5.73
N PHE E 201 -50.72 -4.29 -4.51
CA PHE E 201 -51.65 -5.10 -3.77
C PHE E 201 -53.07 -4.80 -4.23
N ASP E 202 -53.90 -5.84 -4.29
CA ASP E 202 -55.29 -5.70 -4.69
C ASP E 202 -56.14 -5.31 -3.49
N LEU E 203 -55.63 -5.54 -2.28
CA LEU E 203 -56.34 -5.17 -1.07
C LEU E 203 -55.35 -4.92 0.03
N ILE E 204 -55.48 -3.78 0.72
CA ILE E 204 -54.61 -3.49 1.87
C ILE E 204 -55.47 -3.32 3.17
N PHE E 205 -55.31 -4.24 4.10
CA PHE E 205 -56.09 -4.12 5.31
C PHE E 205 -55.31 -3.37 6.34
N VAL E 206 -55.82 -2.21 6.69
CA VAL E 206 -55.19 -1.37 7.69
C VAL E 206 -55.75 -1.75 9.05
N LEU E 207 -54.88 -2.16 9.96
CA LEU E 207 -55.35 -2.58 11.26
C LEU E 207 -54.87 -1.74 12.43
N ILE E 208 -55.71 -0.82 12.90
CA ILE E 208 -55.40 0.03 14.05
C ILE E 208 -55.99 -0.74 15.21
N ASP E 209 -55.71 -0.34 16.43
CA ASP E 209 -56.33 -1.06 17.53
C ASP E 209 -56.67 -0.24 18.75
N GLU E 210 -57.85 0.36 18.72
CA GLU E 210 -58.32 1.15 19.85
C GLU E 210 -58.46 0.12 20.95
N PRO E 211 -58.61 0.57 22.19
CA PRO E 211 -58.75 -0.43 23.26
C PRO E 211 -60.14 -1.07 23.26
N ASP E 212 -61.13 -0.37 23.79
CA ASP E 212 -62.51 -0.88 23.84
C ASP E 212 -62.66 -2.18 24.65
N ASP E 213 -63.58 -2.17 25.61
CA ASP E 213 -63.83 -3.31 26.48
C ASP E 213 -64.46 -4.50 25.76
N LYS E 214 -65.66 -4.28 25.23
CA LYS E 214 -66.40 -5.32 24.51
C LYS E 214 -65.48 -6.21 23.72
N ILE E 215 -65.00 -5.70 22.60
CA ILE E 215 -64.12 -6.44 21.72
C ILE E 215 -63.00 -7.16 22.50
N ASP E 216 -62.22 -6.42 23.29
CA ASP E 216 -61.14 -7.03 24.07
C ASP E 216 -61.61 -8.24 24.85
N SER E 217 -62.68 -8.06 25.62
CA SER E 217 -63.24 -9.15 26.40
C SER E 217 -63.40 -10.37 25.48
N GLU E 218 -64.02 -10.13 24.32
CA GLU E 218 -64.24 -11.19 23.34
C GLU E 218 -62.93 -11.82 22.93
N VAL E 219 -62.05 -11.00 22.38
CA VAL E 219 -60.76 -11.48 21.92
C VAL E 219 -60.05 -12.32 22.94
N ALA E 220 -59.93 -11.79 24.15
CA ALA E 220 -59.25 -12.56 25.19
C ALA E 220 -60.01 -13.86 25.44
N ARG E 221 -61.25 -13.74 25.91
CA ARG E 221 -62.04 -14.93 26.18
C ARG E 221 -61.79 -15.96 25.09
N HIS E 222 -61.71 -15.50 23.84
CA HIS E 222 -61.49 -16.39 22.72
C HIS E 222 -60.13 -17.06 22.80
N ILE E 223 -59.08 -16.27 23.00
CA ILE E 223 -57.75 -16.84 23.09
C ILE E 223 -57.75 -17.96 24.08
N LEU E 224 -58.01 -17.64 25.34
CA LEU E 224 -58.04 -18.66 26.36
C LEU E 224 -58.74 -19.90 25.82
N ARG E 225 -60.00 -19.74 25.43
CA ARG E 225 -60.77 -20.86 24.89
C ARG E 225 -59.84 -21.72 24.05
N VAL E 226 -59.64 -21.32 22.80
CA VAL E 226 -58.77 -22.07 21.90
C VAL E 226 -57.33 -21.86 22.27
N ARG E 227 -56.97 -22.24 23.49
CA ARG E 227 -55.61 -22.10 23.99
C ARG E 227 -55.42 -23.11 25.08
N ARG E 228 -56.50 -23.75 25.49
CA ARG E 228 -56.40 -24.73 26.54
C ARG E 228 -56.54 -26.15 26.05
N GLY E 229 -55.72 -27.03 26.62
CA GLY E 229 -55.73 -28.42 26.23
C GLY E 229 -55.23 -28.53 24.81
N GLU E 230 -55.60 -29.60 24.12
CA GLU E 230 -55.19 -29.80 22.73
C GLU E 230 -56.41 -29.81 21.82
N SER E 231 -57.55 -29.35 22.35
CA SER E 231 -58.80 -29.31 21.59
C SER E 231 -59.85 -28.31 22.13
N GLU E 232 -60.71 -27.84 21.23
CA GLU E 232 -61.79 -26.91 21.54
C GLU E 232 -62.81 -26.90 20.39
N VAL E 233 -63.99 -26.32 20.64
CA VAL E 233 -65.02 -26.26 19.61
C VAL E 233 -64.62 -25.15 18.65
N VAL E 234 -63.32 -24.87 18.62
CA VAL E 234 -62.79 -23.85 17.75
C VAL E 234 -61.68 -24.42 16.85
N ALA E 235 -62.19 -25.06 15.80
CA ALA E 235 -61.45 -25.70 14.73
C ALA E 235 -62.29 -25.43 13.47
N PRO E 236 -61.68 -25.56 12.28
CA PRO E 236 -62.34 -25.32 10.99
C PRO E 236 -63.77 -25.78 10.84
N LYS E 237 -64.53 -25.02 10.06
CA LYS E 237 -65.94 -25.32 9.76
C LYS E 237 -65.87 -26.28 8.58
N ILE E 238 -64.66 -26.45 8.07
CA ILE E 238 -64.38 -27.33 6.94
C ILE E 238 -62.99 -27.88 7.19
N PRO E 239 -62.82 -29.19 7.02
CA PRO E 239 -61.51 -29.81 7.23
C PRO E 239 -60.47 -29.16 6.32
N HIS E 240 -59.30 -28.85 6.87
CA HIS E 240 -58.27 -28.22 6.06
C HIS E 240 -57.74 -29.08 4.91
N GLU E 241 -57.74 -30.40 5.06
CA GLU E 241 -57.28 -31.25 3.97
C GLU E 241 -58.25 -31.18 2.81
N ILE E 242 -59.55 -31.13 3.12
CA ILE E 242 -60.60 -31.04 2.10
C ILE E 242 -60.50 -29.67 1.43
N LEU E 243 -60.61 -28.64 2.27
CA LEU E 243 -60.57 -27.27 1.84
C LEU E 243 -59.32 -26.88 1.06
N ARG E 244 -58.26 -27.65 1.20
CA ARG E 244 -57.01 -27.37 0.48
C ARG E 244 -57.07 -28.02 -0.89
N LYS E 245 -57.87 -29.07 -0.99
CA LYS E 245 -58.06 -29.77 -2.25
C LYS E 245 -59.05 -28.91 -3.01
N TYR E 246 -60.11 -28.50 -2.31
CA TYR E 246 -61.15 -27.66 -2.89
C TYR E 246 -60.54 -26.45 -3.59
N ILE E 247 -59.53 -25.86 -2.98
CA ILE E 247 -58.86 -24.70 -3.55
C ILE E 247 -58.15 -25.14 -4.81
N ALA E 248 -57.09 -25.93 -4.65
CA ALA E 248 -56.31 -26.41 -5.78
C ALA E 248 -57.21 -26.90 -6.91
N TYR E 249 -58.44 -27.30 -6.57
CA TYR E 249 -59.38 -27.78 -7.57
C TYR E 249 -59.98 -26.63 -8.38
N ALA E 250 -60.55 -25.65 -7.69
CA ALA E 250 -61.14 -24.50 -8.34
C ALA E 250 -60.09 -23.67 -9.10
N ARG E 251 -58.84 -23.71 -8.67
CA ARG E 251 -57.79 -22.97 -9.36
C ARG E 251 -57.37 -23.83 -10.56
N LYS E 252 -58.24 -24.75 -10.95
CA LYS E 252 -57.94 -25.65 -12.06
C LYS E 252 -59.09 -25.73 -13.07
N ASN E 253 -60.23 -26.20 -12.59
CA ASN E 253 -61.40 -26.41 -13.44
C ASN E 253 -62.33 -25.21 -13.63
N ILE E 254 -62.17 -24.17 -12.83
CA ILE E 254 -63.05 -23.01 -12.95
C ILE E 254 -62.34 -21.77 -13.46
N HIS E 255 -62.96 -21.10 -14.43
CA HIS E 255 -62.39 -19.88 -14.99
C HIS E 255 -63.52 -18.90 -15.29
N PRO E 256 -64.17 -18.38 -14.25
CA PRO E 256 -65.28 -17.43 -14.34
C PRO E 256 -65.24 -16.39 -15.43
N VAL E 257 -66.37 -16.28 -16.12
CA VAL E 257 -66.54 -15.30 -17.18
C VAL E 257 -67.49 -14.29 -16.59
N ILE E 258 -67.30 -13.05 -16.97
CA ILE E 258 -68.10 -11.98 -16.44
C ILE E 258 -69.51 -11.84 -17.01
N SER E 259 -70.52 -11.95 -16.15
CA SER E 259 -71.90 -11.83 -16.60
C SER E 259 -72.21 -10.36 -16.83
N GLU E 260 -72.91 -10.06 -17.92
CA GLU E 260 -73.29 -8.68 -18.19
C GLU E 260 -73.93 -8.21 -16.90
N GLU E 261 -74.53 -9.18 -16.20
CA GLU E 261 -75.20 -8.95 -14.94
C GLU E 261 -74.27 -8.16 -14.02
N ALA E 262 -73.14 -8.77 -13.72
CA ALA E 262 -72.13 -8.20 -12.85
C ALA E 262 -71.47 -6.98 -13.44
N MET E 263 -70.96 -7.15 -14.65
CA MET E 263 -70.28 -6.09 -15.38
C MET E 263 -70.83 -4.71 -15.01
N GLU E 264 -72.14 -4.56 -15.18
CA GLU E 264 -72.80 -3.31 -14.88
C GLU E 264 -72.55 -2.86 -13.44
N GLU E 265 -72.47 -3.81 -12.52
CA GLU E 265 -72.24 -3.51 -11.12
C GLU E 265 -70.85 -2.99 -10.82
N ILE E 266 -69.85 -3.62 -11.41
CA ILE E 266 -68.48 -3.23 -11.15
C ILE E 266 -68.11 -1.91 -11.83
N GLU E 267 -68.64 -1.65 -13.01
CA GLU E 267 -68.32 -0.40 -13.69
C GLU E 267 -69.06 0.73 -12.98
N LYS E 268 -70.34 0.51 -12.70
CA LYS E 268 -71.19 1.48 -12.01
C LYS E 268 -70.48 1.96 -10.75
N TYR E 269 -69.62 1.10 -10.25
CA TYR E 269 -68.87 1.38 -9.05
C TYR E 269 -67.51 2.01 -9.32
N TYR E 270 -66.73 1.41 -10.22
CA TYR E 270 -65.43 1.95 -10.53
C TYR E 270 -65.57 3.44 -10.75
N VAL E 271 -66.56 3.83 -11.53
CA VAL E 271 -66.81 5.24 -11.79
C VAL E 271 -67.08 5.98 -10.48
N ARG E 272 -67.85 5.36 -9.59
CA ARG E 272 -68.18 5.91 -8.27
C ARG E 272 -66.86 6.14 -7.57
N MET E 273 -66.10 5.06 -7.51
CA MET E 273 -64.78 5.07 -6.89
C MET E 273 -63.91 6.20 -7.45
N ARG E 274 -64.02 6.45 -8.73
CA ARG E 274 -63.24 7.48 -9.36
C ARG E 274 -63.47 8.85 -8.68
N LYS E 275 -64.73 9.20 -8.45
CA LYS E 275 -65.07 10.48 -7.81
C LYS E 275 -64.39 10.59 -6.44
N SER E 276 -63.28 11.34 -6.40
CA SER E 276 -62.50 11.56 -5.16
C SER E 276 -61.25 12.39 -5.49
N PRO E 291 -56.18 7.45 -3.66
CA PRO E 291 -55.28 7.78 -4.79
C PRO E 291 -55.49 6.92 -6.06
N ILE E 292 -56.76 6.74 -6.44
CA ILE E 292 -57.30 5.93 -7.57
C ILE E 292 -56.86 6.11 -9.01
N THR E 293 -56.74 4.98 -9.71
CA THR E 293 -56.34 4.93 -11.12
C THR E 293 -57.31 4.00 -11.79
N ALA E 294 -56.88 3.47 -12.93
CA ALA E 294 -57.69 2.54 -13.69
C ALA E 294 -57.28 1.12 -13.27
N ARG E 295 -56.25 1.04 -12.44
CA ARG E 295 -55.76 -0.25 -11.97
C ARG E 295 -56.74 -0.79 -10.97
N GLN E 296 -57.28 0.09 -10.15
CA GLN E 296 -58.26 -0.27 -9.14
C GLN E 296 -59.36 -1.11 -9.78
N LEU E 297 -59.71 -0.79 -11.02
CA LEU E 297 -60.73 -1.51 -11.76
C LEU E 297 -60.27 -2.94 -12.04
N GLU E 298 -59.03 -3.08 -12.49
CA GLU E 298 -58.46 -4.39 -12.80
C GLU E 298 -58.53 -5.32 -11.61
N ALA E 299 -57.99 -4.87 -10.48
CA ALA E 299 -57.97 -5.67 -9.26
C ALA E 299 -59.37 -6.00 -8.77
N LEU E 300 -60.27 -5.04 -8.89
CA LEU E 300 -61.63 -5.27 -8.47
C LEU E 300 -62.15 -6.45 -9.28
N ILE E 301 -61.80 -6.47 -10.55
CA ILE E 301 -62.21 -7.56 -11.45
C ILE E 301 -61.66 -8.87 -10.95
N ARG E 302 -60.40 -8.89 -10.52
CA ARG E 302 -59.81 -10.11 -10.01
C ARG E 302 -60.56 -10.67 -8.79
N LEU E 303 -60.91 -9.80 -7.85
CA LEU E 303 -61.62 -10.25 -6.66
C LEU E 303 -62.91 -10.95 -7.05
N SER E 304 -63.80 -10.22 -7.72
CA SER E 304 -65.09 -10.78 -8.14
C SER E 304 -64.95 -12.06 -8.96
N GLU E 305 -63.88 -12.18 -9.73
CA GLU E 305 -63.66 -13.39 -10.50
C GLU E 305 -63.37 -14.51 -9.47
N ALA E 306 -62.44 -14.26 -8.57
CA ALA E 306 -62.07 -15.24 -7.55
C ALA E 306 -63.23 -15.58 -6.62
N HIS E 307 -64.06 -14.61 -6.29
CA HIS E 307 -65.19 -14.87 -5.40
C HIS E 307 -66.12 -15.88 -6.03
N ALA E 308 -66.13 -15.95 -7.36
CA ALA E 308 -66.98 -16.92 -8.05
C ALA E 308 -66.26 -18.24 -7.93
N ARG E 309 -65.05 -18.29 -8.48
CA ARG E 309 -64.22 -19.48 -8.44
C ARG E 309 -64.25 -20.12 -7.06
N MET E 310 -64.32 -19.28 -6.04
CA MET E 310 -64.35 -19.71 -4.65
C MET E 310 -65.52 -20.66 -4.40
N ARG E 311 -66.56 -20.50 -5.19
CA ARG E 311 -67.75 -21.31 -5.08
C ARG E 311 -67.95 -22.10 -6.38
N LEU E 312 -67.07 -21.87 -7.35
CA LEU E 312 -67.12 -22.54 -8.66
C LEU E 312 -68.38 -22.03 -9.34
N SER E 313 -68.26 -21.24 -10.42
CA SER E 313 -69.48 -20.74 -11.05
C SER E 313 -69.83 -21.18 -12.47
N PRO E 314 -69.05 -20.81 -13.48
CA PRO E 314 -67.84 -20.00 -13.62
C PRO E 314 -68.36 -18.70 -14.23
N ILE E 315 -69.34 -18.12 -13.56
CA ILE E 315 -69.94 -16.91 -14.04
C ILE E 315 -70.08 -15.88 -12.95
N VAL E 316 -69.24 -14.86 -13.03
CA VAL E 316 -69.23 -13.78 -12.06
C VAL E 316 -70.60 -13.08 -12.05
N THR E 317 -71.54 -13.67 -11.30
CA THR E 317 -72.90 -13.14 -11.18
C THR E 317 -72.95 -11.79 -10.48
N ARG E 318 -74.11 -11.15 -10.53
CA ARG E 318 -74.26 -9.85 -9.89
C ARG E 318 -73.82 -9.90 -8.44
N GLU E 319 -74.06 -11.03 -7.78
CA GLU E 319 -73.68 -11.19 -6.38
C GLU E 319 -72.18 -11.16 -6.19
N ASP E 320 -71.48 -11.99 -6.93
CA ASP E 320 -70.05 -12.03 -6.85
C ASP E 320 -69.53 -10.61 -6.96
N ALA E 321 -69.73 -9.99 -8.13
CA ALA E 321 -69.29 -8.63 -8.37
C ALA E 321 -69.70 -7.71 -7.23
N ARG E 322 -70.90 -7.94 -6.69
CA ARG E 322 -71.42 -7.16 -5.59
C ARG E 322 -70.45 -7.29 -4.42
N GLU E 323 -70.29 -8.54 -3.96
CA GLU E 323 -69.41 -8.86 -2.84
C GLU E 323 -68.05 -8.23 -2.97
N ALA E 324 -67.47 -8.38 -4.15
CA ALA E 324 -66.15 -7.84 -4.43
C ALA E 324 -66.11 -6.38 -4.03
N ILE E 325 -67.00 -5.58 -4.59
CA ILE E 325 -66.96 -4.17 -4.23
C ILE E 325 -67.18 -3.96 -2.75
N LYS E 326 -67.94 -4.83 -2.11
CA LYS E 326 -68.19 -4.68 -0.67
C LYS E 326 -66.85 -4.72 0.04
N LEU E 327 -66.15 -5.84 -0.12
CA LEU E 327 -64.86 -5.99 0.50
C LEU E 327 -63.97 -4.80 0.17
N MET E 328 -63.98 -4.36 -1.08
CA MET E 328 -63.15 -3.24 -1.47
C MET E 328 -63.54 -1.90 -0.84
N GLU E 329 -64.84 -1.59 -0.76
CA GLU E 329 -65.21 -0.31 -0.13
C GLU E 329 -64.91 -0.41 1.35
N TYR E 330 -64.62 -1.62 1.81
CA TYR E 330 -64.28 -1.79 3.22
C TYR E 330 -62.83 -1.46 3.40
N THR E 331 -61.95 -2.19 2.69
CA THR E 331 -60.51 -1.96 2.76
C THR E 331 -60.30 -0.45 2.74
N LEU E 332 -61.14 0.21 1.94
CA LEU E 332 -61.13 1.64 1.76
C LEU E 332 -61.55 2.43 2.98
N LYS E 333 -62.69 2.09 3.54
CA LYS E 333 -63.16 2.80 4.71
C LYS E 333 -62.06 2.77 5.77
N GLN E 334 -61.50 1.59 6.01
CA GLN E 334 -60.43 1.44 6.99
C GLN E 334 -59.28 2.42 6.83
N ILE E 335 -59.10 2.95 5.64
CA ILE E 335 -58.01 3.88 5.42
C ILE E 335 -58.22 5.23 6.07
N ALA E 336 -59.48 5.60 6.28
CA ALA E 336 -59.79 6.87 6.93
C ALA E 336 -59.43 6.77 8.42
N MET E 337 -59.32 5.53 8.89
CA MET E 337 -58.96 5.20 10.28
C MET E 337 -59.85 5.78 11.36
N PRO F 2 -46.60 -13.44 -53.46
CA PRO F 2 -47.15 -12.65 -54.60
C PRO F 2 -48.66 -12.84 -54.64
N GLU F 3 -49.11 -13.92 -54.00
CA GLU F 3 -50.53 -14.24 -53.91
C GLU F 3 -51.05 -13.27 -52.85
N GLU F 4 -50.09 -12.77 -52.07
CA GLU F 4 -50.34 -11.83 -50.99
C GLU F 4 -50.45 -10.43 -51.59
N GLU F 5 -49.43 -10.06 -52.37
CA GLU F 5 -49.40 -8.76 -53.02
C GLU F 5 -50.76 -8.49 -53.67
N GLN F 6 -51.41 -9.56 -54.12
CA GLN F 6 -52.72 -9.45 -54.74
C GLN F 6 -53.73 -8.90 -53.75
N ILE F 7 -53.75 -9.48 -52.55
CA ILE F 7 -54.66 -9.05 -51.51
C ILE F 7 -54.42 -7.59 -51.16
N ILE F 8 -53.17 -7.29 -50.76
CA ILE F 8 -52.76 -5.94 -50.38
C ILE F 8 -53.34 -4.86 -51.29
N LYS F 9 -53.02 -4.92 -52.57
CA LYS F 9 -53.53 -3.96 -53.53
C LYS F 9 -55.04 -3.77 -53.32
N GLU F 10 -55.73 -4.90 -53.12
CA GLU F 10 -57.18 -4.90 -52.93
C GLU F 10 -57.56 -4.10 -51.69
N LEU F 11 -56.83 -4.31 -50.61
CA LEU F 11 -57.10 -3.59 -49.37
C LEU F 11 -57.01 -2.10 -49.64
N ALA F 12 -55.89 -1.68 -50.21
CA ALA F 12 -55.66 -0.27 -50.53
C ALA F 12 -56.84 0.26 -51.34
N LYS F 13 -57.34 -0.56 -52.26
CA LYS F 13 -58.47 -0.18 -53.08
C LYS F 13 -59.61 0.30 -52.18
N ARG F 14 -59.76 -0.37 -51.04
CA ARG F 14 -60.82 -0.05 -50.09
C ARG F 14 -60.93 1.46 -49.90
N LYS F 15 -62.15 1.92 -49.64
CA LYS F 15 -62.38 3.35 -49.46
C LYS F 15 -61.88 3.87 -48.13
N ASP F 16 -62.12 3.10 -47.08
CA ASP F 16 -61.75 3.49 -45.72
C ASP F 16 -60.42 2.99 -45.20
N ILE F 17 -59.62 2.33 -46.04
CA ILE F 17 -58.34 1.78 -45.60
C ILE F 17 -57.62 2.57 -44.51
N VAL F 18 -57.49 3.87 -44.72
CA VAL F 18 -56.82 4.74 -43.75
C VAL F 18 -57.32 4.42 -42.35
N ASP F 19 -58.65 4.46 -42.21
CA ASP F 19 -59.31 4.21 -40.94
C ASP F 19 -59.16 2.77 -40.50
N ALA F 20 -59.32 1.84 -41.42
CA ALA F 20 -59.21 0.44 -41.08
C ALA F 20 -57.84 0.14 -40.49
N ILE F 21 -56.81 0.72 -41.08
CA ILE F 21 -55.44 0.51 -40.62
C ILE F 21 -55.19 0.93 -39.18
N VAL F 22 -55.89 1.93 -38.68
CA VAL F 22 -55.69 2.35 -37.31
C VAL F 22 -56.49 1.44 -36.38
N ASP F 23 -57.72 1.12 -36.79
CA ASP F 23 -58.57 0.27 -35.99
C ASP F 23 -57.99 -1.13 -35.89
N SER F 24 -56.78 -1.29 -36.37
CA SER F 24 -56.14 -2.58 -36.31
C SER F 24 -54.86 -2.49 -35.53
N ILE F 25 -54.43 -1.27 -35.20
CA ILE F 25 -53.21 -1.08 -34.43
C ILE F 25 -53.42 -1.74 -33.09
N ALA F 26 -54.38 -1.25 -32.34
CA ALA F 26 -54.68 -1.86 -31.06
C ALA F 26 -56.19 -1.78 -30.92
N PRO F 27 -56.86 -2.89 -31.17
CA PRO F 27 -58.32 -3.01 -31.07
C PRO F 27 -58.71 -3.03 -29.62
N ALA F 28 -57.80 -3.55 -28.81
CA ALA F 28 -57.99 -3.66 -27.37
C ALA F 28 -58.23 -2.30 -26.79
N ILE F 29 -57.14 -1.59 -26.55
CA ILE F 29 -57.24 -0.26 -25.98
C ILE F 29 -58.36 0.44 -26.75
N TYR F 30 -59.16 1.18 -25.99
CA TYR F 30 -60.28 1.90 -26.52
C TYR F 30 -59.95 3.36 -26.75
N GLY F 31 -60.25 3.87 -27.94
CA GLY F 31 -59.99 5.27 -28.21
C GLY F 31 -58.60 5.62 -28.71
N TYR F 32 -58.14 6.82 -28.39
CA TYR F 32 -56.81 7.26 -28.82
C TYR F 32 -56.65 7.15 -30.31
N LYS F 33 -57.66 7.59 -31.04
CA LYS F 33 -57.63 7.55 -32.49
C LYS F 33 -56.29 8.09 -33.02
N GLU F 34 -55.86 9.25 -32.53
CA GLU F 34 -54.64 9.90 -32.97
C GLU F 34 -53.36 9.23 -32.54
N VAL F 35 -53.31 8.78 -31.29
CA VAL F 35 -52.13 8.11 -30.82
C VAL F 35 -52.01 6.81 -31.61
N LYS F 36 -53.09 6.39 -32.25
CA LYS F 36 -53.12 5.17 -33.06
C LYS F 36 -52.70 5.50 -34.48
N LYS F 37 -53.35 6.54 -35.02
CA LYS F 37 -53.07 7.03 -36.36
C LYS F 37 -51.68 7.65 -36.39
N GLY F 38 -51.14 7.93 -35.21
CA GLY F 38 -49.80 8.48 -35.11
C GLY F 38 -48.92 7.27 -35.30
N ILE F 39 -48.94 6.36 -34.33
CA ILE F 39 -48.13 5.15 -34.42
C ILE F 39 -48.28 4.54 -35.80
N ALA F 40 -49.48 4.63 -36.37
CA ALA F 40 -49.71 4.08 -37.69
C ALA F 40 -48.71 4.64 -38.68
N LEU F 41 -48.66 5.95 -38.79
CA LEU F 41 -47.72 6.59 -39.70
C LEU F 41 -46.33 6.14 -39.32
N ALA F 42 -45.99 6.26 -38.05
CA ALA F 42 -44.67 5.87 -37.58
C ALA F 42 -44.22 4.50 -38.09
N LEU F 43 -45.17 3.57 -38.23
CA LEU F 43 -44.87 2.22 -38.70
C LEU F 43 -44.66 2.18 -40.20
N PHE F 44 -45.17 3.19 -40.91
CA PHE F 44 -45.01 3.27 -42.36
C PHE F 44 -43.84 4.17 -42.75
N GLY F 45 -43.43 5.04 -41.83
CA GLY F 45 -42.31 5.94 -42.07
C GLY F 45 -42.36 6.88 -43.25
N GLY F 46 -41.48 7.88 -43.20
CA GLY F 46 -41.39 8.86 -44.26
C GLY F 46 -40.59 8.32 -45.42
N VAL F 47 -40.42 9.13 -46.45
CA VAL F 47 -39.69 8.72 -47.66
C VAL F 47 -38.33 8.08 -47.44
N SER F 48 -37.45 8.72 -46.67
CA SER F 48 -36.12 8.19 -46.39
C SER F 48 -35.43 7.65 -47.66
N ARG F 49 -34.79 8.54 -48.41
CA ARG F 49 -34.09 8.21 -49.66
C ARG F 49 -32.96 9.23 -49.81
N LYS F 50 -31.72 8.82 -49.60
CA LYS F 50 -30.61 9.74 -49.70
C LYS F 50 -30.20 10.11 -51.12
N LEU F 51 -29.57 11.28 -51.25
CA LEU F 51 -29.06 11.78 -52.52
C LEU F 51 -27.65 12.30 -52.21
N PRO F 52 -26.76 12.40 -53.23
CA PRO F 52 -25.39 12.88 -53.05
C PRO F 52 -25.32 14.38 -52.75
N ASP F 53 -26.11 15.12 -53.51
CA ASP F 53 -26.21 16.57 -53.39
C ASP F 53 -26.90 16.92 -52.07
N GLY F 54 -27.96 16.19 -51.75
CA GLY F 54 -28.70 16.42 -50.52
C GLY F 54 -28.33 15.39 -49.46
N THR F 55 -27.07 14.98 -49.47
CA THR F 55 -26.53 14.01 -48.53
C THR F 55 -27.57 13.04 -47.94
N ARG F 56 -27.33 12.59 -46.71
CA ARG F 56 -28.22 11.66 -46.00
C ARG F 56 -29.68 12.10 -46.06
N LEU F 57 -30.61 11.19 -45.72
CA LEU F 57 -32.04 11.51 -45.70
C LEU F 57 -32.87 10.47 -44.92
N ARG F 58 -32.98 10.69 -43.62
CA ARG F 58 -33.75 9.83 -42.73
C ARG F 58 -35.22 10.01 -43.05
N GLY F 59 -36.02 9.00 -42.75
CA GLY F 59 -37.44 9.10 -43.01
C GLY F 59 -38.19 8.52 -41.85
N ASP F 60 -37.47 7.74 -41.04
CA ASP F 60 -38.07 7.11 -39.89
C ASP F 60 -38.73 8.14 -38.98
N ILE F 61 -39.92 7.80 -38.52
CA ILE F 61 -40.69 8.67 -37.68
C ILE F 61 -40.72 8.22 -36.23
N HIS F 62 -40.14 9.00 -35.34
CA HIS F 62 -40.11 8.69 -33.92
C HIS F 62 -41.32 9.23 -33.19
N VAL F 63 -41.84 8.47 -32.24
CA VAL F 63 -43.04 8.89 -31.53
C VAL F 63 -42.94 8.76 -30.02
N LEU F 64 -43.18 9.84 -29.30
CA LEU F 64 -43.12 9.78 -27.85
C LEU F 64 -44.49 9.85 -27.22
N LEU F 65 -44.71 9.02 -26.19
CA LEU F 65 -45.98 8.96 -25.49
C LEU F 65 -45.79 9.29 -24.02
N VAL F 66 -46.00 10.54 -23.61
CA VAL F 66 -45.83 10.89 -22.20
C VAL F 66 -47.10 11.22 -21.45
N GLY F 67 -47.37 10.51 -20.37
CA GLY F 67 -48.58 10.80 -19.62
C GLY F 67 -48.66 10.32 -18.18
N ASP F 68 -49.76 10.67 -17.52
CA ASP F 68 -50.01 10.27 -16.14
C ASP F 68 -50.04 8.75 -16.17
N PRO F 69 -49.92 8.12 -15.01
CA PRO F 69 -49.94 6.65 -15.03
C PRO F 69 -51.33 6.11 -15.30
N GLY F 70 -51.39 4.83 -15.70
CA GLY F 70 -52.66 4.18 -15.97
C GLY F 70 -53.45 4.74 -17.14
N VAL F 71 -52.73 5.05 -18.22
CA VAL F 71 -53.33 5.59 -19.43
C VAL F 71 -53.20 4.68 -20.63
N ALA F 72 -52.61 3.50 -20.45
CA ALA F 72 -52.44 2.52 -21.52
C ALA F 72 -51.13 2.57 -22.29
N LYS F 73 -50.22 3.45 -21.90
CA LYS F 73 -48.95 3.56 -22.60
C LYS F 73 -48.30 2.19 -22.69
N SER F 74 -47.89 1.66 -21.55
CA SER F 74 -47.24 0.35 -21.50
C SER F 74 -48.02 -0.63 -22.38
N GLN F 75 -49.32 -0.75 -22.11
CA GLN F 75 -50.20 -1.63 -22.87
C GLN F 75 -50.01 -1.44 -24.38
N ILE F 76 -50.34 -0.25 -24.86
CA ILE F 76 -50.21 0.08 -26.28
C ILE F 76 -48.92 -0.38 -26.92
N LEU F 77 -47.78 0.12 -26.44
CA LEU F 77 -46.51 -0.28 -27.03
C LEU F 77 -46.51 -1.78 -27.24
N ARG F 78 -46.89 -2.50 -26.20
CA ARG F 78 -46.93 -3.95 -26.24
C ARG F 78 -47.70 -4.45 -27.46
N TYR F 79 -48.90 -3.92 -27.70
CA TYR F 79 -49.70 -4.35 -28.85
C TYR F 79 -48.99 -4.06 -30.15
N VAL F 80 -48.18 -3.02 -30.16
CA VAL F 80 -47.48 -2.66 -31.36
C VAL F 80 -46.43 -3.71 -31.63
N ALA F 81 -45.73 -4.15 -30.59
CA ALA F 81 -44.70 -5.16 -30.78
C ALA F 81 -45.34 -6.37 -31.45
N ASN F 82 -46.51 -6.77 -30.94
CA ASN F 82 -47.23 -7.93 -31.46
C ASN F 82 -47.75 -7.72 -32.90
N LEU F 83 -47.50 -6.54 -33.47
CA LEU F 83 -47.94 -6.25 -34.83
C LEU F 83 -46.71 -5.96 -35.70
N ALA F 84 -46.11 -4.80 -35.48
CA ALA F 84 -44.94 -4.35 -36.22
C ALA F 84 -44.00 -5.50 -36.59
N PRO F 85 -43.47 -5.47 -37.82
CA PRO F 85 -42.56 -6.52 -38.26
C PRO F 85 -41.37 -6.68 -37.32
N ARG F 86 -40.32 -5.90 -37.55
CA ARG F 86 -39.10 -5.97 -36.73
C ARG F 86 -39.24 -5.20 -35.42
N ALA F 87 -40.26 -5.53 -34.62
CA ALA F 87 -40.50 -4.82 -33.36
C ALA F 87 -39.76 -5.35 -32.13
N ILE F 88 -39.19 -4.43 -31.35
CA ILE F 88 -38.50 -4.79 -30.12
C ILE F 88 -39.07 -3.99 -28.95
N TYR F 89 -39.81 -4.66 -28.07
CA TYR F 89 -40.35 -3.99 -26.91
C TYR F 89 -39.30 -4.16 -25.84
N THR F 90 -39.14 -3.15 -24.99
CA THR F 90 -38.15 -3.23 -23.94
C THR F 90 -38.40 -2.11 -22.94
N SER F 91 -39.00 -2.46 -21.80
CA SER F 91 -39.31 -1.45 -20.76
C SER F 91 -38.20 -1.32 -19.74
N UNK F 92 -37.81 -0.09 -19.43
CA UNK F 92 -36.75 0.16 -18.44
C UNK F 92 -37.13 -0.51 -17.11
N UNK F 93 -36.77 -1.80 -17.02
CA UNK F 93 -37.04 -2.62 -15.85
C UNK F 93 -36.56 -4.06 -16.10
N UNK F 94 -35.76 -4.58 -15.17
CA UNK F 94 -35.21 -5.94 -15.24
C UNK F 94 -34.20 -6.12 -16.36
N UNK F 95 -34.09 -7.33 -16.90
CA UNK F 95 -33.14 -7.61 -17.99
C UNK F 95 -33.78 -8.40 -19.14
N UNK F 96 -33.18 -8.30 -20.32
CA UNK F 96 -33.69 -8.95 -21.54
C UNK F 96 -35.16 -8.58 -21.77
N UNK F 97 -35.63 -8.66 -23.01
CA UNK F 97 -37.01 -8.32 -23.35
C UNK F 97 -37.66 -9.32 -24.32
N UNK F 98 -38.99 -9.25 -24.44
CA UNK F 98 -39.76 -10.17 -25.30
C UNK F 98 -39.95 -9.63 -26.72
N UNK F 99 -41.13 -9.10 -27.00
CA UNK F 99 -41.44 -8.54 -28.32
C UNK F 99 -41.46 -9.57 -29.45
N UNK F 100 -40.34 -9.64 -30.16
CA UNK F 100 -40.14 -10.53 -31.30
C UNK F 100 -40.96 -11.81 -31.38
N UNK F 101 -41.20 -12.23 -32.61
CA UNK F 101 -41.94 -13.46 -32.87
C UNK F 101 -40.91 -14.43 -33.43
N UNK F 102 -39.65 -14.01 -33.34
CA UNK F 102 -38.46 -14.74 -33.76
C UNK F 102 -38.50 -15.63 -35.02
N UNK F 103 -37.36 -15.63 -35.72
CA UNK F 103 -37.17 -16.42 -36.94
C UNK F 103 -35.68 -16.39 -37.30
N UNK F 104 -34.88 -17.09 -36.51
CA UNK F 104 -33.44 -17.16 -36.72
C UNK F 104 -32.82 -15.77 -36.60
N UNK F 105 -33.33 -14.97 -35.67
CA UNK F 105 -32.84 -13.62 -35.44
C UNK F 105 -33.20 -12.66 -36.60
N UNK F 106 -32.69 -11.42 -36.55
CA UNK F 106 -32.98 -10.38 -37.55
C UNK F 106 -32.17 -10.41 -38.85
N UNK F 107 -32.73 -9.83 -39.91
CA UNK F 107 -32.10 -9.79 -41.22
C UNK F 107 -30.74 -9.09 -41.31
N UNK F 108 -30.53 -7.99 -40.57
CA UNK F 108 -29.23 -7.31 -40.64
C UNK F 108 -28.56 -7.03 -39.29
N UNK F 109 -27.57 -6.14 -39.31
CA UNK F 109 -26.76 -5.79 -38.14
C UNK F 109 -27.26 -5.33 -36.77
N UNK F 110 -26.27 -5.15 -35.89
CA UNK F 110 -26.39 -4.71 -34.51
C UNK F 110 -27.32 -5.40 -33.48
N UNK F 111 -27.25 -4.90 -32.25
CA UNK F 111 -28.00 -5.41 -31.11
C UNK F 111 -27.44 -4.71 -29.85
N UNK F 112 -27.99 -4.94 -28.66
CA UNK F 112 -27.43 -4.31 -27.45
C UNK F 112 -28.06 -4.52 -26.03
N UNK F 113 -28.04 -3.47 -25.19
CA UNK F 113 -28.54 -3.46 -23.79
C UNK F 113 -30.06 -3.32 -23.55
N UNK F 114 -30.67 -2.30 -24.15
CA UNK F 114 -32.11 -2.10 -24.06
C UNK F 114 -32.61 -3.20 -24.98
N UNK F 115 -31.92 -3.28 -26.14
CA UNK F 115 -32.13 -4.25 -27.23
C UNK F 115 -32.68 -3.58 -28.48
N UNK F 116 -31.78 -3.10 -29.33
CA UNK F 116 -32.17 -2.46 -30.57
C UNK F 116 -31.41 -3.11 -31.72
N UNK F 117 -32.07 -3.25 -32.88
CA UNK F 117 -31.47 -3.89 -34.07
C UNK F 117 -30.93 -2.93 -35.12
N UNK F 118 -29.66 -2.56 -34.97
CA UNK F 118 -28.93 -1.62 -35.85
C UNK F 118 -28.01 -2.32 -36.85
N GLY F 125 -32.83 -2.85 -39.43
CA GLY F 125 -33.51 -1.67 -38.92
C GLY F 125 -34.42 -2.12 -37.81
N GLY F 126 -35.73 -1.87 -37.99
CA GLY F 126 -36.72 -2.28 -37.00
C GLY F 126 -37.12 -1.28 -35.94
N TYR F 127 -38.42 -1.22 -35.66
CA TYR F 127 -38.95 -0.30 -34.66
C TYR F 127 -38.70 -0.79 -33.24
N ALA F 128 -38.08 0.05 -32.42
CA ALA F 128 -37.80 -0.33 -31.04
C ALA F 128 -38.78 0.41 -30.15
N LEU F 129 -39.72 -0.36 -29.64
CA LEU F 129 -40.75 0.15 -28.76
C LEU F 129 -40.16 0.23 -27.37
N ILE F 130 -39.82 1.44 -26.94
CA ILE F 130 -39.21 1.67 -25.63
C ILE F 130 -40.11 2.23 -24.57
N ASP F 131 -40.71 1.36 -23.77
CA ASP F 131 -41.58 1.85 -22.71
C ASP F 131 -40.74 2.33 -21.54
N GLU F 132 -41.23 3.34 -20.83
CA GLU F 132 -40.55 3.90 -19.67
C GLU F 132 -39.21 4.53 -19.98
N LEU F 133 -39.15 5.29 -21.06
CA LEU F 133 -37.92 5.95 -21.50
C LEU F 133 -37.36 6.93 -20.47
N ASP F 134 -38.16 7.26 -19.46
CA ASP F 134 -37.71 8.21 -18.43
C ASP F 134 -36.96 7.48 -17.30
N LYS F 135 -36.96 6.15 -17.35
CA LYS F 135 -36.28 5.32 -16.34
C LYS F 135 -35.15 4.52 -16.98
N MET F 136 -34.52 5.09 -18.01
CA MET F 136 -33.41 4.42 -18.66
C MET F 136 -32.16 4.82 -17.88
N SER F 137 -31.28 3.88 -17.61
CA SER F 137 -30.06 4.23 -16.91
C SER F 137 -29.37 5.20 -17.85
N ASP F 138 -28.92 6.34 -17.34
CA ASP F 138 -28.25 7.35 -18.18
C ASP F 138 -27.43 6.78 -19.35
N ARG F 139 -26.98 5.53 -19.22
CA ARG F 139 -26.22 4.88 -20.29
C ARG F 139 -27.19 4.52 -21.41
N ASP F 140 -28.11 3.60 -21.11
CA ASP F 140 -29.10 3.18 -22.08
C ASP F 140 -29.79 4.38 -22.74
N ARG F 141 -29.90 5.49 -22.03
CA ARG F 141 -30.51 6.68 -22.60
C ARG F 141 -29.54 7.18 -23.66
N SER F 142 -28.39 7.66 -23.21
CA SER F 142 -27.35 8.18 -24.07
C SER F 142 -27.39 7.60 -25.47
N VAL F 143 -27.29 6.28 -25.54
CA VAL F 143 -27.29 5.60 -26.83
C VAL F 143 -28.42 6.06 -27.73
N ILE F 144 -29.65 5.91 -27.26
CA ILE F 144 -30.82 6.33 -28.01
C ILE F 144 -30.66 7.79 -28.42
N HIS F 145 -30.35 8.60 -27.43
CA HIS F 145 -30.15 10.02 -27.64
C HIS F 145 -29.27 10.19 -28.89
N GLU F 146 -28.17 9.46 -28.94
CA GLU F 146 -27.28 9.52 -30.10
C GLU F 146 -28.02 8.97 -31.31
N ALA F 147 -28.60 7.79 -31.13
CA ALA F 147 -29.32 7.12 -32.20
C ALA F 147 -30.41 7.98 -32.85
N LEU F 148 -31.10 8.76 -32.03
CA LEU F 148 -32.16 9.63 -32.52
C LEU F 148 -31.56 10.86 -33.14
N GLU F 149 -30.54 11.38 -32.47
CA GLU F 149 -29.83 12.58 -32.89
C GLU F 149 -28.96 12.31 -34.11
N GLN F 150 -27.84 11.62 -33.92
CA GLN F 150 -26.91 11.30 -35.00
C GLN F 150 -27.53 10.46 -36.11
N GLN F 151 -28.09 9.32 -35.71
CA GLN F 151 -28.68 8.36 -36.64
C GLN F 151 -27.56 7.32 -36.78
N THR F 152 -26.63 7.36 -35.83
CA THR F 152 -25.47 6.47 -35.82
C THR F 152 -24.87 6.31 -34.42
N ILE F 153 -24.86 5.10 -33.90
CA ILE F 153 -24.30 4.86 -32.59
C ILE F 153 -22.79 4.61 -32.71
N SER F 154 -22.11 4.42 -31.58
CA SER F 154 -20.67 4.16 -31.61
C SER F 154 -20.07 3.73 -30.26
N ILE F 155 -19.27 2.67 -30.32
CA ILE F 155 -18.59 2.13 -29.14
C ILE F 155 -17.13 1.92 -29.51
N SER F 156 -16.24 2.69 -28.90
CA SER F 156 -14.81 2.54 -29.17
C SER F 156 -14.11 2.15 -27.87
N LYS F 157 -14.77 1.28 -27.10
CA LYS F 157 -14.23 0.82 -25.83
C LYS F 157 -13.14 -0.24 -26.05
N ALA F 158 -11.89 0.24 -26.01
CA ALA F 158 -10.65 -0.52 -26.20
C ALA F 158 -9.87 0.17 -27.31
N GLY F 159 -8.93 -0.55 -27.92
CA GLY F 159 -8.17 0.04 -29.00
C GLY F 159 -9.08 0.18 -30.21
N ILE F 160 -10.02 -0.76 -30.33
CA ILE F 160 -10.96 -0.76 -31.44
C ILE F 160 -11.99 0.35 -31.38
N THR F 161 -12.54 0.67 -32.53
CA THR F 161 -13.54 1.72 -32.68
C THR F 161 -14.73 1.16 -33.45
N ALA F 162 -15.89 1.13 -32.81
CA ALA F 162 -17.08 0.57 -33.46
C ALA F 162 -18.18 1.57 -33.75
N THR F 163 -18.39 1.88 -35.03
CA THR F 163 -19.47 2.78 -35.36
C THR F 163 -20.63 1.99 -35.93
N LEU F 164 -21.67 1.87 -35.12
CA LEU F 164 -22.86 1.13 -35.48
C LEU F 164 -23.82 2.07 -36.20
N ASN F 165 -24.33 1.63 -37.36
CA ASN F 165 -25.27 2.47 -38.10
C ASN F 165 -26.66 2.29 -37.52
N ALA F 166 -27.22 3.41 -37.02
CA ALA F 166 -28.55 3.42 -36.42
C ALA F 166 -29.56 3.76 -37.49
N ARG F 167 -30.49 2.85 -37.72
CA ARG F 167 -31.51 3.04 -38.71
C ARG F 167 -32.79 2.33 -38.29
N THR F 168 -33.34 2.76 -37.16
CA THR F 168 -34.57 2.18 -36.64
C THR F 168 -35.55 3.26 -36.20
N THR F 169 -36.80 2.86 -35.99
CA THR F 169 -37.83 3.79 -35.55
C THR F 169 -38.01 3.65 -34.05
N VAL F 170 -38.33 4.74 -33.37
CA VAL F 170 -38.51 4.66 -31.93
C VAL F 170 -39.87 5.12 -31.49
N ILE F 171 -40.70 4.18 -31.04
CA ILE F 171 -42.01 4.54 -30.55
C ILE F 171 -41.91 4.33 -29.05
N ALA F 172 -41.69 5.41 -28.32
CA ALA F 172 -41.52 5.33 -26.88
C ALA F 172 -42.56 6.00 -26.02
N ALA F 173 -42.59 5.56 -24.77
CA ALA F 173 -43.49 6.07 -23.75
C ALA F 173 -42.66 6.69 -22.65
N ALA F 174 -43.31 7.41 -21.74
CA ALA F 174 -42.60 8.04 -20.65
C ALA F 174 -43.54 8.73 -19.65
N ASN F 175 -43.14 8.76 -18.39
CA ASN F 175 -43.94 9.40 -17.34
C ASN F 175 -43.27 10.71 -16.96
N PRO F 176 -43.99 11.59 -16.28
CA PRO F 176 -43.46 12.89 -15.85
C PRO F 176 -42.48 12.69 -14.70
N LYS F 177 -41.58 13.63 -14.48
CA LYS F 177 -40.62 13.51 -13.39
C LYS F 177 -41.38 13.33 -12.08
N GLN F 178 -42.61 13.82 -12.05
CA GLN F 178 -43.45 13.75 -10.86
C GLN F 178 -44.37 12.54 -10.80
N GLY F 179 -44.70 11.98 -11.96
CA GLY F 179 -45.59 10.85 -12.02
C GLY F 179 -46.81 11.27 -12.81
N ARG F 180 -47.46 12.34 -12.32
CA ARG F 180 -48.64 12.92 -12.94
C ARG F 180 -48.25 14.39 -13.15
N PHE F 181 -48.97 15.13 -13.98
CA PHE F 181 -48.60 16.53 -14.13
C PHE F 181 -49.70 17.55 -14.25
N ASN F 182 -50.95 17.11 -14.07
CA ASN F 182 -52.14 17.96 -14.16
C ASN F 182 -51.93 19.45 -13.90
N ARG F 183 -50.90 19.79 -13.14
CA ARG F 183 -50.63 21.19 -12.86
C ARG F 183 -50.62 22.00 -14.15
N MET F 184 -50.49 23.31 -13.99
CA MET F 184 -50.47 24.23 -15.11
C MET F 184 -49.16 24.17 -15.87
N LYS F 185 -48.04 24.20 -15.14
CA LYS F 185 -46.70 24.16 -15.75
C LYS F 185 -46.66 23.31 -17.02
N ASN F 186 -45.79 23.69 -17.96
CA ASN F 186 -45.68 22.99 -19.23
C ASN F 186 -45.18 21.57 -19.20
N PRO F 187 -45.94 20.66 -19.81
CA PRO F 187 -45.67 19.23 -19.90
C PRO F 187 -44.23 18.95 -20.25
N PHE F 188 -43.56 19.95 -20.80
CA PHE F 188 -42.18 19.75 -21.19
C PHE F 188 -41.12 19.96 -20.13
N GLU F 189 -41.52 20.49 -18.98
CA GLU F 189 -40.57 20.69 -17.91
C GLU F 189 -40.72 19.49 -16.99
N GLN F 190 -41.88 18.85 -17.12
CA GLN F 190 -42.22 17.72 -16.29
C GLN F 190 -41.64 16.39 -16.74
N ILE F 191 -41.20 16.29 -17.99
CA ILE F 191 -40.61 15.05 -18.51
C ILE F 191 -39.16 14.97 -18.03
N ASP F 192 -38.65 13.76 -17.76
CA ASP F 192 -37.27 13.61 -17.28
C ASP F 192 -36.24 13.39 -18.39
N LEU F 193 -36.57 13.82 -19.60
CA LEU F 193 -35.66 13.66 -20.73
C LEU F 193 -35.06 14.97 -21.19
N PRO F 194 -33.77 14.95 -21.61
CA PRO F 194 -33.12 16.17 -22.06
C PRO F 194 -33.83 16.71 -23.27
N PRO F 195 -34.34 17.93 -23.19
CA PRO F 195 -35.04 18.55 -24.30
C PRO F 195 -34.43 18.30 -25.67
N THR F 196 -33.11 18.24 -25.76
CA THR F 196 -32.46 18.01 -27.04
C THR F 196 -32.65 16.59 -27.56
N LEU F 197 -33.42 15.81 -26.82
CA LEU F 197 -33.71 14.44 -27.19
C LEU F 197 -35.15 14.49 -27.66
N LEU F 198 -36.00 15.04 -26.81
CA LEU F 198 -37.41 15.17 -27.11
C LEU F 198 -37.60 15.79 -28.48
N SER F 199 -36.80 16.83 -28.75
CA SER F 199 -36.87 17.54 -30.02
C SER F 199 -36.71 16.59 -31.20
N ARG F 200 -36.30 15.36 -30.93
CA ARG F 200 -36.08 14.37 -31.98
C ARG F 200 -37.32 13.61 -32.42
N PHE F 201 -38.37 13.68 -31.61
CA PHE F 201 -39.61 13.01 -31.93
C PHE F 201 -40.41 13.87 -32.91
N ASP F 202 -41.09 13.19 -33.85
CA ASP F 202 -41.91 13.87 -34.86
C ASP F 202 -43.29 14.13 -34.29
N LEU F 203 -43.66 13.41 -33.23
CA LEU F 203 -44.96 13.61 -32.60
C LEU F 203 -44.86 13.20 -31.15
N ILE F 204 -45.32 14.07 -30.26
CA ILE F 204 -45.35 13.72 -28.82
C ILE F 204 -46.83 13.76 -28.28
N PHE F 205 -47.35 12.61 -27.92
CA PHE F 205 -48.70 12.59 -27.42
C PHE F 205 -48.70 12.72 -25.93
N VAL F 206 -49.24 13.83 -25.47
CA VAL F 206 -49.33 14.09 -24.05
C VAL F 206 -50.64 13.52 -23.54
N LEU F 207 -50.55 12.62 -22.58
CA LEU F 207 -51.77 12.01 -22.07
C LEU F 207 -52.07 12.27 -20.62
N ILE F 208 -52.96 13.21 -20.35
CA ILE F 208 -53.39 13.54 -19.00
C ILE F 208 -54.63 12.70 -18.80
N ASP F 209 -55.16 12.62 -17.60
CA ASP F 209 -56.36 11.82 -17.45
C ASP F 209 -57.35 12.31 -16.41
N GLU F 210 -58.22 13.23 -16.83
CA GLU F 210 -59.23 13.75 -15.95
C GLU F 210 -60.10 12.54 -15.66
N PRO F 211 -60.97 12.62 -14.65
CA PRO F 211 -61.81 11.46 -14.39
C PRO F 211 -62.91 11.32 -15.42
N ASP F 212 -63.99 12.09 -15.30
CA ASP F 212 -65.11 12.03 -16.23
C ASP F 212 -65.83 10.67 -16.27
N ASP F 213 -67.14 10.68 -16.08
CA ASP F 213 -67.93 9.46 -16.08
C ASP F 213 -68.05 8.80 -17.45
N LYS F 214 -68.63 9.53 -18.39
CA LYS F 214 -68.82 9.03 -19.75
C LYS F 214 -67.66 8.17 -20.21
N ILE F 215 -66.56 8.83 -20.52
CA ILE F 215 -65.37 8.15 -20.99
C ILE F 215 -65.04 6.92 -20.12
N ASP F 216 -64.88 7.11 -18.81
CA ASP F 216 -64.58 5.98 -17.91
C ASP F 216 -65.50 4.80 -18.12
N SER F 217 -66.80 5.07 -18.08
CA SER F 217 -67.80 4.03 -18.29
C SER F 217 -67.41 3.26 -19.56
N GLU F 218 -67.15 3.99 -20.62
CA GLU F 218 -66.77 3.41 -21.91
C GLU F 218 -65.53 2.55 -21.75
N VAL F 219 -64.46 3.17 -21.31
CA VAL F 219 -63.19 2.48 -21.13
C VAL F 219 -63.34 1.20 -20.37
N ALA F 220 -63.97 1.28 -19.20
CA ALA F 220 -64.14 0.08 -18.41
C ALA F 220 -64.96 -0.93 -19.20
N ARG F 221 -66.21 -0.60 -19.49
CA ARG F 221 -67.07 -1.50 -20.23
C ARG F 221 -66.26 -2.18 -21.32
N HIS F 222 -65.38 -1.42 -21.97
CA HIS F 222 -64.57 -1.97 -23.04
C HIS F 222 -63.60 -3.02 -22.52
N ILE F 223 -62.87 -2.69 -21.46
CA ILE F 223 -61.91 -3.64 -20.91
C ILE F 223 -62.61 -4.95 -20.67
N LEU F 224 -63.59 -4.94 -19.78
CA LEU F 224 -64.31 -6.17 -19.49
C LEU F 224 -64.58 -6.90 -20.78
N ARG F 225 -65.31 -6.25 -21.70
CA ARG F 225 -65.64 -6.86 -22.98
C ARG F 225 -64.45 -7.69 -23.43
N VAL F 226 -63.48 -7.01 -24.05
CA VAL F 226 -62.28 -7.69 -24.55
C VAL F 226 -61.38 -8.06 -23.39
N ARG F 227 -61.89 -8.89 -22.49
CA ARG F 227 -61.14 -9.32 -21.32
C ARG F 227 -61.74 -10.62 -20.85
N ARG F 228 -62.88 -10.98 -21.43
CA ARG F 228 -63.52 -12.21 -21.03
C ARG F 228 -63.41 -13.31 -22.06
N GLY F 229 -63.19 -14.52 -21.57
CA GLY F 229 -63.03 -15.66 -22.45
C GLY F 229 -61.75 -15.50 -23.24
N GLU F 230 -61.67 -16.15 -24.40
CA GLU F 230 -60.50 -16.04 -25.25
C GLU F 230 -60.88 -15.41 -26.60
N SER F 231 -62.07 -14.79 -26.64
CA SER F 231 -62.56 -14.14 -27.86
C SER F 231 -63.65 -13.08 -27.62
N GLU F 232 -63.72 -12.12 -28.55
CA GLU F 232 -64.70 -11.03 -28.51
C GLU F 232 -64.77 -10.37 -29.90
N VAL F 233 -65.81 -9.56 -30.12
CA VAL F 233 -65.96 -8.87 -31.40
C VAL F 233 -64.97 -7.71 -31.41
N VAL F 234 -63.93 -7.85 -30.60
CA VAL F 234 -62.90 -6.84 -30.49
C VAL F 234 -61.52 -7.42 -30.78
N ALA F 235 -61.30 -7.53 -32.09
CA ALA F 235 -60.08 -8.03 -32.72
C ALA F 235 -59.92 -7.15 -33.97
N PRO F 236 -58.73 -7.11 -34.55
CA PRO F 236 -58.41 -6.31 -35.74
C PRO F 236 -59.45 -6.24 -36.84
N LYS F 237 -59.51 -5.08 -37.49
CA LYS F 237 -60.42 -4.83 -38.60
C LYS F 237 -59.70 -5.37 -39.82
N ILE F 238 -58.45 -5.75 -39.60
CA ILE F 238 -57.58 -6.30 -40.63
C ILE F 238 -56.69 -7.31 -39.93
N PRO F 239 -56.52 -8.49 -40.52
CA PRO F 239 -55.68 -9.51 -39.89
C PRO F 239 -54.27 -8.98 -39.71
N HIS F 240 -53.68 -9.23 -38.54
CA HIS F 240 -52.33 -8.74 -38.28
C HIS F 240 -51.26 -9.33 -39.19
N GLU F 241 -51.44 -10.57 -39.64
CA GLU F 241 -50.43 -11.17 -40.53
C GLU F 241 -50.46 -10.45 -41.87
N ILE F 242 -51.66 -10.10 -42.34
CA ILE F 242 -51.83 -9.39 -43.61
C ILE F 242 -51.25 -7.98 -43.46
N LEU F 243 -51.80 -7.28 -42.48
CA LEU F 243 -51.40 -5.91 -42.18
C LEU F 243 -49.93 -5.72 -41.90
N ARG F 244 -49.23 -6.80 -41.54
CA ARG F 244 -47.80 -6.71 -41.25
C ARG F 244 -47.04 -6.87 -42.55
N LYS F 245 -47.65 -7.54 -43.51
CA LYS F 245 -47.04 -7.74 -44.81
C LYS F 245 -47.29 -6.44 -45.55
N TYR F 246 -48.52 -5.95 -45.44
CA TYR F 246 -48.92 -4.70 -46.07
C TYR F 246 -47.93 -3.58 -45.74
N ILE F 247 -47.50 -3.54 -44.48
CA ILE F 247 -46.55 -2.54 -44.04
C ILE F 247 -45.23 -2.77 -44.74
N ALA F 248 -44.56 -3.86 -44.38
CA ALA F 248 -43.28 -4.21 -44.97
C ALA F 248 -43.28 -4.04 -46.49
N TYR F 249 -44.47 -4.12 -47.09
CA TYR F 249 -44.62 -3.97 -48.53
C TYR F 249 -44.50 -2.49 -48.96
N ALA F 250 -45.32 -1.65 -48.35
CA ALA F 250 -45.30 -0.22 -48.66
C ALA F 250 -43.96 0.43 -48.28
N ARG F 251 -43.26 -0.13 -47.29
CA ARG F 251 -41.95 0.41 -46.91
C ARG F 251 -40.94 -0.13 -47.91
N LYS F 252 -41.42 -0.58 -49.06
CA LYS F 252 -40.56 -1.15 -50.08
C LYS F 252 -40.82 -0.58 -51.46
N ASN F 253 -42.03 -0.79 -51.95
CA ASN F 253 -42.42 -0.37 -53.28
C ASN F 253 -42.94 1.07 -53.43
N ILE F 254 -43.25 1.72 -52.32
CA ILE F 254 -43.79 3.06 -52.40
C ILE F 254 -42.85 4.12 -51.85
N HIS F 255 -42.68 5.20 -52.61
CA HIS F 255 -41.81 6.30 -52.18
C HIS F 255 -42.44 7.62 -52.61
N PRO F 256 -43.56 7.98 -51.99
CA PRO F 256 -44.32 9.21 -52.26
C PRO F 256 -43.53 10.47 -52.59
N VAL F 257 -43.97 11.12 -53.65
CA VAL F 257 -43.38 12.37 -54.10
C VAL F 257 -44.42 13.40 -53.76
N ILE F 258 -43.97 14.58 -53.41
CA ILE F 258 -44.86 15.64 -53.01
C ILE F 258 -45.58 16.36 -54.15
N SER F 259 -46.91 16.32 -54.12
CA SER F 259 -47.69 16.99 -55.15
C SER F 259 -47.70 18.48 -54.86
N GLU F 260 -47.54 19.29 -55.91
CA GLU F 260 -47.59 20.74 -55.73
C GLU F 260 -48.87 20.98 -54.95
N GLU F 261 -49.82 20.08 -55.19
CA GLU F 261 -51.12 20.13 -54.55
C GLU F 261 -50.93 20.29 -53.04
N ALA F 262 -50.27 19.28 -52.47
CA ALA F 262 -50.01 19.24 -51.04
C ALA F 262 -49.04 20.31 -50.59
N MET F 263 -47.90 20.35 -51.25
CA MET F 263 -46.86 21.32 -50.95
C MET F 263 -47.43 22.63 -50.40
N GLU F 264 -48.33 23.22 -51.18
CA GLU F 264 -48.95 24.47 -50.80
C GLU F 264 -49.63 24.38 -49.44
N GLU F 265 -50.20 23.21 -49.13
CA GLU F 265 -50.89 23.00 -47.87
C GLU F 265 -49.97 22.95 -46.66
N ILE F 266 -48.86 22.25 -46.81
CA ILE F 266 -47.94 22.10 -45.71
C ILE F 266 -47.15 23.37 -45.43
N GLU F 267 -46.80 24.12 -46.47
CA GLU F 267 -46.05 25.36 -46.24
C GLU F 267 -47.00 26.39 -45.66
N LYS F 268 -48.18 26.51 -46.25
CA LYS F 268 -49.22 27.45 -45.82
C LYS F 268 -49.43 27.29 -44.33
N TYR F 269 -49.12 26.09 -43.85
CA TYR F 269 -49.27 25.76 -42.45
C TYR F 269 -48.01 26.00 -41.62
N TYR F 270 -46.88 25.48 -42.11
CA TYR F 270 -45.64 25.66 -41.39
C TYR F 270 -45.52 27.11 -40.98
N VAL F 271 -45.78 28.00 -41.95
CA VAL F 271 -45.72 29.42 -41.66
C VAL F 271 -46.71 29.80 -40.54
N ARG F 272 -47.90 29.21 -40.59
CA ARG F 272 -48.96 29.42 -39.59
C ARG F 272 -48.35 29.01 -38.27
N MET F 273 -47.87 27.78 -38.26
CA MET F 273 -47.24 27.20 -37.09
C MET F 273 -46.14 28.11 -36.53
N ARG F 274 -45.40 28.75 -37.42
CA ARG F 274 -44.34 29.63 -36.99
C ARG F 274 -44.87 30.73 -36.06
N LYS F 275 -45.97 31.38 -36.44
CA LYS F 275 -46.55 32.45 -35.62
C LYS F 275 -46.88 31.94 -34.21
N SER F 276 -46.00 32.25 -33.25
CA SER F 276 -46.15 31.85 -31.84
C SER F 276 -44.93 32.30 -31.04
N PRO F 291 -42.44 25.73 -29.02
CA PRO F 291 -41.01 26.09 -29.20
C PRO F 291 -40.43 25.74 -30.60
N ILE F 292 -41.19 26.09 -31.65
CA ILE F 292 -40.95 25.86 -33.11
C ILE F 292 -39.68 26.31 -33.84
N THR F 293 -39.23 25.45 -34.75
CA THR F 293 -38.04 25.71 -35.56
C THR F 293 -38.42 25.36 -36.97
N ALA F 294 -37.41 25.09 -37.78
CA ALA F 294 -37.62 24.72 -39.17
C ALA F 294 -37.64 23.19 -39.24
N ARG F 295 -37.36 22.55 -38.11
CA ARG F 295 -37.37 21.10 -38.04
C ARG F 295 -38.79 20.61 -38.10
N GLN F 296 -39.67 21.34 -37.43
CA GLN F 296 -41.08 21.02 -37.39
C GLN F 296 -41.59 20.78 -38.80
N LEU F 297 -41.06 21.55 -39.75
CA LEU F 297 -41.43 21.44 -41.16
C LEU F 297 -40.99 20.08 -41.72
N GLU F 298 -39.75 19.70 -41.41
CA GLU F 298 -39.19 18.43 -41.89
C GLU F 298 -40.05 17.26 -41.46
N ALA F 299 -40.31 17.16 -40.17
CA ALA F 299 -41.11 16.08 -39.60
C ALA F 299 -42.53 16.07 -40.16
N LEU F 300 -43.10 17.26 -40.33
CA LEU F 300 -44.42 17.34 -40.88
C LEU F 300 -44.39 16.67 -42.24
N ILE F 301 -43.32 16.92 -42.99
CA ILE F 301 -43.14 16.34 -44.31
C ILE F 301 -43.11 14.82 -44.20
N ARG F 302 -42.40 14.30 -43.21
CA ARG F 302 -42.34 12.86 -43.03
C ARG F 302 -43.71 12.24 -42.81
N LEU F 303 -44.53 12.83 -41.96
CA LEU F 303 -45.86 12.31 -41.67
C LEU F 303 -46.65 12.18 -42.96
N SER F 304 -46.88 13.31 -43.62
CA SER F 304 -47.65 13.34 -44.87
C SER F 304 -47.11 12.38 -45.94
N GLU F 305 -45.80 12.17 -45.95
CA GLU F 305 -45.23 11.22 -46.90
C GLU F 305 -45.71 9.83 -46.47
N ALA F 306 -45.55 9.49 -45.20
CA ALA F 306 -45.95 8.20 -44.68
C ALA F 306 -47.46 7.97 -44.80
N HIS F 307 -48.25 9.02 -44.60
CA HIS F 307 -49.69 8.86 -44.68
C HIS F 307 -50.08 8.42 -46.08
N ALA F 308 -49.26 8.75 -47.08
CA ALA F 308 -49.54 8.34 -48.45
C ALA F 308 -49.15 6.89 -48.53
N ARG F 309 -47.87 6.63 -48.28
CA ARG F 309 -47.32 5.29 -48.29
C ARG F 309 -48.25 4.32 -47.59
N MET F 310 -48.89 4.81 -46.54
CA MET F 310 -49.81 4.01 -45.74
C MET F 310 -50.94 3.44 -46.60
N ARG F 311 -51.24 4.14 -47.68
CA ARG F 311 -52.28 3.73 -48.60
C ARG F 311 -51.67 3.47 -49.98
N LEU F 312 -50.36 3.68 -50.09
CA LEU F 312 -49.63 3.48 -51.34
C LEU F 312 -50.14 4.55 -52.31
N SER F 313 -49.32 5.54 -52.69
CA SER F 313 -49.85 6.55 -53.60
C SER F 313 -49.24 6.68 -55.00
N PRO F 314 -47.99 7.08 -55.14
CA PRO F 314 -46.92 7.48 -54.24
C PRO F 314 -46.85 8.99 -54.41
N ILE F 315 -48.00 9.61 -54.23
CA ILE F 315 -48.09 11.04 -54.39
C ILE F 315 -48.81 11.69 -53.23
N VAL F 316 -48.06 12.39 -52.40
CA VAL F 316 -48.59 13.07 -51.25
C VAL F 316 -49.61 14.11 -51.69
N THR F 317 -50.85 13.65 -51.92
CA THR F 317 -51.95 14.51 -52.36
C THR F 317 -52.35 15.54 -51.31
N ARG F 318 -53.18 16.50 -51.70
CA ARG F 318 -53.62 17.54 -50.77
C ARG F 318 -54.19 16.92 -49.51
N GLU F 319 -54.86 15.79 -49.64
CA GLU F 319 -55.46 15.11 -48.50
C GLU F 319 -54.41 14.61 -47.53
N ASP F 320 -53.45 13.86 -48.04
CA ASP F 320 -52.38 13.36 -47.19
C ASP F 320 -51.83 14.52 -46.39
N ALA F 321 -51.22 15.48 -47.08
CA ALA F 321 -50.65 16.65 -46.43
C ALA F 321 -51.62 17.27 -45.45
N ARG F 322 -52.89 17.27 -45.82
CA ARG F 322 -53.95 17.82 -44.98
C ARG F 322 -53.94 17.05 -43.66
N GLU F 323 -54.18 15.73 -43.76
CA GLU F 323 -54.22 14.84 -42.62
C GLU F 323 -53.04 15.03 -41.69
N ALA F 324 -51.85 15.06 -42.28
CA ALA F 324 -50.63 15.23 -41.53
C ALA F 324 -50.76 16.41 -40.61
N ILE F 325 -51.05 17.59 -41.16
CA ILE F 325 -51.15 18.73 -40.29
C ILE F 325 -52.24 18.56 -39.24
N LYS F 326 -53.29 17.81 -39.58
CA LYS F 326 -54.37 17.60 -38.61
C LYS F 326 -53.77 16.94 -37.37
N LEU F 327 -53.22 15.76 -37.58
CA LEU F 327 -52.61 15.04 -36.49
C LEU F 327 -51.64 15.94 -35.74
N MET F 328 -50.84 16.71 -36.46
CA MET F 328 -49.87 17.58 -35.81
C MET F 328 -50.49 18.73 -35.01
N GLU F 329 -51.53 19.39 -35.52
CA GLU F 329 -52.13 20.47 -34.75
C GLU F 329 -52.83 19.84 -33.55
N TYR F 330 -52.98 18.53 -33.57
CA TYR F 330 -53.61 17.86 -32.43
C TYR F 330 -52.56 17.65 -31.37
N THR F 331 -51.49 16.93 -31.71
CA THR F 331 -50.40 16.66 -30.77
C THR F 331 -50.14 17.97 -30.03
N LEU F 332 -50.24 19.06 -30.79
CA LEU F 332 -50.04 20.42 -30.31
C LEU F 332 -51.07 20.90 -29.32
N LYS F 333 -52.34 20.77 -29.69
CA LYS F 333 -53.40 21.21 -28.81
C LYS F 333 -53.21 20.54 -27.45
N GLN F 334 -53.00 19.22 -27.47
CA GLN F 334 -52.79 18.47 -26.24
C GLN F 334 -51.74 19.04 -25.30
N ILE F 335 -50.82 19.82 -25.84
CA ILE F 335 -49.77 20.39 -25.00
C ILE F 335 -50.27 21.48 -24.08
N ALA F 336 -51.35 22.14 -24.47
CA ALA F 336 -51.93 23.20 -23.64
C ALA F 336 -52.57 22.56 -22.40
N MET F 337 -52.87 21.26 -22.52
CA MET F 337 -53.47 20.44 -21.47
C MET F 337 -54.82 20.92 -20.94
N PRO G 2 -6.66 20.43 -69.68
CA PRO G 2 -6.36 21.69 -70.38
C PRO G 2 -7.54 22.08 -71.24
N GLU G 3 -8.39 21.09 -71.53
CA GLU G 3 -9.60 21.30 -72.31
C GLU G 3 -10.56 21.97 -71.34
N GLU G 4 -10.22 21.79 -70.06
CA GLU G 4 -10.96 22.32 -68.94
C GLU G 4 -10.56 23.79 -68.74
N GLU G 5 -9.26 24.01 -68.64
CA GLU G 5 -8.71 25.35 -68.46
C GLU G 5 -9.38 26.29 -69.46
N GLN G 6 -9.73 25.75 -70.62
CA GLN G 6 -10.37 26.52 -71.66
C GLN G 6 -11.72 27.04 -71.17
N ILE G 7 -12.51 26.13 -70.59
CA ILE G 7 -13.83 26.48 -70.08
C ILE G 7 -13.70 27.54 -68.99
N ILE G 8 -12.91 27.22 -67.95
CA ILE G 8 -12.69 28.11 -66.82
C ILE G 8 -12.51 29.57 -67.23
N LYS G 9 -11.49 29.84 -68.03
CA LYS G 9 -11.22 31.19 -68.51
C LYS G 9 -12.53 31.81 -69.01
N GLU G 10 -13.31 31.02 -69.74
CA GLU G 10 -14.57 31.48 -70.31
C GLU G 10 -15.54 31.89 -69.23
N LEU G 11 -15.63 31.08 -68.18
CA LEU G 11 -16.52 31.38 -67.06
C LEU G 11 -16.15 32.73 -66.49
N ALA G 12 -14.87 32.89 -66.14
CA ALA G 12 -14.37 34.13 -65.58
C ALA G 12 -14.76 35.31 -66.49
N LYS G 13 -14.69 35.08 -67.80
CA LYS G 13 -15.06 36.10 -68.77
C LYS G 13 -16.45 36.62 -68.44
N ARG G 14 -17.33 35.71 -68.02
CA ARG G 14 -18.70 36.05 -67.68
C ARG G 14 -18.76 37.33 -66.86
N LYS G 15 -19.84 38.08 -67.05
CA LYS G 15 -19.99 39.34 -66.35
C LYS G 15 -20.34 39.17 -64.88
N ASP G 16 -21.24 38.23 -64.61
CA ASP G 16 -21.72 37.97 -63.26
C ASP G 16 -21.02 36.88 -62.46
N ILE G 17 -19.96 36.30 -63.02
CA ILE G 17 -19.26 35.21 -62.33
C ILE G 17 -19.27 35.28 -60.81
N VAL G 18 -18.91 36.43 -60.25
CA VAL G 18 -18.87 36.61 -58.81
C VAL G 18 -20.15 36.05 -58.19
N ASP G 19 -21.28 36.50 -58.72
CA ASP G 19 -22.59 36.10 -58.25
C ASP G 19 -22.88 34.64 -58.55
N ALA G 20 -22.55 34.20 -59.76
CA ALA G 20 -22.79 32.83 -60.14
C ALA G 20 -22.09 31.89 -59.17
N ILE G 21 -20.85 32.22 -58.82
CA ILE G 21 -20.07 31.39 -57.92
C ILE G 21 -20.70 31.16 -56.55
N VAL G 22 -21.46 32.13 -56.05
CA VAL G 22 -22.08 31.95 -54.75
C VAL G 22 -23.35 31.13 -54.92
N ASP G 23 -24.12 31.44 -55.97
CA ASP G 23 -25.36 30.73 -56.23
C ASP G 23 -25.09 29.27 -56.55
N SER G 24 -23.85 28.85 -56.38
CA SER G 24 -23.50 27.49 -56.65
C SER G 24 -22.95 26.83 -55.40
N ILE G 25 -22.68 27.63 -54.37
CA ILE G 25 -22.16 27.10 -53.12
C ILE G 25 -23.20 26.14 -52.58
N ALA G 26 -24.37 26.67 -52.26
CA ALA G 26 -25.44 25.82 -51.79
C ALA G 26 -26.71 26.37 -52.37
N PRO G 27 -27.20 25.74 -53.42
CA PRO G 27 -28.42 26.13 -54.14
C PRO G 27 -29.61 25.76 -53.27
N ALA G 28 -29.41 24.71 -52.50
CA ALA G 28 -30.45 24.19 -51.61
C ALA G 28 -30.86 25.26 -50.64
N ILE G 29 -30.06 25.41 -49.58
CA ILE G 29 -30.36 26.40 -48.58
C ILE G 29 -30.73 27.68 -49.34
N TYR G 30 -31.73 28.35 -48.82
CA TYR G 30 -32.25 29.56 -49.42
C TYR G 30 -31.70 30.79 -48.70
N GLY G 31 -31.18 31.73 -49.46
CA GLY G 31 -30.67 32.96 -48.85
C GLY G 31 -29.24 32.92 -48.36
N TYR G 32 -28.95 33.70 -47.32
CA TYR G 32 -27.60 33.75 -46.77
C TYR G 32 -26.58 34.10 -47.82
N LYS G 33 -26.91 35.08 -48.63
CA LYS G 33 -26.02 35.52 -49.68
C LYS G 33 -24.58 35.70 -49.16
N GLU G 34 -24.43 36.38 -48.03
CA GLU G 34 -23.12 36.66 -47.43
C GLU G 34 -22.43 35.45 -46.81
N VAL G 35 -23.18 34.64 -46.11
CA VAL G 35 -22.60 33.47 -45.52
C VAL G 35 -22.14 32.56 -46.66
N LYS G 36 -22.67 32.80 -47.86
CA LYS G 36 -22.32 32.03 -49.06
C LYS G 36 -21.11 32.65 -49.71
N LYS G 37 -21.19 33.96 -49.92
CA LYS G 37 -20.12 34.75 -50.52
C LYS G 37 -18.94 34.79 -49.56
N GLY G 38 -19.19 34.44 -48.30
CA GLY G 38 -18.14 34.40 -47.30
C GLY G 38 -17.44 33.09 -47.60
N ILE G 39 -18.12 31.99 -47.35
CA ILE G 39 -17.54 30.68 -47.62
C ILE G 39 -16.88 30.67 -48.98
N ALA G 40 -17.50 31.36 -49.93
CA ALA G 40 -16.94 31.42 -51.27
C ALA G 40 -15.49 31.87 -51.22
N LEU G 41 -15.26 33.04 -50.64
CA LEU G 41 -13.92 33.56 -50.53
C LEU G 41 -13.07 32.54 -49.79
N ALA G 42 -13.56 32.09 -48.65
CA ALA G 42 -12.84 31.12 -47.85
C ALA G 42 -12.31 29.94 -48.67
N LEU G 43 -13.06 29.52 -49.69
CA LEU G 43 -12.67 28.40 -50.53
C LEU G 43 -11.60 28.80 -51.54
N PHE G 44 -11.48 30.09 -51.80
CA PHE G 44 -10.48 30.60 -52.73
C PHE G 44 -9.23 31.09 -52.01
N GLY G 45 -9.38 31.39 -50.72
CA GLY G 45 -8.25 31.84 -49.91
C GLY G 45 -7.49 33.08 -50.33
N GLY G 46 -6.73 33.61 -49.39
CA GLY G 46 -5.92 34.80 -49.63
C GLY G 46 -4.64 34.43 -50.34
N VAL G 47 -3.81 35.42 -50.61
CA VAL G 47 -2.55 35.21 -51.32
C VAL G 47 -1.66 34.08 -50.81
N SER G 48 -1.37 34.07 -49.51
CA SER G 48 -0.52 33.02 -48.92
C SER G 48 0.73 32.74 -49.76
N ARG G 49 1.78 33.54 -49.56
CA ARG G 49 3.05 33.43 -50.28
C ARG G 49 4.14 33.95 -49.34
N LYS G 50 4.95 33.07 -48.79
CA LYS G 50 5.98 33.51 -47.87
C LYS G 50 7.20 34.16 -48.51
N LEU G 51 7.88 34.99 -47.73
CA LEU G 51 9.11 35.67 -48.16
C LEU G 51 10.08 35.51 -46.98
N PRO G 52 11.41 35.62 -47.24
CA PRO G 52 12.44 35.48 -46.21
C PRO G 52 12.45 36.66 -45.23
N ASP G 53 12.36 37.85 -45.81
CA ASP G 53 12.34 39.10 -45.06
C ASP G 53 11.04 39.21 -44.27
N GLY G 54 9.95 38.84 -44.92
CA GLY G 54 8.64 38.89 -44.29
C GLY G 54 8.19 37.51 -43.84
N THR G 55 9.15 36.70 -43.42
CA THR G 55 8.92 35.34 -42.94
C THR G 55 7.65 34.67 -43.50
N ARG G 56 7.06 33.78 -42.71
CA ARG G 56 5.84 33.05 -43.09
C ARG G 56 4.76 33.99 -43.64
N LEU G 57 3.74 33.41 -44.28
CA LEU G 57 2.62 34.20 -44.81
C LEU G 57 1.39 33.34 -45.15
N ARG G 58 0.54 33.12 -44.16
CA ARG G 58 -0.69 32.35 -44.31
C ARG G 58 -1.65 33.15 -45.18
N GLY G 59 -2.56 32.46 -45.84
CA GLY G 59 -3.52 33.15 -46.68
C GLY G 59 -4.87 32.53 -46.49
N ASP G 60 -4.86 31.31 -45.93
CA ASP G 60 -6.08 30.58 -45.69
C ASP G 60 -7.04 31.42 -44.86
N ILE G 61 -8.30 31.39 -45.27
CA ILE G 61 -9.35 32.15 -44.61
C ILE G 61 -10.28 31.27 -43.79
N HIS G 62 -10.28 31.45 -42.48
CA HIS G 62 -11.14 30.67 -41.60
C HIS G 62 -12.49 31.34 -41.40
N VAL G 63 -13.54 30.55 -41.33
CA VAL G 63 -14.88 31.11 -41.20
C VAL G 63 -15.72 30.44 -40.12
N LEU G 64 -16.24 31.22 -39.19
CA LEU G 64 -17.06 30.66 -38.15
C LEU G 64 -18.53 31.00 -38.32
N LEU G 65 -19.39 30.01 -38.10
CA LEU G 65 -20.84 30.18 -38.23
C LEU G 65 -21.53 29.90 -36.90
N VAL G 66 -21.83 30.93 -36.11
CA VAL G 66 -22.50 30.68 -34.83
C VAL G 66 -23.93 31.19 -34.77
N GLY G 67 -24.87 30.29 -34.45
CA GLY G 67 -26.25 30.72 -34.37
C GLY G 67 -27.22 29.85 -33.59
N ASP G 68 -28.45 30.33 -33.48
CA ASP G 68 -29.52 29.61 -32.80
C ASP G 68 -29.67 28.31 -33.56
N PRO G 69 -30.34 27.31 -32.98
CA PRO G 69 -30.48 26.06 -33.72
C PRO G 69 -31.47 26.18 -34.86
N GLY G 70 -31.41 25.24 -35.79
CA GLY G 70 -32.31 25.21 -36.93
C GLY G 70 -32.18 26.38 -37.89
N VAL G 71 -30.93 26.75 -38.17
CA VAL G 71 -30.64 27.86 -39.07
C VAL G 71 -29.90 27.42 -40.33
N ALA G 72 -29.65 26.12 -40.47
CA ALA G 72 -28.96 25.57 -41.66
C ALA G 72 -27.46 25.40 -41.55
N LYS G 73 -26.88 25.71 -40.38
CA LYS G 73 -25.44 25.58 -40.22
C LYS G 73 -25.00 24.19 -40.62
N SER G 74 -25.42 23.19 -39.86
CA SER G 74 -25.07 21.80 -40.14
C SER G 74 -25.25 21.54 -41.64
N GLN G 75 -26.44 21.81 -42.14
CA GLN G 75 -26.77 21.61 -43.54
C GLN G 75 -25.69 22.22 -44.45
N ILE G 76 -25.55 23.54 -44.38
CA ILE G 76 -24.57 24.26 -45.19
C ILE G 76 -23.21 23.61 -45.25
N LEU G 77 -22.54 23.47 -44.10
CA LEU G 77 -21.22 22.86 -44.10
C LEU G 77 -21.24 21.63 -44.97
N ARG G 78 -22.23 20.79 -44.75
CA ARG G 78 -22.38 19.56 -45.52
C ARG G 78 -22.30 19.81 -47.02
N TYR G 79 -23.07 20.79 -47.52
CA TYR G 79 -23.04 21.09 -48.95
C TYR G 79 -21.68 21.53 -49.41
N VAL G 80 -20.92 22.15 -48.51
CA VAL G 80 -19.61 22.61 -48.87
C VAL G 80 -18.71 21.40 -49.06
N ALA G 81 -18.83 20.43 -48.17
CA ALA G 81 -18.00 19.24 -48.31
C ALA G 81 -18.23 18.65 -49.69
N ASN G 82 -19.49 18.55 -50.08
CA ASN G 82 -19.86 17.99 -51.37
C ASN G 82 -19.39 18.84 -52.57
N LEU G 83 -18.74 19.96 -52.29
CA LEU G 83 -18.23 20.83 -53.35
C LEU G 83 -16.71 20.94 -53.23
N ALA G 84 -16.26 21.66 -52.22
CA ALA G 84 -14.83 21.86 -51.96
C ALA G 84 -13.98 20.66 -52.33
N PRO G 85 -12.82 20.91 -52.94
CA PRO G 85 -11.93 19.82 -53.32
C PRO G 85 -11.57 18.93 -52.14
N ARG G 86 -10.53 19.30 -51.41
CA ARG G 86 -10.06 18.53 -50.26
C ARG G 86 -10.88 18.81 -49.01
N ALA G 87 -12.20 18.61 -49.09
CA ALA G 87 -13.08 18.89 -47.95
C ALA G 87 -13.28 17.75 -46.96
N ILE G 88 -13.21 18.08 -45.66
CA ILE G 88 -13.43 17.10 -44.60
C ILE G 88 -14.51 17.60 -43.65
N TYR G 89 -15.69 16.99 -43.71
CA TYR G 89 -16.76 17.37 -42.80
C TYR G 89 -16.58 16.48 -41.59
N THR G 90 -16.87 17.01 -40.42
CA THR G 90 -16.72 16.24 -39.21
C THR G 90 -17.42 16.96 -38.06
N SER G 91 -18.61 16.48 -37.69
CA SER G 91 -19.37 17.12 -36.60
C SER G 91 -19.10 16.48 -35.26
N UNK G 92 -18.85 17.31 -34.24
CA UNK G 92 -18.59 16.81 -32.90
C UNK G 92 -19.75 15.91 -32.44
N UNK G 93 -19.64 14.64 -32.82
CA UNK G 93 -20.64 13.62 -32.51
C UNK G 93 -20.25 12.28 -33.16
N UNK G 94 -20.22 11.22 -32.34
CA UNK G 94 -19.87 9.87 -32.78
C UNK G 94 -18.40 9.72 -33.19
N UNK G 95 -18.11 8.81 -34.11
CA UNK G 95 -16.74 8.60 -34.57
C UNK G 95 -16.63 8.55 -36.10
N UNK G 96 -15.44 8.81 -36.62
CA UNK G 96 -15.17 8.83 -38.06
C UNK G 96 -16.17 9.77 -38.77
N UNK G 97 -15.79 10.29 -39.94
CA UNK G 97 -16.66 11.20 -40.70
C UNK G 97 -16.69 10.89 -42.20
N UNK G 98 -17.67 11.47 -42.91
CA UNK G 98 -17.84 11.25 -44.35
C UNK G 98 -17.09 12.27 -45.21
N UNK G 99 -17.81 13.25 -45.73
CA UNK G 99 -17.21 14.29 -46.56
C UNK G 99 -16.65 13.79 -47.89
N UNK G 100 -15.34 13.55 -47.89
CA UNK G 100 -14.58 13.10 -49.05
C UNK G 100 -15.31 12.31 -50.13
N UNK G 101 -14.80 12.45 -51.35
CA UNK G 101 -15.35 11.75 -52.49
C UNK G 101 -14.29 10.71 -52.86
N UNK G 102 -13.29 10.61 -51.98
CA UNK G 102 -12.16 9.67 -52.07
C UNK G 102 -11.53 9.34 -53.42
N UNK G 103 -10.21 9.16 -53.38
CA UNK G 103 -9.40 8.82 -54.55
C UNK G 103 -8.00 8.44 -54.08
N UNK G 104 -7.90 7.27 -53.43
CA UNK G 104 -6.64 6.76 -52.92
C UNK G 104 -6.09 7.70 -51.86
N UNK G 105 -6.98 8.26 -51.05
CA UNK G 105 -6.59 9.19 -49.97
C UNK G 105 -6.09 10.54 -50.53
N UNK G 106 -5.59 11.42 -49.64
CA UNK G 106 -5.13 12.77 -50.00
C UNK G 106 -3.70 12.89 -50.56
N UNK G 107 -3.46 13.95 -51.32
CA UNK G 107 -2.17 14.20 -51.94
C UNK G 107 -0.97 14.36 -51.01
N UNK G 108 -1.13 14.97 -49.84
CA UNK G 108 0.00 15.12 -48.92
C UNK G 108 -0.26 14.66 -47.47
N UNK G 109 0.63 15.09 -46.57
CA UNK G 109 0.61 14.71 -45.15
C UNK G 109 -0.57 14.82 -44.18
N UNK G 110 -0.29 14.32 -42.98
CA UNK G 110 -1.18 14.28 -41.82
C UNK G 110 -2.60 13.66 -41.87
N UNK G 111 -3.24 13.66 -40.70
CA UNK G 111 -4.56 13.10 -40.49
C UNK G 111 -4.80 13.08 -38.96
N UNK G 112 -5.99 12.68 -38.48
CA UNK G 112 -6.21 12.61 -37.02
C UNK G 112 -7.58 12.17 -36.41
N UNK G 113 -7.97 12.79 -35.28
CA UNK G 113 -9.21 12.51 -34.50
C UNK G 113 -10.55 13.11 -35.01
N UNK G 114 -10.56 14.41 -35.24
CA UNK G 114 -11.74 15.07 -35.78
C UNK G 114 -11.68 14.62 -37.23
N UNK G 115 -10.46 14.67 -37.77
CA UNK G 115 -10.07 14.29 -39.13
C UNK G 115 -9.68 15.50 -39.99
N UNK G 116 -8.41 15.86 -39.93
CA UNK G 116 -7.92 17.00 -40.70
C UNK G 116 -6.68 16.53 -41.49
N UNK G 117 -6.52 17.04 -42.72
CA UNK G 117 -5.40 16.67 -43.60
C UNK G 117 -4.24 17.68 -43.62
N UNK G 118 -3.29 17.49 -42.70
CA UNK G 118 -2.09 18.33 -42.54
C UNK G 118 -0.83 17.74 -43.15
N GLY G 125 -3.16 19.89 -47.64
CA GLY G 125 -3.89 20.99 -47.02
C GLY G 125 -5.33 20.55 -46.88
N GLY G 126 -6.22 21.29 -47.54
CA GLY G 126 -7.64 20.96 -47.51
C GLY G 126 -8.50 21.62 -46.45
N TYR G 127 -9.71 22.05 -46.85
CA TYR G 127 -10.64 22.70 -45.94
C TYR G 127 -11.34 21.69 -45.02
N ALA G 128 -11.25 21.92 -43.72
CA ALA G 128 -11.90 21.04 -42.77
C ALA G 128 -13.13 21.72 -42.24
N LEU G 129 -14.27 21.23 -42.71
CA LEU G 129 -15.57 21.74 -42.32
C LEU G 129 -15.92 21.13 -40.98
N ILE G 130 -15.80 21.92 -39.93
CA ILE G 130 -16.07 21.44 -38.56
C ILE G 130 -17.38 21.90 -37.96
N ASP G 131 -18.42 21.09 -38.10
CA ASP G 131 -19.69 21.47 -37.53
C ASP G 131 -19.68 21.18 -36.03
N GLU G 132 -20.40 22.01 -35.27
CA GLU G 132 -20.51 21.84 -33.82
C GLU G 132 -19.19 22.01 -33.08
N LEU G 133 -18.43 23.02 -33.47
CA LEU G 133 -17.13 23.30 -32.87
C LEU G 133 -17.21 23.60 -31.38
N ASP G 134 -18.40 23.83 -30.86
CA ASP G 134 -18.58 24.14 -29.44
C ASP G 134 -18.73 22.86 -28.60
N LYS G 135 -18.84 21.72 -29.29
CA LYS G 135 -18.98 20.42 -28.64
C LYS G 135 -17.77 19.53 -28.94
N MET G 136 -16.60 20.14 -29.09
CA MET G 136 -15.39 19.38 -29.34
C MET G 136 -14.83 19.01 -27.98
N SER G 137 -14.39 17.78 -27.81
CA SER G 137 -13.81 17.41 -26.52
C SER G 137 -12.60 18.33 -26.40
N ASP G 138 -12.43 18.98 -25.26
CA ASP G 138 -11.31 19.90 -25.04
C ASP G 138 -10.02 19.51 -25.77
N ARG G 139 -9.85 18.21 -26.06
CA ARG G 139 -8.66 17.73 -26.78
C ARG G 139 -8.80 18.14 -28.25
N ASP G 140 -9.80 17.58 -28.92
CA ASP G 140 -10.04 17.90 -30.32
C ASP G 140 -10.07 19.42 -30.54
N ARG G 141 -10.48 20.18 -29.53
CA ARG G 141 -10.50 21.63 -29.67
C ARG G 141 -9.05 22.07 -29.74
N SER G 142 -8.36 21.92 -28.61
CA SER G 142 -6.97 22.28 -28.47
C SER G 142 -6.22 22.27 -29.79
N VAL G 143 -6.21 21.12 -30.43
CA VAL G 143 -5.51 20.96 -31.70
C VAL G 143 -5.82 22.08 -32.68
N ILE G 144 -7.10 22.23 -33.01
CA ILE G 144 -7.54 23.27 -33.92
C ILE G 144 -7.02 24.61 -33.42
N HIS G 145 -7.30 24.89 -32.16
CA HIS G 145 -6.87 26.11 -31.53
C HIS G 145 -5.42 26.36 -31.92
N GLU G 146 -4.57 25.34 -31.76
CA GLU G 146 -3.17 25.48 -32.15
C GLU G 146 -3.09 25.67 -33.65
N ALA G 147 -3.75 24.80 -34.39
CA ALA G 147 -3.75 24.83 -35.83
C ALA G 147 -4.14 26.19 -36.41
N LEU G 148 -5.11 26.85 -35.79
CA LEU G 148 -5.58 28.15 -36.24
C LEU G 148 -4.62 29.21 -35.79
N GLU G 149 -4.15 29.06 -34.55
CA GLU G 149 -3.21 29.99 -33.93
C GLU G 149 -1.82 29.87 -34.53
N GLN G 150 -1.11 28.80 -34.17
CA GLN G 150 0.24 28.53 -34.66
C GLN G 150 0.33 28.42 -36.17
N GLN G 151 -0.45 27.49 -36.71
CA GLN G 151 -0.46 27.18 -38.14
C GLN G 151 0.41 25.93 -38.20
N THR G 152 0.59 25.31 -37.03
CA THR G 152 1.41 24.10 -36.89
C THR G 152 1.03 23.27 -35.66
N ILE G 153 0.61 22.04 -35.87
CA ILE G 153 0.25 21.19 -34.75
C ILE G 153 1.49 20.46 -34.23
N SER G 154 1.34 19.67 -33.17
CA SER G 154 2.47 18.93 -32.62
C SER G 154 2.10 17.89 -31.55
N ILE G 155 2.67 16.69 -31.71
CA ILE G 155 2.45 15.58 -30.80
C ILE G 155 3.80 15.00 -30.44
N SER G 156 4.22 15.14 -29.19
CA SER G 156 5.50 14.60 -28.77
C SER G 156 5.24 13.56 -27.68
N LYS G 157 4.17 12.78 -27.86
CA LYS G 157 3.81 11.75 -26.90
C LYS G 157 4.69 10.51 -27.05
N ALA G 158 5.71 10.46 -26.18
CA ALA G 158 6.73 9.41 -26.06
C ALA G 158 8.08 10.11 -26.16
N GLY G 159 9.12 9.36 -26.48
CA GLY G 159 10.43 9.96 -26.61
C GLY G 159 10.45 10.82 -27.86
N ILE G 160 9.69 10.38 -28.86
CA ILE G 160 9.60 11.09 -30.13
C ILE G 160 8.85 12.41 -30.05
N THR G 161 9.15 13.29 -31.01
CA THR G 161 8.54 14.60 -31.09
C THR G 161 8.00 14.80 -32.50
N ALA G 162 6.70 14.99 -32.63
CA ALA G 162 6.09 15.15 -33.94
C ALA G 162 5.49 16.52 -34.21
N THR G 163 6.12 17.28 -35.09
CA THR G 163 5.54 18.58 -35.41
C THR G 163 4.90 18.50 -36.77
N LEU G 164 3.56 18.49 -36.76
CA LEU G 164 2.76 18.41 -37.97
C LEU G 164 2.53 19.81 -38.49
N ASN G 165 2.77 20.01 -39.78
CA ASN G 165 2.56 21.32 -40.39
C ASN G 165 1.09 21.49 -40.73
N ALA G 166 0.46 22.48 -40.10
CA ALA G 166 -0.96 22.77 -40.31
C ALA G 166 -1.10 23.80 -41.41
N ARG G 167 -1.77 23.40 -42.48
CA ARG G 167 -1.98 24.29 -43.61
C ARG G 167 -3.31 23.99 -44.26
N THR G 168 -4.39 24.18 -43.51
CA THR G 168 -5.73 23.94 -44.02
C THR G 168 -6.67 25.09 -43.65
N THR G 169 -7.82 25.12 -44.30
CA THR G 169 -8.82 26.15 -44.04
C THR G 169 -9.88 25.58 -43.11
N VAL G 170 -10.44 26.42 -42.25
CA VAL G 170 -11.45 25.93 -41.32
C VAL G 170 -12.75 26.67 -41.46
N ILE G 171 -13.76 26.00 -41.99
CA ILE G 171 -15.06 26.62 -42.10
C ILE G 171 -15.91 25.89 -41.07
N ALA G 172 -16.08 26.51 -39.91
CA ALA G 172 -16.81 25.88 -38.83
C ALA G 172 -18.09 26.55 -38.39
N ALA G 173 -18.90 25.75 -37.70
CA ALA G 173 -20.19 26.17 -37.16
C ALA G 173 -20.13 26.04 -35.66
N ALA G 174 -21.12 26.59 -34.96
CA ALA G 174 -21.14 26.52 -33.51
C ALA G 174 -22.43 27.11 -32.93
N ASN G 175 -22.86 26.57 -31.79
CA ASN G 175 -24.07 27.06 -31.12
C ASN G 175 -23.63 27.83 -29.88
N PRO G 176 -24.53 28.62 -29.31
CA PRO G 176 -24.25 29.41 -28.10
C PRO G 176 -24.18 28.50 -26.89
N LYS G 177 -23.51 28.92 -25.84
CA LYS G 177 -23.40 28.09 -24.64
C LYS G 177 -24.82 27.76 -24.14
N GLN G 178 -25.77 28.64 -24.49
CA GLN G 178 -27.15 28.47 -24.08
C GLN G 178 -28.04 27.73 -25.07
N GLY G 179 -27.65 27.76 -26.33
CA GLY G 179 -28.43 27.11 -27.38
C GLY G 179 -28.89 28.19 -28.33
N ARG G 180 -29.59 29.18 -27.78
CA ARG G 180 -30.10 30.33 -28.51
C ARG G 180 -29.53 31.53 -27.77
N PHE G 181 -29.52 32.72 -28.36
CA PHE G 181 -29.00 33.85 -27.60
C PHE G 181 -29.72 35.19 -27.74
N ASN G 182 -30.86 35.18 -28.42
CA ASN G 182 -31.67 36.38 -28.66
C ASN G 182 -31.51 37.51 -27.66
N ARG G 183 -31.12 37.19 -26.43
CA ARG G 183 -30.94 38.20 -25.43
C ARG G 183 -30.08 39.34 -25.96
N MET G 184 -29.95 40.38 -25.14
CA MET G 184 -29.17 41.55 -25.49
C MET G 184 -27.68 41.28 -25.44
N LYS G 185 -27.22 40.66 -24.34
CA LYS G 185 -25.80 40.33 -24.15
C LYS G 185 -25.08 40.02 -25.46
N ASN G 186 -23.80 40.35 -25.52
CA ASN G 186 -23.00 40.14 -26.74
C ASN G 186 -22.77 38.71 -27.16
N PRO G 187 -23.10 38.41 -28.42
CA PRO G 187 -22.97 37.10 -29.04
C PRO G 187 -21.64 36.45 -28.73
N PHE G 188 -20.68 37.26 -28.31
CA PHE G 188 -19.37 36.72 -28.02
C PHE G 188 -19.15 36.17 -26.63
N GLU G 189 -20.09 36.38 -25.74
CA GLU G 189 -19.97 35.84 -24.39
C GLU G 189 -20.76 34.55 -24.39
N GLN G 190 -21.66 34.45 -25.36
CA GLN G 190 -22.54 33.31 -25.47
C GLN G 190 -21.93 32.09 -26.16
N ILE G 191 -20.84 32.28 -26.90
CA ILE G 191 -20.18 31.16 -27.59
C ILE G 191 -19.32 30.41 -26.57
N ASP G 192 -19.20 29.08 -26.71
CA ASP G 192 -18.41 28.28 -25.77
C ASP G 192 -16.94 28.10 -26.18
N LEU G 193 -16.43 29.01 -27.01
CA LEU G 193 -15.05 28.92 -27.46
C LEU G 193 -14.16 30.00 -26.85
N PRO G 194 -12.90 29.66 -26.54
CA PRO G 194 -12.00 30.64 -25.96
C PRO G 194 -11.78 31.77 -26.91
N PRO G 195 -12.12 32.98 -26.51
CA PRO G 195 -11.95 34.15 -27.36
C PRO G 195 -10.66 34.17 -28.17
N THR G 196 -9.57 33.69 -27.61
CA THR G 196 -8.30 33.67 -28.34
C THR G 196 -8.28 32.69 -29.50
N LEU G 197 -9.41 32.04 -29.72
CA LEU G 197 -9.55 31.08 -30.81
C LEU G 197 -10.40 31.80 -31.83
N LEU G 198 -11.54 32.30 -31.35
CA LEU G 198 -12.46 33.02 -32.20
C LEU G 198 -11.72 34.10 -32.97
N SER G 199 -10.84 34.80 -32.28
CA SER G 199 -10.06 35.87 -32.89
C SER G 199 -9.31 35.39 -34.13
N ARG G 200 -9.27 34.08 -34.33
CA ARG G 200 -8.56 33.50 -35.47
C ARG G 200 -9.35 33.44 -36.75
N PHE G 201 -10.66 33.61 -36.65
CA PHE G 201 -11.52 33.59 -37.82
C PHE G 201 -11.48 34.94 -38.50
N ASP G 202 -11.52 34.93 -39.83
CA ASP G 202 -11.50 36.14 -40.63
C ASP G 202 -12.92 36.68 -40.78
N LEU G 203 -13.92 35.83 -40.55
CA LEU G 203 -15.30 36.26 -40.62
C LEU G 203 -16.14 35.37 -39.73
N ILE G 204 -16.96 36.00 -38.87
CA ILE G 204 -17.88 35.22 -38.03
C ILE G 204 -19.37 35.60 -38.34
N PHE G 205 -20.11 34.66 -38.89
CA PHE G 205 -21.48 34.97 -39.20
C PHE G 205 -22.36 34.58 -38.05
N VAL G 206 -22.97 35.58 -37.45
CA VAL G 206 -23.86 35.36 -36.33
C VAL G 206 -25.27 35.17 -36.89
N LEU G 207 -25.87 34.03 -36.58
CA LEU G 207 -27.19 33.76 -37.12
C LEU G 207 -28.28 33.60 -36.08
N ILE G 208 -29.06 34.66 -35.87
CA ILE G 208 -30.18 34.64 -34.92
C ILE G 208 -31.36 34.28 -35.81
N ASP G 209 -32.51 33.99 -35.24
CA ASP G 209 -33.63 33.69 -36.10
C ASP G 209 -34.99 34.12 -35.59
N GLU G 210 -35.34 35.38 -35.87
CA GLU G 210 -36.64 35.90 -35.47
C GLU G 210 -37.61 35.06 -36.28
N PRO G 211 -38.89 35.11 -35.94
CA PRO G 211 -39.83 34.31 -36.72
C PRO G 211 -40.10 34.93 -38.09
N ASP G 212 -40.95 35.95 -38.14
CA ASP G 212 -41.29 36.62 -39.39
C ASP G 212 -41.96 35.71 -40.43
N ASP G 213 -43.11 36.14 -40.93
CA ASP G 213 -43.87 35.36 -41.91
C ASP G 213 -43.20 35.29 -43.27
N LYS G 214 -43.02 36.45 -43.90
CA LYS G 214 -42.41 36.56 -45.22
C LYS G 214 -41.29 35.54 -45.40
N ILE G 215 -40.17 35.82 -44.77
CA ILE G 215 -39.01 34.95 -44.86
C ILE G 215 -39.39 33.48 -44.66
N ASP G 216 -40.03 33.13 -43.55
CA ASP G 216 -40.43 31.75 -43.30
C ASP G 216 -41.16 31.12 -44.47
N SER G 217 -42.19 31.81 -44.94
CA SER G 217 -42.94 31.33 -46.09
C SER G 217 -41.96 30.95 -47.19
N GLU G 218 -41.03 31.87 -47.47
CA GLU G 218 -40.02 31.65 -48.51
C GLU G 218 -39.22 30.40 -48.21
N VAL G 219 -38.56 30.41 -47.06
CA VAL G 219 -37.73 29.30 -46.65
C VAL G 219 -38.43 27.97 -46.79
N ALA G 220 -39.63 27.87 -46.22
CA ALA G 220 -40.35 26.62 -46.30
C ALA G 220 -40.64 26.31 -47.77
N ARG G 221 -41.42 27.15 -48.43
CA ARG G 221 -41.74 26.93 -49.83
C ARG G 221 -40.50 26.41 -50.55
N HIS G 222 -39.35 26.98 -50.23
CA HIS G 222 -38.11 26.57 -50.86
C HIS G 222 -37.75 25.13 -50.52
N ILE G 223 -37.78 24.80 -49.24
CA ILE G 223 -37.45 23.45 -48.83
C ILE G 223 -38.26 22.48 -49.63
N LEU G 224 -39.57 22.52 -49.47
CA LEU G 224 -40.45 21.63 -50.20
C LEU G 224 -39.95 21.53 -51.64
N ARG G 225 -39.92 22.66 -52.34
CA ARG G 225 -39.47 22.68 -53.72
C ARG G 225 -38.33 21.69 -53.87
N VAL G 226 -37.12 22.14 -53.51
CA VAL G 226 -35.94 21.28 -53.62
C VAL G 226 -35.95 20.25 -52.53
N ARG G 227 -36.99 19.41 -52.52
CA ARG G 227 -37.12 18.36 -51.51
C ARG G 227 -38.00 17.29 -52.10
N ARG G 228 -38.59 17.58 -53.25
CA ARG G 228 -39.47 16.61 -53.87
C ARG G 228 -38.87 15.97 -55.10
N GLY G 229 -39.09 14.66 -55.22
CA GLY G 229 -38.56 13.91 -56.34
C GLY G 229 -37.04 13.87 -56.21
N GLU G 230 -36.36 13.67 -57.32
CA GLU G 230 -34.90 13.62 -57.31
C GLU G 230 -34.34 14.76 -58.15
N SER G 231 -35.19 15.74 -58.47
CA SER G 231 -34.78 16.90 -59.28
C SER G 231 -35.69 18.14 -59.13
N GLU G 232 -35.10 19.31 -59.36
CA GLU G 232 -35.80 20.60 -59.29
C GLU G 232 -34.96 21.67 -60.01
N VAL G 233 -35.56 22.83 -60.29
CA VAL G 233 -34.86 23.91 -60.95
C VAL G 233 -33.95 24.56 -59.90
N VAL G 234 -33.64 23.79 -58.88
CA VAL G 234 -32.78 24.26 -57.81
C VAL G 234 -31.57 23.35 -57.63
N ALA G 235 -30.61 23.61 -58.52
CA ALA G 235 -29.32 22.96 -58.63
C ALA G 235 -28.35 24.09 -59.03
N PRO G 236 -27.04 23.89 -58.84
CA PRO G 236 -26.01 24.87 -59.16
C PRO G 236 -26.17 25.68 -60.41
N LYS G 237 -25.71 26.93 -60.36
CA LYS G 237 -25.75 27.86 -61.49
C LYS G 237 -24.49 27.55 -62.28
N ILE G 238 -23.66 26.69 -61.70
CA ILE G 238 -22.40 26.24 -62.27
C ILE G 238 -22.22 24.81 -61.82
N PRO G 239 -21.86 23.92 -62.75
CA PRO G 239 -21.65 22.51 -62.39
C PRO G 239 -20.59 22.40 -61.30
N HIS G 240 -20.85 21.58 -60.29
CA HIS G 240 -19.89 21.43 -59.20
C HIS G 240 -18.55 20.83 -59.63
N GLU G 241 -18.53 19.98 -60.63
CA GLU G 241 -17.27 19.39 -61.08
C GLU G 241 -16.41 20.48 -61.72
N ILE G 242 -17.05 21.37 -62.48
CA ILE G 242 -16.35 22.49 -63.14
C ILE G 242 -15.85 23.45 -62.07
N LEU G 243 -16.81 23.93 -61.27
CA LEU G 243 -16.54 24.87 -60.20
C LEU G 243 -15.53 24.41 -59.19
N ARG G 244 -15.29 23.10 -59.11
CA ARG G 244 -14.32 22.56 -58.16
C ARG G 244 -12.94 22.58 -58.80
N LYS G 245 -12.92 22.55 -60.13
CA LYS G 245 -11.68 22.59 -60.87
C LYS G 245 -11.31 24.07 -60.89
N TYR G 246 -12.29 24.90 -61.16
CA TYR G 246 -12.11 26.35 -61.22
C TYR G 246 -11.42 26.85 -59.95
N ILE G 247 -11.83 26.30 -58.81
CA ILE G 247 -11.24 26.68 -57.53
C ILE G 247 -9.80 26.24 -57.51
N ALA G 248 -9.59 24.93 -57.45
CA ALA G 248 -8.25 24.36 -57.42
C ALA G 248 -7.33 25.03 -58.44
N TYR G 249 -7.93 25.58 -59.49
CA TYR G 249 -7.15 26.26 -60.53
C TYR G 249 -6.66 27.64 -60.08
N ALA G 250 -7.59 28.46 -59.62
CA ALA G 250 -7.25 29.80 -59.14
C ALA G 250 -6.36 29.75 -57.90
N ARG G 251 -6.45 28.68 -57.11
CA ARG G 251 -5.59 28.55 -55.93
C ARG G 251 -4.23 28.06 -56.41
N LYS G 252 -3.97 28.22 -57.71
CA LYS G 252 -2.73 27.76 -58.29
C LYS G 252 -2.06 28.82 -59.15
N ASN G 253 -2.74 29.24 -60.20
CA ASN G 253 -2.21 30.20 -61.15
C ASN G 253 -2.40 31.68 -60.82
N ILE G 254 -3.25 31.99 -59.84
CA ILE G 254 -3.50 33.38 -59.52
C ILE G 254 -2.97 33.77 -58.14
N HIS G 255 -2.29 34.90 -58.08
CA HIS G 255 -1.75 35.40 -56.81
C HIS G 255 -1.86 36.93 -56.79
N PRO G 256 -3.10 37.43 -56.71
CA PRO G 256 -3.41 38.86 -56.68
C PRO G 256 -2.47 39.79 -55.93
N VAL G 257 -2.11 40.87 -56.60
CA VAL G 257 -1.27 41.89 -56.02
C VAL G 257 -2.19 43.06 -55.79
N ILE G 258 -1.93 43.79 -54.74
CA ILE G 258 -2.78 44.90 -54.37
C ILE G 258 -2.59 46.17 -55.18
N SER G 259 -3.67 46.61 -55.84
CA SER G 259 -3.60 47.83 -56.64
C SER G 259 -3.65 49.02 -55.72
N GLU G 260 -2.81 50.03 -56.00
CA GLU G 260 -2.82 51.24 -55.19
C GLU G 260 -4.28 51.65 -55.14
N GLU G 261 -4.98 51.29 -56.22
CA GLU G 261 -6.39 51.58 -56.36
C GLU G 261 -7.13 51.13 -55.11
N ALA G 262 -7.05 49.84 -54.84
CA ALA G 262 -7.71 49.22 -53.71
C ALA G 262 -7.10 49.65 -52.39
N MET G 263 -5.80 49.50 -52.29
CA MET G 263 -5.05 49.86 -51.09
C MET G 263 -5.71 51.02 -50.34
N GLU G 264 -5.89 52.12 -51.06
CA GLU G 264 -6.51 53.31 -50.48
C GLU G 264 -7.87 53.01 -49.87
N GLU G 265 -8.61 52.09 -50.50
CA GLU G 265 -9.95 51.74 -50.02
C GLU G 265 -9.95 50.95 -48.72
N ILE G 266 -9.04 49.99 -48.63
CA ILE G 266 -8.98 49.15 -47.44
C ILE G 266 -8.40 49.87 -46.23
N GLU G 267 -7.43 50.76 -46.45
CA GLU G 267 -6.84 51.48 -45.33
C GLU G 267 -7.85 52.52 -44.86
N LYS G 268 -8.42 53.26 -45.82
CA LYS G 268 -9.42 54.29 -45.55
C LYS G 268 -10.51 53.73 -44.65
N TYR G 269 -10.66 52.42 -44.74
CA TYR G 269 -11.65 51.71 -43.97
C TYR G 269 -11.12 51.19 -42.64
N TYR G 270 -9.99 50.48 -42.68
CA TYR G 270 -9.41 49.94 -41.47
C TYR G 270 -9.42 51.04 -40.42
N VAL G 271 -8.97 52.22 -40.79
CA VAL G 271 -8.95 53.34 -39.87
C VAL G 271 -10.37 53.64 -39.36
N ARG G 272 -11.35 53.58 -40.27
CA ARG G 272 -12.77 53.81 -39.96
C ARG G 272 -13.12 52.78 -38.90
N MET G 273 -12.86 51.54 -39.25
CA MET G 273 -13.11 50.41 -38.38
C MET G 273 -12.50 50.62 -37.00
N ARG G 274 -11.31 51.20 -36.97
CA ARG G 274 -10.65 51.45 -35.72
C ARG G 274 -11.51 52.27 -34.76
N LYS G 275 -12.10 53.37 -35.26
CA LYS G 275 -12.95 54.23 -34.43
C LYS G 275 -14.10 53.43 -33.82
N SER G 276 -13.95 53.05 -32.54
CA SER G 276 -14.96 52.28 -31.80
C SER G 276 -14.42 51.95 -30.40
N PRO G 291 -14.29 44.66 -30.90
CA PRO G 291 -13.02 44.53 -30.17
C PRO G 291 -11.74 44.48 -31.06
N ILE G 292 -11.68 45.42 -32.02
CA ILE G 292 -10.65 45.63 -33.08
C ILE G 292 -9.16 45.80 -32.76
N THR G 293 -8.33 45.21 -33.61
CA THR G 293 -6.88 45.27 -33.49
C THR G 293 -6.36 45.59 -34.88
N ALA G 294 -5.11 45.26 -35.11
CA ALA G 294 -4.47 45.48 -36.39
C ALA G 294 -4.60 44.19 -37.20
N ARG G 295 -5.11 43.14 -36.55
CA ARG G 295 -5.29 41.86 -37.21
C ARG G 295 -6.44 41.97 -38.19
N GLN G 296 -7.46 42.69 -37.77
CA GLN G 296 -8.64 42.91 -38.60
C GLN G 296 -8.22 43.37 -39.98
N LEU G 297 -7.16 44.17 -40.04
CA LEU G 297 -6.61 44.68 -41.30
C LEU G 297 -6.06 43.54 -42.14
N GLU G 298 -5.30 42.65 -41.50
CA GLU G 298 -4.69 41.51 -42.18
C GLU G 298 -5.74 40.66 -42.87
N ALA G 299 -6.73 40.23 -42.10
CA ALA G 299 -7.81 39.39 -42.61
C ALA G 299 -8.60 40.08 -43.71
N LEU G 300 -8.83 41.37 -43.53
CA LEU G 300 -9.55 42.11 -44.54
C LEU G 300 -8.77 41.99 -45.84
N ILE G 301 -7.45 42.06 -45.73
CA ILE G 301 -6.56 41.94 -46.88
C ILE G 301 -6.76 40.58 -47.53
N ARG G 302 -6.84 39.52 -46.72
CA ARG G 302 -7.03 38.20 -47.26
C ARG G 302 -8.32 38.06 -48.08
N LEU G 303 -9.43 38.60 -47.57
CA LEU G 303 -10.70 38.53 -48.27
C LEU G 303 -10.57 39.14 -49.65
N SER G 304 -10.25 40.43 -49.69
CA SER G 304 -10.10 41.16 -50.96
C SER G 304 -9.13 40.49 -51.92
N GLU G 305 -8.10 39.83 -51.41
CA GLU G 305 -7.16 39.12 -52.27
C GLU G 305 -7.93 37.94 -52.87
N ALA G 306 -8.61 37.16 -52.03
CA ALA G 306 -9.36 36.01 -52.49
C ALA G 306 -10.50 36.39 -53.42
N HIS G 307 -11.15 37.52 -53.15
CA HIS G 307 -12.27 37.94 -54.00
C HIS G 307 -11.77 38.17 -55.42
N ALA G 308 -10.50 38.49 -55.57
CA ALA G 308 -9.93 38.71 -56.90
C ALA G 308 -9.71 37.33 -57.47
N ARG G 309 -8.87 36.56 -56.79
CA ARG G 309 -8.55 35.20 -57.18
C ARG G 309 -9.81 34.44 -57.60
N MET G 310 -10.90 34.75 -56.92
CA MET G 310 -12.19 34.12 -57.18
C MET G 310 -12.62 34.32 -58.63
N ARG G 311 -12.14 35.41 -59.22
CA ARG G 311 -12.46 35.74 -60.59
C ARG G 311 -11.17 35.75 -61.41
N LEU G 312 -10.04 35.51 -60.75
CA LEU G 312 -8.73 35.50 -61.39
C LEU G 312 -8.45 36.93 -61.84
N SER G 313 -7.48 37.62 -61.23
CA SER G 313 -7.25 39.00 -61.65
C SER G 313 -5.92 39.38 -62.31
N PRO G 314 -4.80 39.31 -61.60
CA PRO G 314 -4.45 38.97 -60.23
C PRO G 314 -4.15 40.32 -59.59
N ILE G 315 -5.11 41.21 -59.72
CA ILE G 315 -4.95 42.54 -59.18
C ILE G 315 -6.16 42.97 -58.39
N VAL G 316 -5.99 43.02 -57.08
CA VAL G 316 -7.04 43.42 -56.16
C VAL G 316 -7.49 44.84 -56.49
N THR G 317 -8.37 44.97 -57.48
CA THR G 317 -8.91 46.27 -57.91
C THR G 317 -9.76 46.94 -56.85
N ARG G 318 -10.08 48.22 -57.07
CA ARG G 318 -10.88 48.95 -56.11
C ARG G 318 -12.16 48.20 -55.78
N GLU G 319 -12.72 47.51 -56.76
CA GLU G 319 -13.95 46.73 -56.54
C GLU G 319 -13.74 45.60 -55.57
N ASP G 320 -12.75 44.78 -55.83
CA ASP G 320 -12.46 43.67 -54.95
C ASP G 320 -12.40 44.20 -53.53
N ALA G 321 -11.40 45.05 -53.27
CA ALA G 321 -11.22 45.64 -51.95
C ALA G 321 -12.53 46.20 -51.41
N ARG G 322 -13.31 46.79 -52.30
CA ARG G 322 -14.60 47.36 -51.94
C ARG G 322 -15.47 46.24 -51.36
N GLU G 323 -15.72 45.22 -52.18
CA GLU G 323 -16.53 44.07 -51.80
C GLU G 323 -16.13 43.49 -50.46
N ALA G 324 -14.82 43.30 -50.30
CA ALA G 324 -14.29 42.75 -49.08
C ALA G 324 -14.83 43.50 -47.89
N ILE G 325 -14.62 44.81 -47.87
CA ILE G 325 -15.11 45.55 -46.73
C ILE G 325 -16.62 45.44 -46.59
N LYS G 326 -17.33 45.29 -47.71
CA LYS G 326 -18.79 45.17 -47.64
C LYS G 326 -19.12 43.96 -46.78
N LEU G 327 -18.66 42.80 -47.23
CA LEU G 327 -18.90 41.58 -46.49
C LEU G 327 -18.50 41.76 -45.03
N MET G 328 -17.35 42.38 -44.78
CA MET G 328 -16.90 42.57 -43.42
C MET G 328 -17.76 43.51 -42.58
N GLU G 329 -18.22 44.65 -43.14
CA GLU G 329 -19.06 45.53 -42.35
C GLU G 329 -20.39 44.84 -42.13
N TYR G 330 -20.63 43.76 -42.86
CA TYR G 330 -21.87 43.02 -42.67
C TYR G 330 -21.70 42.10 -41.49
N THR G 331 -20.71 41.21 -41.56
CA THR G 331 -20.43 40.26 -40.47
C THR G 331 -20.54 41.04 -39.18
N LEU G 332 -20.06 42.29 -39.25
CA LEU G 332 -20.06 43.22 -38.14
C LEU G 332 -21.43 43.68 -37.69
N LYS G 333 -22.23 44.16 -38.64
CA LYS G 333 -23.55 44.62 -38.31
C LYS G 333 -24.28 43.51 -37.56
N GLN G 334 -24.23 42.31 -38.11
CA GLN G 334 -24.87 41.15 -37.49
C GLN G 334 -24.55 40.95 -36.02
N ILE G 335 -23.42 41.48 -35.57
CA ILE G 335 -23.04 41.31 -34.18
C ILE G 335 -23.88 42.12 -33.23
N ALA G 336 -24.44 43.22 -33.72
CA ALA G 336 -25.30 44.06 -32.88
C ALA G 336 -26.62 43.32 -32.62
N MET G 337 -26.90 42.34 -33.47
CA MET G 337 -28.10 41.50 -33.41
C MET G 337 -29.44 42.22 -33.45
N PRO H 2 38.95 41.21 -43.32
CA PRO H 2 39.70 42.48 -43.17
C PRO H 2 39.33 43.42 -44.31
N GLU H 3 38.79 42.83 -45.38
CA GLU H 3 38.34 43.58 -46.54
C GLU H 3 37.03 44.20 -46.10
N GLU H 4 36.48 43.58 -45.05
CA GLU H 4 35.23 43.98 -44.43
C GLU H 4 35.51 45.15 -43.49
N GLU H 5 36.48 44.95 -42.59
CA GLU H 5 36.86 45.98 -41.64
C GLU H 5 37.00 47.31 -42.37
N GLN H 6 37.44 47.23 -43.62
CA GLN H 6 37.61 48.42 -44.45
C GLN H 6 36.27 49.13 -44.63
N ILE H 7 35.26 48.37 -45.00
CA ILE H 7 33.93 48.92 -45.21
C ILE H 7 33.41 49.55 -43.93
N ILE H 8 33.36 48.75 -42.87
CA ILE H 8 32.88 49.19 -41.56
C ILE H 8 33.35 50.59 -41.19
N LYS H 9 34.66 50.77 -41.10
CA LYS H 9 35.24 52.06 -40.77
C LYS H 9 34.56 53.15 -41.62
N GLU H 10 34.37 52.84 -42.90
CA GLU H 10 33.76 53.78 -43.84
C GLU H 10 32.34 54.14 -43.42
N LEU H 11 31.59 53.12 -43.02
CA LEU H 11 30.21 53.33 -42.59
C LEU H 11 30.23 54.31 -41.42
N ALA H 12 31.01 54.00 -40.40
CA ALA H 12 31.12 54.85 -39.22
C ALA H 12 31.43 56.28 -39.64
N LYS H 13 32.30 56.42 -40.65
CA LYS H 13 32.67 57.73 -41.16
C LYS H 13 31.40 58.51 -41.49
N ARG H 14 30.41 57.81 -42.02
CA ARG H 14 29.14 58.41 -42.41
C ARG H 14 28.66 59.38 -41.35
N LYS H 15 27.97 60.43 -41.78
CA LYS H 15 27.48 61.44 -40.86
C LYS H 15 26.28 60.96 -40.05
N ASP H 16 25.36 60.28 -40.72
CA ASP H 16 24.13 59.81 -40.09
C ASP H 16 24.13 58.39 -39.55
N ILE H 17 25.26 57.71 -39.60
CA ILE H 17 25.34 56.32 -39.13
C ILE H 17 24.39 55.96 -38.00
N VAL H 18 24.38 56.77 -36.94
CA VAL H 18 23.51 56.52 -35.79
C VAL H 18 22.10 56.19 -36.27
N ASP H 19 21.58 57.07 -37.11
CA ASP H 19 20.25 56.94 -37.65
C ASP H 19 20.13 55.77 -38.61
N ALA H 20 21.12 55.61 -39.47
CA ALA H 20 21.08 54.52 -40.43
C ALA H 20 20.99 53.19 -39.70
N ILE H 21 21.74 53.05 -38.63
CA ILE H 21 21.76 51.81 -37.85
C ILE H 21 20.40 51.40 -37.29
N VAL H 22 19.55 52.37 -36.97
CA VAL H 22 18.24 52.02 -36.43
C VAL H 22 17.31 51.68 -37.59
N ASP H 23 17.38 52.46 -38.66
CA ASP H 23 16.53 52.23 -39.82
C ASP H 23 16.86 50.92 -40.47
N SER H 24 17.70 50.13 -39.82
CA SER H 24 18.07 48.85 -40.36
C SER H 24 17.70 47.75 -39.41
N ILE H 25 17.31 48.12 -38.19
CA ILE H 25 16.91 47.14 -37.19
C ILE H 25 15.71 46.41 -37.75
N ALA H 26 14.63 47.13 -37.96
CA ALA H 26 13.45 46.51 -38.54
C ALA H 26 12.84 47.55 -39.45
N PRO H 27 13.09 47.40 -40.76
CA PRO H 27 12.60 48.30 -41.79
C PRO H 27 11.11 48.06 -41.97
N ALA H 28 10.72 46.82 -41.71
CA ALA H 28 9.34 46.39 -41.83
C ALA H 28 8.47 47.23 -40.93
N ILE H 29 8.44 46.84 -39.66
CA ILE H 29 7.64 47.56 -38.70
C ILE H 29 7.89 49.04 -38.95
N TYR H 30 6.82 49.80 -38.88
CA TYR H 30 6.85 51.22 -39.12
C TYR H 30 6.90 52.00 -37.81
N GLY H 31 7.83 52.94 -37.69
CA GLY H 31 7.92 53.73 -36.49
C GLY H 31 8.73 53.16 -35.35
N TYR H 32 8.34 53.50 -34.12
CA TYR H 32 9.07 53.01 -32.95
C TYR H 32 10.53 53.34 -33.02
N LYS H 33 10.84 54.57 -33.41
CA LYS H 33 12.21 55.01 -33.50
C LYS H 33 13.01 54.61 -32.25
N GLU H 34 12.46 54.88 -31.07
CA GLU H 34 13.12 54.60 -29.79
C GLU H 34 13.23 53.14 -29.44
N VAL H 35 12.15 52.40 -29.66
CA VAL H 35 12.18 50.99 -29.37
C VAL H 35 13.20 50.34 -30.30
N LYS H 36 13.54 51.06 -31.37
CA LYS H 36 14.52 50.58 -32.36
C LYS H 36 15.91 50.98 -31.93
N LYS H 37 16.03 52.27 -31.60
CA LYS H 37 17.29 52.86 -31.14
C LYS H 37 17.62 52.29 -29.76
N GLY H 38 16.62 51.69 -29.12
CA GLY H 38 16.82 51.08 -27.82
C GLY H 38 17.48 49.77 -28.16
N ILE H 39 16.73 48.87 -28.79
CA ILE H 39 17.28 47.58 -29.19
C ILE H 39 18.64 47.77 -29.81
N ALA H 40 18.80 48.84 -30.59
CA ALA H 40 20.07 49.11 -31.23
C ALA H 40 21.19 49.10 -30.21
N LEU H 41 21.07 49.94 -29.20
CA LEU H 41 22.08 50.01 -28.16
C LEU H 41 22.23 48.63 -27.56
N ALA H 42 21.12 48.03 -27.17
CA ALA H 42 21.13 46.72 -26.57
C ALA H 42 21.99 45.71 -27.33
N LEU H 43 22.01 45.82 -28.66
CA LEU H 43 22.78 44.92 -29.51
C LEU H 43 24.26 45.26 -29.50
N PHE H 44 24.59 46.49 -29.11
CA PHE H 44 25.98 46.92 -29.03
C PHE H 44 26.53 46.83 -27.62
N GLY H 45 25.63 46.78 -26.64
CA GLY H 45 26.03 46.66 -25.25
C GLY H 45 26.96 47.70 -24.64
N GLY H 46 26.99 47.71 -23.32
CA GLY H 46 27.83 48.63 -22.58
C GLY H 46 29.25 48.12 -22.53
N VAL H 47 30.13 48.87 -21.88
CA VAL H 47 31.54 48.53 -21.79
C VAL H 47 31.86 47.09 -21.36
N SER H 48 31.28 46.64 -20.25
CA SER H 48 31.51 45.27 -19.75
C SER H 48 33.00 44.89 -19.78
N ARG H 49 33.74 45.28 -18.75
CA ARG H 49 35.18 45.00 -18.61
C ARG H 49 35.47 44.93 -17.11
N LYS H 50 35.71 43.72 -16.60
CA LYS H 50 35.97 43.58 -15.17
C LYS H 50 37.36 44.02 -14.72
N LEU H 51 37.46 44.36 -13.44
CA LEU H 51 38.70 44.76 -12.81
C LEU H 51 38.74 44.02 -11.47
N PRO H 52 39.94 43.81 -10.88
CA PRO H 52 40.08 43.10 -9.59
C PRO H 52 39.55 43.91 -8.42
N ASP H 53 39.91 45.19 -8.41
CA ASP H 53 39.49 46.14 -7.39
C ASP H 53 38.00 46.39 -7.49
N GLY H 54 37.52 46.54 -8.73
CA GLY H 54 36.10 46.78 -8.95
C GLY H 54 35.40 45.51 -9.43
N THR H 55 35.85 44.38 -8.90
CA THR H 55 35.30 43.07 -9.22
C THR H 55 34.63 42.96 -10.60
N ARG H 56 33.62 42.09 -10.70
CA ARG H 56 32.86 41.87 -11.93
C ARG H 56 32.41 43.19 -12.57
N LEU H 57 31.97 43.14 -13.83
CA LEU H 57 31.48 44.32 -14.54
C LEU H 57 30.69 43.97 -15.81
N ARG H 58 29.39 43.74 -15.64
CA ARG H 58 28.49 43.41 -16.74
C ARG H 58 28.32 44.67 -17.59
N GLY H 59 27.98 44.47 -18.86
CA GLY H 59 27.79 45.62 -19.73
C GLY H 59 26.57 45.37 -20.59
N ASP H 60 26.18 44.10 -20.64
CA ASP H 60 25.03 43.71 -21.44
C ASP H 60 23.81 44.52 -21.03
N ILE H 61 23.08 44.97 -22.04
CA ILE H 61 21.89 45.77 -21.85
C ILE H 61 20.61 45.01 -22.12
N HIS H 62 19.81 44.80 -21.08
CA HIS H 62 18.55 44.09 -21.22
C HIS H 62 17.40 45.03 -21.56
N VAL H 63 16.49 44.59 -22.40
CA VAL H 63 15.40 45.44 -22.83
C VAL H 63 14.04 44.76 -22.78
N LEU H 64 13.09 45.37 -22.08
CA LEU H 64 11.77 44.80 -22.00
C LEU H 64 10.75 45.58 -22.80
N LEU H 65 9.88 44.86 -23.50
CA LEU H 65 8.85 45.45 -24.34
C LEU H 65 7.47 45.03 -23.87
N VAL H 66 6.80 45.83 -23.05
CA VAL H 66 5.47 45.44 -22.58
C VAL H 66 4.33 46.29 -23.13
N GLY H 67 3.35 45.64 -23.76
CA GLY H 67 2.24 46.41 -24.31
C GLY H 67 0.95 45.67 -24.62
N ASP H 68 -0.05 46.43 -25.04
CA ASP H 68 -1.35 45.88 -25.41
C ASP H 68 -1.06 44.93 -26.57
N PRO H 69 -1.99 44.06 -26.91
CA PRO H 69 -1.71 43.15 -28.02
C PRO H 69 -1.77 43.86 -29.36
N GLY H 70 -1.18 43.23 -30.38
CA GLY H 70 -1.19 43.79 -31.72
C GLY H 70 -0.43 45.08 -31.89
N VAL H 71 0.74 45.15 -31.25
CA VAL H 71 1.59 46.33 -31.31
C VAL H 71 2.92 46.07 -32.00
N ALA H 72 3.14 44.85 -32.48
CA ALA H 72 4.38 44.47 -33.19
C ALA H 72 5.48 43.86 -32.32
N LYS H 73 5.22 43.66 -31.04
CA LYS H 73 6.23 43.09 -30.16
C LYS H 73 6.77 41.79 -30.76
N SER H 74 5.91 40.78 -30.82
CA SER H 74 6.29 39.49 -31.38
C SER H 74 7.07 39.72 -32.68
N GLN H 75 6.45 40.45 -33.61
CA GLN H 75 7.06 40.75 -34.90
C GLN H 75 8.49 41.25 -34.73
N ILE H 76 8.63 42.41 -34.08
CA ILE H 76 9.94 43.01 -33.84
C ILE H 76 11.01 42.04 -33.38
N LEU H 77 10.81 41.41 -32.22
CA LEU H 77 11.81 40.47 -31.72
C LEU H 77 12.28 39.59 -32.85
N ARG H 78 11.32 39.04 -33.58
CA ARG H 78 11.61 38.16 -34.70
C ARG H 78 12.62 38.80 -35.66
N TYR H 79 12.39 40.04 -36.07
CA TYR H 79 13.31 40.71 -36.99
C TYR H 79 14.68 40.85 -36.39
N VAL H 80 14.74 40.96 -35.07
CA VAL H 80 16.03 41.11 -34.42
C VAL H 80 16.77 39.80 -34.53
N ALA H 81 16.08 38.69 -34.34
CA ALA H 81 16.75 37.41 -34.44
C ALA H 81 17.41 37.31 -35.81
N ASN H 82 16.65 37.69 -36.84
CA ASN H 82 17.14 37.63 -38.21
C ASN H 82 18.29 38.62 -38.50
N LEU H 83 18.69 39.38 -37.49
CA LEU H 83 19.79 40.34 -37.64
C LEU H 83 20.90 39.97 -36.67
N ALA H 84 20.67 40.22 -35.39
CA ALA H 84 21.63 39.93 -34.33
C ALA H 84 22.46 38.69 -34.59
N PRO H 85 23.77 38.76 -34.29
CA PRO H 85 24.64 37.61 -34.51
C PRO H 85 24.14 36.36 -33.80
N ARG H 86 24.52 36.21 -32.54
CA ARG H 86 24.13 35.04 -31.74
C ARG H 86 22.72 35.18 -31.17
N ALA H 87 21.73 35.40 -32.03
CA ALA H 87 20.36 35.59 -31.59
C ALA H 87 19.51 34.32 -31.41
N ILE H 88 18.78 34.25 -30.30
CA ILE H 88 17.90 33.11 -30.03
C ILE H 88 16.49 33.61 -29.73
N TYR H 89 15.58 33.41 -30.67
CA TYR H 89 14.20 33.81 -30.45
C TYR H 89 13.54 32.61 -29.81
N THR H 90 12.60 32.85 -28.91
CA THR H 90 11.93 31.76 -28.25
C THR H 90 10.71 32.30 -27.51
N SER H 91 9.52 32.10 -28.08
CA SER H 91 8.29 32.60 -27.47
C SER H 91 7.63 31.56 -26.57
N UNK H 92 7.23 31.97 -25.38
CA UNK H 92 6.57 31.06 -24.43
C UNK H 92 5.34 30.44 -25.10
N UNK H 93 5.59 29.34 -25.82
CA UNK H 93 4.57 28.61 -26.54
C UNK H 93 5.20 27.44 -27.34
N UNK H 94 4.66 26.24 -27.15
CA UNK H 94 5.13 25.02 -27.81
C UNK H 94 6.52 24.58 -27.34
N UNK H 95 7.28 23.92 -28.21
CA UNK H 95 8.63 23.46 -27.87
C UNK H 95 9.66 23.80 -28.95
N UNK H 96 10.93 23.86 -28.55
CA UNK H 96 12.03 24.21 -29.46
C UNK H 96 11.74 25.54 -30.17
N UNK H 97 12.80 26.24 -30.61
CA UNK H 97 12.63 27.53 -31.28
C UNK H 97 13.53 27.68 -32.52
N UNK H 98 13.24 28.68 -33.36
CA UNK H 98 13.98 28.93 -34.59
C UNK H 98 15.16 29.88 -34.41
N UNK H 99 14.98 31.14 -34.80
CA UNK H 99 16.02 32.15 -34.67
C UNK H 99 17.26 31.90 -35.53
N UNK H 100 18.27 31.32 -34.90
CA UNK H 100 19.56 31.01 -35.50
C UNK H 100 19.62 30.80 -37.00
N UNK H 101 20.78 31.11 -37.56
CA UNK H 101 21.02 30.94 -38.98
C UNK H 101 22.04 29.79 -39.07
N UNK H 102 22.25 29.16 -37.92
CA UNK H 102 23.13 28.01 -37.71
C UNK H 102 24.45 27.90 -38.48
N UNK H 103 25.46 27.35 -37.79
CA UNK H 103 26.79 27.14 -38.33
C UNK H 103 27.58 26.25 -37.35
N UNK H 104 27.20 24.98 -37.30
CA UNK H 104 27.83 24.01 -36.41
C UNK H 104 27.65 24.43 -34.96
N UNK H 105 26.47 24.96 -34.63
CA UNK H 105 26.17 25.41 -33.27
C UNK H 105 26.97 26.66 -32.86
N UNK H 106 26.85 27.07 -31.60
CA UNK H 106 27.51 28.28 -31.08
C UNK H 106 28.98 28.14 -30.64
N UNK H 107 29.70 29.26 -30.65
CA UNK H 107 31.11 29.31 -30.27
C UNK H 107 31.47 28.84 -28.87
N UNK H 108 30.65 29.13 -27.86
CA UNK H 108 30.97 28.68 -26.51
C UNK H 108 29.85 27.95 -25.77
N UNK H 109 30.00 27.83 -24.45
CA UNK H 109 29.09 27.09 -23.56
C UNK H 109 27.57 27.26 -23.46
N UNK H 110 27.01 26.39 -22.63
CA UNK H 110 25.59 26.28 -22.29
C UNK H 110 24.48 26.13 -23.36
N UNK H 111 23.26 25.98 -22.85
CA UNK H 111 22.06 25.79 -23.66
C UNK H 111 20.91 25.41 -22.69
N UNK H 112 19.68 25.24 -23.16
CA UNK H 112 18.59 24.85 -22.23
C UNK H 112 17.12 24.66 -22.72
N UNK H 113 16.14 25.02 -21.86
CA UNK H 113 14.67 24.90 -22.09
C UNK H 113 13.98 25.96 -22.97
N UNK H 114 14.18 27.23 -22.64
CA UNK H 114 13.63 28.32 -23.43
C UNK H 114 14.55 28.30 -24.64
N UNK H 115 15.84 28.16 -24.33
CA UNK H 115 16.98 28.06 -25.26
C UNK H 115 17.88 29.30 -25.19
N UNK H 116 18.86 29.26 -24.31
CA UNK H 116 19.78 30.37 -24.15
C UNK H 116 21.20 29.83 -24.22
N UNK H 117 22.12 30.58 -24.83
CA UNK H 117 23.52 30.17 -25.00
C UNK H 117 24.51 30.78 -23.98
N UNK H 118 24.66 30.07 -22.85
CA UNK H 118 25.54 30.46 -21.73
C UNK H 118 26.88 29.73 -21.71
N GLY H 125 27.95 33.61 -25.44
CA GLY H 125 27.07 34.65 -24.96
C GLY H 125 25.84 34.62 -25.84
N GLY H 126 25.57 35.74 -26.53
CA GLY H 126 24.43 35.83 -27.42
C GLY H 126 23.13 36.39 -26.86
N TYR H 127 22.47 37.23 -27.65
CA TYR H 127 21.21 37.84 -27.26
C TYR H 127 20.05 36.86 -27.37
N ALA H 128 19.31 36.69 -26.27
CA ALA H 128 18.16 35.78 -26.28
C ALA H 128 16.91 36.62 -26.32
N LEU H 129 16.28 36.62 -27.49
CA LEU H 129 15.06 37.35 -27.73
C LEU H 129 13.92 36.51 -27.18
N ILE H 130 13.39 36.91 -26.03
CA ILE H 130 12.32 36.18 -25.37
C ILE H 130 10.94 36.80 -25.48
N ASP H 131 10.18 36.39 -26.48
CA ASP H 131 8.84 36.94 -26.62
C ASP H 131 7.91 36.26 -25.62
N GLU H 132 6.91 37.00 -25.14
CA GLU H 132 5.91 36.48 -24.20
C GLU H 132 6.50 36.06 -22.87
N LEU H 133 7.39 36.89 -22.33
CA LEU H 133 8.04 36.60 -21.06
C LEU H 133 7.08 36.48 -19.88
N ASP H 134 5.82 36.89 -20.08
CA ASP H 134 4.83 36.82 -19.02
C ASP H 134 4.12 35.47 -19.00
N LYS H 135 4.40 34.63 -20.00
CA LYS H 135 3.82 33.30 -20.11
C LYS H 135 4.90 32.22 -20.02
N MET H 136 5.93 32.49 -19.23
CA MET H 136 7.00 31.53 -19.04
C MET H 136 6.57 30.66 -17.89
N SER H 137 6.74 29.35 -17.99
CA SER H 137 6.38 28.48 -16.88
C SER H 137 7.30 28.96 -15.76
N ASP H 138 6.75 29.19 -14.57
CA ASP H 138 7.54 29.66 -13.43
C ASP H 138 8.99 29.12 -13.39
N ARG H 139 9.23 27.98 -14.02
CA ARG H 139 10.58 27.39 -14.09
C ARG H 139 11.40 28.22 -15.07
N ASP H 140 11.02 28.17 -16.34
CA ASP H 140 11.71 28.93 -17.37
C ASP H 140 11.90 30.39 -16.96
N ARG H 141 10.99 30.93 -16.15
CA ARG H 141 11.15 32.30 -15.69
C ARG H 141 12.34 32.30 -14.75
N SER H 142 12.17 31.66 -13.61
CA SER H 142 13.20 31.57 -12.59
C SER H 142 14.60 31.70 -13.14
N VAL H 143 14.94 30.82 -14.06
CA VAL H 143 16.27 30.83 -14.66
C VAL H 143 16.69 32.23 -15.11
N ILE H 144 15.91 32.81 -16.01
CA ILE H 144 16.19 34.15 -16.51
C ILE H 144 16.36 35.09 -15.33
N HIS H 145 15.37 35.07 -14.45
CA HIS H 145 15.38 35.89 -13.26
C HIS H 145 16.78 35.82 -12.65
N GLU H 146 17.28 34.60 -12.47
CA GLU H 146 18.62 34.44 -11.92
C GLU H 146 19.63 35.01 -12.89
N ALA H 147 19.51 34.60 -14.14
CA ALA H 147 20.41 35.03 -15.19
C ALA H 147 20.55 36.56 -15.29
N LEU H 148 19.43 37.26 -15.12
CA LEU H 148 19.43 38.71 -15.20
C LEU H 148 19.95 39.29 -13.91
N GLU H 149 19.54 38.68 -12.81
CA GLU H 149 19.93 39.10 -11.47
C GLU H 149 21.39 38.75 -11.18
N GLN H 150 21.66 37.46 -10.94
CA GLN H 150 23.01 36.98 -10.65
C GLN H 150 24.01 37.26 -11.75
N GLN H 151 23.68 36.79 -12.95
CA GLN H 151 24.55 36.89 -14.11
C GLN H 151 25.20 35.52 -14.17
N THR H 152 24.58 34.57 -13.47
CA THR H 152 25.07 33.20 -13.38
C THR H 152 23.97 32.20 -13.01
N ILE H 153 23.70 31.25 -13.89
CA ILE H 153 22.69 30.26 -13.61
C ILE H 153 23.29 29.09 -12.82
N SER H 154 22.47 28.12 -12.44
CA SER H 154 22.97 26.96 -11.69
C SER H 154 21.96 25.82 -11.54
N ILE H 155 22.44 24.61 -11.80
CA ILE H 155 21.63 23.39 -11.69
C ILE H 155 22.45 22.38 -10.91
N SER H 156 22.00 22.03 -9.70
CA SER H 156 22.71 21.04 -8.90
C SER H 156 21.78 19.87 -8.65
N LYS H 157 21.02 19.51 -9.69
CA LYS H 157 20.07 18.41 -9.59
C LYS H 157 20.79 17.05 -9.69
N ALA H 158 21.04 16.47 -8.51
CA ALA H 158 21.72 15.19 -8.27
C ALA H 158 22.87 15.48 -7.32
N GLY H 159 23.84 14.58 -7.27
CA GLY H 159 24.98 14.80 -6.40
C GLY H 159 25.81 15.93 -6.97
N ILE H 160 25.83 16.03 -8.30
CA ILE H 160 26.58 17.06 -8.99
C ILE H 160 26.02 18.46 -8.84
N THR H 161 26.88 19.44 -9.03
CA THR H 161 26.53 20.85 -8.90
C THR H 161 27.00 21.57 -10.16
N ALA H 162 26.06 22.15 -10.90
CA ALA H 162 26.42 22.83 -12.15
C ALA H 162 26.19 24.33 -12.13
N THR H 163 27.26 25.10 -12.13
CA THR H 163 27.09 26.54 -12.16
C THR H 163 27.43 27.03 -13.56
N LEU H 164 26.38 27.40 -14.29
CA LEU H 164 26.50 27.89 -15.65
C LEU H 164 26.72 29.38 -15.62
N ASN H 165 27.72 29.86 -16.35
CA ASN H 165 28.00 31.29 -16.40
C ASN H 165 27.06 31.95 -17.39
N ALA H 166 26.24 32.87 -16.90
CA ALA H 166 25.28 33.59 -17.73
C ALA H 166 25.91 34.88 -18.21
N ARG H 167 26.02 35.01 -19.52
CA ARG H 167 26.61 36.19 -20.11
C ARG H 167 25.96 36.48 -21.45
N THR H 168 24.67 36.75 -21.42
CA THR H 168 23.92 37.05 -22.64
C THR H 168 23.02 38.26 -22.44
N THR H 169 22.53 38.80 -23.54
CA THR H 169 21.64 39.96 -23.50
C THR H 169 20.20 39.48 -23.62
N VAL H 170 19.27 40.17 -22.99
CA VAL H 170 17.88 39.76 -23.06
C VAL H 170 16.99 40.84 -23.59
N ILE H 171 16.49 40.66 -24.80
CA ILE H 171 15.57 41.62 -25.38
C ILE H 171 14.24 40.91 -25.37
N ALA H 172 13.42 41.20 -24.37
CA ALA H 172 12.13 40.53 -24.22
C ALA H 172 10.89 41.39 -24.35
N ALA H 173 9.79 40.69 -24.61
CA ALA H 173 8.48 41.30 -24.77
C ALA H 173 7.58 40.74 -23.69
N ALA H 174 6.41 41.33 -23.52
CA ALA H 174 5.48 40.87 -22.50
C ALA H 174 4.14 41.62 -22.54
N ASN H 175 3.07 40.93 -22.17
CA ASN H 175 1.74 41.53 -22.16
C ASN H 175 1.34 41.77 -20.70
N PRO H 176 0.33 42.60 -20.48
CA PRO H 176 -0.15 42.90 -19.12
C PRO H 176 -0.89 41.71 -18.56
N LYS H 177 -1.01 41.61 -17.24
CA LYS H 177 -1.73 40.49 -16.64
C LYS H 177 -3.15 40.46 -17.18
N GLN H 178 -3.63 41.62 -17.62
CA GLN H 178 -4.98 41.74 -18.16
C GLN H 178 -5.10 41.59 -19.67
N GLY H 179 -4.00 41.86 -20.37
CA GLY H 179 -4.00 41.78 -21.82
C GLY H 179 -3.71 43.16 -22.36
N ARG H 180 -4.54 44.12 -21.95
CA ARG H 180 -4.42 45.52 -22.32
C ARG H 180 -4.38 46.25 -20.98
N PHE H 181 -3.94 47.50 -20.95
CA PHE H 181 -3.94 48.18 -19.66
C PHE H 181 -4.35 49.64 -19.63
N ASN H 182 -4.81 50.16 -20.76
CA ASN H 182 -5.23 51.56 -20.92
C ASN H 182 -5.68 52.27 -19.65
N ARG H 183 -6.15 51.51 -18.66
CA ARG H 183 -6.58 52.13 -17.42
C ARG H 183 -5.52 53.08 -16.89
N MET H 184 -5.86 53.75 -15.81
CA MET H 184 -4.98 54.71 -15.18
C MET H 184 -3.86 54.01 -14.41
N LYS H 185 -4.22 53.02 -13.59
CA LYS H 185 -3.25 52.27 -12.80
C LYS H 185 -1.89 52.14 -13.48
N ASN H 186 -0.82 52.10 -12.68
CA ASN H 186 0.53 52.02 -13.22
C ASN H 186 0.91 50.75 -13.95
N PRO H 187 1.41 50.92 -15.18
CA PRO H 187 1.84 49.86 -16.07
C PRO H 187 2.64 48.79 -15.36
N PHE H 188 3.17 49.15 -14.21
CA PHE H 188 3.99 48.20 -13.47
C PHE H 188 3.28 47.25 -12.56
N GLU H 189 1.99 47.46 -12.34
CA GLU H 189 1.22 46.57 -11.50
C GLU H 189 0.53 45.60 -12.44
N GLN H 190 0.43 46.03 -13.69
CA GLN H 190 -0.24 45.27 -14.71
C GLN H 190 0.58 44.17 -15.37
N ILE H 191 1.91 44.24 -15.22
CA ILE H 191 2.80 43.21 -15.80
C ILE H 191 2.80 41.99 -14.87
N ASP H 192 2.90 40.79 -15.43
CA ASP H 192 2.89 39.56 -14.60
C ASP H 192 4.28 39.09 -14.16
N LEU H 193 5.25 40.01 -14.13
CA LEU H 193 6.61 39.66 -13.73
C LEU H 193 6.97 40.24 -12.36
N PRO H 194 7.75 39.48 -11.58
CA PRO H 194 8.14 39.95 -10.25
C PRO H 194 8.98 41.20 -10.39
N PRO H 195 8.52 42.30 -9.81
CA PRO H 195 9.24 43.55 -9.88
C PRO H 195 10.76 43.45 -9.75
N THR H 196 11.24 42.53 -8.92
CA THR H 196 12.68 42.37 -8.76
C THR H 196 13.37 41.78 -9.98
N LEU H 197 12.58 41.55 -11.02
CA LEU H 197 13.10 41.02 -12.28
C LEU H 197 13.11 42.20 -13.21
N LEU H 198 11.96 42.85 -13.29
CA LEU H 198 11.78 44.02 -14.16
C LEU H 198 12.90 45.01 -13.88
N SER H 199 13.21 45.21 -12.60
CA SER H 199 14.25 46.14 -12.20
C SER H 199 15.58 45.83 -12.88
N ARG H 200 15.67 44.67 -13.51
CA ARG H 200 16.89 44.25 -14.18
C ARG H 200 17.08 44.78 -15.60
N PHE H 201 16.00 45.28 -16.17
CA PHE H 201 16.05 45.83 -17.52
C PHE H 201 16.58 47.25 -17.46
N ASP H 202 17.37 47.61 -18.47
CA ASP H 202 17.95 48.94 -18.57
C ASP H 202 16.97 49.89 -19.25
N LEU H 203 15.99 49.32 -19.97
CA LEU H 203 14.98 50.12 -20.62
C LEU H 203 13.72 49.31 -20.78
N ILE H 204 12.59 49.87 -20.37
CA ILE H 204 11.29 49.18 -20.56
C ILE H 204 10.34 50.04 -21.46
N PHE H 205 10.06 49.54 -22.66
CA PHE H 205 9.20 50.30 -23.52
C PHE H 205 7.77 49.87 -23.33
N VAL H 206 6.99 50.80 -22.82
CA VAL H 206 5.58 50.54 -22.60
C VAL H 206 4.81 50.91 -23.86
N LEU H 207 4.10 49.95 -24.41
CA LEU H 207 3.38 50.23 -25.64
C LEU H 207 1.88 50.10 -25.56
N ILE H 208 1.19 51.24 -25.42
CA ILE H 208 -0.27 51.27 -25.36
C ILE H 208 -0.66 51.53 -26.80
N ASP H 209 -1.93 51.43 -27.13
CA ASP H 209 -2.28 51.71 -28.52
C ASP H 209 -3.64 52.34 -28.73
N GLU H 210 -3.67 53.68 -28.63
CA GLU H 210 -4.90 54.41 -28.86
C GLU H 210 -5.21 54.14 -30.31
N PRO H 211 -6.42 54.45 -30.76
CA PRO H 211 -6.71 54.21 -32.17
C PRO H 211 -6.03 55.23 -33.08
N ASP H 212 -6.62 56.42 -33.19
CA ASP H 212 -6.06 57.49 -34.03
C ASP H 212 -6.00 57.12 -35.53
N ASP H 213 -6.56 57.98 -36.37
CA ASP H 213 -6.59 57.75 -37.80
C ASP H 213 -5.21 57.88 -38.46
N LYS H 214 -4.63 59.07 -38.37
CA LYS H 214 -3.32 59.36 -38.94
C LYS H 214 -2.40 58.16 -38.85
N ILE H 215 -1.89 57.91 -37.66
CA ILE H 215 -0.97 56.82 -37.43
C ILE H 215 -1.48 55.52 -38.07
N ASP H 216 -2.69 55.07 -37.74
CA ASP H 216 -3.23 53.85 -38.33
C ASP H 216 -3.11 53.81 -39.83
N SER H 217 -3.58 54.86 -40.49
CA SER H 217 -3.48 54.95 -41.93
C SER H 217 -2.04 54.64 -42.34
N GLU H 218 -1.09 55.29 -41.68
CA GLU H 218 0.33 55.09 -41.96
C GLU H 218 0.70 53.64 -41.78
N VAL H 219 0.50 53.14 -40.57
CA VAL H 219 0.83 51.77 -40.25
C VAL H 219 0.30 50.79 -41.26
N ALA H 220 -0.99 50.88 -41.54
CA ALA H 220 -1.57 49.96 -42.50
C ALA H 220 -0.89 50.16 -43.86
N ARG H 221 -1.06 51.34 -44.44
CA ARG H 221 -0.44 51.62 -45.74
C ARG H 221 0.95 50.99 -45.77
N HIS H 222 1.67 51.09 -44.68
CA HIS H 222 3.01 50.54 -44.61
C HIS H 222 3.01 49.02 -44.73
N ILE H 223 2.17 48.37 -43.94
CA ILE H 223 2.10 46.92 -43.98
C ILE H 223 1.92 46.48 -45.41
N LEU H 224 0.78 46.86 -45.99
CA LEU H 224 0.51 46.49 -47.37
C LEU H 224 1.79 46.65 -48.18
N ARG H 225 2.31 47.88 -48.24
CA ARG H 225 3.53 48.15 -48.99
C ARG H 225 4.46 46.96 -48.85
N VAL H 226 5.19 46.93 -47.75
CA VAL H 226 6.14 45.85 -47.50
C VAL H 226 5.40 44.58 -47.11
N ARG H 227 4.54 44.11 -48.01
CA ARG H 227 3.75 42.91 -47.77
C ARG H 227 3.37 42.34 -49.11
N ARG H 228 3.65 43.10 -50.16
CA ARG H 228 3.29 42.62 -51.49
C ARG H 228 4.49 42.20 -52.30
N GLY H 229 4.33 41.10 -53.04
CA GLY H 229 5.40 40.58 -53.84
C GLY H 229 6.49 40.06 -52.94
N GLU H 230 7.72 39.99 -53.45
CA GLU H 230 8.84 39.54 -52.64
C GLU H 230 9.87 40.66 -52.50
N SER H 231 9.45 41.89 -52.82
CA SER H 231 10.33 43.07 -52.74
C SER H 231 9.60 44.42 -52.64
N GLU H 232 10.27 45.39 -52.02
CA GLU H 232 9.74 46.75 -51.85
C GLU H 232 10.91 47.69 -51.49
N VAL H 233 10.67 49.00 -51.57
CA VAL H 233 11.69 49.98 -51.24
C VAL H 233 11.78 50.03 -49.71
N VAL H 234 11.35 48.95 -49.08
CA VAL H 234 11.37 48.84 -47.64
C VAL H 234 12.16 47.61 -47.19
N ALA H 235 13.48 47.83 -47.21
CA ALA H 235 14.52 46.90 -46.82
C ALA H 235 15.58 47.78 -46.15
N PRO H 236 16.48 47.15 -45.36
CA PRO H 236 17.53 47.86 -44.62
C PRO H 236 18.24 49.00 -45.33
N LYS H 237 18.62 50.00 -44.53
CA LYS H 237 19.35 51.17 -45.01
C LYS H 237 20.81 50.75 -45.02
N ILE H 238 21.04 49.56 -44.47
CA ILE H 238 22.36 48.96 -44.37
C ILE H 238 22.15 47.47 -44.50
N PRO H 239 22.97 46.80 -45.32
CA PRO H 239 22.83 45.35 -45.49
C PRO H 239 22.97 44.65 -44.16
N HIS H 240 22.09 43.68 -43.88
CA HIS H 240 22.16 42.98 -42.61
C HIS H 240 23.44 42.17 -42.40
N GLU H 241 24.04 41.66 -43.48
CA GLU H 241 25.27 40.88 -43.32
C GLU H 241 26.39 41.82 -42.89
N ILE H 242 26.42 43.03 -43.45
CA ILE H 242 27.42 44.05 -43.11
C ILE H 242 27.20 44.48 -41.66
N LEU H 243 26.00 44.97 -41.43
CA LEU H 243 25.59 45.47 -40.13
C LEU H 243 25.72 44.47 -39.00
N ARG H 244 25.79 43.18 -39.32
CA ARG H 244 25.93 42.15 -38.31
C ARG H 244 27.40 41.96 -38.00
N LYS H 245 28.24 42.28 -38.97
CA LYS H 245 29.68 42.18 -38.80
C LYS H 245 30.05 43.43 -38.03
N TYR H 246 29.50 44.56 -38.46
CA TYR H 246 29.75 45.85 -37.83
C TYR H 246 29.52 45.76 -36.31
N ILE H 247 28.47 45.05 -35.93
CA ILE H 247 28.16 44.88 -34.52
C ILE H 247 29.25 44.06 -33.87
N ALA H 248 29.31 42.78 -34.23
CA ALA H 248 30.31 41.87 -33.68
C ALA H 248 31.69 42.51 -33.66
N TYR H 249 31.91 43.48 -34.54
CA TYR H 249 33.19 44.17 -34.60
C TYR H 249 33.36 45.16 -33.46
N ALA H 250 32.40 46.07 -33.31
CA ALA H 250 32.44 47.07 -32.25
C ALA H 250 32.37 46.41 -30.85
N ARG H 251 31.75 45.24 -30.75
CA ARG H 251 31.68 44.56 -29.46
C ARG H 251 33.01 43.85 -29.26
N LYS H 252 34.02 44.29 -29.99
CA LYS H 252 35.34 43.67 -29.92
C LYS H 252 36.46 44.69 -29.75
N ASN H 253 36.60 45.56 -30.74
CA ASN H 253 37.66 46.56 -30.75
C ASN H 253 37.37 47.88 -30.04
N ILE H 254 36.12 48.13 -29.68
CA ILE H 254 35.80 49.39 -29.03
C ILE H 254 35.38 49.21 -27.58
N HIS H 255 35.93 50.05 -26.70
CA HIS H 255 35.60 50.00 -25.29
C HIS H 255 35.57 51.42 -24.73
N PRO H 256 34.59 52.22 -25.16
CA PRO H 256 34.40 53.61 -24.75
C PRO H 256 34.71 53.98 -23.31
N VAL H 257 35.46 55.06 -23.18
CA VAL H 257 35.82 55.60 -21.88
C VAL H 257 35.02 56.87 -21.77
N ILE H 258 34.61 57.17 -20.56
CA ILE H 258 33.78 58.33 -20.32
C ILE H 258 34.49 59.67 -20.33
N SER H 259 34.09 60.56 -21.23
CA SER H 259 34.70 61.88 -21.30
C SER H 259 34.15 62.74 -20.18
N GLU H 260 35.04 63.50 -19.54
CA GLU H 260 34.59 64.38 -18.46
C GLU H 260 33.44 65.16 -19.08
N GLU H 261 33.54 65.33 -20.39
CA GLU H 261 32.54 66.05 -21.17
C GLU H 261 31.17 65.49 -20.84
N ALA H 262 31.00 64.21 -21.12
CA ALA H 262 29.74 63.51 -20.90
C ALA H 262 29.41 63.35 -19.42
N MET H 263 30.38 62.83 -18.67
CA MET H 263 30.22 62.61 -17.25
C MET H 263 29.31 63.65 -16.60
N GLU H 264 29.66 64.91 -16.80
CA GLU H 264 28.89 66.02 -16.26
C GLU H 264 27.43 65.96 -16.68
N GLU H 265 27.19 65.51 -17.91
CA GLU H 265 25.83 65.44 -18.44
C GLU H 265 24.98 64.34 -17.80
N ILE H 266 25.58 63.18 -17.61
CA ILE H 266 24.84 62.06 -17.04
C ILE H 266 24.58 62.23 -15.54
N GLU H 267 25.53 62.83 -14.81
CA GLU H 267 25.32 63.00 -13.39
C GLU H 267 24.30 64.12 -13.20
N LYS H 268 24.49 65.22 -13.92
CA LYS H 268 23.60 66.38 -13.88
C LYS H 268 22.17 65.92 -14.04
N TYR H 269 22.03 64.79 -14.70
CA TYR H 269 20.73 64.20 -14.97
C TYR H 269 20.29 63.20 -13.90
N TYR H 270 21.17 62.25 -13.58
CA TYR H 270 20.84 61.25 -12.58
C TYR H 270 20.23 61.97 -11.39
N VAL H 271 20.88 63.03 -10.96
CA VAL H 271 20.39 63.80 -9.82
C VAL H 271 18.97 64.33 -10.13
N ARG H 272 18.78 64.81 -11.36
CA ARG H 272 17.48 65.34 -11.83
C ARG H 272 16.49 64.19 -11.65
N MET H 273 16.85 63.07 -12.26
CA MET H 273 16.06 61.87 -12.20
C MET H 273 15.68 61.50 -10.77
N ARG H 274 16.63 61.71 -9.86
CA ARG H 274 16.39 61.38 -8.47
C ARG H 274 15.15 62.12 -7.93
N LYS H 275 15.06 63.43 -8.19
CA LYS H 275 13.92 64.23 -7.72
C LYS H 275 12.60 63.65 -8.23
N SER H 276 11.90 62.91 -7.36
CA SER H 276 10.61 62.29 -7.67
C SER H 276 10.14 61.45 -6.47
N PRO H 291 10.18 54.85 -9.64
CA PRO H 291 10.71 54.17 -8.45
C PRO H 291 12.25 54.01 -8.40
N ILE H 292 12.94 55.12 -8.72
CA ILE H 292 14.42 55.31 -8.82
C ILE H 292 15.40 54.97 -7.71
N THR H 293 16.55 54.42 -8.10
CA THR H 293 17.61 54.04 -7.18
C THR H 293 18.90 54.56 -7.78
N ALA H 294 20.00 53.96 -7.37
CA ALA H 294 21.30 54.34 -7.87
C ALA H 294 21.64 53.42 -9.04
N ARG H 295 20.78 52.42 -9.28
CA ARG H 295 20.98 51.47 -10.36
C ARG H 295 20.70 52.18 -11.67
N GLN H 296 19.67 53.02 -11.65
CA GLN H 296 19.28 53.79 -12.81
C GLN H 296 20.50 54.47 -13.42
N LEU H 297 21.40 54.92 -12.55
CA LEU H 297 22.63 55.58 -12.97
C LEU H 297 23.53 54.61 -13.73
N GLU H 298 23.69 53.41 -13.19
CA GLU H 298 24.53 52.37 -13.80
C GLU H 298 24.09 52.08 -15.23
N ALA H 299 22.81 51.76 -15.38
CA ALA H 299 22.23 51.43 -16.69
C ALA H 299 22.34 52.60 -17.65
N LEU H 300 22.11 53.79 -17.15
CA LEU H 300 22.22 54.95 -18.00
C LEU H 300 23.63 54.98 -18.56
N ILE H 301 24.60 54.65 -17.72
CA ILE H 301 26.00 54.60 -18.12
C ILE H 301 26.19 53.58 -19.24
N ARG H 302 25.57 52.42 -19.10
CA ARG H 302 25.68 51.40 -20.13
C ARG H 302 25.17 51.88 -21.49
N LEU H 303 24.02 52.55 -21.52
CA LEU H 303 23.46 53.03 -22.77
C LEU H 303 24.44 53.94 -23.47
N SER H 304 24.80 55.04 -22.81
CA SER H 304 25.74 56.01 -23.37
C SER H 304 27.07 55.40 -23.81
N GLU H 305 27.50 54.35 -23.11
CA GLU H 305 28.73 53.69 -23.50
C GLU H 305 28.45 52.98 -24.84
N ALA H 306 27.36 52.23 -24.90
CA ALA H 306 26.99 51.51 -26.11
C ALA H 306 26.70 52.45 -27.27
N HIS H 307 26.08 53.59 -27.00
CA HIS H 307 25.76 54.52 -28.06
C HIS H 307 27.04 55.00 -28.74
N ALA H 308 28.15 54.98 -28.02
CA ALA H 308 29.43 55.37 -28.59
C ALA H 308 29.88 54.20 -29.43
N ARG H 309 30.08 53.08 -28.77
CA ARG H 309 30.50 51.84 -29.42
C ARG H 309 29.74 51.62 -30.72
N MET H 310 28.47 52.03 -30.70
CA MET H 310 27.60 51.88 -31.86
C MET H 310 28.17 52.59 -33.07
N ARG H 311 28.97 53.61 -32.82
CA ARG H 311 29.60 54.39 -33.87
C ARG H 311 31.11 54.27 -33.75
N LEU H 312 31.57 53.54 -32.73
CA LEU H 312 33.00 53.33 -32.47
C LEU H 312 33.57 54.69 -32.08
N SER H 313 33.99 54.89 -30.83
CA SER H 313 34.49 56.21 -30.47
C SER H 313 35.96 56.35 -30.06
N PRO H 314 36.39 55.77 -28.94
CA PRO H 314 35.79 54.97 -27.88
C PRO H 314 35.70 55.96 -26.72
N ILE H 315 35.08 57.09 -26.99
CA ILE H 315 34.94 58.11 -25.99
C ILE H 315 33.53 58.64 -25.91
N VAL H 316 32.85 58.27 -24.83
CA VAL H 316 31.48 58.68 -24.60
C VAL H 316 31.41 60.20 -24.52
N THR H 317 31.33 60.84 -25.69
CA THR H 317 31.26 62.30 -25.80
C THR H 317 29.97 62.87 -25.21
N ARG H 318 29.92 64.20 -25.07
CA ARG H 318 28.74 64.84 -24.52
C ARG H 318 27.49 64.41 -25.27
N GLU H 319 27.63 64.20 -26.58
CA GLU H 319 26.49 63.78 -27.41
C GLU H 319 25.99 62.41 -27.03
N ASP H 320 26.88 61.44 -26.99
CA ASP H 320 26.51 60.10 -26.62
C ASP H 320 25.70 60.18 -25.33
N ALA H 321 26.36 60.60 -24.26
CA ALA H 321 25.71 60.72 -22.96
C ALA H 321 24.39 61.45 -23.07
N ARG H 322 24.36 62.47 -23.93
CA ARG H 322 23.16 63.26 -24.16
C ARG H 322 22.06 62.31 -24.66
N GLU H 323 22.32 61.67 -25.79
CA GLU H 323 21.39 60.74 -26.42
C GLU H 323 20.84 59.73 -25.44
N ALA H 324 21.75 59.14 -24.69
CA ALA H 324 21.38 58.14 -23.71
C ALA H 324 20.26 58.67 -22.84
N ILE H 325 20.48 59.79 -22.19
CA ILE H 325 19.42 60.30 -21.34
C ILE H 325 18.15 60.58 -22.12
N LYS H 326 18.28 60.96 -23.39
CA LYS H 326 17.09 61.24 -24.21
C LYS H 326 16.24 59.99 -24.23
N LEU H 327 16.81 58.92 -24.75
CA LEU H 327 16.10 57.65 -24.83
C LEU H 327 15.52 57.30 -23.47
N MET H 328 16.29 57.49 -22.41
CA MET H 328 15.81 57.16 -21.08
C MET H 328 14.66 58.03 -20.57
N GLU H 329 14.72 59.35 -20.79
CA GLU H 329 13.62 60.19 -20.33
C GLU H 329 12.41 59.87 -21.19
N TYR H 330 12.61 59.14 -22.27
CA TYR H 330 11.49 58.76 -23.12
C TYR H 330 10.83 57.54 -22.52
N THR H 331 11.61 56.46 -22.37
CA THR H 331 11.09 55.21 -21.79
C THR H 331 10.24 55.60 -20.59
N LEU H 332 10.73 56.63 -19.90
CA LEU H 332 10.09 57.18 -18.71
C LEU H 332 8.77 57.86 -18.97
N LYS H 333 8.76 58.79 -19.92
CA LYS H 333 7.54 59.50 -20.22
C LYS H 333 6.45 58.48 -20.52
N GLN H 334 6.77 57.51 -21.37
CA GLN H 334 5.81 56.47 -21.73
C GLN H 334 5.14 55.78 -20.55
N ILE H 335 5.78 55.81 -19.39
CA ILE H 335 5.19 55.17 -18.22
C ILE H 335 3.99 55.89 -17.67
N ALA H 336 3.92 57.19 -17.91
CA ALA H 336 2.77 57.98 -17.44
C ALA H 336 1.54 57.60 -18.28
N MET H 337 1.80 57.01 -19.45
CA MET H 337 0.78 56.56 -20.40
C MET H 337 -0.21 57.61 -20.89
N PRO I 2 52.71 43.44 -20.86
CA PRO I 2 53.42 43.60 -22.15
C PRO I 2 54.92 43.67 -21.88
N GLU I 3 55.25 44.01 -20.64
CA GLU I 3 56.64 44.09 -20.20
C GLU I 3 57.06 42.64 -20.03
N GLU I 4 56.04 41.81 -19.90
CA GLU I 4 56.17 40.37 -19.74
C GLU I 4 56.39 39.73 -21.11
N GLU I 5 55.50 40.06 -22.04
CA GLU I 5 55.59 39.54 -23.40
C GLU I 5 57.03 39.70 -23.89
N GLN I 6 57.69 40.75 -23.43
CA GLN I 6 59.07 41.02 -23.81
C GLN I 6 59.96 39.88 -23.36
N ILE I 7 59.82 39.49 -22.09
CA ILE I 7 60.61 38.41 -21.52
C ILE I 7 60.37 37.12 -22.28
N ILE I 8 59.10 36.71 -22.34
CA ILE I 8 58.68 35.48 -23.03
C ILE I 8 59.41 35.27 -24.34
N LYS I 9 59.24 36.20 -25.27
CA LYS I 9 59.89 36.11 -26.57
C LYS I 9 61.37 35.75 -26.37
N GLU I 10 62.00 36.39 -25.38
CA GLU I 10 63.41 36.17 -25.08
C GLU I 10 63.67 34.73 -24.68
N LEU I 11 62.80 34.19 -23.84
CA LEU I 11 62.94 32.82 -23.39
C LEU I 11 62.93 31.91 -24.60
N ALA I 12 61.90 32.05 -25.44
CA ALA I 12 61.76 31.24 -26.64
C ALA I 12 63.04 31.33 -27.47
N LYS I 13 63.63 32.52 -27.51
CA LYS I 13 64.87 32.74 -28.26
C LYS I 13 65.90 31.71 -27.79
N ARG I 14 65.90 31.42 -26.50
CA ARG I 14 66.82 30.47 -25.90
C ARG I 14 66.96 29.23 -26.78
N LYS I 15 68.16 28.65 -26.77
CA LYS I 15 68.41 27.47 -27.58
C LYS I 15 67.76 26.21 -27.01
N ASP I 16 67.85 26.05 -25.71
CA ASP I 16 67.32 24.87 -25.03
C ASP I 16 65.91 24.97 -24.46
N ILE I 17 65.22 26.07 -24.70
CA ILE I 17 63.88 26.25 -24.16
C ILE I 17 63.06 24.97 -23.98
N VAL I 18 62.99 24.16 -25.04
CA VAL I 18 62.23 22.91 -24.98
C VAL I 18 62.55 22.16 -23.70
N ASP I 19 63.85 21.97 -23.47
CA ASP I 19 64.34 21.25 -22.32
C ASP I 19 64.09 22.02 -21.03
N ALA I 20 64.34 23.32 -21.05
CA ALA I 20 64.14 24.13 -19.87
C ALA I 20 62.70 24.01 -19.39
N ILE I 21 61.77 24.06 -20.34
CA ILE I 21 60.35 23.98 -20.00
C ILE I 21 59.93 22.72 -19.26
N VAL I 22 60.62 21.60 -19.51
CA VAL I 22 60.25 20.38 -18.83
C VAL I 22 60.91 20.38 -17.44
N ASP I 23 62.16 20.81 -17.38
CA ASP I 23 62.88 20.85 -16.13
C ASP I 23 62.25 21.84 -15.17
N SER I 24 61.09 22.35 -15.54
CA SER I 24 60.42 23.30 -14.70
C SER I 24 59.05 22.78 -14.32
N ILE I 25 58.62 21.70 -14.97
CA ILE I 25 57.32 21.10 -14.69
C ILE I 25 57.35 20.67 -13.23
N ALA I 26 58.23 19.75 -12.91
CA ALA I 26 58.36 19.31 -11.54
C ALA I 26 59.82 19.05 -11.31
N PRO I 27 60.49 20.01 -10.67
CA PRO I 27 61.93 19.94 -10.37
C PRO I 27 62.13 18.94 -9.25
N ALA I 28 61.11 18.84 -8.41
CA ALA I 28 61.12 17.94 -7.27
C ALA I 28 61.33 16.53 -7.75
N ILE I 29 60.24 15.91 -8.17
CA ILE I 29 60.31 14.54 -8.65
C ILE I 29 61.54 14.47 -9.55
N TYR I 30 62.26 13.38 -9.42
CA TYR I 30 63.47 13.15 -10.17
C TYR I 30 63.21 12.24 -11.36
N GLY I 31 63.67 12.65 -12.53
CA GLY I 31 63.49 11.83 -13.72
C GLY I 31 62.18 11.99 -14.46
N TYR I 32 61.73 10.92 -15.10
CA TYR I 32 60.48 10.97 -15.85
C TYR I 32 60.49 12.06 -16.88
N LYS I 33 61.60 12.19 -17.59
CA LYS I 33 61.74 13.19 -18.62
C LYS I 33 60.50 13.23 -19.53
N GLU I 34 60.05 12.07 -20.00
CA GLU I 34 58.91 11.97 -20.90
C GLU I 34 57.56 12.25 -20.27
N VAL I 35 57.35 11.73 -19.07
CA VAL I 35 56.10 11.98 -18.40
C VAL I 35 56.03 13.48 -18.11
N LYS I 36 57.19 14.15 -18.17
CA LYS I 36 57.27 15.59 -17.93
C LYS I 36 57.04 16.33 -19.23
N LYS I 37 57.78 15.90 -20.25
CA LYS I 37 57.69 16.46 -21.60
C LYS I 37 56.33 16.11 -22.19
N GLY I 38 55.65 15.15 -21.58
CA GLY I 38 54.34 14.75 -22.03
C GLY I 38 53.45 15.82 -21.45
N ILE I 39 53.31 15.83 -20.13
CA ILE I 39 52.50 16.84 -19.46
C ILE I 39 52.78 18.20 -20.04
N ALA I 40 54.04 18.45 -20.37
CA ALA I 40 54.43 19.73 -20.94
C ALA I 40 53.56 20.06 -22.14
N LEU I 41 53.57 19.17 -23.12
CA LEU I 41 52.77 19.37 -24.32
C LEU I 41 51.32 19.53 -23.89
N ALA I 42 50.84 18.60 -23.09
CA ALA I 42 49.46 18.64 -22.63
C ALA I 42 49.04 20.02 -22.12
N LEU I 43 49.97 20.74 -21.49
CA LEU I 43 49.68 22.07 -20.94
C LEU I 43 49.66 23.13 -22.03
N PHE I 44 50.27 22.83 -23.17
CA PHE I 44 50.29 23.75 -24.30
C PHE I 44 49.22 23.44 -25.33
N GLY I 45 48.73 22.20 -25.29
CA GLY I 45 47.68 21.77 -26.20
C GLY I 45 47.90 21.88 -27.70
N GLY I 46 47.05 21.16 -28.43
CA GLY I 46 47.12 21.17 -29.88
C GLY I 46 46.45 22.39 -30.43
N VAL I 47 46.43 22.51 -31.76
CA VAL I 47 45.85 23.66 -32.44
C VAL I 47 44.45 24.08 -31.99
N SER I 48 43.51 23.13 -31.97
CA SER I 48 42.13 23.42 -31.56
C SER I 48 41.58 24.71 -32.19
N ARG I 49 41.08 24.60 -33.42
CA ARG I 49 40.52 25.72 -34.17
C ARG I 49 39.45 25.16 -35.10
N LYS I 50 38.18 25.39 -34.80
CA LYS I 50 37.12 24.84 -35.63
C LYS I 50 36.90 25.56 -36.96
N LEU I 51 36.33 24.83 -37.91
CA LEU I 51 35.99 25.35 -39.22
C LEU I 51 34.58 24.84 -39.52
N PRO I 52 33.82 25.50 -40.41
CA PRO I 52 32.45 25.12 -40.77
C PRO I 52 32.40 23.82 -41.57
N ASP I 53 33.29 23.75 -42.55
CA ASP I 53 33.43 22.59 -43.42
C ASP I 53 33.96 21.40 -42.63
N GLY I 54 34.95 21.66 -41.79
CA GLY I 54 35.53 20.61 -40.96
C GLY I 54 35.02 20.68 -39.54
N THR I 55 33.75 21.06 -39.40
CA THR I 55 33.07 21.16 -38.12
C THR I 55 33.99 21.42 -36.91
N ARG I 56 33.60 20.93 -35.74
CA ARG I 56 34.36 21.09 -34.50
C ARG I 56 35.83 20.72 -34.68
N LEU I 57 36.67 21.09 -33.72
CA LEU I 57 38.10 20.76 -33.76
C LEU I 57 38.80 20.94 -32.40
N ARG I 58 38.75 19.90 -31.58
CA ARG I 58 39.38 19.88 -30.26
C ARG I 58 40.89 19.88 -30.46
N GLY I 59 41.62 20.37 -29.47
CA GLY I 59 43.06 20.39 -29.57
C GLY I 59 43.65 19.98 -28.24
N ASP I 60 42.81 20.05 -27.21
CA ASP I 60 43.23 19.69 -25.87
C ASP I 60 43.81 18.28 -25.85
N ILE I 61 44.92 18.15 -25.14
CA ILE I 61 45.62 16.89 -25.05
C ILE I 61 45.45 16.24 -23.68
N HIS I 62 44.79 15.10 -23.63
CA HIS I 62 44.58 14.37 -22.38
C HIS I 62 45.70 13.41 -22.10
N VAL I 63 46.07 13.29 -20.83
CA VAL I 63 47.19 12.43 -20.47
C VAL I 63 46.91 11.52 -19.29
N LEU I 64 47.10 10.22 -19.47
CA LEU I 64 46.85 9.29 -18.39
C LEU I 64 48.14 8.72 -17.82
N LEU I 65 48.20 8.64 -16.50
CA LEU I 65 49.37 8.12 -15.80
C LEU I 65 49.01 6.89 -14.97
N VAL I 66 49.21 5.69 -15.50
CA VAL I 66 48.87 4.49 -14.73
C VAL I 66 50.07 3.67 -14.28
N GLY I 67 50.18 3.43 -12.97
CA GLY I 67 51.30 2.65 -12.49
C GLY I 67 51.18 2.02 -11.11
N ASP I 68 52.20 1.25 -10.75
CA ASP I 68 52.26 0.59 -9.46
C ASP I 68 52.24 1.73 -8.44
N PRO I 69 51.97 1.42 -7.17
CA PRO I 69 51.96 2.50 -6.19
C PRO I 69 53.34 3.01 -5.87
N GLY I 70 53.41 4.20 -5.28
CA GLY I 70 54.68 4.79 -4.90
C GLY I 70 55.62 5.13 -6.03
N VAL I 71 55.05 5.67 -7.11
CA VAL I 71 55.81 6.04 -8.29
C VAL I 71 55.82 7.54 -8.55
N ALA I 72 55.16 8.32 -7.69
CA ALA I 72 55.10 9.79 -7.82
C ALA I 72 53.89 10.34 -8.56
N LYS I 73 52.97 9.48 -8.98
CA LYS I 73 51.80 9.95 -9.70
C LYS I 73 51.11 11.06 -8.92
N SER I 74 50.54 10.70 -7.77
CA SER I 74 49.87 11.67 -6.92
C SER I 74 50.72 12.94 -6.81
N GLN I 75 51.97 12.76 -6.38
CA GLN I 75 52.90 13.87 -6.24
C GLN I 75 52.91 14.76 -7.49
N ILE I 76 53.33 14.20 -8.61
CA ILE I 76 53.38 14.92 -9.87
C ILE I 76 52.17 15.76 -10.17
N LEU I 77 51.00 15.15 -10.28
CA LEU I 77 49.80 15.91 -10.58
C LEU I 77 49.77 17.15 -9.73
N ARG I 78 50.00 16.95 -8.43
CA ARG I 78 50.00 18.05 -7.48
C ARG I 78 50.90 19.19 -7.94
N TYR I 79 52.14 18.90 -8.33
CA TYR I 79 53.05 19.95 -8.79
C TYR I 79 52.52 20.65 -10.01
N VAL I 80 51.75 19.94 -10.82
CA VAL I 80 51.21 20.54 -12.02
C VAL I 80 50.17 21.55 -11.61
N ALA I 81 49.34 21.22 -10.64
CA ALA I 81 48.31 22.14 -10.21
C ALA I 81 49.00 23.45 -9.80
N ASN I 82 50.06 23.33 -9.03
CA ASN I 82 50.82 24.48 -8.55
C ASN I 82 51.52 25.26 -9.67
N LEU I 83 51.38 24.81 -10.91
CA LEU I 83 51.98 25.49 -12.04
C LEU I 83 50.89 25.93 -13.01
N ALA I 84 50.30 24.97 -13.71
CA ALA I 84 49.24 25.22 -14.68
C ALA I 84 48.32 26.37 -14.27
N PRO I 85 47.94 27.20 -15.26
CA PRO I 85 47.05 28.32 -14.96
C PRO I 85 45.75 27.89 -14.29
N ARG I 86 44.77 27.52 -15.11
CA ARG I 86 43.47 27.10 -14.60
C ARG I 86 43.46 25.64 -14.15
N ALA I 87 44.36 25.28 -13.24
CA ALA I 87 44.47 23.90 -12.78
C ALA I 87 43.57 23.49 -11.61
N ILE I 88 42.94 22.33 -11.73
CA ILE I 88 42.09 21.80 -10.67
C ILE I 88 42.53 20.39 -10.30
N TYR I 89 43.14 20.25 -9.12
CA TYR I 89 43.56 18.93 -8.67
C TYR I 89 42.37 18.39 -7.90
N THR I 90 42.15 17.09 -7.98
CA THR I 90 41.03 16.50 -7.28
C THR I 90 41.20 14.98 -7.27
N SER I 91 41.64 14.43 -6.14
CA SER I 91 41.85 12.98 -6.04
C SER I 91 40.62 12.25 -5.51
N UNK I 92 40.23 11.17 -6.17
CA UNK I 92 39.08 10.37 -5.73
C UNK I 92 39.26 9.95 -4.27
N UNK I 93 38.86 10.85 -3.38
CA UNK I 93 38.96 10.64 -1.94
C UNK I 93 38.48 11.90 -1.19
N UNK I 94 37.55 11.70 -0.25
CA UNK I 94 36.97 12.78 0.56
C UNK I 94 36.08 13.74 -0.25
N UNK I 95 36.01 15.00 0.17
CA UNK I 95 35.19 16.00 -0.54
C UNK I 95 35.94 17.30 -0.77
N UNK I 96 35.50 18.08 -1.76
CA UNK I 96 36.14 19.34 -2.14
C UNK I 96 37.64 19.14 -2.40
N UNK I 97 38.25 20.02 -3.21
CA UNK I 97 39.67 19.90 -3.52
C UNK I 97 40.40 21.25 -3.48
N UNK I 98 41.73 21.20 -3.45
CA UNK I 98 42.57 22.41 -3.39
C UNK I 98 42.95 22.97 -4.76
N UNK I 99 44.19 22.70 -5.19
CA UNK I 99 44.67 23.16 -6.49
C UNK I 99 44.80 24.67 -6.61
N UNK I 100 43.77 25.28 -7.20
CA UNK I 100 43.68 26.71 -7.45
C UNK I 100 44.47 27.65 -6.55
N UNK I 101 44.84 28.79 -7.12
CA UNK I 101 45.57 29.81 -6.41
C UNK I 101 44.58 30.97 -6.27
N UNK I 102 43.34 30.67 -6.63
CA UNK I 102 42.18 31.58 -6.57
C UNK I 102 42.35 33.07 -6.88
N UNK I 103 41.31 33.62 -7.50
CA UNK I 103 41.24 35.03 -7.88
C UNK I 103 39.82 35.35 -8.34
N UNK I 104 38.89 35.37 -7.37
CA UNK I 104 37.49 35.65 -7.64
C UNK I 104 36.91 34.58 -8.57
N UNK I 105 37.32 33.34 -8.37
CA UNK I 105 36.84 32.22 -9.17
C UNK I 105 37.38 32.28 -10.63
N UNK I 106 36.90 31.36 -11.49
CA UNK I 106 37.35 31.25 -12.89
C UNK I 106 36.70 32.21 -13.90
N UNK I 107 37.41 32.47 -15.00
CA UNK I 107 36.94 33.36 -16.05
C UNK I 107 35.63 32.98 -16.74
N UNK I 108 35.36 31.70 -16.97
CA UNK I 108 34.10 31.32 -17.62
C UNK I 108 33.28 30.25 -16.91
N UNK I 109 32.34 29.66 -17.64
CA UNK I 109 31.38 28.67 -17.12
C UNK I 109 31.74 27.37 -16.39
N UNK I 110 30.66 26.71 -15.98
CA UNK I 110 30.62 25.43 -15.26
C UNK I 110 31.39 25.20 -13.93
N UNK I 111 31.19 24.00 -13.40
CA UNK I 111 31.77 23.56 -12.13
C UNK I 111 31.09 22.23 -11.75
N UNK I 112 31.48 21.55 -10.67
CA UNK I 112 30.80 20.30 -10.29
C UNK I 112 31.24 19.47 -9.04
N UNK I 113 31.15 18.13 -9.14
CA UNK I 113 31.48 17.14 -8.08
C UNK I 113 32.96 16.79 -7.83
N UNK I 114 33.67 16.40 -8.89
CA UNK I 114 35.08 16.11 -8.80
C UNK I 114 35.67 17.52 -8.68
N UNK I 115 35.12 18.40 -9.53
CA UNK I 115 35.43 19.83 -9.64
C UNK I 115 36.15 20.15 -10.95
N UNK I 116 35.38 20.44 -11.98
CA UNK I 116 35.95 20.77 -13.29
C UNK I 116 35.31 22.08 -13.76
N UNK I 117 36.09 22.92 -14.43
CA UNK I 117 35.63 24.23 -14.93
C UNK I 117 35.25 24.27 -16.41
N UNK I 118 33.98 23.96 -16.69
CA UNK I 118 33.40 23.92 -18.05
C UNK I 118 32.59 25.17 -18.40
N GLY I 125 37.68 27.02 -19.38
CA GLY I 125 38.31 25.76 -19.73
C GLY I 125 39.08 25.28 -18.52
N GLY I 126 40.40 25.15 -18.67
CA GLY I 126 41.25 24.72 -17.56
C GLY I 126 41.56 23.24 -17.43
N TYR I 127 42.80 22.93 -17.12
CA TYR I 127 43.23 21.55 -16.96
C TYR I 127 42.79 20.96 -15.62
N ALA I 128 42.10 19.83 -15.66
CA ALA I 128 41.65 19.19 -14.45
C ALA I 128 42.53 17.99 -14.19
N LEU I 129 43.39 18.15 -13.18
CA LEU I 129 44.31 17.11 -12.77
C LEU I 129 43.56 16.14 -11.89
N ILE I 130 43.21 14.99 -12.44
CA ILE I 130 42.44 13.99 -11.72
C ILE I 130 43.23 12.79 -11.21
N ASP I 131 43.70 12.86 -9.98
CA ASP I 131 44.45 11.74 -9.45
C ASP I 131 43.48 10.64 -9.02
N GLU I 132 43.92 9.39 -9.12
CA GLU I 132 43.12 8.22 -8.73
C GLU I 132 41.84 8.06 -9.54
N LEU I 133 41.94 8.23 -10.85
CA LEU I 133 40.80 8.11 -11.75
C LEU I 133 40.15 6.74 -11.73
N ASP I 134 40.81 5.76 -11.14
CA ASP I 134 40.28 4.41 -11.07
C ASP I 134 39.37 4.22 -9.84
N LYS I 135 39.35 5.23 -8.98
CA LYS I 135 38.52 5.19 -7.77
C LYS I 135 37.46 6.29 -7.81
N MET I 136 36.96 6.60 -9.01
CA MET I 136 35.92 7.59 -9.15
C MET I 136 34.61 6.85 -9.01
N SER I 137 33.66 7.41 -8.26
CA SER I 137 32.38 6.75 -8.13
C SER I 137 31.84 6.72 -9.55
N ASP I 138 31.36 5.56 -10.00
CA ASP I 138 30.85 5.43 -11.37
C ASP I 138 30.16 6.68 -11.92
N ARG I 139 29.65 7.54 -11.03
CA ARG I 139 29.01 8.80 -11.45
C ARG I 139 30.10 9.76 -11.91
N ASP I 140 30.94 10.17 -10.97
CA ASP I 140 32.04 11.08 -11.27
C ASP I 140 32.84 10.60 -12.49
N ARG I 141 32.89 9.29 -12.72
CA ARG I 141 33.60 8.77 -13.88
C ARG I 141 32.78 9.19 -15.09
N SER I 142 31.60 8.60 -15.22
CA SER I 142 30.69 8.87 -16.31
C SER I 142 30.88 10.23 -16.92
N VAL I 143 30.75 11.26 -16.10
CA VAL I 143 30.89 12.62 -16.58
C VAL I 143 32.15 12.83 -17.42
N ILE I 144 33.29 12.54 -16.83
CA ILE I 144 34.56 12.67 -17.53
C ILE I 144 34.50 11.89 -18.83
N HIS I 145 34.10 10.63 -18.71
CA HIS I 145 33.96 9.75 -19.85
C HIS I 145 33.26 10.53 -20.95
N GLU I 146 32.14 11.16 -20.62
CA GLU I 146 31.42 11.95 -21.61
C GLU I 146 32.27 13.13 -22.03
N ALA I 147 32.78 13.84 -21.04
CA ALA I 147 33.61 15.01 -21.28
C ALA I 147 34.79 14.75 -22.22
N LEU I 148 35.41 13.59 -22.07
CA LEU I 148 36.55 13.23 -22.90
C LEU I 148 36.07 12.76 -24.25
N GLU I 149 34.99 11.99 -24.23
CA GLU I 149 34.37 11.45 -25.43
C GLU I 149 33.66 12.52 -26.23
N GLN I 150 32.50 12.96 -25.75
CA GLN I 150 31.69 13.99 -26.41
C GLN I 150 32.42 15.32 -26.58
N GLN I 151 32.89 15.86 -25.46
CA GLN I 151 33.56 17.15 -25.41
C GLN I 151 32.45 18.07 -24.94
N THR I 152 31.40 17.46 -24.39
CA THR I 152 30.21 18.17 -23.89
C THR I 152 29.45 17.38 -22.83
N ILE I 153 29.34 17.92 -21.63
CA ILE I 153 28.61 17.24 -20.59
C ILE I 153 27.12 17.60 -20.67
N SER I 154 26.30 17.01 -19.80
CA SER I 154 24.87 17.31 -19.80
C SER I 154 24.09 16.75 -18.61
N ILE I 155 23.27 17.61 -18.01
CA ILE I 155 22.43 17.26 -16.86
C ILE I 155 21.02 17.74 -17.15
N SER I 156 20.09 16.82 -17.33
CA SER I 156 18.71 17.20 -17.58
C SER I 156 17.84 16.65 -16.45
N LYS I 157 18.37 16.73 -15.24
CA LYS I 157 17.66 16.25 -14.06
C LYS I 157 16.58 17.24 -13.62
N ALA I 158 15.35 16.94 -14.06
CA ALA I 158 14.11 17.70 -13.81
C ALA I 158 13.50 17.99 -15.18
N GLY I 159 12.62 18.98 -15.24
CA GLY I 159 12.02 19.33 -16.51
C GLY I 159 13.07 19.98 -17.38
N ILE I 160 13.99 20.70 -16.73
CA ILE I 160 15.06 21.40 -17.42
C ILE I 160 16.11 20.48 -18.01
N THR I 161 16.81 20.99 -19.02
CA THR I 161 17.85 20.26 -19.72
C THR I 161 19.11 21.12 -19.77
N ALA I 162 20.18 20.64 -19.15
CA ALA I 162 21.42 21.41 -19.12
C ALA I 162 22.58 20.81 -19.88
N THR I 163 22.95 21.44 -20.99
CA THR I 163 24.09 20.93 -21.73
C THR I 163 25.29 21.82 -21.48
N LEU I 164 26.22 21.31 -20.69
CA LEU I 164 27.43 22.02 -20.32
C LEU I 164 28.49 21.76 -21.37
N ASN I 165 29.12 22.82 -21.85
CA ASN I 165 30.17 22.67 -22.86
C ASN I 165 31.47 22.31 -22.17
N ALA I 166 31.99 21.13 -22.50
CA ALA I 166 33.25 20.63 -21.93
C ALA I 166 34.40 21.04 -22.81
N ARG I 167 35.31 21.81 -22.25
CA ARG I 167 36.46 22.29 -23.00
C ARG I 167 37.65 22.44 -22.07
N THR I 168 38.08 21.32 -21.48
CA THR I 168 39.21 21.32 -20.57
C THR I 168 40.16 20.17 -20.87
N THR I 169 41.36 20.25 -20.31
CA THR I 169 42.36 19.21 -20.50
C THR I 169 42.35 18.29 -19.30
N VAL I 170 42.62 17.01 -19.51
CA VAL I 170 42.62 16.08 -18.39
C VAL I 170 43.93 15.37 -18.23
N ILE I 171 44.66 15.70 -17.19
CA ILE I 171 45.92 15.03 -16.91
C ILE I 171 45.63 14.18 -15.69
N ALA I 172 45.36 12.90 -15.92
CA ALA I 172 45.01 11.99 -14.83
C ALA I 172 45.96 10.85 -14.55
N ALA I 173 45.81 10.33 -13.34
CA ALA I 173 46.61 9.22 -12.85
C ALA I 173 45.67 8.08 -12.56
N ALA I 174 46.22 6.89 -12.31
CA ALA I 174 45.40 5.72 -12.03
C ALA I 174 46.23 4.50 -11.67
N ASN I 175 45.68 3.63 -10.81
CA ASN I 175 46.36 2.42 -10.40
C ASN I 175 45.69 1.23 -11.09
N PRO I 176 46.35 0.08 -11.11
CA PRO I 176 45.82 -1.13 -11.73
C PRO I 176 44.70 -1.70 -10.88
N LYS I 177 43.81 -2.49 -11.46
CA LYS I 177 42.72 -3.07 -10.69
C LYS I 177 43.30 -3.88 -9.53
N GLN I 178 44.54 -4.33 -9.70
CA GLN I 178 45.23 -5.13 -8.70
C GLN I 178 46.09 -4.34 -7.73
N GLY I 179 46.54 -3.17 -8.16
CA GLY I 179 47.40 -2.35 -7.34
C GLY I 179 48.72 -2.20 -8.06
N ARG I 180 49.33 -3.35 -8.36
CA ARG I 180 50.60 -3.43 -9.08
C ARG I 180 50.29 -4.35 -10.26
N PHE I 181 51.12 -4.36 -11.29
CA PHE I 181 50.81 -5.27 -12.39
C PHE I 181 51.95 -6.01 -13.05
N ASN I 182 53.16 -5.89 -12.48
CA ASN I 182 54.38 -6.52 -12.98
C ASN I 182 54.18 -7.77 -13.83
N ARG I 183 53.08 -8.48 -13.62
CA ARG I 183 52.83 -9.67 -14.40
C ARG I 183 53.00 -9.40 -15.89
N MET I 184 52.89 -10.46 -16.67
CA MET I 184 53.04 -10.37 -18.11
C MET I 184 51.82 -9.74 -18.77
N LYS I 185 50.63 -10.18 -18.38
CA LYS I 185 49.37 -9.67 -18.93
C LYS I 185 49.46 -8.18 -19.30
N ASN I 186 48.72 -7.77 -20.33
CA ASN I 186 48.75 -6.39 -20.79
C ASN I 186 48.20 -5.34 -19.86
N PRO I 187 49.02 -4.31 -19.62
CA PRO I 187 48.71 -3.18 -18.73
C PRO I 187 47.31 -2.65 -18.97
N PHE I 188 46.75 -2.98 -20.10
CA PHE I 188 45.43 -2.48 -20.41
C PHE I 188 44.25 -3.28 -19.90
N GLU I 189 44.52 -4.48 -19.39
CA GLU I 189 43.45 -5.30 -18.84
C GLU I 189 43.45 -5.04 -17.34
N GLN I 190 44.59 -4.56 -16.88
CA GLN I 190 44.80 -4.31 -15.47
C GLN I 190 44.23 -2.99 -14.95
N ILE I 191 43.94 -2.05 -15.85
CA ILE I 191 43.38 -0.75 -15.45
C ILE I 191 41.88 -0.92 -15.21
N ASP I 192 41.31 -0.19 -14.25
CA ASP I 192 39.87 -0.32 -13.95
C ASP I 192 38.98 0.66 -14.73
N LEU I 193 39.47 1.14 -15.87
CA LEU I 193 38.70 2.09 -16.67
C LEU I 193 38.20 1.45 -17.97
N PRO I 194 36.98 1.84 -18.40
CA PRO I 194 36.43 1.29 -19.62
C PRO I 194 37.29 1.68 -20.79
N PRO I 195 37.83 0.68 -21.49
CA PRO I 195 38.68 0.93 -22.65
C PRO I 195 38.23 2.09 -23.55
N THR I 196 36.93 2.26 -23.72
CA THR I 196 36.44 3.34 -24.56
C THR I 196 36.65 4.72 -23.96
N LEU I 197 37.29 4.75 -22.80
CA LEU I 197 37.59 6.00 -22.12
C LEU I 197 39.07 6.19 -22.33
N LEU I 198 39.83 5.16 -21.99
CA LEU I 198 41.28 5.18 -22.14
C LEU I 198 41.64 5.63 -23.54
N SER I 199 40.92 5.10 -24.52
CA SER I 199 41.17 5.44 -25.92
C SER I 199 41.12 6.94 -26.16
N ARG I 200 40.64 7.69 -25.16
CA ARG I 200 40.53 9.14 -25.28
C ARG I 200 41.78 9.91 -24.94
N PHE I 201 42.73 9.25 -24.29
CA PHE I 201 43.97 9.89 -23.94
C PHE I 201 44.92 9.88 -25.14
N ASP I 202 45.68 10.96 -25.29
CA ASP I 202 46.63 11.10 -26.38
C ASP I 202 47.95 10.44 -26.00
N LEU I 203 48.17 10.22 -24.70
CA LEU I 203 49.38 9.57 -24.23
C LEU I 203 49.10 8.90 -22.92
N ILE I 204 49.46 7.63 -22.80
CA ILE I 204 49.31 6.91 -21.51
C ILE I 204 50.70 6.43 -20.98
N PHE I 205 51.14 7.01 -19.87
CA PHE I 205 52.42 6.61 -19.36
C PHE I 205 52.24 5.49 -18.37
N VAL I 206 52.76 4.33 -18.72
CA VAL I 206 52.68 3.18 -17.86
C VAL I 206 53.90 3.17 -16.95
N LEU I 207 53.67 3.18 -15.65
CA LEU I 207 54.79 3.22 -14.74
C LEU I 207 54.92 2.03 -13.82
N ILE I 208 55.81 1.10 -14.17
CA ILE I 208 56.08 -0.08 -13.36
C ILE I 208 57.25 0.34 -12.51
N ASP I 209 57.63 -0.45 -11.51
CA ASP I 209 58.78 -0.03 -10.74
C ASP I 209 59.64 -1.16 -10.21
N GLU I 210 60.58 -1.61 -11.04
CA GLU I 210 61.50 -2.65 -10.63
C GLU I 210 62.29 -2.01 -9.52
N PRO I 211 63.03 -2.79 -8.74
CA PRO I 211 63.80 -2.17 -7.66
C PRO I 211 65.01 -1.43 -8.19
N ASP I 212 66.09 -2.16 -8.50
CA ASP I 212 67.32 -1.55 -9.02
C ASP I 212 67.98 -0.57 -8.05
N ASP I 213 69.27 -0.78 -7.78
CA ASP I 213 70.02 0.06 -6.86
C ASP I 213 70.27 1.47 -7.40
N LYS I 214 70.99 1.54 -8.51
CA LYS I 214 71.33 2.81 -9.14
C LYS I 214 70.22 3.82 -9.01
N ILE I 215 69.18 3.62 -9.81
CA ILE I 215 68.04 4.52 -9.81
C ILE I 215 67.56 4.84 -8.39
N ASP I 216 67.25 3.83 -7.58
CA ASP I 216 66.80 4.06 -6.20
C ASP I 216 67.70 5.02 -5.45
N SER I 217 69.00 4.71 -5.45
CA SER I 217 69.97 5.56 -4.80
C SER I 217 69.73 7.01 -5.23
N GLU I 218 69.62 7.21 -6.54
CA GLU I 218 69.39 8.52 -7.11
C GLU I 218 68.11 9.13 -6.55
N VAL I 219 67.01 8.43 -6.78
CA VAL I 219 65.71 8.90 -6.32
C VAL I 219 65.72 9.31 -4.88
N ALA I 220 66.21 8.43 -4.01
CA ALA I 220 66.24 8.76 -2.61
C ALA I 220 67.13 9.99 -2.40
N ARG I 221 68.41 9.85 -2.71
CA ARG I 221 69.33 10.98 -2.54
C ARG I 221 68.63 12.27 -2.96
N HIS I 222 67.86 12.20 -4.04
CA HIS I 222 67.16 13.37 -4.54
C HIS I 222 66.10 13.85 -3.55
N ILE I 223 65.27 12.94 -3.09
CA ILE I 223 64.23 13.31 -2.16
C ILE I 223 64.84 14.06 -1.01
N LEU I 224 65.70 13.40 -0.26
CA LEU I 224 66.35 14.06 0.86
C LEU I 224 66.76 15.47 0.44
N ARG I 225 67.61 15.56 -0.57
CA ARG I 225 68.07 16.85 -1.05
C ARG I 225 66.92 17.84 -0.96
N VAL I 226 66.06 17.82 -1.97
CA VAL I 226 64.91 18.72 -2.00
C VAL I 226 63.86 18.27 -1.02
N ARG I 227 64.23 18.24 0.25
CA ARG I 227 63.32 17.81 1.31
C ARG I 227 63.83 18.41 2.60
N ARG I 228 65.01 18.99 2.55
CA ARG I 228 65.56 19.59 3.75
C ARG I 228 65.54 21.09 3.74
N GLY I 229 65.22 21.68 4.89
CA GLY I 229 65.14 23.12 5.01
C GLY I 229 63.98 23.61 4.18
N GLU I 230 64.02 24.87 3.76
CA GLU I 230 62.95 25.45 2.95
C GLU I 230 63.52 25.86 1.59
N SER I 231 64.72 25.37 1.26
CA SER I 231 65.38 25.68 0.00
C SER I 231 66.47 24.68 -0.44
N GLU I 232 66.68 24.59 -1.75
CA GLU I 232 67.68 23.71 -2.35
C GLU I 232 67.95 24.16 -3.80
N VAL I 233 69.03 23.66 -4.40
CA VAL I 233 69.36 24.01 -5.78
C VAL I 233 68.41 23.21 -6.68
N VAL I 234 67.27 22.83 -6.10
CA VAL I 234 66.28 22.07 -6.83
C VAL I 234 64.93 22.80 -6.79
N ALA I 235 64.86 23.77 -7.70
CA ALA I 235 63.72 24.63 -7.96
C ALA I 235 63.74 24.84 -9.48
N PRO I 236 62.62 25.28 -10.05
CA PRO I 236 62.47 25.52 -11.50
C PRO I 236 63.65 26.14 -12.24
N LYS I 237 63.83 25.72 -13.48
CA LYS I 237 64.88 26.23 -14.37
C LYS I 237 64.29 27.50 -14.96
N ILE I 238 63.01 27.71 -14.68
CA ILE I 238 62.25 28.86 -15.15
C ILE I 238 61.25 29.17 -14.06
N PRO I 239 61.13 30.46 -13.70
CA PRO I 239 60.18 30.84 -12.65
C PRO I 239 58.78 30.41 -13.03
N HIS I 240 58.03 29.83 -12.09
CA HIS I 240 56.69 29.39 -12.38
C HIS I 240 55.71 30.50 -12.75
N GLU I 241 55.90 31.70 -12.22
CA GLU I 241 55.00 32.79 -12.58
C GLU I 241 55.22 33.18 -14.03
N ILE I 242 56.48 33.17 -14.48
CA ILE I 242 56.82 33.49 -15.87
C ILE I 242 56.28 32.39 -16.77
N LEU I 243 56.71 31.18 -16.48
CA LEU I 243 56.34 30.00 -17.23
C LEU I 243 54.85 29.75 -17.32
N ARG I 244 54.07 30.35 -16.41
CA ARG I 244 52.62 30.18 -16.42
C ARG I 244 52.01 31.22 -17.34
N LYS I 245 52.72 32.32 -17.51
CA LYS I 245 52.27 33.39 -18.39
C LYS I 245 52.65 32.92 -19.78
N TYR I 246 53.87 32.40 -19.90
CA TYR I 246 54.38 31.89 -21.17
C TYR I 246 53.40 30.90 -21.79
N ILE I 247 52.82 30.05 -20.95
CA ILE I 247 51.84 29.07 -21.41
C ILE I 247 50.63 29.80 -21.91
N ALA I 248 49.88 30.39 -20.98
CA ALA I 248 48.66 31.12 -21.32
C ALA I 248 48.87 32.03 -22.54
N TYR I 249 50.11 32.42 -22.78
CA TYR I 249 50.44 33.27 -23.92
C TYR I 249 50.42 32.49 -25.23
N ALA I 250 51.19 31.41 -25.28
CA ALA I 250 51.25 30.57 -26.48
C ALA I 250 49.89 29.92 -26.79
N ARG I 251 49.06 29.70 -25.77
CA ARG I 251 47.74 29.13 -26.00
C ARG I 251 46.84 30.26 -26.48
N LYS I 252 47.44 31.34 -26.95
CA LYS I 252 46.69 32.50 -27.40
C LYS I 252 47.14 32.99 -28.77
N ASN I 253 48.39 33.42 -28.84
CA ASN I 253 48.96 33.97 -30.06
C ASN I 253 49.54 33.00 -31.07
N ILE I 254 49.73 31.75 -30.68
CA ILE I 254 50.32 30.78 -31.59
C ILE I 254 49.34 29.70 -32.01
N HIS I 255 49.31 29.41 -33.31
CA HIS I 255 48.44 28.37 -33.84
C HIS I 255 49.15 27.65 -34.98
N PRO I 256 50.20 26.90 -34.65
CA PRO I 256 51.01 26.14 -35.60
C PRO I 256 50.32 25.49 -36.77
N VAL I 257 50.91 25.70 -37.95
CA VAL I 257 50.42 25.11 -39.18
C VAL I 257 51.43 24.07 -39.52
N ILE I 258 50.98 23.00 -40.12
CA ILE I 258 51.84 21.89 -40.44
C ILE I 258 52.73 22.08 -41.67
N SER I 259 54.04 22.02 -41.49
CA SER I 259 54.96 22.17 -42.60
C SER I 259 54.99 20.89 -43.40
N GLU I 260 54.98 21.00 -44.73
CA GLU I 260 55.04 19.82 -45.57
C GLU I 260 56.23 19.05 -45.03
N GLU I 261 57.18 19.80 -44.48
CA GLU I 261 58.39 19.26 -43.90
C GLU I 261 58.02 18.14 -42.94
N ALA I 262 57.27 18.52 -41.91
CA ALA I 262 56.83 17.60 -40.87
C ALA I 262 55.85 16.57 -41.38
N MET I 263 54.80 17.06 -42.03
CA MET I 263 53.76 16.21 -42.57
C MET I 263 54.30 14.85 -43.01
N GLU I 264 55.30 14.88 -43.87
CA GLU I 264 55.92 13.67 -44.37
C GLU I 264 56.42 12.77 -43.24
N GLU I 265 56.91 13.39 -42.17
CA GLU I 265 57.44 12.64 -41.03
C GLU I 265 56.38 11.92 -40.22
N ILE I 266 55.26 12.61 -39.97
CA ILE I 266 54.20 12.03 -39.18
C ILE I 266 53.43 10.95 -39.93
N GLU I 267 53.24 11.12 -41.23
CA GLU I 267 52.50 10.12 -41.98
C GLU I 267 53.40 8.90 -42.15
N LYS I 268 54.66 9.14 -42.54
CA LYS I 268 55.66 8.10 -42.73
C LYS I 268 55.68 7.19 -41.53
N TYR I 269 55.28 7.76 -40.40
CA TYR I 269 55.25 7.05 -39.15
C TYR I 269 53.91 6.40 -38.85
N TYR I 270 52.83 7.17 -38.97
CA TYR I 270 51.51 6.64 -38.70
C TYR I 270 51.40 5.31 -39.41
N VAL I 271 51.79 5.28 -40.68
CA VAL I 271 51.74 4.04 -41.45
C VAL I 271 52.60 2.96 -40.78
N ARG I 272 53.78 3.35 -40.28
CA ARG I 272 54.71 2.45 -39.58
C ARG I 272 53.93 1.89 -38.41
N MET I 273 53.41 2.82 -37.62
CA MET I 273 52.61 2.50 -36.45
C MET I 273 51.49 1.52 -36.78
N ARG I 274 50.89 1.69 -37.95
CA ARG I 274 49.81 0.82 -38.36
C ARG I 274 50.25 -0.65 -38.36
N LYS I 275 51.42 -0.94 -38.95
CA LYS I 275 51.92 -2.31 -39.01
C LYS I 275 52.06 -2.91 -37.62
N SER I 276 51.08 -3.72 -37.23
CA SER I 276 51.05 -4.40 -35.91
C SER I 276 49.74 -5.19 -35.77
N PRO I 291 46.82 -1.59 -30.13
CA PRO I 291 45.45 -1.64 -30.67
C PRO I 291 45.02 -0.41 -31.52
N ILE I 292 45.91 0.00 -32.42
CA ILE I 292 45.85 1.16 -33.35
C ILE I 292 44.70 1.40 -34.32
N THR I 293 44.33 2.67 -34.46
CA THR I 293 43.26 3.11 -35.35
C THR I 293 43.80 4.30 -36.11
N ALA I 294 42.89 5.11 -36.61
CA ALA I 294 43.25 6.30 -37.35
C ALA I 294 43.24 7.47 -36.36
N ARG I 295 42.80 7.20 -35.13
CA ARG I 295 42.75 8.22 -34.10
C ARG I 295 44.16 8.53 -33.65
N GLN I 296 44.96 7.49 -33.56
CA GLN I 296 46.36 7.61 -33.16
C GLN I 296 47.02 8.72 -33.97
N LEU I 297 46.64 8.82 -35.24
CA LEU I 297 47.18 9.83 -36.14
C LEU I 297 46.76 11.23 -35.68
N GLU I 298 45.50 11.38 -35.34
CA GLU I 298 44.95 12.66 -34.88
C GLU I 298 45.72 13.18 -33.69
N ALA I 299 45.81 12.36 -32.65
CA ALA I 299 46.50 12.73 -31.42
C ALA I 299 47.97 13.03 -31.66
N LEU I 300 48.59 12.23 -32.52
CA LEU I 300 49.98 12.47 -32.83
C LEU I 300 50.10 13.88 -33.37
N ILE I 301 49.14 14.27 -34.20
CA ILE I 301 49.09 15.60 -34.79
C ILE I 301 49.02 16.64 -33.68
N ARG I 302 48.16 16.40 -32.68
CA ARG I 302 48.04 17.34 -31.60
C ARG I 302 49.35 17.57 -30.85
N LEU I 303 50.08 16.50 -30.55
CA LEU I 303 51.34 16.62 -29.84
C LEU I 303 52.29 17.53 -30.60
N SER I 304 52.63 17.14 -31.82
CA SER I 304 53.54 17.92 -32.66
C SER I 304 53.12 19.36 -32.85
N GLU I 305 51.81 19.61 -32.84
CA GLU I 305 51.33 20.98 -32.97
C GLU I 305 51.71 21.70 -31.65
N ALA I 306 51.38 21.08 -30.52
CA ALA I 306 51.68 21.66 -29.23
C ALA I 306 53.17 21.81 -28.99
N HIS I 307 53.97 20.87 -29.46
CA HIS I 307 55.41 20.94 -29.26
C HIS I 307 55.96 22.19 -29.93
N ALA I 308 55.27 22.67 -30.97
CA ALA I 308 55.70 23.88 -31.66
C ALA I 308 55.28 25.02 -30.77
N ARG I 309 53.97 25.12 -30.56
CA ARG I 309 53.39 26.16 -29.72
C ARG I 309 54.19 26.34 -28.44
N MET I 310 54.71 25.24 -27.94
CA MET I 310 55.51 25.22 -26.72
C MET I 310 56.70 26.15 -26.83
N ARG I 311 57.16 26.34 -28.05
CA ARG I 311 58.30 27.21 -28.34
C ARG I 311 57.84 28.37 -29.23
N LEU I 312 56.56 28.36 -29.60
CA LEU I 312 55.98 29.40 -30.46
C LEU I 312 56.65 29.26 -31.82
N SER I 313 55.92 28.83 -32.86
CA SER I 313 56.58 28.66 -34.15
C SER I 313 56.16 29.55 -35.32
N PRO I 314 54.94 29.43 -35.84
CA PRO I 314 53.78 28.59 -35.57
C PRO I 314 53.79 27.61 -36.73
N ILE I 315 54.93 26.95 -36.89
CA ILE I 315 55.07 26.01 -37.96
C ILE I 315 55.68 24.71 -37.48
N VAL I 316 54.84 23.67 -37.44
CA VAL I 316 55.26 22.35 -37.00
C VAL I 316 56.36 21.84 -37.91
N THR I 317 57.59 22.25 -37.63
CA THR I 317 58.77 21.85 -38.41
C THR I 317 59.07 20.36 -38.31
N ARG I 318 59.97 19.87 -39.15
CA ARG I 318 60.32 18.46 -39.14
C ARG I 318 60.71 18.02 -37.73
N GLU I 319 61.36 18.91 -36.99
CA GLU I 319 61.78 18.59 -35.62
C GLU I 319 60.62 18.36 -34.70
N ASP I 320 59.70 19.31 -34.66
CA ASP I 320 58.53 19.18 -33.83
C ASP I 320 57.92 17.83 -34.09
N ALA I 321 57.43 17.63 -35.32
CA ALA I 321 56.81 16.36 -35.70
C ALA I 321 57.68 15.18 -35.31
N ARG I 322 58.99 15.35 -35.44
CA ARG I 322 59.94 14.32 -35.07
C ARG I 322 59.76 14.00 -33.59
N GLU I 323 59.96 15.01 -32.75
CA GLU I 323 59.83 14.89 -31.31
C GLU I 323 58.55 14.19 -30.89
N ALA I 324 57.46 14.65 -31.48
CA ALA I 324 56.16 14.09 -31.18
C ALA I 324 56.20 12.58 -31.30
N ILE I 325 56.60 12.08 -32.46
CA ILE I 325 56.62 10.64 -32.60
C ILE I 325 57.58 10.00 -31.59
N LYS I 326 58.64 10.70 -31.22
CA LYS I 326 59.58 10.15 -30.25
C LYS I 326 58.82 9.83 -28.97
N LEU I 327 58.25 10.87 -28.39
CA LEU I 327 57.49 10.70 -27.17
C LEU I 327 56.46 9.58 -27.35
N MET I 328 55.78 9.56 -28.48
CA MET I 328 54.77 8.53 -28.71
C MET I 328 55.32 7.11 -28.82
N GLU I 329 56.43 6.91 -29.54
CA GLU I 329 56.98 5.55 -29.64
C GLU I 329 57.51 5.17 -28.27
N TYR I 330 57.61 6.13 -27.37
CA TYR I 330 58.07 5.83 -26.03
C TYR I 330 56.90 5.32 -25.23
N THR I 331 55.86 6.14 -25.11
CA THR I 331 54.65 5.77 -24.37
C THR I 331 54.34 4.33 -24.74
N LEU I 332 54.57 4.03 -26.02
CA LEU I 332 54.35 2.73 -26.61
C LEU I 332 55.27 1.64 -26.11
N LYS I 333 56.57 1.90 -26.15
CA LYS I 333 57.52 0.92 -25.70
C LYS I 333 57.15 0.52 -24.27
N GLN I 334 56.90 1.50 -23.41
CA GLN I 334 56.52 1.24 -22.03
C GLN I 334 55.39 0.25 -21.86
N ILE I 335 54.55 0.09 -22.88
CA ILE I 335 53.44 -0.83 -22.77
C ILE I 335 53.84 -2.28 -22.79
N ALA I 336 54.99 -2.57 -23.40
CA ALA I 336 55.49 -3.95 -23.44
C ALA I 336 55.97 -4.34 -22.03
N MET I 337 56.23 -3.33 -21.22
CA MET I 337 56.68 -3.48 -19.83
C MET I 337 57.96 -4.27 -19.61
N PRO J 2 17.30 32.24 -60.97
CA PRO J 2 17.26 31.90 -62.41
C PRO J 2 18.63 32.21 -63.02
N GLU J 3 19.38 33.07 -62.33
CA GLU J 3 20.72 33.44 -62.76
C GLU J 3 21.57 32.23 -62.40
N GLU J 4 21.01 31.44 -61.49
CA GLU J 4 21.62 30.23 -60.98
C GLU J 4 21.37 29.10 -61.98
N GLU J 5 20.09 28.93 -62.33
CA GLU J 5 19.70 27.90 -63.29
C GLU J 5 20.63 27.95 -64.49
N GLN J 6 21.09 29.16 -64.81
CA GLN J 6 22.00 29.36 -65.92
C GLN J 6 23.29 28.59 -65.70
N ILE J 7 23.86 28.76 -64.51
CA ILE J 7 25.10 28.09 -64.14
C ILE J 7 24.92 26.57 -64.20
N ILE J 8 23.95 26.08 -63.44
CA ILE J 8 23.64 24.65 -63.38
C ILE J 8 23.71 23.95 -64.74
N LYS J 9 22.88 24.40 -65.67
CA LYS J 9 22.86 23.84 -67.01
C LYS J 9 24.30 23.72 -67.52
N GLU J 10 25.09 24.77 -67.28
CA GLU J 10 26.48 24.81 -67.74
C GLU J 10 27.30 23.69 -67.12
N LEU J 11 27.11 23.48 -65.82
CA LEU J 11 27.82 22.44 -65.10
C LEU J 11 27.52 21.11 -65.78
N ALA J 12 26.23 20.80 -65.91
CA ALA J 12 25.80 19.57 -66.54
C ALA J 12 26.48 19.41 -67.90
N LYS J 13 26.60 20.51 -68.63
CA LYS J 13 27.24 20.50 -69.94
C LYS J 13 28.62 19.85 -69.81
N ARG J 14 29.29 20.13 -68.70
CA ARG J 14 30.62 19.59 -68.43
C ARG J 14 30.69 18.13 -68.80
N LYS J 15 31.87 17.70 -69.24
CA LYS J 15 32.06 16.32 -69.65
C LYS J 15 32.13 15.35 -68.48
N ASP J 16 32.86 15.76 -67.44
CA ASP J 16 33.07 14.94 -66.26
C ASP J 16 32.12 15.14 -65.09
N ILE J 17 31.10 15.98 -65.25
CA ILE J 17 30.17 16.25 -64.16
C ILE J 17 29.93 15.10 -63.19
N VAL J 18 29.62 13.93 -63.72
CA VAL J 18 29.37 12.75 -62.90
C VAL J 18 30.44 12.64 -61.83
N ASP J 19 31.69 12.67 -62.28
CA ASP J 19 32.84 12.55 -61.41
C ASP J 19 33.00 13.76 -60.51
N ALA J 20 32.83 14.94 -61.06
CA ALA J 20 32.97 16.15 -60.27
C ALA J 20 32.00 16.13 -59.10
N ILE J 21 30.77 15.69 -59.35
CA ILE J 21 29.76 15.64 -58.31
C ILE J 21 30.12 14.77 -57.11
N VAL J 22 30.89 13.72 -57.32
CA VAL J 22 31.26 12.87 -56.20
C VAL J 22 32.44 13.50 -55.46
N ASP J 23 33.39 14.02 -56.23
CA ASP J 23 34.57 14.65 -55.64
C ASP J 23 34.19 15.88 -54.86
N SER J 24 32.90 16.09 -54.70
CA SER J 24 32.44 17.25 -53.97
C SER J 24 31.60 16.81 -52.78
N ILE J 25 31.27 15.52 -52.73
CA ILE J 25 30.48 14.99 -51.62
C ILE J 25 31.30 15.22 -50.36
N ALA J 26 32.45 14.59 -50.29
CA ALA J 26 33.31 14.78 -49.14
C ALA J 26 34.72 14.76 -49.67
N PRO J 27 35.30 15.95 -49.82
CA PRO J 27 36.65 16.14 -50.32
C PRO J 27 37.64 15.73 -49.25
N ALA J 28 37.19 15.89 -48.00
CA ALA J 28 37.99 15.56 -46.83
C ALA J 28 38.35 14.10 -46.88
N ILE J 29 37.42 13.27 -46.44
CA ILE J 29 37.66 11.84 -46.42
C ILE J 29 38.30 11.51 -47.77
N TYR J 30 39.28 10.63 -47.71
CA TYR J 30 40.02 10.21 -48.87
C TYR J 30 39.52 8.86 -49.39
N GLY J 31 39.25 8.79 -50.68
CA GLY J 31 38.79 7.53 -51.26
C GLY J 31 37.31 7.26 -51.19
N TYR J 32 36.95 5.99 -51.12
CA TYR J 32 35.53 5.61 -51.06
C TYR J 32 34.76 6.18 -52.21
N LYS J 33 35.33 6.07 -53.40
CA LYS J 33 34.69 6.57 -54.60
C LYS J 33 33.21 6.13 -54.66
N GLU J 34 32.96 4.84 -54.44
CA GLU J 34 31.62 4.27 -54.50
C GLU J 34 30.69 4.67 -53.37
N VAL J 35 31.21 4.69 -52.15
CA VAL J 35 30.40 5.10 -51.04
C VAL J 35 30.03 6.56 -51.24
N LYS J 36 30.79 7.25 -52.10
CA LYS J 36 30.55 8.67 -52.41
C LYS J 36 29.55 8.76 -53.54
N LYS J 37 29.82 8.01 -54.60
CA LYS J 37 28.97 7.95 -55.79
C LYS J 37 27.65 7.27 -55.42
N GLY J 38 27.65 6.58 -54.28
CA GLY J 38 26.45 5.94 -53.80
C GLY J 38 25.66 7.06 -53.19
N ILE J 39 26.15 7.62 -52.09
CA ILE J 39 25.47 8.74 -51.44
C ILE J 39 25.06 9.75 -52.49
N ALA J 40 25.89 9.95 -53.50
CA ALA J 40 25.58 10.91 -54.55
C ALA J 40 24.21 10.62 -55.12
N LEU J 41 24.03 9.41 -55.62
CA LEU J 41 22.76 9.03 -56.20
C LEU J 41 21.69 9.22 -55.15
N ALA J 42 21.91 8.69 -53.96
CA ALA J 42 20.95 8.79 -52.88
C ALA J 42 20.43 10.21 -52.68
N LEU J 43 21.29 11.20 -52.91
CA LEU J 43 20.92 12.62 -52.74
C LEU J 43 20.09 13.11 -53.92
N PHE J 44 20.17 12.43 -55.05
CA PHE J 44 19.40 12.79 -56.23
C PHE J 44 18.12 11.98 -56.36
N GLY J 45 18.08 10.83 -55.68
CA GLY J 45 16.91 9.99 -55.69
C GLY J 45 16.38 9.47 -57.03
N GLY J 46 15.54 8.45 -56.93
CA GLY J 46 14.94 7.85 -58.11
C GLY J 46 13.76 8.67 -58.57
N VAL J 47 13.11 8.22 -59.63
CA VAL J 47 11.98 8.93 -60.21
C VAL J 47 10.88 9.37 -59.24
N SER J 48 10.37 8.45 -58.43
CA SER J 48 9.31 8.76 -57.45
C SER J 48 8.20 9.63 -58.06
N ARG J 49 7.24 8.97 -58.72
CA ARG J 49 6.09 9.63 -59.37
C ARG J 49 4.95 8.63 -59.35
N LYS J 50 3.95 8.86 -58.50
CA LYS J 50 2.84 7.93 -58.41
C LYS J 50 1.83 8.00 -59.56
N LEU J 51 1.12 6.91 -59.78
CA LEU J 51 0.08 6.80 -60.80
C LEU J 51 -1.09 6.09 -60.10
N PRO J 52 -2.32 6.25 -60.62
CA PRO J 52 -3.53 5.63 -60.04
C PRO J 52 -3.56 4.13 -60.24
N ASP J 53 -3.23 3.72 -61.46
CA ASP J 53 -3.19 2.33 -61.85
C ASP J 53 -2.04 1.62 -61.14
N GLY J 54 -0.89 2.30 -61.09
CA GLY J 54 0.28 1.74 -60.44
C GLY J 54 0.48 2.35 -59.06
N THR J 55 -0.63 2.64 -58.40
CA THR J 55 -0.64 3.22 -57.05
C THR J 55 0.61 4.03 -56.68
N ARG J 56 0.95 4.05 -55.40
CA ARG J 56 2.11 4.76 -54.87
C ARG J 56 3.37 4.48 -55.70
N LEU J 57 4.42 5.29 -55.50
CA LEU J 57 5.70 5.10 -56.20
C LEU J 57 6.85 5.89 -55.56
N ARG J 58 7.50 5.28 -54.57
CA ARG J 58 8.63 5.87 -53.86
C ARG J 58 9.81 5.91 -54.83
N GLY J 59 10.73 6.84 -54.59
CA GLY J 59 11.88 6.93 -55.45
C GLY J 59 13.10 7.16 -54.59
N ASP J 60 12.85 7.59 -53.36
CA ASP J 60 13.93 7.86 -52.42
C ASP J 60 14.82 6.64 -52.27
N ILE J 61 16.12 6.91 -52.27
CA ILE J 61 17.12 5.88 -52.17
C ILE J 61 17.80 5.85 -50.81
N HIS J 62 17.59 4.77 -50.06
CA HIS J 62 18.19 4.63 -48.73
C HIS J 62 19.55 3.97 -48.82
N VAL J 63 20.48 4.41 -47.98
CA VAL J 63 21.84 3.88 -48.03
C VAL J 63 22.40 3.53 -46.66
N LEU J 64 22.85 2.29 -46.51
CA LEU J 64 23.41 1.89 -45.23
C LEU J 64 24.92 1.71 -45.30
N LEU J 65 25.59 2.19 -44.26
CA LEU J 65 27.05 2.12 -44.19
C LEU J 65 27.48 1.31 -42.96
N VAL J 66 27.76 0.03 -43.10
CA VAL J 66 28.17 -0.77 -41.95
C VAL J 66 29.62 -1.22 -41.96
N GLY J 67 30.38 -0.88 -40.92
CA GLY J 67 31.77 -1.29 -40.91
C GLY J 67 32.48 -1.29 -39.56
N ASP J 68 33.73 -1.75 -39.59
CA ASP J 68 34.56 -1.80 -38.40
C ASP J 68 34.69 -0.35 -37.94
N PRO J 69 35.12 -0.12 -36.71
CA PRO J 69 35.24 1.26 -36.26
C PRO J 69 36.42 1.97 -36.91
N GLY J 70 36.40 3.30 -36.86
CA GLY J 70 37.48 4.11 -37.43
C GLY J 70 37.64 4.01 -38.92
N VAL J 71 36.52 4.01 -39.63
CA VAL J 71 36.51 3.92 -41.09
C VAL J 71 35.94 5.16 -41.77
N ALA J 72 35.56 6.17 -40.99
CA ALA J 72 35.03 7.44 -41.50
C ALA J 72 33.52 7.52 -41.61
N LYS J 73 32.80 6.50 -41.18
CA LYS J 73 31.35 6.52 -41.26
C LYS J 73 30.81 7.79 -40.63
N SER J 74 30.97 7.90 -39.32
CA SER J 74 30.50 9.08 -38.58
C SER J 74 30.90 10.34 -39.35
N GLN J 75 32.19 10.46 -39.63
CA GLN J 75 32.73 11.61 -40.36
C GLN J 75 31.91 11.89 -41.62
N ILE J 76 31.90 10.95 -42.55
CA ILE J 76 31.17 11.09 -43.80
C ILE J 76 29.76 11.62 -43.65
N LEU J 77 28.91 10.91 -42.93
CA LEU J 77 27.54 11.38 -42.75
C LEU J 77 27.55 12.85 -42.45
N ARG J 78 28.38 13.24 -41.50
CA ARG J 78 28.51 14.63 -41.09
C ARG J 78 28.72 15.55 -42.29
N TYR J 79 29.67 15.21 -43.17
CA TYR J 79 29.92 16.05 -44.35
C TYR J 79 28.72 16.14 -45.24
N VAL J 80 27.91 15.10 -45.24
CA VAL J 80 26.73 15.09 -46.08
C VAL J 80 25.74 16.09 -45.52
N ALA J 81 25.59 16.10 -44.20
CA ALA J 81 24.65 17.05 -43.61
C ALA J 81 25.04 18.46 -44.05
N ASN J 82 26.33 18.76 -43.99
CA ASN J 82 26.83 20.06 -44.37
C ASN J 82 26.69 20.37 -45.87
N LEU J 83 26.14 19.43 -46.63
CA LEU J 83 25.92 19.62 -48.06
C LEU J 83 24.44 19.52 -48.37
N ALA J 84 23.91 18.31 -48.29
CA ALA J 84 22.49 18.04 -48.57
C ALA J 84 21.58 19.17 -48.12
N PRO J 85 20.57 19.49 -48.94
CA PRO J 85 19.63 20.55 -48.59
C PRO J 85 18.97 20.32 -47.23
N ARG J 86 17.88 19.57 -47.23
CA ARG J 86 17.13 19.28 -46.01
C ARG J 86 17.75 18.15 -45.20
N ALA J 87 19.03 18.28 -44.85
CA ALA J 87 19.74 17.24 -44.11
C ALA J 87 19.64 17.28 -42.59
N ILE J 88 19.39 16.12 -41.98
CA ILE J 88 19.31 16.01 -40.53
C ILE J 88 20.27 14.94 -40.03
N TYR J 89 21.35 15.34 -39.40
CA TYR J 89 22.30 14.38 -38.85
C TYR J 89 21.81 14.11 -37.44
N THR J 90 21.96 12.89 -36.98
CA THR J 90 21.52 12.54 -35.65
C THR J 90 22.09 11.20 -35.26
N SER J 91 23.14 11.20 -34.43
CA SER J 91 23.79 9.95 -34.01
C SER J 91 23.20 9.41 -32.72
N UNK J 92 22.90 8.11 -32.68
CA UNK J 92 22.36 7.49 -31.48
C UNK J 92 23.30 7.73 -30.29
N UNK J 93 23.11 8.88 -29.66
CA UNK J 93 23.91 9.31 -28.52
C UNK J 93 23.48 10.72 -28.07
N UNK J 94 23.19 10.85 -26.76
CA UNK J 94 22.76 12.12 -26.15
C UNK J 94 21.37 12.57 -26.62
N UNK J 95 21.13 13.87 -26.64
CA UNK J 95 19.83 14.42 -27.07
C UNK J 95 19.99 15.56 -28.08
N UNK J 96 18.93 15.81 -28.85
CA UNK J 96 18.92 16.85 -29.89
C UNK J 96 20.13 16.69 -30.83
N UNK J 97 20.01 17.19 -32.05
CA UNK J 97 21.10 17.08 -33.04
C UNK J 97 21.34 18.39 -33.81
N UNK J 98 22.49 18.47 -34.49
CA UNK J 98 22.88 19.66 -35.27
C UNK J 98 22.40 19.62 -36.72
N UNK J 99 23.32 19.30 -37.63
CA UNK J 99 23.00 19.21 -39.05
C UNK J 99 22.61 20.54 -39.69
N UNK J 100 21.30 20.76 -39.78
CA UNK J 100 20.69 21.94 -40.39
C UNK J 100 21.50 23.23 -40.39
N UNK J 101 21.22 24.05 -41.40
CA UNK J 101 21.86 25.34 -41.55
C UNK J 101 20.76 26.36 -41.27
N UNK J 102 19.63 25.84 -40.80
CA UNK J 102 18.43 26.59 -40.41
C UNK J 102 17.99 27.82 -41.20
N UNK J 103 16.67 27.96 -41.32
CA UNK J 103 16.04 29.08 -42.01
C UNK J 103 14.54 29.06 -41.71
N UNK J 104 14.20 29.40 -40.47
CA UNK J 104 12.82 29.42 -40.01
C UNK J 104 12.22 28.03 -40.09
N UNK J 105 13.02 27.02 -39.77
CA UNK J 105 12.57 25.63 -39.81
C UNK J 105 12.33 25.12 -41.24
N UNK J 106 11.81 23.88 -41.38
CA UNK J 106 11.57 23.25 -42.69
C UNK J 106 10.28 23.63 -43.43
N UNK J 107 10.31 23.47 -44.76
CA UNK J 107 9.17 23.80 -45.62
C UNK J 107 7.87 23.06 -45.34
N UNK J 108 7.90 21.78 -44.97
CA UNK J 108 6.66 21.05 -44.69
C UNK J 108 6.61 20.31 -43.36
N UNK J 109 5.64 19.39 -43.24
CA UNK J 109 5.37 18.62 -42.02
C UNK J 109 6.38 17.79 -41.21
N UNK J 110 5.85 17.27 -40.11
CA UNK J 110 6.51 16.42 -39.13
C UNK J 110 7.83 16.83 -38.43
N UNK J 111 8.26 15.95 -37.52
CA UNK J 111 9.46 16.13 -36.71
C UNK J 111 9.44 15.02 -35.63
N UNK J 112 10.47 14.90 -34.78
CA UNK J 112 10.43 13.86 -33.72
C UNK J 112 11.62 13.67 -32.73
N UNK J 113 11.88 12.41 -32.33
CA UNK J 113 12.93 11.99 -31.37
C UNK J 113 14.39 11.89 -31.86
N UNK J 114 14.61 11.16 -32.95
CA UNK J 114 15.93 11.05 -33.54
C UNK J 114 16.06 12.43 -34.20
N UNK J 115 14.97 12.83 -34.84
CA UNK J 115 14.76 14.11 -35.55
C UNK J 115 14.67 13.90 -37.06
N UNK J 116 13.46 13.67 -37.55
CA UNK J 116 13.25 13.48 -38.97
C UNK J 116 12.11 14.41 -39.42
N UNK J 117 12.22 14.96 -40.63
CA UNK J 117 11.23 15.89 -41.18
C UNK J 117 10.22 15.28 -42.16
N UNK J 118 9.12 14.77 -41.59
CA UNK J 118 8.01 14.12 -42.34
C UNK J 118 6.81 15.03 -42.58
N GLY J 125 10.10 16.72 -46.64
CA GLY J 125 10.85 15.49 -46.86
C GLY J 125 12.18 15.63 -46.17
N GLY J 126 13.25 15.57 -46.95
CA GLY J 126 14.60 15.72 -46.40
C GLY J 126 15.35 14.45 -46.00
N TYR J 127 16.63 14.40 -46.34
CA TYR J 127 17.47 13.26 -46.00
C TYR J 127 17.88 13.26 -44.53
N ALA J 128 17.61 12.15 -43.84
CA ALA J 128 17.97 12.04 -42.45
C ALA J 128 19.18 11.14 -42.34
N LEU J 129 20.31 11.77 -42.06
CA LEU J 129 21.58 11.08 -41.91
C LEU J 129 21.62 10.53 -40.51
N ILE J 130 21.41 9.21 -40.39
CA ILE J 130 21.39 8.54 -39.10
C ILE J 130 22.63 7.74 -38.76
N ASP J 131 23.58 8.35 -38.07
CA ASP J 131 24.78 7.62 -37.69
C ASP J 131 24.47 6.72 -36.49
N GLU J 132 25.16 5.58 -36.42
CA GLU J 132 24.99 4.63 -35.32
C GLU J 132 23.60 4.04 -35.22
N LEU J 133 23.04 3.66 -36.36
CA LEU J 133 21.70 3.08 -36.42
C LEU J 133 21.56 1.78 -35.62
N ASP J 134 22.67 1.20 -35.21
CA ASP J 134 22.65 -0.04 -34.45
C ASP J 134 22.50 0.22 -32.94
N LYS J 135 22.58 1.50 -32.56
CA LYS J 135 22.45 1.91 -31.16
C LYS J 135 21.21 2.79 -30.96
N MET J 136 20.17 2.52 -31.73
CA MET J 136 18.93 3.27 -31.61
C MET J 136 18.12 2.55 -30.55
N SER J 137 17.50 3.30 -29.64
CA SER J 137 16.68 2.64 -28.64
C SER J 137 15.58 1.97 -29.46
N ASP J 138 15.31 0.70 -29.20
CA ASP J 138 14.29 -0.04 -29.95
C ASP J 138 13.09 0.81 -30.41
N ARG J 139 12.81 1.92 -29.71
CA ARG J 139 11.73 2.82 -30.08
C ARG J 139 12.15 3.60 -31.32
N ASP J 140 13.18 4.42 -31.17
CA ASP J 140 13.69 5.21 -32.28
C ASP J 140 13.94 4.34 -33.51
N ARG J 141 14.26 3.07 -33.30
CA ARG J 141 14.48 2.17 -34.43
C ARG J 141 13.12 1.98 -35.09
N SER J 142 12.24 1.29 -34.37
CA SER J 142 10.89 0.99 -34.83
C SER J 142 10.39 1.99 -35.84
N VAL J 143 10.36 3.26 -35.44
CA VAL J 143 9.85 4.30 -36.32
C VAL J 143 10.47 4.23 -37.71
N ILE J 144 11.78 4.33 -37.77
CA ILE J 144 12.49 4.26 -39.04
C ILE J 144 12.06 3.00 -39.78
N HIS J 145 12.15 1.88 -39.08
CA HIS J 145 11.77 0.60 -39.62
C HIS J 145 10.45 0.78 -40.36
N GLU J 146 9.48 1.39 -39.70
CA GLU J 146 8.19 1.64 -40.34
C GLU J 146 8.38 2.60 -41.49
N ALA J 147 9.04 3.70 -41.21
CA ALA J 147 9.30 4.74 -42.20
C ALA J 147 9.94 4.21 -43.49
N LEU J 148 10.87 3.27 -43.34
CA LEU J 148 11.55 2.68 -44.49
C LEU J 148 10.66 1.66 -45.15
N GLU J 149 9.98 0.88 -44.31
CA GLU J 149 9.07 -0.17 -44.76
C GLU J 149 7.80 0.41 -45.34
N GLN J 150 6.91 0.91 -44.47
CA GLN J 150 5.63 1.50 -44.89
C GLN J 150 5.79 2.69 -45.82
N GLN J 151 6.53 3.68 -45.36
CA GLN J 151 6.74 4.94 -46.09
C GLN J 151 5.76 5.87 -45.41
N THR J 152 5.31 5.46 -44.23
CA THR J 152 4.33 6.20 -43.42
C THR J 152 4.40 5.87 -41.95
N ILE J 153 4.70 6.85 -41.11
CA ILE J 153 4.76 6.60 -39.68
C ILE J 153 3.37 6.78 -39.06
N SER J 154 3.25 6.55 -37.76
CA SER J 154 1.96 6.69 -37.08
C SER J 154 2.02 6.61 -35.56
N ILE J 155 1.34 7.57 -34.92
CA ILE J 155 1.27 7.65 -33.47
C ILE J 155 -0.19 7.86 -33.09
N SER J 156 -0.78 6.87 -32.43
CA SER J 156 -2.17 6.99 -32.02
C SER J 156 -2.23 6.90 -30.50
N LYS J 157 -1.24 7.52 -29.85
CA LYS J 157 -1.17 7.51 -28.39
C LYS J 157 -2.17 8.50 -27.77
N ALA J 158 -3.31 7.94 -27.37
CA ALA J 158 -4.45 8.63 -26.75
C ALA J 158 -5.68 8.27 -27.59
N GLY J 159 -6.74 9.07 -27.47
CA GLY J 159 -7.92 8.80 -28.26
C GLY J 159 -7.61 9.12 -29.71
N ILE J 160 -6.76 10.12 -29.91
CA ILE J 160 -6.38 10.54 -31.25
C ILE J 160 -5.50 9.56 -31.99
N THR J 161 -5.53 9.66 -33.31
CA THR J 161 -4.76 8.79 -34.19
C THR J 161 -3.97 9.66 -35.17
N ALA J 162 -2.64 9.57 -35.11
CA ALA J 162 -1.81 10.39 -35.98
C ALA J 162 -1.02 9.63 -37.02
N THR J 163 -1.39 9.76 -38.28
CA THR J 163 -0.63 9.09 -39.31
C THR J 163 0.23 10.11 -40.03
N LEU J 164 1.53 10.04 -39.75
CA LEU J 164 2.50 10.94 -40.33
C LEU J 164 2.98 10.37 -41.65
N ASN J 165 2.99 11.18 -42.69
CA ASN J 165 3.46 10.71 -43.99
C ASN J 165 4.97 10.78 -44.04
N ALA J 166 5.61 9.62 -44.21
CA ALA J 166 7.06 9.51 -44.28
C ALA J 166 7.51 9.61 -45.72
N ARG J 167 8.30 10.63 -46.01
CA ARG J 167 8.80 10.83 -47.35
C ARG J 167 10.18 11.46 -47.30
N THR J 168 11.12 10.73 -46.72
CA THR J 168 12.50 11.22 -46.62
C THR J 168 13.49 10.12 -47.00
N THR J 169 14.74 10.53 -47.22
CA THR J 169 15.79 9.60 -47.59
C THR J 169 16.60 9.26 -46.35
N VAL J 170 17.11 8.04 -46.26
CA VAL J 170 17.89 7.66 -45.09
C VAL J 170 19.26 7.20 -45.45
N ILE J 171 20.25 8.00 -45.11
CA ILE J 171 21.63 7.62 -45.37
C ILE J 171 22.19 7.32 -43.98
N ALA J 172 22.24 6.05 -43.63
CA ALA J 172 22.70 5.65 -42.31
C ALA J 172 23.96 4.82 -42.23
N ALA J 173 24.54 4.83 -41.04
CA ALA J 173 25.75 4.11 -40.73
C ALA J 173 25.43 3.11 -39.65
N ALA J 174 26.35 2.19 -39.37
CA ALA J 174 26.13 1.18 -38.35
C ALA J 174 27.35 0.29 -38.13
N ASN J 175 27.52 -0.18 -36.89
CA ASN J 175 28.65 -1.04 -36.55
C ASN J 175 28.11 -2.46 -36.37
N PRO J 176 28.99 -3.46 -36.38
CA PRO J 176 28.61 -4.86 -36.20
C PRO J 176 28.22 -5.11 -34.75
N LYS J 177 27.44 -6.14 -34.48
CA LYS J 177 27.04 -6.44 -33.12
C LYS J 177 28.30 -6.63 -32.26
N GLN J 178 29.39 -7.02 -32.92
CA GLN J 178 30.65 -7.27 -32.26
C GLN J 178 31.60 -6.07 -32.20
N GLY J 179 31.44 -5.15 -33.14
CA GLY J 179 32.30 -3.99 -33.21
C GLY J 179 33.04 -4.05 -34.54
N ARG J 180 33.75 -5.16 -34.74
CA ARG J 180 34.50 -5.42 -35.95
C ARG J 180 33.97 -6.77 -36.43
N PHE J 181 34.20 -7.15 -37.68
CA PHE J 181 33.70 -8.46 -38.09
C PHE J 181 34.58 -9.30 -38.99
N ASN J 182 35.82 -8.85 -39.22
CA ASN J 182 36.79 -9.53 -40.07
C ASN J 182 36.61 -11.03 -40.24
N ARG J 183 35.97 -11.68 -39.28
CA ARG J 183 35.75 -13.11 -39.38
C ARG J 183 35.14 -13.46 -40.73
N MET J 184 34.99 -14.76 -40.95
CA MET J 184 34.44 -15.28 -42.18
C MET J 184 32.94 -15.07 -42.25
N LYS J 185 32.23 -15.42 -41.17
CA LYS J 185 30.77 -15.29 -41.10
C LYS J 185 30.25 -14.09 -41.89
N ASN J 186 29.04 -14.22 -42.43
CA ASN J 186 28.45 -13.15 -43.24
C ASN J 186 28.10 -11.86 -42.55
N PRO J 187 28.61 -10.76 -43.10
CA PRO J 187 28.43 -9.40 -42.60
C PRO J 187 27.00 -9.12 -42.19
N PHE J 188 26.09 -9.95 -42.69
CA PHE J 188 24.69 -9.74 -42.38
C PHE J 188 24.17 -10.35 -41.10
N GLU J 189 24.98 -11.19 -40.47
CA GLU J 189 24.56 -11.79 -39.21
C GLU J 189 25.18 -10.93 -38.12
N GLN J 190 26.21 -10.20 -38.52
CA GLN J 190 26.96 -9.38 -37.60
C GLN J 190 26.33 -8.01 -37.30
N ILE J 191 25.41 -7.56 -38.14
CA ILE J 191 24.75 -6.27 -37.93
C ILE J 191 23.64 -6.46 -36.89
N ASP J 192 23.39 -5.44 -36.06
CA ASP J 192 22.36 -5.55 -35.01
C ASP J 192 20.97 -5.07 -35.45
N LEU J 193 20.72 -5.07 -36.76
CA LEU J 193 19.43 -4.61 -37.28
C LEU J 193 18.60 -5.77 -37.82
N PRO J 194 17.27 -5.70 -37.63
CA PRO J 194 16.40 -6.77 -38.12
C PRO J 194 16.48 -6.83 -39.63
N PRO J 195 16.90 -7.97 -40.15
CA PRO J 195 17.02 -8.15 -41.60
C PRO J 195 15.89 -7.51 -42.42
N THR J 196 14.67 -7.55 -41.91
CA THR J 196 13.55 -6.96 -42.65
C THR J 196 13.61 -5.44 -42.72
N LEU J 197 14.66 -4.88 -42.16
CA LEU J 197 14.88 -3.44 -42.17
C LEU J 197 15.96 -3.23 -43.20
N LEU J 198 17.06 -3.96 -43.01
CA LEU J 198 18.19 -3.88 -43.90
C LEU J 198 17.73 -4.02 -45.34
N SER J 199 16.83 -4.98 -45.57
CA SER J 199 16.30 -5.23 -46.90
C SER J 199 15.72 -3.97 -47.53
N ARG J 200 15.55 -2.93 -46.73
CA ARG J 200 14.98 -1.67 -47.21
C ARG J 200 15.96 -0.72 -47.86
N PHE J 201 17.25 -0.98 -47.65
CA PHE J 201 18.27 -0.13 -48.24
C PHE J 201 18.52 -0.58 -49.68
N ASP J 202 18.78 0.41 -50.54
CA ASP J 202 19.04 0.17 -51.95
C ASP J 202 20.52 -0.16 -52.15
N LEU J 203 21.35 0.20 -51.19
CA LEU J 203 22.78 -0.09 -51.26
C LEU J 203 23.34 -0.17 -49.86
N ILE J 204 24.08 -1.24 -49.57
CA ILE J 204 24.73 -1.36 -48.26
C ILE J 204 26.29 -1.46 -48.44
N PHE J 205 26.99 -0.44 -47.99
CA PHE J 205 28.43 -0.49 -48.13
C PHE J 205 29.06 -1.09 -46.91
N VAL J 206 29.66 -2.25 -47.11
CA VAL J 206 30.32 -2.94 -46.03
C VAL J 206 31.76 -2.47 -45.97
N LEU J 207 32.16 -1.92 -44.83
CA LEU J 207 33.51 -1.41 -44.72
C LEU J 207 34.39 -2.10 -43.69
N ILE J 208 35.24 -3.01 -44.16
CA ILE J 208 36.18 -3.72 -43.29
C ILE J 208 37.43 -2.88 -43.38
N ASP J 209 38.43 -3.16 -42.56
CA ASP J 209 39.64 -2.36 -42.70
C ASP J 209 40.93 -3.08 -42.39
N GLU J 210 41.47 -3.75 -43.41
CA GLU J 210 42.74 -4.45 -43.25
C GLU J 210 43.72 -3.33 -43.00
N PRO J 211 44.93 -3.66 -42.54
CA PRO J 211 45.88 -2.58 -42.29
C PRO J 211 46.44 -2.03 -43.60
N ASP J 212 47.41 -2.72 -44.19
CA ASP J 212 48.03 -2.29 -45.45
C ASP J 212 48.76 -0.93 -45.34
N ASP J 213 50.03 -0.91 -45.74
CA ASP J 213 50.83 0.31 -45.69
C ASP J 213 50.39 1.37 -46.68
N LYS J 214 50.47 1.03 -47.97
CA LYS J 214 50.10 1.95 -49.04
C LYS J 214 48.92 2.83 -48.66
N ILE J 215 47.75 2.22 -48.67
CA ILE J 215 46.52 2.93 -48.34
C ILE J 215 46.68 3.78 -47.07
N ASP J 216 47.08 3.17 -45.96
CA ASP J 216 47.26 3.93 -44.71
C ASP J 216 48.10 5.18 -44.90
N SER J 217 49.27 5.01 -45.50
CA SER J 217 50.15 6.14 -45.76
C SER J 217 49.32 7.24 -46.42
N GLU J 218 48.57 6.87 -47.46
CA GLU J 218 47.73 7.80 -48.19
C GLU J 218 46.75 8.47 -47.26
N VAL J 219 45.91 7.66 -46.64
CA VAL J 219 44.90 8.16 -45.73
C VAL J 219 45.45 9.14 -44.73
N ALA J 220 46.50 8.75 -44.04
CA ALA J 220 47.08 9.63 -43.05
C ALA J 220 47.57 10.90 -43.74
N ARG J 221 48.54 10.77 -44.63
CA ARG J 221 49.07 11.93 -45.34
C ARG J 221 47.91 12.85 -45.70
N HIS J 222 46.79 12.28 -46.12
CA HIS J 222 45.64 13.07 -46.49
C HIS J 222 45.06 13.83 -45.31
N ILE J 223 44.83 13.12 -44.22
CA ILE J 223 44.28 13.77 -43.04
C ILE J 223 45.10 14.98 -42.71
N LEU J 224 46.36 14.77 -42.37
CA LEU J 224 47.22 15.88 -42.04
C LEU J 224 46.97 17.02 -43.03
N ARG J 225 47.19 16.74 -44.30
CA ARG J 225 46.98 17.76 -45.33
C ARG J 225 45.77 18.60 -44.95
N VAL J 226 44.59 18.07 -45.28
CA VAL J 226 43.35 18.79 -44.97
C VAL J 226 43.05 18.70 -43.50
N ARG J 227 43.96 19.23 -42.69
CA ARG J 227 43.81 19.21 -41.24
C ARG J 227 44.63 20.34 -40.68
N ARG J 228 45.44 20.94 -41.54
CA ARG J 228 46.28 22.03 -41.08
C ARG J 228 45.83 23.39 -41.55
N GLY J 229 45.91 24.36 -40.65
CA GLY J 229 45.48 25.71 -40.96
C GLY J 229 43.98 25.71 -41.15
N GLU J 230 43.46 26.68 -41.89
CA GLU J 230 42.03 26.77 -42.14
C GLU J 230 41.75 26.62 -43.65
N SER J 231 42.76 26.14 -44.38
CA SER J 231 42.65 25.96 -45.83
C SER J 231 43.65 24.96 -46.44
N GLU J 232 43.26 24.36 -47.55
CA GLU J 232 44.08 23.38 -48.29
C GLU J 232 43.51 23.21 -49.71
N VAL J 233 44.28 22.59 -50.59
CA VAL J 233 43.83 22.36 -51.96
C VAL J 233 42.85 21.19 -51.92
N VAL J 234 42.28 20.99 -50.74
CA VAL J 234 41.32 19.93 -50.55
C VAL J 234 39.99 20.47 -50.01
N ALA J 235 39.24 20.97 -50.99
CA ALA J 235 37.91 21.55 -50.85
C ALA J 235 37.18 21.11 -52.13
N PRO J 236 35.83 21.16 -52.12
CA PRO J 236 34.99 20.77 -53.25
C PRO J 236 35.46 21.11 -54.64
N LYS J 237 35.16 20.24 -55.60
CA LYS J 237 35.48 20.43 -57.01
C LYS J 237 34.35 21.26 -57.56
N ILE J 238 33.34 21.46 -56.72
CA ILE J 238 32.16 22.23 -57.04
C ILE J 238 31.73 22.90 -55.75
N PRO J 239 31.41 24.20 -55.80
CA PRO J 239 30.99 24.90 -54.58
C PRO J 239 29.76 24.23 -53.99
N HIS J 240 29.74 24.04 -52.68
CA HIS J 240 28.60 23.40 -52.05
C HIS J 240 27.29 24.17 -52.17
N GLU J 241 27.34 25.50 -52.24
CA GLU J 241 26.10 26.27 -52.37
C GLU J 241 25.50 26.02 -53.74
N ILE J 242 26.36 25.93 -54.76
CA ILE J 242 25.92 25.68 -56.14
C ILE J 242 25.38 24.26 -56.22
N LEU J 243 26.23 23.32 -55.85
CA LEU J 243 25.91 21.91 -55.86
C LEU J 243 24.68 21.52 -55.06
N ARG J 244 24.28 22.37 -54.12
CA ARG J 244 23.11 22.09 -53.30
C ARG J 244 21.87 22.59 -54.01
N LYS J 245 22.07 23.58 -54.87
CA LYS J 245 20.99 24.14 -55.65
C LYS J 245 20.80 23.16 -56.80
N TYR J 246 21.91 22.75 -57.39
CA TYR J 246 21.92 21.81 -58.50
C TYR J 246 21.09 20.57 -58.15
N ILE J 247 21.23 20.10 -56.92
CA ILE J 247 20.49 18.94 -56.46
C ILE J 247 19.03 19.29 -56.42
N ALA J 248 18.64 20.14 -55.48
CA ALA J 248 17.26 20.57 -55.32
C ALA J 248 16.62 20.89 -56.67
N TYR J 249 17.44 21.25 -57.65
CA TYR J 249 16.94 21.57 -58.98
C TYR J 249 16.55 20.32 -59.77
N ALA J 250 17.48 19.38 -59.88
CA ALA J 250 17.23 18.13 -60.58
C ALA J 250 16.14 17.29 -59.90
N ARG J 251 15.97 17.45 -58.58
CA ARG J 251 14.92 16.72 -57.89
C ARG J 251 13.62 17.47 -58.12
N LYS J 252 13.60 18.29 -59.16
CA LYS J 252 12.42 19.10 -59.46
C LYS J 252 12.03 19.03 -60.94
N ASN J 253 12.93 19.47 -61.79
CA ASN J 253 12.68 19.52 -63.23
C ASN J 253 12.99 18.26 -64.03
N ILE J 254 13.70 17.31 -63.43
CA ILE J 254 14.06 16.11 -64.16
C ILE J 254 13.36 14.86 -63.63
N HIS J 255 12.81 14.07 -64.54
CA HIS J 255 12.13 12.83 -64.17
C HIS J 255 12.42 11.76 -65.21
N PRO J 256 13.68 11.30 -65.29
CA PRO J 256 14.15 10.29 -66.23
C PRO J 256 13.21 9.15 -66.58
N VAL J 257 13.11 8.90 -67.88
CA VAL J 257 12.30 7.82 -68.40
C VAL J 257 13.31 6.82 -68.90
N ILE J 258 12.96 5.56 -68.77
CA ILE J 258 13.86 4.50 -69.15
C ILE J 258 13.99 4.23 -70.65
N SER J 259 15.19 4.36 -71.18
CA SER J 259 15.41 4.12 -72.60
C SER J 259 15.44 2.62 -72.84
N GLU J 260 14.80 2.17 -73.92
CA GLU J 260 14.80 0.75 -74.24
C GLU J 260 16.28 0.38 -74.21
N GLU J 261 17.10 1.37 -74.52
CA GLU J 261 18.54 1.22 -74.55
C GLU J 261 19.00 0.59 -73.25
N ALA J 262 18.72 1.29 -72.16
CA ALA J 262 19.10 0.86 -70.82
C ALA J 262 18.34 -0.37 -70.37
N MET J 263 17.02 -0.29 -70.47
CA MET J 263 16.14 -1.38 -70.07
C MET J 263 16.79 -2.74 -70.28
N GLU J 264 17.23 -2.98 -71.50
CA GLU J 264 17.87 -4.24 -71.85
C GLU J 264 19.07 -4.54 -70.95
N GLU J 265 19.80 -3.49 -70.56
CA GLU J 265 20.98 -3.64 -69.72
C GLU J 265 20.66 -4.04 -68.28
N ILE J 266 19.64 -3.41 -67.72
CA ILE J 266 19.29 -3.70 -66.33
C ILE J 266 18.60 -5.06 -66.17
N GLU J 267 17.79 -5.46 -67.15
CA GLU J 267 17.12 -6.75 -67.04
C GLU J 267 18.15 -7.84 -67.27
N LYS J 268 18.96 -7.67 -68.32
CA LYS J 268 20.02 -8.62 -68.69
C LYS J 268 20.85 -8.93 -67.46
N TYR J 269 20.86 -7.98 -66.55
CA TYR J 269 21.61 -8.09 -65.32
C TYR J 269 20.81 -8.67 -64.17
N TYR J 270 19.63 -8.12 -63.92
CA TYR J 270 18.80 -8.61 -62.84
C TYR J 270 18.76 -10.12 -62.93
N VAL J 271 18.53 -10.64 -64.12
CA VAL J 271 18.49 -12.08 -64.32
C VAL J 271 19.83 -12.72 -63.91
N ARG J 272 20.93 -12.05 -64.27
CA ARG J 272 22.29 -12.49 -63.93
C ARG J 272 22.33 -12.58 -62.43
N MET J 273 21.99 -11.45 -61.82
CA MET J 273 21.95 -11.32 -60.37
C MET J 273 21.15 -12.44 -59.73
N ARG J 274 20.06 -12.82 -60.37
CA ARG J 274 19.22 -13.87 -59.85
C ARG J 274 20.00 -15.16 -59.63
N LYS J 275 20.79 -15.57 -60.62
CA LYS J 275 21.59 -16.80 -60.52
C LYS J 275 22.52 -16.74 -59.30
N SER J 276 22.12 -17.40 -58.22
CA SER J 276 22.88 -17.47 -56.96
C SER J 276 22.09 -18.25 -55.91
N PRO J 291 21.17 -12.86 -51.03
CA PRO J 291 19.78 -13.26 -50.70
C PRO J 291 18.68 -12.53 -51.53
N ILE J 292 18.89 -12.46 -52.85
CA ILE J 292 18.07 -11.81 -53.91
C ILE J 292 16.60 -12.09 -54.13
N THR J 293 15.85 -11.02 -54.43
CA THR J 293 14.42 -11.11 -54.70
C THR J 293 14.19 -10.30 -55.95
N ALA J 294 12.95 -9.85 -56.12
CA ALA J 294 12.58 -9.04 -57.25
C ALA J 294 12.67 -7.57 -56.84
N ARG J 295 12.95 -7.34 -55.56
CA ARG J 295 13.08 -6.00 -55.04
C ARG J 295 14.38 -5.41 -55.54
N GLN J 296 15.40 -6.25 -55.57
CA GLN J 296 16.72 -5.85 -56.04
C GLN J 296 16.59 -5.14 -57.38
N LEU J 297 15.66 -5.60 -58.21
CA LEU J 297 15.41 -5.02 -59.52
C LEU J 297 14.86 -3.60 -59.36
N GLU J 298 13.90 -3.42 -58.47
CA GLU J 298 13.28 -2.12 -58.22
C GLU J 298 14.33 -1.08 -57.86
N ALA J 299 15.11 -1.38 -56.83
CA ALA J 299 16.16 -0.48 -56.35
C ALA J 299 17.20 -0.19 -57.42
N LEU J 300 17.55 -1.20 -58.18
CA LEU J 300 18.50 -1.01 -59.24
C LEU J 300 17.95 0.05 -60.17
N ILE J 301 16.64 -0.02 -60.42
CA ILE J 301 15.96 0.93 -61.28
C ILE J 301 16.09 2.33 -60.69
N ARG J 302 15.91 2.46 -59.39
CA ARG J 302 16.03 3.76 -58.75
C ARG J 302 17.41 4.38 -58.94
N LEU J 303 18.47 3.60 -58.76
CA LEU J 303 19.82 4.11 -58.92
C LEU J 303 20.00 4.69 -60.30
N SER J 304 19.85 3.86 -61.32
CA SER J 304 20.00 4.29 -62.71
C SER J 304 19.14 5.48 -63.08
N GLU J 305 17.96 5.60 -62.46
CA GLU J 305 17.11 6.75 -62.72
C GLU J 305 17.83 7.98 -62.12
N ALA J 306 18.24 7.87 -60.86
CA ALA J 306 18.93 8.96 -60.18
C ALA J 306 20.25 9.32 -60.84
N HIS J 307 20.97 8.33 -61.34
CA HIS J 307 22.25 8.61 -61.99
C HIS J 307 22.04 9.51 -63.19
N ALA J 308 20.85 9.45 -63.79
CA ALA J 308 20.55 10.29 -64.94
C ALA J 308 20.26 11.66 -64.38
N ARG J 309 19.23 11.73 -63.54
CA ARG J 309 18.83 12.96 -62.89
C ARG J 309 20.03 13.73 -62.38
N MET J 310 21.03 12.98 -61.92
CA MET J 310 22.25 13.54 -61.38
C MET J 310 22.94 14.45 -62.40
N ARG J 311 22.70 14.15 -63.66
CA ARG J 311 23.28 14.91 -64.76
C ARG J 311 22.16 15.55 -65.58
N LEU J 312 20.91 15.27 -65.18
CA LEU J 312 19.73 15.81 -65.87
C LEU J 312 19.71 15.16 -67.26
N SER J 313 18.75 14.29 -67.54
CA SER J 313 18.76 13.65 -68.86
C SER J 313 17.62 13.93 -69.84
N PRO J 314 16.38 13.50 -69.54
CA PRO J 314 15.77 12.76 -68.45
C PRO J 314 15.54 11.38 -69.05
N ILE J 315 16.61 10.82 -69.59
CA ILE J 315 16.52 9.53 -70.22
C ILE J 315 17.62 8.60 -69.76
N VAL J 316 17.24 7.62 -68.95
CA VAL J 316 18.17 6.64 -68.42
C VAL J 316 18.82 5.89 -69.57
N THR J 317 19.87 6.48 -70.13
CA THR J 317 20.62 5.89 -71.25
C THR J 317 21.35 4.61 -70.86
N ARG J 318 21.87 3.90 -71.85
CA ARG J 318 22.58 2.66 -71.59
C ARG J 318 23.67 2.89 -70.56
N GLU J 319 24.31 4.05 -70.60
CA GLU J 319 25.38 4.37 -69.66
C GLU J 319 24.89 4.44 -68.24
N ASP J 320 23.85 5.24 -68.01
CA ASP J 320 23.29 5.37 -66.70
C ASP J 320 23.05 3.98 -66.15
N ALA J 321 22.13 3.25 -66.78
CA ALA J 321 21.81 1.89 -66.36
C ALA J 321 23.07 1.06 -66.14
N ARG J 322 24.06 1.27 -67.00
CA ARG J 322 25.32 0.57 -66.90
C ARG J 322 25.93 0.88 -65.55
N GLU J 323 26.19 2.16 -65.31
CA GLU J 323 26.78 2.65 -64.06
C GLU J 323 26.10 2.08 -62.84
N ALA J 324 24.78 2.16 -62.86
CA ALA J 324 23.98 1.66 -61.75
C ALA J 324 24.40 0.26 -61.40
N ILE J 325 24.36 -0.64 -62.37
CA ILE J 325 24.73 -2.00 -62.03
C ILE J 325 26.17 -2.09 -61.56
N LYS J 326 27.03 -1.20 -62.05
CA LYS J 326 28.43 -1.22 -61.62
C LYS J 326 28.47 -1.04 -60.12
N LEU J 327 27.95 0.09 -59.67
CA LEU J 327 27.92 0.39 -58.26
C LEU J 327 27.30 -0.78 -57.50
N MET J 328 26.22 -1.34 -58.02
CA MET J 328 25.56 -2.44 -57.34
C MET J 328 26.38 -3.74 -57.28
N GLU J 329 27.05 -4.12 -58.37
CA GLU J 329 27.86 -5.34 -58.31
C GLU J 329 29.04 -5.08 -57.41
N TYR J 330 29.26 -3.81 -57.05
CA TYR J 330 30.35 -3.50 -56.15
C TYR J 330 29.88 -3.72 -54.74
N THR J 331 28.82 -3.01 -54.34
CA THR J 331 28.24 -3.14 -53.00
C THR J 331 28.23 -4.63 -52.68
N LEU J 332 27.93 -5.41 -53.72
CA LEU J 332 27.85 -6.86 -53.65
C LEU J 332 29.17 -7.56 -53.40
N LYS J 333 30.16 -7.22 -54.22
CA LYS J 333 31.46 -7.84 -54.06
C LYS J 333 31.92 -7.64 -52.62
N GLN J 334 31.81 -6.42 -52.12
CA GLN J 334 32.20 -6.11 -50.75
C GLN J 334 31.61 -7.03 -49.70
N ILE J 335 30.49 -7.67 -50.01
CA ILE J 335 29.86 -8.55 -49.03
C ILE J 335 30.63 -9.83 -48.81
N ALA J 336 31.39 -10.25 -49.82
CA ALA J 336 32.19 -11.47 -49.68
C ALA J 336 33.35 -11.20 -48.71
N MET J 337 33.65 -9.91 -48.52
CA MET J 337 34.71 -9.43 -47.64
C MET J 337 36.12 -9.96 -47.89
N PRO K 2 -28.18 3.11 -65.84
CA PRO K 2 -28.90 2.16 -66.73
C PRO K 2 -28.27 2.23 -68.12
N GLU K 3 -27.57 3.32 -68.38
CA GLU K 3 -26.87 3.51 -69.65
C GLU K 3 -25.64 2.62 -69.53
N GLU K 4 -25.34 2.29 -68.29
CA GLU K 4 -24.22 1.45 -67.91
C GLU K 4 -24.63 -0.01 -68.10
N GLU K 5 -25.76 -0.37 -67.49
CA GLU K 5 -26.28 -1.72 -67.57
C GLU K 5 -26.24 -2.17 -69.03
N GLN K 6 -26.43 -1.22 -69.94
CA GLN K 6 -26.39 -1.50 -71.36
C GLN K 6 -25.03 -2.04 -71.77
N ILE K 7 -23.98 -1.34 -71.34
CA ILE K 7 -22.61 -1.74 -71.65
C ILE K 7 -22.33 -3.13 -71.08
N ILE K 8 -22.51 -3.27 -69.78
CA ILE K 8 -22.28 -4.54 -69.06
C ILE K 8 -22.76 -5.76 -69.85
N LYS K 9 -24.07 -5.80 -70.13
CA LYS K 9 -24.66 -6.90 -70.88
C LYS K 9 -23.79 -7.18 -72.11
N GLU K 10 -23.35 -6.11 -72.78
CA GLU K 10 -22.53 -6.23 -73.99
C GLU K 10 -21.22 -6.92 -73.70
N LEU K 11 -20.59 -6.53 -72.59
CA LEU K 11 -19.33 -7.13 -72.21
C LEU K 11 -19.52 -8.63 -72.06
N ALA K 12 -20.50 -9.01 -71.25
CA ALA K 12 -20.82 -10.42 -71.01
C ALA K 12 -20.99 -11.13 -72.35
N LYS K 13 -21.63 -10.46 -73.30
CA LYS K 13 -21.85 -11.03 -74.63
C LYS K 13 -20.51 -11.51 -75.19
N ARG K 14 -19.47 -10.74 -74.92
CA ARG K 14 -18.13 -11.05 -75.39
C ARG K 14 -17.82 -12.53 -75.23
N LYS K 15 -17.03 -13.07 -76.14
CA LYS K 15 -16.68 -14.48 -76.09
C LYS K 15 -15.69 -14.82 -75.00
N ASP K 16 -14.68 -13.97 -74.85
CA ASP K 16 -13.62 -14.18 -73.89
C ASP K 16 -13.76 -13.52 -72.53
N ILE K 17 -14.90 -12.87 -72.28
CA ILE K 17 -15.10 -12.18 -71.01
C ILE K 17 -14.41 -12.79 -69.80
N VAL K 18 -14.58 -14.09 -69.61
CA VAL K 18 -13.96 -14.79 -68.48
C VAL K 18 -12.51 -14.38 -68.35
N ASP K 19 -11.80 -14.50 -69.47
CA ASP K 19 -10.38 -14.19 -69.54
C ASP K 19 -10.13 -12.69 -69.39
N ALA K 20 -10.93 -11.89 -70.06
CA ALA K 20 -10.75 -10.45 -69.99
C ALA K 20 -10.84 -9.99 -68.54
N ILE K 21 -11.80 -10.53 -67.80
CA ILE K 21 -12.00 -10.16 -66.41
C ILE K 21 -10.81 -10.39 -65.51
N VAL K 22 -10.00 -11.40 -65.81
CA VAL K 22 -8.84 -11.66 -64.97
C VAL K 22 -7.70 -10.73 -65.40
N ASP K 23 -7.54 -10.55 -66.71
CA ASP K 23 -6.49 -9.70 -67.23
C ASP K 23 -6.74 -8.26 -66.84
N SER K 24 -7.71 -8.05 -65.98
CA SER K 24 -8.01 -6.70 -65.55
C SER K 24 -7.87 -6.60 -64.05
N ILE K 25 -7.71 -7.74 -63.38
CA ILE K 25 -7.55 -7.74 -61.93
C ILE K 25 -6.29 -6.96 -61.62
N ALA K 26 -5.17 -7.46 -62.10
CA ALA K 26 -3.92 -6.74 -61.88
C ALA K 26 -3.12 -6.94 -63.14
N PRO K 27 -3.11 -5.93 -64.00
CA PRO K 27 -2.39 -5.93 -65.27
C PRO K 27 -0.91 -5.79 -64.99
N ALA K 28 -0.62 -5.11 -63.89
CA ALA K 28 0.74 -4.87 -63.46
C ALA K 28 1.45 -6.18 -63.24
N ILE K 29 1.22 -6.77 -62.08
CA ILE K 29 1.84 -8.03 -61.75
C ILE K 29 1.70 -8.90 -63.00
N TYR K 30 2.76 -9.62 -63.29
CA TYR K 30 2.83 -10.49 -64.44
C TYR K 30 2.56 -11.94 -64.05
N GLY K 31 1.65 -12.59 -64.78
CA GLY K 31 1.37 -13.98 -64.49
C GLY K 31 0.33 -14.25 -63.42
N TYR K 32 0.47 -15.37 -62.73
CA TYR K 32 -0.48 -15.74 -61.67
C TYR K 32 -1.89 -15.76 -62.19
N LYS K 33 -2.07 -16.36 -63.35
CA LYS K 33 -3.38 -16.47 -63.95
C LYS K 33 -4.42 -16.94 -62.93
N GLU K 34 -4.11 -18.01 -62.19
CA GLU K 34 -5.02 -18.59 -61.20
C GLU K 34 -5.23 -17.76 -59.96
N VAL K 35 -4.16 -17.20 -59.43
CA VAL K 35 -4.30 -16.37 -58.26
C VAL K 35 -5.13 -15.15 -58.65
N LYS K 36 -5.24 -14.90 -59.96
CA LYS K 36 -6.02 -13.78 -60.49
C LYS K 36 -7.46 -14.23 -60.69
N LYS K 37 -7.60 -15.35 -61.36
CA LYS K 37 -8.90 -15.96 -61.64
C LYS K 37 -9.51 -16.46 -60.33
N GLY K 38 -8.68 -16.56 -59.30
CA GLY K 38 -9.15 -16.97 -58.00
C GLY K 38 -9.78 -15.72 -57.45
N ILE K 39 -8.95 -14.72 -57.15
CA ILE K 39 -9.46 -13.46 -56.64
C ILE K 39 -10.67 -13.02 -57.43
N ALA K 40 -10.63 -13.26 -58.74
CA ALA K 40 -11.73 -12.88 -59.59
C ALA K 40 -13.04 -13.44 -59.05
N LEU K 41 -13.08 -14.76 -58.89
CA LEU K 41 -14.28 -15.39 -58.37
C LEU K 41 -14.59 -14.79 -57.03
N ALA K 42 -13.59 -14.75 -56.16
CA ALA K 42 -13.77 -14.20 -54.82
C ALA K 42 -14.50 -12.86 -54.81
N LEU K 43 -14.26 -12.03 -55.84
CA LEU K 43 -14.89 -10.72 -55.94
C LEU K 43 -16.33 -10.81 -56.42
N PHE K 44 -16.68 -11.93 -57.04
CA PHE K 44 -18.04 -12.15 -57.52
C PHE K 44 -18.86 -12.98 -56.54
N GLY K 45 -18.17 -13.71 -55.66
CA GLY K 45 -18.83 -14.52 -54.66
C GLY K 45 -19.83 -15.58 -55.11
N GLY K 46 -20.12 -16.49 -54.17
CA GLY K 46 -21.05 -17.57 -54.43
C GLY K 46 -22.46 -17.08 -54.28
N VAL K 47 -23.42 -17.97 -54.48
CA VAL K 47 -24.84 -17.63 -54.41
C VAL K 47 -25.29 -16.85 -53.17
N SER K 48 -24.95 -17.33 -51.98
CA SER K 48 -25.34 -16.66 -50.73
C SER K 48 -26.79 -16.19 -50.74
N ARG K 49 -27.70 -17.11 -50.38
CA ARG K 49 -29.15 -16.85 -50.34
C ARG K 49 -29.73 -17.77 -49.28
N LYS K 50 -30.11 -17.22 -48.13
CA LYS K 50 -30.65 -18.06 -47.06
C LYS K 50 -32.09 -18.53 -47.28
N LEU K 51 -32.42 -19.64 -46.62
CA LEU K 51 -33.75 -20.22 -46.65
C LEU K 51 -34.06 -20.59 -45.19
N PRO K 52 -35.36 -20.71 -44.83
CA PRO K 52 -35.79 -21.06 -43.47
C PRO K 52 -35.47 -22.50 -43.10
N ASP K 53 -35.76 -23.39 -44.04
CA ASP K 53 -35.52 -24.81 -43.89
C ASP K 53 -34.02 -25.09 -43.89
N GLY K 54 -33.31 -24.42 -44.79
CA GLY K 54 -31.88 -24.59 -44.88
C GLY K 54 -31.14 -23.42 -44.23
N THR K 55 -31.72 -22.91 -43.16
CA THR K 55 -31.17 -21.80 -42.38
C THR K 55 -30.24 -20.87 -43.18
N ARG K 56 -29.27 -20.27 -42.49
CA ARG K 56 -28.29 -19.36 -43.08
C ARG K 56 -27.68 -19.93 -44.37
N LEU K 57 -27.01 -19.08 -45.16
CA LEU K 57 -26.35 -19.52 -46.38
C LEU K 57 -25.33 -18.48 -46.91
N ARG K 58 -24.10 -18.57 -46.41
CA ARG K 58 -23.02 -17.69 -46.82
C ARG K 58 -22.64 -18.03 -48.25
N GLY K 59 -22.07 -17.07 -48.97
CA GLY K 59 -21.67 -17.33 -50.33
C GLY K 59 -20.32 -16.69 -50.57
N ASP K 60 -19.97 -15.78 -49.67
CA ASP K 60 -18.70 -15.08 -49.78
C ASP K 60 -17.54 -16.08 -49.84
N ILE K 61 -16.63 -15.79 -50.74
CA ILE K 61 -15.48 -16.64 -50.97
C ILE K 61 -14.19 -16.04 -50.42
N HIS K 62 -13.61 -16.67 -49.41
CA HIS K 62 -12.38 -16.20 -48.81
C HIS K 62 -11.16 -16.78 -49.51
N VAL K 63 -10.12 -15.98 -49.64
CA VAL K 63 -8.93 -16.42 -50.36
C VAL K 63 -7.63 -16.12 -49.63
N LEU K 64 -6.82 -17.14 -49.40
CA LEU K 64 -5.55 -16.92 -48.72
C LEU K 64 -4.36 -17.06 -49.66
N LEU K 65 -3.41 -16.14 -49.51
CA LEU K 65 -2.21 -16.12 -50.35
C LEU K 65 -0.96 -16.29 -49.49
N VAL K 66 -0.44 -17.50 -49.36
CA VAL K 66 0.76 -17.68 -48.53
C VAL K 66 2.02 -18.04 -49.31
N GLY K 67 3.07 -17.25 -49.17
CA GLY K 67 4.29 -17.56 -49.89
C GLY K 67 5.58 -16.95 -49.39
N ASP K 68 6.68 -17.33 -50.05
CA ASP K 68 8.00 -16.81 -49.72
C ASP K 68 7.91 -15.31 -49.94
N PRO K 69 8.86 -14.54 -49.41
CA PRO K 69 8.77 -13.10 -49.62
C PRO K 69 9.12 -12.71 -51.05
N GLY K 70 8.72 -11.50 -51.43
CA GLY K 70 9.01 -10.99 -52.76
C GLY K 70 8.34 -11.73 -53.90
N VAL K 71 7.07 -12.09 -53.70
CA VAL K 71 6.29 -12.81 -54.69
C VAL K 71 5.10 -12.01 -55.22
N ALA K 72 4.94 -10.78 -54.75
CA ALA K 72 3.86 -9.90 -55.19
C ALA K 72 2.59 -9.91 -54.35
N LYS K 73 2.58 -10.67 -53.26
CA LYS K 73 1.40 -10.73 -52.41
C LYS K 73 0.94 -9.34 -52.04
N SER K 74 1.77 -8.65 -51.24
CA SER K 74 1.46 -7.29 -50.81
C SER K 74 0.96 -6.48 -52.01
N GLN K 75 1.76 -6.45 -53.06
CA GLN K 75 1.43 -5.73 -54.29
C GLN K 75 0.01 -6.06 -54.76
N ILE K 76 -0.22 -7.32 -55.11
CA ILE K 76 -1.52 -7.78 -55.57
C ILE K 76 -2.70 -7.28 -54.75
N LEU K 77 -2.74 -7.62 -53.47
CA LEU K 77 -3.85 -7.17 -52.64
C LEU K 77 -4.13 -5.72 -52.92
N ARG K 78 -3.07 -4.93 -52.89
CA ARG K 78 -3.16 -3.49 -53.13
C ARG K 78 -3.94 -3.19 -54.41
N TYR K 79 -3.59 -3.85 -55.52
CA TYR K 79 -4.29 -3.61 -56.77
C TYR K 79 -5.75 -3.97 -56.68
N VAL K 80 -6.06 -4.93 -55.83
CA VAL K 80 -7.44 -5.34 -55.68
C VAL K 80 -8.19 -4.25 -54.99
N ALA K 81 -7.60 -3.65 -53.97
CA ALA K 81 -8.28 -2.57 -53.27
C ALA K 81 -8.66 -1.49 -54.28
N ASN K 82 -7.70 -1.15 -55.14
CA ASN K 82 -7.92 -0.13 -56.16
C ASN K 82 -8.95 -0.52 -57.23
N LEU K 83 -9.51 -1.73 -57.11
CA LEU K 83 -10.53 -2.19 -58.05
C LEU K 83 -11.83 -2.46 -57.29
N ALA K 84 -11.84 -3.54 -56.52
CA ALA K 84 -13.00 -3.95 -55.74
C ALA K 84 -13.81 -2.78 -55.21
N PRO K 85 -15.14 -2.89 -55.26
CA PRO K 85 -16.00 -1.82 -54.77
C PRO K 85 -15.69 -1.44 -53.32
N ARG K 86 -16.32 -2.15 -52.39
CA ARG K 86 -16.13 -1.89 -50.97
C ARG K 86 -14.84 -2.53 -50.41
N ALA K 87 -13.70 -2.22 -51.02
CA ALA K 87 -12.43 -2.79 -50.60
C ALA K 87 -11.69 -2.09 -49.47
N ILE K 88 -11.19 -2.87 -48.51
CA ILE K 88 -10.42 -2.33 -47.40
C ILE K 88 -9.08 -3.04 -47.30
N TYR K 89 -8.01 -2.36 -47.67
CA TYR K 89 -6.68 -2.94 -47.56
C TYR K 89 -6.20 -2.58 -46.17
N THR K 90 -5.45 -3.47 -45.54
CA THR K 90 -4.96 -3.20 -44.21
C THR K 90 -3.88 -4.22 -43.86
N SER K 91 -2.62 -3.82 -43.94
CA SER K 91 -1.51 -4.73 -43.64
C SER K 91 -1.08 -4.66 -42.18
N UNK K 92 -0.90 -5.81 -41.55
CA UNK K 92 -0.48 -5.86 -40.15
C UNK K 92 0.83 -5.09 -39.99
N UNK K 93 0.69 -3.78 -39.79
CA UNK K 93 1.82 -2.87 -39.62
C UNK K 93 1.30 -1.42 -39.49
N UNK K 94 1.76 -0.74 -38.44
CA UNK K 94 1.38 0.66 -38.15
C UNK K 94 -0.09 0.80 -37.74
N UNK K 95 -0.69 1.96 -38.04
CA UNK K 95 -2.10 2.20 -37.69
C UNK K 95 -2.88 2.80 -38.87
N UNK K 96 -4.21 2.64 -38.84
CA UNK K 96 -5.11 3.11 -39.90
C UNK K 96 -4.63 2.60 -41.27
N UNK K 97 -5.55 2.50 -42.23
CA UNK K 97 -5.22 2.00 -43.56
C UNK K 97 -5.85 2.84 -44.69
N UNK K 98 -5.36 2.65 -45.93
CA UNK K 98 -5.85 3.39 -47.10
C UNK K 98 -7.00 2.70 -47.82
N UNK K 99 -6.70 2.04 -48.93
CA UNK K 99 -7.70 1.32 -49.71
C UNK K 99 -8.76 2.21 -50.35
N UNK K 100 -9.90 2.31 -49.66
CA UNK K 100 -11.06 3.09 -50.09
C UNK K 100 -10.83 4.28 -51.01
N UNK K 101 -11.85 4.56 -51.82
CA UNK K 101 -11.82 5.67 -52.74
C UNK K 101 -12.84 6.67 -52.18
N UNK K 102 -13.29 6.37 -50.98
CA UNK K 102 -14.24 7.17 -50.19
C UNK K 102 -15.39 7.91 -50.87
N UNK K 103 -16.52 7.94 -50.18
CA UNK K 103 -17.73 8.62 -50.62
C UNK K 103 -18.73 8.68 -49.46
N UNK K 104 -18.40 9.52 -48.48
CA UNK K 104 -19.24 9.69 -47.29
C UNK K 104 -19.34 8.38 -46.52
N UNK K 105 -18.22 7.65 -46.47
CA UNK K 105 -18.17 6.37 -45.76
C UNK K 105 -18.99 5.26 -46.47
N UNK K 106 -19.10 4.09 -45.84
CA UNK K 106 -19.81 2.93 -46.40
C UNK K 106 -21.34 2.90 -46.25
N UNK K 107 -22.00 2.16 -47.14
CA UNK K 107 -23.45 2.04 -47.14
C UNK K 107 -24.10 1.46 -45.88
N UNK K 108 -23.48 0.47 -45.23
CA UNK K 108 -24.07 -0.09 -44.01
C UNK K 108 -23.15 -0.18 -42.80
N UNK K 109 -23.56 -0.98 -41.82
CA UNK K 109 -22.86 -1.13 -40.53
C UNK K 109 -21.38 -1.49 -40.33
N UNK K 110 -21.03 -1.49 -39.05
CA UNK K 110 -19.71 -1.80 -38.50
C UNK K 110 -18.42 -1.08 -38.97
N UNK K 111 -17.32 -1.45 -38.30
CA UNK K 111 -16.00 -0.88 -38.54
C UNK K 111 -15.08 -1.40 -37.41
N UNK K 112 -13.77 -1.10 -37.41
CA UNK K 112 -12.91 -1.55 -36.31
C UNK K 112 -11.38 -1.25 -36.27
N UNK K 113 -10.58 -2.19 -35.77
CA UNK K 113 -9.10 -2.11 -35.60
C UNK K 113 -8.20 -2.36 -36.83
N UNK K 114 -8.42 -3.49 -37.51
CA UNK K 114 -7.69 -3.79 -38.73
C UNK K 114 -8.36 -2.86 -39.72
N UNK K 115 -9.70 -2.82 -39.61
CA UNK K 115 -10.63 -2.00 -40.39
C UNK K 115 -11.47 -2.85 -41.35
N UNK K 116 -12.61 -3.32 -40.85
CA UNK K 116 -13.50 -4.13 -41.67
C UNK K 116 -14.92 -3.53 -41.57
N UNK K 117 -15.66 -3.57 -42.67
CA UNK K 117 -17.02 -3.00 -42.74
C UNK K 117 -18.16 -4.02 -42.59
N UNK K 118 -18.56 -4.26 -41.34
CA UNK K 118 -19.62 -5.22 -40.96
C UNK K 118 -20.96 -4.55 -40.67
N GLY K 125 -21.15 -4.72 -46.16
CA GLY K 125 -20.33 -5.88 -46.39
C GLY K 125 -18.97 -5.41 -46.78
N GLY K 126 -18.53 -5.78 -47.98
CA GLY K 126 -17.23 -5.36 -48.49
C GLY K 126 -16.04 -6.29 -48.27
N TYR K 127 -15.22 -6.43 -49.29
CA TYR K 127 -14.04 -7.28 -49.22
C TYR K 127 -12.90 -6.62 -48.44
N ALA K 128 -12.40 -7.32 -47.42
CA ALA K 128 -11.32 -6.78 -46.62
C ALA K 128 -10.04 -7.49 -47.01
N LEU K 129 -9.20 -6.77 -47.74
CA LEU K 129 -7.93 -7.27 -48.20
C LEU K 129 -6.95 -7.15 -47.05
N ILE K 130 -6.64 -8.29 -46.43
CA ILE K 130 -5.75 -8.32 -45.28
C ILE K 130 -4.35 -8.85 -45.55
N ASP K 131 -3.43 -7.96 -45.85
CA ASP K 131 -2.07 -8.40 -46.10
C ASP K 131 -1.37 -8.68 -44.79
N GLU K 132 -0.46 -9.65 -44.79
CA GLU K 132 0.31 -10.03 -43.61
C GLU K 132 -0.53 -10.57 -42.46
N LEU K 133 -1.48 -11.43 -42.80
CA LEU K 133 -2.38 -12.02 -41.81
C LEU K 133 -1.66 -12.84 -40.74
N ASP K 134 -0.39 -13.13 -40.95
CA ASP K 134 0.39 -13.91 -40.00
C ASP K 134 1.03 -13.01 -38.92
N LYS K 135 0.92 -11.70 -39.12
CA LYS K 135 1.47 -10.72 -38.18
C LYS K 135 0.35 -9.89 -37.55
N MET K 136 -0.81 -10.51 -37.35
CA MET K 136 -1.93 -9.82 -36.73
C MET K 136 -1.77 -10.03 -35.24
N SER K 137 -1.96 -8.98 -34.45
CA SER K 137 -1.85 -9.16 -33.00
C SER K 137 -2.95 -10.15 -32.68
N ASP K 138 -2.64 -11.19 -31.91
CA ASP K 138 -3.62 -12.22 -31.56
C ASP K 138 -5.07 -11.70 -31.41
N ARG K 139 -5.22 -10.41 -31.10
CA ARG K 139 -6.55 -9.81 -30.96
C ARG K 139 -7.14 -9.64 -32.37
N ASP K 140 -6.51 -8.79 -33.17
CA ASP K 140 -6.97 -8.55 -34.53
C ASP K 140 -7.19 -9.88 -35.28
N ARG K 141 -6.43 -10.92 -34.93
CA ARG K 141 -6.62 -12.21 -35.58
C ARG K 141 -7.98 -12.72 -35.11
N SER K 142 -8.05 -13.05 -33.83
CA SER K 142 -9.26 -13.57 -33.21
C SER K 142 -10.52 -13.14 -33.93
N VAL K 143 -10.70 -11.83 -34.03
CA VAL K 143 -11.90 -11.29 -34.68
C VAL K 143 -12.17 -11.95 -36.02
N ILE K 144 -11.21 -11.84 -36.93
CA ILE K 144 -11.34 -12.45 -38.25
C ILE K 144 -11.70 -13.92 -38.09
N HIS K 145 -10.90 -14.60 -37.29
CA HIS K 145 -11.11 -16.01 -37.02
C HIS K 145 -12.59 -16.22 -36.78
N GLU K 146 -13.18 -15.42 -35.89
CA GLU K 146 -14.59 -15.52 -35.60
C GLU K 146 -15.38 -15.16 -36.86
N ALA K 147 -15.04 -14.02 -37.44
CA ALA K 147 -15.70 -13.53 -38.63
C ALA K 147 -15.75 -14.55 -39.77
N LEU K 148 -14.67 -15.30 -39.95
CA LEU K 148 -14.60 -16.30 -41.01
C LEU K 148 -15.35 -17.54 -40.58
N GLU K 149 -15.17 -17.89 -39.30
CA GLU K 149 -15.80 -19.05 -38.71
C GLU K 149 -17.30 -18.84 -38.50
N GLN K 150 -17.65 -18.05 -37.50
CA GLN K 150 -19.05 -17.74 -37.18
C GLN K 150 -19.82 -17.09 -38.32
N GLN K 151 -19.28 -15.97 -38.79
CA GLN K 151 -19.90 -15.16 -39.84
C GLN K 151 -20.58 -14.05 -39.04
N THR K 152 -20.14 -13.92 -37.78
CA THR K 152 -20.68 -12.93 -36.85
C THR K 152 -19.71 -12.57 -35.74
N ILE K 153 -19.32 -11.31 -35.65
CA ILE K 153 -18.41 -10.90 -34.60
C ILE K 153 -19.20 -10.52 -33.35
N SER K 154 -18.49 -10.16 -32.27
CA SER K 154 -19.17 -9.77 -31.03
C SER K 154 -18.26 -9.16 -29.97
N ILE K 155 -18.72 -8.05 -29.40
CA ILE K 155 -18.01 -7.33 -28.35
C ILE K 155 -18.99 -7.03 -27.23
N SER K 156 -18.79 -7.65 -26.08
CA SER K 156 -19.68 -7.40 -24.95
C SER K 156 -18.85 -6.82 -23.82
N LYS K 157 -17.92 -5.95 -24.17
CA LYS K 157 -17.05 -5.31 -23.19
C LYS K 157 -17.79 -4.18 -22.44
N ALA K 158 -18.28 -4.55 -21.26
CA ALA K 158 -19.04 -3.70 -20.32
C ALA K 158 -20.34 -4.43 -20.02
N GLY K 159 -21.34 -3.70 -19.54
CA GLY K 159 -22.62 -4.33 -19.27
C GLY K 159 -23.28 -4.67 -20.58
N ILE K 160 -23.03 -3.84 -21.59
CA ILE K 160 -23.60 -4.03 -22.91
C ILE K 160 -23.03 -5.21 -23.67
N THR K 161 -23.81 -5.71 -24.62
CA THR K 161 -23.42 -6.84 -25.44
C THR K 161 -23.62 -6.47 -26.91
N ALA K 162 -22.54 -6.48 -27.68
CA ALA K 162 -22.61 -6.10 -29.08
C ALA K 162 -22.35 -7.21 -30.07
N THR K 163 -23.37 -7.66 -30.77
CA THR K 163 -23.14 -8.70 -31.76
C THR K 163 -23.18 -8.07 -33.13
N LEU K 164 -22.00 -7.96 -33.74
CA LEU K 164 -21.83 -7.38 -35.05
C LEU K 164 -22.00 -8.45 -36.10
N ASN K 165 -22.83 -8.20 -37.10
CA ASN K 165 -23.04 -9.18 -38.16
C ASN K 165 -21.91 -9.07 -39.17
N ALA K 166 -21.16 -10.17 -39.32
CA ALA K 166 -20.03 -10.24 -40.24
C ALA K 166 -20.51 -10.78 -41.57
N ARG K 167 -20.36 -9.96 -42.60
CA ARG K 167 -20.78 -10.35 -43.93
C ARG K 167 -19.87 -9.72 -44.97
N THR K 168 -18.59 -10.08 -44.92
CA THR K 168 -17.61 -9.56 -45.86
C THR K 168 -16.73 -10.68 -46.41
N THR K 169 -16.01 -10.37 -47.48
CA THR K 169 -15.11 -11.33 -48.10
C THR K 169 -13.69 -11.05 -47.62
N VAL K 170 -12.89 -12.09 -47.48
CA VAL K 170 -11.52 -11.88 -47.02
C VAL K 170 -10.50 -12.40 -47.99
N ILE K 171 -9.79 -11.50 -48.64
CA ILE K 171 -8.75 -11.92 -49.55
C ILE K 171 -7.45 -11.54 -48.84
N ALA K 172 -6.84 -12.53 -48.20
CA ALA K 172 -5.63 -12.28 -47.42
C ALA K 172 -4.36 -12.94 -47.91
N ALA K 173 -3.25 -12.38 -47.43
CA ALA K 173 -1.92 -12.86 -47.74
C ALA K 173 -1.27 -13.29 -46.44
N ALA K 174 -0.13 -13.96 -46.53
CA ALA K 174 0.57 -14.42 -45.34
C ALA K 174 1.91 -15.07 -45.66
N ASN K 175 2.87 -14.94 -44.75
CA ASN K 175 4.19 -15.53 -44.94
C ASN K 175 4.30 -16.73 -44.00
N PRO K 176 5.28 -17.60 -44.24
CA PRO K 176 5.51 -18.79 -43.42
C PRO K 176 6.09 -18.39 -42.07
N LYS K 177 5.93 -19.23 -41.06
CA LYS K 177 6.48 -18.90 -39.74
C LYS K 177 7.98 -18.66 -39.87
N GLN K 178 8.57 -19.25 -40.90
CA GLN K 178 10.01 -19.13 -41.14
C GLN K 178 10.40 -18.01 -42.08
N GLY K 179 9.48 -17.61 -42.94
CA GLY K 179 9.76 -16.57 -43.92
C GLY K 179 9.62 -17.18 -45.30
N ARG K 180 10.40 -18.23 -45.52
CA ARG K 180 10.41 -18.99 -46.77
C ARG K 180 10.13 -20.42 -46.33
N PHE K 181 9.74 -21.31 -47.25
CA PHE K 181 9.51 -22.68 -46.80
C PHE K 181 9.96 -23.80 -47.71
N ASN K 182 10.65 -23.45 -48.80
CA ASN K 182 11.14 -24.41 -49.79
C ASN K 182 11.36 -25.83 -49.31
N ARG K 183 11.61 -26.01 -48.02
CA ARG K 183 11.81 -27.34 -47.49
C ARG K 183 10.69 -28.28 -47.95
N MET K 184 10.85 -29.54 -47.59
CA MET K 184 9.89 -30.57 -47.95
C MET K 184 8.62 -30.47 -47.11
N LYS K 185 8.78 -30.34 -45.79
CA LYS K 185 7.65 -30.23 -44.86
C LYS K 185 6.44 -29.52 -45.49
N ASN K 186 5.24 -29.92 -45.07
CA ASN K 186 4.01 -29.34 -45.61
C ASN K 186 3.74 -27.89 -45.33
N PRO K 187 3.49 -27.13 -46.40
CA PRO K 187 3.21 -25.69 -46.36
C PRO K 187 2.24 -25.32 -45.26
N PHE K 188 1.51 -26.31 -44.79
CA PHE K 188 0.54 -26.04 -43.75
C PHE K 188 1.02 -26.04 -42.32
N GLU K 189 2.26 -26.48 -42.11
CA GLU K 189 2.80 -26.48 -40.76
C GLU K 189 3.63 -25.21 -40.65
N GLN K 190 3.99 -24.69 -41.82
CA GLN K 190 4.82 -23.53 -41.91
C GLN K 190 4.10 -22.18 -41.75
N ILE K 191 2.78 -22.19 -41.91
CA ILE K 191 1.98 -20.96 -41.76
C ILE K 191 1.76 -20.71 -40.27
N ASP K 192 1.71 -19.44 -39.85
CA ASP K 192 1.52 -19.11 -38.43
C ASP K 192 0.05 -18.92 -38.02
N LEU K 193 -0.86 -19.50 -38.79
CA LEU K 193 -2.28 -19.38 -38.50
C LEU K 193 -2.89 -20.68 -37.98
N PRO K 194 -3.83 -20.58 -37.03
CA PRO K 194 -4.46 -21.79 -36.49
C PRO K 194 -5.21 -22.50 -37.58
N PRO K 195 -4.83 -23.74 -37.85
CA PRO K 195 -5.48 -24.54 -38.88
C PRO K 195 -7.00 -24.37 -38.97
N THR K 196 -7.66 -24.22 -37.83
CA THR K 196 -9.10 -24.06 -37.84
C THR K 196 -9.57 -22.73 -38.41
N LEU K 197 -8.60 -21.94 -38.86
CA LEU K 197 -8.88 -20.65 -39.47
C LEU K 197 -8.66 -20.87 -40.94
N LEU K 198 -7.50 -21.41 -41.26
CA LEU K 198 -7.13 -21.70 -42.64
C LEU K 198 -8.24 -22.47 -43.31
N SER K 199 -8.77 -23.45 -42.60
CA SER K 199 -9.85 -24.29 -43.13
C SER K 199 -11.03 -23.46 -43.61
N ARG K 200 -11.04 -22.17 -43.29
CA ARG K 200 -12.12 -21.29 -43.67
C ARG K 200 -12.00 -20.68 -45.06
N PHE K 201 -10.80 -20.77 -45.64
CA PHE K 201 -10.59 -20.25 -46.97
C PHE K 201 -11.07 -21.26 -48.00
N ASP K 202 -11.64 -20.76 -49.09
CA ASP K 202 -12.14 -21.59 -50.17
C ASP K 202 -11.00 -21.92 -51.13
N LEU K 203 -9.93 -21.13 -51.09
CA LEU K 203 -8.77 -21.38 -51.95
C LEU K 203 -7.55 -20.81 -51.29
N ILE K 204 -6.49 -21.63 -51.19
CA ILE K 204 -5.21 -21.13 -50.64
C ILE K 204 -4.08 -21.24 -51.72
N PHE K 205 -3.59 -20.10 -52.17
CA PHE K 205 -2.53 -20.16 -53.16
C PHE K 205 -1.20 -20.13 -52.49
N VAL K 206 -0.48 -21.24 -52.64
CA VAL K 206 0.83 -21.35 -52.07
C VAL K 206 1.85 -20.86 -53.09
N LEU K 207 2.63 -19.85 -52.71
CA LEU K 207 3.57 -19.30 -53.65
C LEU K 207 5.03 -19.43 -53.25
N ILE K 208 5.71 -20.42 -53.82
CA ILE K 208 7.14 -20.64 -53.57
C ILE K 208 7.80 -19.89 -54.69
N ASP K 209 9.12 -19.73 -54.65
CA ASP K 209 9.73 -19.04 -55.76
C ASP K 209 11.14 -19.50 -56.13
N GLU K 210 11.20 -20.54 -56.96
CA GLU K 210 12.47 -21.05 -57.42
C GLU K 210 13.03 -19.89 -58.22
N PRO K 211 14.32 -19.95 -58.55
CA PRO K 211 14.87 -18.84 -59.33
C PRO K 211 14.43 -18.90 -60.79
N ASP K 212 15.06 -19.75 -61.59
CA ASP K 212 14.72 -19.89 -63.01
C ASP K 212 14.93 -18.61 -63.83
N ASP K 213 15.68 -18.72 -64.92
CA ASP K 213 15.97 -17.58 -65.78
C ASP K 213 14.76 -17.07 -66.55
N LYS K 214 14.21 -17.94 -67.40
CA LYS K 214 13.06 -17.61 -68.22
C LYS K 214 12.09 -16.70 -67.49
N ILE K 215 11.35 -17.28 -66.57
CA ILE K 215 10.37 -16.55 -65.79
C ILE K 215 10.94 -15.22 -65.27
N ASP K 216 12.04 -15.25 -64.53
CA ASP K 216 12.65 -14.02 -64.01
C ASP K 216 12.82 -12.96 -65.08
N SER K 217 13.45 -13.33 -66.18
CA SER K 217 13.63 -12.41 -67.29
C SER K 217 12.29 -11.74 -67.59
N GLU K 218 11.26 -12.56 -67.73
CA GLU K 218 9.91 -12.08 -68.03
C GLU K 218 9.46 -11.10 -66.97
N VAL K 219 9.41 -11.58 -65.73
CA VAL K 219 8.97 -10.77 -64.62
C VAL K 219 9.64 -9.42 -64.57
N ALA K 220 10.97 -9.44 -64.62
CA ALA K 220 11.70 -8.19 -64.57
C ALA K 220 11.31 -7.34 -65.78
N ARG K 221 11.61 -7.81 -66.98
CA ARG K 221 11.27 -7.07 -68.18
C ARG K 221 9.90 -6.43 -68.00
N HIS K 222 8.98 -7.18 -67.42
CA HIS K 222 7.63 -6.68 -67.23
C HIS K 222 7.60 -5.50 -66.26
N ILE K 223 8.25 -5.64 -65.11
CA ILE K 223 8.27 -4.57 -64.14
C ILE K 223 8.72 -3.30 -64.82
N LEU K 224 9.96 -3.31 -65.29
CA LEU K 224 10.47 -2.13 -65.97
C LEU K 224 9.38 -1.56 -66.88
N ARG K 225 8.93 -2.36 -67.83
CA ARG K 225 7.90 -1.91 -68.76
C ARG K 225 6.91 -1.05 -68.00
N VAL K 226 5.98 -1.69 -67.32
CA VAL K 226 4.96 -0.96 -66.56
C VAL K 226 5.56 -0.40 -65.29
N ARG K 227 6.56 0.47 -65.46
CA ARG K 227 7.25 1.08 -64.33
C ARG K 227 7.86 2.36 -64.83
N ARG K 228 7.83 2.56 -66.14
CA ARG K 228 8.41 3.77 -66.69
C ARG K 228 7.38 4.76 -67.17
N GLY K 229 7.65 6.03 -66.91
CA GLY K 229 6.74 7.09 -67.31
C GLY K 229 5.46 6.96 -66.49
N GLU K 230 4.36 7.49 -67.00
CA GLU K 230 3.08 7.39 -66.31
C GLU K 230 2.09 6.59 -67.15
N SER K 231 2.61 5.87 -68.15
CA SER K 231 1.78 5.06 -69.04
C SER K 231 2.52 3.94 -69.77
N GLU K 232 1.78 2.88 -70.13
CA GLU K 232 2.30 1.72 -70.84
C GLU K 232 1.13 0.91 -71.44
N VAL K 233 1.43 0.00 -72.35
CA VAL K 233 0.39 -0.83 -72.96
C VAL K 233 0.01 -1.89 -71.94
N VAL K 234 0.27 -1.57 -70.67
CA VAL K 234 -0.04 -2.48 -69.59
C VAL K 234 -0.94 -1.80 -68.56
N ALA K 235 -2.21 -1.81 -68.93
CA ALA K 235 -3.34 -1.28 -68.19
C ALA K 235 -4.49 -2.26 -68.48
N PRO K 236 -5.54 -2.25 -67.65
CA PRO K 236 -6.70 -3.15 -67.79
C PRO K 236 -7.21 -3.43 -69.19
N LYS K 237 -7.70 -4.65 -69.38
CA LYS K 237 -8.28 -5.10 -70.64
C LYS K 237 -9.73 -4.63 -70.60
N ILE K 238 -10.10 -4.10 -69.43
CA ILE K 238 -11.44 -3.60 -69.16
C ILE K 238 -11.26 -2.45 -68.19
N PRO K 239 -11.92 -1.32 -68.46
CA PRO K 239 -11.80 -0.17 -67.56
C PRO K 239 -12.22 -0.55 -66.15
N HIS K 240 -11.45 -0.14 -65.14
CA HIS K 240 -11.80 -0.46 -63.77
C HIS K 240 -13.12 0.11 -63.29
N GLU K 241 -13.52 1.28 -63.80
CA GLU K 241 -14.79 1.87 -63.36
C GLU K 241 -15.93 1.02 -63.88
N ILE K 242 -15.80 0.52 -65.11
CA ILE K 242 -16.82 -0.33 -65.72
C ILE K 242 -16.87 -1.66 -64.97
N LEU K 243 -15.71 -2.31 -64.95
CA LEU K 243 -15.54 -3.59 -64.30
C LEU K 243 -15.93 -3.63 -62.83
N ARG K 244 -15.98 -2.46 -62.19
CA ARG K 244 -16.36 -2.39 -60.78
C ARG K 244 -17.87 -2.30 -60.67
N LYS K 245 -18.49 -1.79 -61.73
CA LYS K 245 -19.93 -1.67 -61.77
C LYS K 245 -20.41 -3.06 -62.15
N TYR K 246 -19.74 -3.65 -63.14
CA TYR K 246 -20.07 -4.99 -63.62
C TYR K 246 -20.14 -5.97 -62.46
N ILE K 247 -19.21 -5.83 -61.52
CA ILE K 247 -19.18 -6.70 -60.35
C ILE K 247 -20.40 -6.43 -59.51
N ALA K 248 -20.44 -5.26 -58.89
CA ALA K 248 -21.55 -4.86 -58.04
C ALA K 248 -22.90 -5.19 -58.70
N TYR K 249 -22.91 -5.27 -60.02
CA TYR K 249 -24.13 -5.59 -60.76
C TYR K 249 -24.48 -7.07 -60.66
N ALA K 250 -23.53 -7.93 -61.01
CA ALA K 250 -23.74 -9.37 -60.96
C ALA K 250 -23.96 -9.84 -59.51
N ARG K 251 -23.41 -9.14 -58.53
CA ARG K 251 -23.63 -9.52 -57.13
C ARG K 251 -25.00 -9.00 -56.73
N LYS K 252 -25.84 -8.71 -57.71
CA LYS K 252 -27.16 -8.18 -57.45
C LYS K 252 -28.26 -8.91 -58.22
N ASN K 253 -28.16 -8.85 -59.55
CA ASN K 253 -29.16 -9.45 -60.42
C ASN K 253 -28.98 -10.92 -60.77
N ILE K 254 -27.82 -11.49 -60.48
CA ILE K 254 -27.57 -12.88 -60.83
C ILE K 254 -27.44 -13.78 -59.62
N HIS K 255 -28.14 -14.92 -59.65
CA HIS K 255 -28.08 -15.89 -58.57
C HIS K 255 -28.11 -17.29 -59.14
N PRO K 256 -27.04 -17.69 -59.83
CA PRO K 256 -26.89 -19.00 -60.47
C PRO K 256 -27.46 -20.20 -59.76
N VAL K 257 -28.18 -21.01 -60.54
CA VAL K 257 -28.77 -22.24 -60.04
C VAL K 257 -27.97 -23.32 -60.70
N ILE K 258 -27.78 -24.41 -59.99
CA ILE K 258 -26.96 -25.49 -60.48
C ILE K 258 -27.62 -26.39 -61.52
N SER K 259 -27.02 -26.47 -62.71
CA SER K 259 -27.56 -27.31 -63.77
C SER K 259 -27.21 -28.75 -63.47
N GLU K 260 -28.17 -29.65 -63.68
CA GLU K 260 -27.91 -31.07 -63.45
C GLU K 260 -26.64 -31.34 -64.23
N GLU K 261 -26.47 -30.55 -65.30
CA GLU K 261 -25.32 -30.65 -66.18
C GLU K 261 -24.06 -30.63 -65.33
N ALA K 262 -23.88 -29.53 -64.62
CA ALA K 262 -22.72 -29.30 -63.77
C ALA K 262 -22.69 -30.23 -62.57
N MET K 263 -23.79 -30.25 -61.84
CA MET K 263 -23.92 -31.09 -60.66
C MET K 263 -23.12 -32.38 -60.77
N GLU K 264 -23.39 -33.12 -61.83
CA GLU K 264 -22.69 -34.37 -62.08
C GLU K 264 -21.19 -34.20 -62.10
N GLU K 265 -20.72 -33.07 -62.61
CA GLU K 265 -19.29 -32.79 -62.72
C GLU K 265 -18.63 -32.53 -61.38
N ILE K 266 -19.29 -31.75 -60.53
CA ILE K 266 -18.72 -31.41 -59.24
C ILE K 266 -18.75 -32.57 -58.26
N GLU K 267 -19.80 -33.40 -58.31
CA GLU K 267 -19.86 -34.52 -57.39
C GLU K 267 -18.86 -35.57 -57.85
N LYS K 268 -18.87 -35.85 -59.15
CA LYS K 268 -17.96 -36.83 -59.77
C LYS K 268 -16.54 -36.54 -59.33
N TYR K 269 -16.32 -35.27 -59.00
CA TYR K 269 -15.02 -34.81 -58.56
C TYR K 269 -14.83 -34.85 -57.06
N TYR K 270 -15.78 -34.29 -56.32
CA TYR K 270 -15.69 -34.28 -54.87
C TYR K 270 -15.30 -35.67 -54.42
N VAL K 271 -15.99 -36.67 -54.95
CA VAL K 271 -15.69 -38.05 -54.60
C VAL K 271 -14.23 -38.39 -54.95
N ARG K 272 -13.78 -37.92 -56.11
CA ARG K 272 -12.39 -38.11 -56.59
C ARG K 272 -11.51 -37.52 -55.52
N MET K 273 -11.78 -36.25 -55.23
CA MET K 273 -11.05 -35.50 -54.24
C MET K 273 -10.98 -36.25 -52.91
N ARG K 274 -12.07 -36.91 -52.56
CA ARG K 274 -12.11 -37.65 -51.32
C ARG K 274 -10.99 -38.69 -51.25
N LYS K 275 -10.79 -39.47 -52.30
CA LYS K 275 -9.75 -40.49 -52.33
C LYS K 275 -8.38 -39.87 -52.08
N SER K 276 -7.89 -40.01 -50.84
CA SER K 276 -6.58 -39.47 -50.41
C SER K 276 -6.38 -39.72 -48.92
N PRO K 291 -6.04 -32.79 -46.63
CA PRO K 291 -6.82 -33.04 -45.40
C PRO K 291 -8.34 -32.80 -45.53
N ILE K 292 -8.92 -33.31 -46.63
CA ILE K 292 -10.34 -33.22 -47.07
C ILE K 292 -11.53 -33.62 -46.19
N THR K 293 -12.60 -32.83 -46.29
CA THR K 293 -13.83 -33.06 -45.56
C THR K 293 -14.95 -32.90 -46.55
N ALA K 294 -16.14 -32.63 -46.04
CA ALA K 294 -17.30 -32.42 -46.87
C ALA K 294 -17.44 -30.91 -47.12
N ARG K 295 -16.59 -30.14 -46.46
CA ARG K 295 -16.60 -28.68 -46.61
C ARG K 295 -16.06 -28.35 -47.97
N GLN K 296 -15.02 -29.07 -48.36
CA GLN K 296 -14.38 -28.87 -49.65
C GLN K 296 -15.44 -28.82 -50.75
N LEU K 297 -16.47 -29.64 -50.59
CA LEU K 297 -17.57 -29.71 -51.55
C LEU K 297 -18.34 -28.38 -51.57
N GLU K 298 -18.64 -27.87 -50.38
CA GLU K 298 -19.38 -26.61 -50.24
C GLU K 298 -18.69 -25.47 -50.97
N ALA K 299 -17.40 -25.27 -50.65
CA ALA K 299 -16.61 -24.21 -51.25
C ALA K 299 -16.48 -24.39 -52.76
N LEU K 300 -16.31 -25.62 -53.19
CA LEU K 300 -16.21 -25.88 -54.61
C LEU K 300 -17.48 -25.36 -55.26
N ILE K 301 -18.62 -25.58 -54.59
CA ILE K 301 -19.91 -25.13 -55.07
C ILE K 301 -19.91 -23.62 -55.20
N ARG K 302 -19.37 -22.93 -54.20
CA ARG K 302 -19.31 -21.48 -54.24
C ARG K 302 -18.54 -20.96 -55.45
N LEU K 303 -17.38 -21.55 -55.73
CA LEU K 303 -16.57 -21.11 -56.87
C LEU K 303 -17.37 -21.19 -58.14
N SER K 304 -17.80 -22.39 -58.50
CA SER K 304 -18.58 -22.61 -59.72
C SER K 304 -19.82 -21.73 -59.82
N GLU K 305 -20.41 -21.40 -58.69
CA GLU K 305 -21.58 -20.52 -58.70
C GLU K 305 -21.05 -19.13 -59.12
N ALA K 306 -20.01 -18.65 -58.46
CA ALA K 306 -19.43 -17.35 -58.76
C ALA K 306 -18.89 -17.27 -60.19
N HIS K 307 -18.30 -18.36 -60.67
CA HIS K 307 -17.74 -18.34 -62.02
C HIS K 307 -18.84 -18.08 -63.03
N ALA K 308 -20.08 -18.45 -62.68
CA ALA K 308 -21.20 -18.21 -63.58
C ALA K 308 -21.53 -16.73 -63.44
N ARG K 309 -21.89 -16.34 -62.22
CA ARG K 309 -22.22 -14.96 -61.91
C ARG K 309 -21.24 -14.01 -62.56
N MET K 310 -19.98 -14.44 -62.61
CA MET K 310 -18.89 -13.65 -63.19
C MET K 310 -19.20 -13.27 -64.63
N ARG K 311 -19.99 -14.11 -65.28
CA ARG K 311 -20.37 -13.89 -66.67
C ARG K 311 -21.89 -13.72 -66.75
N LEU K 312 -22.56 -13.83 -65.60
CA LEU K 312 -24.02 -13.70 -65.51
C LEU K 312 -24.61 -14.90 -66.27
N SER K 313 -25.25 -15.84 -65.58
CA SER K 313 -25.77 -16.98 -66.32
C SER K 313 -27.29 -17.21 -66.38
N PRO K 314 -27.95 -17.50 -65.26
CA PRO K 314 -27.60 -17.72 -63.86
C PRO K 314 -27.70 -19.22 -63.70
N ILE K 315 -27.00 -19.93 -64.56
CA ILE K 315 -27.01 -21.36 -64.53
C ILE K 315 -25.62 -21.95 -64.60
N VAL K 316 -25.19 -22.49 -63.47
CA VAL K 316 -23.87 -23.10 -63.37
C VAL K 316 -23.76 -24.26 -64.35
N THR K 317 -23.44 -23.94 -65.59
CA THR K 317 -23.30 -24.93 -66.67
C THR K 317 -22.12 -25.88 -66.43
N ARG K 318 -22.05 -26.94 -67.22
CA ARG K 318 -20.98 -27.91 -67.08
C ARG K 318 -19.62 -27.22 -67.12
N GLU K 319 -19.52 -26.17 -67.93
CA GLU K 319 -18.26 -25.43 -68.04
C GLU K 319 -17.87 -24.74 -66.74
N ASP K 320 -18.80 -23.97 -66.20
CA ASP K 320 -18.55 -23.28 -64.95
C ASP K 320 -18.01 -24.31 -63.96
N ALA K 321 -18.85 -25.28 -63.60
CA ALA K 321 -18.46 -26.32 -62.65
C ALA K 321 -17.12 -26.92 -63.02
N ARG K 322 -16.89 -27.07 -64.32
CA ARG K 322 -15.64 -27.62 -64.83
C ARG K 322 -14.50 -26.71 -64.34
N GLU K 323 -14.56 -25.45 -64.76
CA GLU K 323 -13.56 -24.45 -64.41
C GLU K 323 -13.25 -24.43 -62.93
N ALA K 324 -14.30 -24.42 -62.13
CA ALA K 324 -14.16 -24.40 -60.69
C ALA K 324 -13.22 -25.49 -60.25
N ILE K 325 -13.52 -26.73 -60.61
CA ILE K 325 -12.62 -27.79 -60.17
C ILE K 325 -11.21 -27.61 -60.72
N LYS K 326 -11.09 -26.99 -61.90
CA LYS K 326 -9.76 -26.78 -62.46
C LYS K 326 -8.95 -25.94 -61.48
N LEU K 327 -9.45 -24.75 -61.21
CA LEU K 327 -8.79 -23.87 -60.28
C LEU K 327 -8.50 -24.60 -58.98
N MET K 328 -9.46 -25.37 -58.48
CA MET K 328 -9.25 -26.07 -57.23
C MET K 328 -8.20 -27.18 -57.29
N GLU K 329 -8.16 -27.99 -58.36
CA GLU K 329 -7.13 -29.03 -58.42
C GLU K 329 -5.80 -28.35 -58.62
N TYR K 330 -5.81 -27.05 -58.91
CA TYR K 330 -4.56 -26.33 -59.07
C TYR K 330 -4.08 -25.92 -57.70
N THR K 331 -4.91 -25.14 -56.97
CA THR K 331 -4.56 -24.70 -55.62
C THR K 331 -3.95 -25.89 -54.90
N LEU K 332 -4.52 -27.05 -55.19
CA LEU K 332 -4.10 -28.33 -54.63
C LEU K 332 -2.74 -28.79 -55.06
N LYS K 333 -2.51 -28.82 -56.38
CA LYS K 333 -1.23 -29.26 -56.88
C LYS K 333 -0.14 -28.43 -56.21
N GLN K 334 -0.32 -27.12 -56.19
CA GLN K 334 0.65 -26.22 -55.57
C GLN K 334 1.05 -26.60 -54.15
N ILE K 335 0.21 -27.35 -53.46
CA ILE K 335 0.52 -27.73 -52.09
C ILE K 335 1.63 -28.76 -52.00
N ALA K 336 1.79 -29.55 -53.05
CA ALA K 336 2.85 -30.56 -53.07
C ALA K 336 4.21 -29.85 -53.19
N MET K 337 4.16 -28.60 -53.67
CA MET K 337 5.33 -27.74 -53.86
C MET K 337 6.43 -28.27 -54.76
N PRO L 2 -58.80 -29.92 -32.26
CA PRO L 2 -59.45 -31.25 -32.17
C PRO L 2 -59.69 -31.79 -33.57
N GLU L 3 -59.68 -30.87 -34.54
CA GLU L 3 -59.84 -31.22 -35.94
C GLU L 3 -58.49 -31.80 -36.33
N GLU L 4 -57.51 -31.46 -35.51
CA GLU L 4 -56.13 -31.88 -35.68
C GLU L 4 -56.00 -33.29 -35.10
N GLU L 5 -56.43 -33.45 -33.84
CA GLU L 5 -56.38 -34.74 -33.18
C GLU L 5 -56.89 -35.82 -34.12
N GLN L 6 -57.85 -35.43 -34.96
CA GLN L 6 -58.43 -36.35 -35.92
C GLN L 6 -57.37 -36.85 -36.88
N ILE L 7 -56.61 -35.92 -37.43
CA ILE L 7 -55.53 -36.25 -38.38
C ILE L 7 -54.52 -37.16 -37.71
N ILE L 8 -53.95 -36.69 -36.61
CA ILE L 8 -52.94 -37.43 -35.84
C ILE L 8 -53.25 -38.93 -35.73
N LYS L 9 -54.39 -39.24 -35.12
CA LYS L 9 -54.81 -40.63 -34.95
C LYS L 9 -54.64 -41.36 -36.29
N GLU L 10 -55.04 -40.69 -37.38
CA GLU L 10 -54.96 -41.26 -38.72
C GLU L 10 -53.54 -41.58 -39.10
N LEU L 11 -52.64 -40.65 -38.81
CA LEU L 11 -51.23 -40.83 -39.12
C LEU L 11 -50.75 -42.10 -38.43
N ALA L 12 -50.96 -42.16 -37.11
CA ALA L 12 -50.56 -43.31 -36.32
C ALA L 12 -51.09 -44.59 -36.96
N LYS L 13 -52.32 -44.53 -37.46
CA LYS L 13 -52.94 -45.68 -38.11
C LYS L 13 -52.00 -46.20 -39.19
N ARG L 14 -51.34 -45.28 -39.87
CA ARG L 14 -50.41 -45.63 -40.94
C ARG L 14 -49.53 -46.81 -40.55
N LYS L 15 -49.17 -47.61 -41.54
CA LYS L 15 -48.35 -48.79 -41.28
C LYS L 15 -46.89 -48.45 -40.99
N ASP L 16 -46.36 -47.52 -41.77
CA ASP L 16 -44.96 -47.12 -41.66
C ASP L 16 -44.65 -45.91 -40.79
N ILE L 17 -45.65 -45.36 -40.11
CA ILE L 17 -45.44 -44.18 -39.28
C ILE L 17 -44.06 -44.05 -38.65
N VAL L 18 -43.61 -45.11 -37.99
CA VAL L 18 -42.30 -45.11 -37.34
C VAL L 18 -41.25 -44.52 -38.27
N ASP L 19 -41.21 -45.09 -39.49
CA ASP L 19 -40.26 -44.68 -40.50
C ASP L 19 -40.55 -43.28 -41.02
N ALA L 20 -41.82 -42.99 -41.26
CA ALA L 20 -42.19 -41.68 -41.75
C ALA L 20 -41.70 -40.59 -40.80
N ILE L 21 -41.88 -40.83 -39.51
CA ILE L 21 -41.48 -39.87 -38.49
C ILE L 21 -40.01 -39.50 -38.50
N VAL L 22 -39.15 -40.42 -38.90
CA VAL L 22 -37.72 -40.12 -38.93
C VAL L 22 -37.41 -39.37 -40.22
N ASP L 23 -38.00 -39.83 -41.32
CA ASP L 23 -37.76 -39.21 -42.61
C ASP L 23 -38.31 -37.80 -42.64
N SER L 24 -38.72 -37.31 -41.48
CA SER L 24 -39.24 -35.97 -41.40
C SER L 24 -38.42 -35.15 -40.43
N ILE L 25 -37.53 -35.81 -39.69
CA ILE L 25 -36.68 -35.11 -38.74
C ILE L 25 -35.84 -34.13 -39.53
N ALA L 26 -35.01 -34.66 -40.40
CA ALA L 26 -34.20 -33.80 -41.25
C ALA L 26 -34.13 -34.47 -42.59
N PRO L 27 -34.93 -33.99 -43.54
CA PRO L 27 -35.01 -34.51 -44.89
C PRO L 27 -33.76 -34.09 -45.65
N ALA L 28 -33.25 -32.94 -45.23
CA ALA L 28 -32.06 -32.36 -45.84
C ALA L 28 -30.91 -33.31 -45.71
N ILE L 29 -30.29 -33.31 -44.53
CA ILE L 29 -29.16 -34.18 -44.29
C ILE L 29 -29.56 -35.55 -44.83
N TYR L 30 -28.60 -36.19 -45.47
CA TYR L 30 -28.81 -37.48 -46.09
C TYR L 30 -28.28 -38.58 -45.18
N GLY L 31 -29.10 -39.61 -44.94
CA GLY L 31 -28.66 -40.72 -44.12
C GLY L 31 -28.83 -40.57 -42.63
N TYR L 32 -27.95 -41.21 -41.87
CA TYR L 32 -28.02 -41.13 -40.41
C TYR L 32 -29.37 -41.57 -39.90
N LYS L 33 -29.87 -42.67 -40.45
CA LYS L 33 -31.15 -43.20 -40.04
C LYS L 33 -31.27 -43.24 -38.51
N GLU L 34 -30.26 -43.79 -37.84
CA GLU L 34 -30.25 -43.93 -36.39
C GLU L 34 -30.10 -42.64 -35.61
N VAL L 35 -29.22 -41.78 -36.07
CA VAL L 35 -29.06 -40.52 -35.38
C VAL L 35 -30.37 -39.74 -35.54
N LYS L 36 -31.19 -40.15 -36.49
CA LYS L 36 -32.50 -39.51 -36.74
C LYS L 36 -33.54 -40.16 -35.87
N LYS L 37 -33.56 -41.49 -35.92
CA LYS L 37 -34.49 -42.30 -35.14
C LYS L 37 -34.12 -42.18 -33.67
N GLY L 38 -32.92 -41.69 -33.40
CA GLY L 38 -32.48 -41.49 -32.03
C GLY L 38 -33.17 -40.21 -31.64
N ILE L 39 -32.75 -39.10 -32.24
CA ILE L 39 -33.36 -37.81 -31.94
C ILE L 39 -34.86 -37.95 -31.92
N ALA L 40 -35.40 -38.77 -32.81
CA ALA L 40 -36.84 -38.98 -32.87
C ALA L 40 -37.37 -39.36 -31.50
N LEU L 41 -36.83 -40.44 -30.94
CA LEU L 41 -37.26 -40.89 -29.63
C LEU L 41 -37.06 -39.75 -28.65
N ALA L 42 -35.86 -39.19 -28.66
CA ALA L 42 -35.54 -38.11 -27.74
C ALA L 42 -36.61 -37.02 -27.71
N LEU L 43 -37.24 -36.76 -28.86
CA LEU L 43 -38.28 -35.72 -28.96
C LEU L 43 -39.60 -36.20 -28.38
N PHE L 44 -39.77 -37.52 -28.28
CA PHE L 44 -40.99 -38.09 -27.71
C PHE L 44 -40.83 -38.44 -26.24
N GLY L 45 -39.58 -38.59 -25.81
CA GLY L 45 -39.28 -38.90 -24.42
C GLY L 45 -39.88 -40.15 -23.80
N GLY L 46 -39.30 -40.53 -22.66
CA GLY L 46 -39.74 -41.71 -21.93
C GLY L 46 -40.96 -41.37 -21.12
N VAL L 47 -41.47 -42.36 -20.38
CA VAL L 47 -42.67 -42.19 -19.56
C VAL L 47 -42.69 -40.97 -18.64
N SER L 48 -41.65 -40.80 -17.83
CA SER L 48 -41.57 -39.66 -16.91
C SER L 48 -42.90 -39.43 -16.15
N ARG L 49 -43.08 -40.16 -15.05
CA ARG L 49 -44.29 -40.08 -14.21
C ARG L 49 -43.86 -40.45 -12.81
N LYS L 50 -43.79 -39.47 -11.91
CA LYS L 50 -43.35 -39.76 -10.55
C LYS L 50 -44.40 -40.44 -9.67
N LEU L 51 -43.91 -41.14 -8.64
CA LEU L 51 -44.76 -41.82 -7.66
C LEU L 51 -44.14 -41.48 -6.30
N PRO L 52 -44.91 -41.58 -5.21
CA PRO L 52 -44.44 -41.27 -3.84
C PRO L 52 -43.46 -42.32 -3.33
N ASP L 53 -43.82 -43.58 -3.54
CA ASP L 53 -43.03 -44.72 -3.14
C ASP L 53 -41.75 -44.78 -3.98
N GLY L 54 -41.90 -44.54 -5.28
CA GLY L 54 -40.77 -44.56 -6.18
C GLY L 54 -40.30 -43.16 -6.52
N THR L 55 -40.42 -42.27 -5.54
CA THR L 55 -40.01 -40.87 -5.66
C THR L 55 -40.04 -40.32 -7.11
N ARG L 56 -39.16 -39.36 -7.39
CA ARG L 56 -39.04 -38.73 -8.71
C ARG L 56 -38.99 -39.77 -9.83
N LEU L 57 -39.18 -39.32 -11.08
CA LEU L 57 -39.12 -40.21 -12.25
C LEU L 57 -38.98 -39.43 -13.58
N ARG L 58 -37.74 -39.13 -13.95
CA ARG L 58 -37.42 -38.43 -15.18
C ARG L 58 -37.72 -39.37 -16.35
N GLY L 59 -38.00 -38.79 -17.50
CA GLY L 59 -38.28 -39.62 -18.66
C GLY L 59 -37.58 -39.03 -19.86
N ASP L 60 -37.20 -37.75 -19.72
CA ASP L 60 -36.52 -37.05 -20.79
C ASP L 60 -35.28 -37.81 -21.24
N ILE L 61 -35.12 -37.89 -22.54
CA ILE L 61 -34.02 -38.60 -23.15
C ILE L 61 -32.97 -37.66 -23.73
N HIS L 62 -31.77 -37.67 -23.16
CA HIS L 62 -30.69 -36.83 -23.63
C HIS L 62 -29.87 -37.52 -24.71
N VAL L 63 -29.42 -36.77 -25.70
CA VAL L 63 -28.69 -37.35 -26.80
C VAL L 63 -27.43 -36.59 -27.17
N LEU L 64 -26.30 -37.28 -27.18
CA LEU L 64 -25.05 -36.62 -27.54
C LEU L 64 -24.55 -37.03 -28.90
N LEU L 65 -24.07 -36.07 -29.67
CA LEU L 65 -23.56 -36.30 -31.02
C LEU L 65 -22.10 -35.89 -31.12
N VAL L 66 -21.16 -36.82 -30.97
CA VAL L 66 -19.75 -36.45 -31.05
C VAL L 66 -19.03 -36.99 -32.27
N GLY L 67 -18.43 -36.10 -33.06
CA GLY L 67 -17.73 -36.58 -34.25
C GLY L 67 -16.70 -35.66 -34.86
N ASP L 68 -16.03 -36.16 -35.90
CA ASP L 68 -15.03 -35.40 -36.63
C ASP L 68 -15.77 -34.21 -37.21
N PRO L 69 -15.05 -33.18 -37.65
CA PRO L 69 -15.78 -32.04 -38.19
C PRO L 69 -16.37 -32.33 -39.56
N GLY L 70 -17.32 -31.50 -39.97
CA GLY L 70 -17.96 -31.66 -41.27
C GLY L 70 -18.78 -32.92 -41.45
N VAL L 71 -19.52 -33.28 -40.41
CA VAL L 71 -20.35 -34.47 -40.42
C VAL L 71 -21.84 -34.17 -40.33
N ALA L 72 -22.21 -32.88 -40.27
CA ALA L 72 -23.61 -32.45 -40.20
C ALA L 72 -24.17 -32.22 -38.81
N LYS L 73 -23.33 -32.36 -37.77
CA LYS L 73 -23.81 -32.15 -36.41
C LYS L 73 -24.50 -30.81 -36.31
N SER L 74 -23.73 -29.74 -36.44
CA SER L 74 -24.27 -28.38 -36.36
C SER L 74 -25.56 -28.31 -37.18
N GLN L 75 -25.47 -28.69 -38.46
CA GLN L 75 -26.62 -28.68 -39.36
C GLN L 75 -27.82 -29.35 -38.71
N ILE L 76 -27.71 -30.65 -38.44
CA ILE L 76 -28.79 -31.42 -37.83
C ILE L 76 -29.48 -30.73 -36.68
N LEU L 77 -28.75 -30.43 -35.60
CA LEU L 77 -29.36 -29.78 -34.46
C LEU L 77 -30.26 -28.66 -34.94
N ARG L 78 -29.72 -27.84 -35.83
CA ARG L 78 -30.46 -26.71 -36.38
C ARG L 78 -31.82 -27.15 -36.93
N TYR L 79 -31.85 -28.21 -37.74
CA TYR L 79 -33.12 -28.68 -38.29
C TYR L 79 -34.07 -29.11 -37.21
N VAL L 80 -33.53 -29.59 -36.11
CA VAL L 80 -34.37 -30.04 -35.02
C VAL L 80 -35.02 -28.84 -34.40
N ALA L 81 -34.28 -27.77 -34.22
CA ALA L 81 -34.87 -26.58 -33.62
C ALA L 81 -36.07 -26.16 -34.46
N ASN L 82 -35.89 -26.16 -35.78
CA ASN L 82 -36.95 -25.78 -36.70
C ASN L 82 -38.14 -26.75 -36.72
N LEU L 83 -38.06 -27.80 -35.91
CA LEU L 83 -39.15 -28.78 -35.82
C LEU L 83 -39.69 -28.81 -34.40
N ALA L 84 -38.90 -29.38 -33.49
CA ALA L 84 -39.26 -29.50 -32.08
C ALA L 84 -40.06 -28.32 -31.56
N PRO L 85 -41.08 -28.60 -30.75
CA PRO L 85 -41.91 -27.53 -30.20
C PRO L 85 -41.10 -26.48 -29.45
N ARG L 86 -40.84 -26.73 -28.18
CA ARG L 86 -40.08 -25.81 -27.34
C ARG L 86 -38.57 -25.96 -27.53
N ALA L 87 -38.10 -25.82 -28.76
CA ALA L 87 -36.68 -26.00 -29.06
C ALA L 87 -35.80 -24.75 -28.93
N ILE L 88 -34.64 -24.92 -28.29
CA ILE L 88 -33.68 -23.83 -28.13
C ILE L 88 -32.32 -24.25 -28.66
N TYR L 89 -31.93 -23.69 -29.80
CA TYR L 89 -30.62 -24.00 -30.35
C TYR L 89 -29.68 -22.96 -29.76
N THR L 90 -28.45 -23.36 -29.49
CA THR L 90 -27.50 -22.43 -28.90
C THR L 90 -26.11 -23.03 -29.00
N SER L 91 -25.31 -22.57 -29.96
CA SER L 91 -23.95 -23.09 -30.14
C SER L 91 -22.92 -22.29 -29.38
N UNK L 92 -22.03 -22.97 -28.66
CA UNK L 92 -20.98 -22.30 -27.90
C UNK L 92 -20.16 -21.40 -28.83
N UNK L 93 -20.67 -20.18 -29.01
CA UNK L 93 -20.05 -19.18 -29.86
C UNK L 93 -20.94 -17.91 -29.90
N UNK L 94 -20.31 -16.76 -29.62
CA UNK L 94 -20.99 -15.45 -29.62
C UNK L 94 -21.99 -15.31 -28.47
N UNK L 95 -23.03 -14.50 -28.67
CA UNK L 95 -24.06 -14.29 -27.64
C UNK L 95 -25.47 -14.42 -28.19
N UNK L 96 -26.43 -14.70 -27.30
CA UNK L 96 -27.84 -14.90 -27.67
C UNK L 96 -27.96 -15.94 -28.79
N UNK L 97 -29.13 -16.59 -28.89
CA UNK L 97 -29.35 -17.62 -29.91
C UNK L 97 -30.71 -17.50 -30.60
N UNK L 98 -30.88 -18.20 -31.73
CA UNK L 98 -32.13 -18.17 -32.51
C UNK L 98 -33.12 -19.24 -32.10
N UNK L 99 -33.19 -20.31 -32.89
CA UNK L 99 -34.10 -21.42 -32.61
C UNK L 99 -35.58 -21.06 -32.70
N UNK L 100 -36.16 -20.79 -31.54
CA UNK L 100 -37.57 -20.45 -31.38
C UNK L 100 -38.30 -19.83 -32.56
N UNK L 101 -39.60 -20.09 -32.60
CA UNK L 101 -40.47 -19.55 -33.63
C UNK L 101 -41.35 -18.53 -32.92
N UNK L 102 -40.99 -18.28 -31.66
CA UNK L 102 -41.64 -17.32 -30.75
C UNK L 102 -43.15 -17.13 -30.79
N UNK L 103 -43.70 -16.90 -29.58
CA UNK L 103 -45.13 -16.67 -29.37
C UNK L 103 -45.34 -16.18 -27.94
N UNK L 104 -44.93 -14.94 -27.69
CA UNK L 104 -45.04 -14.33 -26.38
C UNK L 104 -44.24 -15.11 -25.35
N UNK L 105 -43.06 -15.60 -25.76
CA UNK L 105 -42.18 -16.37 -24.89
C UNK L 105 -42.76 -17.76 -24.55
N UNK L 106 -42.09 -18.50 -23.66
CA UNK L 106 -42.49 -19.87 -23.27
C UNK L 106 -43.59 -20.00 -22.21
N UNK L 107 -44.28 -21.14 -22.21
CA UNK L 107 -45.37 -21.42 -21.28
C UNK L 107 -45.02 -21.41 -19.80
N UNK L 108 -43.83 -21.88 -19.40
CA UNK L 108 -43.48 -21.88 -17.98
C UNK L 108 -42.12 -21.26 -17.64
N UNK L 109 -41.65 -21.54 -16.43
CA UNK L 109 -40.40 -20.98 -15.88
C UNK L 109 -39.01 -21.03 -16.53
N UNK L 110 -38.10 -20.38 -15.81
CA UNK L 110 -36.67 -20.23 -16.13
C UNK L 110 -36.18 -19.68 -17.49
N UNK L 111 -34.85 -19.55 -17.57
CA UNK L 111 -34.14 -19.02 -18.73
C UNK L 111 -32.66 -18.82 -18.31
N UNK L 112 -31.77 -18.40 -19.22
CA UNK L 112 -30.37 -18.18 -18.81
C UNK L 112 -29.27 -17.72 -19.83
N UNK L 113 -28.04 -18.21 -19.65
CA UNK L 113 -26.84 -17.88 -20.47
C UNK L 113 -26.66 -18.58 -21.84
N UNK L 114 -26.75 -19.91 -21.84
CA UNK L 114 -26.67 -20.68 -23.08
C UNK L 114 -28.04 -20.39 -23.68
N UNK L 115 -29.04 -20.48 -22.79
CA UNK L 115 -30.47 -20.25 -23.04
C UNK L 115 -31.29 -21.53 -22.94
N UNK L 116 -31.74 -21.84 -21.74
CA UNK L 116 -32.54 -23.04 -21.52
C UNK L 116 -33.82 -22.63 -20.77
N UNK L 117 -34.94 -23.28 -21.11
CA UNK L 117 -36.24 -22.98 -20.48
C UNK L 117 -36.67 -23.93 -19.36
N UNK L 118 -36.26 -23.60 -18.14
CA UNK L 118 -36.55 -24.37 -16.91
C UNK L 118 -37.69 -23.80 -16.08
N GLY L 125 -40.53 -26.58 -19.88
CA GLY L 125 -39.57 -27.61 -20.19
C GLY L 125 -38.87 -27.23 -21.47
N GLY L 126 -39.00 -28.07 -22.49
CA GLY L 126 -38.40 -27.79 -23.79
C GLY L 126 -37.02 -28.35 -24.07
N TYR L 127 -36.83 -28.87 -25.28
CA TYR L 127 -35.54 -29.44 -25.69
C TYR L 127 -34.52 -28.36 -26.02
N ALA L 128 -33.36 -28.42 -25.37
CA ALA L 128 -32.31 -27.44 -25.64
C ALA L 128 -31.25 -28.11 -26.47
N LEU L 129 -31.24 -27.72 -27.74
CA LEU L 129 -30.28 -28.23 -28.71
C LEU L 129 -28.98 -27.47 -28.51
N ILE L 130 -28.02 -28.13 -27.89
CA ILE L 130 -26.72 -27.51 -27.60
C ILE L 130 -25.58 -27.92 -28.49
N ASP L 131 -25.33 -27.18 -29.56
CA ASP L 131 -24.24 -27.53 -30.44
C ASP L 131 -22.93 -27.07 -29.82
N GLU L 132 -21.86 -27.81 -30.10
CA GLU L 132 -20.52 -27.49 -29.59
C GLU L 132 -20.40 -27.52 -28.08
N LEU L 133 -20.98 -28.53 -27.46
CA LEU L 133 -20.96 -28.69 -26.01
C LEU L 133 -19.56 -28.80 -25.43
N ASP L 134 -18.56 -29.02 -26.28
CA ASP L 134 -17.19 -29.16 -25.81
C ASP L 134 -16.49 -27.79 -25.71
N LYS L 135 -17.17 -26.74 -26.19
CA LYS L 135 -16.64 -25.38 -26.16
C LYS L 135 -17.51 -24.49 -25.27
N MET L 136 -18.08 -25.06 -24.22
CA MET L 136 -18.90 -24.30 -23.30
C MET L 136 -17.95 -23.75 -22.26
N SER L 137 -18.10 -22.49 -21.88
CA SER L 137 -17.23 -21.94 -20.86
C SER L 137 -17.55 -22.79 -19.63
N ASP L 138 -16.53 -23.30 -18.94
CA ASP L 138 -16.74 -24.14 -17.77
C ASP L 138 -17.98 -23.78 -16.93
N ARG L 139 -18.44 -22.53 -17.01
CA ARG L 139 -19.63 -22.10 -16.29
C ARG L 139 -20.85 -22.69 -16.98
N ASP L 140 -21.08 -22.25 -18.22
CA ASP L 140 -22.21 -22.75 -19.00
C ASP L 140 -22.25 -24.28 -19.00
N ARG L 141 -21.10 -24.93 -18.88
CA ARG L 141 -21.08 -26.38 -18.83
C ARG L 141 -21.72 -26.77 -17.50
N SER L 142 -21.01 -26.47 -16.43
CA SER L 142 -21.44 -26.76 -15.07
C SER L 142 -22.95 -26.87 -14.95
N VAL L 143 -23.63 -25.81 -15.32
CA VAL L 143 -25.09 -25.78 -15.22
C VAL L 143 -25.74 -27.02 -15.83
N ILE L 144 -25.47 -27.26 -17.10
CA ILE L 144 -26.01 -28.42 -17.79
C ILE L 144 -25.66 -29.67 -17.00
N HIS L 145 -24.37 -29.80 -16.70
CA HIS L 145 -23.87 -30.92 -15.94
C HIS L 145 -24.83 -31.16 -14.78
N GLU L 146 -25.14 -30.10 -14.03
CA GLU L 146 -26.07 -30.23 -12.91
C GLU L 146 -27.44 -30.60 -13.45
N ALA L 147 -27.90 -29.84 -14.43
CA ALA L 147 -29.20 -30.06 -15.04
C ALA L 147 -29.42 -31.49 -15.52
N LEU L 148 -28.38 -32.11 -16.08
CA LEU L 148 -28.48 -33.47 -16.58
C LEU L 148 -28.38 -34.44 -15.43
N GLU L 149 -27.48 -34.12 -14.50
CA GLU L 149 -27.24 -34.92 -13.32
C GLU L 149 -28.37 -34.82 -12.31
N GLN L 150 -28.45 -33.69 -11.61
CA GLN L 150 -29.50 -33.44 -10.61
C GLN L 150 -30.90 -33.50 -11.18
N GLN L 151 -31.15 -32.68 -12.20
CA GLN L 151 -32.45 -32.54 -12.83
C GLN L 151 -33.00 -31.28 -12.17
N THR L 152 -32.08 -30.51 -11.58
CA THR L 152 -32.42 -29.27 -10.88
C THR L 152 -31.23 -28.31 -10.78
N ILE L 153 -31.36 -27.13 -11.36
CA ILE L 153 -30.28 -26.16 -11.28
C ILE L 153 -30.41 -25.33 -10.01
N SER L 154 -29.46 -24.42 -9.77
CA SER L 154 -29.52 -23.58 -8.58
C SER L 154 -28.50 -22.43 -8.56
N ILE L 155 -29.00 -21.25 -8.20
CA ILE L 155 -28.18 -20.04 -8.11
C ILE L 155 -28.50 -19.36 -6.80
N SER L 156 -27.54 -19.34 -5.89
CA SER L 156 -27.76 -18.69 -4.60
C SER L 156 -26.77 -17.55 -4.46
N LYS L 157 -26.55 -16.83 -5.57
CA LYS L 157 -25.62 -15.71 -5.59
C LYS L 157 -26.24 -14.46 -4.95
N ALA L 158 -25.90 -14.27 -3.67
CA ALA L 158 -26.34 -13.17 -2.79
C ALA L 158 -26.93 -13.83 -1.55
N GLY L 159 -27.75 -13.08 -0.82
CA GLY L 159 -28.36 -13.65 0.37
C GLY L 159 -29.41 -14.65 -0.07
N ILE L 160 -30.04 -14.37 -1.22
CA ILE L 160 -31.07 -15.24 -1.76
C ILE L 160 -30.55 -16.55 -2.29
N THR L 161 -31.45 -17.53 -2.35
CA THR L 161 -31.14 -18.87 -2.82
C THR L 161 -32.16 -19.26 -3.88
N ALA L 162 -31.70 -19.51 -5.10
CA ALA L 162 -32.60 -19.85 -6.18
C ALA L 162 -32.46 -21.26 -6.72
N THR L 163 -33.44 -22.11 -6.46
CA THR L 163 -33.37 -23.45 -7.00
C THR L 163 -34.33 -23.56 -8.16
N LEU L 164 -33.75 -23.60 -9.36
CA LEU L 164 -34.50 -23.71 -10.60
C LEU L 164 -34.75 -25.17 -10.91
N ASN L 165 -36.00 -25.51 -11.21
CA ASN L 165 -36.32 -26.89 -11.55
C ASN L 165 -35.98 -27.15 -13.01
N ALA L 166 -35.05 -28.09 -13.23
CA ALA L 166 -34.62 -28.46 -14.57
C ALA L 166 -35.45 -29.61 -15.08
N ARG L 167 -36.16 -29.38 -16.16
CA ARG L 167 -37.00 -30.40 -16.74
C ARG L 167 -37.06 -30.24 -18.25
N THR L 168 -35.90 -30.37 -18.89
CA THR L 168 -35.80 -30.25 -20.34
C THR L 168 -34.96 -31.38 -20.93
N THR L 169 -35.06 -31.53 -22.25
CA THR L 169 -34.30 -32.55 -22.94
C THR L 169 -33.07 -31.92 -23.56
N VAL L 170 -31.97 -32.66 -23.64
CA VAL L 170 -30.76 -32.11 -24.21
C VAL L 170 -30.24 -32.91 -25.37
N ILE L 171 -30.36 -32.35 -26.56
CA ILE L 171 -29.84 -33.02 -27.74
C ILE L 171 -28.62 -32.20 -28.13
N ALA L 172 -27.45 -32.68 -27.74
CA ALA L 172 -26.22 -31.96 -28.00
C ALA L 172 -25.21 -32.62 -28.92
N ALA L 173 -24.33 -31.78 -29.43
CA ALA L 173 -23.26 -32.18 -30.33
C ALA L 173 -21.95 -31.86 -29.65
N ALA L 174 -20.84 -32.35 -30.22
CA ALA L 174 -19.53 -32.11 -29.64
C ALA L 174 -18.40 -32.67 -30.49
N ASN L 175 -17.24 -32.02 -30.46
CA ASN L 175 -16.08 -32.47 -31.22
C ASN L 175 -15.09 -33.06 -30.25
N PRO L 176 -14.11 -33.81 -30.75
CA PRO L 176 -13.07 -34.44 -29.92
C PRO L 176 -12.11 -33.37 -29.43
N LYS L 177 -11.40 -33.65 -28.34
CA LYS L 177 -10.44 -32.68 -27.82
C LYS L 177 -9.42 -32.34 -28.91
N GLN L 178 -9.25 -33.28 -29.84
CA GLN L 178 -8.30 -33.13 -30.94
C GLN L 178 -8.88 -32.54 -32.22
N GLY L 179 -10.18 -32.71 -32.39
CA GLY L 179 -10.84 -32.23 -33.60
C GLY L 179 -11.41 -33.43 -34.32
N ARG L 180 -10.51 -34.37 -34.63
CA ARG L 180 -10.86 -35.62 -35.30
C ARG L 180 -10.32 -36.70 -34.37
N PHE L 181 -10.74 -37.95 -34.51
CA PHE L 181 -10.18 -38.96 -33.63
C PHE L 181 -9.86 -40.32 -34.20
N ASN L 182 -10.00 -40.44 -35.53
CA ASN L 182 -9.75 -41.70 -36.26
C ASN L 182 -8.81 -42.69 -35.60
N ARG L 183 -7.90 -42.20 -34.76
CA ARG L 183 -6.98 -43.09 -34.08
C ARG L 183 -7.72 -44.26 -33.43
N MET L 184 -6.94 -45.17 -32.89
CA MET L 184 -7.48 -46.34 -32.22
C MET L 184 -8.09 -46.01 -30.87
N LYS L 185 -7.36 -45.24 -30.06
CA LYS L 185 -7.82 -44.85 -28.72
C LYS L 185 -9.33 -44.67 -28.65
N ASN L 186 -9.91 -44.96 -27.48
CA ASN L 186 -11.36 -44.86 -27.29
C ASN L 186 -11.98 -43.48 -27.39
N PRO L 187 -13.00 -43.36 -28.24
CA PRO L 187 -13.74 -42.13 -28.49
C PRO L 187 -14.08 -41.39 -27.22
N PHE L 188 -14.04 -42.11 -26.11
CA PHE L 188 -14.38 -41.49 -24.85
C PHE L 188 -13.29 -40.76 -24.11
N GLU L 189 -12.06 -40.90 -24.57
CA GLU L 189 -10.95 -40.20 -23.94
C GLU L 189 -10.74 -38.94 -24.77
N GLN L 190 -11.23 -39.01 -26.00
CA GLN L 190 -11.07 -37.92 -26.93
C GLN L 190 -12.06 -36.76 -26.79
N ILE L 191 -13.18 -37.01 -26.09
CA ILE L 191 -14.18 -35.96 -25.87
C ILE L 191 -13.70 -35.05 -24.74
N ASP L 192 -14.00 -33.75 -24.81
CA ASP L 192 -13.57 -32.82 -23.76
C ASP L 192 -14.58 -32.63 -22.62
N LEU L 193 -15.46 -33.61 -22.43
CA LEU L 193 -16.46 -33.51 -21.38
C LEU L 193 -16.19 -34.48 -20.23
N PRO L 194 -16.48 -34.06 -18.99
CA PRO L 194 -16.25 -34.92 -17.84
C PRO L 194 -17.11 -36.15 -17.95
N PRO L 195 -16.47 -37.32 -17.99
CA PRO L 195 -17.20 -38.58 -18.09
C PRO L 195 -18.49 -38.66 -17.26
N THR L 196 -18.49 -38.06 -16.08
CA THR L 196 -19.69 -38.09 -15.25
C THR L 196 -20.84 -37.26 -15.79
N LEU L 197 -20.61 -36.67 -16.96
CA LEU L 197 -21.62 -35.86 -17.63
C LEU L 197 -22.10 -36.74 -18.76
N LEU L 198 -21.15 -37.22 -19.55
CA LEU L 198 -21.44 -38.07 -20.68
C LEU L 198 -22.35 -39.21 -20.24
N SER L 199 -22.04 -39.78 -19.09
CA SER L 199 -22.82 -40.89 -18.55
C SER L 199 -24.30 -40.54 -18.44
N ARG L 200 -24.62 -39.26 -18.59
CA ARG L 200 -26.00 -38.79 -18.48
C ARG L 200 -26.83 -38.91 -19.75
N PHE L 201 -26.16 -39.13 -20.87
CA PHE L 201 -26.85 -39.28 -22.13
C PHE L 201 -27.35 -40.71 -22.27
N ASP L 202 -28.54 -40.84 -22.87
CA ASP L 202 -29.15 -42.15 -23.09
C ASP L 202 -28.62 -42.76 -24.37
N LEU L 203 -28.07 -41.93 -25.25
CA LEU L 203 -27.50 -42.41 -26.50
C LEU L 203 -26.42 -41.46 -26.96
N ILE L 204 -25.24 -42.00 -27.28
CA ILE L 204 -24.16 -41.16 -27.83
C ILE L 204 -23.77 -41.63 -29.27
N PHE L 205 -24.05 -40.80 -30.26
CA PHE L 205 -23.70 -41.20 -31.60
C PHE L 205 -22.33 -40.70 -31.95
N VAL L 206 -21.44 -41.64 -32.15
CA VAL L 206 -20.07 -41.33 -32.52
C VAL L 206 -19.99 -41.25 -34.03
N LEU L 207 -19.57 -40.11 -34.55
CA LEU L 207 -19.51 -39.96 -35.99
C LEU L 207 -18.13 -39.71 -36.55
N ILE L 208 -17.51 -40.77 -37.07
CA ILE L 208 -16.19 -40.68 -37.69
C ILE L 208 -16.51 -40.47 -39.15
N ASP L 209 -15.53 -40.16 -39.98
CA ASP L 209 -15.86 -40.01 -41.39
C ASP L 209 -14.78 -40.43 -42.37
N GLU L 210 -14.76 -41.72 -42.69
CA GLU L 210 -13.80 -42.24 -43.64
C GLU L 210 -14.19 -41.54 -44.94
N PRO L 211 -13.33 -41.59 -45.95
CA PRO L 211 -13.71 -40.93 -47.20
C PRO L 211 -14.76 -41.72 -47.96
N ASP L 212 -14.35 -42.78 -48.66
CA ASP L 212 -15.28 -43.61 -49.44
C ASP L 212 -16.01 -42.86 -50.56
N ASP L 213 -15.93 -43.38 -51.77
CA ASP L 213 -16.55 -42.77 -52.94
C ASP L 213 -18.08 -42.83 -52.90
N LYS L 214 -18.60 -44.05 -52.91
CA LYS L 214 -20.04 -44.30 -52.89
C LYS L 214 -20.78 -43.27 -52.05
N ILE L 215 -20.67 -43.42 -50.74
CA ILE L 215 -21.32 -42.53 -49.82
C ILE L 215 -21.12 -41.05 -50.20
N ASP L 216 -19.87 -40.60 -50.34
CA ASP L 216 -19.61 -39.21 -50.72
C ASP L 216 -20.41 -38.76 -51.92
N SER L 217 -20.33 -39.55 -52.99
CA SER L 217 -21.08 -39.24 -54.20
C SER L 217 -22.54 -38.96 -53.80
N GLU L 218 -23.10 -39.87 -53.01
CA GLU L 218 -24.48 -39.74 -52.55
C GLU L 218 -24.68 -38.44 -51.80
N VAL L 219 -23.92 -38.28 -50.72
CA VAL L 219 -24.01 -37.10 -49.90
C VAL L 219 -23.96 -35.82 -50.71
N ALA L 220 -22.95 -35.70 -51.55
CA ALA L 220 -22.83 -34.50 -52.35
C ALA L 220 -24.06 -34.37 -53.25
N ARG L 221 -24.24 -35.32 -54.16
CA ARG L 221 -25.38 -35.29 -55.06
C ARG L 221 -26.61 -34.82 -54.29
N HIS L 222 -26.75 -35.29 -53.06
CA HIS L 222 -27.90 -34.92 -52.24
C HIS L 222 -27.87 -33.43 -51.90
N ILE L 223 -26.74 -32.94 -51.42
CA ILE L 223 -26.64 -31.55 -51.06
C ILE L 223 -27.11 -30.70 -52.22
N LEU L 224 -26.39 -30.79 -53.32
CA LEU L 224 -26.76 -30.03 -54.50
C LEU L 224 -28.28 -30.08 -54.66
N ARG L 225 -28.82 -31.29 -54.83
CA ARG L 225 -30.25 -31.46 -55.01
C ARG L 225 -30.96 -30.45 -54.12
N VAL L 226 -31.12 -30.80 -52.84
CA VAL L 226 -31.80 -29.93 -51.90
C VAL L 226 -30.90 -28.77 -51.53
N ARG L 227 -30.53 -27.97 -52.53
CA ARG L 227 -29.66 -26.82 -52.33
C ARG L 227 -29.92 -25.85 -53.47
N ARG L 228 -30.67 -26.31 -54.46
CA ARG L 228 -30.96 -25.46 -55.59
C ARG L 228 -32.37 -24.95 -55.61
N GLY L 229 -32.52 -23.68 -55.99
CA GLY L 229 -33.82 -23.05 -56.04
C GLY L 229 -34.35 -22.93 -54.62
N GLU L 230 -35.68 -22.84 -54.48
CA GLU L 230 -36.28 -22.74 -53.16
C GLU L 230 -37.18 -23.95 -52.91
N SER L 231 -37.00 -25.00 -53.72
CA SER L 231 -37.80 -26.22 -53.61
C SER L 231 -37.16 -27.47 -54.25
N GLU L 232 -37.51 -28.65 -53.73
CA GLU L 232 -37.02 -29.94 -54.21
C GLU L 232 -37.93 -31.06 -53.65
N VAL L 233 -37.81 -32.25 -54.22
CA VAL L 233 -38.61 -33.39 -53.77
C VAL L 233 -37.99 -33.87 -52.46
N VAL L 234 -37.28 -32.96 -51.80
CA VAL L 234 -36.63 -33.27 -50.54
C VAL L 234 -37.08 -32.30 -49.45
N ALA L 235 -38.25 -32.64 -48.93
CA ALA L 235 -38.97 -31.95 -47.86
C ALA L 235 -39.63 -33.09 -47.08
N PRO L 236 -40.05 -32.80 -45.82
CA PRO L 236 -40.68 -33.79 -44.94
C PRO L 236 -41.66 -34.75 -45.55
N LYS L 237 -41.69 -35.97 -44.99
CA LYS L 237 -42.61 -37.03 -45.42
C LYS L 237 -43.88 -36.76 -44.64
N ILE L 238 -43.79 -35.80 -43.73
CA ILE L 238 -44.89 -35.39 -42.87
C ILE L 238 -44.69 -33.90 -42.64
N PRO L 239 -45.77 -33.11 -42.78
CA PRO L 239 -45.66 -31.67 -42.56
C PRO L 239 -45.14 -31.39 -41.15
N HIS L 240 -44.20 -30.47 -41.03
CA HIS L 240 -43.65 -30.15 -39.72
C HIS L 240 -44.66 -29.55 -38.73
N GLU L 241 -45.66 -28.82 -39.23
CA GLU L 241 -46.65 -28.26 -38.31
C GLU L 241 -47.48 -29.37 -37.72
N ILE L 242 -47.81 -30.38 -38.53
CA ILE L 242 -48.59 -31.54 -38.09
C ILE L 242 -47.76 -32.34 -37.10
N LEU L 243 -46.59 -32.76 -37.58
CA LEU L 243 -45.65 -33.56 -36.83
C LEU L 243 -45.21 -32.93 -35.51
N ARG L 244 -45.38 -31.61 -35.38
CA ARG L 244 -44.98 -30.93 -34.15
C ARG L 244 -46.14 -30.97 -33.17
N LYS L 245 -47.34 -31.10 -33.72
CA LYS L 245 -48.54 -31.19 -32.90
C LYS L 245 -48.58 -32.63 -32.44
N TYR L 246 -48.33 -33.54 -33.38
CA TYR L 246 -48.32 -34.98 -33.12
C TYR L 246 -47.43 -35.29 -31.92
N ILE L 247 -46.27 -34.62 -31.85
CA ILE L 247 -45.34 -34.81 -30.76
C ILE L 247 -45.98 -34.33 -29.48
N ALA L 248 -46.14 -33.00 -29.38
CA ALA L 248 -46.74 -32.39 -28.20
C ALA L 248 -47.99 -33.15 -27.74
N TYR L 249 -48.63 -33.84 -28.68
CA TYR L 249 -49.83 -34.62 -28.35
C TYR L 249 -49.49 -35.91 -27.61
N ALA L 250 -48.61 -36.71 -28.18
CA ALA L 250 -48.20 -37.97 -27.56
C ALA L 250 -47.47 -37.73 -26.23
N ARG L 251 -46.82 -36.57 -26.07
CA ARG L 251 -46.14 -36.27 -24.82
C ARG L 251 -47.20 -35.78 -23.84
N LYS L 252 -48.46 -36.11 -24.13
CA LYS L 252 -49.56 -35.65 -23.29
C LYS L 252 -50.53 -36.79 -22.95
N ASN L 253 -51.13 -37.36 -23.98
CA ASN L 253 -52.12 -38.42 -23.81
C ASN L 253 -51.60 -39.85 -23.71
N ILE L 254 -50.34 -40.06 -24.05
CA ILE L 254 -49.80 -41.42 -24.02
C ILE L 254 -48.76 -41.61 -22.94
N HIS L 255 -48.88 -42.70 -22.18
CA HIS L 255 -47.94 -43.03 -21.13
C HIS L 255 -47.71 -44.53 -21.08
N PRO L 256 -47.07 -45.07 -22.13
CA PRO L 256 -46.78 -46.50 -22.28
C PRO L 256 -46.41 -47.28 -21.03
N VAL L 257 -47.07 -48.44 -20.90
CA VAL L 257 -46.81 -49.34 -19.80
C VAL L 257 -46.10 -50.50 -20.43
N ILE L 258 -45.19 -51.10 -19.69
CA ILE L 258 -44.39 -52.18 -20.20
C ILE L 258 -45.09 -53.53 -20.28
N SER L 259 -45.19 -54.09 -21.48
CA SER L 259 -45.81 -55.40 -21.66
C SER L 259 -44.85 -56.47 -21.21
N GLU L 260 -45.37 -57.47 -20.49
CA GLU L 260 -44.52 -58.57 -20.05
C GLU L 260 -43.82 -59.02 -21.31
N GLU L 261 -44.52 -58.83 -22.42
CA GLU L 261 -44.02 -59.19 -23.75
C GLU L 261 -42.62 -58.63 -23.92
N ALA L 262 -42.55 -57.30 -23.85
CA ALA L 262 -41.29 -56.58 -24.02
C ALA L 262 -40.32 -56.81 -22.88
N MET L 263 -40.81 -56.61 -21.67
CA MET L 263 -40.02 -56.79 -20.47
C MET L 263 -38.96 -57.87 -20.65
N GLU L 264 -39.40 -59.06 -21.02
CA GLU L 264 -38.52 -60.18 -21.23
C GLU L 264 -37.42 -59.87 -22.23
N GLU L 265 -37.74 -59.07 -23.24
CA GLU L 265 -36.78 -58.72 -24.27
C GLU L 265 -35.69 -57.76 -23.79
N ILE L 266 -36.09 -56.76 -23.02
CA ILE L 266 -35.12 -55.79 -22.55
C ILE L 266 -34.21 -56.34 -21.45
N GLU L 267 -34.74 -57.20 -20.59
CA GLU L 267 -33.91 -57.76 -19.53
C GLU L 267 -32.96 -58.78 -20.15
N LYS L 268 -33.51 -59.65 -21.00
CA LYS L 268 -32.75 -60.68 -21.71
C LYS L 268 -31.53 -60.05 -22.35
N TYR L 269 -31.66 -58.76 -22.64
CA TYR L 269 -30.61 -58.01 -23.28
C TYR L 269 -29.69 -57.30 -22.28
N TYR L 270 -30.28 -56.58 -21.34
CA TYR L 270 -29.49 -55.86 -20.36
C TYR L 270 -28.43 -56.82 -19.83
N VAL L 271 -28.86 -58.02 -19.48
CA VAL L 271 -27.93 -59.03 -18.98
C VAL L 271 -26.84 -59.31 -20.02
N ARG L 272 -27.25 -59.40 -21.30
CA ARG L 272 -26.34 -59.64 -22.42
C ARG L 272 -25.32 -58.51 -22.38
N MET L 273 -25.88 -57.30 -22.40
CA MET L 273 -25.09 -56.09 -22.36
C MET L 273 -24.09 -56.11 -21.22
N ARG L 274 -24.51 -56.64 -20.08
CA ARG L 274 -23.65 -56.70 -18.93
C ARG L 274 -22.34 -57.44 -19.25
N LYS L 275 -22.43 -58.61 -19.89
CA LYS L 275 -21.25 -59.39 -20.23
C LYS L 275 -20.28 -58.56 -21.08
N SER L 276 -19.24 -58.03 -20.44
CA SER L 276 -18.20 -57.21 -21.11
C SER L 276 -17.20 -56.70 -20.06
N PRO L 291 -18.40 -49.52 -20.79
CA PRO L 291 -18.30 -49.25 -19.34
C PRO L 291 -19.64 -49.27 -18.56
N ILE L 292 -20.45 -50.31 -18.84
CA ILE L 292 -21.82 -50.61 -18.32
C ILE L 292 -22.15 -50.69 -16.84
N THR L 293 -23.33 -50.17 -16.49
CA THR L 293 -23.84 -50.17 -15.12
C THR L 293 -25.27 -50.63 -15.22
N ALA L 294 -26.05 -50.28 -14.19
CA ALA L 294 -27.45 -50.64 -14.14
C ALA L 294 -28.24 -49.45 -14.71
N ARG L 295 -27.55 -48.35 -15.00
CA ARG L 295 -28.18 -47.17 -15.54
C ARG L 295 -28.56 -47.45 -16.98
N GLN L 296 -27.68 -48.15 -17.67
CA GLN L 296 -27.90 -48.51 -19.06
C GLN L 296 -29.28 -49.12 -19.22
N LEU L 297 -29.71 -49.88 -18.21
CA LEU L 297 -31.02 -50.52 -18.21
C LEU L 297 -32.12 -49.47 -18.16
N GLU L 298 -31.96 -48.48 -17.28
CA GLU L 298 -32.94 -47.41 -17.12
C GLU L 298 -33.19 -46.69 -18.42
N ALA L 299 -32.11 -46.21 -19.04
CA ALA L 299 -32.19 -45.47 -20.30
C ALA L 299 -32.77 -46.33 -21.41
N LEU L 300 -32.40 -47.59 -21.44
CA LEU L 300 -32.93 -48.48 -22.45
C LEU L 300 -34.44 -48.48 -22.30
N ILE L 301 -34.91 -48.49 -21.06
CA ILE L 301 -36.33 -48.47 -20.75
C ILE L 301 -36.96 -47.21 -21.31
N ARG L 302 -36.30 -46.08 -21.14
CA ARG L 302 -36.83 -44.83 -21.65
C ARG L 302 -37.02 -44.85 -23.17
N LEU L 303 -36.04 -45.36 -23.91
CA LEU L 303 -36.14 -45.42 -25.36
C LEU L 303 -37.37 -46.19 -25.77
N SER L 304 -37.42 -47.47 -25.38
CA SER L 304 -38.55 -48.33 -25.71
C SER L 304 -39.91 -47.75 -25.30
N GLU L 305 -39.94 -46.99 -24.22
CA GLU L 305 -41.18 -46.37 -23.79
C GLU L 305 -41.51 -45.30 -24.85
N ALA L 306 -40.54 -44.44 -25.16
CA ALA L 306 -40.74 -43.38 -26.14
C ALA L 306 -41.04 -43.92 -27.53
N HIS L 307 -40.42 -45.03 -27.90
CA HIS L 307 -40.67 -45.60 -29.22
C HIS L 307 -42.13 -45.98 -29.36
N ALA L 308 -42.79 -46.27 -28.24
CA ALA L 308 -44.20 -46.62 -28.28
C ALA L 308 -44.94 -45.31 -28.43
N ARG L 309 -44.76 -44.44 -27.45
CA ARG L 309 -45.38 -43.12 -27.45
C ARG L 309 -45.30 -42.47 -28.82
N MET L 310 -44.18 -42.73 -29.49
CA MET L 310 -43.92 -42.20 -30.82
C MET L 310 -45.03 -42.58 -31.80
N ARG L 311 -45.65 -43.71 -31.53
CA ARG L 311 -46.73 -44.23 -32.35
C ARG L 311 -48.02 -44.29 -31.54
N LEU L 312 -47.92 -43.92 -30.26
CA LEU L 312 -49.06 -43.94 -29.35
C LEU L 312 -49.45 -45.40 -29.15
N SER L 313 -49.25 -45.98 -27.97
CA SER L 313 -49.59 -47.40 -27.82
C SER L 313 -50.72 -47.79 -26.86
N PRO L 314 -50.57 -47.60 -25.55
CA PRO L 314 -49.52 -47.07 -24.69
C PRO L 314 -48.94 -48.32 -24.03
N ILE L 315 -48.55 -49.26 -24.88
CA ILE L 315 -48.01 -50.51 -24.40
C ILE L 315 -46.75 -50.89 -25.12
N VAL L 316 -45.63 -50.78 -24.41
CA VAL L 316 -44.33 -51.10 -24.95
C VAL L 316 -44.30 -52.56 -25.36
N THR L 317 -44.79 -52.84 -26.57
CA THR L 317 -44.85 -54.20 -27.12
C THR L 317 -43.46 -54.78 -27.37
N ARG L 318 -43.39 -56.08 -27.67
CA ARG L 318 -42.12 -56.73 -27.92
C ARG L 318 -41.35 -55.98 -28.99
N GLU L 319 -42.06 -55.43 -29.97
CA GLU L 319 -41.41 -54.70 -31.06
C GLU L 319 -40.72 -53.44 -30.57
N ASP L 320 -41.47 -52.62 -29.85
CA ASP L 320 -40.91 -51.40 -29.31
C ASP L 320 -39.61 -51.75 -28.61
N ALA L 321 -39.72 -52.52 -27.53
CA ALA L 321 -38.54 -52.93 -26.76
C ALA L 321 -37.45 -53.48 -27.67
N ARG L 322 -37.87 -54.20 -28.70
CA ARG L 322 -36.94 -54.77 -29.66
C ARG L 322 -36.15 -53.62 -30.30
N GLU L 323 -36.88 -52.73 -30.96
CA GLU L 323 -36.30 -51.57 -31.63
C GLU L 323 -35.32 -50.82 -30.76
N ALA L 324 -35.76 -50.55 -29.53
CA ALA L 324 -34.94 -49.83 -28.58
C ALA L 324 -33.57 -50.46 -28.50
N ILE L 325 -33.50 -51.75 -28.19
CA ILE L 325 -32.20 -52.37 -28.10
C ILE L 325 -31.45 -52.29 -29.41
N LYS L 326 -32.16 -52.30 -30.54
CA LYS L 326 -31.49 -52.23 -31.83
C LYS L 326 -30.69 -50.94 -31.87
N LEU L 327 -31.39 -49.82 -31.74
CA LEU L 327 -30.74 -48.54 -31.76
C LEU L 327 -29.58 -48.53 -30.77
N MET L 328 -29.80 -49.07 -29.58
CA MET L 328 -28.74 -49.08 -28.58
C MET L 328 -27.53 -49.94 -28.92
N GLU L 329 -27.74 -51.14 -29.47
CA GLU L 329 -26.58 -51.96 -29.82
C GLU L 329 -25.88 -51.31 -31.00
N TYR L 330 -26.54 -50.32 -31.61
CA TYR L 330 -25.92 -49.61 -32.71
C TYR L 330 -25.00 -48.55 -32.14
N THR L 331 -25.57 -47.64 -31.35
CA THR L 331 -24.79 -46.55 -30.73
C THR L 331 -23.51 -47.19 -30.22
N LEU L 332 -23.66 -48.41 -29.71
CA LEU L 332 -22.58 -49.20 -29.16
C LEU L 332 -21.56 -49.65 -30.17
N LYS L 333 -22.03 -50.28 -31.24
CA LYS L 333 -21.11 -50.74 -32.27
C LYS L 333 -20.24 -49.58 -32.71
N GLN L 334 -20.86 -48.44 -32.99
CA GLN L 334 -20.14 -47.24 -33.42
C GLN L 334 -18.97 -46.86 -32.52
N ILE L 335 -19.00 -47.28 -31.27
CA ILE L 335 -17.93 -46.93 -30.35
C ILE L 335 -16.64 -47.65 -30.64
N ALA L 336 -16.74 -48.82 -31.26
CA ALA L 336 -15.54 -49.59 -31.61
C ALA L 336 -14.81 -48.87 -32.76
N MET L 337 -15.56 -48.02 -33.46
CA MET L 337 -15.06 -47.22 -34.58
C MET L 337 -14.46 -47.98 -35.75
N PRO M 2 -52.82 -43.92 21.11
CA PRO M 2 -52.87 -45.08 22.03
C PRO M 2 -53.61 -46.22 21.36
N GLU M 3 -54.39 -45.87 20.34
CA GLU M 3 -55.14 -46.85 19.56
C GLU M 3 -54.09 -47.48 18.67
N GLU M 4 -52.99 -46.75 18.53
CA GLU M 4 -51.85 -47.14 17.73
C GLU M 4 -50.99 -48.11 18.56
N GLU M 5 -50.64 -47.68 19.77
CA GLU M 5 -49.85 -48.48 20.67
C GLU M 5 -50.41 -49.90 20.69
N GLN M 6 -51.72 -50.01 20.54
CA GLN M 6 -52.40 -51.30 20.53
C GLN M 6 -51.88 -52.14 19.37
N ILE M 7 -51.86 -51.54 18.19
CA ILE M 7 -51.40 -52.23 16.99
C ILE M 7 -49.95 -52.68 17.16
N ILE M 8 -49.08 -51.72 17.44
CA ILE M 8 -47.65 -51.97 17.63
C ILE M 8 -47.36 -53.25 18.43
N LYS M 9 -47.85 -53.29 19.66
CA LYS M 9 -47.66 -54.45 20.51
C LYS M 9 -47.99 -55.72 19.71
N GLU M 10 -49.08 -55.67 18.95
CA GLU M 10 -49.53 -56.79 18.15
C GLU M 10 -48.50 -57.19 17.11
N LEU M 11 -47.93 -56.20 16.46
CA LEU M 11 -46.91 -56.45 15.44
C LEU M 11 -45.77 -57.21 16.09
N ALA M 12 -45.24 -56.66 17.18
CA ALA M 12 -44.14 -57.28 17.91
C ALA M 12 -44.49 -58.73 18.23
N LYS M 13 -45.75 -58.97 18.60
CA LYS M 13 -46.22 -60.31 18.91
C LYS M 13 -45.86 -61.25 17.76
N ARG M 14 -45.98 -60.73 16.54
CA ARG M 14 -45.69 -61.49 15.34
C ARG M 14 -44.42 -62.30 15.49
N LYS M 15 -44.38 -63.47 14.86
CA LYS M 15 -43.23 -64.34 14.95
C LYS M 15 -42.04 -63.84 14.16
N ASP M 16 -42.30 -63.36 12.95
CA ASP M 16 -41.27 -62.90 12.05
C ASP M 16 -40.95 -61.42 12.05
N ILE M 17 -41.56 -60.66 12.94
CA ILE M 17 -41.34 -59.21 12.99
C ILE M 17 -39.95 -58.74 12.57
N VAL M 18 -38.92 -59.35 13.13
CA VAL M 18 -37.54 -59.00 12.81
C VAL M 18 -37.38 -58.87 11.30
N ASP M 19 -37.79 -59.92 10.61
CA ASP M 19 -37.71 -60.01 9.16
C ASP M 19 -38.64 -59.03 8.48
N ALA M 20 -39.87 -58.94 8.97
CA ALA M 20 -40.84 -58.03 8.38
C ALA M 20 -40.30 -56.61 8.39
N ILE M 21 -39.69 -56.22 9.51
CA ILE M 21 -39.15 -54.87 9.66
C ILE M 21 -38.10 -54.49 8.61
N VAL M 22 -37.33 -55.45 8.14
CA VAL M 22 -36.31 -55.14 7.15
C VAL M 22 -36.96 -55.09 5.77
N ASP M 23 -37.86 -56.02 5.51
CA ASP M 23 -38.54 -56.07 4.22
C ASP M 23 -39.44 -54.86 4.04
N SER M 24 -39.31 -53.91 4.95
CA SER M 24 -40.11 -52.71 4.85
C SER M 24 -39.22 -51.50 4.76
N ILE M 25 -37.91 -51.69 4.98
CA ILE M 25 -36.97 -50.59 4.89
C ILE M 25 -37.01 -50.07 3.48
N ALA M 26 -36.65 -50.91 2.52
CA ALA M 26 -36.72 -50.50 1.14
C ALA M 26 -37.15 -51.73 0.37
N PRO M 27 -38.42 -51.79 0.02
CA PRO M 27 -39.03 -52.89 -0.72
C PRO M 27 -38.56 -52.82 -2.17
N ALA M 28 -38.30 -51.58 -2.60
CA ALA M 28 -37.85 -51.30 -3.94
C ALA M 28 -36.57 -52.03 -4.21
N ILE M 29 -35.47 -51.45 -3.76
CA ILE M 29 -34.18 -52.06 -3.96
C ILE M 29 -34.34 -53.54 -3.62
N TYR M 30 -33.72 -54.36 -4.43
CA TYR M 30 -33.78 -55.80 -4.29
C TYR M 30 -32.54 -56.32 -3.57
N GLY M 31 -32.75 -57.14 -2.55
CA GLY M 31 -31.62 -57.73 -1.85
C GLY M 31 -31.03 -56.90 -0.73
N TYR M 32 -29.73 -57.06 -0.50
CA TYR M 32 -29.06 -56.31 0.56
C TYR M 32 -29.73 -56.52 1.90
N LYS M 33 -30.06 -57.76 2.19
CA LYS M 33 -30.70 -58.10 3.44
C LYS M 33 -29.98 -57.42 4.63
N GLU M 34 -28.66 -57.54 4.68
CA GLU M 34 -27.85 -56.99 5.77
C GLU M 34 -27.74 -55.47 5.78
N VAL M 35 -27.56 -54.89 4.62
CA VAL M 35 -27.47 -53.45 4.55
C VAL M 35 -28.83 -52.89 4.97
N LYS M 36 -29.85 -53.73 4.93
CA LYS M 36 -31.22 -53.35 5.31
C LYS M 36 -31.39 -53.56 6.81
N LYS M 37 -31.02 -54.75 7.25
CA LYS M 37 -31.08 -55.14 8.66
C LYS M 37 -30.07 -54.33 9.45
N GLY M 38 -29.13 -53.71 8.73
CA GLY M 38 -28.14 -52.88 9.37
C GLY M 38 -28.87 -51.59 9.62
N ILE M 39 -29.21 -50.88 8.55
CA ILE M 39 -29.94 -49.63 8.67
C ILE M 39 -31.09 -49.81 9.65
N ALA M 40 -31.72 -50.97 9.63
CA ALA M 40 -32.83 -51.24 10.53
C ALA M 40 -32.41 -50.96 11.96
N LEU M 41 -31.37 -51.63 12.41
CA LEU M 41 -30.88 -51.43 13.76
C LEU M 41 -30.57 -49.96 13.94
N ALA M 42 -29.79 -49.41 13.02
CA ALA M 42 -29.41 -48.00 13.09
C ALA M 42 -30.59 -47.08 13.39
N LEU M 43 -31.77 -47.41 12.86
CA LEU M 43 -32.97 -46.60 13.05
C LEU M 43 -33.57 -46.80 14.44
N PHE M 44 -33.23 -47.91 15.07
CA PHE M 44 -33.72 -48.22 16.42
C PHE M 44 -32.72 -47.83 17.49
N GLY M 45 -31.45 -47.70 17.10
CA GLY M 45 -30.40 -47.30 18.02
C GLY M 45 -30.15 -48.14 19.26
N GLY M 46 -28.98 -47.92 19.86
CA GLY M 46 -28.60 -48.63 21.05
C GLY M 46 -29.25 -48.00 22.26
N VAL M 47 -28.96 -48.55 23.44
CA VAL M 47 -29.54 -48.08 24.69
C VAL M 47 -29.45 -46.56 24.93
N SER M 48 -28.27 -45.98 24.81
CA SER M 48 -28.09 -44.54 25.04
C SER M 48 -28.82 -44.04 26.29
N ARG M 49 -28.17 -44.17 27.44
CA ARG M 49 -28.71 -43.76 28.75
C ARG M 49 -27.52 -43.41 29.63
N LYS M 50 -27.30 -42.12 29.88
CA LYS M 50 -26.18 -41.71 30.69
C LYS M 50 -26.32 -41.95 32.19
N LEU M 51 -25.18 -42.06 32.87
CA LEU M 51 -25.14 -42.23 34.31
C LEU M 51 -24.04 -41.27 34.79
N PRO M 52 -24.06 -40.86 36.08
CA PRO M 52 -23.07 -39.93 36.66
C PRO M 52 -21.70 -40.57 36.79
N ASP M 53 -21.70 -41.80 37.30
CA ASP M 53 -20.50 -42.58 37.51
C ASP M 53 -19.90 -42.98 36.17
N GLY M 54 -20.76 -43.38 35.24
CA GLY M 54 -20.32 -43.78 33.91
C GLY M 54 -20.57 -42.68 32.90
N THR M 55 -20.44 -41.44 33.35
CA THR M 55 -20.64 -40.24 32.53
C THR M 55 -21.57 -40.44 31.32
N ARG M 56 -21.32 -39.69 30.25
CA ARG M 56 -22.12 -39.75 29.02
C ARG M 56 -22.34 -41.19 28.55
N LEU M 57 -23.26 -41.40 27.62
CA LEU M 57 -23.54 -42.72 27.05
C LEU M 57 -24.37 -42.66 25.76
N ARG M 58 -23.67 -42.51 24.64
CA ARG M 58 -24.29 -42.46 23.31
C ARG M 58 -24.83 -43.86 22.99
N GLY M 59 -25.83 -43.90 22.13
CA GLY M 59 -26.40 -45.18 21.77
C GLY M 59 -26.65 -45.20 20.28
N ASP M 60 -26.67 -44.00 19.71
CA ASP M 60 -26.92 -43.85 18.29
C ASP M 60 -25.92 -44.68 17.48
N ILE M 61 -26.46 -45.35 16.48
CA ILE M 61 -25.66 -46.21 15.63
C ILE M 61 -25.42 -45.62 14.25
N HIS M 62 -24.18 -45.31 13.94
CA HIS M 62 -23.82 -44.74 12.64
C HIS M 62 -23.52 -45.82 11.62
N VAL M 63 -23.91 -45.60 10.38
CA VAL M 63 -23.72 -46.61 9.35
C VAL M 63 -23.15 -46.06 8.06
N LEU M 64 -22.04 -46.61 7.60
CA LEU M 64 -21.44 -46.15 6.37
C LEU M 64 -21.61 -47.14 5.22
N LEU M 65 -21.95 -46.62 4.04
CA LEU M 65 -22.17 -47.45 2.86
C LEU M 65 -21.19 -47.06 1.77
N VAL M 66 -20.07 -47.77 1.63
CA VAL M 66 -19.11 -47.42 0.58
C VAL M 66 -19.01 -48.45 -0.54
N GLY M 67 -19.21 -48.00 -1.78
CA GLY M 67 -19.12 -48.95 -2.87
C GLY M 67 -18.91 -48.38 -4.28
N ASP M 68 -18.76 -49.29 -5.24
CA ASP M 68 -18.59 -48.92 -6.63
C ASP M 68 -19.86 -48.17 -7.01
N PRO M 69 -19.84 -47.44 -8.12
CA PRO M 69 -21.07 -46.72 -8.48
C PRO M 69 -22.14 -47.65 -8.99
N GLY M 70 -23.38 -47.16 -8.99
CA GLY M 70 -24.51 -47.93 -9.49
C GLY M 70 -24.85 -49.16 -8.68
N VAL M 71 -24.79 -49.03 -7.35
CA VAL M 71 -25.08 -50.12 -6.44
C VAL M 71 -26.31 -49.86 -5.57
N ALA M 72 -26.98 -48.73 -5.76
CA ALA M 72 -28.19 -48.37 -5.01
C ALA M 72 -27.98 -47.53 -3.76
N LYS M 73 -26.75 -47.13 -3.48
CA LYS M 73 -26.48 -46.34 -2.29
C LYS M 73 -27.40 -45.13 -2.26
N SER M 74 -27.19 -44.21 -3.21
CA SER M 74 -28.00 -43.01 -3.30
C SER M 74 -29.47 -43.39 -3.13
N GLN M 75 -29.95 -44.31 -3.96
CA GLN M 75 -31.33 -44.78 -3.91
C GLN M 75 -31.75 -45.12 -2.48
N ILE M 76 -31.11 -46.12 -1.91
CA ILE M 76 -31.40 -46.57 -0.54
C ILE M 76 -31.56 -45.44 0.46
N LEU M 77 -30.52 -44.65 0.67
CA LEU M 77 -30.62 -43.56 1.63
C LEU M 77 -31.94 -42.85 1.44
N ARG M 78 -32.23 -42.51 0.19
CA ARG M 78 -33.45 -41.81 -0.15
C ARG M 78 -34.68 -42.51 0.44
N TYR M 79 -34.80 -43.82 0.24
CA TYR M 79 -35.94 -44.56 0.78
C TYR M 79 -36.00 -44.48 2.29
N VAL M 80 -34.84 -44.36 2.92
CA VAL M 80 -34.81 -44.28 4.35
C VAL M 80 -35.39 -42.96 4.78
N ALA M 81 -35.04 -41.89 4.08
CA ALA M 81 -35.57 -40.58 4.44
C ALA M 81 -37.10 -40.66 4.42
N ASN M 82 -37.63 -41.27 3.38
CA ASN M 82 -39.08 -41.41 3.23
C ASN M 82 -39.72 -42.33 4.29
N LEU M 83 -38.91 -42.88 5.18
CA LEU M 83 -39.42 -43.74 6.25
C LEU M 83 -39.10 -43.12 7.60
N ALA M 84 -37.81 -43.16 7.97
CA ALA M 84 -37.33 -42.62 9.23
C ALA M 84 -38.08 -41.38 9.68
N PRO M 85 -38.38 -41.28 10.98
CA PRO M 85 -39.09 -40.12 11.49
C PRO M 85 -38.39 -38.81 11.16
N ARG M 86 -37.45 -38.41 12.01
CA ARG M 86 -36.69 -37.17 11.82
C ARG M 86 -35.54 -37.33 10.82
N ALA M 87 -35.86 -37.77 9.61
CA ALA M 87 -34.83 -38.00 8.60
C ALA M 87 -34.45 -36.81 7.72
N ILE M 88 -33.15 -36.60 7.52
CA ILE M 88 -32.66 -35.52 6.68
C ILE M 88 -31.72 -36.09 5.62
N TYR M 89 -32.17 -36.12 4.37
CA TYR M 89 -31.32 -36.60 3.30
C TYR M 89 -30.59 -35.36 2.79
N THR M 90 -29.35 -35.53 2.37
CA THR M 90 -28.59 -34.40 1.89
C THR M 90 -27.34 -34.91 1.19
N SER M 91 -27.35 -34.91 -0.14
CA SER M 91 -26.20 -35.41 -0.91
C SER M 91 -25.23 -34.29 -1.28
N UNK M 92 -23.94 -34.52 -1.06
CA UNK M 92 -22.92 -33.53 -1.39
C UNK M 92 -23.05 -33.13 -2.87
N UNK M 93 -23.92 -32.16 -3.12
CA UNK M 93 -24.20 -31.66 -4.45
C UNK M 93 -25.32 -30.59 -4.39
N UNK M 94 -25.05 -29.43 -4.98
CA UNK M 94 -25.99 -28.29 -5.02
C UNK M 94 -26.23 -27.67 -3.65
N UNK M 95 -27.42 -27.10 -3.43
CA UNK M 95 -27.76 -26.48 -2.16
C UNK M 95 -29.14 -26.91 -1.65
N UNK M 96 -29.34 -26.78 -0.33
CA UNK M 96 -30.59 -27.19 0.33
C UNK M 96 -30.94 -28.65 -0.03
N UNK M 97 -31.71 -29.31 0.83
CA UNK M 97 -32.09 -30.71 0.60
C UNK M 97 -33.57 -30.98 0.90
N UNK M 98 -34.08 -32.13 0.43
CA UNK M 98 -35.48 -32.52 0.62
C UNK M 98 -35.72 -33.33 1.89
N UNK M 99 -35.85 -34.65 1.75
CA UNK M 99 -36.07 -35.54 2.89
C UNK M 99 -37.40 -35.32 3.59
N UNK M 100 -37.35 -34.56 4.69
CA UNK M 100 -38.49 -34.24 5.53
C UNK M 100 -39.88 -34.28 4.92
N UNK M 101 -40.85 -34.59 5.77
CA UNK M 101 -42.24 -34.64 5.37
C UNK M 101 -42.90 -33.45 6.05
N UNK M 102 -42.05 -32.61 6.64
CA UNK M 102 -42.39 -31.37 7.34
C UNK M 102 -43.67 -31.28 8.18
N UNK M 103 -43.55 -30.54 9.28
CA UNK M 103 -44.65 -30.30 10.21
C UNK M 103 -44.22 -29.21 11.19
N UNK M 104 -44.16 -27.97 10.68
CA UNK M 104 -43.76 -26.82 11.48
C UNK M 104 -42.34 -26.99 12.00
N UNK M 105 -41.47 -27.56 11.16
CA UNK M 105 -40.07 -27.80 11.53
C UNK M 105 -39.92 -28.89 12.61
N UNK M 106 -38.69 -29.09 13.10
CA UNK M 106 -38.37 -30.13 14.09
C UNK M 106 -38.65 -29.79 15.57
N UNK M 107 -38.84 -30.84 16.38
CA UNK M 107 -39.14 -30.69 17.80
C UNK M 107 -38.08 -29.96 18.65
N UNK M 108 -36.80 -30.15 18.38
CA UNK M 108 -35.78 -29.45 19.18
C UNK M 108 -34.72 -28.69 18.37
N UNK M 109 -33.62 -28.35 19.06
CA UNK M 109 -32.53 -27.54 18.50
C UNK M 109 -31.75 -27.83 17.21
N UNK M 110 -30.85 -26.88 16.93
CA UNK M 110 -29.93 -26.84 15.79
C UNK M 110 -30.42 -26.96 14.32
N UNK M 111 -29.44 -26.84 13.42
CA UNK M 111 -29.66 -26.89 11.97
C UNK M 111 -28.33 -26.45 11.31
N UNK M 112 -28.22 -26.47 9.98
CA UNK M 112 -26.97 -26.02 9.34
C UNK M 112 -26.77 -26.05 7.79
N UNK M 113 -25.54 -26.34 7.33
CA UNK M 113 -25.12 -26.39 5.91
C UNK M 113 -25.47 -27.64 5.07
N UNK M 114 -25.11 -28.81 5.59
CA UNK M 114 -25.45 -30.07 4.92
C UNK M 114 -26.94 -30.16 5.23
N UNK M 115 -27.25 -29.86 6.50
CA UNK M 115 -28.59 -29.84 7.10
C UNK M 115 -28.78 -30.96 8.12
N UNK M 116 -28.42 -30.69 9.36
CA UNK M 116 -28.56 -31.67 10.42
C UNK M 116 -29.31 -31.01 11.59
N UNK M 117 -30.17 -31.79 12.26
CA UNK M 117 -30.98 -31.29 13.39
C UNK M 117 -30.44 -31.62 14.78
N UNK M 118 -29.59 -30.73 15.30
CA UNK M 118 -28.93 -30.85 16.61
C UNK M 118 -29.59 -30.01 17.71
N GLY M 125 -32.94 -34.36 17.69
CA GLY M 125 -32.00 -35.38 17.25
C GLY M 125 -32.24 -35.60 15.77
N GLY M 126 -32.60 -36.84 15.42
CA GLY M 126 -32.89 -37.18 14.03
C GLY M 126 -31.76 -37.75 13.18
N TYR M 127 -32.08 -38.76 12.39
CA TYR M 127 -31.09 -39.40 11.52
C TYR M 127 -30.79 -38.56 10.29
N ALA M 128 -29.51 -38.27 10.06
CA ALA M 128 -29.12 -37.48 8.90
C ALA M 128 -28.50 -38.41 7.89
N LEU M 129 -29.27 -38.67 6.84
CA LEU M 129 -28.85 -39.53 5.76
C LEU M 129 -27.96 -38.72 4.84
N ILE M 130 -26.66 -38.95 4.92
CA ILE M 130 -25.69 -38.22 4.13
C ILE M 130 -25.11 -38.95 2.94
N ASP M 131 -25.71 -38.79 1.77
CA ASP M 131 -25.18 -39.47 0.60
C ASP M 131 -23.96 -38.72 0.09
N GLU M 132 -23.02 -39.45 -0.49
CA GLU M 132 -21.80 -38.87 -1.06
C GLU M 132 -20.91 -38.18 -0.04
N LEU M 133 -20.73 -38.81 1.11
CA LEU M 133 -19.91 -38.27 2.19
C LEU M 133 -18.45 -38.03 1.80
N ASP M 134 -18.04 -38.58 0.66
CA ASP M 134 -16.67 -38.41 0.20
C ASP M 134 -16.49 -37.13 -0.63
N LYS M 135 -17.61 -36.47 -0.93
CA LYS M 135 -17.60 -35.23 -1.70
C LYS M 135 -18.12 -34.06 -0.85
N MET M 136 -17.84 -34.11 0.45
CA MET M 136 -18.26 -33.03 1.34
C MET M 136 -17.13 -32.01 1.31
N SER M 137 -17.46 -30.74 1.22
CA SER M 137 -16.41 -29.73 1.23
C SER M 137 -15.76 -29.92 2.60
N ASP M 138 -14.43 -30.00 2.64
CA ASP M 138 -13.72 -30.19 3.91
C ASP M 138 -14.37 -29.54 5.13
N ARG M 139 -15.18 -28.50 4.91
CA ARG M 139 -15.89 -27.82 6.00
C ARG M 139 -17.03 -28.73 6.45
N ASP M 140 -17.99 -28.93 5.56
CA ASP M 140 -19.14 -29.78 5.86
C ASP M 140 -18.69 -31.14 6.42
N ARG M 141 -17.51 -31.60 6.04
CA ARG M 141 -17.00 -32.86 6.57
C ARG M 141 -16.70 -32.61 8.05
N SER M 142 -15.68 -31.80 8.27
CA SER M 142 -15.23 -31.43 9.60
C SER M 142 -16.32 -31.54 10.65
N VAL M 143 -17.40 -30.81 10.42
CA VAL M 143 -18.50 -30.81 11.36
C VAL M 143 -18.94 -32.21 11.76
N ILE M 144 -19.32 -33.01 10.78
CA ILE M 144 -19.74 -34.38 11.02
C ILE M 144 -18.66 -35.09 11.80
N HIS M 145 -17.44 -35.01 11.29
CA HIS M 145 -16.29 -35.61 11.92
C HIS M 145 -16.37 -35.32 13.41
N GLU M 146 -16.57 -34.05 13.76
CA GLU M 146 -16.69 -33.68 15.17
C GLU M 146 -17.93 -34.32 15.75
N ALA M 147 -19.04 -34.14 15.05
CA ALA M 147 -20.33 -34.66 15.49
C ALA M 147 -20.30 -36.17 15.78
N LEU M 148 -19.57 -36.92 14.97
CA LEU M 148 -19.47 -38.36 15.16
C LEU M 148 -18.49 -38.67 16.25
N GLU M 149 -17.40 -37.91 16.26
CA GLU M 149 -16.34 -38.06 17.23
C GLU M 149 -16.75 -37.53 18.61
N GLN M 150 -16.81 -36.22 18.75
CA GLN M 150 -17.20 -35.57 20.01
C GLN M 150 -18.59 -35.95 20.48
N GLN M 151 -19.57 -35.72 19.61
CA GLN M 151 -20.98 -35.96 19.91
C GLN M 151 -21.47 -34.56 20.27
N THR M 152 -20.68 -33.56 19.87
CA THR M 152 -20.98 -32.14 20.13
C THR M 152 -20.28 -31.21 19.15
N ILE M 153 -21.06 -30.44 18.40
CA ILE M 153 -20.46 -29.51 17.45
C ILE M 153 -20.16 -28.18 18.16
N SER M 154 -19.58 -27.23 17.43
CA SER M 154 -19.27 -25.93 18.02
C SER M 154 -18.81 -24.86 17.02
N ILE M 155 -19.41 -23.68 17.15
CA ILE M 155 -19.09 -22.53 16.29
C ILE M 155 -18.87 -21.33 17.20
N SER M 156 -17.65 -20.84 17.26
CA SER M 156 -17.36 -19.67 18.07
C SER M 156 -16.86 -18.55 17.17
N LYS M 157 -17.49 -18.44 15.99
CA LYS M 157 -17.11 -17.42 15.02
C LYS M 157 -17.67 -16.04 15.42
N ALA M 158 -16.79 -15.26 16.05
CA ALA M 158 -17.04 -13.90 16.56
C ALA M 158 -16.66 -13.91 18.04
N GLY M 159 -17.15 -12.94 18.80
CA GLY M 159 -16.85 -12.91 20.22
C GLY M 159 -17.60 -14.05 20.88
N ILE M 160 -18.77 -14.36 20.35
CA ILE M 160 -19.61 -15.43 20.90
C ILE M 160 -19.06 -16.82 20.66
N THR M 161 -19.49 -17.75 21.51
CA THR M 161 -19.06 -19.14 21.45
C THR M 161 -20.29 -20.03 21.46
N ALA M 162 -20.49 -20.80 20.39
CA ALA M 162 -21.66 -21.65 20.28
C ALA M 162 -21.38 -23.14 20.31
N THR M 163 -21.76 -23.80 21.39
CA THR M 163 -21.55 -25.24 21.44
C THR M 163 -22.89 -25.93 21.23
N LEU M 164 -23.03 -26.50 20.03
CA LEU M 164 -24.24 -27.20 19.64
C LEU M 164 -24.14 -28.65 20.09
N ASN M 165 -25.17 -29.16 20.75
CA ASN M 165 -25.17 -30.54 21.18
C ASN M 165 -25.57 -31.44 20.04
N ALA M 166 -24.67 -32.33 19.64
CA ALA M 166 -24.89 -33.27 18.55
C ALA M 166 -25.45 -34.55 19.10
N ARG M 167 -26.66 -34.89 18.67
CA ARG M 167 -27.30 -36.10 19.12
C ARG M 167 -28.18 -36.67 18.01
N THR M 168 -27.55 -37.05 16.91
CA THR M 168 -28.26 -37.61 15.77
C THR M 168 -27.54 -38.84 15.24
N THR M 169 -28.25 -39.60 14.41
CA THR M 169 -27.69 -40.81 13.81
C THR M 169 -27.23 -40.48 12.40
N VAL M 170 -26.16 -41.12 11.95
CA VAL M 170 -25.67 -40.85 10.61
C VAL M 170 -25.61 -42.08 9.76
N ILE M 171 -26.50 -42.15 8.78
CA ILE M 171 -26.49 -43.28 7.86
C ILE M 171 -25.98 -42.69 6.56
N ALA M 172 -24.70 -42.88 6.29
CA ALA M 172 -24.08 -42.31 5.10
C ALA M 172 -23.55 -43.28 4.07
N ALA M 173 -23.38 -42.74 2.87
CA ALA M 173 -22.87 -43.47 1.72
C ALA M 173 -21.58 -42.82 1.30
N ALA M 174 -20.84 -43.47 0.40
CA ALA M 174 -19.58 -42.92 -0.06
C ALA M 174 -18.95 -43.78 -1.17
N ASN M 175 -18.22 -43.13 -2.07
CA ASN M 175 -17.55 -43.84 -3.17
C ASN M 175 -16.05 -43.85 -2.86
N PRO M 176 -15.31 -44.71 -3.56
CA PRO M 176 -13.86 -44.83 -3.36
C PRO M 176 -13.16 -43.62 -3.98
N LYS M 177 -11.95 -43.31 -3.53
CA LYS M 177 -11.23 -42.17 -4.08
C LYS M 177 -11.09 -42.35 -5.60
N GLN M 178 -11.14 -43.61 -6.04
CA GLN M 178 -11.00 -43.94 -7.45
C GLN M 178 -12.32 -44.06 -8.21
N GLY M 179 -13.40 -44.35 -7.49
CA GLY M 179 -14.70 -44.52 -8.11
C GLY M 179 -15.14 -45.94 -7.87
N ARG M 180 -14.29 -46.88 -8.30
CA ARG M 180 -14.52 -48.31 -8.14
C ARG M 180 -13.26 -48.79 -7.42
N PHE M 181 -13.28 -49.98 -6.83
CA PHE M 181 -12.05 -50.43 -6.18
C PHE M 181 -11.68 -51.89 -6.30
N ASN M 182 -12.43 -52.63 -7.12
CA ASN M 182 -12.21 -54.07 -7.35
C ASN M 182 -10.81 -54.59 -7.10
N ARG M 183 -9.81 -53.72 -7.23
CA ARG M 183 -8.44 -54.15 -6.99
C ARG M 183 -8.33 -54.90 -5.67
N MET M 184 -7.14 -55.41 -5.43
CA MET M 184 -6.85 -56.16 -4.22
C MET M 184 -6.73 -55.26 -3.01
N LYS M 185 -5.98 -54.18 -3.14
CA LYS M 185 -5.78 -53.21 -2.05
C LYS M 185 -7.00 -53.09 -1.13
N ASN M 186 -6.76 -52.81 0.15
CA ASN M 186 -7.85 -52.70 1.12
C ASN M 186 -8.81 -51.56 0.95
N PRO M 187 -10.10 -51.90 0.92
CA PRO M 187 -11.21 -50.96 0.76
C PRO M 187 -11.06 -49.72 1.62
N PHE M 188 -10.22 -49.84 2.64
CA PHE M 188 -10.04 -48.71 3.52
C PHE M 188 -9.01 -47.68 3.13
N GLU M 189 -8.23 -47.96 2.10
CA GLU M 189 -7.25 -47.00 1.64
C GLU M 189 -7.90 -46.28 0.47
N GLN M 190 -8.92 -46.93 -0.08
CA GLN M 190 -9.61 -46.41 -1.22
C GLN M 190 -10.69 -45.37 -0.92
N ILE M 191 -11.14 -45.29 0.33
CA ILE M 191 -12.16 -44.31 0.72
C ILE M 191 -11.47 -42.96 0.92
N ASP M 192 -12.16 -41.85 0.61
CA ASP M 192 -11.57 -40.52 0.76
C ASP M 192 -11.83 -39.86 2.12
N LEU M 193 -12.13 -40.67 3.13
CA LEU M 193 -12.41 -40.15 4.46
C LEU M 193 -11.29 -40.45 5.45
N PRO M 194 -11.02 -39.50 6.37
CA PRO M 194 -9.96 -39.71 7.35
C PRO M 194 -10.30 -40.88 8.22
N PRO M 195 -9.45 -41.90 8.22
CA PRO M 195 -9.68 -43.09 9.04
C PRO M 195 -10.26 -42.82 10.43
N THR M 196 -9.84 -41.74 11.06
CA THR M 196 -10.34 -41.43 12.40
C THR M 196 -11.79 -41.00 12.41
N LEU M 197 -12.41 -41.03 11.23
CA LEU M 197 -13.81 -40.67 11.08
C LEU M 197 -14.51 -41.99 10.87
N LEU M 198 -14.01 -42.74 9.91
CA LEU M 198 -14.56 -44.05 9.58
C LEU M 198 -14.69 -44.88 10.83
N SER M 199 -13.67 -44.84 11.67
CA SER M 199 -13.66 -45.59 12.92
C SER M 199 -14.88 -45.29 13.78
N ARG M 200 -15.62 -44.25 13.41
CA ARG M 200 -16.81 -43.85 14.16
C ARG M 200 -18.09 -44.58 13.80
N PHE M 201 -18.07 -45.27 12.67
CA PHE M 201 -19.23 -46.02 12.25
C PHE M 201 -19.25 -47.37 12.95
N ASP M 202 -20.45 -47.83 13.29
CA ASP M 202 -20.64 -49.10 13.97
C ASP M 202 -20.70 -50.22 12.94
N LEU M 203 -20.97 -49.88 11.69
CA LEU M 203 -21.02 -50.87 10.62
C LEU M 203 -20.70 -50.20 9.30
N ILE M 204 -19.77 -50.78 8.55
CA ILE M 204 -19.45 -50.25 7.21
C ILE M 204 -19.74 -51.33 6.10
N PHE M 205 -20.74 -51.07 5.28
CA PHE M 205 -21.04 -52.03 4.25
C PHE M 205 -20.29 -51.70 3.00
N VAL M 206 -19.38 -52.59 2.64
CA VAL M 206 -18.58 -52.42 1.44
C VAL M 206 -19.33 -53.07 0.28
N LEU M 207 -19.63 -52.28 -0.74
CA LEU M 207 -20.37 -52.82 -1.86
C LEU M 207 -19.65 -52.82 -3.19
N ILE M 208 -19.09 -53.97 -3.57
CA ILE M 208 -18.39 -54.12 -4.84
C ILE M 208 -19.47 -54.64 -5.75
N ASP M 209 -19.21 -54.71 -7.05
CA ASP M 209 -20.26 -55.26 -7.90
C ASP M 209 -19.78 -56.04 -9.12
N GLU M 210 -19.53 -57.32 -8.90
CA GLU M 210 -19.10 -58.19 -9.97
C GLU M 210 -20.29 -58.20 -10.90
N PRO M 211 -20.12 -58.69 -12.13
CA PRO M 211 -21.28 -58.71 -13.03
C PRO M 211 -22.26 -59.81 -12.65
N ASP M 212 -21.97 -61.05 -13.04
CA ASP M 212 -22.83 -62.19 -12.73
C ASP M 212 -24.23 -62.09 -13.36
N ASP M 213 -24.63 -63.11 -14.09
CA ASP M 213 -25.94 -63.15 -14.75
C ASP M 213 -27.11 -63.26 -13.78
N LYS M 214 -27.14 -64.37 -13.04
CA LYS M 214 -28.20 -64.63 -12.07
C LYS M 214 -28.67 -63.36 -11.39
N ILE M 215 -27.86 -62.87 -10.46
CA ILE M 215 -28.17 -61.68 -9.72
C ILE M 215 -28.68 -60.55 -10.63
N ASP M 216 -27.91 -60.16 -11.64
CA ASP M 216 -28.33 -59.10 -12.56
C ASP M 216 -29.74 -59.31 -13.09
N SER M 217 -29.98 -60.50 -13.64
CA SER M 217 -31.30 -60.83 -14.15
C SER M 217 -32.34 -60.46 -13.08
N GLU M 218 -32.10 -60.91 -11.85
CA GLU M 218 -32.98 -60.64 -10.73
C GLU M 218 -33.16 -59.15 -10.54
N VAL M 219 -32.05 -58.47 -10.29
CA VAL M 219 -32.08 -57.04 -10.06
C VAL M 219 -32.85 -56.29 -11.11
N ALA M 220 -32.53 -56.55 -12.37
CA ALA M 220 -33.23 -55.86 -13.44
C ALA M 220 -34.71 -56.22 -13.38
N ARG M 221 -35.02 -57.50 -13.58
CA ARG M 221 -36.41 -57.94 -13.55
C ARG M 221 -37.13 -57.21 -12.41
N HIS M 222 -36.45 -57.06 -11.28
CA HIS M 222 -37.05 -56.39 -10.14
C HIS M 222 -37.34 -54.92 -10.42
N ILE M 223 -36.34 -54.22 -10.94
CA ILE M 223 -36.52 -52.81 -11.24
C ILE M 223 -37.75 -52.64 -12.07
N LEU M 224 -37.73 -53.21 -13.28
CA LEU M 224 -38.89 -53.10 -14.16
C LEU M 224 -40.15 -53.29 -13.34
N ARG M 225 -40.28 -54.46 -12.70
CA ARG M 225 -41.46 -54.75 -11.90
C ARG M 225 -41.89 -53.48 -11.18
N VAL M 226 -41.23 -53.19 -10.06
CA VAL M 226 -41.56 -52.00 -9.28
C VAL M 226 -41.03 -50.77 -9.97
N ARG M 227 -41.51 -50.53 -11.18
CA ARG M 227 -41.07 -49.38 -11.97
C ARG M 227 -42.17 -49.08 -12.97
N ARG M 228 -43.14 -49.97 -13.06
CA ARG M 228 -44.22 -49.76 -13.99
C ARG M 228 -45.52 -49.39 -13.34
N GLY M 229 -46.23 -48.44 -13.96
CA GLY M 229 -47.49 -47.98 -13.42
C GLY M 229 -47.22 -47.23 -12.13
N GLU M 230 -48.22 -47.14 -11.27
CA GLU M 230 -48.05 -46.45 -9.99
C GLU M 230 -48.25 -47.45 -8.84
N SER M 231 -48.21 -48.75 -9.16
CA SER M 231 -48.38 -49.80 -8.16
C SER M 231 -47.81 -51.17 -8.57
N GLU M 232 -47.45 -51.97 -7.57
CA GLU M 232 -46.90 -53.32 -7.75
C GLU M 232 -46.98 -54.09 -6.43
N VAL M 233 -46.80 -55.40 -6.47
CA VAL M 233 -46.85 -56.22 -5.27
C VAL M 233 -45.52 -56.00 -4.54
N VAL M 234 -44.90 -54.87 -4.82
CA VAL M 234 -43.64 -54.52 -4.21
C VAL M 234 -43.73 -53.17 -3.50
N ALA M 235 -44.29 -53.27 -2.30
CA ALA M 235 -44.51 -52.20 -1.35
C ALA M 235 -44.29 -52.85 0.02
N PRO M 236 -44.04 -52.04 1.06
CA PRO M 236 -43.78 -52.51 2.43
C PRO M 236 -44.57 -53.69 2.93
N LYS M 237 -43.93 -54.51 3.76
CA LYS M 237 -44.54 -55.68 4.38
C LYS M 237 -45.24 -55.13 5.63
N ILE M 238 -44.99 -53.86 5.88
CA ILE M 238 -45.55 -53.13 7.01
C ILE M 238 -45.75 -51.71 6.54
N PRO M 239 -46.91 -51.13 6.82
CA PRO M 239 -47.17 -49.75 6.41
C PRO M 239 -46.12 -48.82 6.99
N HIS M 240 -45.60 -47.90 6.18
CA HIS M 240 -44.59 -46.98 6.67
C HIS M 240 -45.07 -46.04 7.77
N GLU M 241 -46.34 -45.67 7.78
CA GLU M 241 -46.83 -44.78 8.83
C GLU M 241 -46.84 -45.52 10.16
N ILE M 242 -47.20 -46.81 10.12
CA ILE M 242 -47.22 -47.66 11.33
C ILE M 242 -45.79 -47.86 11.80
N LEU M 243 -44.99 -48.40 10.90
CA LEU M 243 -43.59 -48.71 11.15
C LEU M 243 -42.76 -47.52 11.60
N ARG M 244 -43.24 -46.30 11.33
CA ARG M 244 -42.51 -45.10 11.72
C ARG M 244 -42.90 -44.74 13.15
N LYS M 245 -44.11 -45.16 13.53
CA LYS M 245 -44.60 -44.89 14.87
C LYS M 245 -43.93 -45.96 15.73
N TYR M 246 -43.94 -47.19 15.22
CA TYR M 246 -43.34 -48.33 15.91
C TYR M 246 -41.91 -48.00 16.33
N ILE M 247 -41.17 -47.33 15.45
CA ILE M 247 -39.80 -46.95 15.73
C ILE M 247 -39.81 -45.94 16.86
N ALA M 248 -40.29 -44.74 16.57
CA ALA M 248 -40.35 -43.67 17.55
C ALA M 248 -40.87 -44.18 18.90
N TYR M 249 -41.64 -45.25 18.87
CA TYR M 249 -42.17 -45.84 20.09
C TYR M 249 -41.11 -46.60 20.88
N ALA M 250 -40.46 -47.55 20.22
CA ALA M 250 -39.42 -48.34 20.85
C ALA M 250 -38.22 -47.48 21.28
N ARG M 251 -37.99 -46.36 20.58
CA ARG M 251 -36.89 -45.47 20.96
C ARG M 251 -37.38 -44.62 22.13
N LYS M 252 -38.43 -45.10 22.80
CA LYS M 252 -39.01 -44.36 23.91
C LYS M 252 -39.24 -45.24 25.15
N ASN M 253 -40.08 -46.26 24.98
CA ASN M 253 -40.44 -47.14 26.07
C ASN M 253 -39.53 -48.35 26.32
N ILE M 254 -38.63 -48.63 25.40
CA ILE M 254 -37.75 -49.79 25.56
C ILE M 254 -36.30 -49.40 25.77
N HIS M 255 -35.67 -50.02 26.76
CA HIS M 255 -34.27 -49.77 27.05
C HIS M 255 -33.60 -51.06 27.48
N PRO M 256 -33.45 -52.01 26.54
CA PRO M 256 -32.85 -53.32 26.76
C PRO M 256 -31.66 -53.41 27.70
N VAL M 257 -31.74 -54.38 28.59
CA VAL M 257 -30.68 -54.66 29.54
C VAL M 257 -30.09 -55.95 29.07
N ILE M 258 -28.79 -56.08 29.26
CA ILE M 258 -28.08 -57.24 28.79
C ILE M 258 -28.25 -58.51 29.63
N SER M 259 -28.77 -59.56 29.02
CA SER M 259 -28.95 -60.82 29.74
C SER M 259 -27.61 -61.52 29.86
N GLU M 260 -27.33 -62.09 31.03
CA GLU M 260 -26.08 -62.80 31.21
C GLU M 260 -26.03 -63.77 30.05
N GLU M 261 -27.23 -64.16 29.60
CA GLU M 261 -27.40 -65.07 28.50
C GLU M 261 -26.56 -64.60 27.32
N ALA M 262 -26.89 -63.40 26.86
CA ALA M 262 -26.21 -62.78 25.73
C ALA M 262 -24.77 -62.41 26.03
N MET M 263 -24.59 -61.68 27.13
CA MET M 263 -23.28 -61.24 27.56
C MET M 263 -22.18 -62.24 27.17
N GLU M 264 -22.36 -63.48 27.60
CA GLU M 264 -21.41 -64.53 27.31
C GLU M 264 -21.16 -64.67 25.80
N GLU M 265 -22.19 -64.46 25.01
CA GLU M 265 -22.09 -64.59 23.56
C GLU M 265 -21.27 -63.48 22.91
N ILE M 266 -21.50 -62.25 23.35
CA ILE M 266 -20.79 -61.12 22.76
C ILE M 266 -19.33 -61.06 23.19
N GLU M 267 -19.03 -61.44 24.43
CA GLU M 267 -17.65 -61.39 24.87
C GLU M 267 -16.89 -62.54 24.20
N LYS M 268 -17.49 -63.73 24.24
CA LYS M 268 -16.92 -64.94 23.63
C LYS M 268 -16.49 -64.63 22.21
N TYR M 269 -17.15 -63.64 21.64
CA TYR M 269 -16.89 -63.23 20.29
C TYR M 269 -15.86 -62.10 20.18
N TYR M 270 -16.07 -61.04 20.96
CA TYR M 270 -15.16 -59.93 20.93
C TYR M 270 -13.75 -60.47 21.00
N VAL M 271 -13.52 -61.39 21.94
CA VAL M 271 -12.21 -62.00 22.08
C VAL M 271 -11.79 -62.69 20.78
N ARG M 272 -12.75 -63.38 20.14
CA ARG M 272 -12.53 -64.09 18.87
C ARG M 272 -12.07 -63.03 17.89
N MET M 273 -12.89 -61.99 17.80
CA MET M 273 -12.64 -60.87 16.92
C MET M 273 -11.24 -60.30 17.14
N ARG M 274 -10.82 -60.26 18.40
CA ARG M 274 -9.51 -59.73 18.71
C ARG M 274 -8.41 -60.48 17.95
N LYS M 275 -8.45 -61.80 17.96
CA LYS M 275 -7.44 -62.61 17.26
C LYS M 275 -7.37 -62.24 15.78
N SER M 276 -6.38 -61.43 15.42
CA SER M 276 -6.16 -60.97 14.02
C SER M 276 -4.99 -59.99 13.98
N PRO M 291 -8.58 -54.06 11.68
CA PRO M 291 -7.83 -53.13 12.55
C PRO M 291 -8.50 -52.84 13.93
N ILE M 292 -8.95 -53.92 14.59
CA ILE M 292 -9.67 -54.00 15.89
C ILE M 292 -9.14 -53.39 17.19
N THR M 293 -10.07 -52.82 17.96
CA THR M 293 -9.76 -52.20 19.24
C THR M 293 -10.80 -52.70 20.21
N ALA M 294 -10.99 -51.95 21.28
CA ALA M 294 -11.97 -52.30 22.29
C ALA M 294 -13.26 -51.56 21.96
N ARG M 295 -13.20 -50.71 20.94
CA ARG M 295 -14.37 -49.94 20.52
C ARG M 295 -15.33 -50.88 19.83
N GLN M 296 -14.76 -51.78 19.05
CA GLN M 296 -15.54 -52.76 18.31
C GLN M 296 -16.54 -53.44 19.25
N LEU M 297 -16.12 -53.64 20.49
CA LEU M 297 -16.95 -54.27 21.52
C LEU M 297 -18.14 -53.37 21.85
N GLU M 298 -17.86 -52.07 22.04
CA GLU M 298 -18.89 -51.10 22.37
C GLU M 298 -19.99 -51.08 21.33
N ALA M 299 -19.61 -50.91 20.08
CA ALA M 299 -20.56 -50.85 18.96
C ALA M 299 -21.34 -52.16 18.83
N LEU M 300 -20.65 -53.27 19.02
CA LEU M 300 -21.31 -54.54 18.93
C LEU M 300 -22.43 -54.54 19.96
N ILE M 301 -22.15 -53.99 21.13
CA ILE M 301 -23.12 -53.89 22.20
C ILE M 301 -24.32 -53.07 21.74
N ARG M 302 -24.06 -51.95 21.07
CA ARG M 302 -25.14 -51.12 20.58
C ARG M 302 -26.08 -51.86 19.62
N LEU M 303 -25.52 -52.62 18.68
CA LEU M 303 -26.34 -53.36 17.73
C LEU M 303 -27.27 -54.28 18.46
N SER M 304 -26.72 -55.23 19.21
CA SER M 304 -27.53 -56.20 19.97
C SER M 304 -28.56 -55.55 20.87
N GLU M 305 -28.26 -54.37 21.40
CA GLU M 305 -29.23 -53.67 22.24
C GLU M 305 -30.38 -53.24 21.31
N ALA M 306 -30.04 -52.60 20.20
CA ALA M 306 -31.03 -52.13 19.25
C ALA M 306 -31.83 -53.27 18.63
N HIS M 307 -31.18 -54.40 18.38
CA HIS M 307 -31.88 -55.52 17.78
C HIS M 307 -33.00 -55.99 18.70
N ALA M 308 -32.84 -55.75 20.01
CA ALA M 308 -33.87 -56.14 20.96
C ALA M 308 -34.95 -55.09 20.84
N ARG M 309 -34.57 -53.85 21.12
CA ARG M 309 -35.49 -52.72 21.04
C ARG M 309 -36.34 -52.79 19.78
N MET M 310 -35.72 -53.29 18.71
CA MET M 310 -36.37 -53.43 17.42
C MET M 310 -37.63 -54.27 17.52
N ARG M 311 -37.64 -55.16 18.50
CA ARG M 311 -38.76 -56.06 18.74
C ARG M 311 -39.34 -55.78 20.12
N LEU M 312 -38.71 -54.86 20.85
CA LEU M 312 -39.14 -54.49 22.21
C LEU M 312 -38.88 -55.71 23.08
N SER M 313 -37.92 -55.65 24.01
CA SER M 313 -37.68 -56.84 24.82
C SER M 313 -37.94 -56.79 26.33
N PRO M 314 -37.20 -55.99 27.10
CA PRO M 314 -36.09 -55.08 26.89
C PRO M 314 -34.90 -55.84 27.45
N ILE M 315 -34.74 -57.06 26.95
CA ILE M 315 -33.66 -57.90 27.40
C ILE M 315 -32.91 -58.53 26.25
N VAL M 316 -31.69 -58.04 26.04
CA VAL M 316 -30.83 -58.52 24.98
C VAL M 316 -30.56 -60.01 25.18
N THR M 317 -31.49 -60.85 24.72
CA THR M 317 -31.39 -62.29 24.83
C THR M 317 -30.23 -62.87 24.01
N ARG M 318 -29.93 -64.15 24.23
CA ARG M 318 -28.84 -64.78 23.51
C ARG M 318 -29.02 -64.60 22.00
N GLU M 319 -30.26 -64.61 21.54
CA GLU M 319 -30.55 -64.44 20.12
C GLU M 319 -30.15 -63.08 19.61
N ASP M 320 -30.62 -62.04 20.28
CA ASP M 320 -30.29 -60.69 19.90
C ASP M 320 -28.77 -60.62 19.74
N ALA M 321 -28.06 -60.80 20.84
CA ALA M 321 -26.60 -60.74 20.82
C ALA M 321 -26.03 -61.60 19.71
N ARG M 322 -26.67 -62.74 19.47
CA ARG M 322 -26.25 -63.66 18.42
C ARG M 322 -26.31 -62.91 17.09
N GLU M 323 -27.53 -62.46 16.75
CA GLU M 323 -27.78 -61.73 15.52
C GLU M 323 -26.79 -60.62 15.28
N ALA M 324 -26.58 -59.83 16.32
CA ALA M 324 -25.66 -58.71 16.25
C ALA M 324 -24.33 -59.18 15.70
N ILE M 325 -23.71 -60.16 16.34
CA ILE M 325 -22.43 -60.60 15.83
C ILE M 325 -22.54 -61.13 14.40
N LYS M 326 -23.69 -61.69 14.05
CA LYS M 326 -23.85 -62.20 12.68
C LYS M 326 -23.64 -61.05 11.72
N LEU M 327 -24.49 -60.04 11.84
CA LEU M 327 -24.39 -58.88 10.99
C LEU M 327 -22.96 -58.36 10.99
N MET M 328 -22.34 -58.29 12.15
CA MET M 328 -20.97 -57.78 12.23
C MET M 328 -19.92 -58.65 11.55
N GLU M 329 -19.98 -59.98 11.71
CA GLU M 329 -19.00 -60.82 11.05
C GLU M 329 -19.26 -60.76 9.56
N TYR M 330 -20.41 -60.21 9.18
CA TYR M 330 -20.70 -60.07 7.75
C TYR M 330 -20.03 -58.83 7.23
N THR M 331 -20.36 -57.67 7.82
CA THR M 331 -19.76 -56.40 7.42
C THR M 331 -18.28 -56.64 7.23
N LEU M 332 -17.75 -57.49 8.12
CA LEU M 332 -16.35 -57.89 8.12
C LEU M 332 -15.91 -58.72 6.94
N LYS M 333 -16.65 -59.79 6.68
CA LYS M 333 -16.30 -60.65 5.56
C LYS M 333 -16.21 -59.79 4.30
N GLN M 334 -17.22 -58.95 4.09
CA GLN M 334 -17.23 -58.07 2.92
C GLN M 334 -15.97 -57.27 2.72
N ILE M 335 -15.21 -57.04 3.78
CA ILE M 335 -13.99 -56.25 3.66
C ILE M 335 -12.89 -56.98 2.92
N ALA M 336 -12.91 -58.30 2.95
CA ALA M 336 -11.91 -59.08 2.24
C ALA M 336 -12.15 -58.96 0.73
N MET M 337 -13.38 -58.57 0.38
CA MET M 337 -13.83 -58.37 -1.00
C MET M 337 -13.70 -59.57 -1.94
N PRO N 2 -16.05 -32.44 61.06
CA PRO N 2 -15.24 -33.05 62.13
C PRO N 2 -15.83 -34.42 62.48
N GLU N 3 -17.09 -34.60 62.13
CA GLU N 3 -17.79 -35.86 62.34
C GLU N 3 -17.24 -36.78 61.27
N GLU N 4 -16.68 -36.12 60.26
CA GLU N 4 -16.08 -36.78 59.10
C GLU N 4 -14.67 -37.22 59.48
N GLU N 5 -13.89 -36.28 59.99
CA GLU N 5 -12.52 -36.56 60.41
C GLU N 5 -12.52 -37.85 61.24
N GLN N 6 -13.60 -38.07 61.97
CA GLN N 6 -13.73 -39.26 62.80
C GLN N 6 -13.68 -40.51 61.94
N ILE N 7 -14.47 -40.51 60.87
CA ILE N 7 -14.54 -41.64 59.95
C ILE N 7 -13.17 -41.89 59.33
N ILE N 8 -12.63 -40.86 58.68
CA ILE N 8 -11.33 -40.93 58.02
C ILE N 8 -10.29 -41.69 58.83
N LYS N 9 -9.99 -41.20 60.03
CA LYS N 9 -9.03 -41.85 60.91
C LYS N 9 -9.32 -43.35 60.95
N GLU N 10 -10.60 -43.69 61.05
CA GLU N 10 -11.03 -45.08 61.13
C GLU N 10 -10.64 -45.85 59.88
N LEU N 11 -10.86 -45.23 58.73
CA LEU N 11 -10.52 -45.86 57.47
C LEU N 11 -9.05 -46.20 57.47
N ALA N 12 -8.22 -45.19 57.74
CA ALA N 12 -6.77 -45.37 57.79
C ALA N 12 -6.42 -46.54 58.71
N LYS N 13 -7.15 -46.64 59.82
CA LYS N 13 -6.92 -47.72 60.78
C LYS N 13 -6.97 -49.06 60.04
N ARG N 14 -7.87 -49.15 59.07
CA ARG N 14 -8.06 -50.35 58.28
C ARG N 14 -6.72 -50.95 57.87
N LYS N 15 -6.66 -52.27 57.78
CA LYS N 15 -5.44 -52.95 57.43
C LYS N 15 -5.07 -52.81 55.96
N ASP N 16 -6.07 -52.93 55.11
CA ASP N 16 -5.89 -52.88 53.65
C ASP N 16 -6.10 -51.53 52.99
N ILE N 17 -6.34 -50.48 53.76
CA ILE N 17 -6.60 -49.16 53.18
C ILE N 17 -5.88 -48.87 51.86
N VAL N 18 -4.57 -49.11 51.84
CA VAL N 18 -3.78 -48.86 50.64
C VAL N 18 -4.50 -49.42 49.42
N ASP N 19 -4.86 -50.69 49.52
CA ASP N 19 -5.54 -51.41 48.45
C ASP N 19 -6.94 -50.89 48.23
N ALA N 20 -7.67 -50.65 49.30
CA ALA N 20 -9.03 -50.16 49.18
C ALA N 20 -9.05 -48.86 48.38
N ILE N 21 -8.10 -47.98 48.69
CA ILE N 21 -8.01 -46.69 48.02
C ILE N 21 -7.85 -46.76 46.50
N VAL N 22 -7.21 -47.80 45.99
CA VAL N 22 -7.04 -47.91 44.56
C VAL N 22 -8.30 -48.52 43.96
N ASP N 23 -8.86 -49.52 44.63
CA ASP N 23 -10.07 -50.17 44.14
C ASP N 23 -11.23 -49.21 44.16
N SER N 24 -10.95 -47.95 44.43
CA SER N 24 -12.00 -46.97 44.47
C SER N 24 -11.74 -45.88 43.45
N ILE N 25 -10.54 -45.89 42.86
CA ILE N 25 -10.17 -44.90 41.86
C ILE N 25 -11.14 -45.07 40.70
N ALA N 26 -11.09 -46.23 40.07
CA ALA N 26 -12.01 -46.50 38.99
C ALA N 26 -12.37 -47.96 39.10
N PRO N 27 -13.55 -48.23 39.66
CA PRO N 27 -14.08 -49.58 39.85
C PRO N 27 -14.51 -50.13 38.51
N ALA N 28 -14.92 -49.22 37.65
CA ALA N 28 -15.37 -49.55 36.30
C ALA N 28 -14.28 -50.27 35.57
N ILE N 29 -13.35 -49.49 35.02
CA ILE N 29 -12.26 -50.05 34.28
C ILE N 29 -11.74 -51.23 35.10
N TYR N 30 -11.43 -52.30 34.41
CA TYR N 30 -10.95 -53.52 35.02
C TYR N 30 -9.43 -53.61 34.94
N GLY N 31 -8.79 -53.90 36.07
CA GLY N 31 -7.34 -54.03 36.07
C GLY N 31 -6.54 -52.76 36.23
N TYR N 32 -5.35 -52.74 35.65
CA TYR N 32 -4.48 -51.57 35.75
C TYR N 32 -4.24 -51.18 37.19
N LYS N 33 -3.95 -52.17 38.01
CA LYS N 33 -3.68 -51.94 39.41
C LYS N 33 -2.69 -50.77 39.61
N GLU N 34 -1.59 -50.79 38.86
CA GLU N 34 -0.55 -49.77 38.95
C GLU N 34 -0.93 -48.41 38.40
N VAL N 35 -1.59 -48.39 37.27
CA VAL N 35 -2.00 -47.14 36.69
C VAL N 35 -3.03 -46.52 37.65
N LYS N 36 -3.59 -47.34 38.53
CA LYS N 36 -4.57 -46.89 39.52
C LYS N 36 -3.85 -46.42 40.76
N LYS N 37 -2.94 -47.26 41.24
CA LYS N 37 -2.12 -46.98 42.42
C LYS N 37 -1.16 -45.85 42.09
N GLY N 38 -0.99 -45.57 40.80
CA GLY N 38 -0.14 -44.50 40.37
C GLY N 38 -0.99 -43.27 40.58
N ILE N 39 -2.04 -43.13 39.78
CA ILE N 39 -2.95 -42.00 39.92
C ILE N 39 -3.26 -41.78 41.38
N ALA N 40 -3.40 -42.86 42.14
CA ALA N 40 -3.71 -42.74 43.56
C ALA N 40 -2.71 -41.82 44.23
N LEU N 41 -1.44 -42.18 44.12
CA LEU N 41 -0.39 -41.36 44.73
C LEU N 41 -0.51 -39.96 44.19
N ALA N 42 -0.57 -39.84 42.87
CA ALA N 42 -0.67 -38.54 42.22
C ALA N 42 -1.73 -37.64 42.85
N LEU N 43 -2.83 -38.23 43.31
CA LEU N 43 -3.93 -37.48 43.93
C LEU N 43 -3.60 -37.07 45.36
N PHE N 44 -2.64 -37.76 45.97
CA PHE N 44 -2.21 -37.45 47.33
C PHE N 44 -0.98 -36.57 47.35
N GLY N 45 -0.23 -36.56 46.24
CA GLY N 45 0.96 -35.75 46.13
C GLY N 45 2.08 -35.93 47.14
N GLY N 46 3.25 -35.40 46.77
CA GLY N 46 4.42 -35.48 47.63
C GLY N 46 4.36 -34.40 48.68
N VAL N 47 5.39 -34.35 49.53
CA VAL N 47 5.45 -33.40 50.62
C VAL N 47 5.17 -31.94 50.26
N SER N 48 5.86 -31.41 49.26
CA SER N 48 5.67 -30.02 48.82
C SER N 48 5.61 -29.04 50.01
N ARG N 49 6.78 -28.61 50.48
CA ARG N 49 6.92 -27.69 51.61
C ARG N 49 8.22 -26.91 51.39
N LYS N 50 8.11 -25.64 51.02
CA LYS N 50 9.31 -24.86 50.76
C LYS N 50 10.06 -24.40 52.01
N LEU N 51 11.35 -24.14 51.83
CA LEU N 51 12.22 -23.64 52.89
C LEU N 51 13.04 -22.51 52.24
N PRO N 52 13.58 -21.57 53.05
CA PRO N 52 14.38 -20.44 52.55
C PRO N 52 15.73 -20.88 52.01
N ASP N 53 16.38 -21.74 52.78
CA ASP N 53 17.69 -22.29 52.44
C ASP N 53 17.56 -23.22 51.24
N GLY N 54 16.51 -24.04 51.23
CA GLY N 54 16.28 -24.97 50.15
C GLY N 54 15.19 -24.45 49.22
N THR N 55 15.15 -23.14 49.05
CA THR N 55 14.19 -22.46 48.20
C THR N 55 12.86 -23.22 47.97
N ARG N 56 12.26 -23.02 46.80
CA ARG N 56 11.00 -23.66 46.42
C ARG N 56 11.02 -25.17 46.69
N LEU N 57 9.85 -25.81 46.67
CA LEU N 57 9.75 -27.27 46.88
C LEU N 57 8.40 -27.83 46.44
N ARG N 58 8.29 -28.17 45.15
CA ARG N 58 7.09 -28.75 44.57
C ARG N 58 6.93 -30.16 45.12
N GLY N 59 5.70 -30.65 45.14
CA GLY N 59 5.46 -31.98 45.65
C GLY N 59 4.47 -32.67 44.75
N ASP N 60 3.76 -31.86 43.96
CA ASP N 60 2.77 -32.37 43.04
C ASP N 60 3.38 -33.43 42.12
N ILE N 61 2.63 -34.51 41.95
CA ILE N 61 3.07 -35.62 41.15
C ILE N 61 2.33 -35.70 39.81
N HIS N 62 3.05 -35.50 38.72
CA HIS N 62 2.46 -35.56 37.38
C HIS N 62 2.50 -36.97 36.82
N VAL N 63 1.45 -37.34 36.11
CA VAL N 63 1.37 -38.70 35.58
C VAL N 63 0.95 -38.75 34.12
N LEU N 64 1.75 -39.41 33.29
CA LEU N 64 1.42 -39.52 31.89
C LEU N 64 0.98 -40.93 31.51
N LEU N 65 -0.07 -41.01 30.69
CA LEU N 65 -0.62 -42.28 30.25
C LEU N 65 -0.55 -42.39 28.73
N VAL N 66 0.48 -43.03 28.18
CA VAL N 66 0.56 -43.15 26.72
C VAL N 66 0.37 -44.55 26.18
N GLY N 67 -0.60 -44.73 25.29
CA GLY N 67 -0.82 -46.06 24.74
C GLY N 67 -1.57 -46.17 23.44
N ASP N 68 -1.69 -47.41 22.95
CA ASP N 68 -2.41 -47.70 21.72
C ASP N 68 -3.85 -47.27 21.99
N PRO N 69 -4.65 -47.11 20.95
CA PRO N 69 -6.02 -46.69 21.21
C PRO N 69 -6.86 -47.80 21.81
N GLY N 70 -7.98 -47.42 22.41
CA GLY N 70 -8.90 -48.38 23.01
C GLY N 70 -8.34 -49.14 24.21
N VAL N 71 -7.64 -48.41 25.06
CA VAL N 71 -7.03 -48.99 26.26
C VAL N 71 -7.62 -48.44 27.55
N ALA N 72 -8.60 -47.55 27.46
CA ALA N 72 -9.26 -46.95 28.62
C ALA N 72 -8.69 -45.63 29.12
N LYS N 73 -7.69 -45.09 28.42
CA LYS N 73 -7.10 -43.83 28.85
C LYS N 73 -8.18 -42.78 29.04
N SER N 74 -8.81 -42.38 27.95
CA SER N 74 -9.88 -41.39 27.98
C SER N 74 -10.83 -41.71 29.14
N GLN N 75 -11.34 -42.93 29.13
CA GLN N 75 -12.26 -43.40 30.17
C GLN N 75 -11.72 -43.08 31.57
N ILE N 76 -10.59 -43.69 31.91
CA ILE N 76 -9.96 -43.48 33.21
C ILE N 76 -9.91 -42.04 33.66
N LEU N 77 -9.22 -41.19 32.91
CA LEU N 77 -9.13 -39.78 33.31
C LEU N 77 -10.49 -39.29 33.75
N ARG N 78 -11.49 -39.58 32.92
CA ARG N 78 -12.85 -39.17 33.21
C ARG N 78 -13.28 -39.58 34.62
N TYR N 79 -13.06 -40.85 34.98
CA TYR N 79 -13.45 -41.32 36.31
C TYR N 79 -12.72 -40.57 37.40
N VAL N 80 -11.51 -40.12 37.09
CA VAL N 80 -10.73 -39.40 38.08
C VAL N 80 -11.38 -38.06 38.30
N ALA N 81 -11.81 -37.41 37.24
CA ALA N 81 -12.44 -36.11 37.39
C ALA N 81 -13.63 -36.26 38.36
N ASN N 82 -14.42 -37.31 38.13
CA ASN N 82 -15.59 -37.56 38.96
C ASN N 82 -15.25 -37.94 40.42
N LEU N 83 -13.95 -37.99 40.74
CA LEU N 83 -13.52 -38.30 42.10
C LEU N 83 -12.73 -37.12 42.67
N ALA N 84 -11.52 -36.94 42.15
CA ALA N 84 -10.63 -35.86 42.59
C ALA N 84 -11.37 -34.58 42.96
N PRO N 85 -10.94 -33.94 44.04
CA PRO N 85 -11.59 -32.70 44.46
C PRO N 85 -11.62 -31.64 43.36
N ARG N 86 -10.55 -30.86 43.26
CA ARG N 86 -10.45 -29.80 42.26
C ARG N 86 -10.03 -30.34 40.88
N ALA N 87 -10.78 -31.30 40.36
CA ALA N 87 -10.45 -31.90 39.07
C ALA N 87 -10.99 -31.22 37.82
N ILE N 88 -10.14 -31.06 36.81
CA ILE N 88 -10.54 -30.45 35.54
C ILE N 88 -10.19 -31.38 34.40
N TYR N 89 -11.20 -31.99 33.79
CA TYR N 89 -10.96 -32.87 32.65
C TYR N 89 -11.04 -31.96 31.44
N THR N 90 -10.24 -32.23 30.43
CA THR N 90 -10.25 -31.40 29.25
C THR N 90 -9.49 -32.11 28.14
N SER N 91 -10.20 -32.72 27.19
CA SER N 91 -9.56 -33.44 26.09
C SER N 91 -9.35 -32.57 24.87
N UNK N 92 -8.14 -32.61 24.30
CA UNK N 92 -7.83 -31.82 23.11
C UNK N 92 -8.83 -32.14 22.00
N UNK N 93 -9.95 -31.43 22.04
CA UNK N 93 -11.04 -31.59 21.10
C UNK N 93 -12.23 -30.67 21.48
N UNK N 94 -12.69 -29.88 20.51
CA UNK N 94 -13.81 -28.94 20.69
C UNK N 94 -13.45 -27.77 21.62
N UNK N 95 -14.46 -27.23 22.31
CA UNK N 95 -14.23 -26.11 23.24
C UNK N 95 -14.90 -26.34 24.60
N UNK N 96 -14.41 -25.64 25.62
CA UNK N 96 -14.91 -25.77 26.99
C UNK N 96 -14.92 -27.24 27.44
N UNK N 97 -14.85 -27.49 28.74
CA UNK N 97 -14.85 -28.86 29.26
C UNK N 97 -15.77 -29.04 30.49
N UNK N 98 -16.04 -30.30 30.84
CA UNK N 98 -16.93 -30.63 31.96
C UNK N 98 -16.18 -30.80 33.29
N UNK N 99 -15.95 -32.04 33.70
CA UNK N 99 -15.24 -32.33 34.94
C UNK N 99 -15.97 -31.89 36.21
N UNK N 100 -15.59 -30.72 36.70
CA UNK N 100 -16.13 -30.10 37.91
C UNK N 100 -17.55 -30.49 38.33
N UNK N 101 -17.75 -30.43 39.65
CA UNK N 101 -19.05 -30.71 40.23
C UNK N 101 -19.57 -29.38 40.73
N UNK N 102 -18.85 -28.32 40.35
CA UNK N 102 -19.13 -26.92 40.66
C UNK N 102 -19.71 -26.52 42.02
N UNK N 103 -19.27 -25.36 42.50
CA UNK N 103 -19.70 -24.79 43.76
C UNK N 103 -19.19 -23.35 43.84
N UNK N 104 -19.79 -22.48 43.03
CA UNK N 104 -19.42 -21.07 42.98
C UNK N 104 -17.96 -20.92 42.53
N UNK N 105 -17.55 -21.76 41.59
CA UNK N 105 -16.19 -21.73 41.07
C UNK N 105 -15.15 -22.22 42.11
N UNK N 106 -13.86 -22.12 41.76
CA UNK N 106 -12.74 -22.58 42.62
C UNK N 106 -12.29 -21.64 43.73
N UNK N 107 -11.68 -22.21 44.77
CA UNK N 107 -11.20 -21.46 45.93
C UNK N 107 -10.15 -20.38 45.65
N UNK N 108 -9.22 -20.60 44.73
CA UNK N 108 -8.21 -19.56 44.44
C UNK N 108 -8.04 -19.19 42.96
N UNK N 109 -6.93 -18.54 42.66
CA UNK N 109 -6.61 -18.01 41.31
C UNK N 109 -6.60 -18.81 40.01
N UNK N 110 -6.34 -18.04 38.95
CA UNK N 110 -6.25 -18.48 37.55
C UNK N 110 -7.37 -19.27 36.84
N UNK N 111 -7.13 -19.52 35.55
CA UNK N 111 -8.05 -20.22 34.66
C UNK N 111 -7.50 -20.06 33.23
N UNK N 112 -8.12 -20.68 32.21
CA UNK N 112 -7.61 -20.50 30.83
C UNK N 112 -8.28 -21.21 29.61
N UNK N 113 -7.46 -21.62 28.62
CA UNK N 113 -7.88 -22.28 27.35
C UNK N 113 -8.21 -23.79 27.39
N UNK N 114 -7.29 -24.59 27.92
CA UNK N 114 -7.52 -26.02 28.06
C UNK N 114 -8.49 -26.04 29.23
N UNK N 115 -8.15 -25.22 30.23
CA UNK N 115 -8.89 -24.99 31.48
C UNK N 115 -8.15 -25.54 32.69
N UNK N 116 -7.29 -24.72 33.28
CA UNK N 116 -6.52 -25.13 34.44
C UNK N 116 -6.69 -24.06 35.53
N UNK N 117 -6.77 -24.48 36.79
CA UNK N 117 -6.96 -23.57 37.94
C UNK N 117 -5.69 -23.22 38.70
N UNK N 118 -5.02 -22.15 38.25
CA UNK N 118 -3.76 -21.63 38.83
C UNK N 118 -3.96 -20.43 39.74
N GLY N 125 -5.25 -24.48 43.22
CA GLY N 125 -4.43 -25.54 42.66
C GLY N 125 -5.32 -26.41 41.83
N GLY N 126 -5.42 -27.69 42.20
CA GLY N 126 -6.28 -28.63 41.50
C GLY N 126 -5.66 -29.46 40.38
N TYR N 127 -6.02 -30.74 40.34
CA TYR N 127 -5.51 -31.65 39.32
C TYR N 127 -6.20 -31.44 37.97
N ALA N 128 -5.41 -31.21 36.93
CA ALA N 128 -5.96 -31.02 35.61
C ALA N 128 -5.72 -32.28 34.80
N LEU N 129 -6.81 -33.02 34.60
CA LEU N 129 -6.80 -34.26 33.86
C LEU N 129 -6.84 -33.90 32.38
N ILE N 130 -5.70 -34.01 31.71
CA ILE N 130 -5.59 -33.66 30.31
C ILE N 130 -5.53 -34.83 29.34
N ASP N 131 -6.67 -35.23 28.82
CA ASP N 131 -6.67 -36.34 27.89
C ASP N 131 -6.23 -35.84 26.51
N GLU N 132 -5.56 -36.71 25.75
CA GLU N 132 -5.09 -36.38 24.40
C GLU N 132 -4.07 -35.26 24.36
N LEU N 133 -3.12 -35.31 25.28
CA LEU N 133 -2.07 -34.29 25.37
C LEU N 133 -1.21 -34.19 24.12
N ASP N 134 -1.33 -35.16 23.22
CA ASP N 134 -0.53 -35.16 21.99
C ASP N 134 -1.23 -34.38 20.87
N LYS N 135 -2.48 -33.98 21.13
CA LYS N 135 -3.28 -33.22 20.17
C LYS N 135 -3.59 -31.83 20.71
N MET N 136 -2.67 -31.27 21.48
CA MET N 136 -2.85 -29.93 22.02
C MET N 136 -2.30 -28.98 20.98
N SER N 137 -3.01 -27.90 20.70
CA SER N 137 -2.49 -26.93 19.73
C SER N 137 -1.19 -26.46 20.37
N ASP N 138 -0.10 -26.45 19.62
CA ASP N 138 1.21 -26.02 20.13
C ASP N 138 1.13 -24.92 21.21
N ARG N 139 0.06 -24.12 21.21
CA ARG N 139 -0.12 -23.07 22.20
C ARG N 139 -0.51 -23.73 23.53
N ASP N 140 -1.67 -24.36 23.55
CA ASP N 140 -2.15 -25.04 24.75
C ASP N 140 -1.06 -25.97 25.32
N ARG N 141 -0.19 -26.50 24.46
CA ARG N 141 0.87 -27.36 24.95
C ARG N 141 1.81 -26.46 25.72
N SER N 142 2.50 -25.58 25.00
CA SER N 142 3.44 -24.64 25.56
C SER N 142 3.17 -24.32 27.01
N VAL N 143 1.99 -23.82 27.28
CA VAL N 143 1.61 -23.44 28.63
C VAL N 143 1.92 -24.54 29.64
N ILE N 144 1.34 -25.71 29.43
CA ILE N 144 1.57 -26.84 30.31
C ILE N 144 3.07 -27.08 30.45
N HIS N 145 3.72 -27.17 29.30
CA HIS N 145 5.15 -27.38 29.24
C HIS N 145 5.80 -26.44 30.26
N GLU N 146 5.43 -25.17 30.23
CA GLU N 146 5.97 -24.21 31.17
C GLU N 146 5.50 -24.57 32.58
N ALA N 147 4.20 -24.79 32.70
CA ALA N 147 3.58 -25.13 33.98
C ALA N 147 4.23 -26.32 34.67
N LEU N 148 4.61 -27.32 33.88
CA LEU N 148 5.23 -28.53 34.41
C LEU N 148 6.69 -28.25 34.70
N GLU N 149 7.32 -27.53 33.78
CA GLU N 149 8.72 -27.17 33.87
C GLU N 149 8.96 -26.11 34.94
N GLN N 150 8.58 -24.86 34.65
CA GLN N 150 8.75 -23.75 35.58
C GLN N 150 8.02 -23.94 36.90
N GLN N 151 6.72 -24.17 36.81
CA GLN N 151 5.84 -24.31 37.97
C GLN N 151 5.20 -22.93 38.06
N THR N 152 5.31 -22.19 36.96
CA THR N 152 4.78 -20.82 36.87
C THR N 152 4.50 -20.39 35.43
N ILE N 153 3.25 -20.09 35.12
CA ILE N 153 2.92 -19.64 33.78
C ILE N 153 3.12 -18.13 33.66
N SER N 154 2.89 -17.58 32.47
CA SER N 154 3.04 -16.14 32.27
C SER N 154 2.53 -15.62 30.92
N ILE N 155 1.77 -14.53 30.99
CA ILE N 155 1.21 -13.87 29.82
C ILE N 155 1.48 -12.39 29.93
N SER N 156 2.32 -11.87 29.05
CA SER N 156 2.62 -10.44 29.08
C SER N 156 2.18 -9.83 27.76
N LYS N 157 1.03 -10.28 27.28
CA LYS N 157 0.48 -9.80 26.01
C LYS N 157 -0.18 -8.41 26.18
N ALA N 158 0.61 -7.39 25.85
CA ALA N 158 0.27 -5.96 25.92
C ALA N 158 1.36 -5.29 26.74
N GLY N 159 1.07 -4.11 27.28
CA GLY N 159 2.05 -3.43 28.09
C GLY N 159 2.19 -4.19 29.40
N ILE N 160 1.07 -4.76 29.84
CA ILE N 160 1.04 -5.50 31.10
C ILE N 160 1.78 -6.82 31.05
N THR N 161 2.19 -7.29 32.23
CA THR N 161 2.92 -8.53 32.38
C THR N 161 2.23 -9.38 33.44
N ALA N 162 1.75 -10.56 33.04
CA ALA N 162 1.03 -11.42 33.97
C ALA N 162 1.73 -12.72 34.30
N THR N 163 2.22 -12.85 35.52
CA THR N 163 2.87 -14.10 35.90
C THR N 163 1.91 -14.88 36.80
N LEU N 164 1.34 -15.93 36.22
CA LEU N 164 0.40 -16.79 36.91
C LEU N 164 1.17 -17.88 37.65
N ASN N 165 0.87 -18.07 38.92
CA ASN N 165 1.54 -19.12 39.69
C ASN N 165 0.89 -20.46 39.40
N ALA N 166 1.67 -21.38 38.85
CA ALA N 166 1.20 -22.73 38.51
C ALA N 166 1.45 -23.65 39.68
N ARG N 167 0.38 -24.21 40.22
CA ARG N 167 0.49 -25.12 41.35
C ARG N 167 -0.61 -26.15 41.28
N THR N 168 -0.58 -26.96 40.22
CA THR N 168 -1.57 -28.00 40.03
C THR N 168 -0.91 -29.31 39.62
N THR N 169 -1.67 -30.40 39.70
CA THR N 169 -1.17 -31.70 39.33
C THR N 169 -1.67 -32.04 37.92
N VAL N 170 -0.87 -32.76 37.15
CA VAL N 170 -1.29 -33.10 35.80
C VAL N 170 -1.32 -34.57 35.56
N ILE N 171 -2.51 -35.12 35.43
CA ILE N 171 -2.65 -36.53 35.13
C ILE N 171 -3.13 -36.57 33.69
N ALA N 172 -2.20 -36.80 32.77
CA ALA N 172 -2.53 -36.79 31.35
C ALA N 172 -2.36 -38.10 30.61
N ALA N 173 -3.03 -38.15 29.46
CA ALA N 173 -3.01 -39.29 28.57
C ALA N 173 -2.43 -38.83 27.25
N ALA N 174 -2.13 -39.78 26.37
CA ALA N 174 -1.55 -39.44 25.08
C ALA N 174 -1.38 -40.67 24.18
N ASN N 175 -1.50 -40.47 22.87
CA ASN N 175 -1.33 -41.55 21.90
C ASN N 175 0.01 -41.36 21.20
N PRO N 176 0.50 -42.40 20.53
CA PRO N 176 1.77 -42.35 19.81
C PRO N 176 1.61 -41.51 18.55
N LYS N 177 2.71 -40.98 18.02
CA LYS N 177 2.62 -40.17 16.80
C LYS N 177 1.98 -41.01 15.69
N GLN N 178 2.10 -42.33 15.82
CA GLN N 178 1.56 -43.26 14.83
C GLN N 178 0.16 -43.77 15.13
N GLY N 179 -0.22 -43.75 16.41
CA GLY N 179 -1.52 -44.25 16.82
C GLY N 179 -1.29 -45.42 17.74
N ARG N 180 -0.57 -46.42 17.22
CA ARG N 180 -0.21 -47.63 17.94
C ARG N 180 1.31 -47.68 17.84
N PHE N 181 1.98 -48.47 18.66
CA PHE N 181 3.43 -48.52 18.51
C PHE N 181 4.12 -49.86 18.67
N ASN N 182 3.33 -50.92 18.79
CA ASN N 182 3.81 -52.30 18.96
C ASN N 182 5.22 -52.59 18.44
N ARG N 183 5.67 -51.82 17.45
CA ARG N 183 7.00 -52.03 16.92
C ARG N 183 8.03 -52.09 18.04
N MET N 184 9.26 -52.39 17.65
CA MET N 184 10.36 -52.51 18.58
C MET N 184 10.81 -51.14 19.09
N LYS N 185 11.00 -50.20 18.16
CA LYS N 185 11.45 -48.84 18.52
C LYS N 185 10.94 -48.38 19.88
N ASN N 186 11.72 -47.54 20.56
CA ASN N 186 11.35 -47.06 21.89
C ASN N 186 10.14 -46.16 21.99
N PRO N 187 9.22 -46.54 22.87
CA PRO N 187 7.96 -45.84 23.13
C PRO N 187 8.16 -44.35 23.25
N PHE N 188 9.40 -43.94 23.49
CA PHE N 188 9.67 -42.53 23.66
C PHE N 188 9.94 -41.73 22.41
N GLU N 189 10.09 -42.41 21.29
CA GLU N 189 10.32 -41.71 20.02
C GLU N 189 8.96 -41.62 19.36
N GLN N 190 8.07 -42.50 19.81
CA GLN N 190 6.74 -42.59 19.24
C GLN N 190 5.73 -41.58 19.77
N ILE N 191 6.03 -40.97 20.93
CA ILE N 191 5.14 -39.97 21.52
C ILE N 191 5.35 -38.63 20.80
N ASP N 192 4.30 -37.83 20.63
CA ASP N 192 4.43 -36.54 19.94
C ASP N 192 4.74 -35.35 20.86
N LEU N 193 5.31 -35.63 22.03
CA LEU N 193 5.63 -34.58 22.98
C LEU N 193 7.13 -34.35 23.10
N PRO N 194 7.53 -33.08 23.28
CA PRO N 194 8.96 -32.78 23.40
C PRO N 194 9.53 -33.45 24.62
N PRO N 195 10.50 -34.31 24.43
CA PRO N 195 11.13 -35.02 25.55
C PRO N 195 11.35 -34.18 26.81
N THR N 196 11.67 -32.91 26.65
CA THR N 196 11.89 -32.06 27.81
C THR N 196 10.62 -31.75 28.58
N LEU N 197 9.52 -32.32 28.12
CA LEU N 197 8.22 -32.14 28.77
C LEU N 197 7.98 -33.45 29.48
N LEU N 198 8.10 -34.53 28.72
CA LEU N 198 7.89 -35.87 29.25
C LEU N 198 8.72 -36.05 30.51
N SER N 199 9.96 -35.59 30.46
CA SER N 199 10.86 -35.70 31.60
C SER N 199 10.27 -35.10 32.87
N ARG N 200 9.16 -34.38 32.72
CA ARG N 200 8.51 -33.74 33.86
C ARG N 200 7.54 -34.61 34.63
N PHE N 201 7.16 -35.74 34.03
CA PHE N 201 6.26 -36.66 34.69
C PHE N 201 7.05 -37.55 35.64
N ASP N 202 6.42 -37.86 36.78
CA ASP N 202 7.04 -38.70 37.79
C ASP N 202 6.78 -40.16 37.47
N LEU N 203 5.80 -40.44 36.63
CA LEU N 203 5.50 -41.81 36.22
C LEU N 203 4.84 -41.78 34.86
N ILE N 204 5.35 -42.59 33.94
CA ILE N 204 4.71 -42.70 32.60
C ILE N 204 4.24 -44.17 32.34
N PHE N 205 2.93 -44.36 32.28
CA PHE N 205 2.44 -45.70 32.05
C PHE N 205 2.26 -45.94 30.58
N VAL N 206 3.07 -46.84 30.06
CA VAL N 206 2.99 -47.19 28.65
C VAL N 206 1.99 -48.32 28.49
N LEU N 207 0.96 -48.10 27.69
CA LEU N 207 -0.04 -49.12 27.52
C LEU N 207 -0.19 -49.67 26.12
N ILE N 208 0.41 -50.84 25.88
CA ILE N 208 0.32 -51.52 24.59
C ILE N 208 -0.85 -52.45 24.77
N ASP N 209 -1.33 -53.08 23.71
CA ASP N 209 -2.43 -54.00 23.92
C ASP N 209 -2.45 -55.21 23.01
N GLU N 210 -1.73 -56.26 23.43
CA GLU N 210 -1.70 -57.50 22.68
C GLU N 210 -3.14 -57.98 22.76
N PRO N 211 -3.50 -58.96 21.93
CA PRO N 211 -4.89 -59.43 22.01
C PRO N 211 -5.11 -60.29 23.24
N ASP N 212 -4.70 -61.56 23.19
CA ASP N 212 -4.87 -62.48 24.32
C ASP N 212 -6.33 -62.74 24.70
N ASP N 213 -6.72 -64.01 24.77
CA ASP N 213 -8.08 -64.39 25.10
C ASP N 213 -8.46 -64.11 26.55
N LYS N 214 -7.74 -64.76 27.46
CA LYS N 214 -7.97 -64.62 28.89
C LYS N 214 -8.38 -63.20 29.26
N ILE N 215 -7.39 -62.32 29.26
CA ILE N 215 -7.61 -60.93 29.60
C ILE N 215 -8.85 -60.35 28.89
N ASP N 216 -8.91 -60.43 27.56
CA ASP N 216 -10.06 -59.92 26.82
C ASP N 216 -11.38 -60.41 27.37
N SER N 217 -11.49 -61.73 27.53
CA SER N 217 -12.70 -62.32 28.08
C SER N 217 -13.05 -61.56 29.37
N GLU N 218 -12.07 -61.40 30.24
CA GLU N 218 -12.26 -60.69 31.50
C GLU N 218 -12.76 -59.28 31.26
N VAL N 219 -11.97 -58.51 30.53
CA VAL N 219 -12.31 -57.14 30.24
C VAL N 219 -13.71 -56.99 29.73
N ALA N 220 -14.05 -57.75 28.70
CA ALA N 220 -15.39 -57.66 28.15
C ALA N 220 -16.40 -58.03 29.22
N ARG N 221 -16.36 -59.27 29.69
CA ARG N 221 -17.30 -59.72 30.72
C ARG N 221 -17.49 -58.58 31.74
N HIS N 222 -16.40 -57.91 32.08
CA HIS N 222 -16.47 -56.84 33.05
C HIS N 222 -17.30 -55.67 32.53
N ILE N 223 -17.01 -55.23 31.32
CA ILE N 223 -17.75 -54.11 30.76
C ILE N 223 -19.22 -54.40 30.87
N LEU N 224 -19.67 -55.44 30.17
CA LEU N 224 -21.07 -55.79 30.22
C LEU N 224 -21.57 -55.65 31.65
N ARG N 225 -20.97 -56.42 32.57
CA ARG N 225 -21.38 -56.38 33.96
C ARG N 225 -21.73 -54.94 34.32
N VAL N 226 -20.70 -54.15 34.63
CA VAL N 226 -20.91 -52.76 35.00
C VAL N 226 -21.25 -51.94 33.78
N ARG N 227 -22.35 -52.29 33.12
CA ARG N 227 -22.80 -51.60 31.91
C ARG N 227 -24.27 -51.84 31.78
N ARG N 228 -24.80 -52.73 32.61
CA ARG N 228 -26.22 -53.01 32.54
C ARG N 228 -27.01 -52.44 33.69
N GLY N 229 -28.19 -51.92 33.37
CA GLY N 229 -29.04 -51.31 34.38
C GLY N 229 -28.37 -50.05 34.88
N GLU N 230 -28.72 -49.64 36.10
CA GLU N 230 -28.13 -48.44 36.68
C GLU N 230 -27.35 -48.82 37.95
N SER N 231 -27.08 -50.12 38.11
CA SER N 231 -26.36 -50.63 39.29
C SER N 231 -25.71 -52.00 39.10
N GLU N 232 -24.64 -52.25 39.85
CA GLU N 232 -23.89 -53.51 39.82
C GLU N 232 -23.00 -53.60 41.08
N VAL N 233 -22.48 -54.79 41.36
CA VAL N 233 -21.60 -54.98 42.51
C VAL N 233 -20.24 -54.39 42.15
N VAL N 234 -20.26 -53.47 41.19
CA VAL N 234 -19.05 -52.82 40.75
C VAL N 234 -19.17 -51.30 40.86
N ALA N 235 -18.93 -50.88 42.10
CA ALA N 235 -18.94 -49.51 42.57
C ALA N 235 -17.82 -49.47 43.62
N PRO N 236 -17.33 -48.26 43.95
CA PRO N 236 -16.25 -48.06 44.92
C PRO N 236 -16.23 -48.92 46.16
N LYS N 237 -15.02 -49.24 46.62
CA LYS N 237 -14.81 -50.03 47.84
C LYS N 237 -14.87 -49.03 48.97
N ILE N 238 -14.93 -47.76 48.59
CA ILE N 238 -14.99 -46.63 49.50
C ILE N 238 -15.85 -45.58 48.82
N PRO N 239 -16.80 -44.99 49.54
CA PRO N 239 -17.65 -43.96 48.95
C PRO N 239 -16.80 -42.82 48.42
N HIS N 240 -17.12 -42.34 47.22
CA HIS N 240 -16.34 -41.25 46.65
C HIS N 240 -16.42 -39.93 47.42
N GLU N 241 -17.53 -39.67 48.10
CA GLU N 241 -17.64 -38.43 48.87
C GLU N 241 -16.70 -38.50 50.06
N ILE N 242 -16.60 -39.68 50.67
CA ILE N 242 -15.72 -39.89 51.83
C ILE N 242 -14.27 -39.78 51.35
N LEU N 243 -13.96 -40.64 50.39
CA LEU N 243 -12.63 -40.73 49.80
C LEU N 243 -12.10 -39.43 49.23
N ARG N 244 -13.00 -38.50 48.93
CA ARG N 244 -12.59 -37.21 48.37
C ARG N 244 -12.26 -36.26 49.52
N LYS N 245 -12.87 -36.51 50.66
CA LYS N 245 -12.61 -35.71 51.85
C LYS N 245 -11.30 -36.25 52.40
N TYR N 246 -11.20 -37.57 52.44
CA TYR N 246 -10.00 -38.24 52.94
C TYR N 246 -8.76 -37.69 52.24
N ILE N 247 -8.86 -37.46 50.94
CA ILE N 247 -7.75 -36.92 50.18
C ILE N 247 -7.47 -35.51 50.66
N ALA N 248 -8.38 -34.60 50.35
CA ALA N 248 -8.23 -33.20 50.75
C ALA N 248 -7.76 -33.08 52.19
N TYR N 249 -8.05 -34.09 52.99
CA TYR N 249 -7.63 -34.08 54.40
C TYR N 249 -6.14 -34.36 54.56
N ALA N 250 -5.68 -35.47 53.99
CA ALA N 250 -4.28 -35.84 54.06
C ALA N 250 -3.38 -34.82 53.34
N ARG N 251 -3.92 -34.12 52.34
CA ARG N 251 -3.13 -33.10 51.65
C ARG N 251 -3.16 -31.85 52.50
N LYS N 252 -3.48 -32.02 53.78
CA LYS N 252 -3.57 -30.90 54.70
C LYS N 252 -2.82 -31.14 56.00
N ASN N 253 -3.25 -32.16 56.73
CA ASN N 253 -2.67 -32.47 58.03
C ASN N 253 -1.45 -33.39 58.05
N ILE N 254 -1.15 -34.02 56.92
CA ILE N 254 0.00 -34.93 56.89
C ILE N 254 1.13 -34.42 56.01
N HIS N 255 2.35 -34.50 56.54
CA HIS N 255 3.53 -34.06 55.79
C HIS N 255 4.68 -35.00 56.11
N PRO N 256 4.59 -36.26 55.65
CA PRO N 256 5.60 -37.31 55.87
C PRO N 256 7.06 -36.91 55.84
N VAL N 257 7.77 -37.38 56.85
CA VAL N 257 9.20 -37.14 56.97
C VAL N 257 9.82 -38.48 56.68
N ILE N 258 10.97 -38.45 56.06
CA ILE N 258 11.64 -39.66 55.67
C ILE N 258 12.36 -40.42 56.79
N SER N 259 11.95 -41.66 57.02
CA SER N 259 12.59 -42.47 58.05
C SER N 259 13.92 -42.98 57.54
N GLU N 260 14.94 -42.94 58.39
CA GLU N 260 16.25 -43.44 57.99
C GLU N 260 15.97 -44.82 57.44
N GLU N 261 14.91 -45.41 57.99
CA GLU N 261 14.47 -46.74 57.60
C GLU N 261 14.35 -46.80 56.08
N ALA N 262 13.47 -45.96 55.56
CA ALA N 262 13.21 -45.89 54.13
C ALA N 262 14.38 -45.34 53.34
N MET N 263 14.88 -44.19 53.78
CA MET N 263 16.01 -43.54 53.13
C MET N 263 16.97 -44.55 52.51
N GLU N 264 17.44 -45.48 53.33
CA GLU N 264 18.36 -46.50 52.87
C GLU N 264 17.81 -47.29 51.70
N GLU N 265 16.50 -47.51 51.69
CA GLU N 265 15.85 -48.27 50.63
C GLU N 265 15.81 -47.54 49.30
N ILE N 266 15.47 -46.25 49.35
CA ILE N 266 15.36 -45.48 48.13
C ILE N 266 16.73 -45.15 47.50
N GLU N 267 17.74 -44.93 48.33
CA GLU N 267 19.05 -44.61 47.78
C GLU N 267 19.64 -45.90 47.22
N LYS N 268 19.56 -46.97 48.01
CA LYS N 268 20.06 -48.29 47.62
C LYS N 268 19.55 -48.65 46.23
N TYR N 269 18.41 -48.05 45.91
CA TYR N 269 17.77 -48.28 44.64
C TYR N 269 18.17 -47.26 43.57
N TYR N 270 18.09 -45.98 43.90
CA TYR N 270 18.45 -44.95 42.95
C TYR N 270 19.76 -45.33 42.31
N VAL N 271 20.72 -45.72 43.13
CA VAL N 271 22.03 -46.14 42.63
C VAL N 271 21.87 -47.33 41.66
N ARG N 272 21.00 -48.27 42.03
CA ARG N 272 20.71 -49.46 41.22
C ARG N 272 20.21 -48.93 39.88
N MET N 273 19.19 -48.11 39.98
CA MET N 273 18.57 -47.48 38.83
C MET N 273 19.61 -46.81 37.94
N ARG N 274 20.59 -46.18 38.57
CA ARG N 274 21.63 -45.51 37.82
C ARG N 274 22.32 -46.45 36.83
N LYS N 275 22.70 -47.65 37.30
CA LYS N 275 23.39 -48.62 36.44
C LYS N 275 22.53 -48.95 35.22
N SER N 276 22.86 -48.35 34.07
CA SER N 276 22.16 -48.55 32.80
C SER N 276 22.74 -47.64 31.73
N PRO N 291 16.84 -43.56 30.35
CA PRO N 291 17.60 -42.30 30.21
C PRO N 291 17.73 -41.46 31.51
N ILE N 292 18.06 -42.16 32.61
CA ILE N 292 18.21 -41.67 34.01
C ILE N 292 19.13 -40.52 34.41
N THR N 293 18.64 -39.70 35.35
CA THR N 293 19.37 -38.56 35.88
C THR N 293 19.23 -38.62 37.38
N ALA N 294 19.41 -37.48 38.02
CA ALA N 294 19.30 -37.39 39.46
C ALA N 294 17.87 -36.93 39.78
N ARG N 295 17.10 -36.62 38.73
CA ARG N 295 15.73 -36.19 38.90
C ARG N 295 14.89 -37.38 39.30
N GLN N 296 15.20 -38.52 38.68
CA GLN N 296 14.51 -39.77 38.97
C GLN N 296 14.44 -39.99 40.47
N LEU N 297 15.50 -39.60 41.16
CA LEU N 297 15.58 -39.74 42.62
C LEU N 297 14.54 -38.83 43.29
N GLU N 298 14.46 -37.59 42.84
CA GLU N 298 13.52 -36.60 43.39
C GLU N 298 12.10 -37.13 43.33
N ALA N 299 11.67 -37.51 42.13
CA ALA N 299 10.31 -38.00 41.90
C ALA N 299 10.03 -39.27 42.71
N LEU N 300 11.02 -40.14 42.79
CA LEU N 300 10.86 -41.35 43.56
C LEU N 300 10.52 -40.94 44.98
N ILE N 301 11.20 -39.91 45.46
CA ILE N 301 10.97 -39.38 46.80
C ILE N 301 9.54 -38.92 46.93
N ARG N 302 9.03 -38.22 45.93
CA ARG N 302 7.66 -37.75 45.97
C ARG N 302 6.65 -38.88 46.11
N LEU N 303 6.81 -39.95 45.33
CA LEU N 303 5.90 -41.07 45.40
C LEU N 303 5.83 -41.62 46.81
N SER N 304 6.96 -42.10 47.31
CA SER N 304 7.04 -42.66 48.66
C SER N 304 6.51 -41.73 49.74
N GLU N 305 6.66 -40.43 49.54
CA GLU N 305 6.13 -39.48 50.51
C GLU N 305 4.59 -39.56 50.41
N ALA N 306 4.07 -39.48 49.20
CA ALA N 306 2.63 -39.54 48.98
C ALA N 306 2.04 -40.86 49.41
N HIS N 307 2.75 -41.96 49.19
CA HIS N 307 2.24 -43.26 49.57
C HIS N 307 2.00 -43.31 51.07
N ALA N 308 2.74 -42.51 51.82
CA ALA N 308 2.57 -42.48 53.27
C ALA N 308 1.33 -41.64 53.50
N ARG N 309 1.38 -40.39 53.07
CA ARG N 309 0.27 -39.47 53.20
C ARG N 309 -1.04 -40.14 52.85
N MET N 310 -0.98 -41.04 51.86
CA MET N 310 -2.14 -41.77 51.39
C MET N 310 -2.80 -42.54 52.52
N ARG N 311 -2.01 -42.90 53.50
CA ARG N 311 -2.48 -43.64 54.66
C ARG N 311 -2.28 -42.80 55.92
N LEU N 312 -1.69 -41.61 55.75
CA LEU N 312 -1.42 -40.70 56.86
C LEU N 312 -0.36 -41.38 57.74
N SER N 313 0.86 -40.86 57.80
CA SER N 313 1.86 -41.54 58.62
C SER N 313 2.43 -40.83 59.84
N PRO N 314 3.19 -39.75 59.67
CA PRO N 314 3.67 -38.97 58.53
C PRO N 314 5.14 -39.34 58.46
N ILE N 315 5.38 -40.65 58.39
CA ILE N 315 6.72 -41.14 58.33
C ILE N 315 6.89 -42.18 57.25
N VAL N 316 7.59 -41.78 56.19
CA VAL N 316 7.85 -42.65 55.06
C VAL N 316 8.63 -43.87 55.52
N THR N 317 7.91 -44.86 56.03
CA THR N 317 8.51 -46.10 56.53
C THR N 317 9.15 -46.93 55.42
N ARG N 318 9.91 -47.96 55.81
CA ARG N 318 10.58 -48.80 54.82
C ARG N 318 9.57 -49.32 53.80
N GLU N 319 8.36 -49.59 54.24
CA GLU N 319 7.32 -50.10 53.34
C GLU N 319 6.93 -49.09 52.28
N ASP N 320 6.60 -47.88 52.71
CA ASP N 320 6.25 -46.83 51.79
C ASP N 320 7.31 -46.77 50.72
N ALA N 321 8.53 -46.40 51.12
CA ALA N 321 9.65 -46.29 50.20
C ALA N 321 9.76 -47.52 49.33
N ARG N 322 9.50 -48.68 49.92
CA ARG N 322 9.55 -49.96 49.21
C ARG N 322 8.55 -49.88 48.06
N GLU N 323 7.28 -49.70 48.41
CA GLU N 323 6.19 -49.61 47.44
C GLU N 323 6.50 -48.67 46.30
N ALA N 324 6.98 -47.49 46.65
CA ALA N 324 7.31 -46.49 45.68
C ALA N 324 8.20 -47.08 44.61
N ILE N 325 9.34 -47.65 45.01
CA ILE N 325 10.21 -48.20 44.00
C ILE N 325 9.53 -49.31 43.22
N LYS N 326 8.61 -50.03 43.86
CA LYS N 326 7.92 -51.12 43.15
C LYS N 326 7.21 -50.52 41.94
N LEU N 327 6.29 -49.60 42.23
CA LEU N 327 5.55 -48.94 41.18
C LEU N 327 6.51 -48.40 40.12
N MET N 328 7.60 -47.79 40.55
CA MET N 328 8.55 -47.23 39.60
C MET N 328 9.29 -48.26 38.75
N GLU N 329 9.73 -49.37 39.34
CA GLU N 329 10.43 -50.38 38.53
C GLU N 329 9.40 -51.01 37.61
N TYR N 330 8.12 -50.74 37.85
CA TYR N 330 7.10 -51.28 36.98
C TYR N 330 6.96 -50.37 35.79
N THR N 331 6.65 -49.09 36.03
CA THR N 331 6.50 -48.10 34.96
C THR N 331 7.65 -48.34 33.99
N LEU N 332 8.80 -48.68 34.57
CA LEU N 332 10.03 -48.96 33.85
C LEU N 332 10.00 -50.20 33.00
N LYS N 333 9.61 -51.32 33.61
CA LYS N 333 9.56 -52.57 32.89
C LYS N 333 8.69 -52.36 31.64
N GLN N 334 7.52 -51.76 31.83
CA GLN N 334 6.61 -51.50 30.73
C GLN N 334 7.24 -50.80 29.53
N ILE N 335 8.35 -50.09 29.75
CA ILE N 335 8.99 -49.39 28.66
C ILE N 335 9.68 -50.30 27.68
N ALA N 336 10.09 -51.48 28.15
CA ALA N 336 10.75 -52.45 27.29
C ALA N 336 9.71 -53.03 26.31
N MET N 337 8.44 -52.90 26.69
CA MET N 337 7.29 -53.36 25.91
C MET N 337 7.26 -54.84 25.56
N PRO O 2 28.14 -1.95 64.69
CA PRO O 2 29.49 -1.93 65.27
C PRO O 2 29.59 -3.01 66.35
N GLU O 3 28.43 -3.42 66.83
CA GLU O 3 28.32 -4.47 67.84
C GLU O 3 28.58 -5.74 67.06
N GLU O 4 28.38 -5.62 65.75
CA GLU O 4 28.56 -6.69 64.79
C GLU O 4 30.05 -6.80 64.46
N GLU O 5 30.65 -5.68 64.07
CA GLU O 5 32.07 -5.64 63.76
C GLU O 5 32.84 -6.38 64.83
N GLN O 6 32.35 -6.30 66.06
CA GLN O 6 32.98 -6.97 67.19
C GLN O 6 33.01 -8.47 66.96
N ILE O 7 31.87 -9.03 66.60
CA ILE O 7 31.74 -10.46 66.34
C ILE O 7 32.68 -10.87 65.22
N ILE O 8 32.51 -10.24 64.06
CA ILE O 8 33.32 -10.51 62.88
C ILE O 8 34.80 -10.74 63.19
N LYS O 9 35.43 -9.72 63.75
CA LYS O 9 36.84 -9.81 64.12
C LYS O 9 37.09 -11.13 64.85
N GLU O 10 36.17 -11.47 65.76
CA GLU O 10 36.27 -12.69 66.56
C GLU O 10 36.27 -13.92 65.68
N LEU O 11 35.37 -13.94 64.71
CA LEU O 11 35.27 -15.07 63.80
C LEU O 11 36.62 -15.26 63.11
N ALA O 12 37.11 -14.18 62.50
CA ALA O 12 38.40 -14.22 61.81
C ALA O 12 39.47 -14.79 62.74
N LYS O 13 39.41 -14.40 64.01
CA LYS O 13 40.36 -14.89 65.00
C LYS O 13 40.41 -16.41 64.95
N ARG O 14 39.23 -17.01 64.74
CA ARG O 14 39.10 -18.46 64.68
C ARG O 14 40.22 -19.07 63.86
N LYS O 15 40.62 -20.28 64.23
CA LYS O 15 41.70 -20.96 63.54
C LYS O 15 41.28 -21.50 62.18
N ASP O 16 40.09 -22.09 62.13
CA ASP O 16 39.58 -22.70 60.91
C ASP O 16 38.68 -21.85 60.04
N ILE O 17 38.51 -20.58 60.37
CA ILE O 17 37.62 -19.71 59.59
C ILE O 17 37.53 -20.02 58.11
N VAL O 18 38.69 -20.15 57.45
CA VAL O 18 38.72 -20.44 56.02
C VAL O 18 37.74 -21.56 55.70
N ASP O 19 37.87 -22.66 56.44
CA ASP O 19 37.05 -23.84 56.27
C ASP O 19 35.62 -23.59 56.67
N ALA O 20 35.43 -22.92 57.79
CA ALA O 20 34.08 -22.63 58.26
C ALA O 20 33.30 -21.87 57.21
N ILE O 21 33.96 -20.89 56.60
CA ILE O 21 33.32 -20.06 55.58
C ILE O 21 32.79 -20.83 54.38
N VAL O 22 33.42 -21.93 54.02
CA VAL O 22 32.94 -22.69 52.88
C VAL O 22 31.79 -23.59 53.33
N ASP O 23 31.95 -24.20 54.50
CA ASP O 23 30.93 -25.09 55.03
C ASP O 23 29.66 -24.32 55.34
N SER O 24 29.62 -23.07 54.92
CA SER O 24 28.46 -22.26 55.18
C SER O 24 27.88 -21.76 53.86
N ILE O 25 28.62 -21.96 52.77
CA ILE O 25 28.16 -21.54 51.46
C ILE O 25 26.88 -22.29 51.18
N ALA O 26 26.99 -23.61 51.09
CA ALA O 26 25.82 -24.43 50.87
C ALA O 26 26.01 -25.68 51.68
N PRO O 27 25.37 -25.74 52.84
CA PRO O 27 25.44 -26.86 53.77
C PRO O 27 24.64 -28.02 53.19
N ALA O 28 23.62 -27.64 52.42
CA ALA O 28 22.74 -28.60 51.79
C ALA O 28 23.54 -29.50 50.89
N ILE O 29 23.81 -29.00 49.69
CA ILE O 29 24.57 -29.78 48.73
C ILE O 29 25.74 -30.38 49.50
N TYR O 30 26.02 -31.64 49.19
CA TYR O 30 27.07 -32.38 49.83
C TYR O 30 28.33 -32.39 48.97
N GLY O 31 29.46 -32.07 49.58
CA GLY O 31 30.72 -32.10 48.84
C GLY O 31 31.06 -30.85 48.06
N TYR O 32 31.78 -31.01 46.97
CA TYR O 32 32.19 -29.87 46.14
C TYR O 32 32.93 -28.85 46.95
N LYS O 33 33.85 -29.31 47.78
CA LYS O 33 34.64 -28.43 48.60
C LYS O 33 35.19 -27.24 47.78
N GLU O 34 35.78 -27.52 46.63
CA GLU O 34 36.37 -26.50 45.76
C GLU O 34 35.39 -25.60 45.07
N VAL O 35 34.32 -26.17 44.56
CA VAL O 35 33.32 -25.36 43.90
C VAL O 35 32.71 -24.45 44.95
N LYS O 36 32.90 -24.79 46.23
CA LYS O 36 32.39 -23.99 47.35
C LYS O 36 33.41 -22.95 47.72
N LYS O 37 34.64 -23.41 47.89
CA LYS O 37 35.77 -22.55 48.24
C LYS O 37 36.08 -21.63 47.05
N GLY O 38 35.55 -21.99 45.89
CA GLY O 38 35.74 -21.18 44.69
C GLY O 38 34.74 -20.06 44.88
N ILE O 39 33.45 -20.39 44.82
CA ILE O 39 32.41 -19.39 45.00
C ILE O 39 32.74 -18.53 46.20
N ALA O 40 33.30 -19.14 47.24
CA ALA O 40 33.67 -18.39 48.43
C ALA O 40 34.52 -17.19 48.07
N LEU O 41 35.64 -17.46 47.41
CA LEU O 41 36.53 -16.39 47.00
C LEU O 41 35.75 -15.41 46.15
N ALA O 42 35.06 -15.94 45.15
CA ALA O 42 34.29 -15.11 44.25
C ALA O 42 33.41 -14.09 44.97
N LEU O 43 32.89 -14.47 46.14
CA LEU O 43 32.02 -13.60 46.93
C LEU O 43 32.81 -12.54 47.68
N PHE O 44 34.11 -12.79 47.87
CA PHE O 44 34.99 -11.85 48.56
C PHE O 44 35.76 -10.98 47.58
N GLY O 45 35.87 -11.45 46.33
CA GLY O 45 36.56 -10.70 45.30
C GLY O 45 38.02 -10.30 45.52
N GLY O 46 38.66 -9.93 44.41
CA GLY O 46 40.04 -9.52 44.44
C GLY O 46 40.15 -8.08 44.89
N VAL O 47 41.37 -7.57 44.94
CA VAL O 47 41.63 -6.20 45.39
C VAL O 47 40.77 -5.11 44.74
N SER O 48 40.72 -5.07 43.42
CA SER O 48 39.94 -4.07 42.69
C SER O 48 40.13 -2.65 43.27
N ARG O 49 41.18 -1.97 42.83
CA ARG O 49 41.53 -0.61 43.28
C ARG O 49 42.28 0.05 42.13
N LYS O 50 41.63 0.99 41.44
CA LYS O 50 42.27 1.64 40.31
C LYS O 50 43.32 2.69 40.67
N LEU O 51 44.24 2.92 39.74
CA LEU O 51 45.29 3.92 39.88
C LEU O 51 45.33 4.66 38.55
N PRO O 52 45.86 5.90 38.51
CA PRO O 52 45.94 6.72 37.28
C PRO O 52 46.96 6.18 36.30
N ASP O 53 48.12 5.82 36.83
CA ASP O 53 49.23 5.27 36.07
C ASP O 53 48.86 3.87 35.56
N GLY O 54 48.25 3.09 36.43
CA GLY O 54 47.83 1.74 36.08
C GLY O 54 46.34 1.68 35.78
N THR O 55 45.83 2.76 35.21
CA THR O 55 44.43 2.89 34.83
C THR O 55 43.45 2.02 35.66
N ARG O 56 42.35 1.60 35.04
CA ARG O 56 41.33 0.77 35.68
C ARG O 56 41.95 -0.42 36.41
N LEU O 57 41.16 -1.09 37.26
CA LEU O 57 41.61 -2.27 37.99
C LEU O 57 40.45 -3.07 38.62
N ARG O 58 39.90 -3.99 37.82
CA ARG O 58 38.80 -4.86 38.25
C ARG O 58 39.35 -5.84 39.27
N GLY O 59 38.48 -6.35 40.13
CA GLY O 59 38.93 -7.30 41.12
C GLY O 59 37.91 -8.39 41.23
N ASP O 60 36.71 -8.11 40.72
CA ASP O 60 35.62 -9.05 40.77
C ASP O 60 36.04 -10.37 40.12
N ILE O 61 35.67 -11.45 40.78
CA ILE O 61 36.01 -12.79 40.33
C ILE O 61 34.81 -13.53 39.75
N HIS O 62 34.85 -13.82 38.46
CA HIS O 62 33.77 -14.54 37.80
C HIS O 62 33.98 -16.05 37.86
N VAL O 63 32.90 -16.79 38.03
CA VAL O 63 33.01 -18.23 38.16
C VAL O 63 32.02 -19.00 37.31
N LEU O 64 32.51 -19.91 36.48
CA LEU O 64 31.63 -20.69 35.65
C LEU O 64 31.52 -22.13 36.10
N LEU O 65 30.31 -22.66 36.09
CA LEU O 65 30.04 -24.03 36.53
C LEU O 65 29.44 -24.84 35.38
N VAL O 66 30.24 -25.58 34.63
CA VAL O 66 29.68 -26.36 33.52
C VAL O 66 29.71 -27.86 33.73
N GLY O 67 28.55 -28.51 33.64
CA GLY O 67 28.54 -29.95 33.84
C GLY O 67 27.34 -30.72 33.30
N ASP O 68 27.41 -32.04 33.44
CA ASP O 68 26.33 -32.93 33.01
C ASP O 68 25.13 -32.52 33.84
N PRO O 69 23.92 -32.93 33.45
CA PRO O 69 22.77 -32.54 34.23
C PRO O 69 22.69 -33.29 35.55
N GLY O 70 21.91 -32.74 36.48
CA GLY O 70 21.72 -33.37 37.77
C GLY O 70 22.96 -33.44 38.65
N VAL O 71 23.72 -32.35 38.65
CA VAL O 71 24.94 -32.26 39.44
C VAL O 71 24.88 -31.21 40.53
N ALA O 72 23.74 -30.52 40.67
CA ALA O 72 23.53 -29.50 41.70
C ALA O 72 23.82 -28.06 41.28
N LYS O 73 24.17 -27.85 40.03
CA LYS O 73 24.47 -26.49 39.57
C LYS O 73 23.33 -25.56 39.92
N SER O 74 22.18 -25.77 39.29
CA SER O 74 21.00 -24.95 39.54
C SER O 74 20.83 -24.77 41.05
N GLN O 75 20.78 -25.88 41.78
CA GLN O 75 20.63 -25.85 43.23
C GLN O 75 21.62 -24.88 43.87
N ILE O 76 22.91 -25.17 43.74
CA ILE O 76 23.96 -24.34 44.29
C ILE O 76 23.77 -22.86 44.09
N LEU O 77 23.73 -22.41 42.84
CA LEU O 77 23.55 -20.98 42.58
C LEU O 77 22.47 -20.44 43.48
N ARG O 78 21.34 -21.14 43.51
CA ARG O 78 20.21 -20.75 44.32
C ARG O 78 20.62 -20.49 45.76
N TYR O 79 21.36 -21.41 46.38
CA TYR O 79 21.79 -21.22 47.77
C TYR O 79 22.66 -20.00 47.92
N VAL O 80 23.39 -19.67 46.87
CA VAL O 80 24.27 -18.52 46.93
C VAL O 80 23.42 -17.28 46.96
N ALA O 81 22.37 -17.23 46.16
CA ALA O 81 21.52 -16.06 46.16
C ALA O 81 21.00 -15.82 47.58
N ASN O 82 20.57 -16.90 48.23
CA ASN O 82 20.05 -16.83 49.59
C ASN O 82 21.11 -16.45 50.63
N LEU O 83 22.35 -16.24 50.19
CA LEU O 83 23.43 -15.85 51.09
C LEU O 83 23.98 -14.50 50.66
N ALA O 84 24.71 -14.48 49.54
CA ALA O 84 25.31 -13.28 49.00
C ALA O 84 24.46 -12.03 49.22
N PRO O 85 25.12 -10.91 49.56
CA PRO O 85 24.38 -9.67 49.80
C PRO O 85 23.53 -9.27 48.60
N ARG O 86 24.14 -8.56 47.66
CA ARG O 86 23.44 -8.08 46.47
C ARG O 86 23.32 -9.17 45.39
N ALA O 87 22.75 -10.32 45.75
CA ALA O 87 22.63 -11.44 44.80
C ALA O 87 21.39 -11.46 43.91
N ILE O 88 21.60 -11.73 42.62
CA ILE O 88 20.51 -11.82 41.67
C ILE O 88 20.56 -13.16 40.95
N TYR O 89 19.63 -14.05 41.26
CA TYR O 89 19.58 -15.33 40.58
C TYR O 89 18.68 -15.11 39.39
N THR O 90 18.97 -15.76 38.29
CA THR O 90 18.17 -15.60 37.10
C THR O 90 18.52 -16.69 36.10
N SER O 91 17.67 -17.72 36.00
CA SER O 91 17.94 -18.83 35.08
C SER O 91 17.30 -18.62 33.71
N UNK O 92 18.06 -18.85 32.64
CA UNK O 92 17.53 -18.69 31.29
C UNK O 92 16.28 -19.56 31.12
N UNK O 93 15.15 -18.99 31.51
CA UNK O 93 13.85 -19.66 31.44
C UNK O 93 12.76 -18.75 32.04
N UNK O 94 11.69 -18.54 31.28
CA UNK O 94 10.55 -17.71 31.69
C UNK O 94 10.90 -16.22 31.78
N UNK O 95 10.21 -15.49 32.65
CA UNK O 95 10.47 -14.05 32.83
C UNK O 95 10.60 -13.66 34.30
N UNK O 96 11.26 -12.53 34.55
CA UNK O 96 11.51 -12.03 35.92
C UNK O 96 12.16 -13.12 36.78
N UNK O 97 12.88 -12.72 37.83
CA UNK O 97 13.56 -13.67 38.70
C UNK O 97 13.40 -13.33 40.21
N UNK O 98 13.73 -14.29 41.07
CA UNK O 98 13.60 -14.11 42.53
C UNK O 98 14.88 -13.58 43.18
N UNK O 99 15.63 -14.47 43.81
CA UNK O 99 16.89 -14.08 44.46
C UNK O 99 16.71 -13.15 45.66
N UNK O 100 16.89 -11.86 45.40
CA UNK O 100 16.80 -10.80 46.40
C UNK O 100 15.93 -11.03 47.63
N UNK O 101 16.34 -10.37 48.71
CA UNK O 101 15.62 -10.44 49.96
C UNK O 101 14.99 -9.06 50.14
N UNK O 102 15.10 -8.27 49.07
CA UNK O 102 14.57 -6.91 48.96
C UNK O 102 14.58 -5.96 50.16
N UNK O 103 14.81 -4.68 49.86
CA UNK O 103 14.84 -3.60 50.85
C UNK O 103 14.87 -2.27 50.11
N UNK O 104 13.72 -1.93 49.51
CA UNK O 104 13.57 -0.69 48.76
C UNK O 104 14.54 -0.67 47.58
N UNK O 105 14.71 -1.82 46.94
CA UNK O 105 15.61 -1.95 45.79
C UNK O 105 17.10 -1.81 46.18
N UNK O 106 17.98 -1.79 45.18
CA UNK O 106 19.44 -1.72 45.38
C UNK O 106 20.05 -0.33 45.63
N UNK O 107 21.20 -0.30 46.30
CA UNK O 107 21.90 0.93 46.63
C UNK O 107 22.31 1.83 45.46
N UNK O 108 22.73 1.25 44.33
CA UNK O 108 23.12 2.09 43.19
C UNK O 108 22.47 1.74 41.85
N UNK O 109 23.06 2.26 40.77
CA UNK O 109 22.56 2.11 39.40
C UNK O 109 22.21 0.79 38.69
N UNK O 110 21.71 0.98 37.47
CA UNK O 110 21.28 -0.04 36.52
C UNK O 110 20.27 -1.15 36.89
N UNK O 111 19.96 -1.96 35.87
CA UNK O 111 19.00 -3.06 35.96
C UNK O 111 18.77 -3.56 34.52
N UNK O 112 17.98 -4.63 34.30
CA UNK O 112 17.71 -5.08 32.92
C UNK O 112 16.82 -6.32 32.62
N UNK O 113 17.19 -7.09 31.58
CA UNK O 113 16.46 -8.30 31.09
C UNK O 113 16.66 -9.64 31.83
N UNK O 114 17.92 -10.02 32.02
CA UNK O 114 18.24 -11.23 32.77
C UNK O 114 17.97 -10.77 34.19
N UNK O 115 18.45 -9.54 34.46
CA UNK O 115 18.33 -8.81 35.72
C UNK O 115 19.68 -8.67 36.44
N UNK O 116 20.41 -7.62 36.11
CA UNK O 116 21.70 -7.38 36.73
C UNK O 116 21.72 -5.93 37.25
N UNK O 117 22.36 -5.72 38.40
CA UNK O 117 22.44 -4.40 39.04
C UNK O 117 23.75 -3.63 38.80
N UNK O 118 23.77 -2.86 37.71
CA UNK O 118 24.93 -2.04 37.27
C UNK O 118 24.80 -0.57 37.63
N GLY O 125 26.57 -2.59 42.43
CA GLY O 125 27.32 -3.73 41.94
C GLY O 125 26.46 -4.95 42.11
N GLY O 126 26.96 -5.91 42.92
CA GLY O 126 26.20 -7.12 43.19
C GLY O 126 26.46 -8.34 42.31
N TYR O 127 26.55 -9.50 42.93
CA TYR O 127 26.79 -10.75 42.21
C TYR O 127 25.54 -11.25 41.49
N ALA O 128 25.66 -11.49 40.19
CA ALA O 128 24.53 -11.98 39.42
C ALA O 128 24.75 -13.45 39.14
N LEU O 129 23.98 -14.26 39.85
CA LEU O 129 24.04 -15.70 39.72
C LEU O 129 23.21 -16.08 38.51
N ILE O 130 23.90 -16.41 37.42
CA ILE O 130 23.25 -16.76 36.16
C ILE O 130 23.21 -18.24 35.82
N ASP O 131 22.15 -18.92 36.21
CA ASP O 131 22.06 -20.33 35.89
C ASP O 131 21.66 -20.51 34.43
N GLU O 132 22.13 -21.58 33.81
CA GLU O 132 21.81 -21.90 32.42
C GLU O 132 22.30 -20.86 31.43
N LEU O 133 23.53 -20.40 31.61
CA LEU O 133 24.12 -19.40 30.74
C LEU O 133 24.25 -19.83 29.29
N ASP O 134 24.05 -21.12 29.03
CA ASP O 134 24.15 -21.64 27.66
C ASP O 134 22.81 -21.53 26.93
N LYS O 135 21.76 -21.15 27.65
CA LYS O 135 20.43 -20.98 27.09
C LYS O 135 19.97 -19.52 27.16
N MET O 136 20.92 -18.61 27.04
CA MET O 136 20.60 -17.18 27.06
C MET O 136 20.29 -16.80 25.63
N SER O 137 19.24 -16.03 25.41
CA SER O 137 18.93 -15.61 24.05
C SER O 137 20.16 -14.80 23.66
N ASP O 138 20.73 -15.06 22.48
CA ASP O 138 21.91 -14.35 22.01
C ASP O 138 22.00 -12.88 22.47
N ARG O 139 20.86 -12.26 22.76
CA ARG O 139 20.83 -10.88 23.24
C ARG O 139 21.32 -10.86 24.69
N ASP O 140 20.55 -11.49 25.56
CA ASP O 140 20.92 -11.56 26.97
C ASP O 140 22.36 -12.03 27.16
N ARG O 141 22.87 -12.84 26.23
CA ARG O 141 24.24 -13.30 26.31
C ARG O 141 25.11 -12.06 26.06
N SER O 142 25.07 -11.59 24.82
CA SER O 142 25.83 -10.44 24.38
C SER O 142 26.16 -9.48 25.52
N VAL O 143 25.13 -9.00 26.19
CA VAL O 143 25.32 -8.06 27.29
C VAL O 143 26.38 -8.53 28.28
N ILE O 144 26.17 -9.70 28.86
CA ILE O 144 27.11 -10.26 29.80
C ILE O 144 28.50 -10.30 29.17
N HIS O 145 28.54 -10.88 27.98
CA HIS O 145 29.77 -10.99 27.23
C HIS O 145 30.49 -9.64 27.31
N GLU O 146 29.77 -8.57 27.02
CA GLU O 146 30.36 -7.24 27.09
C GLU O 146 30.71 -6.94 28.54
N ALA O 147 29.75 -7.15 29.42
CA ALA O 147 29.92 -6.89 30.84
C ALA O 147 31.15 -7.58 31.44
N LEU O 148 31.42 -8.81 31.01
CA LEU O 148 32.56 -9.56 31.50
C LEU O 148 33.81 -9.09 30.83
N GLU O 149 33.69 -8.84 29.52
CA GLU O 149 34.80 -8.38 28.70
C GLU O 149 35.16 -6.93 29.00
N GLN O 150 34.32 -6.00 28.53
CA GLN O 150 34.54 -4.57 28.74
C GLN O 150 34.59 -4.17 30.20
N GLN O 151 33.54 -4.50 30.93
CA GLN O 151 33.37 -4.14 32.33
C GLN O 151 32.46 -2.92 32.26
N THR O 152 31.80 -2.78 31.10
CA THR O 152 30.91 -1.65 30.83
C THR O 152 29.88 -1.97 29.74
N ILE O 153 28.61 -1.94 30.07
CA ILE O 153 27.58 -2.21 29.08
C ILE O 153 27.23 -0.92 28.34
N SER O 154 26.33 -1.01 27.36
CA SER O 154 25.91 0.18 26.62
C SER O 154 24.71 -0.04 25.69
N ILE O 155 23.77 0.90 25.77
CA ILE O 155 22.56 0.88 24.95
C ILE O 155 22.38 2.26 24.35
N SER O 156 22.52 2.37 23.03
CA SER O 156 22.34 3.66 22.38
C SER O 156 21.18 3.55 21.40
N LYS O 157 20.14 2.83 21.82
CA LYS O 157 18.95 2.63 21.00
C LYS O 157 18.06 3.88 20.99
N ALA O 158 18.24 4.68 19.93
CA ALA O 158 17.55 5.95 19.65
C ALA O 158 18.62 7.00 19.44
N GLY O 159 18.26 8.27 19.58
CA GLY O 159 19.25 9.31 19.41
C GLY O 159 20.19 9.28 20.60
N ILE O 160 19.64 8.92 21.75
CA ILE O 160 20.41 8.84 22.98
C ILE O 160 21.42 7.71 23.01
N THR O 161 22.43 7.88 23.85
CA THR O 161 23.50 6.91 24.02
C THR O 161 23.67 6.61 25.50
N ALA O 162 23.45 5.36 25.89
CA ALA O 162 23.55 4.99 27.29
C ALA O 162 24.68 4.05 27.63
N THR O 163 25.70 4.55 28.33
CA THR O 163 26.78 3.67 28.72
C THR O 163 26.64 3.34 30.20
N LEU O 164 26.24 2.10 30.45
CA LEU O 164 26.03 1.60 31.80
C LEU O 164 27.34 1.05 32.32
N ASN O 165 27.73 1.45 33.53
CA ASN O 165 28.96 0.94 34.12
C ASN O 165 28.70 -0.42 34.75
N ALA O 166 29.39 -1.44 34.23
CA ALA O 166 29.26 -2.80 34.71
C ALA O 166 30.29 -3.06 35.79
N ARG O 167 29.82 -3.37 36.98
CA ARG O 167 30.70 -3.63 38.10
C ARG O 167 30.08 -4.65 39.02
N THR O 168 29.85 -5.85 38.50
CA THR O 168 29.27 -6.94 39.28
C THR O 168 30.04 -8.23 39.08
N THR O 169 29.78 -9.20 39.96
CA THR O 169 30.43 -10.50 39.87
C THR O 169 29.48 -11.48 39.19
N VAL O 170 30.02 -12.42 38.44
CA VAL O 170 29.16 -13.38 37.76
C VAL O 170 29.48 -14.80 38.12
N ILE O 171 28.60 -15.42 38.88
CA ILE O 171 28.78 -16.81 39.24
C ILE O 171 27.74 -17.56 38.43
N ALA O 172 28.16 -18.13 37.31
CA ALA O 172 27.24 -18.82 36.41
C ALA O 172 27.45 -20.30 36.23
N ALA O 173 26.38 -20.93 35.76
CA ALA O 173 26.35 -22.35 35.48
C ALA O 173 26.09 -22.53 34.00
N ALA O 174 26.23 -23.76 33.51
CA ALA O 174 26.02 -24.03 32.09
C ALA O 174 26.14 -25.53 31.76
N ASN O 175 25.38 -25.96 30.77
CA ASN O 175 25.41 -27.36 30.34
C ASN O 175 26.15 -27.43 29.01
N PRO O 176 26.57 -28.63 28.61
CA PRO O 176 27.30 -28.83 27.34
C PRO O 176 26.32 -28.70 26.18
N LYS O 177 26.84 -28.41 24.99
CA LYS O 177 25.97 -28.28 23.83
C LYS O 177 25.18 -29.57 23.65
N GLN O 178 25.74 -30.66 24.15
CA GLN O 178 25.13 -31.98 24.03
C GLN O 178 24.26 -32.38 25.21
N GLY O 179 24.53 -31.80 26.37
CA GLY O 179 23.77 -32.14 27.57
C GLY O 179 24.75 -32.72 28.57
N ARG O 180 25.42 -33.79 28.13
CA ARG O 180 26.43 -34.49 28.92
C ARG O 180 27.67 -34.48 28.03
N PHE O 181 28.85 -34.74 28.58
CA PHE O 181 30.01 -34.75 27.69
C PHE O 181 31.07 -35.81 27.92
N ASN O 182 30.79 -36.75 28.83
CA ASN O 182 31.70 -37.83 29.19
C ASN O 182 32.72 -38.24 28.13
N ARG O 183 32.41 -38.00 26.86
CA ARG O 183 33.34 -38.34 25.81
C ARG O 183 34.73 -37.80 26.11
N MET O 184 35.67 -38.15 25.25
CA MET O 184 37.05 -37.74 25.39
C MET O 184 37.24 -36.27 25.04
N LYS O 185 36.68 -35.86 23.89
CA LYS O 185 36.78 -34.47 23.42
C LYS O 185 36.84 -33.46 24.57
N ASN O 186 37.55 -32.35 24.36
CA ASN O 186 37.70 -31.33 25.38
C ASN O 186 36.46 -30.58 25.80
N PRO O 187 36.20 -30.56 27.11
CA PRO O 187 35.06 -29.91 27.74
C PRO O 187 34.82 -28.52 27.18
N PHE O 188 35.83 -27.96 26.54
CA PHE O 188 35.70 -26.63 26.00
C PHE O 188 35.10 -26.50 24.62
N GLU O 189 34.93 -27.62 23.94
CA GLU O 189 34.33 -27.58 22.62
C GLU O 189 32.86 -27.91 22.82
N GLN O 190 32.59 -28.53 23.96
CA GLN O 190 31.26 -28.96 24.29
C GLN O 190 30.35 -27.89 24.88
N ILE O 191 30.93 -26.79 25.37
CA ILE O 191 30.14 -25.70 25.95
C ILE O 191 29.58 -24.85 24.80
N ASP O 192 28.38 -24.29 24.96
CA ASP O 192 27.78 -23.47 23.89
C ASP O 192 28.08 -21.97 24.00
N LEU O 193 29.18 -21.64 24.67
CA LEU O 193 29.56 -20.24 24.85
C LEU O 193 30.80 -19.87 24.02
N PRO O 194 30.82 -18.65 23.48
CA PRO O 194 31.96 -18.22 22.68
C PRO O 194 33.20 -18.19 23.53
N PRO O 195 34.21 -18.98 23.17
CA PRO O 195 35.45 -19.03 23.92
C PRO O 195 35.95 -17.69 24.46
N THR O 196 35.75 -16.62 23.70
CA THR O 196 36.20 -15.31 24.16
C THR O 196 35.39 -14.76 25.31
N LEU O 197 34.44 -15.57 25.78
CA LEU O 197 33.60 -15.19 26.90
C LEU O 197 34.13 -16.02 28.05
N LEU O 198 34.21 -17.32 27.81
CA LEU O 198 34.70 -18.26 28.80
C LEU O 198 36.02 -17.77 29.37
N SER O 199 36.88 -17.29 28.49
CA SER O 199 38.19 -16.79 28.89
C SER O 199 38.09 -15.72 29.96
N ARG O 200 36.87 -15.23 30.19
CA ARG O 200 36.64 -14.18 31.17
C ARG O 200 36.47 -14.65 32.60
N PHE O 201 36.23 -15.95 32.76
CA PHE O 201 36.05 -16.51 34.08
C PHE O 201 37.42 -16.80 34.70
N ASP O 202 37.52 -16.57 36.01
CA ASP O 202 38.75 -16.79 36.75
C ASP O 202 38.85 -18.25 37.16
N LEU O 203 37.72 -18.96 37.17
CA LEU O 203 37.71 -20.38 37.51
C LEU O 203 36.54 -21.04 36.84
N ILE O 204 36.79 -22.15 36.15
CA ILE O 204 35.69 -22.92 35.53
C ILE O 204 35.63 -24.37 36.14
N PHE O 205 34.57 -24.66 36.87
CA PHE O 205 34.47 -25.98 37.44
C PHE O 205 33.73 -26.88 36.51
N VAL O 206 34.44 -27.87 36.00
CA VAL O 206 33.85 -28.83 35.11
C VAL O 206 33.29 -29.99 35.94
N LEU O 207 31.99 -30.23 35.81
CA LEU O 207 31.40 -31.28 36.61
C LEU O 207 30.80 -32.44 35.83
N ILE O 208 31.56 -33.53 35.75
CA ILE O 208 31.11 -34.75 35.06
C ILE O 208 30.50 -35.56 36.18
N ASP O 209 29.81 -36.66 35.86
CA ASP O 209 29.28 -37.44 36.96
C ASP O 209 29.22 -38.94 36.71
N GLU O 210 30.33 -39.60 37.03
CA GLU O 210 30.39 -41.05 36.89
C GLU O 210 29.39 -41.53 37.90
N PRO O 211 29.00 -42.81 37.83
CA PRO O 211 28.04 -43.29 38.81
C PRO O 211 28.68 -43.48 40.18
N ASP O 212 29.38 -44.59 40.37
CA ASP O 212 30.05 -44.88 41.65
C ASP O 212 29.07 -45.03 42.83
N ASP O 213 29.18 -46.15 43.55
CA ASP O 213 28.31 -46.42 44.69
C ASP O 213 28.58 -45.52 45.89
N LYS O 214 29.80 -45.61 46.42
CA LYS O 214 30.20 -44.82 47.58
C LYS O 214 29.60 -43.44 47.56
N ILE O 215 30.14 -42.58 46.71
CA ILE O 215 29.68 -41.21 46.58
C ILE O 215 28.15 -41.14 46.52
N ASP O 216 27.52 -41.84 45.57
CA ASP O 216 26.06 -41.82 45.46
C ASP O 216 25.36 -42.08 46.78
N SER O 217 25.75 -43.17 47.43
CA SER O 217 25.18 -43.51 48.72
C SER O 217 25.22 -42.27 49.61
N GLU O 218 26.40 -41.65 49.67
CA GLU O 218 26.60 -40.45 50.47
C GLU O 218 25.64 -39.36 50.06
N VAL O 219 25.73 -38.96 48.79
CA VAL O 219 24.89 -37.92 48.26
C VAL O 219 23.43 -38.12 48.59
N ALA O 220 22.92 -39.30 48.28
CA ALA O 220 21.52 -39.57 48.56
C ALA O 220 21.27 -39.45 50.06
N ARG O 221 21.91 -40.34 50.83
CA ARG O 221 21.74 -40.30 52.28
C ARG O 221 21.68 -38.85 52.75
N HIS O 222 22.54 -38.02 52.17
CA HIS O 222 22.59 -36.62 52.55
C HIS O 222 21.31 -35.89 52.20
N ILE O 223 20.85 -36.05 50.96
CA ILE O 223 19.64 -35.39 50.53
C ILE O 223 18.54 -35.69 51.52
N LEU O 224 18.18 -36.96 51.62
CA LEU O 224 17.14 -37.35 52.55
C LEU O 224 17.33 -36.59 53.86
N ARG O 225 18.48 -36.79 54.50
CA ARG O 225 18.77 -36.13 55.76
C ARG O 225 18.20 -34.72 55.70
N VAL O 226 18.95 -33.81 55.09
CA VAL O 226 18.50 -32.42 54.98
C VAL O 226 17.42 -32.30 53.94
N ARG O 227 16.31 -32.99 54.18
CA ARG O 227 15.18 -32.99 53.26
C ARG O 227 13.95 -33.36 54.05
N ARG O 228 14.16 -33.79 55.29
CA ARG O 228 13.04 -34.18 56.12
C ARG O 228 12.73 -33.19 57.21
N GLY O 229 11.43 -32.96 57.42
CA GLY O 229 10.99 -32.01 58.43
C GLY O 229 11.39 -30.62 58.00
N GLU O 230 11.52 -29.71 58.95
CA GLU O 230 11.92 -28.34 58.64
C GLU O 230 13.26 -28.02 59.31
N SER O 231 13.96 -29.06 59.76
CA SER O 231 15.25 -28.91 60.43
C SER O 231 16.13 -30.16 60.42
N GLU O 232 17.45 -29.95 60.50
CA GLU O 232 18.46 -31.02 60.52
C GLU O 232 19.79 -30.45 61.02
N VAL O 233 20.72 -31.32 61.38
CA VAL O 233 22.04 -30.89 61.84
C VAL O 233 22.83 -30.45 60.61
N VAL O 234 22.10 -30.09 59.56
CA VAL O 234 22.70 -29.64 58.33
C VAL O 234 22.19 -28.26 57.93
N ALA O 235 22.81 -27.29 58.59
CA ALA O 235 22.60 -25.86 58.45
C ALA O 235 24.00 -25.25 58.62
N PRO O 236 24.18 -24.01 58.17
CA PRO O 236 25.46 -23.29 58.23
C PRO O 236 26.30 -23.47 59.48
N LYS O 237 27.62 -23.45 59.28
CA LYS O 237 28.60 -23.56 60.35
C LYS O 237 28.76 -22.14 60.88
N ILE O 238 28.14 -21.22 60.17
CA ILE O 238 28.15 -19.79 60.50
C ILE O 238 26.81 -19.26 60.07
N PRO O 239 26.17 -18.46 60.93
CA PRO O 239 24.86 -17.90 60.57
C PRO O 239 24.97 -17.08 59.29
N HIS O 240 24.02 -17.24 58.38
CA HIS O 240 24.07 -16.50 57.13
C HIS O 240 23.95 -14.98 57.29
N GLU O 241 23.24 -14.51 58.31
CA GLU O 241 23.12 -13.07 58.49
C GLU O 241 24.46 -12.50 58.91
N ILE O 242 25.19 -13.24 59.75
CA ILE O 242 26.52 -12.82 60.22
C ILE O 242 27.47 -12.86 59.03
N LEU O 243 27.57 -14.04 58.43
CA LEU O 243 28.44 -14.30 57.30
C LEU O 243 28.21 -13.39 56.11
N ARG O 244 27.03 -12.77 56.04
CA ARG O 244 26.72 -11.87 54.92
C ARG O 244 27.23 -10.48 55.26
N LYS O 245 27.32 -10.21 56.56
CA LYS O 245 27.82 -8.93 57.02
C LYS O 245 29.33 -9.04 56.92
N TYR O 246 29.85 -10.18 57.37
CA TYR O 246 31.28 -10.46 57.33
C TYR O 246 31.84 -10.20 55.93
N ILE O 247 31.09 -10.62 54.92
CA ILE O 247 31.50 -10.43 53.54
C ILE O 247 31.52 -8.95 53.23
N ALA O 248 30.33 -8.35 53.18
CA ALA O 248 30.20 -6.94 52.89
C ALA O 248 31.21 -6.10 53.68
N TYR O 249 31.67 -6.63 54.81
CA TYR O 249 32.64 -5.95 55.65
C TYR O 249 34.04 -6.01 55.05
N ALA O 250 34.51 -7.22 54.77
CA ALA O 250 35.83 -7.41 54.19
C ALA O 250 35.93 -6.80 52.79
N ARG O 251 34.82 -6.68 52.08
CA ARG O 251 34.84 -6.06 50.76
C ARG O 251 34.83 -4.56 50.96
N LYS O 252 35.19 -4.13 52.16
CA LYS O 252 35.18 -2.72 52.50
C LYS O 252 36.48 -2.26 53.16
N ASN O 253 36.77 -2.84 54.32
CA ASN O 253 37.94 -2.47 55.10
C ASN O 253 39.25 -3.18 54.76
N ILE O 254 39.19 -4.25 53.98
CA ILE O 254 40.39 -4.99 53.66
C ILE O 254 40.79 -4.88 52.20
N HIS O 255 42.07 -4.61 51.95
CA HIS O 255 42.59 -4.50 50.59
C HIS O 255 43.99 -5.09 50.54
N PRO O 256 44.09 -6.42 50.70
CA PRO O 256 45.35 -7.15 50.69
C PRO O 256 46.43 -6.72 49.72
N VAL O 257 47.64 -6.62 50.27
CA VAL O 257 48.81 -6.25 49.49
C VAL O 257 49.61 -7.52 49.43
N ILE O 258 50.28 -7.70 48.31
CA ILE O 258 51.04 -8.91 48.09
C ILE O 258 52.38 -9.01 48.81
N SER O 259 52.53 -10.01 49.66
CA SER O 259 53.78 -10.19 50.38
C SER O 259 54.81 -10.78 49.46
N GLU O 260 56.04 -10.27 49.52
CA GLU O 260 57.11 -10.81 48.68
C GLU O 260 57.05 -12.30 48.92
N GLU O 261 56.60 -12.65 50.13
CA GLU O 261 56.47 -14.04 50.56
C GLU O 261 55.70 -14.80 49.49
N ALA O 262 54.46 -14.37 49.27
CA ALA O 262 53.57 -14.99 48.31
C ALA O 262 54.02 -14.81 46.88
N MET O 263 54.28 -13.56 46.52
CA MET O 263 54.72 -13.21 45.18
C MET O 263 55.56 -14.32 44.55
N GLU O 264 56.61 -14.72 45.24
CA GLU O 264 57.49 -15.77 44.77
C GLU O 264 56.74 -17.06 44.46
N GLU O 265 55.71 -17.35 45.26
CA GLU O 265 54.92 -18.56 45.08
C GLU O 265 54.04 -18.55 43.84
N ILE O 266 53.40 -17.41 43.59
CA ILE O 266 52.51 -17.31 42.45
C ILE O 266 53.26 -17.23 41.11
N GLU O 267 54.41 -16.56 41.11
CA GLU O 267 55.15 -16.46 39.86
C GLU O 267 55.80 -17.81 39.57
N LYS O 268 56.41 -18.40 40.61
CA LYS O 268 57.07 -19.70 40.52
C LYS O 268 56.12 -20.69 39.88
N TYR O 269 54.84 -20.40 40.03
CA TYR O 269 53.79 -21.25 39.51
C TYR O 269 53.32 -20.83 38.11
N TYR O 270 53.02 -19.56 37.95
CA TYR O 270 52.55 -19.07 36.66
C TYR O 270 53.48 -19.62 35.60
N VAL O 271 54.78 -19.51 35.83
CA VAL O 271 55.76 -20.01 34.89
C VAL O 271 55.57 -21.52 34.68
N ARG O 272 55.30 -22.25 35.78
CA ARG O 272 55.05 -23.69 35.75
C ARG O 272 53.87 -23.90 34.82
N MET O 273 52.80 -23.19 35.15
CA MET O 273 51.57 -23.23 34.39
C MET O 273 51.82 -22.98 32.91
N ARG O 274 52.73 -22.07 32.61
CA ARG O 274 53.04 -21.75 31.25
C ARG O 274 53.47 -23.00 30.46
N LYS O 275 54.37 -23.80 31.03
CA LYS O 275 54.85 -25.02 30.37
C LYS O 275 53.68 -25.94 30.04
N SER O 276 53.25 -25.92 28.77
CA SER O 276 52.14 -26.76 28.26
C SER O 276 51.86 -26.42 26.80
N PRO O 291 45.04 -23.89 27.51
CA PRO O 291 45.23 -22.80 26.54
C PRO O 291 45.66 -21.43 27.15
N ILE O 292 46.65 -21.50 28.05
CA ILE O 292 47.28 -20.40 28.85
C ILE O 292 47.86 -19.14 28.24
N THR O 293 47.63 -18.01 28.93
CA THR O 293 48.12 -16.70 28.50
C THR O 293 48.71 -16.07 29.75
N ALA O 294 48.81 -14.75 29.71
CA ALA O 294 49.33 -14.00 30.82
C ALA O 294 48.14 -13.55 31.69
N ARG O 295 46.94 -13.83 31.21
CA ARG O 295 45.73 -13.46 31.93
C ARG O 295 45.58 -14.38 33.11
N GLN O 296 45.91 -15.65 32.90
CA GLN O 296 45.85 -16.65 33.94
C GLN O 296 46.54 -16.15 35.19
N LEU O 297 47.63 -15.41 35.00
CA LEU O 297 48.40 -14.84 36.10
C LEU O 297 47.57 -13.80 36.85
N GLU O 298 46.90 -12.92 36.10
CA GLU O 298 46.06 -11.87 36.68
C GLU O 298 45.00 -12.45 37.60
N ALA O 299 44.22 -13.39 37.06
CA ALA O 299 43.14 -14.02 37.81
C ALA O 299 43.67 -14.78 39.03
N LEU O 300 44.80 -15.44 38.86
CA LEU O 300 45.38 -16.15 39.97
C LEU O 300 45.63 -15.15 41.08
N ILE O 301 46.09 -13.96 40.70
CA ILE O 301 46.35 -12.88 41.64
C ILE O 301 45.06 -12.51 42.37
N ARG O 302 43.97 -12.40 41.63
CA ARG O 302 42.70 -12.06 42.25
C ARG O 302 42.27 -13.07 43.31
N LEU O 303 42.39 -14.36 43.01
CA LEU O 303 42.00 -15.39 43.97
C LEU O 303 42.75 -15.21 45.27
N SER O 304 44.08 -15.31 45.20
CA SER O 304 44.94 -15.17 46.39
C SER O 304 44.69 -13.87 47.15
N GLU O 305 44.32 -12.81 46.45
CA GLU O 305 44.03 -11.55 47.13
C GLU O 305 42.73 -11.78 47.92
N ALA O 306 41.70 -12.32 47.27
CA ALA O 306 40.42 -12.57 47.90
C ALA O 306 40.53 -13.58 49.04
N HIS O 307 41.37 -14.59 48.87
CA HIS O 307 41.51 -15.60 49.91
C HIS O 307 42.02 -14.96 51.19
N ALA O 308 42.74 -13.85 51.07
CA ALA O 308 43.24 -13.15 52.24
C ALA O 308 42.06 -12.39 52.80
N ARG O 309 41.51 -11.49 51.99
CA ARG O 309 40.36 -10.69 52.35
C ARG O 309 39.31 -11.54 53.05
N MET O 310 39.20 -12.78 52.60
CA MET O 310 38.24 -13.74 53.14
C MET O 310 38.43 -13.93 54.63
N ARG O 311 39.66 -13.73 55.08
CA ARG O 311 40.02 -13.86 56.47
C ARG O 311 40.50 -12.53 57.02
N LEU O 312 40.55 -11.51 56.13
CA LEU O 312 41.00 -10.17 56.50
C LEU O 312 42.49 -10.28 56.83
N SER O 313 43.38 -9.72 56.01
CA SER O 313 44.79 -9.86 56.33
C SER O 313 45.61 -8.62 56.69
N PRO O 314 45.83 -7.69 55.76
CA PRO O 314 45.46 -7.51 54.36
C PRO O 314 46.77 -7.77 53.63
N ILE O 315 47.35 -8.93 53.92
CA ILE O 315 48.60 -9.30 53.32
C ILE O 315 48.56 -10.71 52.78
N VAL O 316 48.54 -10.81 51.46
CA VAL O 316 48.51 -12.09 50.77
C VAL O 316 49.75 -12.89 51.13
N THR O 317 49.69 -13.57 52.27
CA THR O 317 50.81 -14.39 52.77
C THR O 317 51.10 -15.60 51.88
N ARG O 318 52.22 -16.26 52.12
CA ARG O 318 52.58 -17.41 51.32
C ARG O 318 51.45 -18.43 51.28
N GLU O 319 50.71 -18.54 52.38
CA GLU O 319 49.59 -19.48 52.45
C GLU O 319 48.48 -19.12 51.50
N ASP O 320 48.03 -17.89 51.57
CA ASP O 320 46.99 -17.42 50.69
C ASP O 320 47.37 -17.80 49.27
N ALA O 321 48.45 -17.19 48.78
CA ALA O 321 48.93 -17.45 47.43
C ALA O 321 49.01 -18.94 47.16
N ARG O 322 49.42 -19.69 48.18
CA ARG O 322 49.53 -21.14 48.06
C ARG O 322 48.16 -21.70 47.71
N GLU O 323 47.20 -21.45 48.60
CA GLU O 323 45.82 -21.92 48.44
C GLU O 323 45.27 -21.60 47.06
N ALA O 324 45.45 -20.36 46.65
CA ALA O 324 44.98 -19.92 45.36
C ALA O 324 45.42 -20.88 44.29
N ILE O 325 46.72 -21.10 44.17
CA ILE O 325 47.16 -22.01 43.13
C ILE O 325 46.59 -23.41 43.31
N LYS O 326 46.33 -23.81 44.56
CA LYS O 326 45.77 -25.14 44.79
C LYS O 326 44.44 -25.22 44.06
N LEU O 327 43.53 -24.34 44.43
CA LEU O 327 42.23 -24.32 43.82
C LEU O 327 42.37 -24.27 42.30
N MET O 328 43.29 -23.45 41.81
CA MET O 328 43.48 -23.34 40.36
C MET O 328 44.03 -24.59 39.69
N GLU O 329 45.01 -25.26 40.29
CA GLU O 329 45.53 -26.48 39.67
C GLU O 329 44.45 -27.54 39.76
N TYR O 330 43.42 -27.28 40.54
CA TYR O 330 42.32 -28.24 40.64
C TYR O 330 41.39 -28.00 39.48
N THR O 331 40.85 -26.79 39.38
CA THR O 331 39.92 -26.43 38.29
C THR O 331 40.52 -27.03 37.02
N LEU O 332 41.85 -26.96 36.94
CA LEU O 332 42.62 -27.47 35.83
C LEU O 332 42.60 -28.96 35.66
N LYS O 333 42.91 -29.68 36.74
CA LYS O 333 42.91 -31.12 36.67
C LYS O 333 41.56 -31.59 36.13
N GLN O 334 40.49 -31.05 36.69
CA GLN O 334 39.14 -31.41 36.25
C GLN O 334 38.91 -31.32 34.76
N ILE O 335 39.70 -30.50 34.07
CA ILE O 335 39.53 -30.36 32.64
C ILE O 335 39.95 -31.57 31.85
N ALA O 336 40.87 -32.36 32.40
CA ALA O 336 41.32 -33.57 31.74
C ALA O 336 40.19 -34.62 31.77
N MET O 337 39.27 -34.41 32.71
CA MET O 337 38.10 -35.26 32.92
C MET O 337 38.37 -36.74 33.20
N PRO P 2 57.85 29.46 32.27
CA PRO P 2 59.23 29.79 31.82
C PRO P 2 60.22 29.29 32.86
N GLU P 3 59.72 29.07 34.07
CA GLU P 3 60.52 28.53 35.17
C GLU P 3 60.67 27.06 34.84
N GLU P 4 59.76 26.61 33.98
CA GLU P 4 59.68 25.25 33.51
C GLU P 4 60.69 25.07 32.38
N GLU P 5 60.60 25.95 31.39
CA GLU P 5 61.51 25.92 30.25
C GLU P 5 62.93 25.74 30.76
N GLN P 6 63.20 26.32 31.92
CA GLN P 6 64.52 26.23 32.53
C GLN P 6 64.88 24.78 32.81
N ILE P 7 63.95 24.06 33.44
CA ILE P 7 64.15 22.66 33.77
C ILE P 7 64.38 21.85 32.50
N ILE P 8 63.41 21.92 31.59
CA ILE P 8 63.46 21.19 30.32
C ILE P 8 64.85 21.20 29.67
N LYS P 9 65.36 22.40 29.37
CA LYS P 9 66.68 22.54 28.77
C LYS P 9 67.67 21.67 29.55
N GLU P 10 67.57 21.71 30.87
CA GLU P 10 68.46 20.95 31.75
C GLU P 10 68.35 19.46 31.50
N LEU P 11 67.11 18.98 31.38
CA LEU P 11 66.87 17.58 31.13
C LEU P 11 67.59 17.18 29.85
N ALA P 12 67.31 17.91 28.78
CA ALA P 12 67.93 17.65 27.49
C ALA P 12 69.45 17.58 27.64
N LYS P 13 70.00 18.47 28.48
CA LYS P 13 71.43 18.50 28.73
C LYS P 13 71.89 17.10 29.13
N ARG P 14 71.06 16.42 29.91
CA ARG P 14 71.36 15.07 30.39
C ARG P 14 71.95 14.22 29.29
N LYS P 15 72.84 13.31 29.66
CA LYS P 15 73.50 12.46 28.69
C LYS P 15 72.58 11.37 28.15
N ASP P 16 71.82 10.75 29.03
CA ASP P 16 70.93 9.66 28.69
C ASP P 16 69.48 10.01 28.37
N ILE P 17 69.15 11.29 28.32
CA ILE P 17 67.77 11.71 28.06
C ILE P 17 66.96 10.79 27.15
N VAL P 18 67.53 10.44 26.00
CA VAL P 18 66.86 9.57 25.05
C VAL P 18 66.26 8.37 25.78
N ASP P 19 67.11 7.70 26.56
CA ASP P 19 66.73 6.53 27.30
C ASP P 19 65.76 6.85 28.42
N ALA P 20 66.04 7.93 29.14
CA ALA P 20 65.17 8.32 30.24
C ALA P 20 63.75 8.53 29.74
N ILE P 21 63.62 9.18 28.59
CA ILE P 21 62.32 9.46 28.02
C ILE P 21 61.46 8.23 27.73
N VAL P 22 62.09 7.12 27.41
CA VAL P 22 61.32 5.92 27.12
C VAL P 22 60.95 5.24 28.45
N ASP P 23 61.91 5.20 29.37
CA ASP P 23 61.68 4.58 30.66
C ASP P 23 60.64 5.34 31.45
N SER P 24 60.00 6.30 30.80
CA SER P 24 58.99 7.08 31.45
C SER P 24 57.67 6.94 30.74
N ILE P 25 57.69 6.33 29.55
CA ILE P 25 56.48 6.13 28.78
C ILE P 25 55.56 5.26 29.61
N ALA P 26 56.00 4.05 29.88
CA ALA P 26 55.21 3.16 30.71
C ALA P 26 56.19 2.38 31.55
N PRO P 27 56.36 2.79 32.80
CA PRO P 27 57.26 2.17 33.76
C PRO P 27 56.67 0.85 34.20
N ALA P 28 55.34 0.81 34.19
CA ALA P 28 54.60 -0.37 34.58
C ALA P 28 54.99 -1.53 33.70
N ILE P 29 54.39 -1.58 32.52
CA ILE P 29 54.68 -2.65 31.60
C ILE P 29 56.19 -2.81 31.60
N TYR P 30 56.62 -4.06 31.58
CA TYR P 30 58.02 -4.42 31.60
C TYR P 30 58.52 -4.73 30.21
N GLY P 31 59.63 -4.12 29.82
CA GLY P 31 60.21 -4.41 28.51
C GLY P 31 59.67 -3.59 27.35
N TYR P 32 59.67 -4.18 26.16
CA TYR P 32 59.17 -3.48 24.98
C TYR P 32 59.89 -2.17 24.78
N LYS P 33 61.20 -2.19 24.92
CA LYS P 33 62.01 -1.01 24.75
C LYS P 33 61.62 -0.25 23.46
N GLU P 34 61.52 -0.98 22.34
CA GLU P 34 61.19 -0.40 21.04
C GLU P 34 59.76 0.07 20.89
N VAL P 35 58.82 -0.71 21.38
CA VAL P 35 57.44 -0.31 21.29
C VAL P 35 57.27 0.94 22.15
N LYS P 36 58.24 1.18 23.04
CA LYS P 36 58.22 2.36 23.92
C LYS P 36 58.89 3.51 23.23
N LYS P 37 60.09 3.23 22.71
CA LYS P 37 60.89 4.20 21.98
C LYS P 37 60.20 4.53 20.66
N GLY P 38 59.25 3.69 20.28
CA GLY P 38 58.49 3.92 19.06
C GLY P 38 57.48 4.96 19.48
N ILE P 39 56.55 4.57 20.35
CA ILE P 39 55.54 5.51 20.83
C ILE P 39 56.20 6.82 21.21
N ALA P 40 57.40 6.74 21.78
CA ALA P 40 58.10 7.94 22.18
C ALA P 40 58.21 8.90 21.02
N LEU P 41 58.80 8.43 19.92
CA LEU P 41 58.94 9.27 18.74
C LEU P 41 57.56 9.75 18.34
N ALA P 42 56.63 8.81 18.21
CA ALA P 42 55.28 9.14 17.80
C ALA P 42 54.69 10.34 18.57
N LEU P 43 55.05 10.46 19.85
CA LEU P 43 54.55 11.55 20.69
C LEU P 43 55.27 12.86 20.40
N PHE P 44 56.45 12.77 19.79
CA PHE P 44 57.21 13.96 19.45
C PHE P 44 57.01 14.37 18.00
N GLY P 45 56.55 13.42 17.18
CA GLY P 45 56.29 13.68 15.77
C GLY P 45 57.41 14.20 14.90
N GLY P 46 57.19 14.10 13.59
CA GLY P 46 58.16 14.55 12.62
C GLY P 46 58.04 16.05 12.43
N VAL P 47 58.87 16.59 11.55
CA VAL P 47 58.90 18.03 11.29
C VAL P 47 57.55 18.70 11.03
N SER P 48 56.77 18.16 10.10
CA SER P 48 55.44 18.72 9.77
C SER P 48 55.49 20.26 9.63
N ARG P 49 55.86 20.73 8.45
CA ARG P 49 55.96 22.17 8.13
C ARG P 49 55.69 22.30 6.64
N LYS P 50 54.53 22.83 6.27
CA LYS P 50 54.20 22.96 4.86
C LYS P 50 54.90 24.12 4.14
N LEU P 51 55.03 23.98 2.82
CA LEU P 51 55.63 24.99 1.95
C LEU P 51 54.68 25.08 0.75
N PRO P 52 54.70 26.22 0.02
CA PRO P 52 53.83 26.43 -1.16
C PRO P 52 54.25 25.57 -2.35
N ASP P 53 55.54 25.53 -2.58
CA ASP P 53 56.15 24.76 -3.66
C ASP P 53 56.00 23.28 -3.37
N GLY P 54 56.25 22.90 -2.11
CA GLY P 54 56.14 21.51 -1.70
C GLY P 54 54.84 21.26 -0.96
N THR P 55 53.79 21.96 -1.37
CA THR P 55 52.46 21.85 -0.79
C THR P 55 52.43 21.38 0.68
N ARG P 56 51.36 20.68 1.06
CA ARG P 56 51.17 20.16 2.41
C ARG P 56 52.42 19.41 2.91
N LEU P 57 52.47 19.15 4.22
CA LEU P 57 53.60 18.41 4.82
C LEU P 57 53.28 17.90 6.23
N ARG P 58 52.68 16.71 6.29
CA ARG P 58 52.34 16.06 7.55
C ARG P 58 53.63 15.63 8.24
N GLY P 59 53.59 15.50 9.54
CA GLY P 59 54.78 15.08 10.27
C GLY P 59 54.37 14.08 11.33
N ASP P 60 53.08 14.07 11.62
CA ASP P 60 52.55 13.19 12.63
C ASP P 60 52.91 11.74 12.31
N ILE P 61 53.33 11.03 13.34
CA ILE P 61 53.74 9.65 13.21
C ILE P 61 52.72 8.67 13.79
N HIS P 62 52.12 7.86 12.93
CA HIS P 62 51.13 6.87 13.35
C HIS P 62 51.79 5.56 13.72
N VAL P 63 51.27 4.90 14.75
CA VAL P 63 51.86 3.67 15.22
C VAL P 63 50.85 2.57 15.46
N LEU P 64 51.05 1.41 14.84
CA LEU P 64 50.14 0.30 15.04
C LEU P 64 50.74 -0.80 15.87
N LEU P 65 49.97 -1.34 16.79
CA LEU P 65 50.40 -2.41 17.67
C LEU P 65 49.55 -3.65 17.49
N VAL P 66 49.98 -4.61 16.68
CA VAL P 66 49.17 -5.81 16.47
C VAL P 66 49.77 -7.09 17.07
N GLY P 67 49.02 -7.76 17.93
CA GLY P 67 49.55 -8.98 18.51
C GLY P 67 48.56 -9.96 19.12
N ASP P 68 49.08 -11.08 19.58
CA ASP P 68 48.28 -12.12 20.22
C ASP P 68 47.69 -11.45 21.45
N PRO P 69 46.66 -12.06 22.04
CA PRO P 69 46.08 -11.41 23.22
C PRO P 69 46.98 -11.54 24.43
N GLY P 70 46.72 -10.68 25.43
CA GLY P 70 47.49 -10.71 26.66
C GLY P 70 48.95 -10.33 26.54
N VAL P 71 49.21 -9.31 25.73
CA VAL P 71 50.57 -8.84 25.48
C VAL P 71 50.81 -7.42 25.98
N ALA P 72 49.79 -6.81 26.59
CA ALA P 72 49.89 -5.45 27.15
C ALA P 72 49.45 -4.32 26.23
N LYS P 73 48.96 -4.64 25.04
CA LYS P 73 48.52 -3.60 24.11
C LYS P 73 47.56 -2.66 24.81
N SER P 74 46.38 -3.18 25.14
CA SER P 74 45.35 -2.39 25.81
C SER P 74 46.01 -1.58 26.94
N GLN P 75 46.71 -2.28 27.84
CA GLN P 75 47.39 -1.64 28.96
C GLN P 75 48.22 -0.45 28.49
N ILE P 76 49.22 -0.71 27.68
CA ILE P 76 50.10 0.34 27.16
C ILE P 76 49.38 1.58 26.68
N LEU P 77 48.53 1.45 25.68
CA LEU P 77 47.82 2.61 25.17
C LEU P 77 47.31 3.44 26.33
N ARG P 78 46.67 2.75 27.27
CA ARG P 78 46.12 3.41 28.45
C ARG P 78 47.17 4.29 29.14
N TYR P 79 48.35 3.75 29.39
CA TYR P 79 49.40 4.53 30.06
C TYR P 79 49.79 5.73 29.25
N VAL P 80 49.67 5.63 27.93
CA VAL P 80 50.03 6.74 27.07
C VAL P 80 49.02 7.83 27.25
N ALA P 81 47.74 7.47 27.33
CA ALA P 81 46.73 8.50 27.51
C ALA P 81 47.06 9.28 28.77
N ASN P 82 47.40 8.57 29.84
CA ASN P 82 47.72 9.20 31.11
C ASN P 82 49.01 10.04 31.07
N LEU P 83 49.67 10.09 29.91
CA LEU P 83 50.88 10.87 29.76
C LEU P 83 50.67 11.94 28.70
N ALA P 84 50.61 11.51 27.43
CA ALA P 84 50.40 12.40 26.30
C ALA P 84 49.49 13.58 26.61
N PRO P 85 49.85 14.76 26.10
CA PRO P 85 49.03 15.95 26.36
C PRO P 85 47.59 15.76 25.91
N ARG P 86 47.31 16.03 24.65
CA ARG P 86 45.97 15.92 24.09
C ARG P 86 45.61 14.47 23.72
N ALA P 87 45.71 13.56 24.69
CA ALA P 87 45.45 12.14 24.43
C ALA P 87 43.99 11.69 24.58
N ILE P 88 43.53 10.90 23.62
CA ILE P 88 42.17 10.36 23.64
C ILE P 88 42.21 8.84 23.50
N TYR P 89 41.94 8.13 24.58
CA TYR P 89 41.92 6.67 24.53
C TYR P 89 40.48 6.33 24.17
N THR P 90 40.30 5.27 23.40
CA THR P 90 38.96 4.88 23.00
C THR P 90 39.02 3.48 22.40
N SER P 91 38.62 2.47 23.17
CA SER P 91 38.66 1.09 22.69
C SER P 91 37.33 0.66 22.06
N UNK P 92 37.39 0.04 20.88
CA UNK P 92 36.19 -0.42 20.19
C UNK P 92 35.39 -1.34 21.12
N UNK P 93 34.56 -0.71 21.95
CA UNK P 93 33.72 -1.41 22.92
C UNK P 93 32.93 -0.38 23.76
N UNK P 94 31.61 -0.57 23.83
CA UNK P 94 30.70 0.30 24.59
C UNK P 94 30.57 1.70 23.98
N UNK P 95 30.31 2.71 24.82
CA UNK P 95 30.17 4.09 24.33
C UNK P 95 30.97 5.08 25.19
N UNK P 96 31.28 6.24 24.61
CA UNK P 96 32.07 7.28 25.26
C UNK P 96 33.38 6.70 25.81
N UNK P 97 34.41 7.55 25.97
CA UNK P 97 35.71 7.09 26.48
C UNK P 97 36.31 8.04 27.53
N UNK P 98 37.33 7.55 28.25
CA UNK P 98 37.99 8.32 29.30
C UNK P 98 39.17 9.15 28.80
N UNK P 99 40.38 8.66 29.05
CA UNK P 99 41.60 9.33 28.62
C UNK P 99 41.85 10.68 29.30
N UNK P 100 41.45 11.74 28.61
CA UNK P 100 41.61 13.12 29.05
C UNK P 100 41.70 13.40 30.54
N UNK P 101 42.40 14.47 30.86
CA UNK P 101 42.56 14.91 32.23
C UNK P 101 41.77 16.21 32.33
N UNK P 102 41.01 16.46 31.26
CA UNK P 102 40.12 17.62 31.10
C UNK P 102 40.51 18.99 31.66
N UNK P 103 40.13 20.02 30.91
CA UNK P 103 40.38 21.43 31.27
C UNK P 103 39.58 22.31 30.32
N UNK P 104 38.26 22.32 30.51
CA UNK P 104 37.35 23.10 29.69
C UNK P 104 37.43 22.67 28.23
N UNK P 105 37.57 21.35 28.02
CA UNK P 105 37.66 20.80 26.67
C UNK P 105 38.99 21.15 25.97
N UNK P 106 39.12 20.78 24.69
CA UNK P 106 40.35 21.00 23.90
C UNK P 106 40.53 22.40 23.28
N UNK P 107 41.78 22.76 23.01
CA UNK P 107 42.13 24.06 22.43
C UNK P 107 41.54 24.38 21.06
N UNK P 108 41.40 23.40 20.16
CA UNK P 108 40.82 23.70 18.84
C UNK P 108 39.69 22.78 18.41
N UNK P 109 39.38 22.81 17.10
CA UNK P 109 38.28 22.06 16.50
C UNK P 109 38.02 20.55 16.60
N UNK P 110 36.90 20.18 15.99
CA UNK P 110 36.35 18.83 15.88
C UNK P 110 36.11 17.93 17.13
N UNK P 111 35.55 16.75 16.84
CA UNK P 111 35.18 15.76 17.84
C UNK P 111 34.35 14.68 17.11
N UNK P 112 33.94 13.58 17.79
CA UNK P 112 33.11 12.58 17.10
C UNK P 112 32.64 11.28 17.83
N UNK P 113 32.56 10.16 17.10
CA UNK P 113 32.09 8.82 17.56
C UNK P 113 33.08 7.95 18.37
N UNK P 114 34.28 7.73 17.83
CA UNK P 114 35.31 6.97 18.54
C UNK P 114 35.73 7.99 19.59
N UNK P 115 35.90 9.23 19.10
CA UNK P 115 36.28 10.43 19.86
C UNK P 115 37.67 10.92 19.48
N UNK P 116 37.74 11.77 18.46
CA UNK P 116 39.01 12.31 18.00
C UNK P 116 38.88 13.84 17.94
N UNK P 117 39.95 14.55 18.28
CA UNK P 117 39.97 16.02 18.29
C UNK P 117 40.61 16.68 17.06
N UNK P 118 39.79 16.91 16.03
CA UNK P 118 40.19 17.51 14.75
C UNK P 118 39.85 19.00 14.63
N GLY P 125 44.49 19.30 17.55
CA GLY P 125 45.15 18.11 17.08
C GLY P 125 44.96 17.03 18.11
N GLY P 126 46.06 16.54 18.67
CA GLY P 126 46.00 15.52 19.71
C GLY P 126 46.08 14.06 19.28
N TYR P 127 46.85 13.27 20.03
CA TYR P 127 47.02 11.86 19.75
C TYR P 127 45.80 11.03 20.18
N ALA P 128 45.24 10.27 19.24
CA ALA P 128 44.09 9.44 19.56
C ALA P 128 44.55 8.01 19.66
N LEU P 129 44.60 7.54 20.90
CA LEU P 129 45.00 6.19 21.21
C LEU P 129 43.80 5.29 20.98
N ILE P 130 43.84 4.55 19.87
CA ILE P 130 42.73 3.67 19.50
C ILE P 130 42.97 2.20 19.72
N ASP P 131 42.56 1.68 20.88
CA ASP P 131 42.76 0.28 21.14
C ASP P 131 41.68 -0.52 20.40
N GLU P 132 42.03 -1.73 19.99
CA GLU P 132 41.10 -2.63 19.29
C GLU P 132 40.62 -2.10 17.95
N LEU P 133 41.54 -1.54 17.17
CA LEU P 133 41.22 -0.98 15.86
C LEU P 133 40.63 -1.99 14.89
N ASP P 134 40.72 -3.27 15.22
CA ASP P 134 40.20 -4.32 14.33
C ASP P 134 38.71 -4.59 14.63
N LYS P 135 38.19 -3.99 15.69
CA LYS P 135 36.80 -4.15 16.07
C LYS P 135 36.04 -2.82 15.97
N MET P 136 36.43 -2.00 15.01
CA MET P 136 35.77 -0.72 14.79
C MET P 136 34.62 -1.00 13.84
N SER P 137 33.45 -0.45 14.12
CA SER P 137 32.33 -0.67 13.21
C SER P 137 32.81 -0.04 11.91
N ASP P 138 32.68 -0.76 10.80
CA ASP P 138 33.13 -0.26 9.49
C ASP P 138 33.00 1.27 9.31
N ARG P 139 32.09 1.91 10.06
CA ARG P 139 31.91 3.36 9.99
C ARG P 139 33.09 4.01 10.71
N ASP P 140 33.17 3.78 12.01
CA ASP P 140 34.26 4.34 12.82
C ASP P 140 35.62 4.05 12.17
N ARG P 141 35.75 2.95 11.44
CA ARG P 141 37.00 2.65 10.77
C ARG P 141 37.15 3.70 9.67
N SER P 142 36.30 3.58 8.67
CA SER P 142 36.29 4.49 7.53
C SER P 142 36.89 5.83 7.84
N VAL P 143 36.31 6.51 8.81
CA VAL P 143 36.79 7.83 9.19
C VAL P 143 38.30 7.89 9.38
N ILE P 144 38.81 7.07 10.28
CA ILE P 144 40.24 7.00 10.53
C ILE P 144 40.96 6.77 9.22
N HIS P 145 40.52 5.74 8.52
CA HIS P 145 41.10 5.38 7.24
C HIS P 145 41.28 6.67 6.44
N GLU P 146 40.24 7.48 6.35
CA GLU P 146 40.34 8.74 5.63
C GLU P 146 41.32 9.65 6.35
N ALA P 147 41.13 9.78 7.65
CA ALA P 147 41.97 10.64 8.47
C ALA P 147 43.46 10.33 8.34
N LEU P 148 43.80 9.05 8.24
CA LEU P 148 45.19 8.63 8.11
C LEU P 148 45.65 8.83 6.68
N GLU P 149 44.75 8.49 5.75
CA GLU P 149 45.01 8.61 4.33
C GLU P 149 45.01 10.06 3.87
N GLN P 150 43.83 10.66 3.79
CA GLN P 150 43.68 12.06 3.36
C GLN P 150 44.41 13.05 4.24
N GLN P 151 44.09 13.00 5.53
CA GLN P 151 44.64 13.91 6.54
C GLN P 151 43.52 14.94 6.68
N THR P 152 42.33 14.54 6.22
CA THR P 152 41.13 15.40 6.26
C THR P 152 39.84 14.60 6.22
N ILE P 153 39.03 14.71 7.26
CA ILE P 153 37.76 14.00 7.27
C ILE P 153 36.68 14.83 6.57
N SER P 154 35.47 14.28 6.47
CA SER P 154 34.37 15.01 5.84
C SER P 154 33.00 14.37 5.99
N ILE P 155 32.02 15.20 6.36
CA ILE P 155 30.64 14.78 6.55
C ILE P 155 29.75 15.77 5.80
N SER P 156 29.10 15.31 4.74
CA SER P 156 28.21 16.18 4.00
C SER P 156 26.80 15.61 4.06
N LYS P 157 26.43 15.10 5.24
CA LYS P 157 25.13 14.50 5.46
C LYS P 157 24.05 15.59 5.63
N ALA P 158 23.36 15.87 4.53
CA ALA P 158 22.28 16.85 4.37
C ALA P 158 22.68 17.77 3.22
N GLY P 159 22.09 18.95 3.16
CA GLY P 159 22.44 19.88 2.10
C GLY P 159 23.84 20.41 2.37
N ILE P 160 24.17 20.53 3.66
CA ILE P 160 25.47 21.03 4.07
C ILE P 160 26.61 20.07 3.80
N THR P 161 27.81 20.62 3.71
CA THR P 161 29.02 19.87 3.44
C THR P 161 30.07 20.24 4.49
N ALA P 162 30.50 19.26 5.28
CA ALA P 162 31.47 19.54 6.34
C ALA P 162 32.82 18.89 6.15
N THR P 163 33.84 19.68 5.86
CA THR P 163 35.16 19.11 5.73
C THR P 163 35.97 19.43 6.96
N LEU P 164 36.17 18.41 7.79
CA LEU P 164 36.90 18.52 9.03
C LEU P 164 38.38 18.31 8.75
N ASN P 165 39.23 19.21 9.24
CA ASN P 165 40.66 19.06 9.04
C ASN P 165 41.22 18.08 10.07
N ALA P 166 41.79 16.98 9.57
CA ALA P 166 42.36 15.94 10.42
C ALA P 166 43.84 16.22 10.61
N ARG P 167 44.23 16.43 11.85
CA ARG P 167 45.61 16.71 12.18
C ARG P 167 45.95 16.16 13.54
N THR P 168 45.85 14.83 13.67
CA THR P 168 46.16 14.17 14.92
C THR P 168 47.04 12.94 14.70
N THR P 169 47.61 12.43 15.78
CA THR P 169 48.46 11.25 15.70
C THR P 169 47.65 10.03 16.12
N VAL P 170 47.94 8.89 15.53
CA VAL P 170 47.19 7.69 15.88
C VAL P 170 48.06 6.58 16.37
N ILE P 171 47.98 6.30 17.66
CA ILE P 171 48.75 5.21 18.22
C ILE P 171 47.71 4.13 18.52
N ALA P 172 47.59 3.16 17.62
CA ALA P 172 46.60 2.11 17.78
C ALA P 172 47.11 0.71 17.97
N ALA P 173 46.20 -0.12 18.49
CA ALA P 173 46.45 -1.52 18.76
C ALA P 173 45.49 -2.33 17.91
N ALA P 174 45.70 -3.64 17.85
CA ALA P 174 44.83 -4.50 17.06
C ALA P 174 45.19 -5.98 17.20
N ASN P 175 44.18 -6.84 17.10
CA ASN P 175 44.40 -8.28 17.20
C ASN P 175 44.26 -8.87 15.80
N PRO P 176 44.72 -10.11 15.62
CA PRO P 176 44.65 -10.80 14.32
C PRO P 176 43.21 -11.22 14.06
N LYS P 177 42.86 -11.44 12.80
CA LYS P 177 41.49 -11.86 12.47
C LYS P 177 41.18 -13.15 13.23
N GLN P 178 42.23 -13.89 13.58
CA GLN P 178 42.09 -15.16 14.28
C GLN P 178 42.18 -15.07 15.80
N GLY P 179 42.86 -14.02 16.28
CA GLY P 179 43.04 -13.85 17.71
C GLY P 179 44.53 -13.91 17.98
N ARG P 180 45.14 -15.03 17.57
CA ARG P 180 46.56 -15.28 17.72
C ARG P 180 47.02 -15.59 16.30
N PHE P 181 48.32 -15.53 16.01
CA PHE P 181 48.73 -15.87 14.66
C PHE P 181 50.00 -16.68 14.48
N ASN P 182 50.57 -17.14 15.59
CA ASN P 182 51.81 -17.93 15.60
C ASN P 182 52.13 -18.70 14.32
N ARG P 183 51.11 -19.04 13.54
CA ARG P 183 51.35 -19.75 12.31
C ARG P 183 52.45 -19.07 11.48
N MET P 184 52.79 -19.71 10.38
CA MET P 184 53.82 -19.21 9.50
C MET P 184 53.32 -18.03 8.67
N LYS P 185 52.14 -18.17 8.08
CA LYS P 185 51.54 -17.11 7.26
C LYS P 185 51.91 -15.71 7.74
N ASN P 186 52.00 -14.76 6.80
CA ASN P 186 52.39 -13.40 7.12
C ASN P 186 51.42 -12.59 7.97
N PRO P 187 51.93 -12.03 9.06
CA PRO P 187 51.21 -11.23 10.04
C PRO P 187 50.28 -10.23 9.36
N PHE P 188 50.56 -9.95 8.11
CA PHE P 188 49.74 -8.98 7.40
C PHE P 188 48.48 -9.48 6.74
N GLU P 189 48.30 -10.79 6.71
CA GLU P 189 47.10 -11.35 6.12
C GLU P 189 46.17 -11.63 7.30
N GLN P 190 46.78 -11.72 8.47
CA GLN P 190 46.06 -12.04 9.68
C GLN P 190 45.36 -10.86 10.35
N ILE P 191 45.75 -9.63 10.00
CA ILE P 191 45.12 -8.43 10.57
C ILE P 191 43.80 -8.18 9.85
N ASP P 192 42.78 -7.66 10.55
CA ASP P 192 41.48 -7.41 9.93
C ASP P 192 41.32 -6.00 9.35
N LEU P 193 42.44 -5.35 9.03
CA LEU P 193 42.40 -4.00 8.49
C LEU P 193 42.80 -3.96 7.01
N PRO P 194 42.14 -3.09 6.23
CA PRO P 194 42.46 -2.99 4.81
C PRO P 194 43.88 -2.54 4.64
N PRO P 195 44.70 -3.36 3.98
CA PRO P 195 46.10 -3.02 3.75
C PRO P 195 46.37 -1.56 3.42
N THR P 196 45.48 -0.92 2.67
CA THR P 196 45.69 0.47 2.31
C THR P 196 45.53 1.43 3.48
N LEU P 197 45.29 0.86 4.65
CA LEU P 197 45.15 1.63 5.88
C LEU P 197 46.45 1.40 6.61
N LEU P 198 46.77 0.12 6.78
CA LEU P 198 47.98 -0.28 7.48
C LEU P 198 49.17 0.46 6.90
N SER P 199 49.21 0.56 5.58
CA SER P 199 50.30 1.25 4.89
C SER P 199 50.48 2.67 5.39
N ARG P 200 49.52 3.16 6.17
CA ARG P 200 49.57 4.51 6.70
C ARG P 200 50.37 4.68 7.98
N PHE P 201 50.67 3.57 8.64
CA PHE P 201 51.44 3.62 9.86
C PHE P 201 52.91 3.69 9.52
N ASP P 202 53.65 4.46 10.33
CA ASP P 202 55.09 4.63 10.15
C ASP P 202 55.84 3.50 10.83
N LEU P 203 55.18 2.81 11.76
CA LEU P 203 55.79 1.68 12.44
C LEU P 203 54.71 0.74 12.91
N ILE P 204 54.86 -0.55 12.59
CA ILE P 204 53.90 -1.56 13.08
C ILE P 204 54.62 -2.61 13.98
N PHE P 205 54.29 -2.61 15.27
CA PHE P 205 54.94 -3.56 16.13
C PHE P 205 54.12 -4.82 16.22
N VAL P 206 54.69 -5.89 15.71
CA VAL P 206 54.03 -7.18 15.74
C VAL P 206 54.41 -7.89 17.03
N LEU P 207 53.40 -8.23 17.83
CA LEU P 207 53.70 -8.86 19.10
C LEU P 207 53.16 -10.26 19.27
N ILE P 208 54.04 -11.26 19.07
CA ILE P 208 53.67 -12.66 19.23
C ILE P 208 54.06 -12.95 20.66
N ASP P 209 53.70 -14.10 21.20
CA ASP P 209 54.12 -14.36 22.56
C ASP P 209 54.40 -15.83 22.88
N GLU P 210 55.63 -16.25 22.60
CA GLU P 210 56.04 -17.61 22.90
C GLU P 210 55.96 -17.66 24.41
N PRO P 211 56.02 -18.85 24.99
CA PRO P 211 55.95 -18.92 26.44
C PRO P 211 57.27 -18.48 27.08
N ASP P 212 58.27 -19.36 27.10
CA ASP P 212 59.57 -19.05 27.69
C ASP P 212 59.53 -18.72 29.19
N ASP P 213 60.34 -19.42 29.97
CA ASP P 213 60.38 -19.23 31.42
C ASP P 213 60.98 -17.88 31.83
N LYS P 214 62.25 -17.69 31.48
CA LYS P 214 62.97 -16.46 31.81
C LYS P 214 62.07 -15.25 31.76
N ILE P 215 61.76 -14.81 30.54
CA ILE P 215 60.92 -13.66 30.33
C ILE P 215 59.67 -13.69 31.22
N ASP P 216 58.87 -14.74 31.16
CA ASP P 216 57.67 -14.85 31.98
C ASP P 216 57.94 -14.56 33.45
N SER P 217 58.93 -15.24 34.00
CA SER P 217 59.31 -15.03 35.38
C SER P 217 59.46 -13.52 35.62
N GLU P 218 60.21 -12.88 34.73
CA GLU P 218 60.45 -11.44 34.81
C GLU P 218 59.15 -10.68 34.79
N VAL P 219 58.40 -10.86 33.71
CA VAL P 219 57.12 -10.19 33.55
C VAL P 219 56.24 -10.30 34.75
N ALA P 220 56.03 -11.52 35.22
CA ALA P 220 55.18 -11.71 36.38
C ALA P 220 55.79 -10.98 37.57
N ARG P 221 56.98 -11.41 37.99
CA ARG P 221 57.64 -10.77 39.12
C ARG P 221 57.42 -9.26 39.05
N HIS P 222 57.52 -8.72 37.84
CA HIS P 222 57.34 -7.29 37.66
C HIS P 222 55.92 -6.84 37.99
N ILE P 223 54.94 -7.53 37.44
CA ILE P 223 53.56 -7.18 37.71
C ILE P 223 53.35 -7.08 39.20
N LEU P 224 53.51 -8.21 39.88
CA LEU P 224 53.33 -8.21 41.32
C LEU P 224 53.98 -6.96 41.90
N ARG P 225 55.29 -6.81 41.69
CA ARG P 225 56.01 -5.65 42.20
C ARG P 225 55.10 -4.43 42.10
N VAL P 226 55.07 -3.83 40.91
CA VAL P 226 54.24 -2.65 40.69
C VAL P 226 52.79 -3.04 40.60
N ARG P 227 52.28 -3.62 41.67
CA ARG P 227 50.88 -4.06 41.73
C ARG P 227 50.49 -4.11 43.18
N ARG P 228 51.46 -3.95 44.06
CA ARG P 228 51.17 -4.02 45.48
C ARG P 228 51.23 -2.67 46.16
N GLY P 229 50.28 -2.43 47.05
CA GLY P 229 50.22 -1.17 47.77
C GLY P 229 49.86 -0.08 46.77
N GLU P 230 50.22 1.16 47.09
CA GLU P 230 49.93 2.28 46.22
C GLU P 230 51.25 2.92 45.75
N SER P 231 52.35 2.20 45.95
CA SER P 231 53.68 2.69 45.56
C SER P 231 54.75 1.59 45.39
N GLU P 232 55.74 1.88 44.54
CA GLU P 232 56.86 0.97 44.25
C GLU P 232 57.99 1.77 43.58
N VAL P 233 59.18 1.17 43.52
CA VAL P 233 60.33 1.83 42.89
C VAL P 233 60.12 1.74 41.38
N VAL P 234 58.86 1.58 41.00
CA VAL P 234 58.51 1.48 39.59
C VAL P 234 57.47 2.53 39.21
N ALA P 235 58.04 3.72 39.00
CA ALA P 235 57.36 4.94 38.60
C ALA P 235 58.35 5.63 37.64
N PRO P 236 57.86 6.57 36.82
CA PRO P 236 58.67 7.31 35.85
C PRO P 236 60.07 7.72 36.26
N LYS P 237 60.98 7.72 35.28
CA LYS P 237 62.37 8.12 35.47
C LYS P 237 62.36 9.63 35.32
N ILE P 238 61.20 10.14 34.91
CA ILE P 238 60.96 11.56 34.70
C ILE P 238 59.51 11.79 35.08
N PRO P 239 59.24 12.85 35.85
CA PRO P 239 57.87 13.14 36.25
C PRO P 239 57.00 13.35 35.02
N HIS P 240 55.80 12.77 35.03
CA HIS P 240 54.92 12.91 33.87
C HIS P 240 54.46 14.33 33.61
N GLU P 241 54.33 15.15 34.63
CA GLU P 241 53.90 16.54 34.40
C GLU P 241 55.01 17.29 33.67
N ILE P 242 56.26 17.02 34.04
CA ILE P 242 57.42 17.66 33.40
C ILE P 242 57.52 17.16 31.96
N LEU P 243 57.61 15.85 31.84
CA LEU P 243 57.74 15.18 30.57
C LEU P 243 56.63 15.47 29.58
N ARG P 244 55.49 15.95 30.08
CA ARG P 244 54.36 16.27 29.20
C ARG P 244 54.51 17.69 28.71
N LYS P 245 55.23 18.50 29.49
CA LYS P 245 55.48 19.88 29.12
C LYS P 245 56.63 19.80 28.13
N TYR P 246 57.63 18.99 28.47
CA TYR P 246 58.80 18.79 27.63
C TYR P 246 58.38 18.44 26.20
N ILE P 247 57.36 17.60 26.07
CA ILE P 247 56.85 17.20 24.78
C ILE P 247 56.25 18.41 24.10
N ALA P 248 55.12 18.87 24.61
CA ALA P 248 54.43 20.02 24.06
C ALA P 248 55.40 21.16 23.73
N TYR P 249 56.54 21.18 24.43
CA TYR P 249 57.55 22.21 24.19
C TYR P 249 58.32 21.96 22.90
N ALA P 250 58.89 20.77 22.77
CA ALA P 250 59.65 20.41 21.59
C ALA P 250 58.76 20.38 20.33
N ARG P 251 57.47 20.12 20.49
CA ARG P 251 56.58 20.12 19.34
C ARG P 251 56.22 21.56 19.04
N LYS P 252 57.04 22.48 19.54
CA LYS P 252 56.79 23.90 19.36
C LYS P 252 58.03 24.65 18.88
N ASN P 253 59.07 24.63 19.70
CA ASN P 253 60.29 25.36 19.41
C ASN P 253 61.34 24.64 18.56
N ILE P 254 61.18 23.34 18.36
CA ILE P 254 62.17 22.60 17.59
C ILE P 254 61.63 22.08 16.26
N HIS P 255 62.40 22.29 15.21
CA HIS P 255 62.01 21.83 13.88
C HIS P 255 63.24 21.34 13.13
N PRO P 256 63.81 20.22 13.58
CA PRO P 256 65.01 19.60 13.01
C PRO P 256 65.19 19.63 11.51
N VAL P 257 66.39 20.02 11.10
CA VAL P 257 66.76 20.07 9.70
C VAL P 257 67.72 18.94 9.54
N ILE P 258 67.68 18.33 8.37
CA ILE P 258 68.50 17.17 8.10
C ILE P 258 69.98 17.47 7.80
N SER P 259 70.87 16.92 8.61
CA SER P 259 72.30 17.14 8.41
C SER P 259 72.76 16.24 7.27
N GLU P 260 73.61 16.79 6.39
CA GLU P 260 74.12 16.01 5.29
C GLU P 260 74.66 14.75 5.95
N GLU P 261 75.09 14.94 7.20
CA GLU P 261 75.64 13.86 8.01
C GLU P 261 74.70 12.68 7.97
N ALA P 262 73.48 12.92 8.45
CA ALA P 262 72.44 11.90 8.52
C ALA P 262 71.95 11.48 7.16
N MET P 263 71.57 12.46 6.36
CA MET P 263 71.07 12.23 5.01
C MET P 263 71.69 10.99 4.38
N GLU P 264 73.01 10.99 4.33
CA GLU P 264 73.75 9.88 3.75
C GLU P 264 73.38 8.55 4.41
N GLU P 265 73.11 8.57 5.70
CA GLU P 265 72.77 7.37 6.44
C GLU P 265 71.40 6.81 6.11
N ILE P 266 70.42 7.70 5.99
CA ILE P 266 69.06 7.25 5.71
C ILE P 266 68.89 6.80 4.26
N GLU P 267 69.57 7.44 3.33
CA GLU P 267 69.43 7.05 1.93
C GLU P 267 70.18 5.73 1.74
N LYS P 268 71.41 5.68 2.26
CA LYS P 268 72.25 4.49 2.18
C LYS P 268 71.46 3.27 2.63
N TYR P 269 70.48 3.54 3.45
CA TYR P 269 69.63 2.50 4.00
C TYR P 269 68.37 2.26 3.17
N TYR P 270 67.64 3.33 2.86
CA TYR P 270 66.43 3.19 2.08
C TYR P 270 66.72 2.29 0.91
N VAL P 271 67.83 2.56 0.23
CA VAL P 271 68.23 1.74 -0.91
C VAL P 271 68.41 0.28 -0.48
N ARG P 272 69.02 0.08 0.69
CA ARG P 272 69.26 -1.25 1.27
C ARG P 272 67.89 -1.88 1.41
N MET P 273 67.03 -1.15 2.10
CA MET P 273 65.67 -1.58 2.35
C MET P 273 64.96 -1.96 1.06
N ARG P 274 65.24 -1.23 0.00
CA ARG P 274 64.62 -1.52 -1.28
C ARG P 274 64.89 -2.95 -1.72
N LYS P 275 66.15 -3.39 -1.65
CA LYS P 275 66.52 -4.76 -2.05
C LYS P 275 65.72 -5.79 -1.27
N SER P 276 64.67 -6.33 -1.90
CA SER P 276 63.78 -7.35 -1.32
C SER P 276 62.65 -7.68 -2.28
N PRO P 291 57.00 -5.41 1.76
CA PRO P 291 56.27 -4.83 0.60
C PRO P 291 56.53 -3.32 0.35
N ILE P 292 57.82 -2.95 0.39
CA ILE P 292 58.41 -1.59 0.24
C ILE P 292 58.14 -0.68 -0.96
N THR P 293 58.00 0.61 -0.66
CA THR P 293 57.76 1.63 -1.67
C THR P 293 58.70 2.76 -1.36
N ALA P 294 58.36 3.95 -1.84
CA ALA P 294 59.16 5.13 -1.59
C ALA P 294 58.59 5.85 -0.37
N ARG P 295 57.46 5.34 0.13
CA ARG P 295 56.81 5.91 1.29
C ARG P 295 57.64 5.58 2.51
N GLN P 296 58.15 4.36 2.54
CA GLN P 296 58.99 3.89 3.63
C GLN P 296 60.07 4.92 3.93
N LEU P 297 60.58 5.56 2.88
CA LEU P 297 61.62 6.58 3.02
C LEU P 297 61.07 7.79 3.75
N GLU P 298 59.87 8.23 3.38
CA GLU P 298 59.22 9.40 3.99
C GLU P 298 59.08 9.21 5.49
N ALA P 299 58.46 8.11 5.88
CA ALA P 299 58.24 7.80 7.30
C ALA P 299 59.56 7.65 8.06
N LEU P 300 60.53 7.05 7.43
CA LEU P 300 61.82 6.91 8.07
C LEU P 300 62.31 8.30 8.41
N ILE P 301 62.11 9.23 7.49
CA ILE P 301 62.52 10.62 7.67
C ILE P 301 61.80 11.20 8.89
N ARG P 302 60.51 10.93 9.01
CA ARG P 302 59.76 11.44 10.14
C ARG P 302 60.32 10.97 11.48
N LEU P 303 60.65 9.68 11.59
CA LEU P 303 61.19 9.14 12.83
C LEU P 303 62.43 9.89 13.23
N SER P 304 63.46 9.83 12.38
CA SER P 304 64.73 10.51 12.64
C SER P 304 64.58 12.00 12.95
N GLU P 305 63.59 12.64 12.35
CA GLU P 305 63.35 14.05 12.64
C GLU P 305 62.85 14.12 14.10
N ALA P 306 61.85 13.31 14.43
CA ALA P 306 61.30 13.29 15.77
C ALA P 306 62.31 12.86 16.82
N HIS P 307 63.18 11.93 16.49
CA HIS P 307 64.18 11.47 17.44
C HIS P 307 65.08 12.61 17.85
N ALA P 308 65.23 13.60 16.97
CA ALA P 308 66.06 14.76 17.27
C ALA P 308 65.22 15.62 18.20
N ARG P 309 64.08 16.06 17.68
CA ARG P 309 63.14 16.89 18.42
C ARG P 309 62.97 16.36 19.84
N MET P 310 63.01 15.04 19.97
CA MET P 310 62.85 14.37 21.25
C MET P 310 63.89 14.84 22.25
N ARG P 311 65.03 15.27 21.73
CA ARG P 311 66.13 15.76 22.55
C ARG P 311 66.40 17.23 22.22
N LEU P 312 65.64 17.76 21.25
CA LEU P 312 65.78 19.16 20.82
C LEU P 312 67.15 19.26 20.16
N SER P 313 67.21 19.47 18.84
CA SER P 313 68.53 19.54 18.21
C SER P 313 68.99 20.85 17.58
N PRO P 314 68.36 21.31 16.50
CA PRO P 314 67.26 20.87 15.66
C PRO P 314 67.94 20.37 14.40
N ILE P 315 68.90 19.47 14.60
CA ILE P 315 69.64 18.94 13.50
C ILE P 315 69.74 17.44 13.55
N VAL P 316 69.02 16.78 12.66
CA VAL P 316 69.01 15.34 12.58
C VAL P 316 70.41 14.82 12.30
N THR P 317 71.21 14.69 13.35
CA THR P 317 72.60 14.21 13.26
C THR P 317 72.68 12.76 12.80
N ARG P 318 73.89 12.31 12.48
CA ARG P 318 74.09 10.95 12.03
C ARG P 318 73.49 9.96 13.03
N GLU P 319 73.56 10.29 14.31
CA GLU P 319 73.02 9.42 15.35
C GLU P 319 71.51 9.28 15.25
N ASP P 320 70.83 10.42 15.22
CA ASP P 320 69.39 10.41 15.11
C ASP P 320 69.02 9.49 13.97
N ALA P 321 69.40 9.87 12.75
CA ALA P 321 69.10 9.09 11.56
C ALA P 321 69.46 7.62 11.77
N ARG P 322 70.58 7.40 12.47
CA ARG P 322 71.04 6.05 12.75
C ARG P 322 69.95 5.33 13.54
N GLU P 323 69.62 5.89 14.71
CA GLU P 323 68.60 5.34 15.61
C GLU P 323 67.32 5.00 14.87
N ALA P 324 66.86 5.95 14.08
CA ALA P 324 65.64 5.79 13.33
C ALA P 324 65.68 4.48 12.57
N ILE P 325 66.70 4.29 11.73
CA ILE P 325 66.74 3.05 11.00
C ILE P 325 66.81 1.83 11.91
N LYS P 326 67.43 2.00 13.08
CA LYS P 326 67.52 0.87 14.02
C LYS P 326 66.11 0.41 14.35
N LEU P 327 65.35 1.33 14.93
CA LEU P 327 63.99 1.02 15.29
C LEU P 327 63.25 0.42 14.10
N MET P 328 63.43 1.00 12.93
CA MET P 328 62.75 0.49 11.75
C MET P 328 63.18 -0.90 11.30
N GLU P 329 64.48 -1.21 11.31
CA GLU P 329 64.89 -2.55 10.91
C GLU P 329 64.43 -3.52 11.98
N TYR P 330 63.99 -3.00 13.12
CA TYR P 330 63.48 -3.87 14.16
C TYR P 330 62.05 -4.20 13.85
N THR P 331 61.20 -3.17 13.75
CA THR P 331 59.78 -3.36 13.44
C THR P 331 59.71 -4.41 12.34
N LEU P 332 60.69 -4.32 11.44
CA LEU P 332 60.82 -5.21 10.30
C LEU P 332 61.17 -6.64 10.65
N LYS P 333 62.21 -6.80 11.44
CA LYS P 333 62.61 -8.15 11.83
C LYS P 333 61.41 -8.85 12.44
N GLN P 334 60.72 -8.19 13.36
CA GLN P 334 59.55 -8.75 14.00
C GLN P 334 58.50 -9.32 13.05
N ILE P 335 58.50 -8.85 11.81
CA ILE P 335 57.52 -9.34 10.85
C ILE P 335 57.78 -10.75 10.40
N ALA P 336 59.04 -11.17 10.46
CA ALA P 336 59.39 -12.53 10.06
C ALA P 336 58.85 -13.51 11.12
N MET P 337 58.59 -12.97 12.31
CA MET P 337 58.05 -13.71 13.46
C MET P 337 58.86 -14.90 13.93
PB ADP Q . 23.02 46.11 -2.82
O1B ADP Q . 23.96 46.40 -1.73
O2B ADP Q . 21.53 46.25 -2.26
O3B ADP Q . 23.21 44.60 -3.40
PA ADP Q . 24.73 47.13 -4.62
O1A ADP Q . 25.74 47.35 -3.58
O2A ADP Q . 25.00 45.71 -5.33
O3A ADP Q . 23.21 47.17 -4.01
O5' ADP Q . 24.77 48.29 -5.73
C5' ADP Q . 26.08 48.42 -6.19
C4' ADP Q . 26.11 49.54 -7.22
O4' ADP Q . 25.54 50.74 -6.67
C3' ADP Q . 27.57 49.77 -7.61
O3' ADP Q . 27.85 49.47 -8.98
C2' ADP Q . 27.85 51.24 -7.26
O2' ADP Q . 28.38 51.97 -8.38
C1' ADP Q . 26.50 51.82 -6.78
N9 ADP Q . 26.57 52.56 -5.50
C8 ADP Q . 25.55 52.69 -4.60
N7 ADP Q . 25.93 53.40 -3.58
C5 ADP Q . 27.19 53.77 -3.74
C6 ADP Q . 28.11 54.52 -2.98
N6 ADP Q . 27.73 55.06 -1.78
N1 ADP Q . 29.35 54.70 -3.47
C2 ADP Q . 29.73 54.18 -4.64
N3 ADP Q . 28.90 53.46 -5.38
C4 ADP Q . 27.64 53.23 -4.98
MG MG R . 22.62 42.95 -2.65
PB ADP S . 22.56 35.09 31.37
O1B ADP S . 22.74 34.63 32.76
O2B ADP S . 21.03 35.52 31.19
O3B ADP S . 22.89 33.92 30.31
PA ADP S . 25.07 36.02 31.30
O1A ADP S . 25.34 35.51 32.64
O2A ADP S . 25.55 34.94 30.21
O3A ADP S . 23.49 36.36 31.08
O5' ADP S . 25.83 37.41 31.03
C5' ADP S . 27.18 37.25 31.34
C4' ADP S . 27.89 38.57 31.12
O4' ADP S . 27.23 39.63 31.85
C3' ADP S . 29.33 38.41 31.61
O3' ADP S . 30.30 38.53 30.56
C2' ADP S . 29.51 39.48 32.70
O2' ADP S . 30.64 40.32 32.44
C1' ADP S . 28.18 40.28 32.72
N9 ADP S . 27.59 40.44 34.07
C8 ADP S . 26.26 40.59 34.34
N7 ADP S . 26.06 40.72 35.62
C5 ADP S . 27.24 40.67 36.25
C6 ADP S . 27.64 40.75 37.59
N6 ADP S . 26.71 40.94 38.59
N1 ADP S . 28.94 40.66 37.89
C2 ADP S . 29.87 40.48 36.94
N3 ADP S . 29.53 40.40 35.65
C4 ADP S . 28.24 40.49 35.28
MG MG T . 21.82 32.41 29.81
PB ADP U . 2.44 13.84 50.21
O1B ADP U . 1.70 12.93 51.08
O2B ADP U . 1.40 14.82 49.49
O3B ADP U . 3.26 13.04 49.07
PA ADP U . 4.53 13.81 51.89
O1A ADP U . 3.87 12.84 52.75
O2A ADP U . 5.49 13.05 50.85
O3A ADP U . 3.46 14.74 51.09
O5' ADP U . 5.41 14.85 52.75
C5' ADP U . 6.26 14.13 53.59
C4' ADP U . 7.06 15.13 54.42
O4' ADP U . 6.18 16.04 55.10
C3' ADP U . 7.87 14.32 55.43
O3' ADP U . 9.29 14.43 55.25
C2' ADP U . 7.42 14.84 56.82
O2' ADP U . 8.53 15.27 57.61
C1' ADP U . 6.44 16.01 56.52
N9 ADP U . 5.15 15.91 57.26
C8 ADP U . 3.96 16.42 56.84
N7 ADP U . 3.03 16.19 57.71
C5 ADP U . 3.55 15.53 58.74
C6 ADP U . 3.04 15.02 59.96
N6 ADP U . 1.71 15.19 60.28
N1 ADP U . 3.87 14.38 60.79
C2 ADP U . 5.17 14.22 60.50
N3 ADP U . 5.69 14.68 59.37
C4 ADP U . 4.93 15.34 58.48
MG MG V . 2.62 12.26 47.45
PB ADP W . -27.20 -3.88 44.00
O1B ADP W . -28.40 -4.71 43.83
O2B ADP W . -27.49 -2.44 43.36
O3B ADP W . -25.91 -4.52 43.27
PA ADP W . -26.63 -5.09 46.32
O1A ADP W . -27.75 -6.01 46.15
O2A ADP W . -25.29 -5.78 45.75
O3A ADP W . -26.90 -3.67 45.57
O5' ADP W . -26.41 -4.71 47.86
C5' ADP W . -26.33 -5.90 48.62
C4' ADP W . -26.16 -5.52 50.07
O4' ADP W . -27.20 -4.61 50.49
C3' ADP W . -26.23 -6.81 50.89
O3' ADP W . -24.99 -7.12 51.55
C2' ADP W . -27.39 -6.62 51.86
O2' ADP W . -27.00 -6.84 53.22
C1' ADP W . -27.89 -5.16 51.63
N9 ADP W . -29.35 -5.06 51.44
C8 ADP W . -29.98 -4.08 50.71
N7 ADP W . -31.27 -4.25 50.74
C5 ADP W . -31.56 -5.33 51.47
C6 ADP W . -32.75 -5.98 51.85
N6 ADP W . -33.97 -5.49 51.43
N1 ADP W . -32.67 -7.07 52.62
C2 ADP W . -31.49 -7.55 53.04
N3 ADP W . -30.35 -6.96 52.70
C4 ADP W . -30.34 -5.87 51.94
MG MG X . -25.45 -4.51 41.42
PB ADP Y . -48.18 -9.05 15.13
O1B ADP Y . -49.13 -9.34 14.07
O2B ADP Y . -47.91 -7.47 15.15
O3B ADP Y . -46.77 -9.80 14.90
PA ADP Y . -49.13 -11.07 16.61
O1A ADP Y . -50.04 -11.46 15.55
O2A ADP Y . -47.77 -11.93 16.50
O3A ADP Y . -48.79 -9.48 16.56
O5' ADP Y . -49.78 -11.30 18.06
C5' ADP Y . -50.25 -12.63 18.13
C4' ADP Y . -50.89 -12.82 19.50
O4' ADP Y . -51.90 -11.81 19.73
C3' ADP Y . -51.53 -14.21 19.50
O3' ADP Y . -50.92 -15.10 20.45
C2' ADP Y . -53.02 -13.98 19.78
O2' ADP Y . -53.48 -14.75 20.90
C1' ADP Y . -53.16 -12.45 20.03
N9 ADP Y . -54.25 -11.81 19.25
C8 ADP Y . -54.25 -10.51 18.84
N7 ADP Y . -55.34 -10.24 18.18
C5 ADP Y . -56.10 -11.34 18.12
C6 ADP Y . -57.35 -11.66 17.55
N6 ADP Y . -58.07 -10.69 16.88
N1 ADP Y . -57.82 -12.90 17.68
C2 ADP Y . -57.13 -13.85 18.33
N3 ADP Y . -55.95 -13.60 18.88
C4 ADP Y . -55.41 -12.38 18.80
MG MG Z . -45.34 -9.33 13.70
PB ADP AA . -49.02 2.79 -18.08
O1B ADP AA . -49.12 3.14 -19.50
O2B ADP AA . -48.74 4.13 -17.26
O3B ADP AA . -47.82 1.75 -17.80
PA ADP AA . -50.82 0.82 -18.40
O1A ADP AA . -50.88 1.07 -19.84
O2A ADP AA . -49.74 -0.34 -18.10
O3A ADP AA . -50.42 2.17 -17.58
O5' ADP AA . -52.25 0.38 -17.82
C5' ADP AA . -52.73 -0.69 -18.58
C4' ADP AA . -54.10 -1.07 -18.04
O4' ADP AA . -54.96 0.08 -17.99
C3' ADP AA . -54.68 -2.13 -18.97
O3' ADP AA . -54.86 -3.41 -18.34
C2' ADP AA . -56.01 -1.54 -19.49
O2' ADP AA . -57.10 -2.42 -19.26
C1' ADP AA . -56.17 -0.19 -18.74
N9 ADP AA . -56.48 0.95 -19.62
C8 ADP AA . -56.16 2.26 -19.37
N7 ADP AA . -56.58 3.03 -20.33
C5 ADP AA . -57.19 2.28 -21.26
C6 ADP AA . -57.82 2.56 -22.49
N6 ADP AA . -57.90 3.85 -22.95
N1 ADP AA . -58.34 1.53 -23.18
C2 ADP AA . -58.27 0.27 -22.74
N3 ADP AA . -57.69 -0.02 -21.58
C4 ADP AA . -57.14 0.94 -20.83
MG MG BA . -45.95 2.07 -17.69
PB ADP CA . -28.29 23.41 -37.35
O1B ADP CA . -27.48 24.22 -38.26
O2B ADP CA . -28.43 24.19 -35.97
O3B ADP CA . -27.61 21.97 -37.07
PA ADP CA . -29.72 22.45 -39.42
O1A ADP CA . -28.87 23.17 -40.37
O2A ADP CA . -29.15 20.96 -39.24
O3A ADP CA . -29.76 23.21 -37.97
O5' ADP CA . -31.24 22.39 -39.91
C5' ADP CA . -31.27 21.90 -41.22
C4' ADP CA . -32.72 21.87 -41.68
O4' ADP CA . -33.33 23.17 -41.50
C3' ADP CA . -32.72 21.48 -43.16
O3' ADP CA . -33.37 20.22 -43.40
C2' ADP CA . -33.40 22.64 -43.89
O2' ADP CA . -34.50 22.20 -44.69
C1' ADP CA . -33.86 23.62 -42.77
N9 ADP CA . -33.46 25.03 -43.01
C8 ADP CA . -33.23 25.96 -42.04
N7 ADP CA . -32.91 27.10 -42.56
C5 ADP CA . -32.91 26.99 -43.89
C6 ADP CA . -32.65 27.88 -44.96
N6 ADP CA . -32.31 29.19 -44.71
N1 ADP CA . -32.74 27.41 -46.22
C2 ADP CA . -33.07 26.14 -46.47
N3 ADP CA . -33.33 25.28 -45.50
C4 ADP CA . -33.26 25.66 -44.21
MG MG DA . -26.16 21.54 -35.92
PB ADP EA . 2.11 41.11 -30.51
O1B ADP EA . 3.35 41.88 -30.39
O2B ADP EA . 1.18 41.48 -29.26
O3B ADP EA . 2.39 39.52 -30.49
PA ADP EA . 2.24 41.20 -33.19
O1A ADP EA . 3.53 41.89 -33.14
O2A ADP EA . 2.49 39.62 -33.33
O3A ADP EA . 1.34 41.51 -31.86
O5' ADP EA . 1.35 41.71 -34.42
C5' ADP EA . 2.12 41.63 -35.59
C4' ADP EA . 1.27 42.15 -36.74
O4' ADP EA . 0.75 43.47 -36.44
C3' ADP EA . 2.16 42.21 -37.97
O3' ADP EA . 1.74 41.29 -39.01
C2' ADP EA . 2.15 43.66 -38.44
O2' ADP EA . 1.77 43.79 -39.81
C1' ADP EA . 1.15 44.39 -37.48
N9 ADP EA . 1.68 45.63 -36.88
C8 ADP EA . 1.30 46.15 -35.68
N7 ADP EA . 1.94 47.25 -35.43
C5 ADP EA . 2.76 47.52 -36.45
C6 ADP EA . 3.68 48.55 -36.73
N6 ADP EA . 3.86 49.59 -35.85
N1 ADP EA . 4.36 48.51 -37.90
C2 ADP EA . 4.19 47.51 -38.77
N3 ADP EA . 3.34 46.52 -38.54
C4 ADP EA . 2.62 46.49 -37.41
MG MG FA . 2.79 38.39 -28.99
PB ADP GA . 51.29 7.46 -5.89
O1B ADP GA . 51.57 8.16 -7.14
O2B ADP GA . 50.95 5.93 -6.23
O3B ADP GA . 50.04 8.11 -5.11
PA ADP GA . 53.05 9.01 -4.59
O1A ADP GA . 53.29 9.80 -5.79
O2A ADP GA . 51.91 9.73 -3.70
O3A ADP GA . 52.59 7.49 -4.95
O5' ADP GA . 54.38 8.85 -3.70
C5' ADP GA . 54.92 10.12 -3.48
C4' ADP GA . 56.20 9.96 -2.67
O4' ADP GA . 57.08 9.03 -3.33
C3' ADP GA . 56.85 11.33 -2.57
O3' ADP GA . 56.92 11.83 -1.23
C2' ADP GA . 58.25 11.17 -3.20
O2' ADP GA . 59.29 11.59 -2.31
C1' ADP GA . 58.37 9.66 -3.55
N9 ADP GA . 58.82 9.40 -4.94
C8 ADP GA . 58.51 8.30 -5.67
N7 ADP GA . 59.07 8.35 -6.85
C5 ADP GA . 59.76 9.49 -6.95
C6 ADP GA . 60.54 10.08 -7.95
N6 ADP GA . 60.73 9.44 -9.16
N1 ADP GA . 61.12 11.26 -7.72
C2 ADP GA . 60.96 11.89 -6.54
N3 ADP GA . 60.22 11.37 -5.57
C4 ADP GA . 59.62 10.19 -5.72
MG MG HA . 48.17 7.90 -5.46
PB ADP IA . 33.39 5.81 -37.22
O1B ADP IA . 32.85 5.95 -38.58
O2B ADP IA . 33.38 4.27 -36.83
O3B ADP IA . 32.50 6.62 -36.14
PA ADP IA . 35.02 7.92 -37.63
O1A ADP IA . 34.45 8.15 -38.95
O2A ADP IA . 34.25 8.84 -36.54
O3A ADP IA . 34.91 6.34 -37.19
O5' ADP IA . 36.59 8.25 -37.60
C5' ADP IA . 36.77 9.54 -38.10
C4' ADP IA . 38.27 9.84 -38.11
O4' ADP IA . 38.99 8.80 -38.80
C3' ADP IA . 38.46 11.18 -38.81
O3' ADP IA . 38.99 12.19 -37.93
C2' ADP IA . 39.40 10.89 -39.99
O2' ADP IA . 40.55 11.72 -39.98
C1' ADP IA . 39.78 9.39 -39.86
N9 ADP IA . 39.59 8.60 -41.11
C8 ADP IA . 39.31 7.27 -41.17
N7 ADP IA . 39.23 6.88 -42.41
C5 ADP IA . 39.44 7.93 -43.21
C6 ADP IA . 39.46 8.10 -44.61
N6 ADP IA . 39.25 7.04 -45.45
N1 ADP IA . 39.71 9.33 -45.10
C2 ADP IA . 39.93 10.38 -44.29
N3 ADP IA . 39.92 10.25 -42.97
C4 ADP IA . 39.68 9.06 -42.40
MG MG JA . 30.83 6.13 -35.36
PB ADP KA . 5.43 -9.51 -50.62
O1B ADP KA . 4.22 -10.01 -51.27
O2B ADP KA . 6.11 -10.72 -49.83
O3B ADP KA . 5.09 -8.35 -49.54
PA ADP KA . 5.83 -7.74 -52.59
O1A ADP KA . 4.59 -8.15 -53.24
O2A ADP KA . 5.56 -6.47 -51.65
O3A ADP KA . 6.47 -8.97 -51.71
O5' ADP KA . 6.97 -7.38 -53.67
C5' ADP KA . 6.44 -6.44 -54.57
C4' ADP KA . 7.51 -6.12 -55.60
O4' ADP KA . 8.00 -7.34 -56.21
C3' ADP KA . 6.88 -5.23 -56.65
O3' ADP KA . 7.46 -3.91 -56.69
C2' ADP KA . 7.03 -5.98 -57.99
O2' ADP KA . 7.68 -5.18 -58.98
C1' ADP KA . 7.85 -7.26 -57.64
N9 ADP KA . 7.25 -8.50 -58.16
C8 ADP KA . 7.41 -9.74 -57.60
N7 ADP KA . 6.78 -10.64 -58.30
C5 ADP KA . 6.18 -10.06 -59.34
C6 ADP KA . 5.38 -10.51 -60.39
N6 ADP KA . 5.07 -11.85 -60.51
N1 ADP KA . 4.93 -9.62 -61.30
C2 ADP KA . 5.23 -8.31 -61.20
N3 ADP KA . 5.98 -7.85 -60.21
C4 ADP KA . 6.48 -8.67 -59.28
MG MG LA . 4.38 -8.49 -47.79
PB ADP MA . -20.24 -29.76 -37.97
O1B ADP MA . -21.31 -30.65 -37.55
O2B ADP MA . -18.85 -30.37 -37.45
O3B ADP MA . -20.40 -28.27 -37.36
PA ADP MA . -21.57 -29.12 -40.21
O1A ADP MA . -22.72 -29.92 -39.79
O2A ADP MA . -21.79 -27.59 -39.76
O3A ADP MA . -20.18 -29.69 -39.58
O5' ADP MA . -21.36 -29.17 -41.80
C5' ADP MA . -22.57 -28.84 -42.42
C4' ADP MA . -22.38 -28.93 -43.93
O4' ADP MA . -21.84 -30.22 -44.29
C3' ADP MA . -23.74 -28.72 -44.57
O3' ADP MA . -23.81 -27.53 -45.37
C2' ADP MA . -24.00 -30.00 -45.41
O2' ADP MA . -24.30 -29.69 -46.77
C1' ADP MA . -22.71 -30.85 -45.26
N9 ADP MA . -22.96 -32.25 -44.88
C8 ADP MA . -22.09 -33.05 -44.19
N7 ADP MA . -22.59 -34.23 -44.01
C5 ADP MA . -23.80 -34.29 -44.58
C6 ADP MA . -24.79 -35.29 -44.72
N6 ADP MA . -24.59 -36.55 -44.19
N1 ADP MA . -25.92 -34.99 -45.37
C2 ADP MA . -26.13 -33.77 -45.89
N3 ADP MA . -25.22 -32.80 -45.78
C4 ADP MA . -24.06 -33.01 -45.15
MG MG NA . -20.02 -27.66 -35.59
PB ADP OA . -25.20 -44.81 -6.42
O1B ADP OA . -25.56 -45.43 -5.14
O2B ADP OA . -23.64 -45.04 -6.66
O3B ADP OA . -25.48 -43.22 -6.40
PA ADP OA . -27.63 -45.35 -7.42
O1A ADP OA . -28.07 -45.91 -6.14
O2A ADP OA . -28.05 -43.80 -7.50
O3A ADP OA . -26.01 -45.49 -7.62
O5' ADP OA . -28.27 -46.14 -8.66
C5' ADP OA . -29.66 -46.19 -8.49
C4' ADP OA . -30.26 -46.96 -9.65
O4' ADP OA . -29.61 -48.25 -9.78
C3' ADP OA . -31.74 -47.15 -9.36
O3' ADP OA . -32.58 -46.47 -10.31
C2' ADP OA . -31.97 -48.67 -9.35
O2' ADP OA . -33.02 -49.06 -10.25
C1' ADP OA . -30.60 -49.29 -9.73
N9 ADP OA . -30.16 -50.37 -8.81
C8 ADP OA . -28.86 -50.71 -8.56
N7 ADP OA . -28.80 -51.69 -7.72
C5 ADP OA . -30.04 -52.06 -7.38
C6 ADP OA . -30.57 -53.04 -6.52
N6 ADP OA . -29.74 -53.90 -5.84
N1 ADP OA . -31.91 -53.13 -6.41
C2 ADP OA . -32.73 -52.31 -7.08
N3 ADP OA . -32.26 -51.38 -7.89
C4 ADP OA . -30.94 -51.22 -8.07
MG MG PA . -24.47 -41.82 -5.59
PB ADP QA . -8.78 -44.25 24.60
O1B ADP QA . -8.18 -44.26 25.95
O2B ADP QA . -7.61 -44.50 23.54
O3B ADP QA . -9.49 -42.84 24.28
PA ADP QA . -11.05 -45.30 25.57
O1A ADP QA . -10.54 -45.25 26.93
O2A ADP QA . -11.91 -43.98 25.26
O3A ADP QA . -9.85 -45.45 24.48
O5' ADP QA . -11.97 -46.59 25.33
C5' ADP QA . -12.96 -46.64 26.33
C4' ADP QA . -13.80 -47.88 26.12
O4' ADP QA . -12.96 -49.06 26.05
C3' ADP QA . -14.76 -47.98 27.30
O3' ADP QA . -16.14 -47.85 26.92
C2' ADP QA . -14.46 -49.35 27.95
O2' ADP QA . -15.64 -50.15 28.08
C1' ADP QA . -13.40 -50.01 27.04
N9 ADP QA . -12.22 -50.53 27.77
C8 ADP QA . -10.96 -50.66 27.26
N7 ADP QA . -10.15 -51.16 28.15
C5 ADP QA . -10.82 -51.39 29.28
C6 ADP QA . -10.49 -51.91 30.54
N6 ADP QA . -9.19 -52.32 30.80
N1 ADP QA . -11.44 -52.00 31.48
C2 ADP QA . -12.70 -51.61 31.23
N3 ADP QA . -13.06 -51.12 30.06
C4 ADP QA . -12.16 -51.00 29.07
MG MG RA . -8.69 -41.18 23.77
PB ADP SA . 21.28 -28.98 37.43
O1B ADP SA . 22.38 -28.32 38.12
O2B ADP SA . 21.83 -29.61 36.07
O3B ADP SA . 20.09 -27.94 37.06
PA ADP SA . 20.13 -29.62 39.77
O1A ADP SA . 21.17 -28.89 40.51
O2A ADP SA . 18.86 -28.65 39.53
O3A ADP SA . 20.69 -30.17 38.34
O5' ADP SA . 19.66 -30.93 40.57
C5' ADP SA . 19.30 -30.56 41.86
C4' ADP SA . 18.89 -31.81 42.62
O4' ADP SA . 19.92 -32.83 42.54
C3' ADP SA . 18.66 -31.41 44.08
O3' ADP SA . 17.29 -31.57 44.50
C2' ADP SA . 19.62 -32.28 44.90
O2' ADP SA . 18.95 -33.03 45.92
C1' ADP SA . 20.31 -33.23 43.87
N9 ADP SA . 21.79 -33.26 43.97
C8 ADP SA . 22.64 -33.52 42.94
N7 ADP SA . 23.87 -33.48 43.34
C5 ADP SA . 23.90 -33.21 44.65
C6 ADP SA . 24.92 -33.05 45.61
N6 ADP SA . 26.24 -33.19 45.25
N1 ADP SA . 24.57 -32.76 46.87
C2 ADP SA . 23.29 -32.61 47.24
N3 ADP SA . 22.31 -32.77 46.36
C4 ADP SA . 22.56 -33.06 45.08
MG MG TA . 20.01 -26.67 35.64
PB ADP UA . 45.61 -6.91 25.36
O1B ADP UA . 46.65 -5.97 24.95
O2B ADP UA . 45.49 -8.04 24.24
O3B ADP UA . 44.18 -6.19 25.53
PA ADP UA . 46.22 -6.54 27.95
O1A ADP UA . 47.21 -5.53 27.61
O2A ADP UA . 44.82 -5.83 28.28
O3A ADP UA . 46.03 -7.63 26.74
O5' ADP UA . 46.70 -7.41 29.22
C5' ADP UA . 47.03 -6.54 30.25
C4' ADP UA . 47.50 -7.37 31.44
O4' ADP UA . 48.56 -8.27 31.03
C3' ADP UA . 48.01 -6.40 32.50
O3' ADP UA . 47.23 -6.42 33.70
C2' ADP UA . 49.48 -6.78 32.74
O2' ADP UA . 49.75 -7.04 34.13
C1' ADP UA . 49.73 -8.04 31.86
N9 ADP UA . 50.94 -7.96 31.01
C8 ADP UA . 51.11 -8.60 29.82
N7 ADP UA . 52.28 -8.33 29.32
C5 ADP UA . 52.94 -7.52 30.16
C6 ADP UA . 54.21 -6.92 30.14
N6 ADP UA . 55.07 -7.14 29.10
N1 ADP UA . 54.56 -6.13 31.18
C2 ADP UA . 53.72 -5.92 32.20
N3 ADP UA . 52.51 -6.46 32.24
C4 ADP UA . 52.09 -7.26 31.26
MG MG VA . 42.94 -5.65 24.18
#